data_9GCT
#
_entry.id   9GCT
#
_cell.length_a   1.00
_cell.length_b   1.00
_cell.length_c   1.00
_cell.angle_alpha   90.00
_cell.angle_beta   90.00
_cell.angle_gamma   90.00
#
_symmetry.space_group_name_H-M   'P 1'
#
loop_
_entity.id
_entity.type
_entity.pdbx_description
1 polymer 'Transcription termination factor Rho'
2 polymer 'Polarity suppression protein'
3 non-polymer "ADENOSINE-5'-TRIPHOSPHATE"
4 non-polymer 'MAGNESIUM ION'
#
loop_
_entity_poly.entity_id
_entity_poly.type
_entity_poly.pdbx_seq_one_letter_code
_entity_poly.pdbx_strand_id
1 'polypeptide(L)'
;MNLTELKNTPVSELITLGENMGLENLARMRKQDIIFAILKQHAKSGEDIFGDGVLEILQDGFGFLRSADSSYLAGPDDIY
VSPSQIRRFNLRTGDTISGKIRPPKEGERYFALLKVNEVNFDKPENARNKILFENLTPLHANSRLRMERGNGSTEDLTAR
VLDLASPIGRGQRGLIVAPPKAGKTMLLQNIAQSIAYNHPDCVLMVLLIDERPEEVTEMQRLVKGEVVASTFDEPASRHV
QVAEMVIEKAKRLVEHKKDVIILLDSITRLARAYNTVVPASGKVLTGGVDANALHRPKRFFGAARNVEEGGSLTIIATAL
IDTGSKMDEVIYEEFKGTGNMELHLSRKIAEKRVFPAIDYNRSGTRKEELLTTQEELQKMWILRKIIHPMGEIDAMEFLI
NKLAMTKTNDDFFEMMKRS
;
A,B,C,D,E,F,G,H,J,K,L,M,N,O,P,Y
2 'polypeptide(L)'
;MESTALQQAFDTCQNNKAAWLQRKNELAAAEQEYLRLLSGEGRNVSRLDELRNIIEVRKWQVNQAAGRYIRSHEAVQHIS
IRDRLNDFMQQHGTALAAALAPELMGYSELTAIARNCAIQRATDALREALLSWLAKGEKINYSAQDSDILTTIGFRPDVA
SVDDSREKFTPAQNMIFSRKSAQLASRQSV
;
a,b,c,d,e,f,g,h,i,j,k,l,o,p
#
loop_
_chem_comp.id
_chem_comp.type
_chem_comp.name
_chem_comp.formula
ATP non-polymer ADENOSINE-5'-TRIPHOSPHATE 'C10 H16 N5 O13 P3'
MG non-polymer 'MAGNESIUM ION' 'Mg 2'
#
# COMPACT_ATOMS: atom_id res chain seq x y z
N MET A 1 -14.42 -58.64 -43.07
CA MET A 1 -13.30 -57.73 -42.88
C MET A 1 -13.70 -56.55 -42.00
N ASN A 2 -12.70 -55.84 -41.47
CA ASN A 2 -12.92 -54.69 -40.60
C ASN A 2 -12.04 -53.55 -41.08
N LEU A 3 -12.51 -52.32 -40.85
CA LEU A 3 -11.84 -51.15 -41.41
C LEU A 3 -10.66 -50.68 -40.56
N THR A 4 -10.66 -50.99 -39.26
CA THR A 4 -9.69 -50.38 -38.35
C THR A 4 -8.27 -50.85 -38.65
N GLU A 5 -8.07 -52.13 -38.94
CA GLU A 5 -6.71 -52.65 -39.07
C GLU A 5 -5.99 -52.06 -40.27
N LEU A 6 -6.69 -51.85 -41.39
CA LEU A 6 -6.06 -51.21 -42.53
C LEU A 6 -6.23 -49.69 -42.53
N LYS A 7 -7.03 -49.15 -41.61
CA LYS A 7 -7.15 -47.70 -41.49
C LYS A 7 -6.06 -47.11 -40.60
N ASN A 8 -5.73 -47.78 -39.49
CA ASN A 8 -4.68 -47.28 -38.61
C ASN A 8 -3.31 -47.30 -39.29
N THR A 9 -3.01 -48.38 -40.00
CA THR A 9 -1.75 -48.49 -40.70
C THR A 9 -1.70 -47.55 -41.89
N PRO A 10 -0.49 -47.14 -42.33
CA PRO A 10 -0.39 -46.14 -43.41
C PRO A 10 -0.86 -46.63 -44.77
N VAL A 11 -0.69 -45.78 -45.79
CA VAL A 11 -1.22 -46.04 -47.13
C VAL A 11 -0.40 -47.08 -47.88
N SER A 12 0.67 -47.62 -47.28
CA SER A 12 1.50 -48.59 -47.98
C SER A 12 0.71 -49.82 -48.39
N GLU A 13 0.16 -50.54 -47.40
CA GLU A 13 -0.63 -51.72 -47.73
C GLU A 13 -1.86 -51.35 -48.55
N LEU A 14 -2.36 -50.12 -48.38
CA LEU A 14 -3.49 -49.66 -49.17
C LEU A 14 -3.16 -49.69 -50.66
N ILE A 15 -2.04 -49.07 -51.05
CA ILE A 15 -1.68 -49.03 -52.46
C ILE A 15 -1.26 -50.42 -52.95
N THR A 16 -0.60 -51.21 -52.10
CA THR A 16 -0.25 -52.57 -52.53
C THR A 16 -1.50 -53.38 -52.85
N LEU A 17 -2.50 -53.33 -51.98
CA LEU A 17 -3.76 -54.04 -52.25
C LEU A 17 -4.47 -53.46 -53.46
N GLY A 18 -4.43 -52.14 -53.62
CA GLY A 18 -5.12 -51.52 -54.74
C GLY A 18 -4.55 -51.91 -56.08
N GLU A 19 -3.23 -51.88 -56.21
CA GLU A 19 -2.57 -52.23 -57.46
C GLU A 19 -2.21 -53.70 -57.57
N ASN A 20 -2.58 -54.53 -56.58
CA ASN A 20 -2.45 -55.97 -56.72
C ASN A 20 -3.69 -56.63 -57.31
N MET A 21 -4.85 -55.95 -57.27
CA MET A 21 -6.07 -56.51 -57.84
C MET A 21 -6.88 -55.46 -58.60
N GLY A 22 -6.22 -54.41 -59.08
CA GLY A 22 -6.81 -53.51 -60.06
C GLY A 22 -7.72 -52.39 -59.58
N LEU A 23 -7.17 -51.44 -58.82
CA LEU A 23 -7.82 -50.15 -58.61
C LEU A 23 -7.35 -49.16 -59.66
N GLU A 24 -8.28 -48.33 -60.15
CA GLU A 24 -7.97 -47.44 -61.27
C GLU A 24 -6.97 -46.36 -60.88
N ASN A 25 -7.10 -45.79 -59.69
CA ASN A 25 -6.23 -44.70 -59.26
C ASN A 25 -6.34 -44.54 -57.75
N LEU A 26 -5.19 -44.38 -57.09
CA LEU A 26 -5.19 -44.24 -55.63
C LEU A 26 -4.21 -43.18 -55.14
N ALA A 27 -3.80 -42.24 -55.98
CA ALA A 27 -2.75 -41.29 -55.62
C ALA A 27 -3.21 -39.83 -55.71
N ARG A 28 -4.48 -39.58 -55.96
CA ARG A 28 -4.97 -38.21 -56.16
C ARG A 28 -5.95 -37.77 -55.08
N MET A 29 -7.02 -38.51 -54.85
CA MET A 29 -8.09 -38.06 -53.95
C MET A 29 -7.76 -38.43 -52.51
N ARG A 30 -8.74 -38.21 -51.62
CA ARG A 30 -8.52 -38.32 -50.18
C ARG A 30 -8.19 -39.75 -49.78
N LYS A 31 -7.31 -39.89 -48.77
CA LYS A 31 -7.01 -41.20 -48.21
C LYS A 31 -8.26 -41.82 -47.59
N GLN A 32 -9.08 -41.01 -46.93
CA GLN A 32 -10.39 -41.49 -46.50
C GLN A 32 -11.24 -41.90 -47.70
N ASP A 33 -11.19 -41.12 -48.78
CA ASP A 33 -11.82 -41.54 -50.02
C ASP A 33 -11.17 -42.80 -50.58
N ILE A 34 -9.86 -42.97 -50.36
CA ILE A 34 -9.18 -44.18 -50.81
C ILE A 34 -9.77 -45.41 -50.14
N ILE A 35 -9.87 -45.37 -48.80
CA ILE A 35 -10.39 -46.52 -48.08
C ILE A 35 -11.87 -46.72 -48.39
N PHE A 36 -12.61 -45.62 -48.58
CA PHE A 36 -14.02 -45.74 -48.93
C PHE A 36 -14.20 -46.44 -50.28
N ALA A 37 -13.42 -46.03 -51.29
CA ALA A 37 -13.50 -46.65 -52.60
C ALA A 37 -13.08 -48.11 -52.54
N ILE A 38 -12.01 -48.42 -51.82
CA ILE A 38 -11.55 -49.80 -51.78
C ILE A 38 -12.54 -50.69 -51.06
N LEU A 39 -13.18 -50.19 -49.99
CA LEU A 39 -14.17 -50.99 -49.29
C LEU A 39 -15.41 -51.20 -50.15
N LYS A 40 -15.84 -50.17 -50.90
CA LYS A 40 -16.98 -50.36 -51.78
C LYS A 40 -16.67 -51.38 -52.87
N GLN A 41 -15.49 -51.29 -53.49
CA GLN A 41 -15.17 -52.22 -54.57
C GLN A 41 -14.95 -53.63 -54.04
N HIS A 42 -14.51 -53.77 -52.78
CA HIS A 42 -14.38 -55.09 -52.19
C HIS A 42 -15.76 -55.67 -51.83
N ALA A 43 -16.66 -54.83 -51.32
CA ALA A 43 -17.99 -55.29 -50.96
C ALA A 43 -18.85 -55.57 -52.17
N LYS A 44 -18.52 -55.00 -53.33
CA LYS A 44 -19.23 -55.35 -54.56
C LYS A 44 -19.17 -56.85 -54.83
N SER A 45 -18.05 -57.49 -54.48
CA SER A 45 -17.94 -58.94 -54.62
C SER A 45 -18.78 -59.67 -53.58
N GLY A 46 -19.04 -59.04 -52.43
CA GLY A 46 -19.94 -59.60 -51.44
C GLY A 46 -19.30 -60.41 -50.33
N GLU A 47 -18.31 -59.82 -49.66
CA GLU A 47 -17.69 -60.44 -48.49
C GLU A 47 -18.26 -59.84 -47.21
N ASP A 48 -18.12 -60.60 -46.12
CA ASP A 48 -18.61 -60.15 -44.82
C ASP A 48 -17.79 -58.96 -44.33
N ILE A 49 -18.47 -57.99 -43.74
CA ILE A 49 -17.86 -56.75 -43.27
C ILE A 49 -18.18 -56.56 -41.79
N PHE A 50 -17.16 -56.25 -41.00
CA PHE A 50 -17.30 -55.93 -39.60
C PHE A 50 -16.86 -54.48 -39.38
N GLY A 51 -17.49 -53.81 -38.41
CA GLY A 51 -17.18 -52.42 -38.17
C GLY A 51 -17.26 -52.06 -36.70
N ASP A 52 -16.59 -50.95 -36.37
CA ASP A 52 -16.55 -50.41 -35.02
C ASP A 52 -16.54 -48.90 -35.08
N GLY A 53 -17.25 -48.27 -34.15
CA GLY A 53 -17.23 -46.82 -34.09
C GLY A 53 -18.21 -46.28 -33.07
N VAL A 54 -18.17 -44.95 -32.91
CA VAL A 54 -18.96 -44.25 -31.91
C VAL A 54 -20.05 -43.45 -32.61
N LEU A 55 -21.29 -43.64 -32.19
CA LEU A 55 -22.42 -42.99 -32.83
C LEU A 55 -22.79 -41.69 -32.11
N GLU A 56 -23.28 -40.74 -32.89
CA GLU A 56 -23.78 -39.46 -32.38
C GLU A 56 -25.10 -39.14 -33.09
N ILE A 57 -25.88 -38.28 -32.45
CA ILE A 57 -27.21 -37.92 -32.91
C ILE A 57 -27.22 -36.46 -33.34
N LEU A 58 -27.90 -36.18 -34.44
CA LEU A 58 -28.11 -34.82 -34.92
C LEU A 58 -29.46 -34.32 -34.45
N GLN A 59 -29.89 -33.18 -34.99
CA GLN A 59 -31.20 -32.63 -34.63
C GLN A 59 -32.33 -33.58 -35.01
N ASP A 60 -32.24 -34.18 -36.20
CA ASP A 60 -33.24 -35.13 -36.64
C ASP A 60 -33.09 -36.46 -35.89
N GLY A 61 -34.12 -37.31 -36.01
CA GLY A 61 -34.08 -38.61 -35.37
C GLY A 61 -32.96 -39.50 -35.89
N PHE A 62 -32.64 -39.38 -37.18
CA PHE A 62 -31.54 -40.12 -37.77
C PHE A 62 -30.21 -39.63 -37.22
N GLY A 63 -29.26 -40.56 -37.06
CA GLY A 63 -27.97 -40.23 -36.50
C GLY A 63 -26.83 -40.76 -37.37
N PHE A 64 -25.63 -40.30 -37.04
CA PHE A 64 -24.44 -40.71 -37.75
C PHE A 64 -23.48 -41.43 -36.80
N LEU A 65 -22.43 -42.01 -37.38
CA LEU A 65 -21.42 -42.71 -36.59
C LEU A 65 -20.05 -42.39 -37.15
N ARG A 66 -19.12 -42.06 -36.26
CA ARG A 66 -17.76 -41.69 -36.60
C ARG A 66 -16.78 -42.74 -36.06
N SER A 67 -15.52 -42.56 -36.43
CA SER A 67 -14.42 -43.40 -35.96
C SER A 67 -13.35 -42.52 -35.32
N ALA A 68 -12.69 -43.07 -34.30
CA ALA A 68 -11.68 -42.30 -33.57
C ALA A 68 -10.40 -42.12 -34.38
N ASP A 69 -10.12 -43.01 -35.33
CA ASP A 69 -8.89 -42.88 -36.12
C ASP A 69 -8.90 -41.63 -36.97
N SER A 70 -10.05 -41.29 -37.56
CA SER A 70 -10.17 -40.13 -38.43
C SER A 70 -10.30 -38.82 -37.65
N SER A 71 -9.97 -38.83 -36.36
CA SER A 71 -10.04 -37.64 -35.51
C SER A 71 -11.44 -37.05 -35.46
N TYR A 72 -12.45 -37.93 -35.51
CA TYR A 72 -13.85 -37.53 -35.41
C TYR A 72 -14.22 -36.49 -36.48
N LEU A 73 -13.80 -36.76 -37.71
CA LEU A 73 -14.02 -35.87 -38.84
C LEU A 73 -15.22 -36.34 -39.66
N ALA A 74 -16.01 -35.38 -40.13
CA ALA A 74 -17.21 -35.67 -40.90
C ALA A 74 -16.83 -35.84 -42.36
N GLY A 75 -16.99 -37.06 -42.89
CA GLY A 75 -16.70 -37.36 -44.26
C GLY A 75 -17.36 -38.64 -44.71
N PRO A 76 -16.76 -39.32 -45.69
CA PRO A 76 -17.31 -40.62 -46.13
C PRO A 76 -17.17 -41.72 -45.10
N ASP A 77 -16.43 -41.48 -44.02
CA ASP A 77 -16.32 -42.46 -42.93
C ASP A 77 -17.59 -42.57 -42.11
N ASP A 78 -18.57 -41.68 -42.34
CA ASP A 78 -19.80 -41.71 -41.58
C ASP A 78 -20.53 -43.03 -41.77
N ILE A 79 -21.29 -43.42 -40.75
CA ILE A 79 -22.11 -44.63 -40.79
C ILE A 79 -23.53 -44.25 -40.40
N TYR A 80 -24.51 -44.69 -41.19
CA TYR A 80 -25.91 -44.41 -40.86
C TYR A 80 -26.28 -45.09 -39.55
N VAL A 81 -27.10 -44.40 -38.75
CA VAL A 81 -27.64 -44.95 -37.51
C VAL A 81 -29.13 -44.60 -37.51
N SER A 82 -29.97 -45.55 -37.92
CA SER A 82 -31.40 -45.31 -37.92
C SER A 82 -31.94 -45.33 -36.49
N PRO A 83 -33.03 -44.61 -36.24
CA PRO A 83 -33.64 -44.66 -34.90
C PRO A 83 -34.16 -46.04 -34.52
N SER A 84 -34.38 -46.93 -35.50
CA SER A 84 -34.80 -48.28 -35.18
C SER A 84 -33.77 -49.01 -34.32
N GLN A 85 -32.50 -48.91 -34.71
CA GLN A 85 -31.43 -49.50 -33.90
C GLN A 85 -31.31 -48.80 -32.55
N ILE A 86 -31.59 -47.50 -32.51
CA ILE A 86 -31.51 -46.77 -31.25
C ILE A 86 -32.56 -47.27 -30.26
N ARG A 87 -33.79 -47.46 -30.73
CA ARG A 87 -34.88 -47.84 -29.84
C ARG A 87 -35.05 -49.34 -29.65
N ARG A 88 -34.39 -50.18 -30.47
CA ARG A 88 -34.45 -51.61 -30.25
C ARG A 88 -33.32 -52.14 -29.38
N PHE A 89 -32.32 -51.30 -29.08
CA PHE A 89 -31.24 -51.65 -28.17
C PHE A 89 -30.88 -50.50 -27.26
N ASN A 90 -31.87 -49.67 -26.90
CA ASN A 90 -31.78 -48.50 -26.03
C ASN A 90 -30.48 -47.74 -26.20
N LEU A 91 -30.04 -47.57 -27.45
CA LEU A 91 -28.80 -46.88 -27.73
C LEU A 91 -28.94 -45.38 -27.47
N ARG A 92 -27.80 -44.72 -27.33
CA ARG A 92 -27.75 -43.28 -27.10
C ARG A 92 -26.39 -42.76 -27.55
N THR A 93 -26.27 -41.44 -27.55
CA THR A 93 -25.06 -40.79 -28.03
C THR A 93 -23.85 -41.22 -27.19
N GLY A 94 -22.71 -41.38 -27.86
CA GLY A 94 -21.47 -41.74 -27.20
C GLY A 94 -21.20 -43.22 -27.07
N ASP A 95 -22.15 -44.07 -27.44
CA ASP A 95 -21.97 -45.51 -27.33
C ASP A 95 -21.04 -46.02 -28.42
N THR A 96 -20.07 -46.85 -28.02
CA THR A 96 -19.17 -47.49 -28.97
C THR A 96 -19.78 -48.83 -29.39
N ILE A 97 -20.08 -48.96 -30.68
CA ILE A 97 -20.79 -50.12 -31.21
C ILE A 97 -19.91 -50.79 -32.25
N SER A 98 -19.90 -52.12 -32.23
CA SER A 98 -19.23 -52.95 -33.22
C SER A 98 -20.19 -54.03 -33.70
N GLY A 99 -20.17 -54.31 -35.00
CA GLY A 99 -21.01 -55.36 -35.54
C GLY A 99 -20.97 -55.38 -37.05
N LYS A 100 -21.90 -56.17 -37.60
CA LYS A 100 -22.04 -56.27 -39.04
C LYS A 100 -22.68 -54.99 -39.61
N ILE A 101 -22.27 -54.65 -40.83
CA ILE A 101 -22.71 -53.40 -41.46
C ILE A 101 -23.10 -53.70 -42.91
N ARG A 102 -24.21 -53.12 -43.34
CA ARG A 102 -24.64 -53.25 -44.73
C ARG A 102 -23.68 -52.49 -45.64
N PRO A 103 -23.13 -53.12 -46.67
CA PRO A 103 -22.19 -52.43 -47.56
C PRO A 103 -22.84 -51.22 -48.21
N PRO A 104 -22.10 -50.11 -48.33
CA PRO A 104 -22.65 -48.95 -49.04
C PRO A 104 -22.88 -49.26 -50.51
N LYS A 105 -24.03 -48.85 -51.02
CA LYS A 105 -24.44 -49.15 -52.39
C LYS A 105 -25.26 -47.96 -52.91
N GLU A 106 -25.99 -48.18 -54.01
CA GLU A 106 -26.79 -47.12 -54.60
C GLU A 106 -27.82 -46.60 -53.60
N GLY A 107 -27.90 -45.28 -53.48
CA GLY A 107 -28.77 -44.66 -52.50
C GLY A 107 -28.24 -44.64 -51.09
N GLU A 108 -27.05 -45.18 -50.86
CA GLU A 108 -26.43 -45.24 -49.53
C GLU A 108 -25.00 -44.72 -49.68
N ARG A 109 -24.80 -43.42 -49.43
CA ARG A 109 -23.47 -42.84 -49.53
C ARG A 109 -22.58 -43.20 -48.36
N TYR A 110 -23.13 -43.80 -47.30
CA TYR A 110 -22.37 -44.16 -46.11
C TYR A 110 -22.75 -45.57 -45.70
N PHE A 111 -22.09 -46.07 -44.66
CA PHE A 111 -22.43 -47.37 -44.10
C PHE A 111 -23.78 -47.33 -43.40
N ALA A 112 -24.46 -48.46 -43.37
CA ALA A 112 -25.66 -48.65 -42.56
C ALA A 112 -25.47 -49.90 -41.72
N LEU A 113 -25.60 -49.75 -40.40
CA LEU A 113 -25.37 -50.87 -39.49
C LEU A 113 -26.42 -51.95 -39.71
N LEU A 114 -25.95 -53.21 -39.76
CA LEU A 114 -26.82 -54.36 -39.98
C LEU A 114 -27.24 -55.01 -38.67
N LYS A 115 -26.28 -55.43 -37.86
CA LYS A 115 -26.58 -56.09 -36.59
C LYS A 115 -25.49 -55.72 -35.58
N VAL A 116 -25.90 -55.58 -34.32
CA VAL A 116 -24.99 -55.15 -33.25
C VAL A 116 -24.41 -56.38 -32.57
N ASN A 117 -23.09 -56.40 -32.41
CA ASN A 117 -22.39 -57.50 -31.77
C ASN A 117 -21.67 -57.12 -30.48
N GLU A 118 -21.30 -55.86 -30.31
CA GLU A 118 -20.62 -55.42 -29.10
C GLU A 118 -21.01 -53.97 -28.82
N VAL A 119 -21.35 -53.67 -27.57
CA VAL A 119 -21.71 -52.33 -27.14
C VAL A 119 -20.85 -52.02 -25.91
N ASN A 120 -19.78 -51.26 -26.10
CA ASN A 120 -18.85 -50.90 -25.03
C ASN A 120 -18.32 -52.15 -24.33
N PHE A 121 -17.56 -52.93 -25.11
CA PHE A 121 -16.98 -54.22 -24.69
C PHE A 121 -17.99 -55.08 -23.93
N ASP A 122 -19.27 -54.94 -24.24
CA ASP A 122 -20.32 -55.71 -23.61
C ASP A 122 -21.29 -56.22 -24.66
N LYS A 123 -21.94 -57.34 -24.37
CA LYS A 123 -22.89 -57.92 -25.30
C LYS A 123 -24.11 -57.01 -25.43
N PRO A 124 -24.63 -56.82 -26.64
CA PRO A 124 -25.75 -55.86 -26.81
C PRO A 124 -27.00 -56.19 -26.00
N GLU A 125 -27.40 -57.47 -25.94
CA GLU A 125 -28.68 -57.79 -25.32
C GLU A 125 -28.62 -57.76 -23.79
N ASN A 126 -27.50 -58.15 -23.19
CA ASN A 126 -27.39 -58.16 -21.74
C ASN A 126 -26.97 -56.80 -21.18
N ALA A 127 -26.70 -55.83 -22.04
CA ALA A 127 -26.38 -54.47 -21.62
C ALA A 127 -27.61 -53.58 -21.54
N ARG A 128 -28.80 -54.13 -21.78
CA ARG A 128 -30.02 -53.33 -21.68
C ARG A 128 -30.24 -52.83 -20.26
N ASN A 129 -29.93 -53.65 -19.26
CA ASN A 129 -30.03 -53.25 -17.86
C ASN A 129 -28.85 -52.31 -17.57
N LYS A 130 -29.06 -51.04 -17.89
CA LYS A 130 -28.03 -50.02 -17.78
C LYS A 130 -28.51 -48.88 -16.91
N ILE A 131 -27.57 -48.26 -16.21
CA ILE A 131 -27.84 -47.13 -15.33
C ILE A 131 -27.24 -45.88 -15.93
N LEU A 132 -28.02 -44.80 -15.94
CA LEU A 132 -27.57 -43.53 -16.50
C LEU A 132 -26.46 -42.93 -15.63
N PHE A 133 -25.96 -41.77 -16.04
CA PHE A 133 -24.86 -41.11 -15.34
C PHE A 133 -25.33 -40.07 -14.34
N GLU A 134 -26.37 -39.30 -14.68
CA GLU A 134 -26.84 -38.25 -13.77
C GLU A 134 -27.35 -38.83 -12.46
N ASN A 135 -28.09 -39.94 -12.52
CA ASN A 135 -28.61 -40.54 -11.31
C ASN A 135 -27.54 -41.22 -10.46
N LEU A 136 -26.32 -41.37 -10.98
CA LEU A 136 -25.25 -41.95 -10.20
C LEU A 136 -24.86 -41.02 -9.06
N THR A 137 -24.56 -41.61 -7.90
CA THR A 137 -24.24 -40.83 -6.72
C THR A 137 -22.83 -40.25 -6.84
N PRO A 138 -22.66 -38.94 -6.78
CA PRO A 138 -21.30 -38.37 -6.80
C PRO A 138 -20.56 -38.68 -5.50
N LEU A 139 -19.24 -38.71 -5.61
CA LEU A 139 -18.39 -39.01 -4.46
C LEU A 139 -17.04 -38.32 -4.64
N HIS A 140 -16.33 -38.16 -3.53
CA HIS A 140 -15.01 -37.56 -3.56
C HIS A 140 -13.96 -38.59 -4.01
N ALA A 141 -12.76 -38.11 -4.27
CA ALA A 141 -11.67 -38.97 -4.73
C ALA A 141 -11.13 -39.79 -3.56
N ASN A 142 -11.24 -41.12 -3.69
CA ASN A 142 -10.83 -42.02 -2.62
C ASN A 142 -9.49 -42.70 -2.88
N SER A 143 -9.12 -42.92 -4.15
CA SER A 143 -7.91 -43.64 -4.51
C SER A 143 -6.84 -42.68 -4.96
N ARG A 144 -5.64 -42.83 -4.42
CA ARG A 144 -4.51 -42.00 -4.82
C ARG A 144 -3.88 -42.55 -6.09
N LEU A 145 -3.60 -41.68 -7.04
CA LEU A 145 -2.96 -42.05 -8.29
C LEU A 145 -1.45 -41.87 -8.18
N ARG A 146 -0.70 -42.94 -8.42
CA ARG A 146 0.75 -42.89 -8.36
C ARG A 146 1.29 -42.47 -9.73
N MET A 147 1.92 -41.30 -9.78
CA MET A 147 2.49 -40.79 -11.01
C MET A 147 3.96 -41.14 -11.17
N GLU A 148 4.56 -41.76 -10.15
CA GLU A 148 5.99 -42.06 -10.12
C GLU A 148 6.26 -43.42 -10.75
N ARG A 149 7.34 -43.50 -11.54
CA ARG A 149 7.75 -44.76 -12.14
C ARG A 149 9.12 -45.22 -11.67
N GLY A 150 10.14 -44.36 -11.75
CA GLY A 150 11.48 -44.69 -11.32
C GLY A 150 12.39 -45.07 -12.48
N ASN A 151 13.18 -44.12 -12.98
CA ASN A 151 14.18 -44.42 -13.98
C ASN A 151 15.43 -43.55 -13.90
N GLY A 152 15.53 -42.66 -12.91
CA GLY A 152 16.65 -41.73 -12.85
C GLY A 152 16.67 -40.75 -14.00
N SER A 153 15.52 -40.22 -14.38
CA SER A 153 15.40 -39.30 -15.49
C SER A 153 14.53 -38.11 -15.08
N THR A 154 14.62 -37.03 -15.85
CA THR A 154 14.00 -35.77 -15.45
C THR A 154 12.48 -35.87 -15.39
N GLU A 155 11.88 -36.71 -16.25
CA GLU A 155 10.44 -36.86 -16.20
C GLU A 155 9.98 -37.52 -14.91
N ASP A 156 10.77 -38.47 -14.38
CA ASP A 156 10.47 -39.03 -13.08
C ASP A 156 10.54 -37.97 -11.99
N LEU A 157 11.54 -37.09 -12.05
CA LEU A 157 11.66 -36.02 -11.07
C LEU A 157 10.45 -35.08 -11.16
N THR A 158 10.03 -34.74 -12.38
CA THR A 158 8.86 -33.88 -12.55
C THR A 158 7.60 -34.54 -11.98
N ALA A 159 7.43 -35.84 -12.25
CA ALA A 159 6.27 -36.56 -11.71
C ALA A 159 6.29 -36.57 -10.19
N ARG A 160 7.45 -36.82 -9.59
CA ARG A 160 7.55 -36.84 -8.14
C ARG A 160 7.29 -35.45 -7.56
N VAL A 161 7.79 -34.40 -8.21
CA VAL A 161 7.56 -33.04 -7.72
C VAL A 161 6.08 -32.69 -7.79
N LEU A 162 5.40 -33.03 -8.89
CA LEU A 162 3.98 -32.72 -8.99
C LEU A 162 3.16 -33.57 -8.02
N ASP A 163 3.61 -34.79 -7.72
CA ASP A 163 2.92 -35.60 -6.71
C ASP A 163 3.06 -34.98 -5.32
N LEU A 164 4.29 -34.57 -4.96
CA LEU A 164 4.51 -33.99 -3.63
C LEU A 164 3.84 -32.63 -3.48
N ALA A 165 3.80 -31.84 -4.56
CA ALA A 165 3.20 -30.52 -4.48
C ALA A 165 1.70 -30.60 -4.19
N SER A 166 1.01 -31.51 -4.87
CA SER A 166 -0.43 -31.68 -4.67
C SER A 166 -0.85 -33.09 -5.06
N PRO A 167 -1.42 -33.87 -4.13
CA PRO A 167 -1.87 -35.21 -4.48
C PRO A 167 -3.03 -35.16 -5.48
N ILE A 168 -3.10 -36.19 -6.30
CA ILE A 168 -4.17 -36.35 -7.29
C ILE A 168 -4.97 -37.60 -6.97
N GLY A 169 -6.29 -37.49 -7.09
CA GLY A 169 -7.18 -38.57 -6.76
C GLY A 169 -7.84 -39.20 -7.98
N ARG A 170 -8.75 -40.13 -7.69
CA ARG A 170 -9.50 -40.83 -8.71
C ARG A 170 -10.93 -40.30 -8.76
N GLY A 171 -11.39 -39.97 -9.97
CA GLY A 171 -12.69 -39.33 -10.11
C GLY A 171 -12.75 -37.95 -9.50
N GLN A 172 -11.71 -37.13 -9.71
CA GLN A 172 -11.60 -35.81 -9.13
C GLN A 172 -11.59 -34.76 -10.23
N ARG A 173 -12.17 -33.60 -9.91
CA ARG A 173 -12.17 -32.46 -10.81
C ARG A 173 -10.88 -31.67 -10.65
N GLY A 174 -10.23 -31.36 -11.77
CA GLY A 174 -8.94 -30.69 -11.73
C GLY A 174 -8.77 -29.61 -12.76
N LEU A 175 -8.04 -28.55 -12.39
CA LEU A 175 -7.81 -27.40 -13.25
C LEU A 175 -6.37 -26.95 -13.09
N ILE A 176 -5.71 -26.66 -14.21
CA ILE A 176 -4.31 -26.25 -14.22
C ILE A 176 -4.20 -24.93 -14.95
N VAL A 177 -3.45 -23.98 -14.38
CA VAL A 177 -3.22 -22.68 -14.99
C VAL A 177 -1.73 -22.46 -15.15
N ALA A 178 -1.34 -21.98 -16.34
CA ALA A 178 0.07 -21.74 -16.65
C ALA A 178 0.18 -20.72 -17.76
N PRO A 179 1.15 -19.80 -17.69
CA PRO A 179 1.37 -18.86 -18.80
C PRO A 179 1.96 -19.58 -20.00
N PRO A 180 1.86 -18.98 -21.19
CA PRO A 180 2.44 -19.62 -22.38
C PRO A 180 3.95 -19.80 -22.23
N LYS A 181 4.45 -20.90 -22.78
CA LYS A 181 5.86 -21.26 -22.72
C LYS A 181 6.34 -21.39 -21.27
N ALA A 182 5.63 -22.23 -20.52
CA ALA A 182 5.96 -22.46 -19.11
C ALA A 182 6.10 -23.93 -18.73
N GLY A 183 5.76 -24.86 -19.62
CA GLY A 183 5.94 -26.27 -19.29
C GLY A 183 4.69 -27.12 -19.36
N LYS A 184 3.71 -26.72 -20.19
CA LYS A 184 2.48 -27.50 -20.28
C LYS A 184 2.65 -28.78 -21.09
N THR A 185 3.30 -28.71 -22.27
CA THR A 185 3.25 -29.82 -23.21
C THR A 185 3.94 -31.06 -22.66
N MET A 186 5.17 -30.90 -22.16
CA MET A 186 5.86 -32.06 -21.59
C MET A 186 5.20 -32.54 -20.31
N LEU A 187 4.55 -31.65 -19.55
CA LEU A 187 3.77 -32.09 -18.39
C LEU A 187 2.62 -32.99 -18.81
N LEU A 188 1.88 -32.59 -19.84
CA LEU A 188 0.77 -33.42 -20.33
C LEU A 188 1.26 -34.75 -20.87
N GLN A 189 2.36 -34.75 -21.63
CA GLN A 189 2.85 -36.03 -22.16
C GLN A 189 3.39 -36.91 -21.04
N ASN A 190 3.97 -36.30 -20.00
CA ASN A 190 4.40 -37.07 -18.83
C ASN A 190 3.21 -37.71 -18.13
N ILE A 191 2.12 -36.94 -17.98
CA ILE A 191 0.91 -37.50 -17.38
C ILE A 191 0.39 -38.66 -18.22
N ALA A 192 0.36 -38.49 -19.54
CA ALA A 192 -0.15 -39.54 -20.41
C ALA A 192 0.69 -40.79 -20.34
N GLN A 193 2.03 -40.64 -20.41
CA GLN A 193 2.88 -41.82 -20.37
C GLN A 193 2.83 -42.48 -19.00
N SER A 194 2.69 -41.69 -17.94
CA SER A 194 2.63 -42.27 -16.60
C SER A 194 1.33 -43.05 -16.39
N ILE A 195 0.20 -42.51 -16.85
CA ILE A 195 -1.04 -43.27 -16.70
C ILE A 195 -1.02 -44.50 -17.59
N ALA A 196 -0.37 -44.42 -18.76
CA ALA A 196 -0.23 -45.60 -19.61
C ALA A 196 0.62 -46.67 -18.93
N TYR A 197 1.73 -46.27 -18.31
CA TYR A 197 2.65 -47.22 -17.71
C TYR A 197 2.20 -47.71 -16.35
N ASN A 198 1.26 -47.02 -15.70
CA ASN A 198 0.87 -47.37 -14.34
C ASN A 198 -0.57 -47.85 -14.20
N HIS A 199 -1.45 -47.53 -15.15
CA HIS A 199 -2.87 -47.86 -15.03
C HIS A 199 -3.46 -48.15 -16.40
N PRO A 200 -3.25 -49.36 -16.93
CA PRO A 200 -3.96 -49.77 -18.14
C PRO A 200 -5.43 -50.05 -17.90
N ASP A 201 -5.83 -50.30 -16.66
CA ASP A 201 -7.24 -50.60 -16.37
C ASP A 201 -8.14 -49.43 -16.74
N CYS A 202 -7.69 -48.21 -16.44
CA CYS A 202 -8.42 -47.02 -16.84
C CYS A 202 -7.86 -46.49 -18.16
N VAL A 203 -8.74 -46.22 -19.10
CA VAL A 203 -8.34 -45.76 -20.42
C VAL A 203 -7.89 -44.30 -20.34
N LEU A 204 -6.89 -43.95 -21.13
CA LEU A 204 -6.36 -42.60 -21.17
C LEU A 204 -6.93 -41.85 -22.37
N MET A 205 -7.37 -40.62 -22.14
CA MET A 205 -7.92 -39.78 -23.18
C MET A 205 -7.30 -38.39 -23.10
N VAL A 206 -6.78 -37.91 -24.21
CA VAL A 206 -6.18 -36.59 -24.31
C VAL A 206 -6.93 -35.80 -25.37
N LEU A 207 -7.39 -34.62 -25.01
CA LEU A 207 -8.15 -33.75 -25.91
C LEU A 207 -7.34 -32.50 -26.22
N LEU A 208 -7.15 -32.23 -27.51
CA LEU A 208 -6.48 -31.03 -27.97
C LEU A 208 -7.36 -30.32 -28.99
N ILE A 209 -7.49 -29.00 -28.84
CA ILE A 209 -8.33 -28.19 -29.70
C ILE A 209 -7.46 -27.11 -30.34
N ASP A 210 -7.73 -26.84 -31.63
CA ASP A 210 -7.11 -25.79 -32.45
C ASP A 210 -5.64 -25.54 -32.09
N GLU A 211 -4.88 -26.62 -31.97
CA GLU A 211 -3.47 -26.56 -31.60
C GLU A 211 -2.61 -26.86 -32.82
N ARG A 212 -1.34 -26.47 -32.76
CA ARG A 212 -0.47 -26.60 -33.91
C ARG A 212 -0.29 -28.07 -34.27
N PRO A 213 -0.26 -28.40 -35.56
CA PRO A 213 -0.43 -29.82 -35.96
C PRO A 213 0.71 -30.73 -35.55
N GLU A 214 1.94 -30.22 -35.39
CA GLU A 214 3.06 -31.10 -35.14
C GLU A 214 2.95 -31.81 -33.79
N GLU A 215 2.62 -31.06 -32.73
CA GLU A 215 2.41 -31.70 -31.43
C GLU A 215 1.21 -32.64 -31.47
N VAL A 216 0.13 -32.23 -32.15
CA VAL A 216 -1.06 -33.07 -32.22
C VAL A 216 -0.74 -34.41 -32.87
N THR A 217 0.04 -34.39 -33.95
CA THR A 217 0.38 -35.62 -34.65
C THR A 217 1.45 -36.42 -33.92
N GLU A 218 2.30 -35.78 -33.13
CA GLU A 218 3.29 -36.54 -32.36
C GLU A 218 2.73 -37.05 -31.04
N MET A 219 1.52 -36.64 -30.66
CA MET A 219 0.92 -37.15 -29.42
C MET A 219 0.68 -38.65 -29.50
N GLN A 220 0.14 -39.13 -30.63
CA GLN A 220 -0.21 -40.55 -30.73
C GLN A 220 1.00 -41.46 -30.79
N ARG A 221 2.19 -40.93 -31.09
CA ARG A 221 3.38 -41.75 -31.16
C ARG A 221 4.05 -41.96 -29.80
N LEU A 222 3.49 -41.39 -28.74
CA LEU A 222 4.01 -41.58 -27.40
C LEU A 222 2.98 -42.11 -26.42
N VAL A 223 1.75 -42.36 -26.85
CA VAL A 223 0.69 -42.91 -26.01
C VAL A 223 0.24 -44.24 -26.60
N LYS A 224 0.08 -45.24 -25.73
CA LYS A 224 -0.37 -46.54 -26.19
C LYS A 224 -1.86 -46.57 -26.52
N GLY A 225 -2.66 -45.77 -25.81
CA GLY A 225 -4.08 -45.71 -26.10
C GLY A 225 -4.40 -44.75 -27.22
N GLU A 226 -5.56 -44.95 -27.83
CA GLU A 226 -5.99 -44.08 -28.92
C GLU A 226 -6.32 -42.69 -28.40
N VAL A 227 -5.90 -41.68 -29.16
CA VAL A 227 -6.07 -40.29 -28.79
C VAL A 227 -6.75 -39.55 -29.93
N VAL A 228 -7.74 -38.72 -29.59
CA VAL A 228 -8.47 -37.91 -30.57
C VAL A 228 -8.21 -36.45 -30.26
N ALA A 229 -7.91 -35.68 -31.29
CA ALA A 229 -7.62 -34.26 -31.14
C ALA A 229 -8.01 -33.54 -32.42
N SER A 230 -8.30 -32.25 -32.29
CA SER A 230 -8.70 -31.40 -33.41
C SER A 230 -7.68 -30.28 -33.57
N THR A 231 -7.08 -30.20 -34.75
CA THR A 231 -6.17 -29.10 -35.08
C THR A 231 -7.00 -27.93 -35.63
N PHE A 232 -6.32 -26.89 -36.12
CA PHE A 232 -6.97 -25.63 -36.42
C PHE A 232 -7.26 -25.42 -37.90
N ASP A 233 -7.25 -26.48 -38.71
CA ASP A 233 -7.65 -26.32 -40.10
C ASP A 233 -9.15 -26.18 -40.28
N GLU A 234 -9.87 -25.96 -39.18
CA GLU A 234 -11.32 -26.04 -39.10
C GLU A 234 -11.86 -25.15 -37.98
N PRO A 235 -13.10 -24.65 -38.11
CA PRO A 235 -13.60 -23.62 -37.19
C PRO A 235 -14.10 -24.14 -35.86
N ALA A 236 -14.68 -23.25 -35.05
CA ALA A 236 -15.08 -23.59 -33.70
C ALA A 236 -16.24 -24.57 -33.63
N SER A 237 -17.07 -24.66 -34.68
CA SER A 237 -18.22 -25.56 -34.65
C SER A 237 -17.77 -27.02 -34.56
N ARG A 238 -16.80 -27.41 -35.39
CA ARG A 238 -16.28 -28.76 -35.30
C ARG A 238 -15.60 -29.00 -33.96
N HIS A 239 -14.89 -27.99 -33.44
CA HIS A 239 -14.30 -28.12 -32.11
C HIS A 239 -15.35 -28.45 -31.06
N VAL A 240 -16.43 -27.66 -31.01
CA VAL A 240 -17.42 -27.85 -29.95
C VAL A 240 -18.16 -29.16 -30.14
N GLN A 241 -18.42 -29.57 -31.38
CA GLN A 241 -19.14 -30.83 -31.56
C GLN A 241 -18.25 -32.04 -31.27
N VAL A 242 -16.95 -31.96 -31.58
CA VAL A 242 -16.03 -33.02 -31.16
C VAL A 242 -15.96 -33.09 -29.64
N ALA A 243 -15.93 -31.93 -28.97
CA ALA A 243 -15.93 -31.93 -27.51
C ALA A 243 -17.20 -32.58 -26.97
N GLU A 244 -18.36 -32.24 -27.55
CA GLU A 244 -19.62 -32.84 -27.15
C GLU A 244 -19.57 -34.36 -27.30
N MET A 245 -19.17 -34.84 -28.47
CA MET A 245 -19.22 -36.28 -28.72
C MET A 245 -18.19 -37.02 -27.88
N VAL A 246 -17.02 -36.43 -27.66
CA VAL A 246 -16.00 -37.12 -26.87
C VAL A 246 -16.40 -37.18 -25.39
N ILE A 247 -16.99 -36.09 -24.87
CA ILE A 247 -17.42 -36.13 -23.48
C ILE A 247 -18.61 -37.07 -23.32
N GLU A 248 -19.48 -37.16 -24.34
CA GLU A 248 -20.57 -38.11 -24.28
C GLU A 248 -20.07 -39.56 -24.32
N LYS A 249 -19.04 -39.82 -25.13
CA LYS A 249 -18.43 -41.14 -25.17
C LYS A 249 -17.78 -41.49 -23.83
N ALA A 250 -17.10 -40.51 -23.22
CA ALA A 250 -16.52 -40.75 -21.90
C ALA A 250 -17.60 -41.02 -20.86
N LYS A 251 -18.72 -40.30 -20.94
CA LYS A 251 -19.84 -40.53 -20.04
C LYS A 251 -20.40 -41.95 -20.23
N ARG A 252 -20.54 -42.38 -21.48
CA ARG A 252 -21.03 -43.73 -21.73
C ARG A 252 -20.06 -44.78 -21.20
N LEU A 253 -18.77 -44.56 -21.38
CA LEU A 253 -17.77 -45.51 -20.89
C LEU A 253 -17.78 -45.58 -19.36
N VAL A 254 -17.89 -44.44 -18.69
CA VAL A 254 -17.92 -44.45 -17.23
C VAL A 254 -19.25 -44.99 -16.70
N GLU A 255 -20.31 -44.94 -17.51
CA GLU A 255 -21.58 -45.53 -17.11
C GLU A 255 -21.49 -47.04 -16.95
N HIS A 256 -20.46 -47.67 -17.49
CA HIS A 256 -20.21 -49.10 -17.33
C HIS A 256 -19.38 -49.41 -16.10
N LYS A 257 -19.39 -48.54 -15.09
CA LYS A 257 -18.63 -48.71 -13.85
C LYS A 257 -17.13 -48.83 -14.14
N LYS A 258 -16.66 -48.06 -15.12
CA LYS A 258 -15.25 -48.04 -15.50
C LYS A 258 -14.62 -46.71 -15.11
N ASP A 259 -13.29 -46.72 -15.04
CA ASP A 259 -12.52 -45.53 -14.68
C ASP A 259 -12.01 -44.87 -15.95
N VAL A 260 -12.30 -43.58 -16.11
CA VAL A 260 -11.89 -42.82 -17.28
C VAL A 260 -11.26 -41.52 -16.83
N ILE A 261 -10.22 -41.09 -17.55
CA ILE A 261 -9.53 -39.83 -17.29
C ILE A 261 -9.44 -39.05 -18.61
N ILE A 262 -9.85 -37.79 -18.57
CA ILE A 262 -9.90 -36.94 -19.75
C ILE A 262 -8.86 -35.84 -19.58
N LEU A 263 -7.91 -35.77 -20.51
CA LEU A 263 -6.89 -34.72 -20.52
C LEU A 263 -7.36 -33.62 -21.47
N LEU A 264 -7.51 -32.41 -20.94
CA LEU A 264 -8.15 -31.32 -21.66
C LEU A 264 -7.22 -30.11 -21.76
N ASP A 265 -7.16 -29.53 -22.95
CA ASP A 265 -6.30 -28.38 -23.23
C ASP A 265 -6.94 -27.61 -24.39
N SER A 266 -7.53 -26.45 -24.09
CA SER A 266 -7.59 -25.79 -22.79
C SER A 266 -9.01 -25.33 -22.48
N ILE A 267 -9.28 -25.02 -21.21
CA ILE A 267 -10.61 -24.52 -20.83
C ILE A 267 -10.88 -23.19 -21.51
N THR A 268 -9.90 -22.29 -21.49
CA THR A 268 -10.10 -20.96 -22.05
C THR A 268 -10.35 -21.02 -23.55
N ARG A 269 -9.60 -21.86 -24.27
CA ARG A 269 -9.74 -21.93 -25.71
C ARG A 269 -11.10 -22.49 -26.12
N LEU A 270 -11.56 -23.54 -25.43
CA LEU A 270 -12.89 -24.06 -25.74
C LEU A 270 -13.98 -23.10 -25.32
N ALA A 271 -13.76 -22.34 -24.24
CA ALA A 271 -14.73 -21.31 -23.86
C ALA A 271 -14.85 -20.24 -24.94
N ARG A 272 -13.71 -19.79 -25.48
CA ARG A 272 -13.74 -18.83 -26.57
C ARG A 272 -14.42 -19.40 -27.81
N ALA A 273 -14.14 -20.68 -28.11
CA ALA A 273 -14.79 -21.31 -29.27
C ALA A 273 -16.30 -21.37 -29.08
N TYR A 274 -16.75 -21.75 -27.89
CA TYR A 274 -18.18 -21.82 -27.62
C TYR A 274 -18.81 -20.43 -27.68
N ASN A 275 -18.13 -19.42 -27.16
CA ASN A 275 -18.64 -18.06 -27.24
C ASN A 275 -18.77 -17.59 -28.68
N THR A 276 -17.79 -17.92 -29.52
CA THR A 276 -17.85 -17.54 -30.92
C THR A 276 -18.87 -18.34 -31.71
N VAL A 277 -19.23 -19.54 -31.26
CA VAL A 277 -20.18 -20.35 -32.00
C VAL A 277 -21.61 -20.22 -31.46
N VAL A 278 -21.80 -19.88 -30.20
CA VAL A 278 -23.14 -19.78 -29.62
C VAL A 278 -23.79 -18.47 -30.09
N PRO A 279 -25.09 -18.47 -30.39
CA PRO A 279 -25.76 -17.22 -30.68
C PRO A 279 -25.84 -16.31 -29.46
N ALA A 280 -25.85 -15.01 -29.71
CA ALA A 280 -25.94 -14.03 -28.64
C ALA A 280 -27.35 -13.98 -28.06
N SER A 281 -27.44 -13.96 -26.74
CA SER A 281 -28.72 -13.91 -26.04
C SER A 281 -29.15 -12.50 -25.68
N GLY A 282 -28.37 -11.49 -26.05
CA GLY A 282 -28.68 -10.12 -25.73
C GLY A 282 -28.13 -9.62 -24.41
N LYS A 283 -27.54 -10.49 -23.60
CA LYS A 283 -26.92 -10.12 -22.34
C LYS A 283 -25.44 -10.50 -22.46
N VAL A 284 -24.64 -9.57 -22.95
CA VAL A 284 -23.22 -9.78 -23.20
C VAL A 284 -22.42 -9.01 -22.15
N LEU A 285 -21.44 -9.67 -21.55
CA LEU A 285 -20.57 -9.02 -20.59
C LEU A 285 -19.60 -8.08 -21.31
N THR A 286 -18.72 -7.46 -20.52
CA THR A 286 -17.78 -6.49 -21.07
C THR A 286 -16.72 -7.20 -21.90
N GLY A 287 -16.80 -7.02 -23.22
CA GLY A 287 -15.76 -7.52 -24.11
C GLY A 287 -16.15 -8.71 -24.96
N GLY A 288 -17.40 -8.79 -25.39
CA GLY A 288 -17.83 -9.79 -26.34
C GLY A 288 -18.16 -11.15 -25.77
N VAL A 289 -18.07 -11.33 -24.46
CA VAL A 289 -18.42 -12.60 -23.82
C VAL A 289 -19.84 -12.47 -23.27
N ASP A 290 -20.68 -13.46 -23.57
CA ASP A 290 -22.09 -13.43 -23.22
C ASP A 290 -22.40 -14.46 -22.15
N ALA A 291 -23.56 -14.27 -21.51
CA ALA A 291 -23.93 -15.12 -20.38
C ALA A 291 -24.35 -16.52 -20.81
N ASN A 292 -24.86 -16.66 -22.04
CA ASN A 292 -25.33 -17.96 -22.52
C ASN A 292 -24.20 -18.85 -23.03
N ALA A 293 -22.95 -18.53 -22.74
CA ALA A 293 -21.80 -19.32 -23.18
C ALA A 293 -20.95 -19.77 -21.99
N LEU A 294 -21.57 -19.95 -20.83
CA LEU A 294 -20.84 -20.38 -19.64
C LEU A 294 -21.38 -21.66 -19.00
N HIS A 295 -22.69 -21.89 -19.05
CA HIS A 295 -23.27 -23.05 -18.38
C HIS A 295 -22.77 -24.35 -19.00
N ARG A 296 -22.64 -24.38 -20.33
CA ARG A 296 -22.10 -25.56 -20.98
C ARG A 296 -20.68 -25.88 -20.51
N PRO A 297 -19.73 -24.93 -20.46
CA PRO A 297 -18.45 -25.23 -19.79
C PRO A 297 -18.59 -25.57 -18.32
N LYS A 298 -19.55 -24.97 -17.60
CA LYS A 298 -19.74 -25.31 -16.20
C LYS A 298 -20.03 -26.80 -16.04
N ARG A 299 -21.00 -27.33 -16.79
CA ARG A 299 -21.30 -28.74 -16.69
C ARG A 299 -20.27 -29.64 -17.36
N PHE A 300 -19.52 -29.14 -18.34
CA PHE A 300 -18.37 -29.89 -18.84
C PHE A 300 -17.35 -30.11 -17.74
N PHE A 301 -17.06 -29.08 -16.95
CA PHE A 301 -16.11 -29.22 -15.85
C PHE A 301 -16.72 -30.02 -14.71
N GLY A 302 -18.03 -29.92 -14.51
CA GLY A 302 -18.71 -30.65 -13.46
C GLY A 302 -19.05 -32.08 -13.77
N ALA A 303 -18.80 -32.54 -15.00
CA ALA A 303 -19.03 -33.94 -15.33
C ALA A 303 -18.15 -34.87 -14.51
N ALA A 304 -16.97 -34.42 -14.09
CA ALA A 304 -16.07 -35.26 -13.33
C ALA A 304 -16.64 -35.54 -11.94
N ARG A 305 -16.63 -36.81 -11.55
CA ARG A 305 -17.15 -37.23 -10.25
C ARG A 305 -16.71 -38.67 -10.01
N ASN A 306 -17.09 -39.20 -8.85
CA ASN A 306 -16.79 -40.57 -8.46
C ASN A 306 -18.09 -41.29 -8.11
N VAL A 307 -18.16 -42.57 -8.46
CA VAL A 307 -19.34 -43.40 -8.24
C VAL A 307 -19.05 -44.36 -7.10
N GLU A 308 -19.97 -44.43 -6.13
CA GLU A 308 -19.76 -45.28 -4.96
C GLU A 308 -19.72 -46.75 -5.34
N GLU A 309 -20.61 -47.18 -6.23
CA GLU A 309 -20.72 -48.59 -6.58
C GLU A 309 -19.75 -49.02 -7.68
N GLY A 310 -18.95 -48.10 -8.22
CA GLY A 310 -17.98 -48.47 -9.22
C GLY A 310 -17.87 -47.48 -10.37
N GLY A 311 -16.65 -47.21 -10.80
CA GLY A 311 -16.43 -46.28 -11.89
C GLY A 311 -16.15 -44.86 -11.41
N SER A 312 -15.38 -44.13 -12.21
CA SER A 312 -15.02 -42.77 -11.88
C SER A 312 -14.64 -42.02 -13.15
N LEU A 313 -14.80 -40.70 -13.11
CA LEU A 313 -14.45 -39.82 -14.21
C LEU A 313 -13.57 -38.70 -13.67
N THR A 314 -12.30 -38.70 -14.07
CA THR A 314 -11.36 -37.67 -13.70
C THR A 314 -11.11 -36.75 -14.88
N ILE A 315 -11.03 -35.45 -14.61
CA ILE A 315 -10.74 -34.45 -15.64
C ILE A 315 -9.49 -33.70 -15.23
N ILE A 316 -8.43 -33.84 -16.02
CA ILE A 316 -7.19 -33.10 -15.83
C ILE A 316 -7.12 -32.10 -16.98
N ALA A 317 -7.39 -30.83 -16.68
CA ALA A 317 -7.57 -29.82 -17.70
C ALA A 317 -6.71 -28.60 -17.39
N THR A 318 -6.03 -28.07 -18.42
CA THR A 318 -5.11 -26.97 -18.26
C THR A 318 -5.70 -25.69 -18.86
N ALA A 319 -5.26 -24.55 -18.31
CA ALA A 319 -5.77 -23.24 -18.71
C ALA A 319 -4.61 -22.29 -18.90
N LEU A 320 -4.86 -21.22 -19.66
CA LEU A 320 -3.84 -20.24 -19.99
C LEU A 320 -3.82 -19.11 -18.97
N ILE A 321 -2.69 -18.40 -18.93
CA ILE A 321 -2.47 -17.28 -18.02
C ILE A 321 -1.85 -16.13 -18.79
N ASP A 322 -2.30 -14.90 -18.46
CA ASP A 322 -1.72 -13.63 -18.91
C ASP A 322 -1.19 -13.68 -20.34
N THR A 323 -2.05 -14.11 -21.26
CA THR A 323 -1.71 -14.15 -22.67
C THR A 323 -1.80 -12.78 -23.34
N GLY A 324 -2.25 -11.75 -22.61
CA GLY A 324 -2.41 -10.42 -23.15
C GLY A 324 -3.84 -10.06 -23.50
N SER A 325 -4.71 -11.05 -23.66
CA SER A 325 -6.12 -10.82 -23.93
C SER A 325 -6.90 -10.96 -22.64
N LYS A 326 -7.75 -9.97 -22.35
CA LYS A 326 -8.52 -10.00 -21.11
C LYS A 326 -9.47 -11.19 -21.06
N MET A 327 -9.85 -11.74 -22.21
CA MET A 327 -10.74 -12.90 -22.23
C MET A 327 -10.14 -14.06 -21.46
N ASP A 328 -8.83 -14.25 -21.56
CA ASP A 328 -8.18 -15.35 -20.84
C ASP A 328 -8.36 -15.20 -19.34
N GLU A 329 -8.16 -14.00 -18.80
CA GLU A 329 -8.40 -13.80 -17.37
C GLU A 329 -9.87 -13.90 -17.02
N VAL A 330 -10.76 -13.43 -17.92
CA VAL A 330 -12.19 -13.59 -17.67
C VAL A 330 -12.52 -15.05 -17.44
N ILE A 331 -12.05 -15.92 -18.33
CA ILE A 331 -12.27 -17.36 -18.16
C ILE A 331 -11.53 -17.87 -16.91
N TYR A 332 -10.36 -17.30 -16.62
CA TYR A 332 -9.54 -17.76 -15.50
C TYR A 332 -10.29 -17.62 -14.18
N GLU A 333 -10.65 -16.38 -13.80
CA GLU A 333 -11.44 -16.25 -12.58
C GLU A 333 -12.92 -16.49 -12.79
N GLU A 334 -13.34 -16.91 -14.00
CA GLU A 334 -14.65 -17.53 -14.14
C GLU A 334 -14.63 -18.96 -13.65
N PHE A 335 -13.50 -19.65 -13.85
CA PHE A 335 -13.31 -21.02 -13.38
C PHE A 335 -12.45 -21.09 -12.12
N LYS A 336 -12.54 -20.08 -11.27
CA LYS A 336 -11.79 -20.05 -10.01
C LYS A 336 -12.66 -20.57 -8.89
N GLY A 337 -12.17 -21.58 -8.18
CA GLY A 337 -12.92 -22.19 -7.10
C GLY A 337 -13.93 -23.23 -7.53
N THR A 338 -14.03 -23.52 -8.83
CA THR A 338 -14.96 -24.51 -9.34
C THR A 338 -14.34 -25.90 -9.42
N GLY A 339 -13.07 -26.05 -9.07
CA GLY A 339 -12.41 -27.34 -9.13
C GLY A 339 -11.74 -27.68 -7.82
N ASN A 340 -11.92 -28.93 -7.39
CA ASN A 340 -11.32 -29.39 -6.14
C ASN A 340 -9.81 -29.38 -6.22
N MET A 341 -9.24 -29.83 -7.33
CA MET A 341 -7.80 -29.81 -7.51
C MET A 341 -7.44 -28.63 -8.39
N GLU A 342 -6.57 -27.75 -7.89
CA GLU A 342 -6.07 -26.62 -8.65
C GLU A 342 -4.54 -26.67 -8.67
N LEU A 343 -3.95 -26.37 -9.83
CA LEU A 343 -2.52 -26.50 -10.01
C LEU A 343 -2.02 -25.28 -10.76
N HIS A 344 -1.23 -24.44 -10.09
CA HIS A 344 -0.85 -23.14 -10.60
C HIS A 344 0.63 -23.09 -10.97
N LEU A 345 0.93 -22.34 -12.03
CA LEU A 345 2.29 -22.10 -12.48
C LEU A 345 2.51 -20.60 -12.63
N SER A 346 3.78 -20.20 -12.58
CA SER A 346 4.15 -18.79 -12.68
C SER A 346 5.15 -18.60 -13.81
N ARG A 347 5.13 -17.39 -14.39
CA ARG A 347 5.99 -17.08 -15.52
C ARG A 347 7.45 -16.95 -15.10
N LYS A 348 7.70 -16.42 -13.90
CA LYS A 348 9.07 -16.13 -13.50
C LYS A 348 9.90 -17.40 -13.30
N ILE A 349 9.30 -18.45 -12.74
CA ILE A 349 10.05 -19.68 -12.52
C ILE A 349 10.38 -20.35 -13.86
N ALA A 350 9.48 -20.24 -14.84
CA ALA A 350 9.78 -20.75 -16.18
C ALA A 350 10.83 -19.90 -16.87
N GLU A 351 10.84 -18.59 -16.62
CA GLU A 351 11.87 -17.73 -17.19
C GLU A 351 13.23 -18.06 -16.60
N LYS A 352 13.27 -18.42 -15.31
CA LYS A 352 14.51 -18.93 -14.72
C LYS A 352 14.96 -20.22 -15.38
N ARG A 353 14.02 -20.94 -16.01
CA ARG A 353 14.32 -22.12 -16.83
C ARG A 353 14.83 -23.29 -15.98
N VAL A 354 14.18 -23.51 -14.84
CA VAL A 354 14.40 -24.70 -14.01
C VAL A 354 13.17 -25.58 -14.15
N PHE A 355 13.39 -26.86 -14.38
CA PHE A 355 12.31 -27.78 -14.70
C PHE A 355 12.22 -28.88 -13.63
N PRO A 356 11.03 -29.15 -13.08
CA PRO A 356 9.73 -28.55 -13.40
C PRO A 356 9.58 -27.12 -12.89
N ALA A 357 8.59 -26.38 -13.38
CA ALA A 357 8.40 -24.99 -13.00
C ALA A 357 7.06 -24.79 -12.29
N ILE A 358 6.75 -25.68 -11.35
CA ILE A 358 5.48 -25.62 -10.64
C ILE A 358 5.64 -24.74 -9.41
N ASP A 359 4.52 -24.17 -8.97
CA ASP A 359 4.49 -23.30 -7.80
C ASP A 359 3.96 -24.10 -6.62
N TYR A 360 4.85 -24.41 -5.67
CA TYR A 360 4.44 -25.18 -4.49
C TYR A 360 3.47 -24.42 -3.62
N ASN A 361 3.69 -23.12 -3.43
CA ASN A 361 2.88 -22.35 -2.49
C ASN A 361 1.43 -22.25 -2.93
N ARG A 362 1.19 -22.04 -4.22
CA ARG A 362 -0.15 -21.81 -4.73
C ARG A 362 -0.82 -23.07 -5.25
N SER A 363 -0.20 -24.23 -5.08
CA SER A 363 -0.77 -25.50 -5.51
C SER A 363 -1.28 -26.26 -4.30
N GLY A 364 -2.52 -26.74 -4.38
CA GLY A 364 -3.12 -27.50 -3.30
C GLY A 364 -4.24 -28.36 -3.81
N THR A 365 -4.77 -29.18 -2.91
CA THR A 365 -5.87 -30.09 -3.22
C THR A 365 -6.94 -29.97 -2.15
N ARG A 366 -8.18 -29.77 -2.57
CA ARG A 366 -9.30 -29.77 -1.64
C ARG A 366 -9.52 -31.17 -1.07
N LYS A 367 -9.97 -31.21 0.18
CA LYS A 367 -10.19 -32.48 0.90
C LYS A 367 -8.89 -33.29 0.96
N GLU A 368 -7.89 -32.71 1.63
CA GLU A 368 -6.60 -33.37 1.76
C GLU A 368 -6.71 -34.68 2.53
N GLU A 369 -7.55 -34.70 3.57
CA GLU A 369 -7.61 -35.86 4.45
C GLU A 369 -8.15 -37.09 3.73
N LEU A 370 -9.28 -36.93 3.02
CA LEU A 370 -9.97 -38.09 2.46
C LEU A 370 -9.20 -38.70 1.29
N LEU A 371 -8.39 -37.89 0.58
CA LEU A 371 -7.77 -38.37 -0.65
C LEU A 371 -6.59 -39.29 -0.37
N THR A 372 -5.81 -39.01 0.66
CA THR A 372 -4.59 -39.76 0.96
C THR A 372 -4.67 -40.37 2.37
N THR A 373 -3.56 -40.97 2.79
CA THR A 373 -3.46 -41.60 4.10
C THR A 373 -3.10 -40.56 5.14
N GLN A 374 -2.72 -41.02 6.34
CA GLN A 374 -2.43 -40.13 7.46
C GLN A 374 -0.95 -39.79 7.57
N GLU A 375 -0.06 -40.78 7.53
CA GLU A 375 1.37 -40.50 7.71
C GLU A 375 1.91 -39.65 6.58
N GLU A 376 1.51 -39.93 5.34
CA GLU A 376 1.92 -39.06 4.24
C GLU A 376 1.26 -37.69 4.34
N LEU A 377 0.13 -37.58 5.03
CA LEU A 377 -0.50 -36.27 5.21
C LEU A 377 0.31 -35.40 6.16
N GLN A 378 0.73 -35.95 7.31
CA GLN A 378 1.60 -35.19 8.21
C GLN A 378 2.96 -34.95 7.57
N LYS A 379 3.43 -35.88 6.73
CA LYS A 379 4.61 -35.61 5.94
C LYS A 379 4.40 -34.41 5.02
N MET A 380 3.21 -34.32 4.41
CA MET A 380 2.89 -33.18 3.56
C MET A 380 2.90 -31.88 4.35
N TRP A 381 2.32 -31.90 5.56
CA TRP A 381 2.33 -30.67 6.36
C TRP A 381 3.75 -30.28 6.76
N ILE A 382 4.59 -31.24 7.15
CA ILE A 382 5.94 -30.87 7.56
C ILE A 382 6.76 -30.38 6.37
N LEU A 383 6.54 -30.98 5.19
CA LEU A 383 7.18 -30.45 3.98
C LEU A 383 6.70 -29.05 3.67
N ARG A 384 5.40 -28.79 3.86
CA ARG A 384 4.87 -27.45 3.62
C ARG A 384 5.48 -26.43 4.56
N LYS A 385 5.64 -26.80 5.84
CA LYS A 385 6.28 -25.89 6.78
C LYS A 385 7.77 -25.71 6.48
N ILE A 386 8.42 -26.73 5.92
CA ILE A 386 9.83 -26.60 5.56
C ILE A 386 10.00 -25.66 4.37
N ILE A 387 9.12 -25.78 3.38
CA ILE A 387 9.30 -25.06 2.12
C ILE A 387 8.66 -23.67 2.13
N HIS A 388 7.63 -23.47 2.94
CA HIS A 388 6.84 -22.23 2.88
C HIS A 388 7.63 -20.96 3.21
N PRO A 389 8.41 -20.87 4.31
CA PRO A 389 8.91 -19.57 4.76
C PRO A 389 9.74 -18.81 3.73
N MET A 390 10.83 -19.42 3.26
CA MET A 390 11.71 -18.74 2.32
C MET A 390 11.13 -18.77 0.91
N GLY A 391 11.90 -18.24 -0.05
CA GLY A 391 11.39 -18.10 -1.40
C GLY A 391 11.11 -19.44 -2.05
N GLU A 392 10.17 -19.44 -2.99
CA GLU A 392 9.76 -20.68 -3.63
C GLU A 392 10.81 -21.20 -4.61
N ILE A 393 11.55 -20.31 -5.27
CA ILE A 393 12.52 -20.75 -6.28
C ILE A 393 13.72 -21.44 -5.64
N ASP A 394 14.26 -20.86 -4.55
CA ASP A 394 15.41 -21.46 -3.90
C ASP A 394 15.04 -22.80 -3.27
N ALA A 395 13.89 -22.88 -2.62
CA ALA A 395 13.40 -24.16 -2.13
C ALA A 395 13.13 -25.11 -3.29
N MET A 396 12.79 -24.57 -4.46
CA MET A 396 12.54 -25.42 -5.63
C MET A 396 13.81 -26.15 -6.07
N GLU A 397 14.91 -25.42 -6.28
CA GLU A 397 16.07 -26.20 -6.71
C GLU A 397 16.69 -26.97 -5.55
N PHE A 398 16.49 -26.52 -4.32
CA PHE A 398 16.86 -27.32 -3.15
C PHE A 398 16.18 -28.69 -3.19
N LEU A 399 14.85 -28.69 -3.35
CA LEU A 399 14.12 -29.95 -3.38
C LEU A 399 14.45 -30.76 -4.61
N ILE A 400 14.70 -30.13 -5.75
CA ILE A 400 14.95 -30.91 -6.96
C ILE A 400 16.32 -31.59 -6.88
N ASN A 401 17.31 -30.93 -6.27
CA ASN A 401 18.60 -31.59 -6.12
C ASN A 401 18.57 -32.63 -5.00
N LYS A 402 17.72 -32.44 -3.99
CA LYS A 402 17.54 -33.51 -3.01
C LYS A 402 16.86 -34.73 -3.64
N LEU A 403 15.91 -34.49 -4.54
CA LEU A 403 15.16 -35.58 -5.17
C LEU A 403 15.97 -36.29 -6.24
N ALA A 404 16.87 -35.59 -6.93
CA ALA A 404 17.61 -36.19 -8.03
C ALA A 404 18.50 -37.32 -7.56
N MET A 405 19.14 -37.15 -6.40
CA MET A 405 20.07 -38.14 -5.86
C MET A 405 19.38 -39.29 -5.14
N THR A 406 18.06 -39.44 -5.30
CA THR A 406 17.31 -40.48 -4.63
C THR A 406 16.58 -41.33 -5.66
N LYS A 407 16.43 -42.62 -5.35
CA LYS A 407 15.82 -43.55 -6.29
C LYS A 407 14.30 -43.49 -6.21
N THR A 408 13.73 -43.66 -5.02
CA THR A 408 12.29 -43.62 -4.82
C THR A 408 11.96 -42.59 -3.75
N ASN A 409 10.68 -42.18 -3.73
CA ASN A 409 10.26 -41.12 -2.82
C ASN A 409 10.43 -41.52 -1.37
N ASP A 410 10.09 -42.78 -1.02
CA ASP A 410 10.13 -43.19 0.38
C ASP A 410 11.54 -43.12 0.95
N ASP A 411 12.54 -43.53 0.16
CA ASP A 411 13.93 -43.41 0.59
C ASP A 411 14.30 -41.97 0.89
N PHE A 412 13.87 -41.05 0.00
CA PHE A 412 14.05 -39.64 0.28
C PHE A 412 13.36 -39.24 1.58
N PHE A 413 12.20 -39.84 1.86
CA PHE A 413 11.48 -39.49 3.09
C PHE A 413 12.25 -39.89 4.33
N GLU A 414 12.83 -41.09 4.37
CA GLU A 414 13.53 -41.35 5.63
C GLU A 414 14.96 -40.81 5.62
N MET A 415 15.47 -40.32 4.49
CA MET A 415 16.75 -39.62 4.57
C MET A 415 16.59 -38.12 4.81
N MET A 416 15.37 -37.58 4.73
CA MET A 416 15.20 -36.15 4.96
C MET A 416 14.79 -35.84 6.39
N LYS A 417 13.99 -36.70 7.04
CA LYS A 417 13.58 -36.43 8.41
C LYS A 417 14.71 -36.63 9.41
N ARG A 418 15.77 -37.36 9.04
CA ARG A 418 16.90 -37.51 9.93
C ARG A 418 17.71 -36.23 10.07
N SER A 419 17.56 -35.30 9.14
CA SER A 419 18.28 -34.03 9.20
C SER A 419 17.48 -32.98 9.97
N MET B 1 10.35 -21.92 -78.89
CA MET B 1 10.37 -20.68 -78.11
C MET B 1 9.18 -20.61 -77.14
N ASN B 2 9.49 -20.47 -75.86
CA ASN B 2 8.48 -20.42 -74.82
C ASN B 2 8.04 -18.98 -74.57
N LEU B 3 6.92 -18.83 -73.89
CA LEU B 3 6.40 -17.50 -73.55
C LEU B 3 7.33 -16.78 -72.57
N THR B 4 8.11 -17.51 -71.79
CA THR B 4 8.94 -16.89 -70.76
C THR B 4 10.02 -16.00 -71.35
N GLU B 5 10.62 -16.42 -72.47
CA GLU B 5 11.75 -15.68 -73.04
C GLU B 5 11.36 -14.25 -73.38
N LEU B 6 10.26 -14.06 -74.11
CA LEU B 6 9.78 -12.72 -74.40
C LEU B 6 8.97 -12.12 -73.26
N LYS B 7 8.57 -12.94 -72.28
CA LYS B 7 7.83 -12.44 -71.14
C LYS B 7 8.73 -11.65 -70.19
N ASN B 8 9.91 -12.19 -69.89
CA ASN B 8 10.79 -11.52 -68.93
C ASN B 8 11.46 -10.29 -69.51
N THR B 9 11.73 -10.29 -70.81
CA THR B 9 12.41 -9.17 -71.44
C THR B 9 11.52 -7.94 -71.46
N PRO B 10 12.10 -6.74 -71.36
CA PRO B 10 11.29 -5.51 -71.41
C PRO B 10 10.65 -5.26 -72.76
N VAL B 11 9.91 -4.15 -72.86
CA VAL B 11 9.03 -3.92 -74.00
C VAL B 11 9.82 -3.62 -75.26
N SER B 12 10.93 -2.86 -75.15
CA SER B 12 11.57 -2.26 -76.31
C SER B 12 11.83 -3.28 -77.42
N GLU B 13 12.47 -4.40 -77.07
CA GLU B 13 12.70 -5.43 -78.08
C GLU B 13 11.42 -6.14 -78.48
N LEU B 14 10.39 -6.14 -77.64
CA LEU B 14 9.11 -6.70 -78.07
C LEU B 14 8.51 -5.89 -79.21
N ILE B 15 8.47 -4.56 -79.06
CA ILE B 15 8.00 -3.72 -80.15
C ILE B 15 8.93 -3.81 -81.36
N THR B 16 10.24 -3.94 -81.11
CA THR B 16 11.18 -4.09 -82.23
C THR B 16 10.89 -5.34 -83.03
N LEU B 17 10.65 -6.46 -82.34
CA LEU B 17 10.33 -7.71 -83.03
C LEU B 17 8.97 -7.62 -83.71
N GLY B 18 8.01 -6.93 -83.08
CA GLY B 18 6.72 -6.75 -83.71
C GLY B 18 6.79 -5.97 -85.01
N GLU B 19 7.57 -4.89 -85.02
CA GLU B 19 7.69 -4.09 -86.24
C GLU B 19 8.58 -4.76 -87.28
N ASN B 20 9.54 -5.59 -86.87
CA ASN B 20 10.34 -6.35 -87.82
C ASN B 20 9.67 -7.64 -88.26
N MET B 21 8.53 -7.99 -87.66
CA MET B 21 7.85 -9.25 -87.95
C MET B 21 6.60 -9.09 -88.80
N GLY B 22 5.93 -7.94 -88.71
CA GLY B 22 4.76 -7.70 -89.52
C GLY B 22 3.68 -6.89 -88.83
N LEU B 23 3.79 -6.74 -87.51
CA LEU B 23 2.83 -5.94 -86.76
C LEU B 23 3.09 -4.46 -86.99
N GLU B 24 2.02 -3.72 -87.30
CA GLU B 24 2.18 -2.31 -87.66
C GLU B 24 2.60 -1.47 -86.45
N ASN B 25 1.91 -1.62 -85.32
CA ASN B 25 2.21 -0.84 -84.13
C ASN B 25 1.49 -1.42 -82.91
N LEU B 26 2.22 -1.58 -81.81
CA LEU B 26 1.67 -2.09 -80.55
C LEU B 26 2.06 -1.16 -79.40
N ALA B 27 1.83 0.14 -79.60
CA ALA B 27 2.15 1.15 -78.60
C ALA B 27 0.90 1.91 -78.17
N ARG B 28 -0.18 1.17 -77.91
CA ARG B 28 -1.45 1.79 -77.52
C ARG B 28 -2.07 1.21 -76.27
N MET B 29 -1.62 0.05 -75.78
CA MET B 29 -2.27 -0.63 -74.68
C MET B 29 -1.25 -1.46 -73.91
N ARG B 30 -1.73 -2.25 -72.95
CA ARG B 30 -0.88 -2.99 -72.05
C ARG B 30 -0.12 -4.11 -72.78
N LYS B 31 0.85 -4.69 -72.07
CA LYS B 31 1.74 -5.67 -72.69
C LYS B 31 1.04 -7.01 -72.92
N GLN B 32 0.01 -7.32 -72.12
CA GLN B 32 -0.58 -8.66 -72.16
C GLN B 32 -1.19 -8.95 -73.53
N ASP B 33 -2.05 -8.07 -74.03
CA ASP B 33 -2.62 -8.33 -75.34
C ASP B 33 -1.63 -8.09 -76.48
N ILE B 34 -0.58 -7.29 -76.25
CA ILE B 34 0.49 -7.17 -77.24
C ILE B 34 1.15 -8.53 -77.46
N ILE B 35 1.57 -9.17 -76.36
CA ILE B 35 2.23 -10.47 -76.50
C ILE B 35 1.24 -11.52 -76.98
N PHE B 36 -0.03 -11.43 -76.56
CA PHE B 36 -1.03 -12.36 -77.07
C PHE B 36 -1.17 -12.25 -78.58
N ALA B 37 -1.26 -11.03 -79.09
CA ALA B 37 -1.41 -10.82 -80.54
C ALA B 37 -0.16 -11.26 -81.29
N ILE B 38 1.03 -10.97 -80.76
CA ILE B 38 2.24 -11.33 -81.48
C ILE B 38 2.41 -12.85 -81.50
N LEU B 39 2.08 -13.54 -80.39
CA LEU B 39 2.13 -14.99 -80.40
C LEU B 39 1.09 -15.58 -81.33
N LYS B 40 -0.10 -14.98 -81.39
CA LYS B 40 -1.13 -15.47 -82.31
C LYS B 40 -0.67 -15.34 -83.75
N GLN B 41 -0.10 -14.19 -84.11
CA GLN B 41 0.35 -14.00 -85.48
C GLN B 41 1.54 -14.89 -85.82
N HIS B 42 2.42 -15.15 -84.84
CA HIS B 42 3.51 -16.08 -85.07
C HIS B 42 3.01 -17.50 -85.25
N ALA B 43 2.01 -17.91 -84.47
CA ALA B 43 1.45 -19.25 -84.54
C ALA B 43 0.52 -19.45 -85.73
N LYS B 44 0.09 -18.38 -86.39
CA LYS B 44 -0.66 -18.54 -87.64
C LYS B 44 0.15 -19.28 -88.70
N SER B 45 1.48 -19.30 -88.57
CA SER B 45 2.33 -20.07 -89.48
C SER B 45 2.37 -21.56 -89.13
N GLY B 46 1.57 -22.00 -88.17
CA GLY B 46 1.52 -23.41 -87.82
C GLY B 46 2.79 -23.97 -87.20
N GLU B 47 3.39 -23.25 -86.26
CA GLU B 47 4.59 -23.69 -85.57
C GLU B 47 4.27 -23.85 -84.08
N ASP B 48 4.20 -25.08 -83.61
CA ASP B 48 3.95 -25.34 -82.21
C ASP B 48 5.15 -24.92 -81.37
N ILE B 49 4.88 -24.29 -80.22
CA ILE B 49 5.91 -23.69 -79.39
C ILE B 49 5.69 -24.06 -77.93
N PHE B 50 6.74 -23.90 -77.14
CA PHE B 50 6.68 -24.19 -75.71
C PHE B 50 5.78 -23.20 -74.98
N GLY B 51 5.17 -23.69 -73.91
CA GLY B 51 4.37 -22.84 -73.04
C GLY B 51 4.41 -23.35 -71.62
N ASP B 52 4.30 -22.43 -70.67
CA ASP B 52 4.38 -22.75 -69.26
C ASP B 52 3.38 -21.89 -68.49
N GLY B 53 3.37 -22.06 -67.17
CA GLY B 53 2.47 -21.31 -66.31
C GLY B 53 2.04 -22.15 -65.14
N VAL B 54 1.12 -21.60 -64.35
CA VAL B 54 0.54 -22.27 -63.19
C VAL B 54 -0.94 -22.47 -63.46
N LEU B 55 -1.42 -23.69 -63.23
CA LEU B 55 -2.79 -24.06 -63.56
C LEU B 55 -3.70 -23.84 -62.37
N GLU B 56 -4.85 -23.22 -62.61
CA GLU B 56 -5.86 -22.99 -61.57
C GLU B 56 -7.21 -23.44 -62.09
N ILE B 57 -8.07 -23.86 -61.17
CA ILE B 57 -9.42 -24.30 -61.49
C ILE B 57 -10.41 -23.31 -60.92
N LEU B 58 -11.45 -23.01 -61.69
CA LEU B 58 -12.50 -22.10 -61.30
C LEU B 58 -13.67 -22.88 -60.70
N GLN B 59 -14.79 -22.20 -60.50
CA GLN B 59 -15.98 -22.85 -59.93
C GLN B 59 -16.50 -23.97 -60.83
N ASP B 60 -16.25 -23.90 -62.14
CA ASP B 60 -16.65 -24.94 -63.06
C ASP B 60 -15.52 -25.95 -63.24
N GLY B 61 -15.73 -26.92 -64.13
CA GLY B 61 -14.73 -27.92 -64.40
C GLY B 61 -13.59 -27.46 -65.28
N PHE B 62 -13.68 -26.25 -65.83
CA PHE B 62 -12.66 -25.70 -66.70
C PHE B 62 -11.86 -24.64 -65.96
N GLY B 63 -10.54 -24.62 -66.20
CA GLY B 63 -9.65 -23.75 -65.48
C GLY B 63 -8.80 -22.90 -66.41
N PHE B 64 -7.96 -22.07 -65.80
CA PHE B 64 -7.08 -21.14 -66.49
C PHE B 64 -5.62 -21.44 -66.19
N LEU B 65 -4.74 -20.74 -66.92
CA LEU B 65 -3.31 -20.80 -66.73
C LEU B 65 -2.78 -19.39 -66.53
N ARG B 66 -1.89 -19.22 -65.57
CA ARG B 66 -1.34 -17.92 -65.21
C ARG B 66 0.18 -17.93 -65.37
N SER B 67 0.76 -16.74 -65.28
CA SER B 67 2.20 -16.55 -65.39
C SER B 67 2.74 -15.86 -64.16
N ALA B 68 3.91 -16.28 -63.69
CA ALA B 68 4.48 -15.72 -62.47
C ALA B 68 5.04 -14.32 -62.68
N ASP B 69 5.53 -14.02 -63.88
CA ASP B 69 6.14 -12.72 -64.14
C ASP B 69 5.11 -11.61 -63.99
N SER B 70 3.91 -11.81 -64.54
CA SER B 70 2.84 -10.82 -64.48
C SER B 70 2.07 -10.87 -63.16
N SER B 71 2.62 -11.53 -62.14
CA SER B 71 1.96 -11.67 -60.84
C SER B 71 0.58 -12.31 -60.98
N TYR B 72 0.48 -13.27 -61.90
CA TYR B 72 -0.76 -14.02 -62.14
C TYR B 72 -1.92 -13.08 -62.47
N LEU B 73 -1.63 -12.02 -63.22
CA LEU B 73 -2.67 -11.08 -63.63
C LEU B 73 -3.58 -11.71 -64.67
N ALA B 74 -4.87 -11.45 -64.53
CA ALA B 74 -5.84 -11.95 -65.51
C ALA B 74 -5.67 -11.21 -66.84
N GLY B 75 -5.73 -11.96 -67.94
CA GLY B 75 -5.56 -11.39 -69.25
C GLY B 75 -5.62 -12.42 -70.35
N PRO B 76 -5.35 -11.98 -71.60
CA PRO B 76 -5.38 -12.92 -72.73
C PRO B 76 -4.28 -13.97 -72.69
N ASP B 77 -3.28 -13.83 -71.82
CA ASP B 77 -2.18 -14.78 -71.75
C ASP B 77 -2.61 -16.15 -71.25
N ASP B 78 -3.82 -16.28 -70.71
CA ASP B 78 -4.30 -17.57 -70.26
C ASP B 78 -4.41 -18.54 -71.42
N ILE B 79 -4.18 -19.82 -71.13
CA ILE B 79 -4.15 -20.87 -72.13
C ILE B 79 -5.29 -21.85 -71.87
N TYR B 80 -5.97 -22.24 -72.94
CA TYR B 80 -7.06 -23.23 -72.83
C TYR B 80 -6.55 -24.51 -72.20
N VAL B 81 -7.26 -24.98 -71.19
CA VAL B 81 -6.92 -26.21 -70.47
C VAL B 81 -8.16 -27.08 -70.47
N SER B 82 -8.25 -28.00 -71.42
CA SER B 82 -9.42 -28.88 -71.50
C SER B 82 -9.47 -29.79 -70.28
N PRO B 83 -10.64 -29.97 -69.66
CA PRO B 83 -10.73 -30.90 -68.52
C PRO B 83 -10.44 -32.34 -68.88
N SER B 84 -10.50 -32.70 -70.17
CA SER B 84 -10.00 -33.99 -70.60
C SER B 84 -8.54 -34.17 -70.22
N GLN B 85 -7.76 -33.09 -70.23
CA GLN B 85 -6.41 -33.15 -69.70
C GLN B 85 -6.42 -33.42 -68.20
N ILE B 86 -7.40 -32.88 -67.48
CA ILE B 86 -7.49 -33.13 -66.04
C ILE B 86 -7.72 -34.60 -65.77
N ARG B 87 -8.60 -35.24 -66.55
CA ARG B 87 -8.77 -36.68 -66.39
C ARG B 87 -7.53 -37.45 -66.83
N ARG B 88 -7.15 -37.33 -68.11
CA ARG B 88 -6.14 -38.22 -68.68
C ARG B 88 -4.76 -38.00 -68.10
N PHE B 89 -4.51 -36.86 -67.43
CA PHE B 89 -3.21 -36.60 -66.80
C PHE B 89 -3.34 -36.39 -65.30
N ASN B 90 -4.48 -36.78 -64.71
CA ASN B 90 -4.76 -36.78 -63.28
C ASN B 90 -4.16 -35.58 -62.54
N LEU B 91 -4.23 -34.41 -63.16
CA LEU B 91 -3.65 -33.20 -62.60
C LEU B 91 -4.66 -32.49 -61.70
N ARG B 92 -4.20 -31.41 -61.06
CA ARG B 92 -5.05 -30.60 -60.20
C ARG B 92 -4.55 -29.17 -60.27
N THR B 93 -5.00 -28.34 -59.32
CA THR B 93 -4.59 -26.95 -59.27
C THR B 93 -3.09 -26.85 -58.99
N GLY B 94 -2.48 -25.78 -59.49
CA GLY B 94 -1.10 -25.46 -59.16
C GLY B 94 -0.06 -26.32 -59.81
N ASP B 95 -0.43 -27.15 -60.78
CA ASP B 95 0.54 -28.00 -61.46
C ASP B 95 1.20 -27.19 -62.57
N THR B 96 2.45 -26.78 -62.36
CA THR B 96 3.19 -26.03 -63.37
C THR B 96 3.50 -26.96 -64.53
N ILE B 97 2.86 -26.73 -65.67
CA ILE B 97 2.93 -27.62 -66.82
C ILE B 97 3.48 -26.85 -68.02
N SER B 98 4.40 -27.48 -68.74
CA SER B 98 5.05 -26.89 -69.90
C SER B 98 4.97 -27.88 -71.05
N GLY B 99 4.76 -27.35 -72.27
CA GLY B 99 4.72 -28.22 -73.42
C GLY B 99 4.24 -27.47 -74.65
N LYS B 100 3.97 -28.26 -75.70
CA LYS B 100 3.46 -27.70 -76.95
C LYS B 100 2.13 -27.00 -76.71
N ILE B 101 2.00 -25.79 -77.25
CA ILE B 101 0.74 -25.05 -77.17
C ILE B 101 0.12 -24.99 -78.56
N ARG B 102 -1.21 -24.99 -78.59
CA ARG B 102 -1.95 -24.98 -79.84
C ARG B 102 -2.43 -23.57 -80.16
N PRO B 103 -2.26 -23.10 -81.40
CA PRO B 103 -2.78 -21.79 -81.74
C PRO B 103 -4.29 -21.77 -81.66
N PRO B 104 -4.88 -20.61 -81.33
CA PRO B 104 -6.35 -20.53 -81.20
C PRO B 104 -7.01 -20.45 -82.56
N LYS B 105 -7.79 -21.46 -82.90
CA LYS B 105 -8.52 -21.50 -84.16
C LYS B 105 -9.85 -20.78 -84.00
N GLU B 106 -10.72 -20.90 -85.00
CA GLU B 106 -12.04 -20.28 -84.93
C GLU B 106 -12.87 -20.91 -83.83
N GLY B 107 -13.61 -20.08 -83.11
CA GLY B 107 -14.45 -20.51 -82.01
C GLY B 107 -13.85 -20.26 -80.63
N GLU B 108 -12.55 -20.02 -80.54
CA GLU B 108 -11.90 -19.73 -79.27
C GLU B 108 -10.90 -18.59 -79.48
N ARG B 109 -10.61 -17.89 -78.39
CA ARG B 109 -9.70 -16.75 -78.40
C ARG B 109 -8.34 -17.07 -77.79
N TYR B 110 -8.33 -17.69 -76.61
CA TYR B 110 -7.09 -17.99 -75.92
C TYR B 110 -6.38 -19.17 -76.57
N PHE B 111 -5.08 -19.24 -76.35
CA PHE B 111 -4.28 -20.36 -76.86
C PHE B 111 -4.67 -21.65 -76.15
N ALA B 112 -4.39 -22.77 -76.81
CA ALA B 112 -4.68 -24.09 -76.28
C ALA B 112 -3.37 -24.83 -76.01
N LEU B 113 -3.50 -26.08 -75.55
CA LEU B 113 -2.35 -26.91 -75.19
C LEU B 113 -2.43 -28.20 -76.00
N LEU B 114 -1.46 -28.39 -76.91
CA LEU B 114 -1.41 -29.62 -77.68
C LEU B 114 -1.08 -30.82 -76.78
N LYS B 115 -0.03 -30.70 -75.98
CA LYS B 115 0.36 -31.75 -75.05
C LYS B 115 1.30 -31.17 -74.02
N VAL B 116 1.50 -31.91 -72.94
CA VAL B 116 2.34 -31.49 -71.82
C VAL B 116 3.63 -32.28 -71.84
N ASN B 117 4.76 -31.59 -71.68
CA ASN B 117 6.07 -32.22 -71.64
C ASN B 117 6.75 -32.08 -70.28
N GLU B 118 6.12 -31.38 -69.34
CA GLU B 118 6.71 -31.12 -68.03
C GLU B 118 5.60 -30.90 -67.03
N VAL B 119 5.77 -31.45 -65.83
CA VAL B 119 4.83 -31.28 -64.73
C VAL B 119 5.64 -31.07 -63.45
N ASN B 120 5.69 -29.83 -62.98
CA ASN B 120 6.35 -29.48 -61.72
C ASN B 120 7.81 -29.95 -61.71
N PHE B 121 8.54 -29.59 -62.76
CA PHE B 121 9.94 -29.95 -62.91
C PHE B 121 10.15 -31.46 -62.83
N ASP B 122 9.22 -32.21 -63.42
CA ASP B 122 9.28 -33.66 -63.42
C ASP B 122 8.60 -34.19 -64.67
N LYS B 123 8.96 -35.42 -65.04
CA LYS B 123 8.36 -36.04 -66.21
C LYS B 123 6.88 -36.33 -65.94
N PRO B 124 6.00 -36.13 -66.93
CA PRO B 124 4.57 -36.33 -66.69
C PRO B 124 4.17 -37.77 -66.39
N GLU B 125 4.66 -38.72 -67.18
CA GLU B 125 4.15 -40.09 -67.08
C GLU B 125 4.61 -40.77 -65.79
N ASN B 126 5.83 -40.50 -65.32
CA ASN B 126 6.30 -41.12 -64.10
C ASN B 126 5.84 -40.40 -62.84
N ALA B 127 5.16 -39.26 -62.99
CA ALA B 127 4.61 -38.52 -61.85
C ALA B 127 3.17 -38.90 -61.55
N ARG B 128 2.63 -39.92 -62.23
CA ARG B 128 1.25 -40.33 -61.99
C ARG B 128 1.05 -40.83 -60.57
N ASN B 129 2.03 -41.58 -60.05
CA ASN B 129 2.02 -41.99 -58.65
C ASN B 129 2.62 -40.89 -57.79
N LYS B 130 1.88 -40.47 -56.76
CA LYS B 130 2.30 -39.34 -55.95
C LYS B 130 1.52 -39.35 -54.64
N ILE B 131 2.20 -38.97 -53.56
CA ILE B 131 1.58 -38.89 -52.25
C ILE B 131 0.96 -37.52 -52.07
N LEU B 132 -0.11 -37.46 -51.28
CA LEU B 132 -0.80 -36.21 -51.01
C LEU B 132 -0.18 -35.52 -49.79
N PHE B 133 -0.26 -34.19 -49.79
CA PHE B 133 0.38 -33.40 -48.74
C PHE B 133 -0.24 -33.68 -47.37
N GLU B 134 -1.56 -33.84 -47.30
CA GLU B 134 -2.24 -33.93 -46.02
C GLU B 134 -1.81 -35.18 -45.26
N ASN B 135 -1.64 -36.31 -45.95
CA ASN B 135 -1.19 -37.53 -45.28
C ASN B 135 0.23 -37.42 -44.76
N LEU B 136 1.02 -36.49 -45.30
CA LEU B 136 2.37 -36.27 -44.80
C LEU B 136 2.31 -35.63 -43.43
N THR B 137 2.58 -36.41 -42.39
CA THR B 137 2.47 -35.91 -41.03
C THR B 137 3.54 -34.85 -40.76
N PRO B 138 3.22 -33.80 -40.01
CA PRO B 138 4.19 -32.73 -39.79
C PRO B 138 5.38 -33.19 -38.96
N LEU B 139 6.51 -32.51 -39.16
CA LEU B 139 7.73 -32.76 -38.42
C LEU B 139 8.25 -31.43 -37.87
N HIS B 140 8.96 -31.52 -36.74
CA HIS B 140 9.58 -30.33 -36.18
C HIS B 140 10.81 -29.93 -36.99
N ALA B 141 11.23 -28.67 -36.82
CA ALA B 141 12.38 -28.16 -37.54
C ALA B 141 13.66 -28.84 -37.06
N ASN B 142 14.46 -29.31 -38.01
CA ASN B 142 15.69 -30.03 -37.70
C ASN B 142 16.93 -29.34 -38.25
N SER B 143 16.92 -28.94 -39.51
CA SER B 143 18.09 -28.37 -40.17
C SER B 143 18.10 -26.86 -39.95
N ARG B 144 19.12 -26.37 -39.25
CA ARG B 144 19.24 -24.94 -39.00
C ARG B 144 19.49 -24.17 -40.29
N LEU B 145 18.80 -23.05 -40.44
CA LEU B 145 18.99 -22.16 -41.58
C LEU B 145 19.99 -21.08 -41.21
N ARG B 146 21.14 -21.08 -41.90
CA ARG B 146 22.20 -20.12 -41.65
C ARG B 146 22.09 -18.96 -42.63
N MET B 147 21.98 -17.75 -42.09
CA MET B 147 21.83 -16.55 -42.90
C MET B 147 23.05 -15.65 -42.85
N GLU B 148 24.18 -16.13 -42.33
CA GLU B 148 25.39 -15.32 -42.20
C GLU B 148 26.27 -15.54 -43.42
N ARG B 149 26.34 -14.53 -44.29
CA ARG B 149 27.15 -14.64 -45.50
C ARG B 149 28.64 -14.54 -45.20
N GLY B 150 29.03 -13.64 -44.30
CA GLY B 150 30.42 -13.43 -44.00
C GLY B 150 31.07 -12.26 -44.72
N ASN B 151 30.32 -11.50 -45.52
CA ASN B 151 30.88 -10.33 -46.16
C ASN B 151 31.29 -9.28 -45.13
N GLY B 152 30.48 -9.09 -44.10
CA GLY B 152 30.83 -8.23 -42.99
C GLY B 152 30.18 -6.87 -42.96
N SER B 153 29.14 -6.63 -43.76
CA SER B 153 28.49 -5.33 -43.81
C SER B 153 27.34 -5.27 -42.81
N THR B 154 26.54 -4.19 -42.89
CA THR B 154 25.43 -4.02 -41.96
C THR B 154 24.38 -5.11 -42.11
N GLU B 155 24.10 -5.51 -43.35
CA GLU B 155 23.15 -6.60 -43.58
C GLU B 155 23.61 -7.89 -42.93
N ASP B 156 24.92 -8.15 -42.94
CA ASP B 156 25.44 -9.31 -42.22
C ASP B 156 25.23 -9.16 -40.72
N LEU B 157 25.40 -7.95 -40.19
CA LEU B 157 25.15 -7.72 -38.77
C LEU B 157 23.69 -8.00 -38.42
N THR B 158 22.76 -7.55 -39.27
CA THR B 158 21.35 -7.84 -39.04
C THR B 158 21.07 -9.33 -39.09
N ALA B 159 21.69 -10.03 -40.06
CA ALA B 159 21.51 -11.47 -40.15
C ALA B 159 22.02 -12.18 -38.90
N ARG B 160 23.19 -11.77 -38.41
CA ARG B 160 23.75 -12.41 -37.22
C ARG B 160 22.91 -12.14 -35.98
N VAL B 161 22.42 -10.90 -35.83
CA VAL B 161 21.64 -10.58 -34.65
C VAL B 161 20.29 -11.30 -34.68
N LEU B 162 19.71 -11.48 -35.88
CA LEU B 162 18.46 -12.25 -35.94
C LEU B 162 18.71 -13.74 -35.77
N ASP B 163 19.87 -14.24 -36.21
CA ASP B 163 20.22 -15.63 -35.97
C ASP B 163 20.37 -15.92 -34.49
N LEU B 164 21.03 -15.01 -33.76
CA LEU B 164 21.22 -15.23 -32.33
C LEU B 164 19.94 -14.97 -31.56
N ALA B 165 19.14 -14.00 -32.00
CA ALA B 165 17.89 -13.71 -31.32
C ALA B 165 16.86 -14.81 -31.55
N SER B 166 16.83 -15.39 -32.75
CA SER B 166 15.79 -16.34 -33.14
C SER B 166 16.31 -17.27 -34.22
N PRO B 167 16.73 -18.48 -33.86
CA PRO B 167 17.06 -19.48 -34.88
C PRO B 167 15.82 -19.98 -35.60
N ILE B 168 16.01 -20.39 -36.86
CA ILE B 168 14.93 -20.97 -37.65
C ILE B 168 15.44 -22.27 -38.29
N GLY B 169 14.50 -23.14 -38.64
CA GLY B 169 14.80 -24.42 -39.23
C GLY B 169 14.07 -24.62 -40.54
N ARG B 170 13.67 -25.87 -40.78
CA ARG B 170 12.94 -26.25 -41.98
C ARG B 170 11.57 -26.77 -41.58
N GLY B 171 10.54 -26.35 -42.33
CA GLY B 171 9.18 -26.76 -42.02
C GLY B 171 8.66 -26.23 -40.71
N GLN B 172 9.06 -25.03 -40.31
CA GLN B 172 8.61 -24.39 -39.09
C GLN B 172 7.60 -23.29 -39.41
N ARG B 173 7.04 -22.69 -38.37
CA ARG B 173 5.99 -21.70 -38.50
C ARG B 173 6.45 -20.42 -37.80
N GLY B 174 6.95 -19.47 -38.59
CA GLY B 174 7.48 -18.23 -38.04
C GLY B 174 6.58 -17.03 -38.30
N LEU B 175 6.70 -16.02 -37.44
CA LEU B 175 5.90 -14.80 -37.59
C LEU B 175 6.67 -13.63 -36.98
N ILE B 176 6.49 -12.45 -37.57
CA ILE B 176 7.13 -11.23 -37.11
C ILE B 176 6.05 -10.21 -36.76
N VAL B 177 6.16 -9.62 -35.58
CA VAL B 177 5.31 -8.51 -35.16
C VAL B 177 6.16 -7.24 -35.15
N ALA B 178 5.64 -6.19 -35.78
CA ALA B 178 6.41 -4.95 -35.89
C ALA B 178 5.47 -3.78 -36.08
N PRO B 179 5.70 -2.66 -35.39
CA PRO B 179 4.91 -1.45 -35.64
C PRO B 179 5.24 -0.87 -37.01
N PRO B 180 4.42 0.05 -37.52
CA PRO B 180 4.75 0.68 -38.80
C PRO B 180 6.05 1.44 -38.74
N LYS B 181 6.73 1.52 -39.88
CA LYS B 181 8.01 2.22 -40.02
C LYS B 181 9.08 1.62 -39.10
N ALA B 182 9.08 0.30 -38.99
CA ALA B 182 10.05 -0.42 -38.18
C ALA B 182 11.22 -0.97 -39.00
N GLY B 183 11.28 -0.65 -40.29
CA GLY B 183 12.35 -1.16 -41.13
C GLY B 183 12.33 -2.65 -41.35
N LYS B 184 11.16 -3.22 -41.60
CA LYS B 184 11.04 -4.66 -41.82
C LYS B 184 11.30 -5.07 -43.25
N THR B 185 10.99 -4.22 -44.24
CA THR B 185 11.12 -4.62 -45.64
C THR B 185 12.56 -5.00 -45.97
N MET B 186 13.52 -4.17 -45.55
CA MET B 186 14.92 -4.50 -45.78
C MET B 186 15.31 -5.78 -45.06
N LEU B 187 14.73 -6.03 -43.89
CA LEU B 187 15.05 -7.25 -43.14
C LEU B 187 14.64 -8.49 -43.94
N LEU B 188 13.45 -8.45 -44.53
CA LEU B 188 13.00 -9.60 -45.31
C LEU B 188 13.78 -9.76 -46.60
N GLN B 189 14.12 -8.66 -47.28
CA GLN B 189 14.95 -8.81 -48.47
C GLN B 189 16.36 -9.28 -48.09
N ASN B 190 16.81 -8.92 -46.88
CA ASN B 190 18.11 -9.38 -46.39
C ASN B 190 18.10 -10.88 -46.16
N ILE B 191 17.07 -11.39 -45.47
CA ILE B 191 16.99 -12.83 -45.26
C ILE B 191 16.77 -13.54 -46.59
N ALA B 192 16.14 -12.86 -47.55
CA ALA B 192 15.96 -13.46 -48.88
C ALA B 192 17.30 -13.64 -49.59
N GLN B 193 18.13 -12.59 -49.63
CA GLN B 193 19.44 -12.74 -50.25
C GLN B 193 20.31 -13.70 -49.45
N SER B 194 20.09 -13.77 -48.14
CA SER B 194 20.83 -14.70 -47.29
C SER B 194 20.53 -16.15 -47.65
N ILE B 195 19.25 -16.49 -47.74
CA ILE B 195 18.86 -17.85 -48.11
C ILE B 195 19.26 -18.14 -49.55
N ALA B 196 19.25 -17.11 -50.40
CA ALA B 196 19.67 -17.30 -51.79
C ALA B 196 21.14 -17.67 -51.88
N TYR B 197 22.00 -16.97 -51.13
CA TYR B 197 23.44 -17.22 -51.25
C TYR B 197 23.87 -18.44 -50.45
N ASN B 198 23.38 -18.57 -49.22
CA ASN B 198 23.77 -19.68 -48.36
C ASN B 198 23.11 -21.00 -48.71
N HIS B 199 21.88 -20.97 -49.23
CA HIS B 199 21.13 -22.18 -49.55
C HIS B 199 20.59 -22.07 -50.97
N PRO B 200 21.46 -22.17 -51.97
CA PRO B 200 20.99 -22.10 -53.37
C PRO B 200 20.05 -23.23 -53.75
N ASP B 201 20.19 -24.40 -53.11
CA ASP B 201 19.35 -25.54 -53.47
C ASP B 201 17.88 -25.26 -53.16
N CYS B 202 17.61 -24.62 -52.03
CA CYS B 202 16.23 -24.31 -51.65
C CYS B 202 15.67 -23.22 -52.57
N VAL B 203 14.47 -23.44 -53.08
CA VAL B 203 13.85 -22.47 -53.96
C VAL B 203 13.36 -21.27 -53.15
N LEU B 204 13.56 -20.08 -53.71
CA LEU B 204 13.17 -18.83 -53.06
C LEU B 204 11.84 -18.36 -53.61
N MET B 205 10.94 -17.96 -52.70
CA MET B 205 9.64 -17.47 -53.09
C MET B 205 9.21 -16.38 -52.12
N VAL B 206 8.83 -15.22 -52.66
CA VAL B 206 8.42 -14.07 -51.86
C VAL B 206 7.06 -13.61 -52.35
N LEU B 207 6.15 -13.36 -51.41
CA LEU B 207 4.78 -12.94 -51.71
C LEU B 207 4.50 -11.60 -51.06
N LEU B 208 4.00 -10.66 -51.85
CA LEU B 208 3.54 -9.37 -51.36
C LEU B 208 2.09 -9.14 -51.76
N ILE B 209 1.32 -8.57 -50.85
CA ILE B 209 -0.08 -8.23 -51.12
C ILE B 209 -0.29 -6.77 -50.74
N ASP B 210 -1.11 -6.06 -51.53
CA ASP B 210 -1.63 -4.72 -51.33
C ASP B 210 -0.67 -3.75 -50.65
N GLU B 211 0.60 -3.79 -51.03
CA GLU B 211 1.56 -2.73 -50.73
C GLU B 211 1.77 -1.84 -51.95
N ARG B 212 2.71 -0.91 -51.83
CA ARG B 212 2.94 0.07 -52.87
C ARG B 212 3.50 -0.62 -54.13
N PRO B 213 3.15 -0.12 -55.31
CA PRO B 213 3.73 -0.68 -56.55
C PRO B 213 5.24 -0.52 -56.61
N GLU B 214 5.81 0.46 -55.90
CA GLU B 214 7.25 0.63 -55.92
C GLU B 214 7.97 -0.58 -55.34
N GLU B 215 7.49 -1.08 -54.20
CA GLU B 215 8.05 -2.32 -53.65
C GLU B 215 7.84 -3.48 -54.61
N VAL B 216 6.67 -3.53 -55.24
CA VAL B 216 6.36 -4.60 -56.19
C VAL B 216 7.39 -4.64 -57.32
N THR B 217 7.72 -3.48 -57.88
CA THR B 217 8.68 -3.42 -58.97
C THR B 217 10.13 -3.43 -58.50
N GLU B 218 10.37 -3.24 -57.19
CA GLU B 218 11.73 -3.27 -56.69
C GLU B 218 12.15 -4.64 -56.18
N MET B 219 11.19 -5.52 -55.87
CA MET B 219 11.56 -6.85 -55.37
C MET B 219 12.38 -7.64 -56.38
N GLN B 220 11.95 -7.64 -57.65
CA GLN B 220 12.56 -8.54 -58.64
C GLN B 220 14.04 -8.23 -58.86
N ARG B 221 14.38 -6.94 -58.94
CA ARG B 221 15.73 -6.55 -59.31
C ARG B 221 16.76 -6.79 -58.21
N LEU B 222 16.33 -7.16 -57.00
CA LEU B 222 17.25 -7.38 -55.90
C LEU B 222 17.39 -8.85 -55.51
N VAL B 223 16.29 -9.55 -55.32
CA VAL B 223 16.33 -10.95 -54.90
C VAL B 223 16.54 -11.83 -56.14
N LYS B 224 17.33 -12.89 -55.96
CA LYS B 224 17.60 -13.79 -57.07
C LYS B 224 16.38 -14.63 -57.41
N GLY B 225 15.67 -15.12 -56.39
CA GLY B 225 14.50 -15.93 -56.63
C GLY B 225 13.31 -15.11 -57.12
N GLU B 226 12.36 -15.81 -57.72
CA GLU B 226 11.17 -15.16 -58.24
C GLU B 226 10.30 -14.64 -57.11
N VAL B 227 9.63 -13.51 -57.37
CA VAL B 227 8.79 -12.85 -56.39
C VAL B 227 7.46 -12.48 -57.04
N VAL B 228 6.38 -12.65 -56.31
CA VAL B 228 5.03 -12.34 -56.79
C VAL B 228 4.40 -11.32 -55.85
N ALA B 229 3.77 -10.31 -56.42
CA ALA B 229 3.22 -9.22 -55.61
C ALA B 229 1.97 -8.66 -56.28
N SER B 230 0.92 -8.52 -55.48
CA SER B 230 -0.33 -7.89 -55.91
C SER B 230 -0.51 -6.61 -55.12
N THR B 231 -0.47 -5.47 -55.80
CA THR B 231 -0.53 -4.17 -55.14
C THR B 231 -1.98 -3.84 -54.76
N PHE B 232 -2.21 -2.62 -54.31
CA PHE B 232 -3.54 -2.16 -53.92
C PHE B 232 -4.37 -1.65 -55.11
N ASP B 233 -3.79 -1.59 -56.30
CA ASP B 233 -4.50 -1.08 -57.47
C ASP B 233 -5.65 -1.98 -57.89
N GLU B 234 -5.71 -3.21 -57.39
CA GLU B 234 -6.76 -4.15 -57.75
C GLU B 234 -7.60 -4.49 -56.52
N PRO B 235 -8.86 -4.89 -56.71
CA PRO B 235 -9.71 -5.22 -55.56
C PRO B 235 -9.27 -6.50 -54.86
N ALA B 236 -10.05 -6.93 -53.86
CA ALA B 236 -9.73 -8.14 -53.12
C ALA B 236 -9.86 -9.41 -53.95
N SER B 237 -10.45 -9.35 -55.15
CA SER B 237 -10.56 -10.54 -55.98
C SER B 237 -9.20 -11.04 -56.42
N ARG B 238 -8.34 -10.15 -56.89
CA ARG B 238 -6.99 -10.56 -57.24
C ARG B 238 -6.23 -11.07 -56.03
N HIS B 239 -6.42 -10.42 -54.87
CA HIS B 239 -5.76 -10.90 -53.66
C HIS B 239 -6.19 -12.32 -53.32
N VAL B 240 -7.51 -12.59 -53.37
CA VAL B 240 -7.98 -13.92 -52.98
C VAL B 240 -7.44 -14.97 -53.94
N GLN B 241 -7.53 -14.71 -55.25
CA GLN B 241 -7.11 -15.73 -56.20
C GLN B 241 -5.60 -15.94 -56.12
N VAL B 242 -4.82 -14.86 -56.03
CA VAL B 242 -3.37 -14.98 -55.94
C VAL B 242 -2.97 -15.77 -54.70
N ALA B 243 -3.53 -15.41 -53.54
CA ALA B 243 -3.14 -16.08 -52.31
C ALA B 243 -3.48 -17.57 -52.35
N GLU B 244 -4.72 -17.89 -52.75
CA GLU B 244 -5.11 -19.29 -52.77
C GLU B 244 -4.25 -20.09 -53.74
N MET B 245 -4.06 -19.58 -54.97
CA MET B 245 -3.31 -20.39 -55.93
C MET B 245 -1.83 -20.47 -55.56
N VAL B 246 -1.27 -19.42 -54.95
CA VAL B 246 0.14 -19.47 -54.61
C VAL B 246 0.40 -20.44 -53.47
N ILE B 247 -0.48 -20.47 -52.45
CA ILE B 247 -0.27 -21.45 -51.40
C ILE B 247 -0.52 -22.86 -51.92
N GLU B 248 -1.52 -23.03 -52.80
CA GLU B 248 -1.78 -24.36 -53.34
C GLU B 248 -0.62 -24.85 -54.19
N LYS B 249 -0.03 -23.96 -55.00
CA LYS B 249 1.09 -24.36 -55.85
C LYS B 249 2.36 -24.59 -55.03
N ALA B 250 2.55 -23.83 -53.95
CA ALA B 250 3.66 -24.13 -53.05
C ALA B 250 3.47 -25.50 -52.41
N LYS B 251 2.24 -25.85 -52.05
CA LYS B 251 1.96 -27.18 -51.52
C LYS B 251 2.25 -28.25 -52.57
N ARG B 252 1.85 -28.01 -53.82
CA ARG B 252 2.15 -28.95 -54.89
C ARG B 252 3.65 -29.14 -55.06
N LEU B 253 4.40 -28.04 -55.03
CA LEU B 253 5.85 -28.12 -55.22
C LEU B 253 6.53 -28.84 -54.05
N VAL B 254 6.10 -28.57 -52.82
CA VAL B 254 6.69 -29.26 -51.68
C VAL B 254 6.28 -30.73 -51.65
N GLU B 255 5.16 -31.09 -52.29
CA GLU B 255 4.80 -32.49 -52.42
C GLU B 255 5.83 -33.28 -53.22
N HIS B 256 6.65 -32.60 -54.03
CA HIS B 256 7.67 -33.25 -54.85
C HIS B 256 9.00 -33.39 -54.12
N LYS B 257 8.96 -33.44 -52.79
CA LYS B 257 10.15 -33.66 -51.94
C LYS B 257 11.16 -32.51 -52.08
N LYS B 258 10.67 -31.29 -52.32
CA LYS B 258 11.49 -30.10 -52.33
C LYS B 258 11.20 -29.23 -51.11
N ASP B 259 12.11 -28.31 -50.82
CA ASP B 259 11.97 -27.38 -49.71
C ASP B 259 11.50 -26.03 -50.26
N VAL B 260 10.37 -25.55 -49.75
CA VAL B 260 9.80 -24.27 -50.18
C VAL B 260 9.60 -23.40 -48.95
N ILE B 261 9.95 -22.12 -49.09
CA ILE B 261 9.78 -21.13 -48.04
C ILE B 261 9.24 -19.86 -48.68
N ILE B 262 8.19 -19.29 -48.08
CA ILE B 262 7.46 -18.18 -48.67
C ILE B 262 7.45 -16.99 -47.71
N LEU B 263 7.83 -15.83 -48.23
CA LEU B 263 7.78 -14.56 -47.49
C LEU B 263 6.44 -13.89 -47.72
N LEU B 264 5.87 -13.32 -46.66
CA LEU B 264 4.53 -12.73 -46.79
C LEU B 264 4.43 -11.43 -46.00
N ASP B 265 3.87 -10.41 -46.65
CA ASP B 265 3.54 -9.14 -46.02
C ASP B 265 2.20 -8.67 -46.59
N SER B 266 1.17 -8.62 -45.76
CA SER B 266 1.16 -8.95 -44.34
C SER B 266 -0.09 -9.76 -44.00
N ILE B 267 -0.03 -10.51 -42.90
CA ILE B 267 -1.18 -11.31 -42.47
C ILE B 267 -2.37 -10.41 -42.20
N THR B 268 -2.13 -9.27 -41.55
CA THR B 268 -3.22 -8.34 -41.25
C THR B 268 -3.87 -7.83 -42.53
N ARG B 269 -3.08 -7.51 -43.54
CA ARG B 269 -3.63 -7.05 -44.81
C ARG B 269 -4.47 -8.13 -45.47
N LEU B 270 -4.00 -9.37 -45.43
CA LEU B 270 -4.76 -10.47 -46.03
C LEU B 270 -6.09 -10.66 -45.31
N ALA B 271 -6.08 -10.64 -43.98
CA ALA B 271 -7.30 -10.79 -43.22
C ALA B 271 -8.27 -9.65 -43.49
N ARG B 272 -7.78 -8.42 -43.55
CA ARG B 272 -8.64 -7.28 -43.83
C ARG B 272 -9.23 -7.38 -45.23
N ALA B 273 -8.42 -7.77 -46.22
CA ALA B 273 -8.92 -7.89 -47.58
C ALA B 273 -10.00 -8.95 -47.69
N TYR B 274 -9.79 -10.10 -47.06
CA TYR B 274 -10.83 -11.13 -47.15
C TYR B 274 -12.09 -10.71 -46.40
N ASN B 275 -11.93 -10.14 -45.20
CA ASN B 275 -13.09 -9.64 -44.47
C ASN B 275 -13.86 -8.62 -45.28
N THR B 276 -13.16 -7.84 -46.11
CA THR B 276 -13.84 -6.99 -47.07
C THR B 276 -14.59 -7.82 -48.10
N VAL B 277 -13.99 -8.91 -48.58
CA VAL B 277 -14.61 -9.68 -49.66
C VAL B 277 -15.46 -10.86 -49.17
N VAL B 278 -15.21 -11.38 -47.97
CA VAL B 278 -15.94 -12.57 -47.51
C VAL B 278 -17.37 -12.17 -47.16
N PRO B 279 -18.37 -13.00 -47.48
CA PRO B 279 -19.74 -12.70 -47.04
C PRO B 279 -19.88 -12.81 -45.53
N ALA B 280 -20.83 -12.05 -44.98
CA ALA B 280 -21.07 -12.07 -43.55
C ALA B 280 -21.70 -13.39 -43.13
N SER B 281 -21.25 -13.90 -41.98
CA SER B 281 -21.75 -15.16 -41.43
C SER B 281 -22.87 -14.94 -40.42
N GLY B 282 -23.23 -13.70 -40.13
CA GLY B 282 -24.26 -13.40 -39.15
C GLY B 282 -23.78 -13.24 -37.73
N LYS B 283 -22.50 -13.54 -37.46
CA LYS B 283 -21.91 -13.37 -36.13
C LYS B 283 -20.59 -12.62 -36.30
N VAL B 284 -20.59 -11.34 -35.94
CA VAL B 284 -19.42 -10.48 -36.08
C VAL B 284 -18.99 -10.01 -34.70
N LEU B 285 -17.70 -10.14 -34.41
CA LEU B 285 -17.12 -9.68 -33.16
C LEU B 285 -16.54 -8.28 -33.35
N THR B 286 -15.79 -7.81 -32.35
CA THR B 286 -15.29 -6.45 -32.37
C THR B 286 -14.34 -6.22 -33.54
N GLY B 287 -14.31 -4.98 -34.02
CA GLY B 287 -13.48 -4.63 -35.16
C GLY B 287 -14.11 -4.88 -36.51
N GLY B 288 -15.38 -5.27 -36.56
CA GLY B 288 -16.03 -5.50 -37.84
C GLY B 288 -15.60 -6.76 -38.55
N VAL B 289 -15.06 -7.74 -37.83
CA VAL B 289 -14.59 -8.99 -38.41
C VAL B 289 -15.47 -10.12 -37.86
N ASP B 290 -16.03 -10.91 -38.77
CA ASP B 290 -16.89 -12.02 -38.38
C ASP B 290 -16.08 -13.32 -38.26
N ALA B 291 -16.78 -14.38 -37.82
CA ALA B 291 -16.10 -15.62 -37.48
C ALA B 291 -15.48 -16.27 -38.72
N ASN B 292 -16.23 -16.31 -39.84
CA ASN B 292 -15.73 -17.00 -41.02
C ASN B 292 -14.55 -16.26 -41.66
N ALA B 293 -14.39 -14.97 -41.39
CA ALA B 293 -13.23 -14.24 -41.88
C ALA B 293 -11.93 -14.79 -41.32
N LEU B 294 -11.98 -15.38 -40.12
CA LEU B 294 -10.85 -16.08 -39.54
C LEU B 294 -10.95 -17.59 -39.74
N HIS B 295 -11.75 -18.04 -40.71
CA HIS B 295 -11.92 -19.47 -40.94
C HIS B 295 -10.66 -20.07 -41.56
N ARG B 296 -10.27 -19.61 -42.74
CA ARG B 296 -9.09 -20.16 -43.38
C ARG B 296 -7.79 -19.57 -42.83
N PRO B 297 -7.69 -18.25 -42.53
CA PRO B 297 -6.35 -17.64 -42.46
C PRO B 297 -5.46 -18.30 -41.44
N LYS B 298 -6.03 -18.69 -40.30
CA LYS B 298 -5.23 -19.35 -39.27
C LYS B 298 -4.85 -20.75 -39.72
N ARG B 299 -5.77 -21.45 -40.42
CA ARG B 299 -5.38 -22.64 -41.18
C ARG B 299 -4.32 -22.28 -42.22
N PHE B 300 -4.48 -21.13 -42.87
CA PHE B 300 -3.46 -20.63 -43.78
C PHE B 300 -2.11 -20.53 -43.07
N PHE B 301 -2.12 -20.25 -41.77
CA PHE B 301 -0.88 -20.17 -41.02
C PHE B 301 -0.28 -21.55 -40.79
N GLY B 302 -1.10 -22.58 -40.73
CA GLY B 302 -0.68 -23.94 -40.45
C GLY B 302 -0.19 -24.75 -41.62
N ALA B 303 -0.17 -24.19 -42.82
CA ALA B 303 0.37 -24.92 -43.96
C ALA B 303 1.87 -25.17 -43.83
N ALA B 304 2.55 -24.41 -42.97
CA ALA B 304 3.99 -24.56 -42.78
C ALA B 304 4.26 -25.77 -41.90
N ARG B 305 4.88 -26.80 -42.49
CA ARG B 305 5.22 -28.02 -41.77
C ARG B 305 6.36 -28.70 -42.49
N ASN B 306 7.00 -29.63 -41.78
CA ASN B 306 8.12 -30.39 -42.31
C ASN B 306 7.69 -31.82 -42.57
N VAL B 307 8.23 -32.42 -43.64
CA VAL B 307 7.85 -33.76 -44.08
C VAL B 307 9.02 -34.69 -43.82
N GLU B 308 8.77 -35.76 -43.06
CA GLU B 308 9.81 -36.74 -42.76
C GLU B 308 10.28 -37.45 -44.02
N GLU B 309 9.35 -37.82 -44.90
CA GLU B 309 9.71 -38.51 -46.13
C GLU B 309 10.50 -37.62 -47.09
N GLY B 310 10.49 -36.31 -46.87
CA GLY B 310 11.26 -35.41 -47.72
C GLY B 310 10.52 -34.12 -48.04
N GLY B 311 11.23 -33.01 -48.03
CA GLY B 311 10.65 -31.71 -48.29
C GLY B 311 10.17 -31.02 -47.02
N SER B 312 10.00 -29.71 -47.14
CA SER B 312 9.57 -28.90 -46.00
C SER B 312 8.97 -27.61 -46.52
N LEU B 313 7.73 -27.32 -46.11
CA LEU B 313 7.07 -26.07 -46.45
C LEU B 313 7.13 -25.14 -45.24
N THR B 314 7.65 -23.94 -45.43
CA THR B 314 7.77 -22.95 -44.37
C THR B 314 7.19 -21.63 -44.85
N ILE B 315 6.37 -21.01 -44.02
CA ILE B 315 5.84 -19.68 -44.26
C ILE B 315 6.42 -18.74 -43.22
N ILE B 316 6.88 -17.58 -43.66
CA ILE B 316 7.37 -16.53 -42.78
C ILE B 316 6.72 -15.23 -43.18
N ALA B 317 6.06 -14.57 -42.23
CA ALA B 317 5.19 -13.45 -42.56
C ALA B 317 5.30 -12.38 -41.51
N THR B 318 4.88 -11.17 -41.89
CA THR B 318 4.89 -10.02 -40.99
C THR B 318 3.46 -9.62 -40.63
N ALA B 319 3.29 -9.16 -39.39
CA ALA B 319 2.00 -8.72 -38.89
C ALA B 319 2.11 -7.32 -38.35
N LEU B 320 1.17 -6.45 -38.72
CA LEU B 320 1.20 -5.06 -38.28
C LEU B 320 0.81 -4.97 -36.81
N ILE B 321 1.34 -3.93 -36.14
CA ILE B 321 1.12 -3.70 -34.73
C ILE B 321 0.64 -2.27 -34.54
N ASP B 322 -0.32 -2.10 -33.61
CA ASP B 322 -0.81 -0.81 -33.10
C ASP B 322 -0.85 0.27 -34.18
N THR B 323 -1.52 -0.05 -35.28
CA THR B 323 -1.70 0.89 -36.38
C THR B 323 -2.86 1.85 -36.15
N GLY B 324 -3.60 1.69 -35.05
CA GLY B 324 -4.73 2.54 -34.75
C GLY B 324 -6.08 1.99 -35.12
N SER B 325 -6.16 0.74 -35.55
CA SER B 325 -7.42 0.10 -35.94
C SER B 325 -7.61 -1.18 -35.15
N LYS B 326 -8.84 -1.43 -34.72
CA LYS B 326 -9.12 -2.47 -33.74
C LYS B 326 -8.82 -3.87 -34.29
N MET B 327 -9.27 -4.14 -35.52
CA MET B 327 -9.21 -5.50 -36.03
C MET B 327 -7.78 -6.00 -36.17
N ASP B 328 -6.82 -5.09 -36.39
CA ASP B 328 -5.43 -5.50 -36.49
C ASP B 328 -4.95 -6.16 -35.21
N GLU B 329 -5.14 -5.48 -34.07
CA GLU B 329 -4.73 -6.10 -32.81
C GLU B 329 -5.64 -7.26 -32.42
N VAL B 330 -6.90 -7.25 -32.85
CA VAL B 330 -7.76 -8.42 -32.59
C VAL B 330 -7.18 -9.66 -33.25
N ILE B 331 -6.86 -9.57 -34.53
CA ILE B 331 -6.35 -10.74 -35.24
C ILE B 331 -4.93 -11.05 -34.79
N TYR B 332 -4.17 -10.04 -34.35
CA TYR B 332 -2.87 -10.30 -33.76
C TYR B 332 -3.01 -11.13 -32.49
N GLU B 333 -3.98 -10.79 -31.63
CA GLU B 333 -4.12 -11.48 -30.36
C GLU B 333 -4.69 -12.88 -30.53
N GLU B 334 -5.64 -13.06 -31.45
CA GLU B 334 -6.14 -14.41 -31.69
C GLU B 334 -5.14 -15.28 -32.44
N PHE B 335 -4.03 -14.72 -32.90
CA PHE B 335 -2.95 -15.47 -33.52
C PHE B 335 -1.82 -15.79 -32.54
N LYS B 336 -1.95 -15.42 -31.27
CA LYS B 336 -0.92 -15.72 -30.29
C LYS B 336 -0.85 -17.21 -30.00
N GLY B 337 0.36 -17.71 -29.75
CA GLY B 337 0.56 -19.11 -29.47
C GLY B 337 0.28 -20.02 -30.64
N THR B 338 0.33 -19.49 -31.87
CA THR B 338 -0.02 -20.24 -33.06
C THR B 338 1.16 -20.51 -33.98
N GLY B 339 2.26 -19.77 -33.83
CA GLY B 339 3.43 -19.94 -34.66
C GLY B 339 4.55 -20.61 -33.90
N ASN B 340 5.39 -21.35 -34.63
CA ASN B 340 6.52 -22.02 -34.01
C ASN B 340 7.58 -21.04 -33.53
N MET B 341 7.51 -19.78 -33.97
CA MET B 341 8.50 -18.79 -33.57
C MET B 341 7.92 -17.41 -33.83
N GLU B 342 8.19 -16.48 -32.90
CA GLU B 342 7.76 -15.10 -33.02
C GLU B 342 8.95 -14.18 -32.85
N LEU B 343 9.01 -13.13 -33.67
CA LEU B 343 10.09 -12.15 -33.64
C LEU B 343 9.49 -10.77 -33.49
N HIS B 344 9.94 -10.03 -32.48
CA HIS B 344 9.33 -8.76 -32.10
C HIS B 344 10.23 -7.60 -32.49
N LEU B 345 9.63 -6.53 -32.99
CA LEU B 345 10.30 -5.26 -33.24
C LEU B 345 9.79 -4.23 -32.24
N SER B 346 10.71 -3.48 -31.66
CA SER B 346 10.40 -2.57 -30.56
C SER B 346 10.27 -1.14 -31.08
N ARG B 347 9.09 -0.55 -30.88
CA ARG B 347 8.91 0.86 -31.22
C ARG B 347 9.56 1.76 -30.17
N LYS B 348 9.52 1.37 -28.90
CA LYS B 348 10.17 2.15 -27.85
C LYS B 348 11.69 2.19 -28.02
N ILE B 349 12.23 1.44 -28.98
CA ILE B 349 13.60 1.66 -29.44
C ILE B 349 13.62 2.46 -30.74
N ALA B 350 12.52 2.45 -31.51
CA ALA B 350 12.51 3.07 -32.82
C ALA B 350 12.44 4.59 -32.79
N GLU B 351 12.04 5.19 -31.66
CA GLU B 351 12.08 6.66 -31.59
C GLU B 351 13.50 7.17 -31.31
N LYS B 352 14.29 6.43 -30.51
CA LYS B 352 15.72 6.65 -30.51
C LYS B 352 16.35 6.19 -31.82
N ARG B 353 15.59 5.42 -32.62
CA ARG B 353 15.84 5.21 -34.03
C ARG B 353 17.23 4.60 -34.27
N VAL B 354 17.69 3.80 -33.31
CA VAL B 354 18.93 3.05 -33.41
C VAL B 354 18.57 1.66 -33.90
N PHE B 355 19.27 1.18 -34.92
CA PHE B 355 18.88 -0.02 -35.63
C PHE B 355 20.04 -0.99 -35.76
N PRO B 356 19.76 -2.30 -35.88
CA PRO B 356 18.44 -2.96 -35.89
C PRO B 356 17.76 -2.94 -34.53
N ALA B 357 16.43 -2.93 -34.49
CA ALA B 357 15.72 -2.76 -33.23
C ALA B 357 14.81 -3.95 -32.93
N ILE B 358 15.33 -5.17 -33.10
CA ILE B 358 14.57 -6.36 -32.74
C ILE B 358 14.49 -6.45 -31.22
N ASP B 359 13.27 -6.59 -30.70
CA ASP B 359 13.08 -6.74 -29.27
C ASP B 359 13.53 -8.12 -28.84
N TYR B 360 14.79 -8.23 -28.38
CA TYR B 360 15.39 -9.53 -28.13
C TYR B 360 14.65 -10.25 -27.00
N ASN B 361 14.31 -9.53 -25.92
CA ASN B 361 13.64 -10.17 -24.79
C ASN B 361 12.24 -10.66 -25.18
N ARG B 362 11.51 -9.84 -25.93
CA ARG B 362 10.16 -10.25 -26.35
C ARG B 362 10.22 -11.35 -27.40
N SER B 363 11.15 -11.27 -28.34
CA SER B 363 11.28 -12.30 -29.36
C SER B 363 11.76 -13.59 -28.75
N GLY B 364 11.24 -14.71 -29.25
CA GLY B 364 11.60 -16.02 -28.74
C GLY B 364 11.43 -17.09 -29.79
N THR B 365 11.99 -18.26 -29.48
CA THR B 365 11.93 -19.42 -30.35
C THR B 365 11.52 -20.63 -29.51
N ARG B 366 11.03 -21.66 -30.19
CA ARG B 366 10.56 -22.88 -29.54
C ARG B 366 11.40 -24.07 -29.99
N LYS B 367 11.71 -24.95 -29.03
CA LYS B 367 12.41 -26.21 -29.28
C LYS B 367 13.78 -25.96 -29.92
N GLU B 368 14.65 -25.32 -29.14
CA GLU B 368 16.04 -25.12 -29.55
C GLU B 368 16.91 -26.34 -29.29
N GLU B 369 16.44 -27.29 -28.46
CA GLU B 369 17.29 -28.39 -28.03
C GLU B 369 17.71 -29.29 -29.20
N LEU B 370 16.79 -29.56 -30.12
CA LEU B 370 17.08 -30.42 -31.27
C LEU B 370 17.45 -29.64 -32.51
N LEU B 371 16.99 -28.39 -32.63
CA LEU B 371 17.29 -27.58 -33.80
C LEU B 371 18.78 -27.21 -33.87
N THR B 372 19.42 -27.04 -32.72
CA THR B 372 20.83 -26.68 -32.66
C THR B 372 21.57 -27.67 -31.76
N THR B 373 22.90 -27.68 -31.91
CA THR B 373 23.73 -28.58 -31.12
C THR B 373 23.83 -28.09 -29.68
N GLN B 374 24.28 -28.99 -28.80
CA GLN B 374 24.32 -28.69 -27.37
C GLN B 374 25.35 -27.61 -27.05
N GLU B 375 26.52 -27.64 -27.70
CA GLU B 375 27.55 -26.66 -27.40
C GLU B 375 27.06 -25.24 -27.73
N GLU B 376 26.51 -25.05 -28.92
CA GLU B 376 25.93 -23.74 -29.24
C GLU B 376 24.68 -23.47 -28.43
N LEU B 377 23.98 -24.52 -28.00
CA LEU B 377 22.84 -24.33 -27.11
C LEU B 377 23.26 -23.61 -25.85
N GLN B 378 24.27 -24.14 -25.15
CA GLN B 378 24.76 -23.44 -23.96
C GLN B 378 25.44 -22.13 -24.32
N LYS B 379 25.98 -22.03 -25.53
CA LYS B 379 26.66 -20.80 -25.92
C LYS B 379 25.68 -19.65 -26.09
N MET B 380 24.46 -19.91 -26.55
CA MET B 380 23.41 -18.89 -26.49
C MET B 380 22.70 -18.84 -25.14
N TRP B 381 22.74 -19.91 -24.35
CA TRP B 381 22.22 -19.85 -23.00
C TRP B 381 22.96 -18.81 -22.17
N ILE B 382 24.29 -18.77 -22.29
CA ILE B 382 25.06 -17.78 -21.53
C ILE B 382 24.77 -16.37 -22.05
N LEU B 383 24.57 -16.22 -23.36
CA LEU B 383 24.13 -14.93 -23.90
C LEU B 383 22.83 -14.49 -23.26
N ARG B 384 21.85 -15.39 -23.21
CA ARG B 384 20.56 -15.04 -22.62
C ARG B 384 20.69 -14.69 -21.15
N LYS B 385 21.51 -15.44 -20.41
CA LYS B 385 21.70 -15.17 -18.98
C LYS B 385 22.35 -13.80 -18.76
N ILE B 386 23.35 -13.45 -19.58
CA ILE B 386 24.01 -12.17 -19.38
C ILE B 386 23.22 -11.00 -19.95
N ILE B 387 22.25 -11.25 -20.82
CA ILE B 387 21.50 -10.17 -21.44
C ILE B 387 20.16 -9.91 -20.78
N HIS B 388 19.58 -10.90 -20.10
CA HIS B 388 18.23 -10.74 -19.54
C HIS B 388 18.15 -9.65 -18.48
N PRO B 389 19.02 -9.58 -17.46
CA PRO B 389 18.76 -8.66 -16.34
C PRO B 389 19.01 -7.19 -16.66
N MET B 390 19.36 -6.83 -17.90
CA MET B 390 19.67 -5.45 -18.24
C MET B 390 18.90 -5.04 -19.50
N GLY B 391 18.78 -3.72 -19.68
CA GLY B 391 17.89 -3.13 -20.67
C GLY B 391 18.06 -3.64 -22.09
N GLU B 392 16.94 -3.99 -22.73
CA GLU B 392 17.00 -4.59 -24.06
C GLU B 392 17.53 -3.62 -25.11
N ILE B 393 17.19 -2.33 -24.99
CA ILE B 393 17.72 -1.36 -25.94
C ILE B 393 19.22 -1.19 -25.77
N ASP B 394 19.67 -0.95 -24.53
CA ASP B 394 21.09 -0.89 -24.25
C ASP B 394 21.77 -2.21 -24.62
N ALA B 395 21.06 -3.32 -24.46
CA ALA B 395 21.56 -4.59 -24.98
C ALA B 395 21.71 -4.55 -26.49
N MET B 396 20.85 -3.80 -27.19
CA MET B 396 20.97 -3.70 -28.63
C MET B 396 22.24 -2.96 -29.02
N GLU B 397 22.49 -1.79 -28.41
CA GLU B 397 23.76 -1.12 -28.72
C GLU B 397 24.96 -1.95 -28.30
N PHE B 398 24.87 -2.63 -27.16
CA PHE B 398 25.96 -3.48 -26.70
C PHE B 398 26.25 -4.59 -27.70
N LEU B 399 25.19 -5.24 -28.19
CA LEU B 399 25.37 -6.32 -29.16
C LEU B 399 25.94 -5.79 -30.48
N ILE B 400 25.45 -4.64 -30.95
CA ILE B 400 25.90 -4.17 -32.26
C ILE B 400 27.35 -3.70 -32.20
N ASN B 401 27.75 -3.00 -31.13
CA ASN B 401 29.12 -2.52 -31.08
C ASN B 401 30.08 -3.61 -30.60
N LYS B 402 29.54 -4.72 -30.10
CA LYS B 402 30.38 -5.87 -29.77
C LYS B 402 30.49 -6.86 -30.93
N LEU B 403 29.56 -6.81 -31.89
CA LEU B 403 29.54 -7.72 -33.03
C LEU B 403 30.08 -7.10 -34.31
N ALA B 404 29.97 -5.78 -34.47
CA ALA B 404 30.42 -5.15 -35.71
C ALA B 404 31.91 -5.34 -35.93
N MET B 405 32.71 -5.20 -34.87
CA MET B 405 34.15 -5.40 -34.99
C MET B 405 34.53 -6.88 -35.13
N THR B 406 33.57 -7.79 -34.95
CA THR B 406 33.82 -9.22 -35.06
C THR B 406 33.45 -9.72 -36.44
N LYS B 407 34.34 -10.51 -37.04
CA LYS B 407 34.13 -10.98 -38.40
C LYS B 407 32.97 -11.96 -38.49
N THR B 408 32.95 -12.97 -37.62
CA THR B 408 31.99 -14.07 -37.73
C THR B 408 31.48 -14.43 -36.35
N ASN B 409 30.31 -15.08 -36.31
CA ASN B 409 29.59 -15.29 -35.06
C ASN B 409 30.39 -16.14 -34.07
N ASP B 410 31.04 -17.21 -34.56
CA ASP B 410 31.80 -18.06 -33.65
C ASP B 410 32.92 -17.28 -32.98
N ASP B 411 33.56 -16.37 -33.72
CA ASP B 411 34.54 -15.48 -33.12
C ASP B 411 33.90 -14.60 -32.06
N PHE B 412 32.65 -14.18 -32.28
CA PHE B 412 31.95 -13.37 -31.28
C PHE B 412 31.74 -14.15 -29.99
N PHE B 413 31.26 -15.39 -30.08
CA PHE B 413 31.09 -16.19 -28.88
C PHE B 413 32.43 -16.45 -28.20
N GLU B 414 33.47 -16.71 -28.99
CA GLU B 414 34.79 -16.94 -28.42
C GLU B 414 35.29 -15.72 -27.67
N MET B 415 35.09 -14.53 -28.22
CA MET B 415 35.64 -13.33 -27.59
C MET B 415 34.77 -12.86 -26.44
N MET B 416 33.52 -13.36 -26.36
CA MET B 416 32.71 -12.96 -25.22
C MET B 416 32.86 -13.92 -24.04
N LYS B 417 33.05 -15.22 -24.31
CA LYS B 417 32.98 -16.18 -23.21
C LYS B 417 34.14 -16.03 -22.24
N ARG B 418 35.31 -15.58 -22.73
CA ARG B 418 36.46 -15.46 -21.85
C ARG B 418 36.27 -14.34 -20.84
N SER B 419 35.74 -13.21 -21.29
CA SER B 419 35.56 -12.05 -20.42
C SER B 419 34.47 -12.30 -19.37
N MET C 1 -7.68 30.99 -86.75
CA MET C 1 -8.15 31.60 -85.51
C MET C 1 -8.32 30.53 -84.43
N ASN C 2 -7.32 30.44 -83.55
CA ASN C 2 -7.38 29.50 -82.43
C ASN C 2 -8.34 30.02 -81.37
N LEU C 3 -8.94 29.09 -80.62
CA LEU C 3 -9.98 29.45 -79.67
C LEU C 3 -9.46 29.69 -78.25
N THR C 4 -8.20 29.38 -77.95
CA THR C 4 -7.72 29.53 -76.58
C THR C 4 -7.58 31.01 -76.20
N GLU C 5 -7.03 31.83 -77.11
CA GLU C 5 -6.85 33.24 -76.78
C GLU C 5 -8.19 33.97 -76.65
N LEU C 6 -9.19 33.55 -77.42
CA LEU C 6 -10.53 34.13 -77.29
C LEU C 6 -11.33 33.50 -76.15
N LYS C 7 -10.85 32.38 -75.59
CA LYS C 7 -11.51 31.79 -74.43
C LYS C 7 -10.97 32.36 -73.13
N ASN C 8 -9.65 32.52 -73.01
CA ASN C 8 -9.07 33.01 -71.77
C ASN C 8 -9.33 34.49 -71.56
N THR C 9 -9.51 35.26 -72.63
CA THR C 9 -9.78 36.67 -72.50
C THR C 9 -11.14 36.89 -71.83
N PRO C 10 -11.29 37.98 -71.08
CA PRO C 10 -12.57 38.22 -70.39
C PRO C 10 -13.68 38.63 -71.33
N VAL C 11 -14.84 38.98 -70.77
CA VAL C 11 -16.03 39.27 -71.55
C VAL C 11 -15.86 40.49 -72.46
N SER C 12 -14.80 41.28 -72.26
CA SER C 12 -14.57 42.47 -73.07
C SER C 12 -14.54 42.12 -74.56
N GLU C 13 -13.93 40.98 -74.91
CA GLU C 13 -13.87 40.58 -76.30
C GLU C 13 -15.25 40.60 -76.95
N LEU C 14 -16.27 40.19 -76.18
CA LEU C 14 -17.65 40.22 -76.65
C LEU C 14 -17.98 41.54 -77.33
N ILE C 15 -17.80 42.67 -76.64
CA ILE C 15 -18.22 43.93 -77.21
C ILE C 15 -17.42 44.25 -78.45
N THR C 16 -16.14 43.87 -78.49
CA THR C 16 -15.34 44.10 -79.68
C THR C 16 -15.93 43.32 -80.85
N LEU C 17 -16.35 42.07 -80.62
CA LEU C 17 -17.03 41.33 -81.66
C LEU C 17 -18.30 42.06 -82.09
N GLY C 18 -19.01 42.66 -81.14
CA GLY C 18 -20.21 43.40 -81.47
C GLY C 18 -19.95 44.55 -82.43
N GLU C 19 -18.69 44.99 -82.52
CA GLU C 19 -18.32 46.03 -83.47
C GLU C 19 -17.40 45.53 -84.57
N ASN C 20 -16.99 44.25 -84.56
CA ASN C 20 -16.25 43.75 -85.70
C ASN C 20 -17.15 43.55 -86.91
N MET C 21 -18.32 42.95 -86.72
CA MET C 21 -19.27 42.77 -87.81
C MET C 21 -20.71 43.11 -87.45
N GLY C 22 -21.04 43.25 -86.16
CA GLY C 22 -22.37 43.67 -85.78
C GLY C 22 -23.37 42.57 -85.54
N LEU C 23 -23.06 41.65 -84.62
CA LEU C 23 -24.01 40.60 -84.26
C LEU C 23 -25.31 41.21 -83.77
N GLU C 24 -26.43 40.65 -84.22
CA GLU C 24 -27.74 41.21 -83.87
C GLU C 24 -28.06 40.99 -82.40
N ASN C 25 -27.48 39.97 -81.77
CA ASN C 25 -27.69 39.73 -80.34
C ASN C 25 -26.51 38.96 -79.78
N LEU C 26 -25.69 39.63 -78.98
CA LEU C 26 -24.55 39.01 -78.33
C LEU C 26 -24.43 39.35 -76.85
N ALA C 27 -25.23 40.29 -76.34
CA ALA C 27 -25.03 40.78 -74.98
C ALA C 27 -25.41 39.73 -73.94
N ARG C 28 -26.57 39.08 -74.10
CA ARG C 28 -27.14 38.25 -73.05
C ARG C 28 -27.25 36.80 -73.49
N MET C 29 -26.17 36.06 -73.33
CA MET C 29 -26.15 34.60 -73.39
C MET C 29 -24.80 34.12 -72.87
N ARG C 30 -24.72 32.81 -72.61
CA ARG C 30 -23.62 32.24 -71.84
C ARG C 30 -22.30 32.36 -72.60
N LYS C 31 -21.20 32.16 -71.86
CA LYS C 31 -19.87 32.24 -72.44
C LYS C 31 -19.69 31.20 -73.54
N GLN C 32 -20.15 29.97 -73.31
CA GLN C 32 -20.09 28.97 -74.36
C GLN C 32 -20.89 29.42 -75.58
N ASP C 33 -22.07 30.00 -75.35
CA ASP C 33 -22.90 30.45 -76.46
C ASP C 33 -22.23 31.58 -77.24
N ILE C 34 -21.65 32.57 -76.55
CA ILE C 34 -21.01 33.68 -77.26
C ILE C 34 -19.80 33.18 -78.03
N ILE C 35 -19.01 32.27 -77.42
CA ILE C 35 -17.84 31.74 -78.12
C ILE C 35 -18.26 30.98 -79.36
N PHE C 36 -19.30 30.13 -79.23
CA PHE C 36 -19.78 29.38 -80.38
C PHE C 36 -20.29 30.31 -81.48
N ALA C 37 -21.04 31.35 -81.11
CA ALA C 37 -21.59 32.27 -82.10
C ALA C 37 -20.48 33.03 -82.82
N ILE C 38 -19.50 33.54 -82.08
CA ILE C 38 -18.44 34.32 -82.72
C ILE C 38 -17.57 33.43 -83.60
N LEU C 39 -17.30 32.20 -83.14
CA LEU C 39 -16.50 31.29 -83.96
C LEU C 39 -17.26 30.88 -85.22
N LYS C 40 -18.58 30.70 -85.11
CA LYS C 40 -19.38 30.38 -86.29
C LYS C 40 -19.39 31.52 -87.28
N GLN C 41 -19.56 32.75 -86.81
CA GLN C 41 -19.59 33.88 -87.74
C GLN C 41 -18.21 34.17 -88.31
N HIS C 42 -17.15 33.79 -87.60
CA HIS C 42 -15.81 33.91 -88.18
C HIS C 42 -15.55 32.81 -89.22
N ALA C 43 -16.07 31.60 -88.97
CA ALA C 43 -15.88 30.50 -89.91
C ALA C 43 -16.73 30.64 -91.16
N LYS C 44 -17.88 31.31 -91.07
CA LYS C 44 -18.75 31.45 -92.23
C LYS C 44 -18.10 32.28 -93.34
N SER C 45 -17.04 33.03 -93.03
CA SER C 45 -16.32 33.79 -94.05
C SER C 45 -15.32 32.94 -94.82
N GLY C 46 -15.12 31.69 -94.44
CA GLY C 46 -14.19 30.81 -95.12
C GLY C 46 -12.76 30.86 -94.64
N GLU C 47 -12.46 31.74 -93.68
CA GLU C 47 -11.10 31.83 -93.17
C GLU C 47 -10.75 30.59 -92.35
N ASP C 48 -9.48 30.19 -92.44
CA ASP C 48 -9.00 29.04 -91.67
C ASP C 48 -9.02 29.35 -90.19
N ILE C 49 -9.44 28.37 -89.38
CA ILE C 49 -9.56 28.52 -87.94
C ILE C 49 -8.88 27.33 -87.27
N PHE C 50 -8.06 27.60 -86.26
CA PHE C 50 -7.38 26.56 -85.52
C PHE C 50 -8.28 26.00 -84.41
N GLY C 51 -7.81 24.94 -83.79
CA GLY C 51 -8.47 24.40 -82.62
C GLY C 51 -7.54 23.48 -81.87
N ASP C 52 -7.81 23.29 -80.59
CA ASP C 52 -6.97 22.45 -79.76
C ASP C 52 -7.71 22.07 -78.48
N GLY C 53 -7.24 21.02 -77.85
CA GLY C 53 -7.80 20.60 -76.58
C GLY C 53 -7.46 19.16 -76.26
N VAL C 54 -8.09 18.67 -75.19
CA VAL C 54 -7.87 17.33 -74.68
C VAL C 54 -9.00 16.43 -75.15
N LEU C 55 -8.66 15.26 -75.68
CA LEU C 55 -9.62 14.35 -76.28
C LEU C 55 -9.99 13.24 -75.30
N GLU C 56 -11.27 12.88 -75.30
CA GLU C 56 -11.79 11.74 -74.55
C GLU C 56 -12.71 10.94 -75.46
N ILE C 57 -12.83 9.65 -75.16
CA ILE C 57 -13.62 8.72 -75.96
C ILE C 57 -14.79 8.23 -75.12
N LEU C 58 -15.95 8.09 -75.77
CA LEU C 58 -17.14 7.56 -75.11
C LEU C 58 -17.17 6.04 -75.29
N GLN C 59 -18.31 5.43 -74.95
CA GLN C 59 -18.45 3.99 -75.08
C GLN C 59 -18.48 3.52 -76.53
N ASP C 60 -18.62 4.43 -77.49
CA ASP C 60 -18.68 4.08 -78.91
C ASP C 60 -17.70 4.91 -79.75
N GLY C 61 -16.59 5.34 -79.17
CA GLY C 61 -15.65 6.17 -79.90
C GLY C 61 -16.23 7.49 -80.35
N PHE C 62 -17.12 8.07 -79.55
CA PHE C 62 -17.89 9.25 -79.94
C PHE C 62 -17.12 10.45 -79.37
N GLY C 63 -16.00 10.76 -80.02
CA GLY C 63 -14.93 11.48 -79.37
C GLY C 63 -15.23 12.95 -79.11
N PHE C 64 -14.93 13.40 -77.90
CA PHE C 64 -15.11 14.78 -77.48
C PHE C 64 -13.77 15.44 -77.17
N LEU C 65 -13.55 16.62 -77.72
CA LEU C 65 -12.39 17.44 -77.39
C LEU C 65 -12.86 18.60 -76.53
N ARG C 66 -12.44 18.61 -75.27
CA ARG C 66 -12.70 19.67 -74.30
C ARG C 66 -11.50 20.60 -74.16
N SER C 67 -11.73 21.69 -73.42
CA SER C 67 -10.72 22.69 -73.12
C SER C 67 -10.43 22.69 -71.62
N ALA C 68 -9.14 22.78 -71.28
CA ALA C 68 -8.73 22.73 -69.87
C ALA C 68 -9.04 24.02 -69.14
N ASP C 69 -9.03 25.17 -69.84
CA ASP C 69 -9.27 26.44 -69.17
C ASP C 69 -10.70 26.54 -68.63
N SER C 70 -11.65 25.92 -69.31
CA SER C 70 -13.05 25.96 -68.90
C SER C 70 -13.43 24.84 -67.94
N SER C 71 -12.47 24.00 -67.55
CA SER C 71 -12.70 22.87 -66.64
C SER C 71 -13.66 21.84 -67.24
N TYR C 72 -13.65 21.72 -68.58
CA TYR C 72 -14.29 20.61 -69.30
C TYR C 72 -15.80 20.59 -69.11
N LEU C 73 -16.45 21.69 -69.48
CA LEU C 73 -17.91 21.66 -69.64
C LEU C 73 -18.28 20.78 -70.83
N ALA C 74 -19.41 20.09 -70.70
CA ALA C 74 -19.93 19.25 -71.77
C ALA C 74 -20.88 20.03 -72.67
N GLY C 75 -20.41 21.17 -73.17
CA GLY C 75 -21.21 22.01 -74.03
C GLY C 75 -20.94 21.75 -75.50
N PRO C 76 -21.73 22.39 -76.38
CA PRO C 76 -21.53 22.19 -77.82
C PRO C 76 -20.27 22.84 -78.38
N ASP C 77 -19.51 23.59 -77.57
CA ASP C 77 -18.26 24.15 -78.06
C ASP C 77 -17.18 23.09 -78.21
N ASP C 78 -17.37 21.92 -77.60
CA ASP C 78 -16.40 20.85 -77.69
C ASP C 78 -16.33 20.30 -79.11
N ILE C 79 -15.14 19.82 -79.49
CA ILE C 79 -14.87 19.45 -80.88
C ILE C 79 -15.16 17.97 -81.08
N TYR C 80 -15.94 17.65 -82.11
CA TYR C 80 -16.20 16.27 -82.48
C TYR C 80 -14.96 15.62 -83.06
N VAL C 81 -14.72 14.36 -82.66
CA VAL C 81 -13.68 13.52 -83.24
C VAL C 81 -14.30 12.16 -83.52
N SER C 82 -14.27 11.75 -84.79
CA SER C 82 -14.86 10.50 -85.21
C SER C 82 -13.92 9.32 -84.93
N PRO C 83 -14.46 8.11 -84.82
CA PRO C 83 -13.60 6.93 -84.62
C PRO C 83 -12.59 6.74 -85.75
N SER C 84 -12.95 7.11 -86.98
CA SER C 84 -11.99 7.01 -88.08
C SER C 84 -10.78 7.91 -87.85
N GLN C 85 -11.02 9.14 -87.38
CA GLN C 85 -9.92 10.03 -87.04
C GLN C 85 -9.08 9.45 -85.91
N ILE C 86 -9.73 8.85 -84.92
CA ILE C 86 -9.01 8.25 -83.80
C ILE C 86 -8.08 7.14 -84.28
N ARG C 87 -8.59 6.27 -85.16
CA ARG C 87 -7.79 5.15 -85.62
C ARG C 87 -6.71 5.59 -86.60
N ARG C 88 -6.96 6.65 -87.38
CA ARG C 88 -5.95 7.12 -88.32
C ARG C 88 -4.83 7.86 -87.61
N PHE C 89 -5.16 8.73 -86.65
CA PHE C 89 -4.15 9.54 -85.99
C PHE C 89 -3.43 8.83 -84.85
N ASN C 90 -3.94 7.67 -84.42
CA ASN C 90 -3.28 6.85 -83.40
C ASN C 90 -3.10 7.65 -82.10
N LEU C 91 -4.23 8.00 -81.49
CA LEU C 91 -4.22 8.76 -80.24
C LEU C 91 -5.26 8.16 -79.30
N ARG C 92 -5.06 8.40 -78.00
CA ARG C 92 -5.94 7.84 -76.98
C ARG C 92 -6.51 8.92 -76.08
N THR C 93 -7.18 8.52 -75.01
CA THR C 93 -7.80 9.47 -74.10
C THR C 93 -6.75 10.30 -73.37
N GLY C 94 -7.05 11.58 -73.20
CA GLY C 94 -6.14 12.47 -72.51
C GLY C 94 -5.04 13.07 -73.35
N ASP C 95 -5.11 12.93 -74.67
CA ASP C 95 -4.08 13.45 -75.57
C ASP C 95 -4.39 14.89 -75.92
N THR C 96 -3.48 15.80 -75.59
CA THR C 96 -3.60 17.20 -75.97
C THR C 96 -3.23 17.36 -77.45
N ILE C 97 -4.19 17.75 -78.27
CA ILE C 97 -4.02 17.78 -79.71
C ILE C 97 -4.45 19.14 -80.25
N SER C 98 -4.03 19.42 -81.48
CA SER C 98 -4.31 20.69 -82.14
C SER C 98 -4.41 20.45 -83.64
N GLY C 99 -5.07 21.37 -84.33
CA GLY C 99 -5.15 21.29 -85.77
C GLY C 99 -6.34 22.07 -86.31
N LYS C 100 -6.54 21.93 -87.62
CA LYS C 100 -7.67 22.57 -88.29
C LYS C 100 -8.98 21.91 -87.91
N ILE C 101 -10.03 22.71 -87.79
CA ILE C 101 -11.35 22.22 -87.42
C ILE C 101 -12.30 22.46 -88.58
N ARG C 102 -13.37 21.65 -88.62
CA ARG C 102 -14.30 21.64 -89.74
C ARG C 102 -15.65 22.17 -89.30
N PRO C 103 -16.15 23.26 -89.88
CA PRO C 103 -17.47 23.77 -89.53
C PRO C 103 -18.54 22.75 -89.83
N PRO C 104 -19.55 22.61 -88.98
CA PRO C 104 -20.57 21.58 -89.18
C PRO C 104 -21.62 22.00 -90.18
N LYS C 105 -22.06 21.04 -90.99
CA LYS C 105 -23.15 21.25 -91.92
C LYS C 105 -24.47 20.84 -91.26
N GLU C 106 -25.54 20.75 -92.05
CA GLU C 106 -26.83 20.33 -91.52
C GLU C 106 -26.76 18.88 -91.07
N GLY C 107 -27.48 18.57 -89.99
CA GLY C 107 -27.52 17.25 -89.41
C GLY C 107 -26.58 17.04 -88.25
N GLU C 108 -25.58 17.91 -88.09
CA GLU C 108 -24.64 17.82 -86.97
C GLU C 108 -24.39 19.21 -86.41
N ARG C 109 -24.03 19.26 -85.13
CA ARG C 109 -23.78 20.52 -84.44
C ARG C 109 -22.37 20.66 -83.90
N TYR C 110 -21.72 19.56 -83.51
CA TYR C 110 -20.37 19.64 -82.98
C TYR C 110 -19.37 19.89 -84.10
N PHE C 111 -18.36 20.72 -83.82
CA PHE C 111 -17.33 20.99 -84.79
C PHE C 111 -16.40 19.79 -84.93
N ALA C 112 -15.99 19.50 -86.17
CA ALA C 112 -15.14 18.36 -86.45
C ALA C 112 -13.67 18.76 -86.41
N LEU C 113 -12.80 17.78 -86.67
CA LEU C 113 -11.35 17.98 -86.67
C LEU C 113 -10.81 17.55 -88.02
N LEU C 114 -10.29 18.52 -88.78
CA LEU C 114 -9.79 18.20 -90.12
C LEU C 114 -8.37 17.64 -90.07
N LYS C 115 -7.41 18.44 -89.63
CA LYS C 115 -6.00 18.08 -89.62
C LYS C 115 -5.47 18.08 -88.20
N VAL C 116 -4.22 17.62 -88.07
CA VAL C 116 -3.51 17.63 -86.80
C VAL C 116 -2.08 18.11 -87.05
N ASN C 117 -1.58 18.96 -86.14
CA ASN C 117 -0.24 19.50 -86.26
C ASN C 117 0.62 19.30 -85.01
N GLU C 118 0.03 18.97 -83.87
CA GLU C 118 0.80 18.77 -82.65
C GLU C 118 -0.01 17.90 -81.70
N VAL C 119 0.61 16.84 -81.20
CA VAL C 119 -0.02 15.93 -80.25
C VAL C 119 0.85 15.89 -79.00
N ASN C 120 0.26 16.22 -77.85
CA ASN C 120 0.96 16.24 -76.58
C ASN C 120 2.21 17.10 -76.65
N PHE C 121 2.08 18.28 -77.29
CA PHE C 121 3.20 19.19 -77.50
C PHE C 121 4.34 18.50 -78.23
N ASP C 122 4.01 17.69 -79.22
CA ASP C 122 5.00 16.92 -79.96
C ASP C 122 4.48 16.66 -81.37
N LYS C 123 5.38 16.24 -82.24
CA LYS C 123 5.01 15.95 -83.62
C LYS C 123 4.01 14.79 -83.65
N PRO C 124 2.94 14.90 -84.45
CA PRO C 124 1.83 13.93 -84.37
C PRO C 124 2.23 12.48 -84.55
N GLU C 125 2.83 12.13 -85.69
CA GLU C 125 3.17 10.73 -85.92
C GLU C 125 4.35 10.27 -85.09
N ASN C 126 5.08 11.18 -84.44
CA ASN C 126 6.14 10.78 -83.52
C ASN C 126 5.59 10.17 -82.24
N ALA C 127 4.34 10.48 -81.88
CA ALA C 127 3.72 9.94 -80.68
C ALA C 127 3.07 8.59 -80.91
N ARG C 128 3.10 8.07 -82.14
CA ARG C 128 2.52 6.76 -82.41
C ARG C 128 3.23 5.67 -81.63
N ASN C 129 4.56 5.69 -81.61
CA ASN C 129 5.35 4.70 -80.90
C ASN C 129 5.76 5.25 -79.52
N LYS C 130 4.75 5.42 -78.68
CA LYS C 130 4.94 5.91 -77.32
C LYS C 130 4.69 4.79 -76.33
N ILE C 131 5.60 4.63 -75.37
CA ILE C 131 5.47 3.57 -74.38
C ILE C 131 4.34 3.90 -73.41
N LEU C 132 3.54 2.90 -73.09
CA LEU C 132 2.42 3.08 -72.17
C LEU C 132 2.92 3.36 -70.76
N PHE C 133 2.18 4.20 -70.05
CA PHE C 133 2.56 4.54 -68.68
C PHE C 133 2.49 3.34 -67.75
N GLU C 134 1.45 2.51 -67.91
CA GLU C 134 1.31 1.34 -67.06
C GLU C 134 2.42 0.32 -67.27
N ASN C 135 3.04 0.32 -68.45
CA ASN C 135 4.16 -0.58 -68.73
C ASN C 135 5.49 -0.06 -68.21
N LEU C 136 5.54 1.17 -67.72
CA LEU C 136 6.78 1.74 -67.21
C LEU C 136 7.03 1.27 -65.79
N THR C 137 8.24 0.81 -65.53
CA THR C 137 8.60 0.33 -64.19
C THR C 137 8.75 1.50 -63.24
N PRO C 138 8.04 1.52 -62.12
CA PRO C 138 8.18 2.64 -61.17
C PRO C 138 9.56 2.65 -60.50
N LEU C 139 9.97 3.84 -60.07
CA LEU C 139 11.17 4.03 -59.28
C LEU C 139 10.86 4.94 -58.10
N HIS C 140 11.81 5.00 -57.17
CA HIS C 140 11.65 5.84 -55.99
C HIS C 140 11.81 7.31 -56.36
N ALA C 141 11.71 8.18 -55.35
CA ALA C 141 11.89 9.62 -55.53
C ALA C 141 13.39 9.91 -55.44
N ASN C 142 14.04 10.01 -56.61
CA ASN C 142 15.47 10.24 -56.63
C ASN C 142 15.81 11.71 -56.44
N SER C 143 15.35 12.57 -57.35
CA SER C 143 15.66 13.98 -57.28
C SER C 143 14.87 14.66 -56.16
N ARG C 144 15.50 15.65 -55.54
CA ARG C 144 14.86 16.41 -54.47
C ARG C 144 14.08 17.58 -55.05
N LEU C 145 12.85 17.76 -54.59
CA LEU C 145 11.97 18.84 -55.03
C LEU C 145 11.83 19.79 -53.84
N ARG C 146 12.77 20.74 -53.74
CA ARG C 146 12.81 21.64 -52.61
C ARG C 146 11.72 22.70 -52.70
N MET C 147 11.20 23.09 -51.55
CA MET C 147 10.15 24.10 -51.46
C MET C 147 10.71 25.47 -51.07
N GLU C 148 12.02 25.65 -51.07
CA GLU C 148 12.64 26.90 -50.65
C GLU C 148 12.58 27.90 -51.79
N ARG C 149 11.77 28.95 -51.63
CA ARG C 149 11.74 30.02 -52.63
C ARG C 149 13.05 30.79 -52.66
N GLY C 150 13.64 31.04 -51.50
CA GLY C 150 14.88 31.77 -51.41
C GLY C 150 14.74 33.27 -51.33
N ASN C 151 13.53 33.81 -51.41
CA ASN C 151 13.30 35.24 -51.34
C ASN C 151 13.09 35.75 -49.93
N GLY C 152 12.98 34.85 -48.95
CA GLY C 152 12.77 35.27 -47.57
C GLY C 152 11.45 35.98 -47.35
N SER C 153 10.37 35.48 -47.96
CA SER C 153 9.06 36.11 -47.81
C SER C 153 8.51 35.87 -46.40
N THR C 154 7.51 36.67 -46.04
CA THR C 154 6.88 36.52 -44.74
C THR C 154 6.19 35.16 -44.61
N GLU C 155 5.51 34.72 -45.66
CA GLU C 155 4.86 33.42 -45.64
C GLU C 155 5.79 32.29 -46.05
N ASP C 156 7.03 32.60 -46.46
CA ASP C 156 7.96 31.57 -46.88
C ASP C 156 8.38 30.70 -45.70
N LEU C 157 8.23 31.19 -44.47
CA LEU C 157 8.59 30.39 -43.31
C LEU C 157 7.72 29.14 -43.19
N THR C 158 6.48 29.22 -43.69
CA THR C 158 5.63 28.03 -43.72
C THR C 158 6.23 26.95 -44.64
N ALA C 159 6.70 27.36 -45.82
CA ALA C 159 7.36 26.42 -46.72
C ALA C 159 8.65 25.88 -46.11
N ARG C 160 9.38 26.74 -45.39
CA ARG C 160 10.60 26.30 -44.71
C ARG C 160 10.28 25.24 -43.66
N VAL C 161 9.22 25.46 -42.89
CA VAL C 161 8.81 24.50 -41.88
C VAL C 161 8.39 23.19 -42.53
N LEU C 162 7.69 23.29 -43.67
CA LEU C 162 7.32 22.08 -44.41
C LEU C 162 8.56 21.32 -44.88
N ASP C 163 9.58 22.05 -45.35
CA ASP C 163 10.82 21.41 -45.77
C ASP C 163 11.51 20.70 -44.60
N LEU C 164 11.57 21.36 -43.43
CA LEU C 164 12.11 20.71 -42.25
C LEU C 164 11.26 19.53 -41.77
N ALA C 165 9.97 19.52 -42.09
CA ALA C 165 9.10 18.44 -41.63
C ALA C 165 9.20 17.22 -42.53
N SER C 166 8.88 17.39 -43.82
CA SER C 166 8.89 16.27 -44.76
C SER C 166 9.17 16.75 -46.17
N PRO C 167 10.27 16.32 -46.79
CA PRO C 167 10.56 16.72 -48.16
C PRO C 167 9.87 15.84 -49.18
N ILE C 168 9.35 16.49 -50.23
CA ILE C 168 8.66 15.80 -51.31
C ILE C 168 9.62 15.63 -52.47
N GLY C 169 9.71 14.40 -52.99
CA GLY C 169 10.55 14.09 -54.13
C GLY C 169 9.78 14.18 -55.44
N ARG C 170 10.32 13.51 -56.44
CA ARG C 170 9.70 13.44 -57.76
C ARG C 170 8.98 12.10 -57.88
N GLY C 171 7.69 12.15 -58.22
CA GLY C 171 6.88 10.95 -58.16
C GLY C 171 6.55 10.51 -56.75
N GLN C 172 6.54 11.44 -55.80
CA GLN C 172 6.36 11.11 -54.40
C GLN C 172 4.91 11.24 -54.00
N ARG C 173 4.39 10.21 -53.34
CA ARG C 173 2.98 10.14 -52.95
C ARG C 173 2.82 10.70 -51.54
N GLY C 174 1.92 11.66 -51.39
CA GLY C 174 1.78 12.39 -50.14
C GLY C 174 0.37 12.42 -49.63
N LEU C 175 0.25 12.43 -48.30
CA LEU C 175 -1.03 12.53 -47.60
C LEU C 175 -0.98 13.71 -46.65
N ILE C 176 -2.04 14.52 -46.66
CA ILE C 176 -2.22 15.63 -45.74
C ILE C 176 -3.43 15.30 -44.88
N VAL C 177 -3.21 15.10 -43.58
CA VAL C 177 -4.30 14.81 -42.65
C VAL C 177 -4.71 16.16 -42.05
N ALA C 178 -5.63 16.84 -42.72
CA ALA C 178 -6.04 18.19 -42.33
C ALA C 178 -7.51 18.23 -41.99
N PRO C 179 -7.88 18.39 -40.72
CA PRO C 179 -9.29 18.54 -40.36
C PRO C 179 -9.79 19.92 -40.78
N PRO C 180 -11.10 20.16 -40.71
CA PRO C 180 -11.63 21.48 -41.06
C PRO C 180 -11.04 22.57 -40.18
N LYS C 181 -10.86 23.75 -40.79
CA LYS C 181 -10.27 24.91 -40.13
C LYS C 181 -8.83 24.62 -39.67
N ALA C 182 -7.99 24.29 -40.66
CA ALA C 182 -6.58 24.01 -40.40
C ALA C 182 -5.67 24.75 -41.37
N GLY C 183 -6.20 25.66 -42.19
CA GLY C 183 -5.39 26.38 -43.15
C GLY C 183 -4.77 25.52 -44.22
N LYS C 184 -5.46 24.47 -44.66
CA LYS C 184 -4.90 23.59 -45.67
C LYS C 184 -4.99 24.20 -47.08
N THR C 185 -6.03 24.97 -47.36
CA THR C 185 -6.26 25.43 -48.73
C THR C 185 -5.17 26.40 -49.18
N MET C 186 -4.88 27.40 -48.36
CA MET C 186 -3.82 28.33 -48.73
C MET C 186 -2.44 27.76 -48.48
N LEU C 187 -2.31 26.71 -47.66
CA LEU C 187 -1.06 25.94 -47.67
C LEU C 187 -0.84 25.29 -49.02
N LEU C 188 -1.91 24.73 -49.60
CA LEU C 188 -1.83 24.18 -50.95
C LEU C 188 -1.47 25.25 -51.97
N GLN C 189 -2.10 26.43 -51.86
CA GLN C 189 -1.73 27.52 -52.78
C GLN C 189 -0.27 27.94 -52.59
N ASN C 190 0.21 27.99 -51.35
CA ASN C 190 1.60 28.37 -51.12
C ASN C 190 2.57 27.37 -51.72
N ILE C 191 2.30 26.07 -51.55
CA ILE C 191 3.20 25.08 -52.15
C ILE C 191 3.07 25.11 -53.66
N ALA C 192 1.90 25.49 -54.19
CA ALA C 192 1.77 25.67 -55.64
C ALA C 192 2.66 26.81 -56.13
N GLN C 193 2.66 27.94 -55.41
CA GLN C 193 3.56 29.03 -55.77
C GLN C 193 5.01 28.60 -55.67
N SER C 194 5.35 27.83 -54.64
CA SER C 194 6.72 27.35 -54.50
C SER C 194 7.12 26.46 -55.68
N ILE C 195 6.21 25.58 -56.11
CA ILE C 195 6.49 24.72 -57.25
C ILE C 195 6.67 25.56 -58.52
N ALA C 196 5.78 26.54 -58.73
CA ALA C 196 5.86 27.36 -59.93
C ALA C 196 7.11 28.23 -59.94
N TYR C 197 7.61 28.61 -58.78
CA TYR C 197 8.78 29.49 -58.71
C TYR C 197 10.08 28.70 -58.82
N ASN C 198 10.24 27.69 -57.96
CA ASN C 198 11.50 26.95 -57.93
C ASN C 198 11.69 26.10 -59.18
N HIS C 199 10.64 25.45 -59.65
CA HIS C 199 10.71 24.53 -60.79
C HIS C 199 9.67 24.93 -61.83
N PRO C 200 9.95 25.96 -62.64
CA PRO C 200 9.02 26.31 -63.71
C PRO C 200 8.99 25.32 -64.85
N ASP C 201 10.02 24.47 -64.98
CA ASP C 201 10.07 23.53 -66.09
C ASP C 201 8.95 22.50 -66.01
N CYS C 202 8.71 21.94 -64.83
CA CYS C 202 7.66 20.94 -64.68
C CYS C 202 6.29 21.60 -64.73
N VAL C 203 5.33 20.91 -65.33
CA VAL C 203 3.98 21.45 -65.46
C VAL C 203 3.27 21.38 -64.11
N LEU C 204 2.50 22.42 -63.80
CA LEU C 204 1.73 22.50 -62.58
C LEU C 204 0.26 22.24 -62.90
N MET C 205 -0.34 21.30 -62.19
CA MET C 205 -1.73 20.92 -62.47
C MET C 205 -2.41 20.60 -61.13
N VAL C 206 -3.10 21.60 -60.59
CA VAL C 206 -3.83 21.48 -59.33
C VAL C 206 -5.32 21.36 -59.62
N LEU C 207 -5.97 20.42 -58.95
CA LEU C 207 -7.39 20.15 -59.14
C LEU C 207 -8.12 20.20 -57.81
N LEU C 208 -9.33 20.77 -57.84
CA LEU C 208 -10.24 20.79 -56.71
C LEU C 208 -11.48 19.99 -57.09
N ILE C 209 -11.82 19.01 -56.26
CA ILE C 209 -12.87 18.06 -56.65
C ILE C 209 -14.25 18.51 -56.19
N ASP C 210 -14.41 18.90 -54.92
CA ASP C 210 -15.68 19.39 -54.38
C ASP C 210 -15.34 20.62 -53.56
N GLU C 211 -15.43 21.80 -54.19
CA GLU C 211 -14.86 23.00 -53.61
C GLU C 211 -15.84 24.16 -53.85
N ARG C 212 -16.02 25.01 -52.83
CA ARG C 212 -16.96 26.11 -52.95
C ARG C 212 -16.43 27.16 -53.93
N PRO C 213 -17.32 27.94 -54.54
CA PRO C 213 -16.88 28.82 -55.65
C PRO C 213 -15.82 29.84 -55.30
N GLU C 214 -15.78 30.33 -54.06
CA GLU C 214 -14.96 31.49 -53.71
C GLU C 214 -13.46 31.28 -53.93
N GLU C 215 -12.86 30.38 -53.16
CA GLU C 215 -11.43 30.15 -53.24
C GLU C 215 -11.02 29.44 -54.53
N VAL C 216 -11.93 28.69 -55.15
CA VAL C 216 -11.59 28.09 -56.44
C VAL C 216 -11.53 29.16 -57.53
N THR C 217 -12.44 30.14 -57.49
CA THR C 217 -12.39 31.18 -58.51
C THR C 217 -11.28 32.19 -58.25
N GLU C 218 -10.83 32.32 -57.00
CA GLU C 218 -9.61 33.10 -56.80
C GLU C 218 -8.34 32.27 -56.98
N MET C 219 -8.47 30.95 -57.17
CA MET C 219 -7.30 30.13 -57.46
C MET C 219 -6.64 30.53 -58.78
N GLN C 220 -7.44 30.83 -59.80
CA GLN C 220 -6.89 31.15 -61.11
C GLN C 220 -6.03 32.41 -61.06
N ARG C 221 -6.44 33.41 -60.27
CA ARG C 221 -5.72 34.67 -60.19
C ARG C 221 -4.53 34.62 -59.25
N LEU C 222 -4.26 33.47 -58.62
CA LEU C 222 -3.17 33.34 -57.66
C LEU C 222 -2.06 32.44 -58.18
N VAL C 223 -2.37 31.21 -58.57
CA VAL C 223 -1.35 30.27 -59.02
C VAL C 223 -0.99 30.56 -60.48
N LYS C 224 0.23 30.17 -60.86
CA LYS C 224 0.68 30.38 -62.22
C LYS C 224 0.22 29.26 -63.14
N GLY C 225 0.36 28.01 -62.70
CA GLY C 225 -0.11 26.89 -63.49
C GLY C 225 -1.62 26.82 -63.58
N GLU C 226 -2.09 26.14 -64.61
CA GLU C 226 -3.53 26.02 -64.82
C GLU C 226 -4.17 25.16 -63.74
N VAL C 227 -5.39 25.51 -63.36
CA VAL C 227 -6.13 24.84 -62.30
C VAL C 227 -7.40 24.25 -62.90
N VAL C 228 -7.76 23.06 -62.44
CA VAL C 228 -8.95 22.35 -62.89
C VAL C 228 -9.82 22.06 -61.67
N ALA C 229 -11.11 22.34 -61.78
CA ALA C 229 -11.99 22.11 -60.65
C ALA C 229 -13.44 22.06 -61.12
N SER C 230 -14.30 21.57 -60.22
CA SER C 230 -15.74 21.49 -60.45
C SER C 230 -16.43 21.73 -59.13
N THR C 231 -17.33 22.72 -59.09
CA THR C 231 -17.99 23.10 -57.85
C THR C 231 -19.08 22.08 -57.50
N PHE C 232 -19.80 22.36 -56.41
CA PHE C 232 -20.82 21.45 -55.91
C PHE C 232 -22.18 21.63 -56.59
N ASP C 233 -22.31 22.60 -57.51
CA ASP C 233 -23.60 22.82 -58.17
C ASP C 233 -24.01 21.62 -59.01
N GLU C 234 -23.07 21.03 -59.75
CA GLU C 234 -23.23 19.90 -60.64
C GLU C 234 -23.07 18.58 -59.87
N PRO C 235 -23.70 17.50 -60.36
CA PRO C 235 -23.66 16.23 -59.61
C PRO C 235 -22.32 15.51 -59.68
N ALA C 236 -22.27 14.30 -59.12
CA ALA C 236 -21.03 13.55 -59.01
C ALA C 236 -20.49 13.07 -60.34
N SER C 237 -21.34 12.97 -61.37
CA SER C 237 -20.88 12.52 -62.68
C SER C 237 -19.84 13.49 -63.25
N ARG C 238 -20.06 14.79 -63.07
CA ARG C 238 -19.08 15.79 -63.50
C ARG C 238 -17.75 15.60 -62.78
N HIS C 239 -17.79 15.36 -61.47
CA HIS C 239 -16.56 15.17 -60.72
C HIS C 239 -15.81 13.93 -61.19
N VAL C 240 -16.55 12.83 -61.42
CA VAL C 240 -15.91 11.60 -61.89
C VAL C 240 -15.28 11.82 -63.25
N GLN C 241 -16.00 12.46 -64.18
CA GLN C 241 -15.47 12.63 -65.53
C GLN C 241 -14.29 13.59 -65.54
N VAL C 242 -14.31 14.64 -64.69
CA VAL C 242 -13.18 15.55 -64.68
C VAL C 242 -11.96 14.89 -64.02
N ALA C 243 -12.17 14.04 -63.02
CA ALA C 243 -11.05 13.28 -62.45
C ALA C 243 -10.45 12.33 -63.49
N GLU C 244 -11.32 11.66 -64.26
CA GLU C 244 -10.83 10.82 -65.34
C GLU C 244 -10.04 11.64 -66.35
N MET C 245 -10.55 12.82 -66.71
CA MET C 245 -9.85 13.68 -67.65
C MET C 245 -8.47 14.06 -67.14
N VAL C 246 -8.39 14.45 -65.87
CA VAL C 246 -7.11 14.91 -65.33
C VAL C 246 -6.12 13.76 -65.22
N ILE C 247 -6.59 12.56 -64.84
CA ILE C 247 -5.66 11.45 -64.70
C ILE C 247 -5.17 11.00 -66.07
N GLU C 248 -6.05 10.98 -67.07
CA GLU C 248 -5.62 10.62 -68.42
C GLU C 248 -4.65 11.66 -68.99
N LYS C 249 -4.92 12.94 -68.74
CA LYS C 249 -4.00 13.98 -69.21
C LYS C 249 -2.64 13.87 -68.54
N ALA C 250 -2.62 13.62 -67.23
CA ALA C 250 -1.36 13.46 -66.52
C ALA C 250 -0.59 12.25 -67.04
N LYS C 251 -1.29 11.13 -67.26
CA LYS C 251 -0.63 9.94 -67.78
C LYS C 251 -0.06 10.20 -69.17
N ARG C 252 -0.83 10.86 -70.04
CA ARG C 252 -0.34 11.13 -71.39
C ARG C 252 0.87 12.08 -71.37
N LEU C 253 0.83 13.10 -70.50
CA LEU C 253 1.95 14.03 -70.42
C LEU C 253 3.20 13.34 -69.87
N VAL C 254 3.05 12.50 -68.84
CA VAL C 254 4.21 11.83 -68.28
C VAL C 254 4.72 10.72 -69.20
N GLU C 255 3.88 10.24 -70.13
CA GLU C 255 4.35 9.26 -71.11
C GLU C 255 5.38 9.86 -72.06
N HIS C 256 5.43 11.19 -72.18
CA HIS C 256 6.36 11.87 -73.08
C HIS C 256 7.58 12.41 -72.35
N LYS C 257 8.05 11.70 -71.33
CA LYS C 257 9.25 12.07 -70.57
C LYS C 257 9.12 13.45 -69.96
N LYS C 258 7.96 13.73 -69.37
CA LYS C 258 7.68 15.02 -68.76
C LYS C 258 7.34 14.84 -67.28
N ASP C 259 7.59 15.87 -66.49
CA ASP C 259 7.31 15.87 -65.07
C ASP C 259 5.96 16.52 -64.82
N VAL C 260 5.03 15.76 -64.22
CA VAL C 260 3.68 16.22 -63.94
C VAL C 260 3.43 16.09 -62.45
N ILE C 261 2.93 17.16 -61.84
CA ILE C 261 2.61 17.19 -60.41
C ILE C 261 1.13 17.50 -60.27
N ILE C 262 0.42 16.65 -59.53
CA ILE C 262 -1.02 16.74 -59.37
C ILE C 262 -1.33 17.02 -57.92
N LEU C 263 -2.02 18.13 -57.66
CA LEU C 263 -2.41 18.53 -56.31
C LEU C 263 -3.90 18.27 -56.16
N LEU C 264 -4.26 17.47 -55.16
CA LEU C 264 -5.63 17.02 -54.97
C LEU C 264 -6.18 17.49 -53.64
N ASP C 265 -7.36 18.10 -53.68
CA ASP C 265 -8.05 18.56 -52.48
C ASP C 265 -9.55 18.41 -52.76
N SER C 266 -10.16 17.38 -52.18
CA SER C 266 -9.51 16.42 -51.30
C SER C 266 -9.89 14.99 -51.69
N ILE C 267 -9.09 14.03 -51.24
CA ILE C 267 -9.35 12.63 -51.56
C ILE C 267 -10.65 12.17 -50.90
N THR C 268 -11.04 12.78 -49.77
CA THR C 268 -12.24 12.34 -49.06
C THR C 268 -13.50 12.61 -49.89
N ARG C 269 -13.65 13.83 -50.39
CA ARG C 269 -14.85 14.16 -51.17
C ARG C 269 -14.86 13.44 -52.51
N LEU C 270 -13.68 13.25 -53.11
CA LEU C 270 -13.60 12.46 -54.34
C LEU C 270 -14.01 11.01 -54.11
N ALA C 271 -13.56 10.42 -53.00
CA ALA C 271 -13.98 9.06 -52.67
C ALA C 271 -15.48 9.00 -52.42
N ARG C 272 -16.03 10.01 -51.74
CA ARG C 272 -17.48 10.06 -51.53
C ARG C 272 -18.24 10.15 -52.85
N ALA C 273 -17.72 10.95 -53.79
CA ALA C 273 -18.35 11.06 -55.10
C ALA C 273 -18.33 9.72 -55.83
N TYR C 274 -17.18 9.02 -55.80
CA TYR C 274 -17.13 7.68 -56.40
C TYR C 274 -18.10 6.73 -55.72
N ASN C 275 -18.22 6.81 -54.40
CA ASN C 275 -19.16 5.95 -53.68
C ASN C 275 -20.59 6.23 -54.13
N THR C 276 -20.95 7.51 -54.29
CA THR C 276 -22.30 7.87 -54.67
C THR C 276 -22.60 7.63 -56.14
N VAL C 277 -21.58 7.50 -56.98
CA VAL C 277 -21.82 7.33 -58.41
C VAL C 277 -21.77 5.85 -58.79
N VAL C 278 -21.02 5.06 -58.03
CA VAL C 278 -20.83 3.65 -58.39
C VAL C 278 -22.10 2.88 -58.11
N PRO C 279 -22.50 1.94 -58.97
CA PRO C 279 -23.62 1.06 -58.63
C PRO C 279 -23.29 0.16 -57.45
N ALA C 280 -24.32 -0.17 -56.69
CA ALA C 280 -24.14 -1.04 -55.54
C ALA C 280 -23.89 -2.48 -55.99
N SER C 281 -22.84 -3.10 -55.46
CA SER C 281 -22.48 -4.46 -55.79
C SER C 281 -23.08 -5.49 -54.84
N GLY C 282 -23.82 -5.05 -53.82
CA GLY C 282 -24.41 -5.94 -52.85
C GLY C 282 -23.59 -6.14 -51.60
N LYS C 283 -22.30 -5.83 -51.63
CA LYS C 283 -21.42 -5.95 -50.47
C LYS C 283 -21.02 -4.54 -50.03
N VAL C 284 -21.67 -4.06 -48.97
CA VAL C 284 -21.43 -2.72 -48.44
C VAL C 284 -20.77 -2.86 -47.07
N LEU C 285 -19.75 -2.04 -46.84
CA LEU C 285 -19.04 -2.03 -45.56
C LEU C 285 -19.73 -1.05 -44.61
N THR C 286 -19.15 -0.85 -43.44
CA THR C 286 -19.71 0.09 -42.48
C THR C 286 -19.59 1.52 -42.99
N GLY C 287 -20.58 2.34 -42.65
CA GLY C 287 -20.61 3.71 -43.11
C GLY C 287 -21.18 3.92 -44.49
N GLY C 288 -21.72 2.88 -45.12
CA GLY C 288 -22.30 3.03 -46.44
C GLY C 288 -21.28 3.10 -47.56
N VAL C 289 -20.14 2.44 -47.43
CA VAL C 289 -19.09 2.43 -48.43
C VAL C 289 -18.97 1.04 -49.02
N ASP C 290 -18.80 0.97 -50.34
CA ASP C 290 -18.65 -0.30 -51.04
C ASP C 290 -17.17 -0.59 -51.27
N ALA C 291 -16.88 -1.87 -51.50
CA ALA C 291 -15.49 -2.28 -51.77
C ALA C 291 -14.99 -1.65 -53.06
N ASN C 292 -15.78 -1.76 -54.14
CA ASN C 292 -15.42 -1.09 -55.38
C ASN C 292 -15.47 0.43 -55.26
N ALA C 293 -16.35 0.96 -54.40
CA ALA C 293 -16.37 2.39 -54.13
C ALA C 293 -15.07 2.87 -53.49
N LEU C 294 -14.39 2.00 -52.75
CA LEU C 294 -13.07 2.33 -52.21
C LEU C 294 -11.95 2.05 -53.20
N HIS C 295 -12.12 1.03 -54.05
CA HIS C 295 -11.11 0.74 -55.06
C HIS C 295 -11.04 1.84 -56.11
N ARG C 296 -12.17 2.43 -56.47
CA ARG C 296 -12.19 3.38 -57.59
C ARG C 296 -11.25 4.56 -57.38
N PRO C 297 -11.19 5.23 -56.22
CA PRO C 297 -10.17 6.28 -56.04
C PRO C 297 -8.76 5.74 -55.87
N LYS C 298 -8.60 4.46 -55.52
CA LYS C 298 -7.26 3.91 -55.37
C LYS C 298 -6.53 3.84 -56.71
N ARG C 299 -7.26 3.59 -57.80
CA ARG C 299 -6.64 3.60 -59.12
C ARG C 299 -6.09 4.98 -59.44
N PHE C 300 -6.85 6.03 -59.12
CA PHE C 300 -6.37 7.40 -59.31
C PHE C 300 -5.16 7.69 -58.42
N PHE C 301 -5.21 7.24 -57.16
CA PHE C 301 -4.18 7.60 -56.20
C PHE C 301 -2.90 6.78 -56.33
N GLY C 302 -2.95 5.64 -57.01
CA GLY C 302 -1.78 4.80 -57.15
C GLY C 302 -0.90 5.09 -58.35
N ALA C 303 -1.16 6.18 -59.09
CA ALA C 303 -0.37 6.49 -60.26
C ALA C 303 0.92 7.23 -59.93
N ALA C 304 1.13 7.63 -58.68
CA ALA C 304 2.33 8.37 -58.29
C ALA C 304 3.54 7.45 -58.34
N ARG C 305 4.45 7.72 -59.27
CA ARG C 305 5.63 6.88 -59.45
C ARG C 305 6.65 7.65 -60.29
N ASN C 306 7.84 7.09 -60.38
CA ASN C 306 8.95 7.67 -61.13
C ASN C 306 9.32 6.77 -62.30
N VAL C 307 9.71 7.38 -63.41
CA VAL C 307 10.02 6.67 -64.65
C VAL C 307 11.49 6.84 -64.96
N GLU C 308 12.19 5.72 -65.18
CA GLU C 308 13.61 5.78 -65.51
C GLU C 308 13.85 6.30 -66.92
N GLU C 309 12.93 6.02 -67.85
CA GLU C 309 13.09 6.50 -69.22
C GLU C 309 12.99 8.02 -69.32
N GLY C 310 12.46 8.68 -68.30
CA GLY C 310 12.36 10.13 -68.27
C GLY C 310 11.00 10.56 -67.75
N GLY C 311 10.99 11.68 -67.04
CA GLY C 311 9.76 12.21 -66.49
C GLY C 311 9.39 11.57 -65.18
N SER C 312 8.39 12.15 -64.53
CA SER C 312 7.89 11.65 -63.25
C SER C 312 6.46 12.13 -63.07
N LEU C 313 5.74 11.46 -62.17
CA LEU C 313 4.34 11.79 -61.88
C LEU C 313 4.19 11.85 -60.36
N THR C 314 4.20 13.06 -59.82
CA THR C 314 4.05 13.29 -58.39
C THR C 314 2.61 13.61 -58.06
N ILE C 315 2.11 13.04 -56.96
CA ILE C 315 0.75 13.30 -56.49
C ILE C 315 0.81 13.73 -55.03
N ILE C 316 0.23 14.88 -54.73
CA ILE C 316 0.11 15.39 -53.38
C ILE C 316 -1.37 15.63 -53.12
N ALA C 317 -1.97 14.82 -52.26
CA ALA C 317 -3.40 14.87 -52.01
C ALA C 317 -3.67 15.03 -50.52
N THR C 318 -4.69 15.81 -50.19
CA THR C 318 -5.07 16.01 -48.80
C THR C 318 -6.32 15.19 -48.45
N ALA C 319 -6.46 14.91 -47.16
CA ALA C 319 -7.57 14.12 -46.66
C ALA C 319 -8.26 14.86 -45.51
N LEU C 320 -9.53 14.54 -45.29
CA LEU C 320 -10.35 15.17 -44.28
C LEU C 320 -10.63 14.19 -43.14
N ILE C 321 -10.40 14.64 -41.91
CA ILE C 321 -10.68 13.84 -40.72
C ILE C 321 -11.44 14.70 -39.73
N ASP C 322 -12.11 14.03 -38.78
CA ASP C 322 -12.87 14.67 -37.71
C ASP C 322 -13.91 15.64 -38.30
N THR C 323 -14.58 15.21 -39.36
CA THR C 323 -15.59 16.01 -40.02
C THR C 323 -17.00 15.70 -39.54
N GLY C 324 -17.16 14.82 -38.55
CA GLY C 324 -18.46 14.44 -38.04
C GLY C 324 -19.08 13.24 -38.71
N SER C 325 -18.49 12.73 -39.78
CA SER C 325 -18.98 11.55 -40.48
C SER C 325 -17.99 10.41 -40.28
N LYS C 326 -18.48 9.28 -39.78
CA LYS C 326 -17.59 8.19 -39.37
C LYS C 326 -16.99 7.47 -40.58
N MET C 327 -17.71 7.46 -41.71
CA MET C 327 -17.14 6.87 -42.92
C MET C 327 -15.92 7.66 -43.42
N ASP C 328 -15.79 8.93 -43.02
CA ASP C 328 -14.56 9.66 -43.31
C ASP C 328 -13.38 9.02 -42.59
N GLU C 329 -13.55 8.66 -41.32
CA GLU C 329 -12.49 7.92 -40.63
C GLU C 329 -12.31 6.53 -41.24
N VAL C 330 -13.39 5.91 -41.73
CA VAL C 330 -13.25 4.61 -42.37
C VAL C 330 -12.33 4.71 -43.59
N ILE C 331 -12.60 5.68 -44.47
CA ILE C 331 -11.75 5.84 -45.65
C ILE C 331 -10.36 6.32 -45.26
N TYR C 332 -10.24 7.04 -44.14
CA TYR C 332 -8.90 7.42 -43.66
C TYR C 332 -8.09 6.18 -43.31
N GLU C 333 -8.67 5.25 -42.53
CA GLU C 333 -7.95 4.03 -42.21
C GLU C 333 -7.73 3.16 -43.45
N GLU C 334 -8.62 3.26 -44.43
CA GLU C 334 -8.41 2.52 -45.67
C GLU C 334 -7.22 3.07 -46.45
N PHE C 335 -7.06 4.39 -46.48
CA PHE C 335 -6.01 5.04 -47.25
C PHE C 335 -4.74 5.30 -46.45
N LYS C 336 -4.71 4.90 -45.17
CA LYS C 336 -3.56 5.20 -44.33
C LYS C 336 -2.28 4.56 -44.86
N GLY C 337 -2.36 3.31 -45.27
CA GLY C 337 -1.16 2.56 -45.64
C GLY C 337 -0.72 2.66 -47.08
N THR C 338 -1.35 3.49 -47.89
CA THR C 338 -1.02 3.57 -49.31
C THR C 338 -0.04 4.69 -49.65
N GLY C 339 0.31 5.55 -48.69
CA GLY C 339 1.15 6.70 -48.94
C GLY C 339 2.49 6.57 -48.25
N ASN C 340 3.56 6.89 -48.99
CA ASN C 340 4.91 6.87 -48.45
C ASN C 340 5.39 8.23 -47.95
N MET C 341 4.57 9.28 -48.07
CA MET C 341 4.85 10.55 -47.43
C MET C 341 3.56 11.01 -46.77
N GLU C 342 3.67 11.53 -45.55
CA GLU C 342 2.47 11.90 -44.81
C GLU C 342 2.80 13.02 -43.82
N LEU C 343 1.83 13.90 -43.62
CA LEU C 343 1.94 14.93 -42.60
C LEU C 343 0.55 15.25 -42.07
N HIS C 344 0.47 15.52 -40.77
CA HIS C 344 -0.79 15.72 -40.07
C HIS C 344 -0.99 17.19 -39.71
N LEU C 345 -2.27 17.56 -39.55
CA LEU C 345 -2.66 18.86 -39.07
C LEU C 345 -3.44 18.69 -37.78
N SER C 346 -3.13 19.52 -36.78
CA SER C 346 -3.69 19.38 -35.45
C SER C 346 -4.70 20.49 -35.16
N ARG C 347 -5.74 20.13 -34.41
CA ARG C 347 -6.77 21.11 -34.05
C ARG C 347 -6.28 22.05 -32.96
N LYS C 348 -5.80 21.50 -31.85
CA LYS C 348 -5.42 22.33 -30.70
C LYS C 348 -4.45 23.42 -31.10
N ILE C 349 -3.55 23.15 -32.05
CA ILE C 349 -2.68 24.20 -32.56
C ILE C 349 -3.50 25.25 -33.30
N ALA C 350 -4.53 24.82 -34.02
CA ALA C 350 -5.37 25.77 -34.74
C ALA C 350 -6.11 26.70 -33.78
N GLU C 351 -6.61 26.17 -32.66
CA GLU C 351 -7.18 27.06 -31.65
C GLU C 351 -6.10 27.91 -30.99
N LYS C 352 -4.88 27.40 -30.85
CA LYS C 352 -3.78 28.26 -30.43
C LYS C 352 -3.43 29.29 -31.48
N ARG C 353 -3.86 29.08 -32.73
CA ARG C 353 -3.76 30.08 -33.79
C ARG C 353 -2.32 30.47 -34.09
N VAL C 354 -1.40 29.52 -33.93
CA VAL C 354 -0.01 29.66 -34.36
C VAL C 354 0.20 28.72 -35.54
N PHE C 355 0.83 29.22 -36.59
CA PHE C 355 0.84 28.51 -37.86
C PHE C 355 2.23 28.47 -38.45
N PRO C 356 2.53 27.45 -39.30
CA PRO C 356 1.66 26.36 -39.76
C PRO C 356 1.36 25.34 -38.67
N ALA C 357 0.12 24.84 -38.63
CA ALA C 357 -0.33 23.95 -37.56
C ALA C 357 -0.14 22.49 -37.92
N ILE C 358 1.07 22.13 -38.34
CA ILE C 358 1.37 20.76 -38.73
C ILE C 358 1.91 20.00 -37.53
N ASP C 359 1.62 18.70 -37.48
CA ASP C 359 2.07 17.83 -36.39
C ASP C 359 3.44 17.29 -36.76
N TYR C 360 4.49 17.93 -36.25
CA TYR C 360 5.85 17.54 -36.60
C TYR C 360 6.17 16.13 -36.10
N ASN C 361 5.71 15.78 -34.91
CA ASN C 361 6.00 14.47 -34.35
C ASN C 361 5.36 13.35 -35.17
N ARG C 362 4.14 13.58 -35.65
CA ARG C 362 3.41 12.57 -36.41
C ARG C 362 3.60 12.68 -37.92
N SER C 363 4.53 13.52 -38.37
CA SER C 363 4.81 13.69 -39.79
C SER C 363 6.21 13.19 -40.11
N GLY C 364 6.35 12.63 -41.31
CA GLY C 364 7.66 12.14 -41.74
C GLY C 364 7.56 11.61 -43.16
N THR C 365 8.73 11.35 -43.73
CA THR C 365 8.85 10.80 -45.07
C THR C 365 9.48 9.41 -44.98
N ARG C 366 8.85 8.45 -45.65
CA ARG C 366 9.32 7.06 -45.61
C ARG C 366 10.56 6.92 -46.48
N LYS C 367 11.66 6.47 -45.87
CA LYS C 367 12.94 6.25 -46.55
C LYS C 367 13.42 7.54 -47.23
N GLU C 368 13.76 8.50 -46.36
CA GLU C 368 14.26 9.79 -46.82
C GLU C 368 15.76 9.78 -47.10
N GLU C 369 16.44 8.65 -46.87
CA GLU C 369 17.88 8.60 -47.08
C GLU C 369 18.23 8.77 -48.55
N LEU C 370 17.49 8.12 -49.45
CA LEU C 370 17.79 8.21 -50.87
C LEU C 370 17.40 9.57 -51.43
N LEU C 371 16.32 10.17 -50.91
CA LEU C 371 15.81 11.41 -51.47
C LEU C 371 16.73 12.58 -51.16
N THR C 372 17.19 12.69 -49.92
CA THR C 372 18.01 13.80 -49.49
C THR C 372 19.47 13.38 -49.39
N THR C 373 20.36 14.38 -49.38
CA THR C 373 21.78 14.11 -49.19
C THR C 373 22.05 13.80 -47.72
N GLN C 374 23.22 13.21 -47.47
CA GLN C 374 23.47 12.58 -46.17
C GLN C 374 23.68 13.62 -45.08
N GLU C 375 24.23 14.78 -45.41
CA GLU C 375 24.54 15.77 -44.39
C GLU C 375 23.30 16.56 -43.96
N GLU C 376 22.49 17.01 -44.93
CA GLU C 376 21.17 17.55 -44.58
C GLU C 376 20.34 16.48 -43.88
N LEU C 377 20.54 15.22 -44.28
CA LEU C 377 19.90 14.12 -43.60
C LEU C 377 20.25 14.15 -42.12
N GLN C 378 21.55 14.20 -41.80
CA GLN C 378 21.99 14.23 -40.40
C GLN C 378 21.42 15.44 -39.67
N LYS C 379 21.38 16.60 -40.32
CA LYS C 379 20.84 17.77 -39.63
C LYS C 379 19.37 17.58 -39.28
N MET C 380 18.56 17.08 -40.22
CA MET C 380 17.16 16.80 -39.93
C MET C 380 17.02 15.77 -38.80
N TRP C 381 17.90 14.76 -38.82
CA TRP C 381 17.96 13.72 -37.79
C TRP C 381 18.16 14.35 -36.41
N ILE C 382 19.09 15.31 -36.34
CA ILE C 382 19.34 16.06 -35.10
C ILE C 382 18.10 16.85 -34.69
N LEU C 383 17.44 17.48 -35.67
CA LEU C 383 16.20 18.19 -35.36
C LEU C 383 15.15 17.26 -34.74
N ARG C 384 15.04 16.05 -35.26
CA ARG C 384 14.05 15.13 -34.69
C ARG C 384 14.39 14.80 -33.24
N LYS C 385 15.68 14.62 -32.93
CA LYS C 385 16.05 14.51 -31.51
C LYS C 385 15.74 15.77 -30.68
N ILE C 386 15.95 16.97 -31.21
CA ILE C 386 15.70 18.12 -30.35
C ILE C 386 14.21 18.41 -30.24
N ILE C 387 13.40 17.85 -31.14
CA ILE C 387 11.98 18.17 -31.14
C ILE C 387 11.13 17.06 -30.49
N HIS C 388 11.57 15.80 -30.55
CA HIS C 388 10.72 14.70 -30.08
C HIS C 388 10.32 14.79 -28.61
N PRO C 389 11.21 15.10 -27.64
CA PRO C 389 10.81 14.99 -26.23
C PRO C 389 9.60 15.81 -25.83
N MET C 390 9.64 17.12 -26.04
CA MET C 390 8.55 17.98 -25.59
C MET C 390 7.34 17.85 -26.52
N GLY C 391 6.29 18.59 -26.20
CA GLY C 391 5.03 18.47 -26.92
C GLY C 391 5.11 19.07 -28.31
N GLU C 392 3.98 18.97 -29.01
CA GLU C 392 3.91 19.47 -30.38
C GLU C 392 3.85 21.00 -30.43
N ILE C 393 2.99 21.61 -29.60
CA ILE C 393 2.73 23.04 -29.71
C ILE C 393 3.98 23.83 -29.33
N ASP C 394 4.57 23.52 -28.17
CA ASP C 394 5.73 24.28 -27.71
C ASP C 394 6.93 24.07 -28.63
N ALA C 395 7.16 22.84 -29.09
CA ALA C 395 8.29 22.59 -29.98
C ALA C 395 8.10 23.31 -31.31
N MET C 396 6.88 23.29 -31.86
CA MET C 396 6.66 23.91 -33.16
C MET C 396 6.77 25.44 -33.05
N GLU C 397 6.25 26.02 -31.97
CA GLU C 397 6.39 27.46 -31.80
C GLU C 397 7.83 27.85 -31.52
N PHE C 398 8.59 26.99 -30.83
CA PHE C 398 10.02 27.23 -30.66
C PHE C 398 10.73 27.24 -32.01
N LEU C 399 10.39 26.27 -32.88
CA LEU C 399 10.98 26.24 -34.22
C LEU C 399 10.59 27.48 -35.01
N ILE C 400 9.35 27.96 -34.82
CA ILE C 400 8.90 29.16 -35.52
C ILE C 400 9.69 30.38 -35.07
N ASN C 401 9.82 30.58 -33.76
CA ASN C 401 10.48 31.79 -33.28
C ASN C 401 11.99 31.73 -33.48
N LYS C 402 12.58 30.53 -33.55
CA LYS C 402 13.98 30.46 -33.90
C LYS C 402 14.20 30.57 -35.40
N LEU C 403 13.14 30.49 -36.20
CA LEU C 403 13.19 30.79 -37.63
C LEU C 403 12.93 32.26 -37.93
N ALA C 404 12.63 33.07 -36.91
CA ALA C 404 12.22 34.46 -37.15
C ALA C 404 13.37 35.29 -37.69
N MET C 405 14.52 35.24 -37.04
CA MET C 405 15.63 36.13 -37.40
C MET C 405 16.51 35.56 -38.52
N THR C 406 16.33 34.31 -38.89
CA THR C 406 17.10 33.71 -39.97
C THR C 406 16.34 33.77 -41.29
N LYS C 407 17.07 33.86 -42.38
CA LYS C 407 16.50 34.06 -43.70
C LYS C 407 16.38 32.76 -44.50
N THR C 408 17.33 31.84 -44.35
CA THR C 408 17.31 30.58 -45.07
C THR C 408 17.47 29.42 -44.09
N ASN C 409 17.15 28.22 -44.58
CA ASN C 409 17.21 27.04 -43.74
C ASN C 409 18.64 26.74 -43.29
N ASP C 410 19.61 26.89 -44.20
CA ASP C 410 20.99 26.57 -43.85
C ASP C 410 21.50 27.48 -42.73
N ASP C 411 21.26 28.79 -42.84
CA ASP C 411 21.67 29.71 -41.79
C ASP C 411 21.05 29.33 -40.46
N PHE C 412 19.80 28.85 -40.50
CA PHE C 412 19.13 28.35 -39.32
C PHE C 412 19.84 27.10 -38.78
N PHE C 413 20.44 26.31 -39.68
CA PHE C 413 21.19 25.13 -39.25
C PHE C 413 22.47 25.53 -38.52
N GLU C 414 23.26 26.45 -39.10
CA GLU C 414 24.45 26.87 -38.36
C GLU C 414 24.12 27.72 -37.14
N MET C 415 22.93 28.32 -37.06
CA MET C 415 22.61 29.05 -35.83
C MET C 415 22.20 28.09 -34.72
N MET C 416 21.58 26.95 -35.06
CA MET C 416 21.35 25.97 -34.01
C MET C 416 22.65 25.29 -33.61
N LYS C 417 23.56 25.06 -34.57
CA LYS C 417 24.80 24.35 -34.25
C LYS C 417 25.66 25.15 -33.27
N ARG C 418 25.67 26.47 -33.39
CA ARG C 418 26.38 27.31 -32.43
C ARG C 418 25.56 27.56 -31.16
N SER C 419 24.31 27.12 -31.11
CA SER C 419 23.47 27.30 -29.93
C SER C 419 23.47 26.04 -29.07
N MET D 1 -52.53 54.68 -65.50
CA MET D 1 -52.95 54.11 -64.22
C MET D 1 -52.21 52.81 -63.98
N ASN D 2 -51.75 52.62 -62.74
CA ASN D 2 -50.98 51.44 -62.35
C ASN D 2 -51.86 50.50 -61.52
N LEU D 3 -51.88 49.22 -61.90
CA LEU D 3 -52.62 48.22 -61.16
C LEU D 3 -51.84 47.71 -59.95
N THR D 4 -50.54 48.03 -59.84
CA THR D 4 -49.77 47.61 -58.68
C THR D 4 -50.31 48.25 -57.40
N GLU D 5 -50.69 49.53 -57.46
CA GLU D 5 -51.30 50.16 -56.31
C GLU D 5 -52.71 49.64 -56.06
N LEU D 6 -53.41 49.22 -57.12
CA LEU D 6 -54.72 48.60 -56.93
C LEU D 6 -54.60 47.30 -56.16
N LYS D 7 -53.60 46.48 -56.47
CA LYS D 7 -53.41 45.23 -55.75
C LYS D 7 -52.82 45.46 -54.36
N ASN D 8 -51.95 46.45 -54.20
CA ASN D 8 -51.34 46.71 -52.91
C ASN D 8 -52.38 47.17 -51.88
N THR D 9 -53.29 48.05 -52.28
CA THR D 9 -54.27 48.58 -51.36
C THR D 9 -55.27 47.49 -50.95
N PRO D 10 -55.82 47.57 -49.72
CA PRO D 10 -56.83 46.58 -49.31
C PRO D 10 -58.10 46.64 -50.14
N VAL D 11 -59.02 45.71 -49.87
CA VAL D 11 -60.15 45.49 -50.77
C VAL D 11 -61.32 46.43 -50.50
N SER D 12 -61.36 47.12 -49.35
CA SER D 12 -62.53 47.94 -49.01
C SER D 12 -62.69 49.08 -50.00
N GLU D 13 -61.63 49.88 -50.20
CA GLU D 13 -61.72 50.99 -51.14
C GLU D 13 -61.85 50.50 -52.57
N LEU D 14 -61.29 49.32 -52.88
CA LEU D 14 -61.51 48.74 -54.20
C LEU D 14 -62.99 48.46 -54.43
N ILE D 15 -63.67 47.89 -53.44
CA ILE D 15 -65.10 47.64 -53.55
C ILE D 15 -65.86 48.95 -53.71
N THR D 16 -65.51 49.95 -52.89
CA THR D 16 -66.21 51.23 -52.96
C THR D 16 -66.04 51.86 -54.34
N LEU D 17 -64.84 51.82 -54.90
CA LEU D 17 -64.63 52.29 -56.27
C LEU D 17 -65.42 51.44 -57.25
N GLY D 18 -65.61 50.15 -56.95
CA GLY D 18 -66.42 49.31 -57.81
C GLY D 18 -67.86 49.79 -57.90
N GLU D 19 -68.46 50.12 -56.75
CA GLU D 19 -69.82 50.65 -56.81
C GLU D 19 -69.85 52.06 -57.41
N ASN D 20 -68.86 52.90 -57.07
CA ASN D 20 -68.87 54.26 -57.57
C ASN D 20 -68.58 54.35 -59.06
N MET D 21 -68.02 53.31 -59.66
CA MET D 21 -67.69 53.32 -61.07
C MET D 21 -68.77 52.69 -61.94
N GLY D 22 -69.65 51.89 -61.35
CA GLY D 22 -70.73 51.28 -62.12
C GLY D 22 -70.48 49.85 -62.53
N LEU D 23 -70.01 49.03 -61.60
CA LEU D 23 -69.80 47.60 -61.83
C LEU D 23 -70.95 46.83 -61.20
N GLU D 24 -71.55 45.92 -61.97
CA GLU D 24 -72.81 45.30 -61.56
C GLU D 24 -72.64 44.46 -60.30
N ASN D 25 -71.67 43.54 -60.29
CA ASN D 25 -71.52 42.59 -59.19
C ASN D 25 -70.03 42.40 -58.92
N LEU D 26 -69.57 42.91 -57.77
CA LEU D 26 -68.17 42.79 -57.36
C LEU D 26 -68.07 42.15 -55.98
N ALA D 27 -69.16 41.55 -55.51
CA ALA D 27 -69.20 41.04 -54.14
C ALA D 27 -68.36 39.77 -53.98
N ARG D 28 -68.67 38.73 -54.73
CA ARG D 28 -68.16 37.38 -54.48
C ARG D 28 -67.24 36.93 -55.62
N MET D 29 -65.96 37.30 -55.52
CA MET D 29 -64.91 36.73 -56.36
C MET D 29 -63.57 37.03 -55.73
N ARG D 30 -62.52 36.45 -56.32
CA ARG D 30 -61.18 36.54 -55.77
C ARG D 30 -60.62 37.95 -55.93
N LYS D 31 -59.50 38.20 -55.23
CA LYS D 31 -58.80 39.48 -55.36
C LYS D 31 -58.33 39.72 -56.79
N GLN D 32 -57.71 38.71 -57.40
CA GLN D 32 -57.26 38.84 -58.78
C GLN D 32 -58.44 39.00 -59.72
N ASP D 33 -59.56 38.33 -59.44
CA ASP D 33 -60.76 38.51 -60.25
C ASP D 33 -61.27 39.94 -60.14
N ILE D 34 -61.24 40.51 -58.94
CA ILE D 34 -61.67 41.90 -58.75
C ILE D 34 -60.76 42.85 -59.53
N ILE D 35 -59.45 42.63 -59.44
CA ILE D 35 -58.51 43.47 -60.18
C ILE D 35 -58.77 43.38 -61.67
N PHE D 36 -58.99 42.16 -62.18
CA PHE D 36 -59.31 41.98 -63.58
C PHE D 36 -60.60 42.71 -63.94
N ALA D 37 -61.58 42.72 -63.04
CA ALA D 37 -62.85 43.39 -63.30
C ALA D 37 -62.65 44.90 -63.47
N ILE D 38 -61.96 45.53 -62.53
CA ILE D 38 -61.75 46.98 -62.66
C ILE D 38 -60.84 47.31 -63.85
N LEU D 39 -59.85 46.47 -64.14
CA LEU D 39 -59.03 46.73 -65.32
C LEU D 39 -59.86 46.63 -66.61
N LYS D 40 -60.75 45.64 -66.69
CA LYS D 40 -61.61 45.53 -67.86
C LYS D 40 -62.57 46.73 -67.95
N GLN D 41 -63.08 47.19 -66.81
CA GLN D 41 -63.94 48.36 -66.83
C GLN D 41 -63.20 49.59 -67.32
N HIS D 42 -61.95 49.77 -66.87
CA HIS D 42 -61.14 50.87 -67.35
C HIS D 42 -60.89 50.76 -68.85
N ALA D 43 -60.60 49.54 -69.33
CA ALA D 43 -60.35 49.34 -70.75
C ALA D 43 -61.59 49.68 -71.58
N LYS D 44 -62.76 49.25 -71.11
CA LYS D 44 -64.00 49.57 -71.82
C LYS D 44 -64.27 51.07 -71.80
N SER D 45 -64.02 51.72 -70.66
CA SER D 45 -64.24 53.17 -70.58
C SER D 45 -63.19 53.96 -71.35
N GLY D 46 -62.01 53.38 -71.58
CA GLY D 46 -61.01 54.01 -72.42
C GLY D 46 -59.90 54.76 -71.71
N GLU D 47 -59.82 54.67 -70.39
CA GLU D 47 -58.74 55.35 -69.67
C GLU D 47 -57.41 54.68 -69.95
N ASP D 48 -56.35 55.48 -69.99
CA ASP D 48 -55.01 54.94 -70.18
C ASP D 48 -54.57 54.15 -68.95
N ILE D 49 -54.00 52.97 -69.19
CA ILE D 49 -53.61 52.05 -68.13
C ILE D 49 -52.18 51.59 -68.37
N PHE D 50 -51.40 51.51 -67.29
CA PHE D 50 -50.04 51.03 -67.31
C PHE D 50 -49.96 49.68 -66.60
N GLY D 51 -48.81 49.02 -66.74
CA GLY D 51 -48.60 47.74 -66.10
C GLY D 51 -47.16 47.57 -65.68
N ASP D 52 -46.95 46.68 -64.71
CA ASP D 52 -45.62 46.39 -64.21
C ASP D 52 -45.63 45.02 -63.53
N GLY D 53 -44.44 44.45 -63.38
CA GLY D 53 -44.32 43.18 -62.69
C GLY D 53 -43.02 42.48 -63.04
N VAL D 54 -43.00 41.19 -62.73
CA VAL D 54 -41.84 40.32 -62.97
C VAL D 54 -42.22 39.31 -64.03
N LEU D 55 -41.37 39.18 -65.06
CA LEU D 55 -41.68 38.37 -66.22
C LEU D 55 -41.10 36.97 -66.07
N GLU D 56 -41.81 35.99 -66.63
CA GLU D 56 -41.39 34.59 -66.60
C GLU D 56 -41.68 33.97 -67.96
N ILE D 57 -40.84 33.01 -68.34
CA ILE D 57 -40.88 32.39 -69.66
C ILE D 57 -41.25 30.92 -69.52
N LEU D 58 -42.24 30.48 -70.29
CA LEU D 58 -42.63 29.08 -70.34
C LEU D 58 -41.70 28.33 -71.30
N GLN D 59 -42.07 27.09 -71.63
CA GLN D 59 -41.26 26.27 -72.51
C GLN D 59 -41.40 26.63 -73.98
N ASP D 60 -42.37 27.47 -74.35
CA ASP D 60 -42.60 27.81 -75.75
C ASP D 60 -42.84 29.30 -75.95
N GLY D 61 -42.20 30.14 -75.13
CA GLY D 61 -42.36 31.57 -75.28
C GLY D 61 -43.70 32.11 -74.84
N PHE D 62 -44.48 31.31 -74.11
CA PHE D 62 -45.79 31.73 -73.61
C PHE D 62 -45.58 32.57 -72.34
N GLY D 63 -45.04 33.77 -72.55
CA GLY D 63 -44.56 34.56 -71.43
C GLY D 63 -45.67 35.06 -70.54
N PHE D 64 -45.39 35.12 -69.25
CA PHE D 64 -46.32 35.64 -68.26
C PHE D 64 -45.66 36.74 -67.46
N LEU D 65 -46.48 37.59 -66.86
CA LEU D 65 -46.00 38.71 -66.05
C LEU D 65 -46.80 38.69 -64.75
N ARG D 66 -46.14 38.31 -63.66
CA ARG D 66 -46.76 38.20 -62.35
C ARG D 66 -46.36 39.40 -61.48
N SER D 67 -46.86 39.40 -60.25
CA SER D 67 -46.59 40.48 -59.29
C SER D 67 -46.04 39.89 -58.00
N ALA D 68 -45.15 40.66 -57.36
CA ALA D 68 -44.51 40.19 -56.13
C ALA D 68 -45.51 40.17 -54.97
N ASP D 69 -46.37 41.19 -54.88
CA ASP D 69 -47.32 41.27 -53.77
C ASP D 69 -48.36 40.15 -53.82
N SER D 70 -48.55 39.52 -54.96
CA SER D 70 -49.47 38.39 -55.11
C SER D 70 -48.79 37.06 -54.88
N SER D 71 -47.52 37.06 -54.46
CA SER D 71 -46.74 35.85 -54.25
C SER D 71 -46.62 35.02 -55.52
N TYR D 72 -46.59 35.70 -56.67
CA TYR D 72 -46.44 35.07 -57.99
C TYR D 72 -47.54 34.05 -58.25
N LEU D 73 -48.74 34.31 -57.72
CA LEU D 73 -49.86 33.40 -57.91
C LEU D 73 -50.45 33.57 -59.30
N ALA D 74 -50.66 32.45 -60.00
CA ALA D 74 -51.25 32.50 -61.33
C ALA D 74 -52.71 32.93 -61.24
N GLY D 75 -53.11 33.81 -62.15
CA GLY D 75 -54.46 34.31 -62.17
C GLY D 75 -54.72 35.26 -63.32
N PRO D 76 -55.96 35.75 -63.43
CA PRO D 76 -56.28 36.70 -64.51
C PRO D 76 -55.47 37.98 -64.45
N ASP D 77 -55.00 38.39 -63.26
CA ASP D 77 -54.24 39.62 -63.14
C ASP D 77 -52.86 39.55 -63.81
N ASP D 78 -52.38 38.37 -64.14
CA ASP D 78 -51.11 38.24 -64.84
C ASP D 78 -51.22 38.81 -66.24
N ILE D 79 -50.09 39.26 -66.77
CA ILE D 79 -50.05 39.93 -68.07
C ILE D 79 -49.46 38.97 -69.10
N TYR D 80 -50.13 38.82 -70.24
CA TYR D 80 -49.61 38.02 -71.32
C TYR D 80 -48.39 38.68 -71.96
N VAL D 81 -47.45 37.85 -72.40
CA VAL D 81 -46.23 38.30 -73.08
C VAL D 81 -45.99 37.38 -74.26
N SER D 82 -46.11 37.91 -75.47
CA SER D 82 -45.88 37.16 -76.70
C SER D 82 -44.39 37.03 -76.98
N PRO D 83 -44.00 36.01 -77.75
CA PRO D 83 -42.57 35.83 -78.06
C PRO D 83 -41.98 36.94 -78.91
N SER D 84 -42.81 37.78 -79.54
CA SER D 84 -42.29 38.80 -80.46
C SER D 84 -41.41 39.80 -79.72
N GLN D 85 -41.91 40.39 -78.63
CA GLN D 85 -41.10 41.32 -77.87
C GLN D 85 -39.97 40.61 -77.13
N ILE D 86 -40.16 39.34 -76.79
CA ILE D 86 -39.10 38.57 -76.14
C ILE D 86 -37.90 38.45 -77.07
N ARG D 87 -38.15 38.12 -78.35
CA ARG D 87 -37.05 37.98 -79.29
C ARG D 87 -36.51 39.31 -79.77
N ARG D 88 -37.35 40.35 -79.88
CA ARG D 88 -36.84 41.64 -80.33
C ARG D 88 -36.18 42.45 -79.23
N PHE D 89 -36.36 42.07 -77.97
CA PHE D 89 -35.71 42.74 -76.85
C PHE D 89 -34.65 41.89 -76.17
N ASN D 90 -34.53 40.62 -76.53
CA ASN D 90 -33.58 39.68 -75.92
C ASN D 90 -33.78 39.59 -74.41
N LEU D 91 -35.01 39.80 -73.95
CA LEU D 91 -35.32 39.70 -72.54
C LEU D 91 -35.43 38.23 -72.12
N ARG D 92 -35.27 37.99 -70.82
CA ARG D 92 -35.33 36.64 -70.29
C ARG D 92 -36.35 36.56 -69.15
N THR D 93 -36.34 35.44 -68.44
CA THR D 93 -37.17 35.30 -67.25
C THR D 93 -36.74 36.29 -66.19
N GLY D 94 -37.67 36.65 -65.30
CA GLY D 94 -37.34 37.45 -64.13
C GLY D 94 -36.83 38.84 -64.43
N ASP D 95 -37.43 39.52 -65.40
CA ASP D 95 -37.09 40.89 -65.72
C ASP D 95 -38.20 41.81 -65.21
N THR D 96 -37.81 42.83 -64.45
CA THR D 96 -38.79 43.80 -63.94
C THR D 96 -39.28 44.64 -65.10
N ILE D 97 -40.44 44.27 -65.64
CA ILE D 97 -41.00 44.89 -66.83
C ILE D 97 -42.07 45.89 -66.42
N SER D 98 -41.95 47.12 -66.92
CA SER D 98 -42.98 48.12 -66.71
C SER D 98 -43.21 48.87 -68.02
N GLY D 99 -44.47 49.21 -68.29
CA GLY D 99 -44.79 49.96 -69.50
C GLY D 99 -46.27 50.00 -69.77
N LYS D 100 -46.61 50.03 -71.05
CA LYS D 100 -47.99 50.08 -71.50
C LYS D 100 -48.57 48.67 -71.59
N ILE D 101 -49.88 48.57 -71.36
CA ILE D 101 -50.58 47.30 -71.43
C ILE D 101 -51.80 47.44 -72.34
N ARG D 102 -52.22 46.30 -72.89
CA ARG D 102 -53.33 46.24 -73.82
C ARG D 102 -54.45 45.35 -73.27
N PRO D 103 -55.71 45.78 -73.39
CA PRO D 103 -56.81 44.91 -72.96
C PRO D 103 -56.86 43.66 -73.82
N PRO D 104 -57.32 42.55 -73.25
CA PRO D 104 -57.44 41.31 -74.04
C PRO D 104 -58.50 41.45 -75.12
N LYS D 105 -58.27 40.73 -76.22
CA LYS D 105 -59.19 40.72 -77.35
C LYS D 105 -60.04 39.44 -77.31
N GLU D 106 -60.81 39.22 -78.37
CA GLU D 106 -61.64 38.03 -78.44
C GLU D 106 -60.77 36.78 -78.57
N GLY D 107 -61.20 35.72 -77.89
CA GLY D 107 -60.47 34.46 -77.91
C GLY D 107 -59.25 34.40 -77.01
N GLU D 108 -58.98 35.47 -76.26
CA GLU D 108 -57.81 35.53 -75.39
C GLU D 108 -58.21 36.30 -74.13
N ARG D 109 -57.94 35.71 -72.96
CA ARG D 109 -58.49 36.20 -71.70
C ARG D 109 -57.42 36.74 -70.75
N TYR D 110 -56.24 37.09 -71.26
CA TYR D 110 -55.19 37.68 -70.44
C TYR D 110 -54.79 39.03 -71.01
N PHE D 111 -54.58 40.00 -70.13
CA PHE D 111 -54.11 41.31 -70.55
C PHE D 111 -52.72 41.20 -71.16
N ALA D 112 -52.50 41.93 -72.25
CA ALA D 112 -51.21 41.99 -72.91
C ALA D 112 -50.58 43.36 -72.71
N LEU D 113 -49.32 43.48 -73.15
CA LEU D 113 -48.58 44.73 -73.04
C LEU D 113 -48.30 45.29 -74.43
N LEU D 114 -48.50 46.60 -74.58
CA LEU D 114 -48.25 47.25 -75.86
C LEU D 114 -46.78 47.58 -76.04
N LYS D 115 -46.23 48.41 -75.16
CA LYS D 115 -44.84 48.84 -75.25
C LYS D 115 -44.25 48.95 -73.85
N VAL D 116 -43.11 48.33 -73.64
CA VAL D 116 -42.39 48.42 -72.37
C VAL D 116 -41.67 49.77 -72.31
N ASN D 117 -41.73 50.42 -71.16
CA ASN D 117 -41.02 51.68 -70.97
C ASN D 117 -39.80 51.57 -70.06
N GLU D 118 -39.72 50.52 -69.25
CA GLU D 118 -38.52 50.31 -68.44
C GLU D 118 -38.39 48.83 -68.11
N VAL D 119 -37.12 48.38 -68.04
CA VAL D 119 -36.79 47.00 -67.71
C VAL D 119 -35.76 47.02 -66.59
N ASN D 120 -36.10 46.39 -65.46
CA ASN D 120 -35.20 46.26 -64.32
C ASN D 120 -34.68 47.62 -63.84
N PHE D 121 -35.60 48.57 -63.72
CA PHE D 121 -35.27 49.93 -63.26
C PHE D 121 -34.20 50.57 -64.14
N ASP D 122 -34.28 50.32 -65.44
CA ASP D 122 -33.30 50.85 -66.38
C ASP D 122 -33.95 50.97 -67.75
N LYS D 123 -33.35 51.79 -68.60
CA LYS D 123 -33.83 51.94 -69.97
C LYS D 123 -33.63 50.64 -70.74
N PRO D 124 -34.60 50.23 -71.55
CA PRO D 124 -34.48 48.93 -72.24
C PRO D 124 -33.23 48.78 -73.09
N GLU D 125 -32.82 49.82 -73.81
CA GLU D 125 -31.63 49.70 -74.65
C GLU D 125 -30.36 49.73 -73.80
N ASN D 126 -30.36 50.47 -72.69
CA ASN D 126 -29.23 50.45 -71.78
C ASN D 126 -29.14 49.11 -71.06
N ALA D 127 -30.28 48.54 -70.67
CA ALA D 127 -30.30 47.24 -70.02
C ALA D 127 -30.12 46.08 -71.00
N ARG D 128 -30.17 46.34 -72.30
CA ARG D 128 -29.94 45.27 -73.28
C ARG D 128 -28.53 44.73 -73.16
N ASN D 129 -27.54 45.60 -72.98
CA ASN D 129 -26.13 45.19 -72.92
C ASN D 129 -25.76 44.92 -71.47
N LYS D 130 -26.01 43.68 -71.03
CA LYS D 130 -25.65 43.25 -69.69
C LYS D 130 -25.01 41.87 -69.75
N ILE D 131 -24.19 41.58 -68.74
CA ILE D 131 -23.47 40.31 -68.67
C ILE D 131 -24.22 39.36 -67.75
N LEU D 132 -24.19 38.08 -68.09
CA LEU D 132 -24.87 37.07 -67.29
C LEU D 132 -24.22 36.92 -65.92
N PHE D 133 -25.04 36.49 -64.95
CA PHE D 133 -24.56 36.32 -63.59
C PHE D 133 -23.50 35.22 -63.51
N GLU D 134 -23.71 34.12 -64.22
CA GLU D 134 -22.75 33.02 -64.19
C GLU D 134 -21.44 33.37 -64.89
N ASN D 135 -21.40 34.46 -65.65
CA ASN D 135 -20.18 34.91 -66.31
C ASN D 135 -19.37 35.89 -65.48
N LEU D 136 -19.81 36.18 -64.26
CA LEU D 136 -19.13 37.12 -63.38
C LEU D 136 -18.25 36.35 -62.40
N THR D 137 -16.99 36.75 -62.31
CA THR D 137 -16.05 36.07 -61.44
C THR D 137 -16.31 36.44 -59.99
N PRO D 138 -16.58 35.48 -59.10
CA PRO D 138 -16.82 35.81 -57.70
C PRO D 138 -15.56 36.30 -57.00
N LEU D 139 -15.76 37.11 -55.96
CA LEU D 139 -14.67 37.56 -55.10
C LEU D 139 -15.14 37.48 -53.65
N HIS D 140 -14.21 37.76 -52.74
CA HIS D 140 -14.48 37.62 -51.32
C HIS D 140 -15.42 38.71 -50.82
N ALA D 141 -15.96 38.50 -49.62
CA ALA D 141 -16.86 39.45 -48.98
C ALA D 141 -16.04 40.61 -48.43
N ASN D 142 -15.65 41.51 -49.35
CA ASN D 142 -14.83 42.65 -48.97
C ASN D 142 -15.59 43.61 -48.06
N SER D 143 -16.88 43.83 -48.35
CA SER D 143 -17.69 44.77 -47.60
C SER D 143 -18.37 44.06 -46.44
N ARG D 144 -18.25 44.64 -45.24
CA ARG D 144 -18.88 44.09 -44.05
C ARG D 144 -20.28 44.67 -43.89
N LEU D 145 -21.25 43.81 -43.68
CA LEU D 145 -22.65 44.20 -43.48
C LEU D 145 -22.94 44.10 -41.98
N ARG D 146 -22.64 45.17 -41.26
CA ARG D 146 -22.83 45.19 -39.82
C ARG D 146 -24.31 45.12 -39.48
N MET D 147 -24.64 44.34 -38.45
CA MET D 147 -26.02 44.11 -38.03
C MET D 147 -26.42 44.95 -36.83
N GLU D 148 -25.58 45.91 -36.42
CA GLU D 148 -25.84 46.69 -35.22
C GLU D 148 -26.93 47.72 -35.50
N ARG D 149 -28.03 47.63 -34.75
CA ARG D 149 -29.09 48.63 -34.88
C ARG D 149 -28.60 50.00 -34.43
N GLY D 150 -27.87 50.07 -33.32
CA GLY D 150 -27.30 51.30 -32.84
C GLY D 150 -28.14 52.08 -31.85
N ASN D 151 -29.42 51.73 -31.69
CA ASN D 151 -30.29 52.44 -30.77
C ASN D 151 -30.34 51.81 -29.38
N GLY D 152 -29.70 50.67 -29.18
CA GLY D 152 -29.76 50.00 -27.89
C GLY D 152 -31.16 49.57 -27.51
N SER D 153 -31.91 49.04 -28.46
CA SER D 153 -33.28 48.62 -28.20
C SER D 153 -33.30 47.33 -27.36
N THR D 154 -34.50 46.98 -26.88
CA THR D 154 -34.66 45.79 -26.07
C THR D 154 -34.46 44.51 -26.88
N GLU D 155 -34.48 44.60 -28.21
CA GLU D 155 -34.26 43.44 -29.07
C GLU D 155 -32.90 43.50 -29.78
N ASP D 156 -32.10 44.53 -29.53
CA ASP D 156 -30.80 44.66 -30.18
C ASP D 156 -29.78 43.66 -29.67
N LEU D 157 -30.06 42.97 -28.56
CA LEU D 157 -29.11 42.00 -28.04
C LEU D 157 -28.89 40.84 -29.01
N THR D 158 -29.96 40.42 -29.70
CA THR D 158 -29.82 39.37 -30.71
C THR D 158 -28.91 39.81 -31.84
N ALA D 159 -29.09 41.04 -32.32
CA ALA D 159 -28.22 41.55 -33.38
C ALA D 159 -26.78 41.65 -32.91
N ARG D 160 -26.58 42.11 -31.67
CA ARG D 160 -25.22 42.24 -31.14
C ARG D 160 -24.53 40.88 -31.00
N VAL D 161 -25.24 39.89 -30.47
CA VAL D 161 -24.63 38.57 -30.31
C VAL D 161 -24.40 37.93 -31.67
N LEU D 162 -25.27 38.20 -32.65
CA LEU D 162 -25.03 37.70 -34.00
C LEU D 162 -23.78 38.35 -34.60
N ASP D 163 -23.60 39.65 -34.37
CA ASP D 163 -22.41 40.33 -34.88
C ASP D 163 -21.14 39.76 -34.26
N LEU D 164 -21.15 39.55 -32.94
CA LEU D 164 -19.98 38.95 -32.30
C LEU D 164 -19.73 37.52 -32.76
N ALA D 165 -20.81 36.73 -32.91
CA ALA D 165 -20.64 35.33 -33.27
C ALA D 165 -20.13 35.18 -34.70
N SER D 166 -20.75 35.86 -35.65
CA SER D 166 -20.37 35.73 -37.04
C SER D 166 -20.77 36.97 -37.83
N PRO D 167 -19.81 37.72 -38.36
CA PRO D 167 -20.16 38.89 -39.17
C PRO D 167 -20.80 38.48 -40.49
N ILE D 168 -21.62 39.37 -41.02
CA ILE D 168 -22.34 39.16 -42.27
C ILE D 168 -21.69 40.02 -43.35
N GLY D 169 -21.41 39.42 -44.51
CA GLY D 169 -20.79 40.11 -45.60
C GLY D 169 -21.54 39.90 -46.91
N ARG D 170 -21.20 40.74 -47.89
CA ARG D 170 -21.83 40.65 -49.20
C ARG D 170 -21.38 39.38 -49.92
N GLY D 171 -22.32 38.72 -50.60
CA GLY D 171 -22.03 37.51 -51.33
C GLY D 171 -21.55 36.38 -50.46
N GLN D 172 -22.26 36.14 -49.36
CA GLN D 172 -21.85 35.18 -48.35
C GLN D 172 -22.90 34.08 -48.24
N ARG D 173 -22.44 32.83 -48.19
CA ARG D 173 -23.32 31.67 -48.10
C ARG D 173 -23.53 31.29 -46.65
N GLY D 174 -24.79 31.22 -46.23
CA GLY D 174 -25.09 31.03 -44.82
C GLY D 174 -25.81 29.74 -44.46
N LEU D 175 -25.38 29.10 -43.38
CA LEU D 175 -26.06 27.95 -42.81
C LEU D 175 -26.56 28.32 -41.42
N ILE D 176 -27.84 28.04 -41.16
CA ILE D 176 -28.43 28.19 -39.84
C ILE D 176 -28.98 26.83 -39.45
N VAL D 177 -28.28 26.14 -38.55
CA VAL D 177 -28.68 24.82 -38.08
C VAL D 177 -29.42 25.00 -36.76
N ALA D 178 -30.60 24.38 -36.64
CA ALA D 178 -31.41 24.53 -35.44
C ALA D 178 -32.49 23.46 -35.40
N PRO D 179 -32.74 22.86 -34.25
CA PRO D 179 -33.88 21.95 -34.10
C PRO D 179 -35.19 22.73 -34.13
N PRO D 180 -36.32 22.06 -34.34
CA PRO D 180 -37.60 22.78 -34.33
C PRO D 180 -37.88 23.40 -32.97
N LYS D 181 -38.65 24.49 -32.98
CA LYS D 181 -38.97 25.27 -31.79
C LYS D 181 -37.69 25.83 -31.15
N ALA D 182 -36.99 26.64 -31.93
CA ALA D 182 -35.74 27.27 -31.48
C ALA D 182 -35.70 28.76 -31.78
N GLY D 183 -36.81 29.36 -32.21
CA GLY D 183 -36.82 30.78 -32.48
C GLY D 183 -36.16 31.21 -33.77
N LYS D 184 -36.19 30.36 -34.79
CA LYS D 184 -35.57 30.73 -36.07
C LYS D 184 -36.33 31.87 -36.74
N THR D 185 -37.65 31.79 -36.75
CA THR D 185 -38.46 32.76 -37.49
C THR D 185 -38.20 34.18 -37.01
N MET D 186 -38.18 34.37 -35.69
CA MET D 186 -37.90 35.70 -35.16
C MET D 186 -36.46 36.11 -35.38
N LEU D 187 -35.52 35.15 -35.45
CA LEU D 187 -34.15 35.49 -35.78
C LEU D 187 -34.05 36.06 -37.18
N LEU D 188 -34.71 35.41 -38.16
CA LEU D 188 -34.70 35.93 -39.52
C LEU D 188 -35.44 37.26 -39.63
N GLN D 189 -36.56 37.41 -38.92
CA GLN D 189 -37.27 38.69 -39.01
C GLN D 189 -36.48 39.81 -38.36
N ASN D 190 -35.75 39.53 -37.28
CA ASN D 190 -34.87 40.53 -36.68
C ASN D 190 -33.72 40.87 -37.62
N ILE D 191 -33.18 39.88 -38.32
CA ILE D 191 -32.18 40.15 -39.34
C ILE D 191 -32.74 41.08 -40.42
N ALA D 192 -33.97 40.82 -40.85
CA ALA D 192 -34.60 41.67 -41.85
C ALA D 192 -34.78 43.09 -41.33
N GLN D 193 -35.24 43.24 -40.09
CA GLN D 193 -35.39 44.58 -39.51
C GLN D 193 -34.06 45.31 -39.44
N SER D 194 -33.00 44.60 -39.01
CA SER D 194 -31.69 45.23 -38.90
C SER D 194 -31.16 45.63 -40.28
N ILE D 195 -31.39 44.79 -41.29
CA ILE D 195 -30.96 45.12 -42.65
C ILE D 195 -31.71 46.35 -43.16
N ALA D 196 -33.03 46.40 -42.93
CA ALA D 196 -33.81 47.55 -43.37
C ALA D 196 -33.39 48.82 -42.64
N TYR D 197 -33.02 48.71 -41.37
CA TYR D 197 -32.63 49.90 -40.59
C TYR D 197 -31.25 50.39 -41.00
N ASN D 198 -30.25 49.51 -40.95
CA ASN D 198 -28.87 49.94 -41.18
C ASN D 198 -28.60 50.21 -42.66
N HIS D 199 -29.12 49.37 -43.56
CA HIS D 199 -28.81 49.42 -44.98
C HIS D 199 -30.10 49.46 -45.78
N PRO D 200 -30.77 50.62 -45.82
CA PRO D 200 -31.96 50.74 -46.68
C PRO D 200 -31.64 50.66 -48.17
N ASP D 201 -30.40 50.91 -48.57
CA ASP D 201 -30.06 50.91 -49.99
C ASP D 201 -30.18 49.52 -50.60
N CYS D 202 -29.71 48.50 -49.89
CA CYS D 202 -29.74 47.15 -50.43
C CYS D 202 -31.16 46.62 -50.51
N VAL D 203 -31.42 45.80 -51.52
CA VAL D 203 -32.75 45.22 -51.74
C VAL D 203 -32.89 44.03 -50.81
N LEU D 204 -33.85 44.11 -49.89
CA LEU D 204 -34.10 43.06 -48.91
C LEU D 204 -35.21 42.15 -49.43
N MET D 205 -34.94 40.84 -49.42
CA MET D 205 -35.91 39.86 -49.87
C MET D 205 -35.96 38.72 -48.87
N VAL D 206 -37.15 38.17 -48.66
CA VAL D 206 -37.35 37.03 -47.77
C VAL D 206 -38.18 35.99 -48.51
N LEU D 207 -37.84 34.72 -48.32
CA LEU D 207 -38.53 33.61 -48.98
C LEU D 207 -38.97 32.62 -47.93
N LEU D 208 -40.25 32.23 -47.97
CA LEU D 208 -40.81 31.30 -47.01
C LEU D 208 -41.50 30.13 -47.73
N ILE D 209 -41.30 28.93 -47.20
CA ILE D 209 -41.87 27.70 -47.74
C ILE D 209 -42.77 27.07 -46.69
N ASP D 210 -43.94 26.59 -47.13
CA ASP D 210 -44.99 25.91 -46.35
C ASP D 210 -45.13 26.47 -44.93
N GLU D 211 -45.13 27.79 -44.81
CA GLU D 211 -45.33 28.44 -43.53
C GLU D 211 -46.81 28.69 -43.28
N ARG D 212 -47.18 28.74 -42.01
CA ARG D 212 -48.58 28.97 -41.66
C ARG D 212 -49.01 30.35 -42.12
N PRO D 213 -50.27 30.51 -42.56
CA PRO D 213 -50.70 31.81 -43.09
C PRO D 213 -50.56 32.95 -42.11
N GLU D 214 -50.75 32.69 -40.82
CA GLU D 214 -50.52 33.75 -39.81
C GLU D 214 -49.06 34.17 -39.80
N GLU D 215 -48.13 33.22 -39.91
CA GLU D 215 -46.72 33.58 -39.98
C GLU D 215 -46.42 34.35 -41.27
N VAL D 216 -47.04 33.94 -42.38
CA VAL D 216 -46.86 34.66 -43.64
C VAL D 216 -47.28 36.11 -43.49
N THR D 217 -48.48 36.35 -42.92
CA THR D 217 -48.97 37.71 -42.85
C THR D 217 -48.23 38.54 -41.82
N GLU D 218 -47.76 37.94 -40.72
CA GLU D 218 -46.96 38.71 -39.78
C GLU D 218 -45.61 39.08 -40.39
N MET D 219 -45.04 38.18 -41.19
CA MET D 219 -43.83 38.54 -41.94
C MET D 219 -44.09 39.68 -42.91
N GLN D 220 -45.24 39.63 -43.60
CA GLN D 220 -45.56 40.71 -44.54
C GLN D 220 -45.72 42.04 -43.82
N ARG D 221 -46.39 42.04 -42.66
CA ARG D 221 -46.65 43.29 -41.97
C ARG D 221 -45.41 43.84 -41.28
N LEU D 222 -44.58 42.95 -40.71
CA LEU D 222 -43.48 43.41 -39.87
C LEU D 222 -42.40 44.11 -40.67
N VAL D 223 -41.95 43.50 -41.77
CA VAL D 223 -40.82 44.00 -42.54
C VAL D 223 -41.33 44.86 -43.69
N LYS D 224 -40.63 45.96 -43.96
CA LYS D 224 -41.00 46.83 -45.07
C LYS D 224 -40.62 46.24 -46.42
N GLY D 225 -39.55 45.44 -46.47
CA GLY D 225 -39.16 44.82 -47.72
C GLY D 225 -40.15 43.77 -48.17
N GLU D 226 -40.23 43.57 -49.49
CA GLU D 226 -41.16 42.61 -50.06
C GLU D 226 -40.74 41.19 -49.69
N VAL D 227 -41.73 40.32 -49.47
CA VAL D 227 -41.51 38.95 -49.07
C VAL D 227 -42.32 38.03 -49.99
N VAL D 228 -41.72 36.91 -50.38
CA VAL D 228 -42.39 35.88 -51.16
C VAL D 228 -42.54 34.66 -50.26
N ALA D 229 -43.78 34.28 -49.96
CA ALA D 229 -44.06 33.19 -49.03
C ALA D 229 -45.09 32.27 -49.66
N SER D 230 -44.65 31.10 -50.11
CA SER D 230 -45.55 30.08 -50.62
C SER D 230 -46.00 29.21 -49.45
N THR D 231 -47.30 29.22 -49.17
CA THR D 231 -47.83 28.49 -48.03
C THR D 231 -47.92 27.01 -48.33
N PHE D 232 -48.22 26.23 -47.28
CA PHE D 232 -48.41 24.80 -47.44
C PHE D 232 -49.69 24.46 -48.18
N ASP D 233 -50.60 25.43 -48.35
CA ASP D 233 -51.86 25.16 -49.04
C ASP D 233 -51.62 24.61 -50.45
N GLU D 234 -50.81 25.30 -51.23
CA GLU D 234 -50.48 24.87 -52.58
C GLU D 234 -49.46 23.74 -52.57
N PRO D 235 -49.43 22.92 -53.63
CA PRO D 235 -48.48 21.80 -53.67
C PRO D 235 -47.04 22.27 -53.85
N ALA D 236 -46.11 21.30 -53.97
CA ALA D 236 -44.70 21.63 -54.09
C ALA D 236 -44.38 22.30 -55.43
N SER D 237 -45.23 22.15 -56.43
CA SER D 237 -44.96 22.79 -57.72
C SER D 237 -44.89 24.30 -57.60
N ARG D 238 -45.82 24.90 -56.85
CA ARG D 238 -45.77 26.34 -56.62
C ARG D 238 -44.56 26.73 -55.78
N HIS D 239 -44.13 25.86 -54.86
CA HIS D 239 -42.90 26.10 -54.12
C HIS D 239 -41.71 26.20 -55.07
N VAL D 240 -41.62 25.25 -56.01
CA VAL D 240 -40.55 25.28 -56.99
C VAL D 240 -40.63 26.56 -57.82
N GLN D 241 -41.84 26.91 -58.26
CA GLN D 241 -42.03 28.08 -59.09
C GLN D 241 -41.56 29.34 -58.37
N VAL D 242 -42.01 29.54 -57.12
CA VAL D 242 -41.66 30.75 -56.40
C VAL D 242 -40.17 30.77 -56.06
N ALA D 243 -39.59 29.62 -55.74
CA ALA D 243 -38.16 29.59 -55.41
C ALA D 243 -37.32 29.95 -56.64
N GLU D 244 -37.64 29.37 -57.79
CA GLU D 244 -36.94 29.72 -59.02
C GLU D 244 -37.13 31.19 -59.36
N MET D 245 -38.36 31.70 -59.22
CA MET D 245 -38.63 33.11 -59.48
C MET D 245 -37.76 33.99 -58.61
N VAL D 246 -37.70 33.71 -57.31
CA VAL D 246 -36.93 34.53 -56.39
C VAL D 246 -35.45 34.48 -56.73
N ILE D 247 -34.90 33.28 -56.89
CA ILE D 247 -33.45 33.18 -57.09
C ILE D 247 -33.04 33.81 -58.41
N GLU D 248 -33.82 33.59 -59.47
CA GLU D 248 -33.45 34.11 -60.78
C GLU D 248 -33.71 35.61 -60.89
N LYS D 249 -34.75 36.13 -60.21
CA LYS D 249 -34.92 37.57 -60.14
C LYS D 249 -33.77 38.22 -59.38
N ALA D 250 -33.31 37.59 -58.31
CA ALA D 250 -32.13 38.10 -57.61
C ALA D 250 -30.91 38.06 -58.50
N LYS D 251 -30.76 37.01 -59.31
CA LYS D 251 -29.66 36.94 -60.26
C LYS D 251 -29.71 38.12 -61.25
N ARG D 252 -30.89 38.38 -61.80
CA ARG D 252 -31.01 39.51 -62.73
C ARG D 252 -30.73 40.83 -62.04
N LEU D 253 -31.20 41.00 -60.80
CA LEU D 253 -31.01 42.26 -60.09
C LEU D 253 -29.53 42.48 -59.78
N VAL D 254 -28.80 41.43 -59.40
CA VAL D 254 -27.38 41.60 -59.14
C VAL D 254 -26.62 41.76 -60.45
N GLU D 255 -27.16 41.27 -61.56
CA GLU D 255 -26.57 41.57 -62.86
C GLU D 255 -26.67 43.06 -63.18
N HIS D 256 -27.60 43.77 -62.53
CA HIS D 256 -27.80 45.20 -62.74
C HIS D 256 -27.15 46.04 -61.65
N LYS D 257 -25.99 45.59 -61.14
CA LYS D 257 -25.17 46.35 -60.19
C LYS D 257 -25.94 46.68 -58.90
N LYS D 258 -26.78 45.76 -58.43
CA LYS D 258 -27.51 45.93 -57.18
C LYS D 258 -27.25 44.72 -56.29
N ASP D 259 -26.66 44.96 -55.12
CA ASP D 259 -26.44 43.89 -54.17
C ASP D 259 -27.76 43.40 -53.59
N VAL D 260 -27.89 42.08 -53.45
CA VAL D 260 -29.16 41.44 -53.10
C VAL D 260 -28.95 40.59 -51.86
N ILE D 261 -29.85 40.71 -50.89
CA ILE D 261 -29.90 39.86 -49.71
C ILE D 261 -31.25 39.15 -49.69
N ILE D 262 -31.22 37.82 -49.55
CA ILE D 262 -32.43 37.02 -49.50
C ILE D 262 -32.38 36.13 -48.26
N LEU D 263 -33.54 35.96 -47.63
CA LEU D 263 -33.68 35.10 -46.45
C LEU D 263 -34.61 33.95 -46.79
N LEU D 264 -34.19 32.73 -46.42
CA LEU D 264 -34.96 31.53 -46.74
C LEU D 264 -35.11 30.67 -45.49
N ASP D 265 -36.27 30.04 -45.36
CA ASP D 265 -36.56 29.20 -44.20
C ASP D 265 -37.68 28.24 -44.60
N SER D 266 -37.36 26.95 -44.71
CA SER D 266 -36.05 26.36 -44.48
C SER D 266 -35.55 25.64 -45.74
N ILE D 267 -34.24 25.47 -45.84
CA ILE D 267 -33.66 24.83 -47.01
C ILE D 267 -34.03 23.35 -47.06
N THR D 268 -34.22 22.71 -45.90
CA THR D 268 -34.55 21.29 -45.88
C THR D 268 -35.91 21.03 -46.49
N ARG D 269 -36.90 21.85 -46.17
CA ARG D 269 -38.23 21.69 -46.75
C ARG D 269 -38.21 21.93 -48.26
N LEU D 270 -37.43 22.92 -48.70
CA LEU D 270 -37.28 23.18 -50.12
C LEU D 270 -36.64 21.99 -50.83
N ALA D 271 -35.61 21.40 -50.22
CA ALA D 271 -34.97 20.22 -50.81
C ALA D 271 -35.94 19.05 -50.87
N ARG D 272 -36.75 18.85 -49.82
CA ARG D 272 -37.74 17.79 -49.82
C ARG D 272 -38.78 18.02 -50.93
N ALA D 273 -39.20 19.27 -51.11
CA ALA D 273 -40.17 19.59 -52.16
C ALA D 273 -39.59 19.30 -53.54
N TYR D 274 -38.33 19.67 -53.77
CA TYR D 274 -37.70 19.32 -55.05
C TYR D 274 -37.60 17.81 -55.22
N ASN D 275 -37.25 17.08 -54.16
CA ASN D 275 -37.16 15.64 -54.26
C ASN D 275 -38.49 15.01 -54.63
N THR D 276 -39.58 15.51 -54.05
CA THR D 276 -40.90 14.96 -54.34
C THR D 276 -41.36 15.33 -55.75
N VAL D 277 -41.14 16.58 -56.17
CA VAL D 277 -41.74 17.05 -57.42
C VAL D 277 -41.08 16.39 -58.63
N VAL D 278 -39.77 16.22 -58.60
CA VAL D 278 -39.03 15.73 -59.77
C VAL D 278 -39.25 14.21 -59.90
N PRO D 279 -39.39 13.68 -61.11
CA PRO D 279 -39.44 12.23 -61.27
C PRO D 279 -38.13 11.57 -60.87
N ALA D 280 -38.24 10.35 -60.37
CA ALA D 280 -37.06 9.60 -59.95
C ALA D 280 -36.30 9.07 -61.16
N SER D 281 -34.97 9.00 -61.02
CA SER D 281 -34.09 8.51 -62.08
C SER D 281 -33.77 7.03 -61.93
N GLY D 282 -34.34 6.35 -60.94
CA GLY D 282 -34.10 4.94 -60.73
C GLY D 282 -33.12 4.62 -59.62
N LYS D 283 -32.34 5.60 -59.16
CA LYS D 283 -31.39 5.42 -58.07
C LYS D 283 -31.84 6.25 -56.87
N VAL D 284 -31.96 5.60 -55.72
CA VAL D 284 -32.47 6.24 -54.51
C VAL D 284 -31.47 6.04 -53.39
N LEU D 285 -31.12 7.13 -52.70
CA LEU D 285 -30.24 7.07 -51.55
C LEU D 285 -31.07 6.86 -50.28
N THR D 286 -30.41 6.93 -49.12
CA THR D 286 -31.12 6.82 -47.85
C THR D 286 -32.06 8.00 -47.65
N GLY D 287 -33.24 7.72 -47.10
CA GLY D 287 -34.22 8.76 -46.87
C GLY D 287 -35.05 9.14 -48.08
N GLY D 288 -35.02 8.35 -49.15
CA GLY D 288 -35.80 8.66 -50.33
C GLY D 288 -35.36 9.89 -51.08
N VAL D 289 -34.05 10.08 -51.27
CA VAL D 289 -33.51 11.21 -51.99
C VAL D 289 -32.60 10.71 -53.10
N ASP D 290 -32.41 11.56 -54.11
CA ASP D 290 -31.58 11.25 -55.26
C ASP D 290 -30.64 12.40 -55.56
N ALA D 291 -29.46 12.06 -56.10
CA ALA D 291 -28.49 13.08 -56.46
C ALA D 291 -29.04 14.00 -57.54
N ASN D 292 -29.68 13.42 -58.56
CA ASN D 292 -30.30 14.25 -59.59
C ASN D 292 -31.49 15.02 -59.04
N ALA D 293 -32.11 14.51 -57.98
CA ALA D 293 -33.24 15.18 -57.35
C ALA D 293 -32.83 16.24 -56.34
N LEU D 294 -31.53 16.39 -56.10
CA LEU D 294 -31.05 17.24 -55.01
C LEU D 294 -29.91 18.16 -55.40
N HIS D 295 -29.33 18.02 -56.60
CA HIS D 295 -28.28 18.93 -57.04
C HIS D 295 -28.81 20.33 -57.30
N ARG D 296 -30.11 20.47 -57.58
CA ARG D 296 -30.69 21.78 -57.85
C ARG D 296 -30.78 22.64 -56.59
N PRO D 297 -31.10 22.07 -55.42
CA PRO D 297 -30.91 22.84 -54.18
C PRO D 297 -29.47 23.31 -53.99
N LYS D 298 -28.50 22.48 -54.36
CA LYS D 298 -27.10 22.88 -54.26
C LYS D 298 -26.79 24.05 -55.20
N ARG D 299 -27.34 24.00 -56.42
CA ARG D 299 -27.19 25.13 -57.34
C ARG D 299 -27.86 26.38 -56.79
N PHE D 300 -29.03 26.23 -56.18
CA PHE D 300 -29.73 27.35 -55.58
C PHE D 300 -28.88 28.00 -54.49
N PHE D 301 -28.33 27.20 -53.58
CA PHE D 301 -27.58 27.75 -52.47
C PHE D 301 -26.23 28.30 -52.92
N GLY D 302 -25.59 27.65 -53.89
CA GLY D 302 -24.29 28.06 -54.38
C GLY D 302 -24.31 29.24 -55.32
N ALA D 303 -25.50 29.72 -55.69
CA ALA D 303 -25.59 30.92 -56.53
C ALA D 303 -25.11 32.17 -55.80
N ALA D 304 -24.99 32.11 -54.49
CA ALA D 304 -24.53 33.28 -53.73
C ALA D 304 -23.04 33.53 -53.99
N ARG D 305 -22.72 34.76 -54.39
CA ARG D 305 -21.34 35.15 -54.63
C ARG D 305 -21.28 36.67 -54.67
N ASN D 306 -20.06 37.19 -54.60
CA ASN D 306 -19.80 38.62 -54.67
C ASN D 306 -19.22 38.95 -56.04
N VAL D 307 -19.91 39.83 -56.77
CA VAL D 307 -19.49 40.19 -58.12
C VAL D 307 -18.20 40.99 -58.06
N GLU D 308 -17.26 40.68 -58.96
CA GLU D 308 -15.96 41.32 -58.93
C GLU D 308 -16.03 42.80 -59.30
N GLU D 309 -17.01 43.20 -60.08
CA GLU D 309 -17.10 44.58 -60.55
C GLU D 309 -18.15 45.41 -59.83
N GLY D 310 -19.18 44.79 -59.26
CA GLY D 310 -20.19 45.53 -58.56
C GLY D 310 -21.43 44.71 -58.24
N GLY D 311 -21.97 44.90 -57.03
CA GLY D 311 -23.12 44.14 -56.58
C GLY D 311 -22.71 42.81 -55.97
N SER D 312 -23.68 42.17 -55.33
CA SER D 312 -23.45 40.89 -54.67
C SER D 312 -24.77 40.16 -54.51
N LEU D 313 -24.67 38.86 -54.25
CA LEU D 313 -25.82 38.02 -53.98
C LEU D 313 -25.53 37.20 -52.73
N THR D 314 -26.21 37.53 -51.63
CA THR D 314 -25.99 36.90 -50.34
C THR D 314 -27.20 36.08 -49.96
N ILE D 315 -26.99 34.81 -49.64
CA ILE D 315 -28.06 33.88 -49.31
C ILE D 315 -27.87 33.41 -47.87
N ILE D 316 -28.92 33.53 -47.06
CA ILE D 316 -28.94 33.03 -45.69
C ILE D 316 -30.09 32.05 -45.58
N ALA D 317 -29.78 30.81 -45.20
CA ALA D 317 -30.77 29.74 -45.15
C ALA D 317 -30.69 29.03 -43.80
N THR D 318 -31.78 28.33 -43.48
CA THR D 318 -31.91 27.61 -42.21
C THR D 318 -32.08 26.12 -42.47
N ALA D 319 -31.43 25.30 -41.65
CA ALA D 319 -31.49 23.86 -41.76
C ALA D 319 -32.21 23.27 -40.54
N LEU D 320 -33.01 22.24 -40.79
CA LEU D 320 -33.78 21.57 -39.75
C LEU D 320 -33.10 20.26 -39.36
N ILE D 321 -32.96 20.03 -38.06
CA ILE D 321 -32.33 18.82 -37.54
C ILE D 321 -33.21 18.24 -36.44
N ASP D 322 -32.98 16.95 -36.15
CA ASP D 322 -33.69 16.22 -35.10
C ASP D 322 -35.20 16.25 -35.34
N THR D 323 -35.60 16.17 -36.62
CA THR D 323 -37.00 16.16 -36.99
C THR D 323 -37.58 14.76 -37.16
N GLY D 324 -36.75 13.72 -37.02
CA GLY D 324 -37.22 12.35 -37.12
C GLY D 324 -37.17 11.74 -38.50
N SER D 325 -36.84 12.52 -39.53
CA SER D 325 -36.74 12.02 -40.90
C SER D 325 -35.27 11.95 -41.29
N LYS D 326 -34.87 10.80 -41.85
CA LYS D 326 -33.45 10.55 -42.12
C LYS D 326 -32.90 11.52 -43.17
N MET D 327 -33.70 11.83 -44.19
CA MET D 327 -33.22 12.71 -45.24
C MET D 327 -32.89 14.11 -44.71
N ASP D 328 -33.53 14.52 -43.61
CA ASP D 328 -33.25 15.84 -43.03
C ASP D 328 -31.78 15.96 -42.62
N GLU D 329 -31.33 15.12 -41.69
CA GLU D 329 -29.92 15.21 -41.32
C GLU D 329 -29.01 14.66 -42.40
N VAL D 330 -29.51 13.87 -43.35
CA VAL D 330 -28.67 13.50 -44.49
C VAL D 330 -28.29 14.73 -45.31
N ILE D 331 -29.28 15.55 -45.68
CA ILE D 331 -29.00 16.74 -46.45
C ILE D 331 -28.35 17.81 -45.57
N TYR D 332 -28.48 17.69 -44.24
CA TYR D 332 -27.68 18.54 -43.35
C TYR D 332 -26.21 18.16 -43.44
N GLU D 333 -25.91 16.85 -43.42
CA GLU D 333 -24.53 16.39 -43.50
C GLU D 333 -23.90 16.74 -44.83
N GLU D 334 -24.65 16.61 -45.93
CA GLU D 334 -24.06 16.98 -47.22
C GLU D 334 -23.81 18.49 -47.33
N PHE D 335 -24.43 19.29 -46.46
CA PHE D 335 -24.30 20.74 -46.48
C PHE D 335 -23.29 21.25 -45.47
N LYS D 336 -22.44 20.38 -44.92
CA LYS D 336 -21.39 20.83 -44.00
C LYS D 336 -20.45 21.80 -44.69
N GLY D 337 -20.03 21.47 -45.91
CA GLY D 337 -19.05 22.27 -46.62
C GLY D 337 -19.56 22.94 -47.87
N THR D 338 -20.78 23.47 -47.83
CA THR D 338 -21.35 24.19 -48.96
C THR D 338 -21.49 25.68 -48.74
N GLY D 339 -21.47 26.15 -47.49
CA GLY D 339 -21.58 27.57 -47.19
C GLY D 339 -20.35 28.06 -46.46
N ASN D 340 -20.03 29.34 -46.67
CA ASN D 340 -18.83 29.92 -46.09
C ASN D 340 -19.04 30.47 -44.69
N MET D 341 -20.28 30.49 -44.18
CA MET D 341 -20.48 30.79 -42.77
C MET D 341 -21.59 29.90 -42.24
N GLU D 342 -21.48 29.55 -40.95
CA GLU D 342 -22.40 28.63 -40.32
C GLU D 342 -22.67 29.08 -38.89
N LEU D 343 -23.89 28.82 -38.43
CA LEU D 343 -24.30 29.21 -37.08
C LEU D 343 -25.29 28.18 -36.56
N HIS D 344 -25.12 27.80 -35.30
CA HIS D 344 -25.91 26.75 -34.67
C HIS D 344 -26.76 27.32 -33.54
N LEU D 345 -27.96 26.76 -33.38
CA LEU D 345 -28.86 27.08 -32.28
C LEU D 345 -29.02 25.80 -31.48
N SER D 346 -28.10 25.57 -30.54
CA SER D 346 -28.10 24.33 -29.78
C SER D 346 -29.34 24.25 -28.90
N ARG D 347 -29.91 23.06 -28.82
CA ARG D 347 -31.20 22.86 -28.15
C ARG D 347 -31.08 22.86 -26.63
N LYS D 348 -29.88 22.56 -26.10
CA LYS D 348 -29.73 22.50 -24.64
C LYS D 348 -30.10 23.83 -24.00
N ILE D 349 -29.64 24.94 -24.58
CA ILE D 349 -30.10 26.24 -24.14
C ILE D 349 -31.56 26.46 -24.49
N ALA D 350 -32.08 25.77 -25.51
CA ALA D 350 -33.49 25.94 -25.85
C ALA D 350 -34.41 25.44 -24.75
N GLU D 351 -34.12 24.29 -24.14
CA GLU D 351 -34.85 23.96 -22.91
C GLU D 351 -34.32 24.68 -21.69
N LYS D 352 -33.08 25.17 -21.71
CA LYS D 352 -32.68 26.14 -20.71
C LYS D 352 -33.45 27.44 -20.91
N ARG D 353 -33.81 27.73 -22.16
CA ARG D 353 -34.78 28.75 -22.56
C ARG D 353 -34.20 30.16 -22.50
N VAL D 354 -33.04 30.37 -21.91
CA VAL D 354 -32.46 31.71 -21.90
C VAL D 354 -32.11 32.11 -23.33
N PHE D 355 -32.63 33.26 -23.76
CA PHE D 355 -32.54 33.62 -25.17
C PHE D 355 -31.61 34.81 -25.36
N PRO D 356 -30.95 34.91 -26.53
CA PRO D 356 -31.01 34.00 -27.69
C PRO D 356 -30.26 32.69 -27.45
N ALA D 357 -30.73 31.60 -28.05
CA ALA D 357 -30.17 30.27 -27.82
C ALA D 357 -29.35 29.88 -29.06
N ILE D 358 -28.08 30.26 -29.05
CA ILE D 358 -27.15 29.93 -30.12
C ILE D 358 -25.90 29.31 -29.53
N ASP D 359 -25.32 28.36 -30.25
CA ASP D 359 -24.07 27.72 -29.83
C ASP D 359 -22.92 28.59 -30.31
N TYR D 360 -22.45 29.46 -29.42
CA TYR D 360 -21.42 30.43 -29.79
C TYR D 360 -20.11 29.73 -30.16
N ASN D 361 -19.73 28.70 -29.39
CA ASN D 361 -18.49 27.99 -29.66
C ASN D 361 -18.54 27.27 -31.01
N ARG D 362 -19.66 26.60 -31.30
CA ARG D 362 -19.77 25.86 -32.55
C ARG D 362 -19.92 26.79 -33.74
N SER D 363 -20.65 27.89 -33.58
CA SER D 363 -20.84 28.82 -34.67
C SER D 363 -19.52 29.51 -35.02
N GLY D 364 -19.31 29.75 -36.31
CA GLY D 364 -18.09 30.37 -36.76
C GLY D 364 -18.16 30.70 -38.24
N THR D 365 -17.15 31.41 -38.71
CA THR D 365 -17.06 31.85 -40.08
C THR D 365 -15.60 31.91 -40.48
N ARG D 366 -15.30 31.60 -41.74
CA ARG D 366 -13.95 31.68 -42.24
C ARG D 366 -13.71 33.03 -42.91
N LYS D 367 -12.42 33.35 -43.10
CA LYS D 367 -11.98 34.57 -43.78
C LYS D 367 -12.42 35.82 -43.03
N GLU D 368 -12.18 35.83 -41.72
CA GLU D 368 -12.43 37.02 -40.91
C GLU D 368 -11.49 38.16 -41.29
N GLU D 369 -10.23 37.84 -41.58
CA GLU D 369 -9.22 38.88 -41.75
C GLU D 369 -9.54 39.81 -42.91
N LEU D 370 -10.10 39.27 -43.99
CA LEU D 370 -10.41 40.06 -45.17
C LEU D 370 -11.80 40.71 -45.10
N LEU D 371 -12.53 40.54 -44.00
CA LEU D 371 -13.91 41.00 -43.92
C LEU D 371 -14.10 42.23 -43.04
N THR D 372 -13.28 42.42 -42.00
CA THR D 372 -13.45 43.55 -41.10
C THR D 372 -12.08 44.00 -40.58
N THR D 373 -12.09 45.01 -39.72
CA THR D 373 -10.88 45.67 -39.27
C THR D 373 -10.14 44.80 -38.26
N GLN D 374 -8.84 45.05 -38.13
CA GLN D 374 -7.92 44.21 -37.36
C GLN D 374 -8.20 44.23 -35.85
N GLU D 375 -8.33 45.43 -35.26
CA GLU D 375 -8.57 45.50 -33.83
C GLU D 375 -9.82 44.73 -33.45
N GLU D 376 -10.82 44.72 -34.34
CA GLU D 376 -11.98 43.87 -34.13
C GLU D 376 -11.57 42.40 -34.12
N LEU D 377 -10.62 42.01 -34.98
CA LEU D 377 -10.13 40.64 -34.96
C LEU D 377 -9.53 40.30 -33.60
N GLN D 378 -8.61 41.12 -33.08
CA GLN D 378 -8.03 40.80 -31.78
C GLN D 378 -9.10 40.75 -30.70
N LYS D 379 -10.09 41.64 -30.76
CA LYS D 379 -11.13 41.66 -29.73
C LYS D 379 -11.99 40.40 -29.78
N MET D 380 -12.45 39.99 -30.97
CA MET D 380 -13.24 38.76 -31.02
C MET D 380 -12.40 37.55 -30.68
N TRP D 381 -11.11 37.56 -31.03
CA TRP D 381 -10.22 36.47 -30.67
C TRP D 381 -10.08 36.33 -29.16
N ILE D 382 -9.90 37.45 -28.46
CA ILE D 382 -9.87 37.41 -26.99
C ILE D 382 -11.21 36.90 -26.45
N LEU D 383 -12.31 37.31 -27.07
CA LEU D 383 -13.61 36.81 -26.65
C LEU D 383 -13.71 35.30 -26.83
N ARG D 384 -13.20 34.78 -27.95
CA ARG D 384 -13.22 33.35 -28.19
C ARG D 384 -12.40 32.60 -27.14
N LYS D 385 -11.21 33.12 -26.81
CA LYS D 385 -10.40 32.46 -25.78
C LYS D 385 -11.10 32.49 -24.43
N ILE D 386 -11.74 33.61 -24.07
CA ILE D 386 -12.37 33.70 -22.76
C ILE D 386 -13.68 32.92 -22.72
N ILE D 387 -14.26 32.59 -23.87
CA ILE D 387 -15.54 31.89 -23.91
C ILE D 387 -15.38 30.39 -24.18
N HIS D 388 -14.23 29.94 -24.67
CA HIS D 388 -14.06 28.55 -25.06
C HIS D 388 -14.19 27.56 -23.90
N PRO D 389 -13.51 27.74 -22.73
CA PRO D 389 -13.40 26.62 -21.78
C PRO D 389 -14.71 26.10 -21.22
N MET D 390 -15.51 26.97 -20.61
CA MET D 390 -16.72 26.50 -19.93
C MET D 390 -17.78 26.07 -20.93
N GLY D 391 -18.86 25.50 -20.40
CA GLY D 391 -19.92 24.98 -21.24
C GLY D 391 -20.64 26.08 -22.00
N GLU D 392 -21.55 25.66 -22.88
CA GLU D 392 -22.25 26.60 -23.75
C GLU D 392 -23.36 27.35 -23.02
N ILE D 393 -24.03 26.72 -22.06
CA ILE D 393 -25.17 27.34 -21.40
C ILE D 393 -24.72 28.52 -20.55
N ASP D 394 -23.86 28.25 -19.54
CA ASP D 394 -23.36 29.32 -18.69
C ASP D 394 -22.59 30.35 -19.49
N ALA D 395 -21.96 29.94 -20.60
CA ALA D 395 -21.34 30.91 -21.50
C ALA D 395 -22.40 31.84 -22.09
N MET D 396 -23.55 31.29 -22.47
CA MET D 396 -24.62 32.13 -23.01
C MET D 396 -25.12 33.13 -21.96
N GLU D 397 -25.34 32.66 -20.73
CA GLU D 397 -25.77 33.60 -19.70
C GLU D 397 -24.71 34.66 -19.43
N PHE D 398 -23.43 34.25 -19.36
CA PHE D 398 -22.33 35.18 -19.19
C PHE D 398 -22.36 36.26 -20.26
N LEU D 399 -22.46 35.84 -21.52
CA LEU D 399 -22.42 36.77 -22.64
C LEU D 399 -23.61 37.71 -22.61
N ILE D 400 -24.81 37.21 -22.31
CA ILE D 400 -25.98 38.08 -22.33
C ILE D 400 -25.94 39.07 -21.17
N ASN D 401 -25.50 38.64 -19.98
CA ASN D 401 -25.54 39.57 -18.85
C ASN D 401 -24.39 40.56 -18.88
N LYS D 402 -23.31 40.27 -19.61
CA LYS D 402 -22.36 41.34 -19.91
C LYS D 402 -22.68 42.09 -21.19
N LEU D 403 -23.77 41.74 -21.87
CA LEU D 403 -24.32 42.57 -22.93
C LEU D 403 -25.53 43.39 -22.46
N ALA D 404 -25.81 43.39 -21.16
CA ALA D 404 -27.00 44.06 -20.65
C ALA D 404 -26.76 45.55 -20.44
N MET D 405 -25.82 45.90 -19.54
CA MET D 405 -25.57 47.30 -19.26
C MET D 405 -24.77 47.99 -20.37
N THR D 406 -24.02 47.22 -21.15
CA THR D 406 -23.27 47.81 -22.26
C THR D 406 -24.23 48.31 -23.34
N LYS D 407 -23.93 49.48 -23.88
CA LYS D 407 -24.80 50.10 -24.87
C LYS D 407 -24.50 49.63 -26.29
N THR D 408 -23.23 49.68 -26.70
CA THR D 408 -22.82 49.29 -28.04
C THR D 408 -21.72 48.24 -27.94
N ASN D 409 -21.25 47.79 -29.11
CA ASN D 409 -20.18 46.80 -29.14
C ASN D 409 -18.89 47.39 -28.58
N ASP D 410 -18.62 48.67 -28.86
CA ASP D 410 -17.42 49.31 -28.34
C ASP D 410 -17.46 49.38 -26.81
N ASP D 411 -18.64 49.60 -26.24
CA ASP D 411 -18.78 49.60 -24.79
C ASP D 411 -18.42 48.23 -24.21
N PHE D 412 -18.92 47.17 -24.83
CA PHE D 412 -18.59 45.82 -24.38
C PHE D 412 -17.10 45.56 -24.49
N PHE D 413 -16.48 45.97 -25.60
CA PHE D 413 -15.05 45.73 -25.79
C PHE D 413 -14.23 46.48 -24.75
N GLU D 414 -14.59 47.75 -24.49
CA GLU D 414 -13.81 48.54 -23.54
C GLU D 414 -14.01 48.05 -22.11
N MET D 415 -15.21 47.54 -21.78
CA MET D 415 -15.40 46.99 -20.45
C MET D 415 -14.69 45.64 -20.31
N MET D 416 -14.57 44.89 -21.40
CA MET D 416 -13.80 43.66 -21.39
C MET D 416 -12.32 43.93 -21.17
N LYS D 417 -11.76 44.90 -21.91
CA LYS D 417 -10.31 45.11 -21.84
C LYS D 417 -9.90 46.01 -20.68
N ARG D 418 -10.84 46.61 -19.96
CA ARG D 418 -10.51 47.38 -18.76
C ARG D 418 -10.59 46.56 -17.48
N SER D 419 -10.98 45.29 -17.58
CA SER D 419 -11.09 44.43 -16.41
C SER D 419 -10.15 43.24 -16.52
N MET E 1 -95.68 26.21 -42.72
CA MET E 1 -94.79 26.11 -41.56
C MET E 1 -93.33 26.06 -42.00
N ASN E 2 -92.47 25.59 -41.10
CA ASN E 2 -91.05 25.45 -41.37
C ASN E 2 -90.66 23.98 -41.26
N LEU E 3 -89.84 23.51 -42.19
CA LEU E 3 -89.42 22.12 -42.19
C LEU E 3 -88.40 21.81 -41.10
N THR E 4 -87.84 22.82 -40.44
CA THR E 4 -86.87 22.58 -39.39
C THR E 4 -87.49 21.82 -38.21
N GLU E 5 -88.63 22.30 -37.72
CA GLU E 5 -89.31 21.61 -36.63
C GLU E 5 -89.89 20.28 -37.10
N LEU E 6 -90.28 20.19 -38.37
CA LEU E 6 -90.80 18.93 -38.89
C LEU E 6 -89.73 17.86 -38.94
N LYS E 7 -88.48 18.25 -39.23
CA LYS E 7 -87.39 17.29 -39.26
C LYS E 7 -86.79 17.04 -37.88
N ASN E 8 -86.88 18.01 -36.97
CA ASN E 8 -86.33 17.84 -35.64
C ASN E 8 -87.14 16.82 -34.84
N THR E 9 -88.46 16.85 -34.96
CA THR E 9 -89.30 15.94 -34.20
C THR E 9 -89.13 14.50 -34.70
N PRO E 10 -89.23 13.51 -33.80
CA PRO E 10 -89.04 12.11 -34.22
C PRO E 10 -90.16 11.58 -35.09
N VAL E 11 -90.10 10.28 -35.41
CA VAL E 11 -91.06 9.67 -36.34
C VAL E 11 -92.48 9.68 -35.79
N SER E 12 -92.65 9.85 -34.48
CA SER E 12 -93.98 9.82 -33.88
C SER E 12 -94.92 10.85 -34.52
N GLU E 13 -94.37 11.99 -34.93
CA GLU E 13 -95.19 13.04 -35.54
C GLU E 13 -95.96 12.49 -36.73
N LEU E 14 -95.40 11.49 -37.41
CA LEU E 14 -96.10 10.78 -38.47
C LEU E 14 -97.54 10.47 -38.09
N ILE E 15 -97.72 9.72 -37.00
CA ILE E 15 -99.08 9.38 -36.59
C ILE E 15 -99.85 10.63 -36.23
N THR E 16 -99.19 11.59 -35.56
CA THR E 16 -99.87 12.81 -35.17
C THR E 16 -100.34 13.61 -36.38
N LEU E 17 -99.81 13.31 -37.56
CA LEU E 17 -100.36 13.87 -38.79
C LEU E 17 -101.43 12.96 -39.38
N GLY E 18 -101.16 11.65 -39.42
CA GLY E 18 -101.97 10.74 -40.22
C GLY E 18 -103.46 10.81 -39.93
N GLU E 19 -103.87 10.33 -38.75
CA GLU E 19 -105.27 10.39 -38.38
C GLU E 19 -105.77 11.83 -38.29
N ASN E 20 -104.85 12.80 -38.15
CA ASN E 20 -105.25 14.20 -38.11
C ASN E 20 -105.58 14.73 -39.51
N MET E 21 -104.96 14.21 -40.56
CA MET E 21 -105.19 14.76 -41.89
C MET E 21 -105.40 13.72 -42.98
N GLY E 22 -105.09 12.45 -42.76
CA GLY E 22 -105.56 11.40 -43.65
C GLY E 22 -104.86 11.22 -44.97
N LEU E 23 -103.58 10.83 -44.95
CA LEU E 23 -102.93 10.38 -46.16
C LEU E 23 -103.35 8.95 -46.50
N GLU E 24 -102.96 8.51 -47.70
CA GLU E 24 -103.36 7.20 -48.19
C GLU E 24 -102.84 6.07 -47.29
N ASN E 25 -101.52 5.90 -47.24
CA ASN E 25 -100.94 4.84 -46.42
C ASN E 25 -99.49 5.23 -46.12
N LEU E 26 -99.23 5.64 -44.88
CA LEU E 26 -97.93 6.10 -44.47
C LEU E 26 -97.17 4.99 -43.74
N ALA E 27 -96.05 5.35 -43.12
CA ALA E 27 -95.23 4.44 -42.31
C ALA E 27 -94.68 3.28 -43.13
N ARG E 28 -94.35 3.54 -44.40
CA ARG E 28 -93.80 2.49 -45.25
C ARG E 28 -92.68 2.99 -46.16
N MET E 29 -92.01 4.09 -45.79
CA MET E 29 -90.97 4.66 -46.64
C MET E 29 -90.09 5.56 -45.79
N ARG E 30 -89.11 6.18 -46.46
CA ARG E 30 -88.12 7.01 -45.78
C ARG E 30 -88.80 8.23 -45.15
N LYS E 31 -88.27 8.66 -44.01
CA LYS E 31 -88.78 9.88 -43.37
C LYS E 31 -88.72 11.07 -44.29
N GLN E 32 -87.69 11.12 -45.15
CA GLN E 32 -87.59 12.19 -46.14
C GLN E 32 -88.78 12.16 -47.10
N ASP E 33 -89.16 10.97 -47.56
CA ASP E 33 -90.31 10.84 -48.44
C ASP E 33 -91.61 11.21 -47.70
N ILE E 34 -91.70 10.85 -46.43
CA ILE E 34 -92.87 11.23 -45.63
C ILE E 34 -92.97 12.74 -45.53
N ILE E 35 -91.86 13.40 -45.27
CA ILE E 35 -91.85 14.87 -45.16
C ILE E 35 -92.23 15.49 -46.49
N PHE E 36 -91.69 14.97 -47.59
CA PHE E 36 -92.05 15.48 -48.91
C PHE E 36 -93.54 15.32 -49.19
N ALA E 37 -94.11 14.16 -48.86
CA ALA E 37 -95.54 13.95 -49.09
C ALA E 37 -96.39 14.87 -48.23
N ILE E 38 -96.01 15.05 -46.97
CA ILE E 38 -96.75 15.94 -46.08
C ILE E 38 -96.71 17.37 -46.60
N LEU E 39 -95.52 17.82 -47.02
CA LEU E 39 -95.40 19.17 -47.56
C LEU E 39 -96.21 19.34 -48.84
N LYS E 40 -96.19 18.33 -49.71
CA LYS E 40 -96.99 18.40 -50.94
C LYS E 40 -98.48 18.51 -50.63
N GLN E 41 -98.96 17.65 -49.72
CA GLN E 41 -100.39 17.66 -49.42
C GLN E 41 -100.81 18.94 -48.71
N HIS E 42 -99.94 19.50 -47.87
CA HIS E 42 -100.26 20.76 -47.21
C HIS E 42 -100.22 21.93 -48.18
N ALA E 43 -99.30 21.90 -49.16
CA ALA E 43 -99.26 22.95 -50.17
C ALA E 43 -100.45 22.87 -51.11
N LYS E 44 -100.96 21.67 -51.38
CA LYS E 44 -102.16 21.54 -52.20
C LYS E 44 -103.38 22.17 -51.55
N SER E 45 -103.37 22.34 -50.23
CA SER E 45 -104.47 23.01 -49.55
C SER E 45 -104.44 24.52 -49.73
N GLY E 46 -103.30 25.08 -50.13
CA GLY E 46 -103.18 26.50 -50.37
C GLY E 46 -102.58 27.31 -49.25
N GLU E 47 -102.27 26.69 -48.11
CA GLU E 47 -101.69 27.41 -47.00
C GLU E 47 -100.25 27.81 -47.31
N ASP E 48 -99.89 29.04 -46.93
CA ASP E 48 -98.54 29.53 -47.17
C ASP E 48 -97.53 28.78 -46.31
N ILE E 49 -96.38 28.46 -46.91
CA ILE E 49 -95.32 27.74 -46.23
C ILE E 49 -93.98 28.38 -46.57
N PHE E 50 -93.01 28.20 -45.67
CA PHE E 50 -91.66 28.71 -45.89
C PHE E 50 -90.64 27.65 -45.51
N GLY E 51 -89.36 28.01 -45.52
CA GLY E 51 -88.33 27.03 -45.20
C GLY E 51 -86.99 27.67 -44.97
N ASP E 52 -86.01 26.82 -44.71
CA ASP E 52 -84.64 27.24 -44.46
C ASP E 52 -83.69 26.08 -44.73
N GLY E 53 -82.41 26.41 -44.87
CA GLY E 53 -81.42 25.36 -45.08
C GLY E 53 -80.09 25.95 -45.51
N VAL E 54 -79.25 25.08 -46.09
CA VAL E 54 -77.90 25.42 -46.51
C VAL E 54 -77.80 25.23 -48.02
N LEU E 55 -77.26 26.23 -48.70
CA LEU E 55 -77.19 26.23 -50.16
C LEU E 55 -75.94 25.52 -50.66
N GLU E 56 -76.08 24.88 -51.83
CA GLU E 56 -74.97 24.27 -52.55
C GLU E 56 -75.20 24.48 -54.03
N ILE E 57 -74.12 24.76 -54.77
CA ILE E 57 -74.22 25.04 -56.19
C ILE E 57 -73.56 23.89 -56.96
N LEU E 58 -74.04 23.66 -58.17
CA LEU E 58 -73.52 22.63 -59.06
C LEU E 58 -72.76 23.30 -60.22
N GLN E 59 -72.31 22.49 -61.16
CA GLN E 59 -71.52 22.99 -62.29
C GLN E 59 -72.35 23.79 -63.28
N ASP E 60 -73.68 23.77 -63.17
CA ASP E 60 -74.54 24.49 -64.11
C ASP E 60 -75.56 25.38 -63.41
N GLY E 61 -75.29 25.76 -62.16
CA GLY E 61 -76.21 26.61 -61.43
C GLY E 61 -77.44 25.91 -60.89
N PHE E 62 -77.50 24.58 -60.98
CA PHE E 62 -78.65 23.81 -60.50
C PHE E 62 -78.57 23.77 -58.97
N GLY E 63 -78.99 24.86 -58.34
CA GLY E 63 -78.76 25.03 -56.92
C GLY E 63 -79.63 24.09 -56.10
N PHE E 64 -79.02 23.46 -55.09
CA PHE E 64 -79.72 22.61 -54.14
C PHE E 64 -79.66 23.23 -52.76
N LEU E 65 -80.66 22.92 -51.94
CA LEU E 65 -80.68 23.35 -50.55
C LEU E 65 -80.90 22.12 -49.67
N ARG E 66 -79.98 21.90 -48.74
CA ARG E 66 -79.98 20.77 -47.83
C ARG E 66 -80.36 21.22 -46.42
N SER E 67 -80.61 20.25 -45.56
CA SER E 67 -80.93 20.49 -44.17
C SER E 67 -79.83 19.90 -43.27
N ALA E 68 -79.56 20.59 -42.17
CA ALA E 68 -78.42 20.21 -41.32
C ALA E 68 -78.67 18.87 -40.61
N ASP E 69 -79.84 18.71 -40.01
CA ASP E 69 -80.08 17.54 -39.15
C ASP E 69 -80.22 16.25 -39.95
N SER E 70 -80.46 16.34 -41.26
CA SER E 70 -80.59 15.15 -42.09
C SER E 70 -79.26 14.66 -42.64
N SER E 71 -78.14 15.16 -42.12
CA SER E 71 -76.80 14.78 -42.55
C SER E 71 -76.58 15.09 -44.03
N TYR E 72 -77.31 16.07 -44.56
CA TYR E 72 -77.15 16.54 -45.94
C TYR E 72 -77.36 15.42 -46.95
N LEU E 73 -78.33 14.54 -46.68
CA LEU E 73 -78.65 13.47 -47.61
C LEU E 73 -79.46 14.02 -48.77
N ALA E 74 -79.05 13.69 -49.99
CA ALA E 74 -79.72 14.16 -51.18
C ALA E 74 -81.04 13.43 -51.39
N GLY E 75 -82.00 14.12 -52.01
CA GLY E 75 -83.27 13.54 -52.32
C GLY E 75 -84.40 14.55 -52.39
N PRO E 76 -85.62 14.09 -52.08
CA PRO E 76 -86.79 14.97 -52.23
C PRO E 76 -86.75 16.23 -51.38
N ASP E 77 -86.21 16.16 -50.16
CA ASP E 77 -86.27 17.33 -49.28
C ASP E 77 -85.32 18.45 -49.71
N ASP E 78 -84.42 18.19 -50.65
CA ASP E 78 -83.60 19.25 -51.19
C ASP E 78 -84.47 20.28 -51.92
N ILE E 79 -84.18 21.55 -51.70
CA ILE E 79 -84.99 22.64 -52.25
C ILE E 79 -84.26 23.21 -53.47
N TYR E 80 -85.00 23.36 -54.56
CA TYR E 80 -84.42 23.84 -55.81
C TYR E 80 -84.19 25.34 -55.77
N VAL E 81 -83.05 25.77 -56.31
CA VAL E 81 -82.70 27.18 -56.44
C VAL E 81 -82.20 27.41 -57.85
N SER E 82 -82.83 28.34 -58.57
CA SER E 82 -82.52 28.63 -59.95
C SER E 82 -81.24 29.46 -60.06
N PRO E 83 -80.52 29.35 -61.18
CA PRO E 83 -79.35 30.23 -61.38
C PRO E 83 -79.70 31.71 -61.38
N SER E 84 -80.91 32.07 -61.81
CA SER E 84 -81.32 33.47 -61.77
C SER E 84 -81.34 33.99 -60.34
N GLN E 85 -81.87 33.20 -59.41
CA GLN E 85 -81.83 33.58 -58.00
C GLN E 85 -80.40 33.61 -57.47
N ILE E 86 -79.53 32.73 -57.98
CA ILE E 86 -78.14 32.71 -57.56
C ILE E 86 -77.46 34.02 -57.94
N ARG E 87 -77.67 34.47 -59.19
CA ARG E 87 -77.00 35.65 -59.69
C ARG E 87 -77.65 36.95 -59.22
N ARG E 88 -78.95 36.96 -58.94
CA ARG E 88 -79.64 38.17 -58.52
C ARG E 88 -79.48 38.48 -57.04
N PHE E 89 -78.88 37.57 -56.26
CA PHE E 89 -78.56 37.84 -54.86
C PHE E 89 -77.09 37.59 -54.54
N ASN E 90 -76.27 37.32 -55.55
CA ASN E 90 -74.83 37.03 -55.41
C ASN E 90 -74.56 36.14 -54.19
N LEU E 91 -75.16 34.96 -54.22
CA LEU E 91 -75.01 33.97 -53.16
C LEU E 91 -74.59 32.65 -53.76
N ARG E 92 -73.90 31.83 -52.97
CA ARG E 92 -73.38 30.56 -53.45
C ARG E 92 -73.34 29.57 -52.28
N THR E 93 -72.59 28.49 -52.44
CA THR E 93 -72.54 27.44 -51.44
C THR E 93 -72.04 27.98 -50.11
N GLY E 94 -72.63 27.46 -49.02
CA GLY E 94 -72.24 27.83 -47.68
C GLY E 94 -73.13 28.85 -47.01
N ASP E 95 -74.01 29.51 -47.77
CA ASP E 95 -74.88 30.53 -47.21
C ASP E 95 -76.13 29.89 -46.63
N THR E 96 -76.43 30.21 -45.36
CA THR E 96 -77.65 29.74 -44.72
C THR E 96 -78.81 30.59 -45.25
N ILE E 97 -79.71 29.97 -46.00
CA ILE E 97 -80.78 30.68 -46.71
C ILE E 97 -82.11 30.26 -46.14
N SER E 98 -82.93 31.24 -45.79
CA SER E 98 -84.29 31.01 -45.30
C SER E 98 -85.24 31.98 -45.98
N GLY E 99 -86.50 31.58 -46.09
CA GLY E 99 -87.50 32.46 -46.64
C GLY E 99 -88.68 31.67 -47.19
N LYS E 100 -89.52 32.39 -47.93
CA LYS E 100 -90.72 31.78 -48.51
C LYS E 100 -90.35 30.67 -49.48
N ILE E 101 -91.18 29.62 -49.50
CA ILE E 101 -90.93 28.46 -50.34
C ILE E 101 -92.16 28.23 -51.21
N ARG E 102 -91.95 27.57 -52.35
CA ARG E 102 -93.00 27.39 -53.34
C ARG E 102 -93.12 25.91 -53.70
N PRO E 103 -94.34 25.36 -53.74
CA PRO E 103 -94.51 24.00 -54.22
C PRO E 103 -94.18 23.91 -55.71
N PRO E 104 -93.71 22.77 -56.19
CA PRO E 104 -93.32 22.65 -57.59
C PRO E 104 -94.53 22.42 -58.49
N LYS E 105 -94.38 22.86 -59.74
CA LYS E 105 -95.39 22.66 -60.75
C LYS E 105 -95.10 21.35 -61.50
N GLU E 106 -95.82 21.11 -62.60
CA GLU E 106 -95.63 19.90 -63.37
C GLU E 106 -94.25 19.90 -64.04
N GLY E 107 -93.60 18.74 -64.03
CA GLY E 107 -92.30 18.57 -64.65
C GLY E 107 -91.14 18.55 -63.69
N GLU E 108 -91.33 19.01 -62.45
CA GLU E 108 -90.28 19.00 -61.45
C GLU E 108 -90.87 18.61 -60.10
N ARG E 109 -90.00 18.10 -59.22
CA ARG E 109 -90.42 17.58 -57.93
C ARG E 109 -89.68 18.24 -56.77
N TYR E 110 -89.11 19.42 -56.98
CA TYR E 110 -88.34 20.10 -55.96
C TYR E 110 -88.95 21.47 -55.66
N PHE E 111 -88.95 21.83 -54.38
CA PHE E 111 -89.50 23.12 -53.96
C PHE E 111 -88.65 24.27 -54.50
N ALA E 112 -89.31 25.40 -54.73
CA ALA E 112 -88.66 26.60 -55.23
C ALA E 112 -88.73 27.71 -54.18
N LEU E 113 -87.88 28.72 -54.35
CA LEU E 113 -87.81 29.86 -53.44
C LEU E 113 -88.64 30.99 -54.01
N LEU E 114 -89.74 31.33 -53.34
CA LEU E 114 -90.51 32.51 -53.72
C LEU E 114 -89.70 33.77 -53.49
N LYS E 115 -89.03 33.87 -52.36
CA LYS E 115 -88.17 35.01 -52.02
C LYS E 115 -87.33 34.61 -50.81
N VAL E 116 -86.47 35.52 -50.39
CA VAL E 116 -85.61 35.30 -49.23
C VAL E 116 -85.80 36.43 -48.24
N ASN E 117 -85.58 36.13 -46.96
CA ASN E 117 -85.71 37.12 -45.90
C ASN E 117 -84.57 37.11 -44.89
N GLU E 118 -83.68 36.12 -44.91
CA GLU E 118 -82.60 36.05 -43.93
C GLU E 118 -81.47 35.21 -44.54
N VAL E 119 -80.32 35.83 -44.76
CA VAL E 119 -79.16 35.16 -45.32
C VAL E 119 -78.05 35.19 -44.29
N ASN E 120 -77.55 34.00 -43.92
CA ASN E 120 -76.50 33.86 -42.91
C ASN E 120 -76.88 34.57 -41.60
N PHE E 121 -78.15 34.39 -41.21
CA PHE E 121 -78.69 35.04 -40.01
C PHE E 121 -78.55 36.56 -40.08
N ASP E 122 -78.75 37.10 -41.28
CA ASP E 122 -78.62 38.54 -41.51
C ASP E 122 -79.46 38.93 -42.71
N LYS E 123 -79.68 40.23 -42.84
CA LYS E 123 -80.45 40.73 -43.97
C LYS E 123 -79.69 40.46 -45.27
N PRO E 124 -80.37 39.98 -46.32
CA PRO E 124 -79.67 39.71 -47.58
C PRO E 124 -78.99 40.94 -48.17
N GLU E 125 -79.61 42.12 -48.04
CA GLU E 125 -79.01 43.33 -48.57
C GLU E 125 -77.66 43.62 -47.92
N ASN E 126 -77.58 43.46 -46.59
CA ASN E 126 -76.30 43.58 -45.91
C ASN E 126 -75.40 42.39 -46.22
N ALA E 127 -76.00 41.23 -46.50
CA ALA E 127 -75.20 40.04 -46.80
C ALA E 127 -74.46 40.16 -48.12
N ARG E 128 -75.00 40.95 -49.07
CA ARG E 128 -74.30 41.14 -50.34
C ARG E 128 -72.95 41.81 -50.14
N ASN E 129 -72.89 42.83 -49.29
CA ASN E 129 -71.66 43.58 -49.04
C ASN E 129 -70.89 42.92 -47.91
N LYS E 130 -69.92 42.08 -48.28
CA LYS E 130 -69.07 41.39 -47.32
C LYS E 130 -67.67 41.29 -47.90
N ILE E 131 -66.82 40.50 -47.26
CA ILE E 131 -65.44 40.30 -47.69
C ILE E 131 -65.18 38.80 -47.83
N LEU E 132 -64.50 38.41 -48.91
CA LEU E 132 -64.17 37.01 -49.12
C LEU E 132 -63.29 36.50 -47.99
N PHE E 133 -63.52 35.25 -47.58
CA PHE E 133 -62.80 34.69 -46.45
C PHE E 133 -61.31 34.63 -46.72
N GLU E 134 -60.91 34.23 -47.93
CA GLU E 134 -59.49 34.17 -48.27
C GLU E 134 -58.84 35.55 -48.31
N ASN E 135 -59.63 36.62 -48.40
CA ASN E 135 -59.09 37.97 -48.43
C ASN E 135 -58.78 38.52 -47.05
N LEU E 136 -59.28 37.90 -45.98
CA LEU E 136 -58.99 38.38 -44.64
C LEU E 136 -57.56 38.05 -44.26
N THR E 137 -56.86 39.03 -43.70
CA THR E 137 -55.50 38.80 -43.23
C THR E 137 -55.53 37.97 -41.95
N PRO E 138 -54.86 36.83 -41.90
CA PRO E 138 -54.90 36.01 -40.69
C PRO E 138 -54.09 36.63 -39.56
N LEU E 139 -54.18 36.01 -38.39
CA LEU E 139 -53.37 36.37 -37.24
C LEU E 139 -53.21 35.13 -36.36
N HIS E 140 -52.43 35.29 -35.29
CA HIS E 140 -52.28 34.23 -34.30
C HIS E 140 -53.49 34.21 -33.37
N ALA E 141 -53.57 33.15 -32.57
CA ALA E 141 -54.65 33.02 -31.59
C ALA E 141 -54.49 34.10 -30.53
N ASN E 142 -55.38 35.09 -30.54
CA ASN E 142 -55.31 36.20 -29.59
C ASN E 142 -56.19 35.95 -28.37
N SER E 143 -57.49 35.77 -28.58
CA SER E 143 -58.40 35.52 -27.47
C SER E 143 -58.28 34.07 -27.02
N ARG E 144 -58.13 33.88 -25.71
CA ARG E 144 -57.99 32.54 -25.16
C ARG E 144 -59.35 31.90 -24.94
N LEU E 145 -59.50 30.68 -25.45
CA LEU E 145 -60.70 29.88 -25.23
C LEU E 145 -60.39 28.90 -24.10
N ARG E 146 -60.64 29.35 -22.87
CA ARG E 146 -60.34 28.52 -21.71
C ARG E 146 -61.14 27.23 -21.74
N MET E 147 -60.47 26.12 -21.46
CA MET E 147 -61.04 24.79 -21.62
C MET E 147 -61.66 24.26 -20.33
N GLU E 148 -61.59 25.02 -19.24
CA GLU E 148 -62.06 24.54 -17.95
C GLU E 148 -63.58 24.72 -17.83
N ARG E 149 -64.27 23.62 -17.49
CA ARG E 149 -65.72 23.67 -17.36
C ARG E 149 -66.14 24.57 -16.20
N GLY E 150 -65.45 24.47 -15.07
CA GLY E 150 -65.69 25.34 -13.94
C GLY E 150 -66.70 24.84 -12.92
N ASN E 151 -67.39 23.72 -13.19
CA ASN E 151 -68.37 23.19 -12.26
C ASN E 151 -67.77 22.19 -11.28
N GLY E 152 -66.48 21.90 -11.39
CA GLY E 152 -65.85 20.93 -10.50
C GLY E 152 -66.38 19.52 -10.65
N SER E 153 -66.71 19.11 -11.88
CA SER E 153 -67.21 17.77 -12.12
C SER E 153 -66.09 16.74 -11.99
N THR E 154 -66.50 15.50 -11.73
CA THR E 154 -65.51 14.41 -11.58
C THR E 154 -64.87 14.02 -12.90
N GLU E 155 -65.50 14.34 -14.03
CA GLU E 155 -64.92 14.10 -15.34
C GLU E 155 -64.22 15.32 -15.91
N ASP E 156 -64.16 16.41 -15.15
CA ASP E 156 -63.52 17.64 -15.61
C ASP E 156 -62.00 17.52 -15.67
N LEU E 157 -61.42 16.47 -15.09
CA LEU E 157 -59.97 16.35 -15.03
C LEU E 157 -59.34 16.31 -16.42
N THR E 158 -60.05 15.78 -17.41
CA THR E 158 -59.54 15.78 -18.78
C THR E 158 -59.36 17.20 -19.30
N ALA E 159 -60.38 18.05 -19.08
CA ALA E 159 -60.26 19.44 -19.49
C ALA E 159 -59.14 20.15 -18.74
N ARG E 160 -58.99 19.84 -17.44
CA ARG E 160 -57.96 20.49 -16.65
C ARG E 160 -56.56 20.10 -17.15
N VAL E 161 -56.35 18.82 -17.41
CA VAL E 161 -55.04 18.38 -17.88
C VAL E 161 -54.79 18.90 -19.30
N LEU E 162 -55.85 19.07 -20.10
CA LEU E 162 -55.67 19.67 -21.41
C LEU E 162 -55.26 21.14 -21.30
N ASP E 163 -55.85 21.86 -20.34
CA ASP E 163 -55.44 23.24 -20.09
C ASP E 163 -53.98 23.31 -19.66
N LEU E 164 -53.59 22.42 -18.74
CA LEU E 164 -52.19 22.38 -18.30
C LEU E 164 -51.25 21.94 -19.40
N ALA E 165 -51.73 21.18 -20.39
CA ALA E 165 -50.87 20.72 -21.48
C ALA E 165 -50.70 21.81 -22.54
N SER E 166 -51.80 22.23 -23.16
CA SER E 166 -51.75 23.25 -24.19
C SER E 166 -53.08 24.00 -24.25
N PRO E 167 -53.06 25.32 -24.14
CA PRO E 167 -54.32 26.08 -24.18
C PRO E 167 -54.86 26.16 -25.59
N ILE E 168 -56.16 26.46 -25.68
CA ILE E 168 -56.88 26.57 -26.94
C ILE E 168 -57.33 28.01 -27.10
N GLY E 169 -57.09 28.58 -28.29
CA GLY E 169 -57.50 29.94 -28.59
C GLY E 169 -58.31 29.99 -29.86
N ARG E 170 -58.86 31.18 -30.13
CA ARG E 170 -59.62 31.39 -31.35
C ARG E 170 -58.71 31.32 -32.56
N GLY E 171 -59.17 30.60 -33.60
CA GLY E 171 -58.36 30.41 -34.78
C GLY E 171 -57.26 29.39 -34.63
N GLN E 172 -57.27 28.59 -33.57
CA GLN E 172 -56.23 27.60 -33.35
C GLN E 172 -56.31 26.49 -34.38
N ARG E 173 -55.15 25.95 -34.75
CA ARG E 173 -55.03 24.80 -35.64
C ARG E 173 -54.42 23.66 -34.84
N GLY E 174 -55.21 22.62 -34.58
CA GLY E 174 -54.82 21.56 -33.67
C GLY E 174 -54.73 20.22 -34.36
N LEU E 175 -53.72 19.44 -33.98
CA LEU E 175 -53.55 18.06 -34.45
C LEU E 175 -53.47 17.14 -33.24
N ILE E 176 -54.33 16.13 -33.22
CA ILE E 176 -54.37 15.15 -32.14
C ILE E 176 -53.73 13.87 -32.66
N VAL E 177 -52.61 13.49 -32.07
CA VAL E 177 -51.90 12.26 -32.42
C VAL E 177 -52.38 11.20 -31.45
N ALA E 178 -53.37 10.41 -31.87
CA ALA E 178 -54.00 9.41 -31.01
C ALA E 178 -54.04 8.07 -31.71
N PRO E 179 -53.41 7.03 -31.18
CA PRO E 179 -53.53 5.70 -31.77
C PRO E 179 -54.90 5.11 -31.46
N PRO E 180 -55.25 3.97 -32.07
CA PRO E 180 -56.51 3.32 -31.72
C PRO E 180 -56.53 2.91 -30.25
N LYS E 181 -57.74 2.87 -29.69
CA LYS E 181 -57.97 2.49 -28.29
C LYS E 181 -57.27 3.47 -27.33
N ALA E 182 -57.34 4.75 -27.66
CA ALA E 182 -56.74 5.79 -26.83
C ALA E 182 -57.77 6.79 -26.29
N GLY E 183 -59.05 6.55 -26.54
CA GLY E 183 -60.10 7.43 -26.03
C GLY E 183 -60.11 8.82 -26.63
N LYS E 184 -59.81 8.95 -27.92
CA LYS E 184 -59.88 10.26 -28.56
C LYS E 184 -61.33 10.72 -28.75
N THR E 185 -62.24 9.76 -28.98
CA THR E 185 -63.62 10.13 -29.25
C THR E 185 -64.27 10.80 -28.04
N MET E 186 -64.13 10.20 -26.86
CA MET E 186 -64.70 10.79 -25.66
C MET E 186 -64.03 12.13 -25.34
N LEU E 187 -62.75 12.28 -25.68
CA LEU E 187 -62.11 13.58 -25.55
C LEU E 187 -62.78 14.60 -26.46
N LEU E 188 -63.11 14.20 -27.68
CA LEU E 188 -63.81 15.11 -28.60
C LEU E 188 -65.16 15.52 -28.04
N GLN E 189 -65.94 14.55 -27.52
CA GLN E 189 -67.22 14.92 -26.94
C GLN E 189 -67.04 15.83 -25.73
N ASN E 190 -66.05 15.55 -24.88
CA ASN E 190 -65.82 16.37 -23.70
C ASN E 190 -65.49 17.81 -24.09
N ILE E 191 -64.62 17.98 -25.08
CA ILE E 191 -64.36 19.30 -25.62
C ILE E 191 -65.64 19.94 -26.13
N ALA E 192 -66.49 19.13 -26.78
CA ALA E 192 -67.73 19.65 -27.34
C ALA E 192 -68.60 20.26 -26.25
N GLN E 193 -68.87 19.51 -25.16
CA GLN E 193 -69.72 20.12 -24.15
C GLN E 193 -68.98 21.21 -23.38
N SER E 194 -67.66 21.16 -23.32
CA SER E 194 -66.92 22.21 -22.60
C SER E 194 -67.11 23.56 -23.27
N ILE E 195 -66.96 23.62 -24.60
CA ILE E 195 -67.26 24.87 -25.30
C ILE E 195 -68.77 25.15 -25.31
N ALA E 196 -69.60 24.11 -25.47
CA ALA E 196 -71.04 24.34 -25.50
C ALA E 196 -71.58 24.91 -24.20
N TYR E 197 -70.87 24.71 -23.09
CA TYR E 197 -71.26 25.20 -21.78
C TYR E 197 -70.56 26.50 -21.40
N ASN E 198 -69.25 26.58 -21.65
CA ASN E 198 -68.51 27.80 -21.30
C ASN E 198 -68.75 28.92 -22.31
N HIS E 199 -68.87 28.59 -23.59
CA HIS E 199 -68.93 29.58 -24.66
C HIS E 199 -70.15 29.32 -25.54
N PRO E 200 -71.34 29.68 -25.04
CA PRO E 200 -72.55 29.50 -25.87
C PRO E 200 -72.62 30.46 -27.04
N ASP E 201 -71.88 31.58 -27.01
CA ASP E 201 -71.98 32.56 -28.08
C ASP E 201 -71.44 32.03 -29.39
N CYS E 202 -70.28 31.37 -29.36
CA CYS E 202 -69.67 30.86 -30.58
C CYS E 202 -70.40 29.62 -31.08
N VAL E 203 -70.32 29.40 -32.39
CA VAL E 203 -70.98 28.27 -33.03
C VAL E 203 -70.08 27.05 -32.96
N LEU E 204 -70.61 25.95 -32.44
CA LEU E 204 -69.88 24.71 -32.32
C LEU E 204 -70.38 23.72 -33.36
N MET E 205 -69.44 23.07 -34.05
CA MET E 205 -69.76 22.18 -35.16
C MET E 205 -68.78 21.02 -35.13
N VAL E 206 -69.29 19.79 -35.27
CA VAL E 206 -68.47 18.59 -35.20
C VAL E 206 -68.71 17.76 -36.45
N LEU E 207 -67.62 17.43 -37.14
CA LEU E 207 -67.66 16.64 -38.37
C LEU E 207 -67.18 15.22 -38.09
N LEU E 208 -67.99 14.23 -38.49
CA LEU E 208 -67.64 12.83 -38.33
C LEU E 208 -67.60 12.15 -39.70
N ILE E 209 -66.53 11.41 -39.96
CA ILE E 209 -66.30 10.75 -41.25
C ILE E 209 -66.24 9.24 -41.02
N ASP E 210 -66.97 8.50 -41.85
CA ASP E 210 -67.04 7.03 -41.90
C ASP E 210 -67.02 6.38 -40.53
N GLU E 211 -67.74 6.96 -39.57
CA GLU E 211 -67.88 6.37 -38.24
C GLU E 211 -69.12 5.48 -38.19
N ARG E 212 -69.08 4.52 -37.27
CA ARG E 212 -70.20 3.60 -37.09
C ARG E 212 -71.40 4.35 -36.52
N PRO E 213 -72.62 3.89 -36.84
CA PRO E 213 -73.83 4.68 -36.50
C PRO E 213 -74.02 4.93 -35.01
N GLU E 214 -73.60 4.00 -34.15
CA GLU E 214 -73.82 4.20 -32.71
C GLU E 214 -73.03 5.39 -32.19
N GLU E 215 -71.79 5.58 -32.65
CA GLU E 215 -71.03 6.76 -32.27
C GLU E 215 -71.71 8.03 -32.78
N VAL E 216 -72.30 7.99 -33.97
CA VAL E 216 -73.05 9.14 -34.48
C VAL E 216 -74.21 9.47 -33.55
N THR E 217 -75.01 8.45 -33.20
CA THR E 217 -76.16 8.67 -32.33
C THR E 217 -75.71 9.23 -30.98
N GLU E 218 -74.61 8.70 -30.44
CA GLU E 218 -74.03 9.29 -29.25
C GLU E 218 -73.60 10.73 -29.49
N MET E 219 -73.22 11.07 -30.73
CA MET E 219 -72.83 12.44 -31.04
C MET E 219 -74.02 13.39 -30.91
N GLN E 220 -75.16 13.07 -31.54
CA GLN E 220 -76.27 14.02 -31.46
C GLN E 220 -76.77 14.22 -30.03
N ARG E 221 -76.94 13.13 -29.27
CA ARG E 221 -77.60 13.21 -27.98
C ARG E 221 -76.67 13.66 -26.85
N LEU E 222 -75.48 14.16 -27.17
CA LEU E 222 -74.59 14.71 -26.16
C LEU E 222 -74.27 16.17 -26.40
N VAL E 223 -73.91 16.55 -27.62
CA VAL E 223 -73.53 17.92 -27.93
C VAL E 223 -74.77 18.80 -27.99
N LYS E 224 -74.57 20.09 -27.75
CA LYS E 224 -75.65 21.06 -27.81
C LYS E 224 -75.83 21.64 -29.20
N GLY E 225 -74.74 22.04 -29.85
CA GLY E 225 -74.80 22.50 -31.21
C GLY E 225 -75.02 21.36 -32.18
N GLU E 226 -75.37 21.71 -33.41
CA GLU E 226 -75.63 20.71 -34.43
C GLU E 226 -74.34 19.99 -34.82
N VAL E 227 -74.45 18.70 -35.07
CA VAL E 227 -73.31 17.84 -35.42
C VAL E 227 -73.61 17.18 -36.76
N VAL E 228 -72.61 17.18 -37.65
CA VAL E 228 -72.74 16.56 -38.96
C VAL E 228 -71.86 15.31 -39.00
N ALA E 229 -72.46 14.20 -39.42
CA ALA E 229 -71.77 12.91 -39.40
C ALA E 229 -72.20 12.10 -40.61
N SER E 230 -71.24 11.70 -41.43
CA SER E 230 -71.48 10.80 -42.55
C SER E 230 -70.89 9.44 -42.21
N THR E 231 -71.69 8.39 -42.32
CA THR E 231 -71.26 7.06 -41.97
C THR E 231 -70.48 6.42 -43.11
N PHE E 232 -69.97 5.21 -42.87
CA PHE E 232 -69.20 4.50 -43.90
C PHE E 232 -70.10 3.83 -44.94
N ASP E 233 -71.42 3.77 -44.70
CA ASP E 233 -72.31 3.10 -45.65
C ASP E 233 -72.27 3.76 -47.01
N GLU E 234 -72.31 5.09 -47.04
CA GLU E 234 -72.23 5.83 -48.28
C GLU E 234 -70.79 5.84 -48.81
N PRO E 235 -70.61 5.98 -50.13
CA PRO E 235 -69.25 5.96 -50.69
C PRO E 235 -68.44 7.19 -50.32
N ALA E 236 -67.18 7.24 -50.76
CA ALA E 236 -66.30 8.34 -50.43
C ALA E 236 -66.75 9.66 -51.04
N SER E 237 -67.53 9.62 -52.12
CA SER E 237 -67.99 10.86 -52.75
C SER E 237 -68.88 11.66 -51.80
N ARG E 238 -69.72 10.97 -51.03
CA ARG E 238 -70.53 11.66 -50.02
C ARG E 238 -69.65 12.33 -48.98
N HIS E 239 -68.60 11.63 -48.52
CA HIS E 239 -67.67 12.25 -47.56
C HIS E 239 -67.04 13.50 -48.15
N VAL E 240 -66.60 13.41 -49.41
CA VAL E 240 -65.95 14.55 -50.06
C VAL E 240 -66.91 15.73 -50.13
N GLN E 241 -68.13 15.49 -50.62
CA GLN E 241 -69.06 16.60 -50.80
C GLN E 241 -69.48 17.20 -49.47
N VAL E 242 -69.71 16.38 -48.45
CA VAL E 242 -70.14 16.92 -47.16
C VAL E 242 -69.01 17.72 -46.53
N ALA E 243 -67.77 17.24 -46.65
CA ALA E 243 -66.63 17.98 -46.09
C ALA E 243 -66.47 19.32 -46.79
N GLU E 244 -66.54 19.33 -48.13
CA GLU E 244 -66.37 20.58 -48.86
C GLU E 244 -67.48 21.57 -48.51
N MET E 245 -68.73 21.10 -48.45
CA MET E 245 -69.80 22.07 -48.21
C MET E 245 -69.83 22.51 -46.75
N VAL E 246 -69.42 21.66 -45.82
CA VAL E 246 -69.40 22.08 -44.42
C VAL E 246 -68.27 23.09 -44.18
N ILE E 247 -67.12 22.89 -44.83
CA ILE E 247 -66.06 23.90 -44.68
C ILE E 247 -66.47 25.20 -45.38
N GLU E 248 -67.21 25.10 -46.49
CA GLU E 248 -67.71 26.31 -47.13
C GLU E 248 -68.70 27.04 -46.22
N LYS E 249 -69.57 26.29 -45.54
CA LYS E 249 -70.51 26.90 -44.60
C LYS E 249 -69.77 27.56 -43.44
N ALA E 250 -68.73 26.90 -42.93
CA ALA E 250 -67.94 27.50 -41.86
C ALA E 250 -67.27 28.79 -42.33
N LYS E 251 -66.75 28.79 -43.57
CA LYS E 251 -66.14 30.01 -44.11
C LYS E 251 -67.18 31.12 -44.24
N ARG E 252 -68.38 30.79 -44.71
CA ARG E 252 -69.42 31.80 -44.85
C ARG E 252 -69.83 32.35 -43.49
N LEU E 253 -69.94 31.48 -42.49
CA LEU E 253 -70.30 31.94 -41.15
C LEU E 253 -69.22 32.83 -40.55
N VAL E 254 -67.95 32.46 -40.72
CA VAL E 254 -66.88 33.28 -40.16
C VAL E 254 -66.68 34.57 -40.93
N GLU E 255 -67.14 34.62 -42.19
CA GLU E 255 -67.10 35.87 -42.93
C GLU E 255 -68.01 36.94 -42.33
N HIS E 256 -69.00 36.54 -41.54
CA HIS E 256 -69.94 37.46 -40.92
C HIS E 256 -69.61 37.77 -39.46
N LYS E 257 -68.34 37.62 -39.09
CA LYS E 257 -67.84 38.01 -37.76
C LYS E 257 -68.47 37.19 -36.64
N LYS E 258 -68.48 35.87 -36.81
CA LYS E 258 -68.80 34.94 -35.74
C LYS E 258 -67.73 33.85 -35.68
N ASP E 259 -67.50 33.36 -34.47
CA ASP E 259 -66.49 32.34 -34.21
C ASP E 259 -67.05 30.95 -34.49
N VAL E 260 -66.32 30.17 -35.28
CA VAL E 260 -66.71 28.81 -35.62
C VAL E 260 -65.58 27.87 -35.21
N ILE E 261 -65.91 26.86 -34.40
CA ILE E 261 -64.97 25.86 -33.94
C ILE E 261 -65.43 24.51 -34.45
N ILE E 262 -64.54 23.79 -35.14
CA ILE E 262 -64.88 22.51 -35.77
C ILE E 262 -64.01 21.42 -35.16
N LEU E 263 -64.66 20.44 -34.55
CA LEU E 263 -64.01 19.21 -34.11
C LEU E 263 -64.09 18.19 -35.23
N LEU E 264 -62.94 17.67 -35.66
CA LEU E 264 -62.85 16.85 -36.85
C LEU E 264 -62.30 15.46 -36.50
N ASP E 265 -62.97 14.43 -37.01
CA ASP E 265 -62.60 13.04 -36.74
C ASP E 265 -62.94 12.24 -38.00
N SER E 266 -61.92 11.94 -38.81
CA SER E 266 -60.52 12.28 -38.58
C SER E 266 -59.83 12.71 -39.87
N ILE E 267 -58.63 13.27 -39.72
CA ILE E 267 -57.83 13.64 -40.88
C ILE E 267 -57.50 12.41 -41.73
N THR E 268 -57.23 11.28 -41.07
CA THR E 268 -56.87 10.08 -41.79
C THR E 268 -57.98 9.63 -42.74
N ARG E 269 -59.22 9.56 -42.23
CA ARG E 269 -60.33 9.10 -43.05
C ARG E 269 -60.64 10.09 -44.18
N LEU E 270 -60.59 11.39 -43.87
CA LEU E 270 -60.84 12.40 -44.90
C LEU E 270 -59.78 12.33 -46.00
N ALA E 271 -58.52 12.13 -45.62
CA ALA E 271 -57.46 11.96 -46.62
C ALA E 271 -57.65 10.68 -47.42
N ARG E 272 -58.10 9.61 -46.77
CA ARG E 272 -58.46 8.39 -47.48
C ARG E 272 -59.49 8.69 -48.57
N ALA E 273 -60.57 9.38 -48.19
CA ALA E 273 -61.63 9.68 -49.14
C ALA E 273 -61.14 10.54 -50.30
N TYR E 274 -60.37 11.58 -49.98
CA TYR E 274 -59.87 12.45 -51.04
C TYR E 274 -58.90 11.72 -51.97
N ASN E 275 -58.08 10.83 -51.42
CA ASN E 275 -57.17 10.05 -52.25
C ASN E 275 -57.93 9.09 -53.15
N THR E 276 -59.00 8.48 -52.64
CA THR E 276 -59.74 7.48 -53.39
C THR E 276 -60.83 8.08 -54.28
N VAL E 277 -61.05 9.39 -54.23
CA VAL E 277 -62.11 9.99 -55.06
C VAL E 277 -61.50 10.61 -56.31
N VAL E 278 -60.30 11.16 -56.20
CA VAL E 278 -59.70 11.91 -57.30
C VAL E 278 -59.13 10.97 -58.35
N PRO E 279 -59.15 11.33 -59.63
CA PRO E 279 -58.50 10.51 -60.65
C PRO E 279 -56.99 10.51 -60.48
N ALA E 280 -56.37 9.41 -60.90
CA ALA E 280 -54.92 9.29 -60.83
C ALA E 280 -54.27 10.24 -61.82
N SER E 281 -53.29 11.00 -61.35
CA SER E 281 -52.58 11.97 -62.18
C SER E 281 -51.29 11.41 -62.79
N GLY E 282 -50.95 10.15 -62.49
CA GLY E 282 -49.75 9.53 -63.02
C GLY E 282 -48.54 9.65 -62.12
N LYS E 283 -48.57 10.50 -61.11
CA LYS E 283 -47.48 10.65 -60.16
C LYS E 283 -47.96 10.14 -58.81
N VAL E 284 -47.34 9.04 -58.34
CA VAL E 284 -47.73 8.40 -57.09
C VAL E 284 -46.52 8.31 -56.17
N LEU E 285 -46.74 8.65 -54.90
CA LEU E 285 -45.70 8.55 -53.89
C LEU E 285 -45.78 7.18 -53.22
N THR E 286 -45.05 7.02 -52.12
CA THR E 286 -45.10 5.76 -51.38
C THR E 286 -46.48 5.54 -50.77
N GLY E 287 -46.89 4.27 -50.73
CA GLY E 287 -48.20 3.91 -50.23
C GLY E 287 -49.33 4.06 -51.22
N GLY E 288 -49.04 4.44 -52.46
CA GLY E 288 -50.07 4.61 -53.47
C GLY E 288 -50.77 5.95 -53.47
N VAL E 289 -50.34 6.89 -52.62
CA VAL E 289 -50.99 8.19 -52.56
C VAL E 289 -50.56 9.03 -53.76
N ASP E 290 -51.38 10.02 -54.09
CA ASP E 290 -51.11 10.97 -55.15
C ASP E 290 -50.76 12.33 -54.54
N ALA E 291 -49.78 13.01 -55.17
CA ALA E 291 -49.36 14.31 -54.65
C ALA E 291 -50.49 15.32 -54.68
N ASN E 292 -51.26 15.35 -55.78
CA ASN E 292 -52.39 16.25 -55.88
C ASN E 292 -53.60 15.79 -55.07
N ALA E 293 -53.65 14.51 -54.70
CA ALA E 293 -54.74 14.03 -53.86
C ALA E 293 -54.66 14.63 -52.46
N LEU E 294 -53.44 14.82 -51.95
CA LEU E 294 -53.23 15.37 -50.62
C LEU E 294 -53.39 16.89 -50.59
N HIS E 295 -53.56 17.53 -51.74
CA HIS E 295 -53.78 18.96 -51.78
C HIS E 295 -55.07 19.35 -51.06
N ARG E 296 -56.16 18.61 -51.32
CA ARG E 296 -57.45 18.98 -50.73
C ARG E 296 -57.47 18.86 -49.21
N PRO E 297 -57.07 17.74 -48.59
CA PRO E 297 -57.11 17.67 -47.12
C PRO E 297 -56.19 18.68 -46.45
N LYS E 298 -55.04 18.98 -47.04
CA LYS E 298 -54.16 19.98 -46.46
C LYS E 298 -54.79 21.36 -46.53
N ARG E 299 -55.50 21.65 -47.63
CA ARG E 299 -56.28 22.90 -47.70
C ARG E 299 -57.34 22.94 -46.62
N PHE E 300 -58.03 21.82 -46.41
CA PHE E 300 -59.06 21.76 -45.37
C PHE E 300 -58.47 22.06 -44.00
N PHE E 301 -57.32 21.46 -43.70
CA PHE E 301 -56.68 21.71 -42.41
C PHE E 301 -56.18 23.14 -42.30
N GLY E 302 -55.61 23.69 -43.37
CA GLY E 302 -55.06 25.03 -43.35
C GLY E 302 -56.05 26.15 -43.50
N ALA E 303 -57.34 25.83 -43.71
CA ALA E 303 -58.35 26.87 -43.78
C ALA E 303 -58.50 27.62 -42.45
N ALA E 304 -58.01 27.04 -41.35
CA ALA E 304 -58.12 27.69 -40.05
C ALA E 304 -57.25 28.94 -39.99
N ARG E 305 -57.81 30.00 -39.40
CA ARG E 305 -57.09 31.25 -39.23
C ARG E 305 -57.83 32.11 -38.20
N ASN E 306 -57.17 33.17 -37.77
CA ASN E 306 -57.76 34.13 -36.84
C ASN E 306 -57.89 35.47 -37.55
N VAL E 307 -59.07 36.09 -37.45
CA VAL E 307 -59.39 37.31 -38.16
C VAL E 307 -59.53 38.45 -37.16
N GLU E 308 -58.76 39.52 -37.37
CA GLU E 308 -58.86 40.70 -36.51
C GLU E 308 -60.08 41.53 -36.85
N GLU E 309 -60.55 41.50 -38.10
CA GLU E 309 -61.73 42.26 -38.47
C GLU E 309 -62.97 41.76 -37.74
N GLY E 310 -63.09 40.44 -37.58
CA GLY E 310 -64.20 39.86 -36.86
C GLY E 310 -64.33 38.38 -37.09
N GLY E 311 -64.62 37.63 -36.02
CA GLY E 311 -64.79 36.20 -36.10
C GLY E 311 -63.46 35.46 -36.12
N SER E 312 -63.56 34.14 -36.03
CA SER E 312 -62.39 33.27 -36.05
C SER E 312 -62.83 31.88 -36.48
N LEU E 313 -61.87 31.10 -36.96
CA LEU E 313 -62.12 29.73 -37.41
C LEU E 313 -61.09 28.82 -36.77
N THR E 314 -61.53 28.03 -35.79
CA THR E 314 -60.68 27.09 -35.08
C THR E 314 -60.97 25.67 -35.54
N ILE E 315 -59.92 24.92 -35.84
CA ILE E 315 -60.03 23.54 -36.27
C ILE E 315 -59.26 22.67 -35.29
N ILE E 316 -59.95 21.76 -34.63
CA ILE E 316 -59.33 20.77 -33.75
C ILE E 316 -59.61 19.42 -34.38
N ALA E 317 -58.61 18.85 -35.05
CA ALA E 317 -58.76 17.62 -35.81
C ALA E 317 -57.89 16.53 -35.24
N THR E 318 -58.43 15.32 -35.18
CA THR E 318 -57.66 14.18 -34.69
C THR E 318 -57.07 13.40 -35.86
N ALA E 319 -55.99 12.66 -35.56
CA ALA E 319 -55.29 11.87 -36.56
C ALA E 319 -55.00 10.48 -36.01
N LEU E 320 -54.85 9.52 -36.92
CA LEU E 320 -54.58 8.14 -36.55
C LEU E 320 -53.13 7.79 -36.87
N ILE E 321 -52.50 7.04 -35.97
CA ILE E 321 -51.12 6.61 -36.10
C ILE E 321 -51.08 5.10 -35.94
N ASP E 322 -50.02 4.49 -36.49
CA ASP E 322 -49.68 3.07 -36.40
C ASP E 322 -50.90 2.15 -36.38
N THR E 323 -51.82 2.38 -37.32
CA THR E 323 -53.04 1.58 -37.43
C THR E 323 -52.84 0.31 -38.25
N GLY E 324 -51.59 -0.10 -38.48
CA GLY E 324 -51.30 -1.26 -39.29
C GLY E 324 -51.16 -1.00 -40.77
N SER E 325 -51.32 0.25 -41.21
CA SER E 325 -51.18 0.64 -42.60
C SER E 325 -49.82 1.30 -42.82
N LYS E 326 -49.60 1.80 -44.04
CA LYS E 326 -48.36 2.47 -44.39
C LYS E 326 -48.57 3.94 -44.73
N MET E 327 -49.60 4.27 -45.52
CA MET E 327 -49.83 5.64 -45.92
C MET E 327 -50.42 6.50 -44.80
N ASP E 328 -50.92 5.89 -43.72
CA ASP E 328 -51.36 6.68 -42.56
C ASP E 328 -50.19 7.40 -41.90
N GLU E 329 -49.06 6.69 -41.68
CA GLU E 329 -47.88 7.37 -41.16
C GLU E 329 -47.32 8.37 -42.15
N VAL E 330 -47.54 8.15 -43.45
CA VAL E 330 -47.15 9.16 -44.43
C VAL E 330 -47.94 10.44 -44.21
N ILE E 331 -49.26 10.32 -44.02
CA ILE E 331 -50.08 11.49 -43.73
C ILE E 331 -49.62 12.14 -42.42
N TYR E 332 -49.32 11.33 -41.40
CA TYR E 332 -48.87 11.88 -40.13
C TYR E 332 -47.61 12.69 -40.31
N GLU E 333 -46.59 12.13 -40.97
CA GLU E 333 -45.32 12.82 -41.13
C GLU E 333 -45.46 14.06 -42.01
N GLU E 334 -46.39 14.03 -42.97
CA GLU E 334 -46.60 15.21 -43.80
C GLU E 334 -47.37 16.30 -43.06
N PHE E 335 -48.20 15.93 -42.07
CA PHE E 335 -49.03 16.87 -41.34
C PHE E 335 -48.40 17.34 -40.04
N LYS E 336 -47.14 17.00 -39.79
CA LYS E 336 -46.51 17.36 -38.52
C LYS E 336 -46.34 18.86 -38.38
N GLY E 337 -45.76 19.50 -39.38
CA GLY E 337 -45.44 20.91 -39.30
C GLY E 337 -46.52 21.88 -39.70
N THR E 338 -47.67 21.39 -40.19
CA THR E 338 -48.72 22.27 -40.67
C THR E 338 -49.66 22.75 -39.56
N GLY E 339 -49.56 22.18 -38.36
CA GLY E 339 -50.41 22.56 -37.25
C GLY E 339 -49.57 23.21 -36.15
N ASN E 340 -50.07 24.34 -35.64
CA ASN E 340 -49.37 25.08 -34.61
C ASN E 340 -49.72 24.63 -33.20
N MET E 341 -50.69 23.74 -33.04
CA MET E 341 -50.96 23.13 -31.73
C MET E 341 -51.04 21.63 -31.92
N GLU E 342 -50.41 20.88 -31.01
CA GLU E 342 -50.37 19.43 -31.09
C GLU E 342 -50.69 18.84 -29.72
N LEU E 343 -51.41 17.72 -29.73
CA LEU E 343 -51.73 16.98 -28.51
C LEU E 343 -51.54 15.50 -28.78
N HIS E 344 -50.56 14.89 -28.13
CA HIS E 344 -50.18 13.51 -28.39
C HIS E 344 -50.86 12.56 -27.41
N LEU E 345 -51.12 11.35 -27.89
CA LEU E 345 -51.65 10.26 -27.08
C LEU E 345 -50.69 9.09 -27.14
N SER E 346 -50.61 8.34 -26.03
CA SER E 346 -49.68 7.23 -25.90
C SER E 346 -50.43 5.95 -25.57
N ARG E 347 -50.01 4.85 -26.21
CA ARG E 347 -50.64 3.55 -25.94
C ARG E 347 -50.18 2.94 -24.63
N LYS E 348 -48.92 3.18 -24.24
CA LYS E 348 -48.40 2.54 -23.04
C LYS E 348 -49.10 3.02 -21.78
N ILE E 349 -49.44 4.31 -21.72
CA ILE E 349 -50.17 4.83 -20.56
C ILE E 349 -51.60 4.28 -20.54
N ALA E 350 -52.22 4.17 -21.71
CA ALA E 350 -53.57 3.60 -21.78
C ALA E 350 -53.58 2.12 -21.41
N GLU E 351 -52.46 1.42 -21.65
CA GLU E 351 -52.38 0.01 -21.30
C GLU E 351 -52.49 -0.18 -19.79
N LYS E 352 -51.86 0.71 -19.02
CA LYS E 352 -51.96 0.65 -17.56
C LYS E 352 -53.32 1.09 -17.06
N ARG E 353 -54.23 1.51 -17.94
CA ARG E 353 -55.58 1.93 -17.59
C ARG E 353 -55.57 3.10 -16.61
N VAL E 354 -54.62 4.01 -16.80
CA VAL E 354 -54.62 5.32 -16.17
C VAL E 354 -54.85 6.36 -17.28
N PHE E 355 -55.83 7.23 -17.08
CA PHE E 355 -56.34 8.08 -18.13
C PHE E 355 -56.50 9.52 -17.65
N PRO E 356 -56.44 10.49 -18.56
CA PRO E 356 -56.22 10.37 -20.02
C PRO E 356 -54.76 10.09 -20.36
N ALA E 357 -54.51 9.32 -21.41
CA ALA E 357 -53.15 8.88 -21.75
C ALA E 357 -52.48 9.85 -22.73
N ILE E 358 -52.44 11.13 -22.37
CA ILE E 358 -51.82 12.14 -23.22
C ILE E 358 -50.35 12.25 -22.87
N ASP E 359 -49.49 12.34 -23.90
CA ASP E 359 -48.06 12.49 -23.71
C ASP E 359 -47.76 13.96 -23.49
N TYR E 360 -47.69 14.36 -22.22
CA TYR E 360 -47.53 15.78 -21.89
C TYR E 360 -46.18 16.32 -22.37
N ASN E 361 -45.13 15.51 -22.27
CA ASN E 361 -43.78 16.01 -22.57
C ASN E 361 -43.66 16.42 -24.04
N ARG E 362 -44.04 15.53 -24.96
CA ARG E 362 -43.88 15.82 -26.38
C ARG E 362 -44.96 16.76 -26.90
N SER E 363 -46.15 16.76 -26.29
CA SER E 363 -47.22 17.63 -26.73
C SER E 363 -46.99 19.06 -26.23
N GLY E 364 -47.64 20.00 -26.90
CA GLY E 364 -47.50 21.40 -26.52
C GLY E 364 -48.10 22.30 -27.58
N THR E 365 -47.70 23.56 -27.54
CA THR E 365 -48.19 24.55 -28.49
C THR E 365 -47.15 25.67 -28.60
N ARG E 366 -47.32 26.49 -29.64
CA ARG E 366 -46.42 27.60 -29.90
C ARG E 366 -47.17 28.92 -29.84
N LYS E 367 -46.45 29.98 -29.50
CA LYS E 367 -47.00 31.33 -29.40
C LYS E 367 -48.16 31.38 -28.39
N GLU E 368 -48.03 30.63 -27.30
CA GLU E 368 -49.05 30.60 -26.27
C GLU E 368 -48.94 31.77 -25.28
N GLU E 369 -47.82 32.49 -25.29
CA GLU E 369 -47.61 33.59 -24.35
C GLU E 369 -48.34 34.87 -24.75
N LEU E 370 -48.84 34.95 -25.98
CA LEU E 370 -49.50 36.16 -26.47
C LEU E 370 -51.02 36.08 -26.41
N LEU E 371 -51.57 35.05 -25.76
CA LEU E 371 -53.00 34.86 -25.73
C LEU E 371 -53.59 34.74 -24.33
N THR E 372 -52.76 34.76 -23.28
CA THR E 372 -53.25 34.51 -21.94
C THR E 372 -52.34 35.18 -20.93
N THR E 373 -52.86 35.38 -19.72
CA THR E 373 -52.16 36.10 -18.68
C THR E 373 -50.92 35.32 -18.22
N GLN E 374 -49.90 36.06 -17.81
CA GLN E 374 -48.56 35.47 -17.66
C GLN E 374 -48.30 34.85 -16.30
N GLU E 375 -49.11 35.15 -15.27
CA GLU E 375 -48.85 34.51 -13.98
C GLU E 375 -49.01 33.00 -14.08
N GLU E 376 -50.06 32.52 -14.72
CA GLU E 376 -50.17 31.10 -15.00
C GLU E 376 -49.13 30.64 -16.03
N LEU E 377 -48.59 31.55 -16.83
CA LEU E 377 -47.42 31.21 -17.65
C LEU E 377 -46.24 30.78 -16.78
N GLN E 378 -45.85 31.60 -15.79
CA GLN E 378 -44.73 31.15 -14.97
C GLN E 378 -45.09 29.95 -14.10
N LYS E 379 -46.36 29.84 -13.64
CA LYS E 379 -46.73 28.66 -12.89
C LYS E 379 -46.56 27.39 -13.74
N MET E 380 -47.04 27.41 -14.99
CA MET E 380 -46.83 26.23 -15.82
C MET E 380 -45.38 26.10 -16.26
N TRP E 381 -44.59 27.17 -16.23
CA TRP E 381 -43.20 27.06 -16.63
C TRP E 381 -42.41 26.30 -15.56
N ILE E 382 -42.63 26.66 -14.29
CA ILE E 382 -42.02 25.89 -13.22
C ILE E 382 -42.61 24.50 -13.14
N LEU E 383 -43.88 24.34 -13.56
CA LEU E 383 -44.44 23.00 -13.69
C LEU E 383 -43.68 22.17 -14.72
N ARG E 384 -43.33 22.77 -15.86
CA ARG E 384 -42.57 22.05 -16.88
C ARG E 384 -41.16 21.77 -16.40
N LYS E 385 -40.59 22.66 -15.58
CA LYS E 385 -39.33 22.34 -14.91
C LYS E 385 -39.46 21.09 -14.05
N ILE E 386 -40.50 21.03 -13.20
CA ILE E 386 -40.61 19.94 -12.23
C ILE E 386 -41.20 18.66 -12.81
N ILE E 387 -41.69 18.69 -14.05
CA ILE E 387 -42.30 17.50 -14.65
C ILE E 387 -41.50 16.94 -15.82
N HIS E 388 -40.50 17.67 -16.32
CA HIS E 388 -39.71 17.18 -17.45
C HIS E 388 -38.89 15.93 -17.13
N PRO E 389 -38.15 15.84 -16.02
CA PRO E 389 -37.19 14.72 -15.90
C PRO E 389 -37.81 13.34 -15.90
N MET E 390 -38.76 13.08 -15.01
CA MET E 390 -39.29 11.72 -14.86
C MET E 390 -40.11 11.32 -16.09
N GLY E 391 -40.40 10.02 -16.17
CA GLY E 391 -41.12 9.48 -17.30
C GLY E 391 -42.55 9.97 -17.38
N GLU E 392 -43.16 9.73 -18.54
CA GLU E 392 -44.49 10.26 -18.81
C GLU E 392 -45.55 9.57 -17.94
N ILE E 393 -45.40 8.27 -17.71
CA ILE E 393 -46.44 7.51 -17.00
C ILE E 393 -46.55 7.96 -15.55
N ASP E 394 -45.46 7.80 -14.79
CA ASP E 394 -45.47 8.19 -13.38
C ASP E 394 -45.80 9.67 -13.23
N ALA E 395 -45.37 10.50 -14.19
CA ALA E 395 -45.80 11.89 -14.19
C ALA E 395 -47.31 12.00 -14.33
N MET E 396 -47.91 11.11 -15.13
CA MET E 396 -49.36 11.18 -15.31
C MET E 396 -50.10 10.78 -14.04
N GLU E 397 -49.64 9.72 -13.37
CA GLU E 397 -50.25 9.38 -12.07
C GLU E 397 -50.05 10.49 -11.05
N PHE E 398 -48.87 11.10 -11.03
CA PHE E 398 -48.62 12.22 -10.12
C PHE E 398 -49.60 13.36 -10.41
N LEU E 399 -49.79 13.69 -11.68
CA LEU E 399 -50.66 14.79 -12.04
C LEU E 399 -52.12 14.49 -11.67
N ILE E 400 -52.58 13.26 -11.92
CA ILE E 400 -53.97 12.95 -11.62
C ILE E 400 -54.20 12.91 -10.11
N ASN E 401 -53.24 12.39 -9.34
CA ASN E 401 -53.43 12.33 -7.89
C ASN E 401 -53.32 13.71 -7.27
N LYS E 402 -52.56 14.63 -7.90
CA LYS E 402 -52.54 16.00 -7.41
C LYS E 402 -53.84 16.73 -7.75
N LEU E 403 -54.33 16.57 -8.99
CA LEU E 403 -55.53 17.28 -9.40
C LEU E 403 -56.80 16.71 -8.78
N ALA E 404 -56.78 15.46 -8.33
CA ALA E 404 -57.99 14.84 -7.79
C ALA E 404 -58.44 15.53 -6.50
N MET E 405 -57.49 15.92 -5.65
CA MET E 405 -57.82 16.50 -4.35
C MET E 405 -58.03 18.00 -4.40
N THR E 406 -57.92 18.63 -5.58
CA THR E 406 -58.18 20.05 -5.73
C THR E 406 -59.59 20.28 -6.27
N LYS E 407 -59.92 21.55 -6.49
CA LYS E 407 -61.20 21.95 -7.06
C LYS E 407 -61.05 22.66 -8.39
N THR E 408 -60.15 23.64 -8.47
CA THR E 408 -59.90 24.39 -9.70
C THR E 408 -58.41 24.34 -10.01
N ASN E 409 -58.07 24.77 -11.23
CA ASN E 409 -56.67 24.79 -11.65
C ASN E 409 -55.84 25.74 -10.81
N ASP E 410 -56.40 26.91 -10.47
CA ASP E 410 -55.65 27.91 -9.72
C ASP E 410 -55.27 27.40 -8.34
N ASP E 411 -56.18 26.70 -7.66
CA ASP E 411 -55.88 26.17 -6.34
C ASP E 411 -54.73 25.18 -6.40
N PHE E 412 -54.80 24.25 -7.37
CA PHE E 412 -53.68 23.35 -7.63
C PHE E 412 -52.39 24.13 -7.89
N PHE E 413 -52.51 25.26 -8.58
CA PHE E 413 -51.35 26.07 -8.87
C PHE E 413 -50.70 26.60 -7.59
N GLU E 414 -51.49 27.16 -6.67
CA GLU E 414 -50.83 27.70 -5.48
C GLU E 414 -50.36 26.60 -4.55
N MET E 415 -51.00 25.43 -4.54
CA MET E 415 -50.47 24.39 -3.68
C MET E 415 -49.25 23.70 -4.29
N MET E 416 -49.06 23.81 -5.61
CA MET E 416 -47.73 23.53 -6.18
C MET E 416 -46.73 24.59 -5.78
N LYS E 417 -47.13 25.86 -5.80
CA LYS E 417 -46.20 26.94 -5.50
C LYS E 417 -45.70 26.87 -4.06
N ARG E 418 -46.59 26.58 -3.11
CA ARG E 418 -46.18 26.53 -1.71
C ARG E 418 -45.40 25.27 -1.39
N SER E 419 -45.64 24.19 -2.12
CA SER E 419 -44.94 22.93 -1.86
C SER E 419 -43.65 22.84 -2.68
N MET F 1 -105.20 -26.70 -47.13
CA MET F 1 -104.20 -26.75 -46.07
C MET F 1 -102.87 -26.15 -46.54
N ASN F 2 -102.08 -25.66 -45.58
CA ASN F 2 -100.89 -24.89 -45.89
C ASN F 2 -99.83 -25.73 -46.57
N LEU F 3 -99.00 -25.06 -47.38
CA LEU F 3 -97.95 -25.73 -48.12
C LEU F 3 -96.63 -25.80 -47.36
N THR F 4 -96.45 -24.97 -46.33
CA THR F 4 -95.17 -24.94 -45.61
C THR F 4 -94.86 -26.29 -44.97
N GLU F 5 -95.86 -26.93 -44.36
CA GLU F 5 -95.64 -28.24 -43.76
C GLU F 5 -95.45 -29.34 -44.79
N LEU F 6 -95.67 -29.06 -46.08
CA LEU F 6 -95.40 -30.02 -47.13
C LEU F 6 -94.01 -29.85 -47.75
N LYS F 7 -93.57 -28.60 -47.91
CA LYS F 7 -92.25 -28.37 -48.50
C LYS F 7 -91.14 -28.91 -47.60
N ASN F 8 -91.24 -28.69 -46.30
CA ASN F 8 -90.26 -29.22 -45.36
C ASN F 8 -90.45 -30.71 -45.08
N THR F 9 -91.58 -31.28 -45.49
CA THR F 9 -91.82 -32.71 -45.30
C THR F 9 -90.82 -33.52 -46.12
N PRO F 10 -90.28 -34.61 -45.57
CA PRO F 10 -89.41 -35.48 -46.37
C PRO F 10 -90.11 -36.01 -47.61
N VAL F 11 -89.34 -36.14 -48.68
CA VAL F 11 -89.92 -36.43 -50.00
C VAL F 11 -90.51 -37.83 -50.10
N SER F 12 -90.11 -38.75 -49.20
CA SER F 12 -90.55 -40.14 -49.31
C SER F 12 -92.06 -40.26 -49.19
N GLU F 13 -92.61 -39.91 -48.02
CA GLU F 13 -94.05 -39.98 -47.86
C GLU F 13 -94.79 -38.97 -48.73
N LEU F 14 -94.13 -37.90 -49.17
CA LEU F 14 -94.75 -36.99 -50.12
C LEU F 14 -95.05 -37.71 -51.44
N ILE F 15 -94.05 -38.38 -52.01
CA ILE F 15 -94.30 -39.11 -53.25
C ILE F 15 -95.21 -40.30 -52.99
N THR F 16 -95.16 -40.86 -51.77
CA THR F 16 -96.08 -41.95 -51.44
C THR F 16 -97.53 -41.49 -51.50
N LEU F 17 -97.85 -40.36 -50.87
CA LEU F 17 -99.21 -39.85 -50.92
C LEU F 17 -99.58 -39.36 -52.32
N GLY F 18 -98.60 -38.86 -53.07
CA GLY F 18 -98.88 -38.49 -54.46
C GLY F 18 -99.25 -39.69 -55.31
N GLU F 19 -98.56 -40.82 -55.12
CA GLU F 19 -98.95 -42.04 -55.80
C GLU F 19 -100.31 -42.53 -55.31
N ASN F 20 -100.59 -42.36 -54.01
CA ASN F 20 -101.87 -42.79 -53.46
C ASN F 20 -103.02 -42.02 -54.08
N MET F 21 -102.88 -40.70 -54.25
CA MET F 21 -103.97 -39.89 -54.76
C MET F 21 -104.17 -40.06 -56.27
N GLY F 22 -103.23 -40.68 -56.98
CA GLY F 22 -103.42 -40.99 -58.38
C GLY F 22 -102.50 -40.25 -59.33
N LEU F 23 -101.30 -39.92 -58.87
CA LEU F 23 -100.30 -39.22 -59.68
C LEU F 23 -98.95 -39.89 -59.52
N GLU F 24 -98.92 -41.20 -59.73
CA GLU F 24 -97.69 -41.98 -59.55
C GLU F 24 -96.55 -41.46 -60.41
N ASN F 25 -96.86 -40.81 -61.53
CA ASN F 25 -95.83 -40.24 -62.39
C ASN F 25 -95.22 -39.02 -61.72
N LEU F 26 -94.33 -38.35 -62.45
CA LEU F 26 -93.63 -37.15 -61.99
C LEU F 26 -92.82 -37.45 -60.72
N ALA F 27 -91.81 -38.31 -60.90
CA ALA F 27 -90.95 -38.74 -59.80
C ALA F 27 -89.54 -38.17 -59.87
N ARG F 28 -89.02 -37.88 -61.06
CA ARG F 28 -87.66 -37.36 -61.22
C ARG F 28 -87.66 -35.90 -61.69
N MET F 29 -88.72 -35.15 -61.37
CA MET F 29 -88.79 -33.73 -61.67
C MET F 29 -89.20 -32.98 -60.41
N ARG F 30 -89.25 -31.65 -60.52
CA ARG F 30 -89.73 -30.84 -59.41
C ARG F 30 -91.20 -31.10 -59.15
N LYS F 31 -91.61 -30.97 -57.90
CA LYS F 31 -92.95 -31.33 -57.46
C LYS F 31 -93.90 -30.14 -57.43
N GLN F 32 -93.74 -29.19 -58.37
CA GLN F 32 -94.70 -28.11 -58.47
C GLN F 32 -96.05 -28.61 -58.99
N ASP F 33 -96.03 -29.51 -59.98
CA ASP F 33 -97.27 -29.95 -60.60
C ASP F 33 -98.10 -30.82 -59.66
N ILE F 34 -97.45 -31.61 -58.80
CA ILE F 34 -98.21 -32.43 -57.85
C ILE F 34 -98.94 -31.52 -56.84
N ILE F 35 -98.27 -30.47 -56.38
CA ILE F 35 -98.93 -29.50 -55.51
C ILE F 35 -100.05 -28.79 -56.25
N PHE F 36 -99.81 -28.46 -57.52
CA PHE F 36 -100.85 -27.86 -58.35
C PHE F 36 -102.11 -28.72 -58.38
N ALA F 37 -101.95 -30.00 -58.71
CA ALA F 37 -103.09 -30.90 -58.80
C ALA F 37 -103.76 -31.08 -57.45
N ILE F 38 -102.96 -31.28 -56.40
CA ILE F 38 -103.51 -31.55 -55.07
C ILE F 38 -104.34 -30.36 -54.59
N LEU F 39 -103.78 -29.15 -54.69
CA LEU F 39 -104.53 -27.97 -54.34
C LEU F 39 -105.71 -27.74 -55.28
N LYS F 40 -105.63 -28.25 -56.51
CA LYS F 40 -106.78 -28.17 -57.40
C LYS F 40 -107.97 -28.97 -56.86
N GLN F 41 -107.74 -30.23 -56.48
CA GLN F 41 -108.88 -30.97 -55.94
C GLN F 41 -109.26 -30.47 -54.56
N HIS F 42 -108.32 -29.87 -53.82
CA HIS F 42 -108.67 -29.26 -52.54
C HIS F 42 -109.61 -28.08 -52.73
N ALA F 43 -109.33 -27.24 -53.73
CA ALA F 43 -110.21 -26.10 -54.00
C ALA F 43 -111.54 -26.55 -54.57
N LYS F 44 -111.53 -27.57 -55.45
CA LYS F 44 -112.77 -28.08 -56.00
C LYS F 44 -113.65 -28.69 -54.91
N SER F 45 -113.06 -29.42 -53.97
CA SER F 45 -113.81 -30.01 -52.88
C SER F 45 -114.26 -28.99 -51.84
N GLY F 46 -113.78 -27.75 -51.92
CA GLY F 46 -114.14 -26.73 -50.96
C GLY F 46 -113.34 -26.74 -49.68
N GLU F 47 -112.29 -27.54 -49.59
CA GLU F 47 -111.48 -27.58 -48.39
C GLU F 47 -110.74 -26.26 -48.20
N ASP F 48 -110.56 -25.87 -46.94
CA ASP F 48 -109.80 -24.66 -46.63
C ASP F 48 -108.35 -24.83 -47.05
N ILE F 49 -107.82 -23.83 -47.75
CA ILE F 49 -106.48 -23.88 -48.31
C ILE F 49 -105.69 -22.66 -47.84
N PHE F 50 -104.46 -22.89 -47.39
CA PHE F 50 -103.61 -21.84 -46.85
C PHE F 50 -102.25 -21.88 -47.54
N GLY F 51 -101.48 -20.81 -47.35
CA GLY F 51 -100.14 -20.71 -47.88
C GLY F 51 -99.34 -19.62 -47.19
N ASP F 52 -98.05 -19.86 -47.00
CA ASP F 52 -97.16 -18.92 -46.33
C ASP F 52 -95.84 -18.81 -47.08
N GLY F 53 -95.25 -17.62 -47.02
CA GLY F 53 -93.99 -17.39 -47.69
C GLY F 53 -93.46 -16.01 -47.37
N VAL F 54 -92.39 -15.64 -48.06
CA VAL F 54 -91.74 -14.34 -47.91
C VAL F 54 -91.87 -13.59 -49.23
N LEU F 55 -92.26 -12.31 -49.14
CA LEU F 55 -92.64 -11.55 -50.32
C LEU F 55 -91.47 -10.74 -50.86
N GLU F 56 -91.36 -10.68 -52.19
CA GLU F 56 -90.36 -9.88 -52.88
C GLU F 56 -91.01 -9.19 -54.07
N ILE F 57 -90.50 -8.01 -54.39
CA ILE F 57 -91.04 -7.15 -55.44
C ILE F 57 -89.96 -6.90 -56.48
N LEU F 58 -90.30 -7.11 -57.74
CA LEU F 58 -89.37 -6.89 -58.84
C LEU F 58 -89.34 -5.40 -59.21
N GLN F 59 -88.69 -5.08 -60.33
CA GLN F 59 -88.61 -3.69 -60.77
C GLN F 59 -89.99 -3.16 -61.19
N ASP F 60 -90.79 -4.01 -61.81
CA ASP F 60 -92.11 -3.63 -62.30
C ASP F 60 -93.22 -3.82 -61.28
N GLY F 61 -92.88 -4.22 -60.05
CA GLY F 61 -93.88 -4.49 -59.04
C GLY F 61 -94.45 -5.88 -59.06
N PHE F 62 -94.01 -6.74 -59.98
CA PHE F 62 -94.49 -8.11 -60.04
C PHE F 62 -93.99 -8.88 -58.82
N GLY F 63 -94.92 -9.37 -58.00
CA GLY F 63 -94.58 -9.89 -56.69
C GLY F 63 -94.44 -11.40 -56.67
N PHE F 64 -93.31 -11.86 -56.13
CA PHE F 64 -93.09 -13.27 -55.87
C PHE F 64 -93.17 -13.55 -54.37
N LEU F 65 -93.51 -14.79 -54.03
CA LEU F 65 -93.48 -15.26 -52.65
C LEU F 65 -92.62 -16.52 -52.61
N ARG F 66 -91.40 -16.37 -52.11
CA ARG F 66 -90.46 -17.47 -51.96
C ARG F 66 -90.75 -18.24 -50.68
N SER F 67 -90.14 -19.41 -50.57
CA SER F 67 -90.21 -20.26 -49.38
C SER F 67 -88.83 -20.34 -48.75
N ALA F 68 -88.76 -20.09 -47.43
CA ALA F 68 -87.47 -20.08 -46.75
C ALA F 68 -86.83 -21.46 -46.75
N ASP F 69 -87.61 -22.51 -46.50
CA ASP F 69 -87.05 -23.85 -46.42
C ASP F 69 -86.60 -24.39 -47.77
N SER F 70 -87.09 -23.80 -48.87
CA SER F 70 -86.73 -24.25 -50.21
C SER F 70 -85.51 -23.52 -50.76
N SER F 71 -84.66 -22.97 -49.89
CA SER F 71 -83.44 -22.26 -50.27
C SER F 71 -83.70 -21.06 -51.18
N TYR F 72 -84.93 -20.53 -51.16
CA TYR F 72 -85.31 -19.33 -51.90
C TYR F 72 -85.09 -19.49 -53.40
N LEU F 73 -85.30 -20.69 -53.93
CA LEU F 73 -85.20 -20.91 -55.36
C LEU F 73 -86.27 -20.10 -56.10
N ALA F 74 -85.85 -19.42 -57.16
CA ALA F 74 -86.76 -18.63 -57.99
C ALA F 74 -87.33 -19.53 -59.07
N GLY F 75 -88.58 -19.95 -58.89
CA GLY F 75 -89.23 -20.85 -59.82
C GLY F 75 -90.73 -20.87 -59.65
N PRO F 76 -91.38 -21.87 -60.25
CA PRO F 76 -92.85 -21.97 -60.13
C PRO F 76 -93.34 -22.19 -58.71
N ASP F 77 -92.48 -22.68 -57.81
CA ASP F 77 -92.90 -22.92 -56.44
C ASP F 77 -93.28 -21.64 -55.69
N ASP F 78 -92.87 -20.48 -56.21
CA ASP F 78 -93.23 -19.22 -55.58
C ASP F 78 -94.72 -18.93 -55.77
N ILE F 79 -95.23 -18.02 -54.95
CA ILE F 79 -96.65 -17.66 -54.95
C ILE F 79 -96.79 -16.29 -55.61
N TYR F 80 -97.72 -16.18 -56.54
CA TYR F 80 -97.97 -14.93 -57.24
C TYR F 80 -98.56 -13.88 -56.30
N VAL F 81 -98.08 -12.64 -56.44
CA VAL F 81 -98.59 -11.50 -55.67
C VAL F 81 -98.69 -10.33 -56.63
N SER F 82 -99.91 -9.91 -56.95
CA SER F 82 -100.11 -8.80 -57.85
C SER F 82 -99.78 -7.47 -57.17
N PRO F 83 -99.45 -6.44 -57.95
CA PRO F 83 -99.25 -5.11 -57.35
C PRO F 83 -100.48 -4.55 -56.67
N SER F 84 -101.68 -5.05 -57.02
CA SER F 84 -102.90 -4.57 -56.38
C SER F 84 -102.87 -4.86 -54.87
N GLN F 85 -102.61 -6.12 -54.50
CA GLN F 85 -102.51 -6.44 -53.08
C GLN F 85 -101.30 -5.77 -52.44
N ILE F 86 -100.27 -5.47 -53.24
CA ILE F 86 -99.12 -4.73 -52.72
C ILE F 86 -99.55 -3.34 -52.26
N ARG F 87 -100.36 -2.67 -53.09
CA ARG F 87 -100.85 -1.34 -52.73
C ARG F 87 -101.89 -1.40 -51.62
N ARG F 88 -102.70 -2.46 -51.60
CA ARG F 88 -103.77 -2.56 -50.59
C ARG F 88 -103.20 -2.63 -49.18
N PHE F 89 -102.15 -3.42 -48.97
CA PHE F 89 -101.60 -3.64 -47.64
C PHE F 89 -100.12 -3.27 -47.55
N ASN F 90 -99.70 -2.33 -48.40
CA ASN F 90 -98.38 -1.68 -48.37
C ASN F 90 -97.24 -2.65 -48.02
N LEU F 91 -97.24 -3.80 -48.70
CA LEU F 91 -96.15 -4.75 -48.53
C LEU F 91 -94.89 -4.27 -49.24
N ARG F 92 -93.77 -4.92 -48.92
CA ARG F 92 -92.53 -4.77 -49.66
C ARG F 92 -91.71 -6.05 -49.48
N THR F 93 -90.45 -6.00 -49.85
CA THR F 93 -89.56 -7.15 -49.72
C THR F 93 -89.34 -7.48 -48.25
N GLY F 94 -89.13 -8.77 -47.97
CA GLY F 94 -88.74 -9.23 -46.66
C GLY F 94 -89.87 -9.50 -45.69
N ASP F 95 -91.12 -9.25 -46.08
CA ASP F 95 -92.26 -9.50 -45.21
C ASP F 95 -92.77 -10.92 -45.38
N THR F 96 -93.34 -11.46 -44.32
CA THR F 96 -93.89 -12.81 -44.32
C THR F 96 -95.41 -12.73 -44.46
N ILE F 97 -95.93 -13.42 -45.46
CA ILE F 97 -97.36 -13.43 -45.76
C ILE F 97 -97.88 -14.86 -45.59
N SER F 98 -98.90 -15.02 -44.75
CA SER F 98 -99.58 -16.29 -44.57
C SER F 98 -101.08 -16.05 -44.62
N GLY F 99 -101.78 -16.87 -45.40
CA GLY F 99 -103.22 -16.73 -45.52
C GLY F 99 -103.75 -17.61 -46.63
N LYS F 100 -105.06 -17.48 -46.85
CA LYS F 100 -105.71 -18.25 -47.91
C LYS F 100 -105.25 -17.77 -49.28
N ILE F 101 -105.13 -18.71 -50.21
CA ILE F 101 -104.57 -18.44 -51.53
C ILE F 101 -105.54 -18.92 -52.60
N ARG F 102 -105.18 -18.65 -53.86
CA ARG F 102 -106.01 -18.99 -55.00
C ARG F 102 -105.19 -19.74 -56.03
N PRO F 103 -105.70 -20.83 -56.60
CA PRO F 103 -104.99 -21.51 -57.67
C PRO F 103 -104.90 -20.63 -58.91
N PRO F 104 -103.82 -20.73 -59.68
CA PRO F 104 -103.67 -19.86 -60.85
C PRO F 104 -104.66 -20.20 -61.94
N LYS F 105 -105.02 -19.17 -62.72
CA LYS F 105 -105.90 -19.33 -63.85
C LYS F 105 -105.07 -19.46 -65.14
N GLU F 106 -105.75 -19.43 -66.28
CA GLU F 106 -105.06 -19.51 -67.56
C GLU F 106 -104.22 -18.27 -67.79
N GLY F 107 -103.00 -18.48 -68.31
CA GLY F 107 -102.08 -17.41 -68.61
C GLY F 107 -100.96 -17.24 -67.60
N GLU F 108 -101.08 -17.84 -66.42
CA GLU F 108 -100.04 -17.76 -65.41
C GLU F 108 -99.87 -19.13 -64.76
N ARG F 109 -98.66 -19.37 -64.25
CA ARG F 109 -98.32 -20.64 -63.62
C ARG F 109 -98.00 -20.48 -62.14
N TYR F 110 -98.19 -19.30 -61.57
CA TYR F 110 -97.89 -19.02 -60.17
C TYR F 110 -99.19 -18.86 -59.40
N PHE F 111 -99.30 -19.54 -58.27
CA PHE F 111 -100.51 -19.48 -57.46
C PHE F 111 -100.71 -18.08 -56.89
N ALA F 112 -101.94 -17.59 -56.96
CA ALA F 112 -102.29 -16.28 -56.47
C ALA F 112 -102.85 -16.37 -55.05
N LEU F 113 -103.15 -15.23 -54.46
CA LEU F 113 -103.75 -15.15 -53.13
C LEU F 113 -104.91 -14.17 -53.16
N LEU F 114 -105.91 -14.44 -52.31
CA LEU F 114 -107.10 -13.60 -52.22
C LEU F 114 -107.04 -12.61 -51.07
N LYS F 115 -106.54 -13.03 -49.91
CA LYS F 115 -106.42 -12.14 -48.77
C LYS F 115 -105.34 -12.66 -47.83
N VAL F 116 -104.86 -11.78 -46.97
CA VAL F 116 -103.81 -12.11 -46.00
C VAL F 116 -104.43 -12.18 -44.61
N ASN F 117 -104.06 -13.23 -43.87
CA ASN F 117 -104.59 -13.45 -42.53
C ASN F 117 -103.58 -13.23 -41.42
N GLU F 118 -102.28 -13.27 -41.73
CA GLU F 118 -101.25 -13.14 -40.70
C GLU F 118 -99.96 -12.68 -41.38
N VAL F 119 -99.47 -11.50 -40.97
CA VAL F 119 -98.27 -10.91 -41.57
C VAL F 119 -97.30 -10.55 -40.45
N ASN F 120 -96.03 -10.93 -40.63
CA ASN F 120 -94.94 -10.55 -39.71
C ASN F 120 -95.23 -10.98 -38.28
N PHE F 121 -95.86 -12.16 -38.13
CA PHE F 121 -96.17 -12.74 -36.82
C PHE F 121 -96.98 -11.78 -35.95
N ASP F 122 -97.89 -11.04 -36.58
CA ASP F 122 -98.70 -10.05 -35.86
C ASP F 122 -99.99 -9.82 -36.63
N LYS F 123 -100.97 -9.27 -35.93
CA LYS F 123 -102.26 -8.97 -36.55
C LYS F 123 -102.06 -7.91 -37.62
N PRO F 124 -102.62 -8.08 -38.82
CA PRO F 124 -102.30 -7.16 -39.93
C PRO F 124 -102.61 -5.70 -39.63
N GLU F 125 -103.75 -5.41 -39.01
CA GLU F 125 -104.08 -4.02 -38.72
C GLU F 125 -103.10 -3.42 -37.71
N ASN F 126 -102.70 -4.20 -36.71
CA ASN F 126 -101.66 -3.76 -35.79
C ASN F 126 -100.33 -3.58 -36.52
N ALA F 127 -100.01 -4.49 -37.44
CA ALA F 127 -98.76 -4.42 -38.18
C ALA F 127 -98.73 -3.25 -39.16
N ARG F 128 -99.89 -2.67 -39.49
CA ARG F 128 -99.91 -1.53 -40.40
C ARG F 128 -99.14 -0.34 -39.82
N ASN F 129 -99.32 -0.07 -38.53
CA ASN F 129 -98.66 1.05 -37.86
C ASN F 129 -97.32 0.58 -37.31
N LYS F 130 -96.31 0.58 -38.18
CA LYS F 130 -94.96 0.19 -37.83
C LYS F 130 -93.99 1.29 -38.26
N ILE F 131 -92.72 1.11 -37.92
CA ILE F 131 -91.69 2.10 -38.20
C ILE F 131 -90.59 1.45 -39.03
N LEU F 132 -89.92 2.25 -39.86
CA LEU F 132 -88.81 1.76 -40.64
C LEU F 132 -87.62 1.43 -39.75
N PHE F 133 -86.77 0.52 -40.24
CA PHE F 133 -85.64 0.05 -39.44
C PHE F 133 -84.61 1.15 -39.25
N GLU F 134 -84.20 1.81 -40.34
CA GLU F 134 -83.13 2.80 -40.26
C GLU F 134 -83.58 4.12 -39.65
N ASN F 135 -84.89 4.35 -39.49
CA ASN F 135 -85.37 5.59 -38.92
C ASN F 135 -85.17 5.67 -37.41
N LEU F 136 -84.81 4.56 -36.76
CA LEU F 136 -84.60 4.56 -35.32
C LEU F 136 -83.17 4.99 -34.99
N THR F 137 -82.87 5.10 -33.70
CA THR F 137 -81.57 5.54 -33.24
C THR F 137 -80.71 4.35 -32.89
N PRO F 138 -79.61 4.10 -33.61
CA PRO F 138 -78.72 3.00 -33.23
C PRO F 138 -78.10 3.22 -31.86
N LEU F 139 -77.83 2.11 -31.17
CA LEU F 139 -77.24 2.17 -29.83
C LEU F 139 -76.18 1.09 -29.72
N HIS F 140 -75.26 1.30 -28.78
CA HIS F 140 -74.22 0.33 -28.51
C HIS F 140 -74.82 -0.95 -27.91
N ALA F 141 -74.15 -2.07 -28.16
CA ALA F 141 -74.60 -3.34 -27.60
C ALA F 141 -74.53 -3.30 -26.09
N ASN F 142 -75.60 -3.76 -25.45
CA ASN F 142 -75.70 -3.70 -23.99
C ASN F 142 -76.01 -5.04 -23.36
N SER F 143 -76.87 -5.85 -23.98
CA SER F 143 -77.24 -7.14 -23.41
C SER F 143 -76.12 -8.14 -23.64
N ARG F 144 -75.58 -8.68 -22.55
CA ARG F 144 -74.48 -9.63 -22.64
C ARG F 144 -74.99 -10.97 -23.15
N LEU F 145 -74.33 -11.51 -24.16
CA LEU F 145 -74.69 -12.81 -24.73
C LEU F 145 -73.68 -13.84 -24.22
N ARG F 146 -74.04 -14.53 -23.15
CA ARG F 146 -73.19 -15.56 -22.56
C ARG F 146 -73.42 -16.87 -23.31
N MET F 147 -72.35 -17.41 -23.89
CA MET F 147 -72.45 -18.58 -24.75
C MET F 147 -72.16 -19.89 -24.00
N GLU F 148 -71.98 -19.83 -22.69
CA GLU F 148 -71.63 -21.03 -21.92
C GLU F 148 -72.72 -22.08 -22.04
N ARG F 149 -72.34 -23.26 -22.54
CA ARG F 149 -73.30 -24.34 -22.71
C ARG F 149 -73.84 -24.82 -21.38
N GLY F 150 -72.96 -24.99 -20.39
CA GLY F 150 -73.35 -25.36 -19.05
C GLY F 150 -73.14 -26.83 -18.70
N ASN F 151 -73.00 -27.70 -19.69
CA ASN F 151 -72.84 -29.13 -19.44
C ASN F 151 -71.38 -29.56 -19.41
N GLY F 152 -70.43 -28.64 -19.54
CA GLY F 152 -69.03 -28.98 -19.47
C GLY F 152 -68.53 -29.87 -20.60
N SER F 153 -68.99 -29.64 -21.82
CA SER F 153 -68.54 -30.40 -22.97
C SER F 153 -67.42 -29.66 -23.69
N THR F 154 -66.99 -30.17 -24.84
CA THR F 154 -65.93 -29.52 -25.60
C THR F 154 -66.43 -28.24 -26.28
N GLU F 155 -67.64 -28.28 -26.84
CA GLU F 155 -68.22 -27.05 -27.36
C GLU F 155 -68.49 -26.06 -26.23
N ASP F 156 -68.72 -26.56 -25.02
CA ASP F 156 -68.87 -25.68 -23.86
C ASP F 156 -67.59 -24.90 -23.61
N LEU F 157 -66.44 -25.59 -23.61
CA LEU F 157 -65.18 -24.89 -23.39
C LEU F 157 -64.81 -23.99 -24.57
N THR F 158 -65.19 -24.39 -25.79
CA THR F 158 -64.99 -23.52 -26.94
C THR F 158 -65.76 -22.22 -26.78
N ALA F 159 -67.03 -22.32 -26.37
CA ALA F 159 -67.82 -21.12 -26.13
C ALA F 159 -67.27 -20.32 -24.96
N ARG F 160 -66.75 -21.00 -23.93
CA ARG F 160 -66.17 -20.30 -22.79
C ARG F 160 -64.96 -19.49 -23.21
N VAL F 161 -64.06 -20.08 -23.99
CA VAL F 161 -62.86 -19.34 -24.41
C VAL F 161 -63.23 -18.26 -25.41
N LEU F 162 -64.27 -18.48 -26.22
CA LEU F 162 -64.72 -17.42 -27.12
C LEU F 162 -65.27 -16.23 -26.34
N ASP F 163 -66.07 -16.49 -25.30
CA ASP F 163 -66.60 -15.41 -24.47
C ASP F 163 -65.48 -14.69 -23.73
N LEU F 164 -64.53 -15.44 -23.17
CA LEU F 164 -63.43 -14.84 -22.43
C LEU F 164 -62.57 -13.98 -23.34
N ALA F 165 -62.27 -14.48 -24.55
CA ALA F 165 -61.48 -13.70 -25.49
C ALA F 165 -62.24 -12.49 -25.99
N SER F 166 -63.54 -12.64 -26.25
CA SER F 166 -64.34 -11.56 -26.80
C SER F 166 -65.77 -11.65 -26.31
N PRO F 167 -66.23 -10.69 -25.50
CA PRO F 167 -67.64 -10.68 -25.10
C PRO F 167 -68.55 -10.50 -26.30
N ILE F 168 -69.70 -11.17 -26.24
CA ILE F 168 -70.69 -11.14 -27.31
C ILE F 168 -71.89 -10.32 -26.82
N GLY F 169 -72.30 -9.34 -27.63
CA GLY F 169 -73.40 -8.48 -27.29
C GLY F 169 -74.58 -8.65 -28.24
N ARG F 170 -75.67 -7.96 -27.89
CA ARG F 170 -76.89 -7.96 -28.69
C ARG F 170 -76.87 -6.72 -29.57
N GLY F 171 -77.12 -6.90 -30.86
CA GLY F 171 -76.86 -5.83 -31.82
C GLY F 171 -75.38 -5.55 -31.98
N GLN F 172 -74.57 -6.61 -31.98
CA GLN F 172 -73.12 -6.49 -32.02
C GLN F 172 -72.60 -6.59 -33.45
N ARG F 173 -71.52 -5.87 -33.72
CA ARG F 173 -70.89 -5.86 -35.04
C ARG F 173 -69.40 -6.17 -34.88
N GLY F 174 -68.86 -6.90 -35.83
CA GLY F 174 -67.45 -7.23 -35.79
C GLY F 174 -67.03 -8.10 -36.95
N LEU F 175 -65.77 -8.50 -36.92
CA LEU F 175 -65.16 -9.32 -37.95
C LEU F 175 -64.50 -10.54 -37.34
N ILE F 176 -64.50 -11.64 -38.09
CA ILE F 176 -63.81 -12.87 -37.70
C ILE F 176 -62.84 -13.17 -38.84
N VAL F 177 -61.61 -12.67 -38.74
CA VAL F 177 -60.62 -12.87 -39.78
C VAL F 177 -59.92 -14.20 -39.55
N ALA F 178 -59.68 -14.94 -40.65
CA ALA F 178 -59.11 -16.27 -40.57
C ALA F 178 -58.63 -16.71 -41.94
N PRO F 179 -57.44 -17.28 -42.05
CA PRO F 179 -57.02 -17.89 -43.31
C PRO F 179 -57.71 -19.24 -43.50
N PRO F 180 -57.56 -19.87 -44.67
CA PRO F 180 -58.15 -21.20 -44.86
C PRO F 180 -57.58 -22.21 -43.88
N LYS F 181 -58.40 -23.23 -43.57
CA LYS F 181 -58.02 -24.30 -42.64
C LYS F 181 -57.78 -23.77 -41.24
N ALA F 182 -58.57 -22.78 -40.82
CA ALA F 182 -58.49 -22.22 -39.48
C ALA F 182 -59.56 -22.75 -38.55
N GLY F 183 -60.35 -23.72 -38.98
CA GLY F 183 -61.42 -24.25 -38.16
C GLY F 183 -62.58 -23.31 -37.95
N LYS F 184 -62.81 -22.40 -38.90
CA LYS F 184 -63.88 -21.41 -38.74
C LYS F 184 -65.26 -22.04 -38.86
N THR F 185 -65.40 -23.10 -39.67
CA THR F 185 -66.70 -23.70 -39.90
C THR F 185 -67.25 -24.31 -38.61
N MET F 186 -66.42 -25.09 -37.91
CA MET F 186 -66.89 -25.68 -36.66
C MET F 186 -67.14 -24.63 -35.60
N LEU F 187 -66.40 -23.52 -35.64
CA LEU F 187 -66.72 -22.40 -34.76
C LEU F 187 -68.10 -21.83 -35.10
N LEU F 188 -68.43 -21.75 -36.38
CA LEU F 188 -69.75 -21.31 -36.80
C LEU F 188 -70.83 -22.24 -36.26
N GLN F 189 -70.63 -23.56 -36.37
CA GLN F 189 -71.64 -24.47 -35.81
C GLN F 189 -71.73 -24.35 -34.29
N ASN F 190 -70.59 -24.19 -33.60
CA ASN F 190 -70.64 -24.07 -32.15
C ASN F 190 -71.41 -22.83 -31.72
N ILE F 191 -71.15 -21.69 -32.37
CA ILE F 191 -71.87 -20.48 -32.01
C ILE F 191 -73.35 -20.59 -32.41
N ALA F 192 -73.65 -21.29 -33.51
CA ALA F 192 -75.04 -21.47 -33.91
C ALA F 192 -75.82 -22.29 -32.88
N GLN F 193 -75.24 -23.40 -32.43
CA GLN F 193 -75.89 -24.18 -31.37
C GLN F 193 -75.97 -23.40 -30.07
N SER F 194 -74.97 -22.58 -29.77
CA SER F 194 -75.04 -21.74 -28.57
C SER F 194 -76.20 -20.78 -28.64
N ILE F 195 -76.40 -20.12 -29.79
CA ILE F 195 -77.54 -19.23 -29.96
C ILE F 195 -78.85 -20.01 -29.86
N ALA F 196 -78.90 -21.19 -30.48
CA ALA F 196 -80.13 -21.97 -30.49
C ALA F 196 -80.52 -22.43 -29.10
N TYR F 197 -79.55 -22.84 -28.28
CA TYR F 197 -79.85 -23.44 -26.98
C TYR F 197 -79.91 -22.40 -25.87
N ASN F 198 -78.85 -21.60 -25.71
CA ASN F 198 -78.80 -20.65 -24.59
C ASN F 198 -79.88 -19.59 -24.71
N HIS F 199 -80.14 -19.10 -25.92
CA HIS F 199 -81.11 -18.03 -26.16
C HIS F 199 -82.07 -18.44 -27.26
N PRO F 200 -82.98 -19.37 -26.98
CA PRO F 200 -83.94 -19.79 -28.02
C PRO F 200 -84.93 -18.70 -28.41
N ASP F 201 -85.10 -17.67 -27.57
CA ASP F 201 -86.08 -16.62 -27.88
C ASP F 201 -85.68 -15.85 -29.14
N CYS F 202 -84.40 -15.53 -29.28
CA CYS F 202 -83.95 -14.76 -30.43
C CYS F 202 -83.97 -15.62 -31.68
N VAL F 203 -84.12 -14.96 -32.83
CA VAL F 203 -84.18 -15.64 -34.12
C VAL F 203 -82.77 -15.75 -34.69
N LEU F 204 -82.39 -16.96 -35.09
CA LEU F 204 -81.08 -17.23 -35.65
C LEU F 204 -81.22 -17.59 -37.13
N MET F 205 -80.48 -16.88 -37.98
CA MET F 205 -80.50 -17.11 -39.43
C MET F 205 -79.05 -17.11 -39.91
N VAL F 206 -78.48 -18.29 -40.07
CA VAL F 206 -77.08 -18.43 -40.49
C VAL F 206 -77.00 -18.34 -42.00
N LEU F 207 -76.06 -17.52 -42.49
CA LEU F 207 -75.90 -17.27 -43.92
C LEU F 207 -74.76 -18.12 -44.47
N LEU F 208 -75.05 -18.85 -45.54
CA LEU F 208 -74.04 -19.59 -46.30
C LEU F 208 -74.09 -19.09 -47.74
N ILE F 209 -72.98 -18.57 -48.24
CA ILE F 209 -72.91 -17.99 -49.57
C ILE F 209 -71.78 -18.66 -50.35
N ASP F 210 -72.08 -19.07 -51.58
CA ASP F 210 -71.13 -19.62 -52.55
C ASP F 210 -70.15 -20.61 -51.92
N GLU F 211 -70.62 -21.41 -50.97
CA GLU F 211 -69.80 -22.42 -50.32
C GLU F 211 -70.05 -23.79 -50.92
N ARG F 212 -69.26 -24.76 -50.47
CA ARG F 212 -69.44 -26.13 -50.91
C ARG F 212 -70.77 -26.69 -50.38
N PRO F 213 -71.40 -27.61 -51.11
CA PRO F 213 -72.68 -28.17 -50.64
C PRO F 213 -72.58 -28.89 -49.32
N GLU F 214 -71.39 -29.37 -48.94
CA GLU F 214 -71.25 -30.15 -47.70
C GLU F 214 -71.66 -29.32 -46.48
N GLU F 215 -71.18 -28.07 -46.41
CA GLU F 215 -71.56 -27.20 -45.30
C GLU F 215 -73.05 -26.87 -45.34
N VAL F 216 -73.62 -26.75 -46.53
CA VAL F 216 -75.05 -26.50 -46.66
C VAL F 216 -75.85 -27.67 -46.06
N THR F 217 -75.46 -28.89 -46.40
CA THR F 217 -76.13 -30.05 -45.83
C THR F 217 -75.95 -30.12 -44.32
N GLU F 218 -74.74 -29.80 -43.85
CA GLU F 218 -74.51 -29.78 -42.41
C GLU F 218 -75.40 -28.75 -41.73
N MET F 219 -75.68 -27.64 -42.42
CA MET F 219 -76.67 -26.68 -41.95
C MET F 219 -78.06 -27.32 -41.85
N GLN F 220 -78.54 -27.94 -42.92
CA GLN F 220 -79.89 -28.49 -42.87
C GLN F 220 -80.03 -29.59 -41.82
N ARG F 221 -78.95 -30.31 -41.51
CA ARG F 221 -79.09 -31.40 -40.54
C ARG F 221 -78.76 -30.98 -39.11
N LEU F 222 -77.53 -30.55 -38.86
CA LEU F 222 -77.04 -30.50 -37.48
C LEU F 222 -77.68 -29.34 -36.69
N VAL F 223 -77.74 -28.14 -37.28
CA VAL F 223 -78.24 -26.99 -36.54
C VAL F 223 -79.76 -26.94 -36.64
N LYS F 224 -80.41 -26.71 -35.50
CA LYS F 224 -81.87 -26.67 -35.45
C LYS F 224 -82.42 -25.36 -36.01
N GLY F 225 -81.73 -24.26 -35.78
CA GLY F 225 -82.25 -22.96 -36.19
C GLY F 225 -82.31 -22.81 -37.69
N GLU F 226 -83.16 -21.87 -38.13
CA GLU F 226 -83.33 -21.61 -39.55
C GLU F 226 -82.02 -21.12 -40.16
N VAL F 227 -81.69 -21.65 -41.34
CA VAL F 227 -80.45 -21.33 -42.03
C VAL F 227 -80.75 -21.06 -43.50
N VAL F 228 -80.14 -20.02 -44.04
CA VAL F 228 -80.21 -19.69 -45.46
C VAL F 228 -78.88 -20.05 -46.09
N ALA F 229 -78.91 -20.76 -47.21
CA ALA F 229 -77.70 -21.29 -47.81
C ALA F 229 -77.84 -21.39 -49.32
N SER F 230 -77.02 -20.65 -50.04
CA SER F 230 -76.86 -20.80 -51.49
C SER F 230 -75.47 -21.34 -51.74
N THR F 231 -75.39 -22.52 -52.36
CA THR F 231 -74.13 -23.22 -52.53
C THR F 231 -73.37 -22.64 -53.74
N PHE F 232 -72.31 -23.33 -54.14
CA PHE F 232 -71.48 -22.91 -55.27
C PHE F 232 -72.08 -23.30 -56.62
N ASP F 233 -73.33 -23.78 -56.64
CA ASP F 233 -74.00 -24.09 -57.90
C ASP F 233 -74.73 -22.88 -58.48
N GLU F 234 -75.14 -21.95 -57.63
CA GLU F 234 -75.89 -20.79 -58.09
C GLU F 234 -74.95 -19.71 -58.64
N PRO F 235 -75.45 -18.88 -59.57
CA PRO F 235 -74.62 -17.79 -60.08
C PRO F 235 -74.46 -16.67 -59.07
N ALA F 236 -73.56 -15.73 -59.40
CA ALA F 236 -73.34 -14.59 -58.53
C ALA F 236 -74.58 -13.72 -58.40
N SER F 237 -75.38 -13.63 -59.46
CA SER F 237 -76.63 -12.88 -59.39
C SER F 237 -77.56 -13.48 -58.35
N ARG F 238 -77.68 -14.81 -58.32
CA ARG F 238 -78.46 -15.47 -57.28
C ARG F 238 -77.85 -15.23 -55.90
N HIS F 239 -76.52 -15.24 -55.81
CA HIS F 239 -75.86 -14.98 -54.54
C HIS F 239 -76.25 -13.62 -53.99
N VAL F 240 -76.11 -12.57 -54.80
CA VAL F 240 -76.44 -11.23 -54.32
C VAL F 240 -77.94 -11.12 -54.05
N GLN F 241 -78.76 -11.78 -54.87
CA GLN F 241 -80.21 -11.73 -54.70
C GLN F 241 -80.62 -12.28 -53.35
N VAL F 242 -80.15 -13.49 -53.03
CA VAL F 242 -80.44 -14.06 -51.72
C VAL F 242 -79.79 -13.23 -50.62
N ALA F 243 -78.72 -12.49 -50.92
CA ALA F 243 -78.14 -11.60 -49.93
C ALA F 243 -79.13 -10.51 -49.53
N GLU F 244 -79.71 -9.79 -50.51
CA GLU F 244 -80.67 -8.78 -50.04
C GLU F 244 -81.94 -9.44 -49.50
N MET F 245 -82.28 -10.64 -49.99
CA MET F 245 -83.40 -11.37 -49.40
C MET F 245 -83.22 -11.55 -47.90
N VAL F 246 -82.08 -12.09 -47.50
CA VAL F 246 -81.86 -12.41 -46.10
C VAL F 246 -81.70 -11.13 -45.28
N ILE F 247 -81.00 -10.12 -45.80
CA ILE F 247 -80.81 -8.91 -45.01
C ILE F 247 -82.13 -8.16 -44.83
N GLU F 248 -82.98 -8.15 -45.87
CA GLU F 248 -84.24 -7.46 -45.78
C GLU F 248 -85.23 -8.22 -44.89
N LYS F 249 -85.18 -9.56 -44.93
CA LYS F 249 -85.99 -10.33 -44.00
C LYS F 249 -85.56 -10.08 -42.57
N ALA F 250 -84.25 -10.02 -42.31
CA ALA F 250 -83.78 -9.71 -40.97
C ALA F 250 -84.24 -8.34 -40.52
N LYS F 251 -84.16 -7.35 -41.42
CA LYS F 251 -84.62 -6.00 -41.08
C LYS F 251 -86.11 -5.98 -40.77
N ARG F 252 -86.91 -6.68 -41.57
CA ARG F 252 -88.36 -6.68 -41.33
C ARG F 252 -88.72 -7.39 -40.04
N LEU F 253 -88.05 -8.51 -39.74
CA LEU F 253 -88.31 -9.19 -38.47
C LEU F 253 -87.87 -8.35 -37.27
N VAL F 254 -86.73 -7.67 -37.37
CA VAL F 254 -86.28 -6.85 -36.24
C VAL F 254 -87.12 -5.58 -36.12
N GLU F 255 -87.81 -5.17 -37.18
CA GLU F 255 -88.70 -4.02 -37.08
C GLU F 255 -89.83 -4.24 -36.08
N HIS F 256 -90.15 -5.50 -35.75
CA HIS F 256 -91.20 -5.83 -34.81
C HIS F 256 -90.66 -6.16 -33.42
N LYS F 257 -89.58 -5.48 -33.00
CA LYS F 257 -89.00 -5.66 -31.67
C LYS F 257 -88.61 -7.12 -31.42
N LYS F 258 -88.04 -7.76 -32.43
CA LYS F 258 -87.60 -9.15 -32.34
C LYS F 258 -86.11 -9.23 -32.59
N ASP F 259 -85.40 -9.93 -31.71
CA ASP F 259 -83.96 -10.07 -31.85
C ASP F 259 -83.63 -10.96 -33.05
N VAL F 260 -82.63 -10.55 -33.82
CA VAL F 260 -82.19 -11.27 -35.00
C VAL F 260 -80.68 -11.49 -34.90
N ILE F 261 -80.25 -12.74 -35.12
CA ILE F 261 -78.83 -13.10 -35.10
C ILE F 261 -78.48 -13.65 -36.48
N ILE F 262 -77.40 -13.12 -37.06
CA ILE F 262 -76.97 -13.49 -38.40
C ILE F 262 -75.53 -14.01 -38.32
N LEU F 263 -75.32 -15.22 -38.83
CA LEU F 263 -73.99 -15.82 -38.97
C LEU F 263 -73.69 -15.94 -40.45
N LEU F 264 -72.58 -15.34 -40.89
CA LEU F 264 -72.29 -15.23 -42.31
C LEU F 264 -70.87 -15.74 -42.60
N ASP F 265 -70.72 -16.39 -43.75
CA ASP F 265 -69.42 -16.80 -44.24
C ASP F 265 -69.45 -16.96 -45.76
N SER F 266 -68.54 -16.26 -46.44
CA SER F 266 -67.60 -15.31 -45.87
C SER F 266 -67.84 -13.92 -46.46
N ILE F 267 -67.56 -12.88 -45.66
CA ILE F 267 -67.80 -11.51 -46.11
C ILE F 267 -66.88 -11.17 -47.29
N THR F 268 -65.69 -11.77 -47.33
CA THR F 268 -64.77 -11.51 -48.43
C THR F 268 -65.37 -11.94 -49.76
N ARG F 269 -65.85 -13.18 -49.84
CA ARG F 269 -66.44 -13.66 -51.09
C ARG F 269 -67.77 -12.98 -51.37
N LEU F 270 -68.49 -12.55 -50.33
CA LEU F 270 -69.71 -11.79 -50.55
C LEU F 270 -69.40 -10.46 -51.22
N ALA F 271 -68.36 -9.77 -50.76
CA ALA F 271 -67.93 -8.53 -51.41
C ALA F 271 -67.45 -8.80 -52.83
N ARG F 272 -66.77 -9.94 -53.04
CA ARG F 272 -66.36 -10.32 -54.38
C ARG F 272 -67.56 -10.50 -55.30
N ALA F 273 -68.62 -11.14 -54.79
CA ALA F 273 -69.84 -11.31 -55.58
C ALA F 273 -70.50 -9.98 -55.88
N TYR F 274 -70.55 -9.08 -54.88
CA TYR F 274 -71.08 -7.74 -55.11
C TYR F 274 -70.30 -7.02 -56.20
N ASN F 275 -68.97 -7.12 -56.17
CA ASN F 275 -68.16 -6.50 -57.21
C ASN F 275 -68.44 -7.12 -58.57
N THR F 276 -68.62 -8.44 -58.61
CA THR F 276 -68.89 -9.13 -59.87
C THR F 276 -70.25 -8.74 -60.44
N VAL F 277 -71.21 -8.41 -59.58
CA VAL F 277 -72.56 -8.11 -60.06
C VAL F 277 -72.74 -6.62 -60.36
N VAL F 278 -72.23 -5.74 -59.52
CA VAL F 278 -72.47 -4.30 -59.70
C VAL F 278 -71.79 -3.84 -61.00
N PRO F 279 -72.43 -3.00 -61.80
CA PRO F 279 -71.76 -2.49 -63.01
C PRO F 279 -70.59 -1.61 -62.67
N ALA F 280 -69.60 -1.59 -63.57
CA ALA F 280 -68.41 -0.77 -63.38
C ALA F 280 -68.76 0.71 -63.46
N SER F 281 -68.19 1.49 -62.55
CA SER F 281 -68.42 2.92 -62.49
C SER F 281 -67.36 3.74 -63.22
N GLY F 282 -66.40 3.07 -63.86
CA GLY F 282 -65.34 3.75 -64.57
C GLY F 282 -64.13 4.12 -63.74
N LYS F 283 -64.17 3.89 -62.44
CA LYS F 283 -63.05 4.19 -61.53
C LYS F 283 -62.66 2.90 -60.83
N VAL F 284 -61.59 2.27 -61.29
CA VAL F 284 -61.11 1.01 -60.76
C VAL F 284 -60.00 1.30 -59.76
N LEU F 285 -60.19 0.84 -58.52
CA LEU F 285 -59.21 1.03 -57.47
C LEU F 285 -58.14 -0.07 -57.57
N THR F 286 -57.23 -0.09 -56.59
CA THR F 286 -56.20 -1.13 -56.57
C THR F 286 -56.83 -2.49 -56.33
N GLY F 287 -56.20 -3.53 -56.89
CA GLY F 287 -56.72 -4.87 -56.78
C GLY F 287 -57.87 -5.20 -57.70
N GLY F 288 -58.17 -4.32 -58.66
CA GLY F 288 -59.26 -4.57 -59.60
C GLY F 288 -60.64 -4.57 -58.98
N VAL F 289 -60.92 -3.62 -58.09
CA VAL F 289 -62.23 -3.51 -57.45
C VAL F 289 -62.76 -2.11 -57.69
N ASP F 290 -64.04 -2.01 -58.05
CA ASP F 290 -64.67 -0.73 -58.28
C ASP F 290 -64.96 -0.03 -56.96
N ALA F 291 -64.92 1.31 -56.98
CA ALA F 291 -65.27 2.09 -55.80
C ALA F 291 -66.73 1.87 -55.42
N ASN F 292 -67.61 1.84 -56.41
CA ASN F 292 -69.02 1.54 -56.16
C ASN F 292 -69.18 0.10 -55.65
N ALA F 293 -68.31 -0.80 -56.09
CA ALA F 293 -68.43 -2.21 -55.70
C ALA F 293 -68.33 -2.39 -54.20
N LEU F 294 -67.54 -1.56 -53.52
CA LEU F 294 -67.40 -1.65 -52.08
C LEU F 294 -68.47 -0.86 -51.33
N HIS F 295 -69.34 -0.14 -52.05
CA HIS F 295 -70.40 0.61 -51.38
C HIS F 295 -71.51 -0.31 -50.88
N ARG F 296 -71.87 -1.32 -51.67
CA ARG F 296 -72.92 -2.25 -51.26
C ARG F 296 -72.58 -3.03 -50.00
N PRO F 297 -71.41 -3.65 -49.86
CA PRO F 297 -71.13 -4.40 -48.62
C PRO F 297 -71.22 -3.56 -47.37
N LYS F 298 -70.69 -2.33 -47.41
CA LYS F 298 -70.64 -1.49 -46.22
C LYS F 298 -72.05 -1.25 -45.66
N ARG F 299 -72.97 -0.82 -46.51
CA ARG F 299 -74.36 -0.70 -46.09
C ARG F 299 -74.88 -2.02 -45.55
N PHE F 300 -74.59 -3.12 -46.26
CA PHE F 300 -75.01 -4.44 -45.78
C PHE F 300 -74.38 -4.76 -44.44
N PHE F 301 -73.19 -4.25 -44.19
CA PHE F 301 -72.53 -4.48 -42.91
C PHE F 301 -72.88 -3.41 -41.89
N GLY F 302 -73.58 -2.35 -42.30
CA GLY F 302 -73.98 -1.30 -41.39
C GLY F 302 -75.31 -1.48 -40.71
N ALA F 303 -75.98 -2.61 -40.94
CA ALA F 303 -77.30 -2.83 -40.37
C ALA F 303 -77.27 -3.21 -38.90
N ALA F 304 -76.12 -3.57 -38.36
CA ALA F 304 -76.03 -3.98 -36.96
C ALA F 304 -76.20 -2.77 -36.06
N ARG F 305 -77.25 -2.80 -35.23
CA ARG F 305 -77.54 -1.71 -34.31
C ARG F 305 -78.47 -2.23 -33.23
N ASN F 306 -78.67 -1.42 -32.20
CA ASN F 306 -79.55 -1.74 -31.08
C ASN F 306 -80.65 -0.68 -31.00
N VAL F 307 -81.90 -1.14 -31.00
CA VAL F 307 -83.04 -0.24 -30.95
C VAL F 307 -83.32 0.13 -29.50
N GLU F 308 -83.63 1.41 -29.27
CA GLU F 308 -83.78 1.89 -27.90
C GLU F 308 -85.07 1.37 -27.26
N GLU F 309 -86.14 1.22 -28.03
CA GLU F 309 -87.44 0.80 -27.50
C GLU F 309 -87.67 -0.69 -27.60
N GLY F 310 -86.71 -1.46 -28.13
CA GLY F 310 -86.87 -2.89 -28.25
C GLY F 310 -86.47 -3.42 -29.61
N GLY F 311 -85.87 -4.59 -29.64
CA GLY F 311 -85.40 -5.18 -30.87
C GLY F 311 -83.90 -4.96 -31.06
N SER F 312 -83.27 -5.90 -31.76
CA SER F 312 -81.83 -5.85 -31.97
C SER F 312 -81.48 -6.68 -33.19
N LEU F 313 -80.57 -6.15 -34.01
CA LEU F 313 -80.13 -6.82 -35.24
C LEU F 313 -78.62 -7.04 -35.10
N THR F 314 -78.23 -8.31 -34.93
CA THR F 314 -76.83 -8.68 -34.78
C THR F 314 -76.37 -9.43 -36.02
N ILE F 315 -75.32 -8.91 -36.67
CA ILE F 315 -74.71 -9.58 -37.82
C ILE F 315 -73.23 -9.76 -37.54
N ILE F 316 -72.73 -10.96 -37.81
CA ILE F 316 -71.31 -11.27 -37.66
C ILE F 316 -70.89 -12.13 -38.85
N ALA F 317 -69.70 -11.84 -39.39
CA ALA F 317 -69.22 -12.50 -40.59
C ALA F 317 -67.75 -12.86 -40.43
N THR F 318 -67.32 -13.85 -41.21
CA THR F 318 -65.94 -14.30 -41.21
C THR F 318 -65.22 -13.73 -42.42
N ALA F 319 -64.03 -13.18 -42.20
CA ALA F 319 -63.22 -12.60 -43.26
C ALA F 319 -62.08 -13.54 -43.61
N LEU F 320 -61.76 -13.61 -44.90
CA LEU F 320 -60.71 -14.49 -45.40
C LEU F 320 -59.47 -13.66 -45.70
N ILE F 321 -58.32 -14.12 -45.19
CA ILE F 321 -57.05 -13.43 -45.38
C ILE F 321 -56.01 -14.44 -45.84
N ASP F 322 -54.95 -13.92 -46.45
CA ASP F 322 -53.83 -14.72 -46.94
C ASP F 322 -54.30 -15.80 -47.93
N THR F 323 -55.28 -15.43 -48.76
CA THR F 323 -55.81 -16.33 -49.77
C THR F 323 -55.08 -16.21 -51.11
N GLY F 324 -54.16 -15.27 -51.25
CA GLY F 324 -53.39 -15.10 -52.47
C GLY F 324 -53.89 -14.00 -53.39
N SER F 325 -55.09 -13.47 -53.15
CA SER F 325 -55.66 -12.42 -53.99
C SER F 325 -55.41 -11.06 -53.34
N LYS F 326 -54.94 -10.11 -54.14
CA LYS F 326 -54.65 -8.78 -53.62
C LYS F 326 -55.90 -8.11 -53.07
N MET F 327 -57.01 -8.20 -53.81
CA MET F 327 -58.23 -7.51 -53.39
C MET F 327 -58.78 -8.07 -52.09
N ASP F 328 -58.45 -9.31 -51.74
CA ASP F 328 -58.87 -9.86 -50.45
C ASP F 328 -58.29 -9.03 -49.29
N GLU F 329 -56.97 -8.84 -49.28
CA GLU F 329 -56.38 -8.02 -48.23
C GLU F 329 -56.69 -6.54 -48.43
N VAL F 330 -56.98 -6.10 -49.66
CA VAL F 330 -57.42 -4.71 -49.84
C VAL F 330 -58.73 -4.47 -49.10
N ILE F 331 -59.72 -5.34 -49.31
CA ILE F 331 -61.01 -5.16 -48.64
C ILE F 331 -60.88 -5.48 -47.16
N TYR F 332 -59.90 -6.30 -46.77
CA TYR F 332 -59.59 -6.45 -45.35
C TYR F 332 -59.13 -5.12 -44.76
N GLU F 333 -58.25 -4.41 -45.48
CA GLU F 333 -57.71 -3.15 -44.99
C GLU F 333 -58.78 -2.07 -44.93
N GLU F 334 -59.69 -2.05 -45.89
CA GLU F 334 -60.73 -1.02 -45.89
C GLU F 334 -61.99 -1.45 -45.14
N PHE F 335 -61.98 -2.63 -44.51
CA PHE F 335 -63.00 -3.03 -43.54
C PHE F 335 -62.41 -3.20 -42.14
N LYS F 336 -61.40 -2.39 -41.80
CA LYS F 336 -60.73 -2.54 -40.52
C LYS F 336 -61.58 -2.01 -39.36
N GLY F 337 -61.89 -0.71 -39.39
CA GLY F 337 -62.60 -0.07 -38.32
C GLY F 337 -64.11 -0.12 -38.41
N THR F 338 -64.66 -0.85 -39.37
CA THR F 338 -66.10 -0.91 -39.53
C THR F 338 -66.77 -1.77 -38.46
N GLY F 339 -66.02 -2.61 -37.76
CA GLY F 339 -66.60 -3.49 -36.76
C GLY F 339 -66.15 -3.20 -35.35
N ASN F 340 -66.93 -3.64 -34.36
CA ASN F 340 -66.58 -3.42 -32.97
C ASN F 340 -65.72 -4.55 -32.41
N MET F 341 -66.21 -5.78 -32.48
CA MET F 341 -65.50 -6.92 -31.93
C MET F 341 -64.78 -7.70 -33.04
N GLU F 342 -63.62 -8.26 -32.70
CA GLU F 342 -62.80 -8.93 -33.69
C GLU F 342 -62.27 -10.26 -33.14
N LEU F 343 -62.27 -11.27 -33.99
CA LEU F 343 -61.55 -12.52 -33.74
C LEU F 343 -60.49 -12.70 -34.82
N HIS F 344 -59.32 -13.15 -34.40
CA HIS F 344 -58.18 -13.36 -35.29
C HIS F 344 -57.76 -14.82 -35.17
N LEU F 345 -58.23 -15.66 -36.09
CA LEU F 345 -57.93 -17.09 -36.05
C LEU F 345 -56.58 -17.31 -36.73
N SER F 346 -55.52 -17.08 -35.96
CA SER F 346 -54.16 -17.09 -36.52
C SER F 346 -53.77 -18.48 -37.00
N ARG F 347 -53.04 -18.52 -38.13
CA ARG F 347 -52.62 -19.79 -38.71
C ARG F 347 -51.46 -20.42 -37.95
N LYS F 348 -50.64 -19.61 -37.28
CA LYS F 348 -49.47 -20.14 -36.57
C LYS F 348 -49.90 -21.12 -35.48
N ILE F 349 -50.98 -20.81 -34.76
CA ILE F 349 -51.49 -21.74 -33.76
C ILE F 349 -51.99 -23.01 -34.45
N ALA F 350 -52.55 -22.90 -35.64
CA ALA F 350 -52.96 -24.08 -36.40
C ALA F 350 -51.77 -24.96 -36.74
N GLU F 351 -50.64 -24.35 -37.11
CA GLU F 351 -49.41 -25.12 -37.29
C GLU F 351 -48.99 -25.78 -35.98
N LYS F 352 -49.07 -25.03 -34.87
CA LYS F 352 -48.79 -25.62 -33.57
C LYS F 352 -49.83 -26.67 -33.17
N ARG F 353 -51.01 -26.64 -33.81
CA ARG F 353 -52.06 -27.66 -33.73
C ARG F 353 -52.78 -27.66 -32.39
N VAL F 354 -52.41 -26.81 -31.45
CA VAL F 354 -53.20 -26.66 -30.24
C VAL F 354 -54.47 -25.89 -30.57
N PHE F 355 -55.60 -26.39 -30.10
CA PHE F 355 -56.89 -25.92 -30.57
C PHE F 355 -57.79 -25.55 -29.40
N PRO F 356 -58.70 -24.58 -29.60
CA PRO F 356 -58.94 -23.79 -30.82
C PRO F 356 -57.88 -22.71 -31.03
N ALA F 357 -57.70 -22.25 -32.27
CA ALA F 357 -56.59 -21.38 -32.64
C ALA F 357 -57.09 -19.94 -32.73
N ILE F 358 -56.97 -19.20 -31.63
CA ILE F 358 -57.35 -17.80 -31.58
C ILE F 358 -56.14 -16.97 -31.18
N ASP F 359 -55.86 -15.92 -31.94
CA ASP F 359 -54.82 -14.95 -31.60
C ASP F 359 -55.43 -13.98 -30.59
N TYR F 360 -55.50 -14.44 -29.33
CA TYR F 360 -56.19 -13.68 -28.30
C TYR F 360 -55.48 -12.38 -27.97
N ASN F 361 -54.15 -12.37 -28.02
CA ASN F 361 -53.41 -11.16 -27.66
C ASN F 361 -53.71 -10.01 -28.61
N ARG F 362 -53.81 -10.30 -29.91
CA ARG F 362 -54.05 -9.25 -30.90
C ARG F 362 -55.53 -8.97 -31.10
N SER F 363 -56.39 -9.96 -30.89
CA SER F 363 -57.82 -9.77 -31.02
C SER F 363 -58.36 -9.02 -29.80
N GLY F 364 -59.60 -8.53 -29.93
CA GLY F 364 -60.21 -7.79 -28.84
C GLY F 364 -61.63 -7.40 -29.20
N THR F 365 -62.24 -6.66 -28.28
CA THR F 365 -63.63 -6.21 -28.42
C THR F 365 -63.73 -4.74 -28.04
N ARG F 366 -64.53 -4.00 -28.80
CA ARG F 366 -64.75 -2.58 -28.53
C ARG F 366 -65.98 -2.38 -27.65
N LYS F 367 -65.88 -1.43 -26.72
CA LYS F 367 -66.98 -1.07 -25.83
C LYS F 367 -67.49 -2.26 -25.03
N GLU F 368 -66.59 -3.16 -24.65
CA GLU F 368 -66.97 -4.33 -23.86
C GLU F 368 -67.18 -4.00 -22.39
N GLU F 369 -66.75 -2.83 -21.94
CA GLU F 369 -66.97 -2.43 -20.55
C GLU F 369 -68.46 -2.27 -20.26
N LEU F 370 -69.22 -1.72 -21.20
CA LEU F 370 -70.65 -1.54 -21.00
C LEU F 370 -71.41 -2.86 -21.12
N LEU F 371 -70.78 -3.89 -21.68
CA LEU F 371 -71.45 -5.16 -21.94
C LEU F 371 -71.38 -6.12 -20.76
N THR F 372 -70.28 -6.12 -20.01
CA THR F 372 -70.05 -7.08 -18.96
C THR F 372 -70.12 -6.41 -17.59
N THR F 373 -70.25 -7.23 -16.55
CA THR F 373 -70.27 -6.73 -15.19
C THR F 373 -68.87 -6.33 -14.74
N GLN F 374 -68.82 -5.55 -13.65
CA GLN F 374 -67.57 -4.91 -13.25
C GLN F 374 -66.55 -5.92 -12.73
N GLU F 375 -66.97 -6.82 -11.83
CA GLU F 375 -66.02 -7.71 -11.18
C GLU F 375 -65.36 -8.65 -12.18
N GLU F 376 -66.15 -9.23 -13.08
CA GLU F 376 -65.56 -10.07 -14.12
C GLU F 376 -64.72 -9.22 -15.08
N LEU F 377 -65.08 -7.95 -15.25
CA LEU F 377 -64.28 -7.05 -16.07
C LEU F 377 -62.87 -6.92 -15.52
N GLN F 378 -62.74 -6.61 -14.22
CA GLN F 378 -61.41 -6.61 -13.61
C GLN F 378 -60.78 -7.99 -13.65
N LYS F 379 -61.58 -9.06 -13.64
CA LYS F 379 -61.02 -10.40 -13.70
C LYS F 379 -60.28 -10.63 -15.01
N MET F 380 -60.93 -10.38 -16.16
CA MET F 380 -60.16 -10.61 -17.37
C MET F 380 -59.16 -9.49 -17.62
N TRP F 381 -59.34 -8.33 -16.98
CA TRP F 381 -58.29 -7.30 -17.03
C TRP F 381 -57.00 -7.80 -16.39
N ILE F 382 -57.12 -8.41 -15.20
CA ILE F 382 -55.96 -9.01 -14.54
C ILE F 382 -55.40 -10.14 -15.39
N LEU F 383 -56.29 -10.95 -15.98
CA LEU F 383 -55.82 -12.00 -16.88
C LEU F 383 -55.01 -11.41 -18.04
N ARG F 384 -55.45 -10.28 -18.59
CA ARG F 384 -54.68 -9.60 -19.62
C ARG F 384 -53.33 -9.13 -19.09
N LYS F 385 -53.30 -8.59 -17.86
CA LYS F 385 -52.02 -8.22 -17.27
C LYS F 385 -51.13 -9.43 -16.98
N ILE F 386 -51.67 -10.65 -17.02
CA ILE F 386 -50.84 -11.83 -16.87
C ILE F 386 -50.82 -12.69 -18.13
N ILE F 387 -51.13 -12.11 -19.30
CA ILE F 387 -51.15 -12.89 -20.53
C ILE F 387 -50.43 -12.19 -21.68
N HIS F 388 -50.13 -10.90 -21.53
CA HIS F 388 -49.58 -10.18 -22.67
C HIS F 388 -48.10 -10.47 -22.93
N PRO F 389 -47.22 -10.54 -21.91
CA PRO F 389 -45.78 -10.60 -22.22
C PRO F 389 -45.37 -11.83 -23.01
N MET F 390 -45.76 -13.02 -22.56
CA MET F 390 -45.40 -14.24 -23.27
C MET F 390 -46.14 -14.32 -24.61
N GLY F 391 -45.57 -15.10 -25.53
CA GLY F 391 -46.06 -15.13 -26.89
C GLY F 391 -47.42 -15.77 -27.02
N GLU F 392 -47.95 -15.70 -28.24
CA GLU F 392 -49.30 -16.20 -28.50
C GLU F 392 -49.39 -17.71 -28.32
N ILE F 393 -48.37 -18.45 -28.75
CA ILE F 393 -48.42 -19.90 -28.75
C ILE F 393 -48.48 -20.42 -27.31
N ASP F 394 -47.45 -20.13 -26.52
CA ASP F 394 -47.37 -20.65 -25.16
C ASP F 394 -48.52 -20.14 -24.30
N ALA F 395 -48.97 -18.90 -24.54
CA ALA F 395 -50.16 -18.40 -23.85
C ALA F 395 -51.39 -19.22 -24.23
N MET F 396 -51.48 -19.62 -25.51
CA MET F 396 -52.60 -20.44 -25.94
C MET F 396 -52.60 -21.78 -25.22
N GLU F 397 -51.44 -22.44 -25.15
CA GLU F 397 -51.39 -23.71 -24.41
C GLU F 397 -51.70 -23.50 -22.93
N PHE F 398 -51.18 -22.42 -22.34
CA PHE F 398 -51.39 -22.16 -20.92
C PHE F 398 -52.87 -21.93 -20.62
N LEU F 399 -53.57 -21.25 -21.52
CA LEU F 399 -54.99 -21.02 -21.32
C LEU F 399 -55.78 -22.30 -21.56
N ILE F 400 -55.38 -23.11 -22.54
CA ILE F 400 -56.19 -24.26 -22.93
C ILE F 400 -56.01 -25.44 -21.98
N ASN F 401 -54.85 -25.56 -21.32
CA ASN F 401 -54.66 -26.69 -20.42
C ASN F 401 -55.13 -26.38 -18.99
N LYS F 402 -55.26 -25.10 -18.65
CA LYS F 402 -55.74 -24.71 -17.33
C LYS F 402 -57.26 -24.66 -17.25
N LEU F 403 -57.96 -24.84 -18.36
CA LEU F 403 -59.42 -24.94 -18.35
C LEU F 403 -59.89 -26.39 -18.42
N ALA F 404 -58.97 -27.35 -18.48
CA ALA F 404 -59.36 -28.75 -18.60
C ALA F 404 -60.10 -29.23 -17.34
N MET F 405 -59.57 -28.87 -16.17
CA MET F 405 -60.20 -29.27 -14.92
C MET F 405 -61.25 -28.28 -14.44
N THR F 406 -61.39 -27.14 -15.10
CA THR F 406 -62.44 -26.20 -14.74
C THR F 406 -63.76 -26.59 -15.41
N LYS F 407 -64.85 -26.16 -14.79
CA LYS F 407 -66.20 -26.44 -15.27
C LYS F 407 -66.90 -25.23 -15.86
N THR F 408 -66.84 -24.09 -15.19
CA THR F 408 -67.50 -22.88 -15.65
C THR F 408 -66.48 -21.76 -15.77
N ASN F 409 -66.94 -20.61 -16.25
CA ASN F 409 -66.08 -19.42 -16.26
C ASN F 409 -65.69 -19.02 -14.85
N ASP F 410 -66.65 -19.04 -13.92
CA ASP F 410 -66.37 -18.71 -12.53
C ASP F 410 -65.31 -19.61 -11.93
N ASP F 411 -65.33 -20.90 -12.31
CA ASP F 411 -64.29 -21.82 -11.87
C ASP F 411 -62.92 -21.31 -12.29
N PHE F 412 -62.80 -20.87 -13.54
CA PHE F 412 -61.54 -20.28 -14.00
C PHE F 412 -61.20 -19.01 -13.24
N PHE F 413 -62.20 -18.18 -12.91
CA PHE F 413 -61.89 -16.96 -12.17
C PHE F 413 -61.33 -17.25 -10.78
N GLU F 414 -61.90 -18.22 -10.05
CA GLU F 414 -61.23 -18.46 -8.77
C GLU F 414 -60.01 -19.36 -8.91
N MET F 415 -59.77 -19.99 -10.06
CA MET F 415 -58.43 -20.52 -10.32
C MET F 415 -57.42 -19.40 -10.50
N MET F 416 -57.84 -18.29 -11.11
CA MET F 416 -56.94 -17.17 -11.32
C MET F 416 -56.63 -16.45 -10.01
N LYS F 417 -57.62 -16.30 -9.14
CA LYS F 417 -57.47 -15.49 -7.94
C LYS F 417 -57.19 -16.30 -6.68
N ARG F 418 -56.83 -17.58 -6.81
CA ARG F 418 -56.43 -18.39 -5.67
C ARG F 418 -54.92 -18.64 -5.64
N SER F 419 -54.33 -19.02 -6.77
CA SER F 419 -52.89 -19.26 -6.83
C SER F 419 -52.11 -17.95 -6.76
N MET G 1 -80.31 -58.55 -82.84
CA MET G 1 -78.97 -58.59 -82.30
C MET G 1 -78.51 -57.21 -81.82
N ASN G 2 -77.65 -57.20 -80.80
CA ASN G 2 -77.28 -55.96 -80.14
C ASN G 2 -76.38 -55.11 -81.02
N LEU G 3 -76.39 -53.81 -80.76
CA LEU G 3 -75.67 -52.85 -81.59
C LEU G 3 -74.23 -52.61 -81.13
N THR G 4 -73.87 -53.04 -79.91
CA THR G 4 -72.53 -52.75 -79.40
C THR G 4 -71.47 -53.57 -80.11
N GLU G 5 -71.71 -54.88 -80.29
CA GLU G 5 -70.69 -55.76 -80.84
C GLU G 5 -70.39 -55.48 -82.32
N LEU G 6 -71.21 -54.71 -83.01
CA LEU G 6 -70.92 -54.32 -84.38
C LEU G 6 -70.26 -52.95 -84.48
N LYS G 7 -70.24 -52.18 -83.41
CA LYS G 7 -69.67 -50.83 -83.40
C LYS G 7 -68.27 -50.79 -82.82
N ASN G 8 -68.09 -51.33 -81.62
CA ASN G 8 -66.77 -51.29 -80.98
C ASN G 8 -65.75 -52.15 -81.73
N THR G 9 -66.20 -53.25 -82.32
CA THR G 9 -65.31 -54.14 -83.04
C THR G 9 -64.78 -53.44 -84.30
N PRO G 10 -63.55 -53.78 -84.73
CA PRO G 10 -62.97 -53.12 -85.90
C PRO G 10 -63.60 -53.56 -87.21
N VAL G 11 -63.01 -53.13 -88.33
CA VAL G 11 -63.55 -53.42 -89.65
C VAL G 11 -63.58 -54.91 -89.98
N SER G 12 -63.00 -55.76 -89.13
CA SER G 12 -63.06 -57.19 -89.36
C SER G 12 -64.49 -57.70 -89.38
N GLU G 13 -65.33 -57.21 -88.46
CA GLU G 13 -66.73 -57.63 -88.45
C GLU G 13 -67.45 -57.23 -89.72
N LEU G 14 -67.21 -55.99 -90.20
CA LEU G 14 -67.92 -55.54 -91.39
C LEU G 14 -67.43 -56.26 -92.64
N ILE G 15 -66.14 -56.56 -92.74
CA ILE G 15 -65.67 -57.30 -93.91
C ILE G 15 -66.17 -58.74 -93.89
N THR G 16 -66.19 -59.37 -92.71
CA THR G 16 -66.76 -60.72 -92.63
C THR G 16 -68.23 -60.73 -93.00
N LEU G 17 -68.98 -59.74 -92.51
CA LEU G 17 -70.36 -59.59 -92.97
C LEU G 17 -70.42 -59.39 -94.48
N GLY G 18 -69.46 -58.66 -95.04
CA GLY G 18 -69.46 -58.41 -96.47
C GLY G 18 -69.30 -59.69 -97.29
N GLU G 19 -68.35 -60.54 -96.92
CA GLU G 19 -68.31 -61.84 -97.58
C GLU G 19 -69.46 -62.76 -97.16
N ASN G 20 -70.22 -62.39 -96.12
CA ASN G 20 -71.45 -63.10 -95.80
C ASN G 20 -72.69 -62.28 -96.13
N MET G 21 -72.60 -61.35 -97.08
CA MET G 21 -73.66 -60.38 -97.35
C MET G 21 -74.36 -60.60 -98.67
N GLY G 22 -73.61 -60.62 -99.78
CA GLY G 22 -74.19 -60.59 -101.11
C GLY G 22 -74.37 -59.20 -101.68
N LEU G 23 -74.11 -58.15 -100.90
CA LEU G 23 -74.19 -56.77 -101.36
C LEU G 23 -72.87 -56.36 -102.00
N GLU G 24 -72.96 -55.48 -102.99
CA GLU G 24 -71.83 -55.22 -103.89
C GLU G 24 -70.96 -54.03 -103.50
N ASN G 25 -71.51 -53.00 -102.86
CA ASN G 25 -70.72 -51.82 -102.50
C ASN G 25 -70.66 -51.68 -100.98
N LEU G 26 -69.53 -52.07 -100.40
CA LEU G 26 -69.29 -51.92 -98.97
C LEU G 26 -67.90 -51.33 -98.75
N ALA G 27 -67.71 -50.75 -97.57
CA ALA G 27 -66.48 -50.11 -97.10
C ALA G 27 -66.15 -48.82 -97.85
N ARG G 28 -66.96 -48.44 -98.85
CA ARG G 28 -66.77 -47.20 -99.59
C ARG G 28 -67.71 -46.10 -99.12
N MET G 29 -68.02 -46.07 -97.84
CA MET G 29 -68.94 -45.08 -97.28
C MET G 29 -68.74 -45.04 -95.77
N ARG G 30 -69.53 -44.18 -95.11
CA ARG G 30 -69.42 -44.02 -93.67
C ARG G 30 -69.84 -45.30 -92.95
N LYS G 31 -69.20 -45.55 -91.80
CA LYS G 31 -69.46 -46.77 -91.04
C LYS G 31 -70.92 -46.87 -90.63
N GLN G 32 -71.53 -45.74 -90.25
CA GLN G 32 -72.94 -45.75 -89.89
C GLN G 32 -73.82 -46.11 -91.07
N ASP G 33 -73.38 -45.80 -92.30
CA ASP G 33 -74.12 -46.25 -93.47
C ASP G 33 -74.05 -47.77 -93.62
N ILE G 34 -72.89 -48.37 -93.32
CA ILE G 34 -72.78 -49.82 -93.33
C ILE G 34 -73.67 -50.42 -92.26
N ILE G 35 -73.76 -49.75 -91.10
CA ILE G 35 -74.66 -50.20 -90.04
C ILE G 35 -76.11 -50.16 -90.51
N PHE G 36 -76.47 -49.09 -91.22
CA PHE G 36 -77.81 -48.99 -91.80
C PHE G 36 -78.07 -50.12 -92.79
N ALA G 37 -77.08 -50.43 -93.63
CA ALA G 37 -77.25 -51.49 -94.62
C ALA G 37 -77.45 -52.84 -93.95
N ILE G 38 -76.64 -53.14 -92.93
CA ILE G 38 -76.77 -54.44 -92.27
C ILE G 38 -78.08 -54.52 -91.49
N LEU G 39 -78.51 -53.41 -90.89
CA LEU G 39 -79.78 -53.41 -90.16
C LEU G 39 -80.96 -53.59 -91.10
N LYS G 40 -80.94 -52.94 -92.27
CA LYS G 40 -82.04 -53.13 -93.21
C LYS G 40 -82.02 -54.53 -93.83
N GLN G 41 -80.82 -55.11 -93.99
CA GLN G 41 -80.75 -56.51 -94.43
C GLN G 41 -81.37 -57.44 -93.40
N HIS G 42 -81.05 -57.24 -92.12
CA HIS G 42 -81.67 -58.03 -91.07
C HIS G 42 -83.17 -57.77 -91.01
N ALA G 43 -83.61 -56.55 -91.34
CA ALA G 43 -85.03 -56.25 -91.38
C ALA G 43 -85.73 -57.05 -92.47
N LYS G 44 -85.18 -57.04 -93.68
CA LYS G 44 -85.82 -57.78 -94.77
C LYS G 44 -85.65 -59.28 -94.62
N SER G 45 -84.71 -59.74 -93.80
CA SER G 45 -84.56 -61.15 -93.49
C SER G 45 -85.31 -61.56 -92.23
N GLY G 46 -85.93 -60.62 -91.52
CA GLY G 46 -86.70 -60.92 -90.34
C GLY G 46 -85.89 -61.12 -89.07
N GLU G 47 -84.61 -60.77 -89.07
CA GLU G 47 -83.78 -60.95 -87.89
C GLU G 47 -84.12 -59.91 -86.83
N ASP G 48 -84.12 -60.34 -85.57
CA ASP G 48 -84.47 -59.45 -84.47
C ASP G 48 -83.44 -58.34 -84.31
N ILE G 49 -83.91 -57.14 -84.00
CA ILE G 49 -83.07 -55.95 -83.94
C ILE G 49 -83.02 -55.45 -82.51
N PHE G 50 -81.80 -55.29 -81.98
CA PHE G 50 -81.56 -54.71 -80.67
C PHE G 50 -80.69 -53.47 -80.85
N GLY G 51 -81.07 -52.38 -80.20
CA GLY G 51 -80.35 -51.13 -80.35
C GLY G 51 -80.30 -50.36 -79.06
N ASP G 52 -79.24 -49.58 -78.90
CA ASP G 52 -79.01 -48.77 -77.71
C ASP G 52 -78.80 -47.31 -78.11
N GLY G 53 -78.79 -46.45 -77.10
CA GLY G 53 -78.58 -45.04 -77.32
C GLY G 53 -79.02 -44.25 -76.09
N VAL G 54 -78.98 -42.93 -76.24
CA VAL G 54 -79.42 -42.01 -75.20
C VAL G 54 -80.22 -40.89 -75.85
N LEU G 55 -81.42 -40.63 -75.32
CA LEU G 55 -82.33 -39.66 -75.88
C LEU G 55 -82.29 -38.36 -75.08
N GLU G 56 -82.62 -37.25 -75.76
CA GLU G 56 -82.64 -35.95 -75.13
C GLU G 56 -83.64 -35.07 -75.86
N ILE G 57 -83.99 -33.96 -75.23
CA ILE G 57 -84.93 -32.99 -75.77
C ILE G 57 -84.17 -31.71 -76.08
N LEU G 58 -84.21 -31.29 -77.35
CA LEU G 58 -83.52 -30.09 -77.79
C LEU G 58 -84.40 -28.87 -77.50
N GLN G 59 -84.02 -27.72 -78.04
CA GLN G 59 -84.77 -26.49 -77.83
C GLN G 59 -86.12 -26.49 -78.53
N ASP G 60 -86.36 -27.43 -79.44
CA ASP G 60 -87.62 -27.50 -80.16
C ASP G 60 -88.63 -28.45 -79.53
N GLY G 61 -88.31 -29.02 -78.38
CA GLY G 61 -89.19 -30.00 -77.75
C GLY G 61 -89.37 -31.27 -78.55
N PHE G 62 -88.28 -31.78 -79.11
CA PHE G 62 -88.32 -32.97 -79.97
C PHE G 62 -87.27 -33.95 -79.49
N GLY G 63 -87.64 -35.23 -79.48
CA GLY G 63 -86.74 -36.27 -79.00
C GLY G 63 -85.68 -36.67 -79.99
N PHE G 64 -84.42 -36.39 -79.68
CA PHE G 64 -83.29 -36.79 -80.52
C PHE G 64 -82.42 -37.74 -79.71
N LEU G 65 -82.13 -38.91 -80.28
CA LEU G 65 -81.34 -39.92 -79.59
C LEU G 65 -80.00 -40.10 -80.30
N ARG G 66 -78.92 -39.97 -79.54
CA ARG G 66 -77.55 -40.12 -80.01
C ARG G 66 -76.98 -41.45 -79.55
N SER G 67 -75.88 -41.85 -80.18
CA SER G 67 -75.17 -43.05 -79.78
C SER G 67 -74.23 -42.74 -78.61
N ALA G 68 -73.72 -43.80 -78.00
CA ALA G 68 -72.85 -43.69 -76.84
C ALA G 68 -71.38 -43.97 -77.16
N ASP G 69 -71.08 -45.11 -77.76
CA ASP G 69 -69.70 -45.50 -78.01
C ASP G 69 -69.07 -44.74 -79.17
N SER G 70 -69.87 -44.07 -80.00
CA SER G 70 -69.35 -43.35 -81.16
C SER G 70 -68.97 -41.91 -80.84
N SER G 71 -68.72 -41.59 -79.57
CA SER G 71 -68.34 -40.26 -79.13
C SER G 71 -69.40 -39.21 -79.50
N TYR G 72 -70.67 -39.63 -79.52
CA TYR G 72 -71.81 -38.75 -79.79
C TYR G 72 -71.67 -38.07 -81.16
N LEU G 73 -71.65 -38.89 -82.20
CA LEU G 73 -71.57 -38.42 -83.58
C LEU G 73 -72.89 -38.68 -84.30
N ALA G 74 -73.26 -37.73 -85.16
CA ALA G 74 -74.53 -37.84 -85.88
C ALA G 74 -74.46 -38.92 -86.94
N GLY G 75 -75.63 -39.44 -87.31
CA GLY G 75 -75.73 -40.48 -88.31
C GLY G 75 -77.05 -41.21 -88.25
N PRO G 76 -77.18 -42.28 -89.04
CA PRO G 76 -78.41 -43.09 -89.00
C PRO G 76 -78.71 -43.70 -87.64
N ASP G 77 -77.69 -43.90 -86.80
CA ASP G 77 -77.93 -44.46 -85.47
C ASP G 77 -78.77 -43.54 -84.59
N ASP G 78 -78.85 -42.25 -84.92
CA ASP G 78 -79.71 -41.34 -84.18
C ASP G 78 -81.17 -41.75 -84.35
N ILE G 79 -81.95 -41.60 -83.29
CA ILE G 79 -83.33 -42.06 -83.25
C ILE G 79 -84.24 -40.86 -83.07
N TYR G 80 -85.27 -40.77 -83.90
CA TYR G 80 -86.33 -39.79 -83.71
C TYR G 80 -87.33 -40.32 -82.69
N VAL G 81 -87.65 -39.49 -81.69
CA VAL G 81 -88.53 -39.87 -80.59
C VAL G 81 -89.55 -38.75 -80.43
N SER G 82 -90.79 -39.02 -80.82
CA SER G 82 -91.86 -38.05 -80.67
C SER G 82 -92.20 -37.87 -79.19
N PRO G 83 -92.68 -36.68 -78.80
CA PRO G 83 -93.01 -36.46 -77.38
C PRO G 83 -94.00 -37.47 -76.82
N SER G 84 -94.91 -37.98 -77.65
CA SER G 84 -95.79 -39.06 -77.20
C SER G 84 -95.00 -40.30 -76.81
N GLN G 85 -93.87 -40.54 -77.49
CA GLN G 85 -93.03 -41.69 -77.14
C GLN G 85 -92.35 -41.48 -75.79
N ILE G 86 -91.95 -40.25 -75.48
CA ILE G 86 -91.44 -39.95 -74.14
C ILE G 86 -92.54 -40.15 -73.10
N ARG G 87 -93.75 -39.67 -73.40
CA ARG G 87 -94.80 -39.68 -72.38
C ARG G 87 -95.35 -41.08 -72.12
N ARG G 88 -95.40 -41.94 -73.15
CA ARG G 88 -96.00 -43.25 -72.99
C ARG G 88 -95.21 -44.12 -72.02
N PHE G 89 -93.88 -44.07 -72.10
CA PHE G 89 -93.01 -44.85 -71.22
C PHE G 89 -92.53 -44.04 -70.01
N ASN G 90 -92.99 -42.80 -69.87
CA ASN G 90 -92.47 -41.87 -68.87
C ASN G 90 -90.96 -41.71 -69.03
N LEU G 91 -90.53 -41.59 -70.28
CA LEU G 91 -89.12 -41.43 -70.58
C LEU G 91 -88.62 -40.07 -70.09
N ARG G 92 -87.32 -40.00 -69.83
CA ARG G 92 -86.69 -38.77 -69.34
C ARG G 92 -85.37 -38.57 -70.05
N THR G 93 -84.96 -37.31 -70.16
CA THR G 93 -83.82 -36.96 -71.01
C THR G 93 -82.53 -37.60 -70.52
N GLY G 94 -81.72 -38.07 -71.46
CA GLY G 94 -80.41 -38.62 -71.18
C GLY G 94 -80.40 -40.06 -70.72
N ASP G 95 -81.56 -40.70 -70.56
CA ASP G 95 -81.58 -42.07 -70.06
C ASP G 95 -80.95 -43.02 -71.07
N THR G 96 -80.12 -43.93 -70.56
CA THR G 96 -79.43 -44.90 -71.40
C THR G 96 -80.40 -46.01 -71.76
N ILE G 97 -81.01 -45.91 -72.94
CA ILE G 97 -81.98 -46.88 -73.40
C ILE G 97 -81.26 -47.94 -74.23
N SER G 98 -81.71 -49.19 -74.10
CA SER G 98 -81.17 -50.28 -74.90
C SER G 98 -82.20 -51.41 -74.91
N GLY G 99 -82.73 -51.71 -76.09
CA GLY G 99 -83.75 -52.73 -76.18
C GLY G 99 -84.18 -52.97 -77.61
N LYS G 100 -85.38 -53.55 -77.75
CA LYS G 100 -85.93 -53.88 -79.05
C LYS G 100 -86.28 -52.59 -79.80
N ILE G 101 -85.49 -52.26 -80.81
CA ILE G 101 -85.76 -51.15 -81.71
C ILE G 101 -86.24 -51.72 -83.04
N ARG G 102 -87.22 -51.05 -83.65
CA ARG G 102 -87.75 -51.62 -84.88
C ARG G 102 -87.10 -50.96 -86.09
N PRO G 103 -87.04 -51.66 -87.22
CA PRO G 103 -86.42 -51.10 -88.42
C PRO G 103 -87.17 -49.88 -88.92
N PRO G 104 -86.58 -49.08 -89.81
CA PRO G 104 -87.27 -47.88 -90.31
C PRO G 104 -88.59 -48.22 -90.97
N LYS G 105 -89.59 -47.36 -90.73
CA LYS G 105 -90.93 -47.55 -91.27
C LYS G 105 -91.40 -46.29 -91.97
N GLU G 106 -92.69 -46.24 -92.30
CA GLU G 106 -93.25 -45.04 -92.92
C GLU G 106 -93.10 -43.84 -91.99
N GLY G 107 -92.74 -42.70 -92.58
CA GLY G 107 -92.58 -41.47 -91.82
C GLY G 107 -91.23 -41.34 -91.16
N GLU G 108 -90.86 -42.31 -90.32
CA GLU G 108 -89.60 -42.29 -89.59
C GLU G 108 -88.65 -43.28 -90.26
N ARG G 109 -87.58 -42.76 -90.86
CA ARG G 109 -86.68 -43.55 -91.70
C ARG G 109 -85.38 -43.91 -90.98
N TYR G 110 -85.43 -44.11 -89.66
CA TYR G 110 -84.27 -44.54 -88.91
C TYR G 110 -84.68 -45.67 -87.96
N PHE G 111 -83.77 -46.06 -87.08
CA PHE G 111 -83.95 -47.25 -86.25
C PHE G 111 -84.58 -46.89 -84.91
N ALA G 112 -85.81 -46.37 -84.98
CA ALA G 112 -86.55 -46.03 -83.77
C ALA G 112 -86.95 -47.31 -83.03
N LEU G 113 -87.65 -47.14 -81.92
CA LEU G 113 -88.06 -48.26 -81.08
C LEU G 113 -89.56 -48.16 -80.79
N LEU G 114 -90.21 -49.32 -80.74
CA LEU G 114 -91.65 -49.37 -80.48
C LEU G 114 -91.98 -49.65 -79.02
N LYS G 115 -91.08 -50.27 -78.27
CA LYS G 115 -91.30 -50.54 -76.86
C LYS G 115 -89.96 -50.60 -76.15
N VAL G 116 -90.00 -50.40 -74.83
CA VAL G 116 -88.80 -50.34 -74.00
C VAL G 116 -88.89 -51.44 -72.96
N ASN G 117 -87.79 -52.19 -72.79
CA ASN G 117 -87.74 -53.28 -71.83
C ASN G 117 -86.57 -53.20 -70.86
N GLU G 118 -85.66 -52.25 -71.02
CA GLU G 118 -84.48 -52.17 -70.17
C GLU G 118 -83.92 -50.76 -70.22
N VAL G 119 -83.89 -50.09 -69.08
CA VAL G 119 -83.35 -48.74 -68.95
C VAL G 119 -82.38 -48.72 -67.77
N ASN G 120 -81.11 -48.40 -68.06
CA ASN G 120 -80.09 -48.23 -67.02
C ASN G 120 -79.90 -49.48 -66.17
N PHE G 121 -80.17 -50.65 -66.75
CA PHE G 121 -79.90 -51.95 -66.12
C PHE G 121 -80.65 -52.10 -64.79
N ASP G 122 -81.98 -52.01 -64.87
CA ASP G 122 -82.84 -52.32 -63.74
C ASP G 122 -84.24 -52.59 -64.29
N LYS G 123 -85.16 -52.91 -63.39
CA LYS G 123 -86.53 -53.18 -63.79
C LYS G 123 -87.23 -51.88 -64.15
N PRO G 124 -87.83 -51.77 -65.34
CA PRO G 124 -88.49 -50.51 -65.72
C PRO G 124 -89.58 -50.07 -64.76
N GLU G 125 -90.37 -51.02 -64.23
CA GLU G 125 -91.38 -50.65 -63.25
C GLU G 125 -90.75 -50.12 -61.97
N ASN G 126 -89.66 -50.75 -61.53
CA ASN G 126 -88.93 -50.24 -60.36
C ASN G 126 -88.34 -48.86 -60.66
N ALA G 127 -87.81 -48.68 -61.86
CA ALA G 127 -87.21 -47.39 -62.22
C ALA G 127 -88.27 -46.28 -62.30
N ARG G 128 -89.51 -46.63 -62.63
CA ARG G 128 -90.55 -45.61 -62.73
C ARG G 128 -90.78 -44.91 -61.40
N ASN G 129 -91.00 -45.68 -60.34
CA ASN G 129 -91.33 -45.13 -59.03
C ASN G 129 -90.09 -44.99 -58.14
N LYS G 130 -89.11 -44.23 -58.64
CA LYS G 130 -87.88 -43.98 -57.91
C LYS G 130 -87.66 -42.48 -57.79
N ILE G 131 -87.00 -42.09 -56.69
CA ILE G 131 -86.83 -40.68 -56.33
C ILE G 131 -85.85 -40.02 -57.29
N LEU G 132 -85.78 -38.69 -57.25
CA LEU G 132 -84.88 -37.92 -58.09
C LEU G 132 -83.52 -37.76 -57.42
N PHE G 133 -82.48 -37.73 -58.25
CA PHE G 133 -81.12 -37.67 -57.72
C PHE G 133 -80.79 -36.28 -57.18
N GLU G 134 -81.26 -35.23 -57.85
CA GLU G 134 -80.85 -33.87 -57.50
C GLU G 134 -81.76 -33.23 -56.45
N ASN G 135 -82.73 -33.97 -55.93
CA ASN G 135 -83.56 -33.53 -54.82
C ASN G 135 -83.28 -34.35 -53.55
N LEU G 136 -82.02 -34.69 -53.32
CA LEU G 136 -81.62 -35.49 -52.18
C LEU G 136 -80.42 -34.85 -51.50
N THR G 137 -80.36 -34.99 -50.18
CA THR G 137 -79.36 -34.30 -49.38
C THR G 137 -77.98 -34.93 -49.53
N PRO G 138 -76.96 -34.19 -49.94
CA PRO G 138 -75.59 -34.71 -49.91
C PRO G 138 -75.09 -34.95 -48.49
N LEU G 139 -74.13 -35.86 -48.39
CA LEU G 139 -73.44 -36.14 -47.13
C LEU G 139 -71.93 -36.11 -47.37
N HIS G 140 -71.17 -36.32 -46.30
CA HIS G 140 -69.71 -36.31 -46.34
C HIS G 140 -69.20 -37.65 -46.86
N ALA G 141 -67.88 -37.82 -46.83
CA ALA G 141 -67.28 -39.07 -47.29
C ALA G 141 -67.64 -40.23 -46.36
N ASN G 142 -67.72 -41.43 -46.94
CA ASN G 142 -68.20 -42.59 -46.21
C ASN G 142 -67.32 -43.83 -46.34
N SER G 143 -66.20 -43.76 -47.06
CA SER G 143 -65.37 -44.94 -47.23
C SER G 143 -63.96 -44.51 -47.61
N ARG G 144 -63.04 -45.46 -47.50
CA ARG G 144 -61.63 -45.27 -47.85
C ARG G 144 -61.32 -46.03 -49.13
N LEU G 145 -60.61 -45.38 -50.03
CA LEU G 145 -60.33 -45.89 -51.38
C LEU G 145 -58.84 -45.80 -51.68
N ARG G 146 -58.01 -46.35 -50.78
CA ARG G 146 -56.56 -46.30 -50.93
C ARG G 146 -56.16 -46.69 -52.35
N MET G 147 -55.18 -45.97 -52.89
CA MET G 147 -54.95 -45.92 -54.33
C MET G 147 -53.79 -46.83 -54.75
N GLU G 148 -53.25 -47.62 -53.82
CA GLU G 148 -52.04 -48.38 -54.09
C GLU G 148 -52.32 -49.61 -54.94
N ARG G 149 -51.46 -49.83 -55.95
CA ARG G 149 -51.50 -51.08 -56.71
C ARG G 149 -50.99 -52.25 -55.87
N GLY G 150 -49.84 -52.08 -55.22
CA GLY G 150 -49.27 -53.12 -54.39
C GLY G 150 -48.34 -54.09 -55.09
N ASN G 151 -48.15 -53.96 -56.40
CA ASN G 151 -47.30 -54.88 -57.15
C ASN G 151 -45.83 -54.46 -57.18
N GLY G 152 -45.49 -53.28 -56.65
CA GLY G 152 -44.10 -52.87 -56.54
C GLY G 152 -43.50 -52.25 -57.77
N SER G 153 -44.29 -52.00 -58.81
CA SER G 153 -43.75 -51.40 -60.04
C SER G 153 -43.69 -49.88 -59.90
N THR G 154 -43.30 -49.22 -61.00
CA THR G 154 -43.21 -47.76 -61.00
C THR G 154 -44.58 -47.13 -60.78
N GLU G 155 -45.61 -47.67 -61.44
CA GLU G 155 -46.97 -47.19 -61.20
C GLU G 155 -47.40 -47.43 -59.77
N ASP G 156 -46.91 -48.51 -59.15
CA ASP G 156 -47.17 -48.72 -57.73
C ASP G 156 -46.53 -47.64 -56.88
N LEU G 157 -45.30 -47.25 -57.23
CA LEU G 157 -44.63 -46.16 -56.50
C LEU G 157 -45.41 -44.86 -56.64
N THR G 158 -45.87 -44.56 -57.85
CA THR G 158 -46.68 -43.36 -58.07
C THR G 158 -47.97 -43.41 -57.26
N ALA G 159 -48.62 -44.58 -57.24
CA ALA G 159 -49.86 -44.72 -56.46
C ALA G 159 -49.59 -44.54 -54.97
N ARG G 160 -48.49 -45.09 -54.47
CA ARG G 160 -48.19 -44.98 -53.05
C ARG G 160 -47.85 -43.54 -52.66
N VAL G 161 -47.07 -42.84 -53.49
CA VAL G 161 -46.76 -41.45 -53.17
C VAL G 161 -48.01 -40.59 -53.30
N LEU G 162 -48.93 -40.93 -54.20
CA LEU G 162 -50.21 -40.22 -54.27
C LEU G 162 -51.05 -40.47 -53.02
N ASP G 163 -51.04 -41.70 -52.52
CA ASP G 163 -51.73 -42.01 -51.27
C ASP G 163 -51.15 -41.20 -50.12
N LEU G 164 -49.82 -41.10 -50.06
CA LEU G 164 -49.18 -40.29 -49.04
C LEU G 164 -49.56 -38.83 -49.20
N ALA G 165 -49.63 -38.34 -50.43
CA ALA G 165 -49.91 -36.92 -50.67
C ALA G 165 -51.34 -36.57 -50.24
N SER G 166 -52.32 -37.34 -50.69
CA SER G 166 -53.71 -37.02 -50.39
C SER G 166 -54.61 -38.24 -50.60
N PRO G 167 -55.43 -38.60 -49.61
CA PRO G 167 -56.37 -39.71 -49.80
C PRO G 167 -57.53 -39.30 -50.69
N ILE G 168 -58.14 -40.32 -51.30
CA ILE G 168 -59.29 -40.13 -52.19
C ILE G 168 -60.45 -40.94 -51.64
N GLY G 169 -61.61 -40.30 -51.48
CA GLY G 169 -62.80 -40.96 -51.00
C GLY G 169 -63.93 -40.88 -52.04
N ARG G 170 -65.00 -41.61 -51.76
CA ARG G 170 -66.14 -41.63 -52.65
C ARG G 170 -66.91 -40.32 -52.57
N GLY G 171 -67.38 -39.85 -53.73
CA GLY G 171 -68.12 -38.61 -53.79
C GLY G 171 -67.32 -37.40 -53.38
N GLN G 172 -66.06 -37.32 -53.80
CA GLN G 172 -65.15 -36.27 -53.37
C GLN G 172 -64.64 -35.50 -54.57
N ARG G 173 -64.55 -34.18 -54.41
CA ARG G 173 -64.12 -33.28 -55.48
C ARG G 173 -62.64 -32.96 -55.32
N GLY G 174 -61.90 -33.10 -56.41
CA GLY G 174 -60.46 -32.87 -56.38
C GLY G 174 -59.99 -32.12 -57.60
N LEU G 175 -58.97 -31.29 -57.39
CA LEU G 175 -58.32 -30.52 -58.44
C LEU G 175 -56.82 -30.74 -58.38
N ILE G 176 -56.18 -30.79 -59.55
CA ILE G 176 -54.74 -31.01 -59.67
C ILE G 176 -54.20 -29.87 -60.51
N VAL G 177 -53.53 -28.91 -59.88
CA VAL G 177 -52.94 -27.79 -60.61
C VAL G 177 -51.61 -28.25 -61.21
N ALA G 178 -51.38 -27.89 -62.46
CA ALA G 178 -50.19 -28.34 -63.16
C ALA G 178 -49.82 -27.39 -64.28
N PRO G 179 -48.56 -26.95 -64.35
CA PRO G 179 -48.09 -26.19 -65.51
C PRO G 179 -48.02 -27.08 -66.74
N PRO G 180 -48.01 -26.48 -67.93
CA PRO G 180 -47.99 -27.30 -69.15
C PRO G 180 -46.69 -28.06 -69.30
N LYS G 181 -46.78 -29.18 -70.04
CA LYS G 181 -45.63 -30.04 -70.33
C LYS G 181 -45.04 -30.63 -69.04
N ALA G 182 -45.92 -31.20 -68.21
CA ALA G 182 -45.51 -31.73 -66.92
C ALA G 182 -46.00 -33.16 -66.70
N GLY G 183 -46.35 -33.88 -67.77
CA GLY G 183 -46.76 -35.26 -67.62
C GLY G 183 -48.12 -35.46 -66.99
N LYS G 184 -48.99 -34.46 -67.03
CA LYS G 184 -50.29 -34.57 -66.39
C LYS G 184 -51.15 -35.66 -67.03
N THR G 185 -51.07 -35.79 -68.36
CA THR G 185 -51.88 -36.78 -69.06
C THR G 185 -51.48 -38.20 -68.67
N MET G 186 -50.17 -38.46 -68.58
CA MET G 186 -49.76 -39.84 -68.30
C MET G 186 -49.94 -40.18 -66.82
N LEU G 187 -49.81 -39.20 -65.92
CA LEU G 187 -50.21 -39.43 -64.53
C LEU G 187 -51.71 -39.71 -64.46
N LEU G 188 -52.51 -39.01 -65.25
CA LEU G 188 -53.95 -39.26 -65.27
C LEU G 188 -54.26 -40.68 -65.72
N GLN G 189 -53.61 -41.13 -66.79
CA GLN G 189 -53.87 -42.50 -67.24
C GLN G 189 -53.31 -43.54 -66.27
N ASN G 190 -52.21 -43.22 -65.60
CA ASN G 190 -51.70 -44.13 -64.57
C ASN G 190 -52.72 -44.29 -63.44
N ILE G 191 -53.30 -43.17 -63.00
CA ILE G 191 -54.34 -43.24 -61.97
C ILE G 191 -55.54 -44.01 -62.48
N ALA G 192 -55.92 -43.79 -63.74
CA ALA G 192 -57.08 -44.47 -64.31
C ALA G 192 -56.87 -45.98 -64.32
N GLN G 193 -55.74 -46.45 -64.85
CA GLN G 193 -55.50 -47.88 -64.92
C GLN G 193 -55.33 -48.48 -63.53
N SER G 194 -54.69 -47.74 -62.61
CA SER G 194 -54.48 -48.26 -61.27
C SER G 194 -55.80 -48.39 -60.51
N ILE G 195 -56.72 -47.44 -60.71
CA ILE G 195 -58.01 -47.55 -60.03
C ILE G 195 -58.90 -48.58 -60.74
N ALA G 196 -58.69 -48.81 -62.04
CA ALA G 196 -59.40 -49.88 -62.71
C ALA G 196 -58.98 -51.24 -62.17
N TYR G 197 -57.67 -51.44 -61.95
CA TYR G 197 -57.22 -52.71 -61.42
C TYR G 197 -57.58 -52.87 -59.95
N ASN G 198 -57.26 -51.85 -59.13
CA ASN G 198 -57.48 -51.95 -57.70
C ASN G 198 -58.96 -52.00 -57.35
N HIS G 199 -59.77 -51.19 -58.03
CA HIS G 199 -61.20 -51.11 -57.75
C HIS G 199 -61.98 -51.28 -59.05
N PRO G 200 -62.08 -52.51 -59.56
CA PRO G 200 -62.95 -52.75 -60.72
C PRO G 200 -64.42 -52.57 -60.40
N ASP G 201 -64.81 -52.61 -59.13
CA ASP G 201 -66.21 -52.47 -58.77
C ASP G 201 -66.75 -51.08 -59.11
N CYS G 202 -65.97 -50.04 -58.85
CA CYS G 202 -66.42 -48.69 -59.18
C CYS G 202 -66.40 -48.50 -60.69
N VAL G 203 -67.31 -47.64 -61.16
CA VAL G 203 -67.54 -47.44 -62.58
C VAL G 203 -66.91 -46.10 -62.97
N LEU G 204 -66.01 -46.14 -63.95
CA LEU G 204 -65.13 -45.02 -64.26
C LEU G 204 -65.39 -44.51 -65.68
N MET G 205 -65.82 -43.25 -65.78
CA MET G 205 -65.81 -42.51 -67.04
C MET G 205 -64.47 -41.82 -67.20
N VAL G 206 -64.02 -41.70 -68.46
CA VAL G 206 -62.85 -40.90 -68.80
C VAL G 206 -63.24 -39.94 -69.91
N LEU G 207 -62.87 -38.67 -69.75
CA LEU G 207 -63.10 -37.63 -70.75
C LEU G 207 -61.76 -36.99 -71.09
N LEU G 208 -61.44 -36.97 -72.38
CA LEU G 208 -60.20 -36.35 -72.86
C LEU G 208 -60.61 -35.27 -73.87
N ILE G 209 -60.84 -34.07 -73.38
CA ILE G 209 -61.30 -32.96 -74.20
C ILE G 209 -60.13 -32.38 -74.98
N ASP G 210 -60.38 -32.04 -76.25
CA ASP G 210 -59.51 -31.31 -77.16
C ASP G 210 -58.03 -31.60 -76.96
N GLU G 211 -57.68 -32.89 -76.91
CA GLU G 211 -56.31 -33.36 -76.82
C GLU G 211 -55.94 -34.07 -78.12
N ARG G 212 -54.74 -34.63 -78.16
CA ARG G 212 -54.26 -35.28 -79.38
C ARG G 212 -55.07 -36.54 -79.67
N PRO G 213 -55.52 -36.75 -80.91
CA PRO G 213 -56.26 -37.98 -81.22
C PRO G 213 -55.49 -39.25 -80.90
N GLU G 214 -54.17 -39.25 -81.13
CA GLU G 214 -53.37 -40.42 -80.78
C GLU G 214 -53.40 -40.68 -79.28
N GLU G 215 -53.43 -39.61 -78.47
CA GLU G 215 -53.62 -39.78 -77.04
C GLU G 215 -54.98 -40.40 -76.75
N VAL G 216 -55.99 -40.04 -77.52
CA VAL G 216 -57.32 -40.65 -77.35
C VAL G 216 -57.25 -42.14 -77.65
N THR G 217 -56.55 -42.52 -78.72
CA THR G 217 -56.45 -43.93 -79.09
C THR G 217 -55.70 -44.73 -78.04
N GLU G 218 -54.61 -44.16 -77.49
CA GLU G 218 -53.93 -44.87 -76.42
C GLU G 218 -54.75 -44.89 -75.13
N MET G 219 -55.67 -43.93 -74.96
CA MET G 219 -56.69 -44.07 -73.92
C MET G 219 -57.57 -45.28 -74.16
N GLN G 220 -58.07 -45.44 -75.39
CA GLN G 220 -58.94 -46.58 -75.68
C GLN G 220 -58.23 -47.90 -75.44
N ARG G 221 -56.99 -48.02 -75.91
CA ARG G 221 -56.29 -49.30 -75.73
C ARG G 221 -55.53 -49.40 -74.42
N LEU G 222 -55.61 -48.38 -73.55
CA LEU G 222 -54.90 -48.43 -72.28
C LEU G 222 -55.82 -48.49 -71.08
N VAL G 223 -56.97 -47.83 -71.12
CA VAL G 223 -57.97 -47.91 -70.06
C VAL G 223 -59.24 -48.53 -70.63
N LYS G 224 -59.92 -49.33 -69.82
CA LYS G 224 -61.08 -50.08 -70.26
C LYS G 224 -62.39 -49.37 -69.98
N GLY G 225 -62.36 -48.14 -69.48
CA GLY G 225 -63.57 -47.43 -69.15
C GLY G 225 -64.27 -46.81 -70.34
N GLU G 226 -65.43 -46.22 -70.06
CA GLU G 226 -66.20 -45.53 -71.08
C GLU G 226 -65.42 -44.31 -71.56
N VAL G 227 -65.15 -44.25 -72.86
CA VAL G 227 -63.98 -43.53 -73.36
C VAL G 227 -64.33 -42.49 -74.42
N VAL G 228 -65.52 -41.87 -74.31
CA VAL G 228 -65.86 -40.78 -75.21
C VAL G 228 -64.87 -39.63 -75.02
N ALA G 229 -64.28 -39.19 -76.12
CA ALA G 229 -63.32 -38.09 -76.09
C ALA G 229 -63.33 -37.40 -77.45
N SER G 230 -62.80 -36.18 -77.49
CA SER G 230 -62.76 -35.39 -78.71
C SER G 230 -61.44 -34.66 -78.81
N THR G 231 -61.04 -34.34 -80.04
CA THR G 231 -59.80 -33.65 -80.30
C THR G 231 -60.03 -32.13 -80.37
N PHE G 232 -58.93 -31.38 -80.51
CA PHE G 232 -59.04 -29.93 -80.58
C PHE G 232 -59.81 -29.49 -81.82
N ASP G 233 -59.80 -30.31 -82.87
CA ASP G 233 -60.51 -29.97 -84.09
C ASP G 233 -62.00 -29.80 -83.83
N GLU G 234 -62.60 -30.75 -83.12
CA GLU G 234 -64.05 -30.81 -83.02
C GLU G 234 -64.55 -29.60 -82.24
N PRO G 235 -65.61 -28.92 -82.71
CA PRO G 235 -66.02 -27.66 -82.07
C PRO G 235 -66.41 -27.83 -80.61
N ALA G 236 -66.12 -26.79 -79.83
CA ALA G 236 -66.37 -26.84 -78.39
C ALA G 236 -67.85 -26.93 -78.04
N SER G 237 -68.74 -26.59 -78.98
CA SER G 237 -70.17 -26.73 -78.72
C SER G 237 -70.54 -28.17 -78.43
N ARG G 238 -70.07 -29.10 -79.28
CA ARG G 238 -70.32 -30.50 -79.01
C ARG G 238 -69.45 -31.03 -77.88
N HIS G 239 -68.34 -30.35 -77.56
CA HIS G 239 -67.62 -30.68 -76.32
C HIS G 239 -68.52 -30.47 -75.11
N VAL G 240 -69.18 -29.30 -75.06
CA VAL G 240 -70.12 -29.03 -73.97
C VAL G 240 -71.29 -30.02 -74.02
N GLN G 241 -71.74 -30.34 -75.24
CA GLN G 241 -72.84 -31.28 -75.39
C GLN G 241 -72.50 -32.65 -74.81
N VAL G 242 -71.36 -33.21 -75.20
CA VAL G 242 -70.95 -34.52 -74.68
C VAL G 242 -70.67 -34.44 -73.19
N ALA G 243 -70.12 -33.33 -72.70
CA ALA G 243 -69.86 -33.18 -71.28
C ALA G 243 -71.16 -33.24 -70.48
N GLU G 244 -72.18 -32.49 -70.92
CA GLU G 244 -73.45 -32.52 -70.18
C GLU G 244 -74.15 -33.86 -70.35
N MET G 245 -74.00 -34.53 -71.49
CA MET G 245 -74.60 -35.84 -71.66
C MET G 245 -73.98 -36.87 -70.72
N VAL G 246 -72.65 -36.86 -70.60
CA VAL G 246 -72.01 -37.80 -69.67
C VAL G 246 -72.29 -37.42 -68.22
N ILE G 247 -72.47 -36.13 -67.93
CA ILE G 247 -72.88 -35.73 -66.59
C ILE G 247 -74.26 -36.26 -66.26
N GLU G 248 -75.19 -36.18 -67.21
CA GLU G 248 -76.52 -36.73 -66.98
C GLU G 248 -76.46 -38.24 -66.82
N LYS G 249 -75.62 -38.91 -67.62
CA LYS G 249 -75.44 -40.34 -67.47
C LYS G 249 -74.92 -40.69 -66.07
N ALA G 250 -73.94 -39.91 -65.59
CA ALA G 250 -73.42 -40.14 -64.25
C ALA G 250 -74.50 -39.90 -63.20
N LYS G 251 -75.32 -38.87 -63.40
CA LYS G 251 -76.46 -38.61 -62.52
C LYS G 251 -77.38 -39.83 -62.44
N ARG G 252 -77.72 -40.40 -63.59
CA ARG G 252 -78.67 -41.52 -63.60
C ARG G 252 -78.04 -42.79 -63.04
N LEU G 253 -76.76 -43.02 -63.32
CA LEU G 253 -76.11 -44.22 -62.78
C LEU G 253 -75.92 -44.13 -61.27
N VAL G 254 -75.54 -42.96 -60.76
CA VAL G 254 -75.48 -42.76 -59.31
C VAL G 254 -76.88 -42.90 -58.71
N GLU G 255 -77.90 -42.45 -59.44
CA GLU G 255 -79.27 -42.67 -59.02
C GLU G 255 -79.56 -44.16 -58.84
N HIS G 256 -78.92 -45.01 -59.63
CA HIS G 256 -79.10 -46.45 -59.48
C HIS G 256 -78.10 -47.03 -58.50
N LYS G 257 -77.95 -46.39 -57.34
CA LYS G 257 -77.10 -46.88 -56.24
C LYS G 257 -75.71 -47.33 -56.72
N LYS G 258 -75.10 -46.56 -57.60
CA LYS G 258 -73.78 -46.91 -58.13
C LYS G 258 -72.77 -45.80 -57.83
N ASP G 259 -71.52 -46.22 -57.65
CA ASP G 259 -70.39 -45.32 -57.41
C ASP G 259 -69.72 -45.05 -58.76
N VAL G 260 -69.95 -43.85 -59.30
CA VAL G 260 -69.41 -43.47 -60.61
C VAL G 260 -68.36 -42.38 -60.41
N ILE G 261 -67.20 -42.57 -61.03
CA ILE G 261 -66.09 -41.63 -60.94
C ILE G 261 -65.77 -41.15 -62.35
N ILE G 262 -65.64 -39.83 -62.51
CA ILE G 262 -65.32 -39.22 -63.80
C ILE G 262 -64.00 -38.47 -63.65
N LEU G 263 -63.05 -38.76 -64.54
CA LEU G 263 -61.80 -38.04 -64.61
C LEU G 263 -61.79 -37.19 -65.87
N LEU G 264 -61.24 -35.98 -65.76
CA LEU G 264 -61.28 -35.01 -66.83
C LEU G 264 -59.92 -34.36 -66.98
N ASP G 265 -59.64 -33.89 -68.20
CA ASP G 265 -58.41 -33.18 -68.51
C ASP G 265 -58.52 -31.74 -68.01
N SER G 266 -57.60 -30.89 -68.48
CA SER G 266 -57.57 -29.48 -68.09
C SER G 266 -58.96 -28.84 -68.18
N ILE G 267 -59.47 -28.41 -67.02
CA ILE G 267 -60.75 -27.72 -66.99
C ILE G 267 -60.61 -26.23 -67.31
N THR G 268 -59.41 -25.66 -67.20
CA THR G 268 -59.23 -24.27 -67.54
C THR G 268 -59.48 -24.03 -69.02
N ARG G 269 -58.94 -24.90 -69.88
CA ARG G 269 -59.12 -24.72 -71.32
C ARG G 269 -60.52 -25.12 -71.79
N LEU G 270 -61.13 -26.12 -71.16
CA LEU G 270 -62.54 -26.38 -71.43
C LEU G 270 -63.40 -25.19 -71.05
N ALA G 271 -63.09 -24.56 -69.91
CA ALA G 271 -63.82 -23.38 -69.48
C ALA G 271 -63.62 -22.22 -70.44
N ARG G 272 -62.39 -22.02 -70.94
CA ARG G 272 -62.16 -20.94 -71.89
C ARG G 272 -62.93 -21.20 -73.18
N ALA G 273 -62.96 -22.45 -73.64
CA ALA G 273 -63.72 -22.78 -74.84
C ALA G 273 -65.21 -22.53 -74.63
N TYR G 274 -65.74 -22.92 -73.47
CA TYR G 274 -67.16 -22.68 -73.18
C TYR G 274 -67.45 -21.17 -73.12
N ASN G 275 -66.53 -20.40 -72.53
CA ASN G 275 -66.68 -18.95 -72.49
C ASN G 275 -66.71 -18.38 -73.90
N THR G 276 -65.85 -18.89 -74.78
CA THR G 276 -65.86 -18.43 -76.17
C THR G 276 -67.19 -18.76 -76.85
N VAL G 277 -67.74 -19.95 -76.60
CA VAL G 277 -68.96 -20.34 -77.31
C VAL G 277 -70.21 -19.75 -76.67
N VAL G 278 -70.20 -19.52 -75.36
CA VAL G 278 -71.37 -19.00 -74.67
C VAL G 278 -71.49 -17.49 -74.96
N PRO G 279 -72.70 -16.98 -75.18
CA PRO G 279 -72.86 -15.52 -75.29
C PRO G 279 -72.48 -14.82 -73.99
N ALA G 280 -71.92 -13.63 -74.12
CA ALA G 280 -71.51 -12.85 -72.96
C ALA G 280 -72.73 -12.35 -72.19
N SER G 281 -72.59 -12.29 -70.87
CA SER G 281 -73.66 -11.82 -70.00
C SER G 281 -73.65 -10.32 -69.77
N GLY G 282 -72.68 -9.60 -70.35
CA GLY G 282 -72.58 -8.17 -70.21
C GLY G 282 -71.54 -7.70 -69.22
N LYS G 283 -70.93 -8.59 -68.47
CA LYS G 283 -69.91 -8.24 -67.48
C LYS G 283 -68.51 -8.61 -67.98
N VAL G 284 -68.25 -8.38 -69.27
CA VAL G 284 -66.92 -8.65 -69.81
C VAL G 284 -65.91 -7.72 -69.18
N LEU G 285 -64.84 -8.29 -68.63
CA LEU G 285 -63.79 -7.54 -67.95
C LEU G 285 -62.46 -8.21 -68.28
N THR G 286 -61.42 -7.86 -67.52
CA THR G 286 -60.15 -8.55 -67.65
C THR G 286 -60.32 -10.03 -67.30
N GLY G 287 -59.72 -10.90 -68.12
CA GLY G 287 -59.89 -12.32 -67.97
C GLY G 287 -61.13 -12.90 -68.60
N GLY G 288 -61.97 -12.08 -69.22
CA GLY G 288 -63.18 -12.57 -69.85
C GLY G 288 -64.16 -13.23 -68.90
N VAL G 289 -64.34 -12.64 -67.73
CA VAL G 289 -65.21 -13.23 -66.71
C VAL G 289 -66.66 -12.89 -67.02
N ASP G 290 -67.55 -13.84 -66.76
CA ASP G 290 -68.98 -13.65 -66.91
C ASP G 290 -69.71 -14.68 -66.06
N ALA G 291 -70.94 -14.35 -65.69
CA ALA G 291 -71.73 -15.28 -64.89
C ALA G 291 -72.08 -16.55 -65.67
N ASN G 292 -72.61 -16.38 -66.88
CA ASN G 292 -72.94 -17.53 -67.71
C ASN G 292 -71.70 -18.23 -68.25
N ALA G 293 -70.57 -17.52 -68.31
CA ALA G 293 -69.34 -18.15 -68.80
C ALA G 293 -68.85 -19.24 -67.84
N LEU G 294 -69.02 -19.03 -66.54
CA LEU G 294 -68.54 -19.98 -65.55
C LEU G 294 -69.68 -20.69 -64.82
N HIS G 295 -70.93 -20.44 -65.22
CA HIS G 295 -72.06 -21.12 -64.59
C HIS G 295 -71.95 -22.63 -64.78
N ARG G 296 -71.69 -23.07 -66.00
CA ARG G 296 -71.66 -24.49 -66.32
C ARG G 296 -70.53 -25.25 -65.60
N PRO G 297 -69.28 -24.77 -65.57
CA PRO G 297 -68.27 -25.45 -64.75
C PRO G 297 -68.66 -25.57 -63.28
N LYS G 298 -69.38 -24.58 -62.76
CA LYS G 298 -69.85 -24.66 -61.38
C LYS G 298 -70.85 -25.79 -61.20
N ARG G 299 -71.61 -26.12 -62.25
CA ARG G 299 -72.45 -27.33 -62.19
C ARG G 299 -71.63 -28.60 -62.32
N PHE G 300 -70.52 -28.57 -63.06
CA PHE G 300 -69.63 -29.73 -63.07
C PHE G 300 -69.06 -30.02 -61.69
N PHE G 301 -68.44 -29.02 -61.06
CA PHE G 301 -67.75 -29.26 -59.80
C PHE G 301 -68.68 -29.30 -58.61
N GLY G 302 -69.91 -28.82 -58.74
CA GLY G 302 -70.88 -28.94 -57.68
C GLY G 302 -71.73 -30.19 -57.74
N ALA G 303 -71.41 -31.13 -58.63
CA ALA G 303 -72.20 -32.32 -58.85
C ALA G 303 -71.61 -33.57 -58.21
N ALA G 304 -70.54 -33.42 -57.42
CA ALA G 304 -70.00 -34.57 -56.71
C ALA G 304 -71.08 -35.24 -55.85
N ARG G 305 -71.64 -34.47 -54.92
CA ARG G 305 -72.95 -34.72 -54.34
C ARG G 305 -72.97 -35.92 -53.38
N ASN G 306 -71.93 -36.74 -53.44
CA ASN G 306 -71.59 -37.76 -52.43
C ASN G 306 -72.81 -38.37 -51.76
N VAL G 307 -73.71 -38.97 -52.54
CA VAL G 307 -74.98 -39.44 -52.00
C VAL G 307 -74.73 -40.50 -50.92
N GLU G 308 -75.44 -40.38 -49.81
CA GLU G 308 -75.15 -41.21 -48.64
C GLU G 308 -75.64 -42.65 -48.78
N GLU G 309 -76.62 -42.93 -49.63
CA GLU G 309 -77.04 -44.31 -49.83
C GLU G 309 -76.88 -44.80 -51.26
N GLY G 310 -77.13 -43.95 -52.25
CA GLY G 310 -77.05 -44.34 -53.64
C GLY G 310 -75.72 -44.09 -54.29
N GLY G 311 -74.69 -44.84 -53.89
CA GLY G 311 -73.39 -44.71 -54.53
C GLY G 311 -72.76 -43.35 -54.27
N SER G 312 -71.92 -42.92 -55.21
CA SER G 312 -71.24 -41.63 -55.11
C SER G 312 -70.81 -41.20 -56.51
N LEU G 313 -70.45 -39.92 -56.62
CA LEU G 313 -70.13 -39.31 -57.90
C LEU G 313 -68.84 -38.50 -57.79
N THR G 314 -67.78 -39.14 -57.31
CA THR G 314 -66.46 -38.53 -57.22
C THR G 314 -66.05 -37.95 -58.57
N ILE G 315 -65.60 -36.70 -58.55
CA ILE G 315 -65.17 -35.99 -59.76
C ILE G 315 -63.72 -35.56 -59.58
N ILE G 316 -62.88 -35.90 -60.54
CA ILE G 316 -61.47 -35.52 -60.55
C ILE G 316 -61.18 -34.80 -61.86
N ALA G 317 -60.54 -33.63 -61.78
CA ALA G 317 -60.24 -32.83 -62.95
C ALA G 317 -58.84 -32.26 -62.84
N THR G 318 -58.27 -31.93 -64.00
CA THR G 318 -56.93 -31.37 -64.08
C THR G 318 -57.02 -29.86 -64.25
N ALA G 319 -56.06 -29.16 -63.64
CA ALA G 319 -55.99 -27.70 -63.71
C ALA G 319 -54.68 -27.28 -64.38
N LEU G 320 -54.78 -26.35 -65.32
CA LEU G 320 -53.63 -25.89 -66.10
C LEU G 320 -53.52 -24.38 -65.99
N ILE G 321 -52.35 -23.89 -65.57
CA ILE G 321 -52.08 -22.48 -65.40
C ILE G 321 -50.71 -22.16 -65.99
N ASP G 322 -50.31 -20.89 -65.87
CA ASP G 322 -49.02 -20.36 -66.33
C ASP G 322 -48.69 -20.81 -67.75
N THR G 323 -49.68 -20.75 -68.62
CA THR G 323 -49.52 -21.09 -70.03
C THR G 323 -49.33 -19.87 -70.92
N GLY G 324 -49.07 -18.70 -70.33
CA GLY G 324 -48.98 -17.47 -71.07
C GLY G 324 -50.27 -16.69 -71.20
N SER G 325 -51.39 -17.28 -70.80
CA SER G 325 -52.69 -16.61 -70.80
C SER G 325 -53.06 -16.25 -69.37
N LYS G 326 -53.56 -15.04 -69.17
CA LYS G 326 -53.96 -14.59 -67.85
C LYS G 326 -55.42 -14.89 -67.53
N MET G 327 -56.25 -15.14 -68.55
CA MET G 327 -57.68 -15.34 -68.30
C MET G 327 -57.95 -16.71 -67.68
N ASP G 328 -57.31 -17.76 -68.20
CA ASP G 328 -57.44 -19.06 -67.56
C ASP G 328 -56.82 -19.05 -66.16
N GLU G 329 -55.85 -18.18 -65.93
CA GLU G 329 -55.28 -18.03 -64.60
C GLU G 329 -56.33 -17.54 -63.60
N VAL G 330 -57.13 -16.54 -63.99
CA VAL G 330 -58.17 -16.08 -63.08
C VAL G 330 -59.33 -17.07 -63.03
N ILE G 331 -59.52 -17.87 -64.09
CA ILE G 331 -60.49 -18.96 -64.03
C ILE G 331 -60.10 -19.95 -62.93
N TYR G 332 -58.82 -20.32 -62.90
CA TYR G 332 -58.34 -21.15 -61.80
C TYR G 332 -58.45 -20.44 -60.46
N GLU G 333 -58.19 -19.14 -60.44
CA GLU G 333 -58.28 -18.38 -59.19
C GLU G 333 -59.68 -18.45 -58.60
N GLU G 334 -60.71 -18.29 -59.44
CA GLU G 334 -62.08 -18.41 -58.95
C GLU G 334 -62.50 -19.87 -58.77
N PHE G 335 -61.79 -20.81 -59.38
CA PHE G 335 -61.97 -22.22 -59.02
C PHE G 335 -61.29 -22.57 -57.72
N LYS G 336 -60.24 -21.84 -57.35
CA LYS G 336 -59.46 -22.18 -56.17
C LYS G 336 -60.30 -22.09 -54.90
N GLY G 337 -60.19 -23.11 -54.05
CA GLY G 337 -60.87 -23.17 -52.77
C GLY G 337 -62.10 -24.06 -52.77
N THR G 338 -62.71 -24.28 -53.93
CA THR G 338 -63.92 -25.10 -54.01
C THR G 338 -63.61 -26.59 -54.03
N GLY G 339 -62.38 -26.99 -54.32
CA GLY G 339 -62.05 -28.40 -54.40
C GLY G 339 -61.69 -28.97 -53.03
N ASN G 340 -62.19 -30.17 -52.76
CA ASN G 340 -61.87 -30.83 -51.49
C ASN G 340 -60.42 -31.31 -51.48
N MET G 341 -59.92 -31.82 -52.60
CA MET G 341 -58.53 -32.19 -52.74
C MET G 341 -57.81 -31.18 -53.60
N GLU G 342 -56.59 -30.80 -53.20
CA GLU G 342 -55.74 -29.95 -54.01
C GLU G 342 -54.40 -30.64 -54.17
N LEU G 343 -53.99 -30.85 -55.43
CA LEU G 343 -52.70 -31.44 -55.75
C LEU G 343 -51.84 -30.40 -56.46
N HIS G 344 -50.59 -30.29 -56.05
CA HIS G 344 -49.69 -29.26 -56.53
C HIS G 344 -48.44 -29.88 -57.15
N LEU G 345 -47.99 -29.33 -58.26
CA LEU G 345 -46.76 -29.75 -58.90
C LEU G 345 -46.19 -28.57 -59.69
N SER G 346 -44.89 -28.63 -59.97
CA SER G 346 -44.18 -27.52 -60.58
C SER G 346 -43.49 -27.97 -61.86
N ARG G 347 -43.30 -27.01 -62.77
CA ARG G 347 -42.65 -27.30 -64.05
C ARG G 347 -41.18 -27.66 -63.85
N LYS G 348 -40.49 -26.96 -62.95
CA LYS G 348 -39.07 -27.23 -62.75
C LYS G 348 -38.83 -28.62 -62.16
N ILE G 349 -39.78 -29.12 -61.36
CA ILE G 349 -39.65 -30.46 -60.82
C ILE G 349 -39.70 -31.49 -61.96
N ALA G 350 -40.63 -31.32 -62.90
CA ALA G 350 -40.66 -32.18 -64.07
C ALA G 350 -39.42 -31.98 -64.93
N GLU G 351 -38.85 -30.77 -64.95
CA GLU G 351 -37.62 -30.54 -65.68
C GLU G 351 -36.47 -31.35 -65.11
N LYS G 352 -36.32 -31.36 -63.78
CA LYS G 352 -35.34 -32.24 -63.15
C LYS G 352 -35.71 -33.70 -63.24
N ARG G 353 -36.95 -33.99 -63.62
CA ARG G 353 -37.45 -35.35 -63.84
C ARG G 353 -37.37 -36.18 -62.56
N VAL G 354 -37.97 -35.67 -61.48
CA VAL G 354 -38.13 -36.46 -60.26
C VAL G 354 -39.46 -37.19 -60.31
N PHE G 355 -39.49 -38.42 -59.81
CA PHE G 355 -40.67 -39.26 -59.90
C PHE G 355 -41.41 -39.23 -58.57
N PRO G 356 -42.60 -38.61 -58.47
CA PRO G 356 -43.27 -37.77 -59.47
C PRO G 356 -43.00 -36.29 -59.24
N ALA G 357 -43.77 -35.40 -59.86
CA ALA G 357 -43.63 -33.97 -59.65
C ALA G 357 -44.56 -33.44 -58.56
N ILE G 358 -45.32 -34.31 -57.91
CA ILE G 358 -46.31 -33.85 -56.92
C ILE G 358 -45.61 -33.22 -55.74
N ASP G 359 -46.11 -32.05 -55.31
CA ASP G 359 -45.60 -31.34 -54.15
C ASP G 359 -46.47 -31.69 -52.95
N TYR G 360 -45.84 -32.10 -51.85
CA TYR G 360 -46.56 -32.53 -50.66
C TYR G 360 -46.62 -31.44 -49.59
N ASN G 361 -45.66 -30.52 -49.58
CA ASN G 361 -45.62 -29.50 -48.52
C ASN G 361 -46.82 -28.57 -48.60
N ARG G 362 -47.22 -28.16 -49.81
CA ARG G 362 -48.29 -27.21 -50.00
C ARG G 362 -49.56 -27.84 -50.57
N SER G 363 -49.75 -29.14 -50.35
CA SER G 363 -50.96 -29.84 -50.77
C SER G 363 -51.72 -30.35 -49.55
N GLY G 364 -53.01 -30.62 -49.76
CA GLY G 364 -53.83 -31.09 -48.67
C GLY G 364 -55.21 -31.47 -49.16
N THR G 365 -56.03 -31.92 -48.21
CA THR G 365 -57.40 -32.35 -48.49
C THR G 365 -58.34 -31.77 -47.44
N ARG G 366 -59.52 -31.36 -47.88
CA ARG G 366 -60.54 -30.92 -46.94
C ARG G 366 -60.99 -32.09 -46.07
N LYS G 367 -61.03 -31.86 -44.75
CA LYS G 367 -61.40 -32.89 -43.78
C LYS G 367 -60.50 -34.11 -43.91
N GLU G 368 -59.20 -33.91 -43.64
CA GLU G 368 -58.24 -35.00 -43.73
C GLU G 368 -58.57 -36.10 -42.72
N GLU G 369 -58.97 -35.73 -41.51
CA GLU G 369 -59.22 -36.69 -40.44
C GLU G 369 -60.37 -37.64 -40.74
N LEU G 370 -61.27 -37.29 -41.66
CA LEU G 370 -62.45 -38.10 -41.91
C LEU G 370 -62.18 -39.24 -42.90
N LEU G 371 -61.14 -39.14 -43.71
CA LEU G 371 -60.93 -40.10 -44.80
C LEU G 371 -60.57 -41.49 -44.27
N THR G 372 -59.59 -41.56 -43.36
CA THR G 372 -59.03 -42.84 -42.95
C THR G 372 -59.03 -42.97 -41.43
N THR G 373 -58.44 -44.06 -40.95
CA THR G 373 -58.44 -44.39 -39.53
C THR G 373 -57.36 -43.61 -38.78
N GLN G 374 -57.36 -43.77 -37.46
CA GLN G 374 -56.56 -42.91 -36.59
C GLN G 374 -55.07 -43.12 -36.79
N GLU G 375 -54.61 -44.38 -36.88
CA GLU G 375 -53.18 -44.62 -36.97
C GLU G 375 -52.60 -44.12 -38.28
N GLU G 376 -53.34 -44.28 -39.38
CA GLU G 376 -52.88 -43.74 -40.65
C GLU G 376 -52.82 -42.21 -40.61
N LEU G 377 -53.82 -41.60 -39.95
CA LEU G 377 -53.82 -40.15 -39.79
C LEU G 377 -52.59 -39.68 -39.02
N GLN G 378 -52.29 -40.31 -37.89
CA GLN G 378 -51.16 -39.86 -37.09
C GLN G 378 -49.84 -40.12 -37.79
N LYS G 379 -49.72 -41.23 -38.54
CA LYS G 379 -48.46 -41.48 -39.23
C LYS G 379 -48.25 -40.50 -40.39
N MET G 380 -49.30 -40.19 -41.16
CA MET G 380 -49.13 -39.18 -42.19
C MET G 380 -48.85 -37.81 -41.58
N TRP G 381 -49.46 -37.53 -40.43
CA TRP G 381 -49.24 -36.25 -39.74
C TRP G 381 -47.78 -36.11 -39.31
N ILE G 382 -47.23 -37.16 -38.68
CA ILE G 382 -45.86 -37.07 -38.19
C ILE G 382 -44.88 -37.05 -39.35
N LEU G 383 -45.14 -37.80 -40.43
CA LEU G 383 -44.23 -37.73 -41.56
C LEU G 383 -44.28 -36.35 -42.23
N ARG G 384 -45.47 -35.74 -42.30
CA ARG G 384 -45.57 -34.38 -42.81
C ARG G 384 -44.77 -33.41 -41.94
N LYS G 385 -44.88 -33.55 -40.62
CA LYS G 385 -44.13 -32.68 -39.71
C LYS G 385 -42.63 -32.86 -39.89
N ILE G 386 -42.18 -34.11 -40.10
CA ILE G 386 -40.73 -34.34 -40.15
C ILE G 386 -40.16 -33.97 -41.53
N ILE G 387 -40.96 -34.02 -42.59
CA ILE G 387 -40.46 -33.69 -43.93
C ILE G 387 -40.88 -32.28 -44.37
N HIS G 388 -41.52 -31.52 -43.49
CA HIS G 388 -41.94 -30.16 -43.82
C HIS G 388 -40.81 -29.13 -43.74
N PRO G 389 -40.03 -29.07 -42.65
CA PRO G 389 -39.15 -27.89 -42.45
C PRO G 389 -38.11 -27.68 -43.55
N MET G 390 -37.52 -28.74 -44.09
CA MET G 390 -36.43 -28.57 -45.03
C MET G 390 -36.96 -28.21 -46.42
N GLY G 391 -36.03 -28.08 -47.37
CA GLY G 391 -36.42 -27.66 -48.70
C GLY G 391 -37.27 -28.69 -49.41
N GLU G 392 -38.14 -28.21 -50.31
CA GLU G 392 -39.06 -29.07 -51.01
C GLU G 392 -38.34 -30.04 -51.95
N ILE G 393 -37.26 -29.57 -52.58
CA ILE G 393 -36.45 -30.44 -53.44
C ILE G 393 -35.86 -31.58 -52.63
N ASP G 394 -35.04 -31.24 -51.63
CA ASP G 394 -34.47 -32.25 -50.76
C ASP G 394 -35.55 -33.12 -50.13
N ALA G 395 -36.74 -32.55 -49.90
CA ALA G 395 -37.86 -33.34 -49.42
C ALA G 395 -38.26 -34.41 -50.42
N MET G 396 -38.32 -34.06 -51.72
CA MET G 396 -38.74 -35.08 -52.68
C MET G 396 -37.67 -36.15 -52.85
N GLU G 397 -36.38 -35.77 -52.82
CA GLU G 397 -35.36 -36.81 -52.87
C GLU G 397 -35.44 -37.73 -51.65
N PHE G 398 -35.66 -37.16 -50.46
CA PHE G 398 -35.83 -38.00 -49.28
C PHE G 398 -37.01 -38.95 -49.43
N LEU G 399 -38.15 -38.44 -49.87
CA LEU G 399 -39.34 -39.29 -49.94
C LEU G 399 -39.17 -40.37 -50.99
N ILE G 400 -38.57 -40.05 -52.14
CA ILE G 400 -38.40 -41.07 -53.17
C ILE G 400 -37.41 -42.14 -52.72
N ASN G 401 -36.33 -41.74 -52.03
CA ASN G 401 -35.36 -42.76 -51.62
C ASN G 401 -35.87 -43.58 -50.44
N LYS G 402 -36.76 -43.03 -49.61
CA LYS G 402 -37.34 -43.84 -48.54
C LYS G 402 -38.51 -44.69 -49.01
N LEU G 403 -39.17 -44.31 -50.10
CA LEU G 403 -40.29 -45.09 -50.61
C LEU G 403 -39.87 -46.15 -51.62
N ALA G 404 -38.75 -45.94 -52.33
CA ALA G 404 -38.32 -46.89 -53.35
C ALA G 404 -37.96 -48.24 -52.73
N MET G 405 -37.31 -48.23 -51.57
CA MET G 405 -36.85 -49.47 -50.95
C MET G 405 -37.93 -50.18 -50.14
N THR G 406 -39.12 -49.61 -50.03
CA THR G 406 -40.24 -50.24 -49.34
C THR G 406 -41.15 -50.92 -50.37
N LYS G 407 -41.46 -52.19 -50.13
CA LYS G 407 -42.28 -52.94 -51.08
C LYS G 407 -43.71 -52.42 -51.13
N THR G 408 -44.33 -52.24 -49.96
CA THR G 408 -45.72 -51.81 -49.87
C THR G 408 -45.82 -50.64 -48.89
N ASN G 409 -47.05 -50.15 -48.70
CA ASN G 409 -47.25 -49.01 -47.81
C ASN G 409 -47.03 -49.38 -46.35
N ASP G 410 -47.46 -50.59 -45.96
CA ASP G 410 -47.40 -50.98 -44.55
C ASP G 410 -45.96 -51.02 -44.06
N ASP G 411 -45.04 -51.60 -44.84
CA ASP G 411 -43.64 -51.59 -44.47
C ASP G 411 -43.10 -50.17 -44.41
N PHE G 412 -43.54 -49.31 -45.32
CA PHE G 412 -43.11 -47.92 -45.32
C PHE G 412 -43.51 -47.22 -44.02
N PHE G 413 -44.75 -47.42 -43.59
CA PHE G 413 -45.20 -46.84 -42.33
C PHE G 413 -44.47 -47.46 -41.14
N GLU G 414 -44.17 -48.77 -41.20
CA GLU G 414 -43.45 -49.41 -40.12
C GLU G 414 -42.05 -48.81 -39.94
N MET G 415 -41.34 -48.59 -41.05
CA MET G 415 -39.98 -48.08 -40.97
C MET G 415 -39.91 -46.54 -40.99
N MET G 416 -41.04 -45.86 -41.13
CA MET G 416 -41.14 -44.48 -40.64
C MET G 416 -41.36 -44.43 -39.14
N LYS G 417 -42.29 -45.23 -38.61
CA LYS G 417 -42.57 -45.20 -37.19
C LYS G 417 -41.41 -45.74 -36.36
N ARG G 418 -40.81 -46.85 -36.80
CA ARG G 418 -39.69 -47.42 -36.06
C ARG G 418 -38.42 -46.59 -36.23
N SER G 419 -38.34 -45.77 -37.28
CA SER G 419 -37.15 -44.94 -37.49
C SER G 419 -37.52 -43.46 -37.50
N MET H 1 -47.33 -39.81 -123.95
CA MET H 1 -48.24 -38.72 -124.27
C MET H 1 -49.28 -38.55 -123.16
N ASN H 2 -49.26 -37.39 -122.51
CA ASN H 2 -50.20 -37.10 -121.44
C ASN H 2 -50.35 -35.59 -121.31
N LEU H 3 -51.42 -35.18 -120.64
CA LEU H 3 -51.75 -33.75 -120.56
C LEU H 3 -50.68 -32.97 -119.81
N THR H 4 -50.19 -33.51 -118.69
CA THR H 4 -49.25 -32.77 -117.86
C THR H 4 -47.94 -32.50 -118.59
N GLU H 5 -47.37 -33.54 -119.21
CA GLU H 5 -46.16 -33.35 -119.99
C GLU H 5 -46.43 -32.52 -121.24
N LEU H 6 -47.65 -32.59 -121.78
CA LEU H 6 -48.02 -31.75 -122.91
C LEU H 6 -47.94 -30.28 -122.55
N LYS H 7 -48.47 -29.90 -121.39
CA LYS H 7 -48.46 -28.50 -120.98
C LYS H 7 -47.10 -28.06 -120.45
N ASN H 8 -46.35 -28.96 -119.81
CA ASN H 8 -45.10 -28.58 -119.17
C ASN H 8 -44.05 -28.16 -120.20
N THR H 9 -44.00 -28.85 -121.33
CA THR H 9 -42.97 -28.60 -122.32
C THR H 9 -43.14 -27.20 -122.94
N PRO H 10 -42.03 -26.59 -123.41
CA PRO H 10 -42.12 -25.22 -123.95
C PRO H 10 -42.95 -25.10 -125.21
N VAL H 11 -43.13 -23.88 -125.70
CA VAL H 11 -44.11 -23.60 -126.75
C VAL H 11 -43.60 -23.84 -128.16
N SER H 12 -42.30 -24.06 -128.34
CA SER H 12 -41.76 -24.22 -129.70
C SER H 12 -42.37 -25.44 -130.39
N GLU H 13 -42.12 -26.63 -129.85
CA GLU H 13 -42.69 -27.84 -130.45
C GLU H 13 -44.21 -27.90 -130.28
N LEU H 14 -44.77 -27.17 -129.31
CA LEU H 14 -46.23 -27.08 -129.23
C LEU H 14 -46.80 -26.38 -130.48
N ILE H 15 -46.21 -25.25 -130.86
CA ILE H 15 -46.62 -24.57 -132.08
C ILE H 15 -46.29 -25.43 -133.30
N THR H 16 -45.17 -26.15 -133.27
CA THR H 16 -44.83 -27.03 -134.38
C THR H 16 -45.90 -28.10 -134.58
N LEU H 17 -46.36 -28.71 -133.49
CA LEU H 17 -47.46 -29.66 -133.56
C LEU H 17 -48.75 -28.98 -134.00
N GLY H 18 -48.95 -27.73 -133.58
CA GLY H 18 -50.16 -27.01 -133.97
C GLY H 18 -50.24 -26.76 -135.46
N GLU H 19 -49.13 -26.37 -136.09
CA GLU H 19 -49.14 -26.11 -137.52
C GLU H 19 -49.40 -27.38 -138.33
N ASN H 20 -48.88 -28.52 -137.86
CA ASN H 20 -49.18 -29.80 -138.48
C ASN H 20 -50.61 -30.24 -138.21
N MET H 21 -51.32 -29.57 -137.31
CA MET H 21 -52.65 -29.96 -136.87
C MET H 21 -53.74 -29.14 -137.54
N GLY H 22 -53.68 -27.82 -137.41
CA GLY H 22 -54.74 -26.93 -137.82
C GLY H 22 -54.56 -25.58 -137.16
N LEU H 23 -55.31 -24.57 -137.64
CA LEU H 23 -55.13 -23.18 -137.22
C LEU H 23 -53.74 -22.68 -137.60
N GLU H 24 -53.54 -21.37 -137.56
CA GLU H 24 -52.28 -20.79 -137.99
C GLU H 24 -51.81 -19.73 -136.99
N ASN H 25 -50.48 -19.56 -136.95
CA ASN H 25 -49.82 -18.59 -136.07
C ASN H 25 -50.22 -18.81 -134.61
N LEU H 26 -49.94 -20.02 -134.11
CA LEU H 26 -50.24 -20.33 -132.72
C LEU H 26 -49.35 -19.58 -131.76
N ALA H 27 -48.22 -19.03 -132.21
CA ALA H 27 -47.39 -18.20 -131.35
C ALA H 27 -48.10 -16.93 -130.92
N ARG H 28 -49.14 -16.52 -131.66
CA ARG H 28 -49.93 -15.34 -131.30
C ARG H 28 -51.06 -15.69 -130.33
N MET H 29 -51.75 -16.81 -130.57
CA MET H 29 -52.89 -17.17 -129.75
C MET H 29 -52.43 -17.88 -128.48
N ARG H 30 -53.37 -18.01 -127.54
CA ARG H 30 -53.04 -18.45 -126.18
C ARG H 30 -52.54 -19.89 -126.14
N LYS H 31 -51.65 -20.17 -125.20
CA LYS H 31 -51.10 -21.50 -125.04
C LYS H 31 -52.15 -22.48 -124.53
N GLN H 32 -53.05 -22.02 -123.66
CA GLN H 32 -54.13 -22.89 -123.20
C GLN H 32 -55.02 -23.29 -124.36
N ASP H 33 -55.35 -22.34 -125.25
CA ASP H 33 -56.08 -22.68 -126.46
C ASP H 33 -55.25 -23.60 -127.36
N ILE H 34 -53.93 -23.43 -127.35
CA ILE H 34 -53.06 -24.33 -128.13
C ILE H 34 -53.24 -25.76 -127.65
N ILE H 35 -53.19 -25.97 -126.34
CA ILE H 35 -53.31 -27.32 -125.78
C ILE H 35 -54.72 -27.87 -126.00
N PHE H 36 -55.73 -27.01 -125.89
CA PHE H 36 -57.11 -27.44 -126.11
C PHE H 36 -57.30 -27.91 -127.55
N ALA H 37 -56.77 -27.15 -128.51
CA ALA H 37 -56.84 -27.57 -129.91
C ALA H 37 -56.04 -28.85 -130.15
N ILE H 38 -54.89 -28.98 -129.48
CA ILE H 38 -54.09 -30.20 -129.58
C ILE H 38 -54.93 -31.39 -129.19
N LEU H 39 -55.58 -31.31 -128.03
CA LEU H 39 -56.37 -32.42 -127.53
C LEU H 39 -57.57 -32.69 -128.43
N LYS H 40 -58.24 -31.62 -128.89
CA LYS H 40 -59.40 -31.77 -129.75
C LYS H 40 -59.05 -32.52 -131.04
N GLN H 41 -57.99 -32.08 -131.72
CA GLN H 41 -57.68 -32.68 -133.01
C GLN H 41 -57.09 -34.08 -132.84
N HIS H 42 -56.27 -34.31 -131.82
CA HIS H 42 -55.81 -35.67 -131.57
C HIS H 42 -56.96 -36.61 -131.23
N ALA H 43 -58.01 -36.07 -130.58
CA ALA H 43 -59.20 -36.87 -130.33
C ALA H 43 -59.95 -37.17 -131.62
N LYS H 44 -60.08 -36.17 -132.49
CA LYS H 44 -60.84 -36.34 -133.73
C LYS H 44 -60.05 -37.02 -134.83
N SER H 45 -58.74 -37.25 -134.64
CA SER H 45 -57.92 -37.88 -135.65
C SER H 45 -58.05 -39.40 -135.67
N GLY H 46 -58.79 -39.99 -134.73
CA GLY H 46 -58.97 -41.42 -134.67
C GLY H 46 -58.23 -42.11 -133.54
N GLU H 47 -57.53 -41.37 -132.68
CA GLU H 47 -56.82 -41.94 -131.55
C GLU H 47 -57.35 -41.33 -130.26
N ASP H 48 -57.53 -42.17 -129.24
CA ASP H 48 -58.03 -41.70 -127.96
C ASP H 48 -56.94 -40.96 -127.20
N ILE H 49 -57.37 -40.04 -126.32
CA ILE H 49 -56.43 -39.24 -125.53
C ILE H 49 -56.09 -39.99 -124.25
N PHE H 50 -54.88 -39.75 -123.74
CA PHE H 50 -54.47 -40.27 -122.44
C PHE H 50 -54.53 -39.12 -121.44
N GLY H 51 -55.46 -39.22 -120.49
CA GLY H 51 -55.66 -38.13 -119.54
C GLY H 51 -55.55 -38.56 -118.10
N ASP H 52 -55.36 -37.58 -117.21
CA ASP H 52 -55.27 -37.86 -115.77
C ASP H 52 -55.69 -36.62 -115.00
N GLY H 53 -56.09 -36.85 -113.75
CA GLY H 53 -56.47 -35.75 -112.89
C GLY H 53 -57.13 -36.17 -111.59
N VAL H 54 -57.20 -35.24 -110.64
CA VAL H 54 -57.83 -35.50 -109.35
C VAL H 54 -59.31 -35.11 -109.43
N LEU H 55 -60.18 -35.97 -108.91
CA LEU H 55 -61.60 -35.76 -109.00
C LEU H 55 -62.07 -34.78 -107.92
N GLU H 56 -62.82 -33.75 -108.34
CA GLU H 56 -63.46 -32.82 -107.43
C GLU H 56 -64.95 -32.78 -107.75
N ILE H 57 -65.78 -33.02 -106.73
CA ILE H 57 -67.21 -33.13 -106.91
C ILE H 57 -67.84 -31.74 -106.78
N LEU H 58 -69.08 -31.61 -107.27
CA LEU H 58 -69.81 -30.36 -107.24
C LEU H 58 -71.22 -30.62 -106.72
N GLN H 59 -72.01 -29.55 -106.62
CA GLN H 59 -73.38 -29.68 -106.11
C GLN H 59 -74.26 -30.43 -107.09
N ASP H 60 -74.06 -30.22 -108.39
CA ASP H 60 -74.91 -30.88 -109.39
C ASP H 60 -74.73 -32.39 -109.34
N GLY H 61 -73.49 -32.86 -109.21
CA GLY H 61 -73.23 -34.29 -109.16
C GLY H 61 -72.07 -34.71 -110.03
N PHE H 62 -71.76 -33.92 -111.06
CA PHE H 62 -70.64 -34.19 -111.94
C PHE H 62 -69.33 -33.83 -111.25
N GLY H 63 -68.22 -34.02 -111.94
CA GLY H 63 -66.92 -33.78 -111.36
C GLY H 63 -65.94 -33.18 -112.35
N PHE H 64 -64.94 -32.50 -111.80
CA PHE H 64 -63.83 -31.93 -112.56
C PHE H 64 -62.54 -32.66 -112.22
N LEU H 65 -61.76 -32.99 -113.24
CA LEU H 65 -60.46 -33.63 -113.06
C LEU H 65 -59.40 -32.51 -113.09
N ARG H 66 -59.10 -31.98 -111.91
CA ARG H 66 -58.10 -30.93 -111.78
C ARG H 66 -56.70 -31.50 -112.02
N SER H 67 -55.84 -30.68 -112.59
CA SER H 67 -54.47 -31.07 -112.94
C SER H 67 -53.49 -30.36 -112.04
N ALA H 68 -52.44 -31.08 -111.64
CA ALA H 68 -51.43 -30.51 -110.75
C ALA H 68 -50.67 -29.37 -111.42
N ASP H 69 -50.29 -29.54 -112.69
CA ASP H 69 -49.52 -28.53 -113.39
C ASP H 69 -50.33 -27.27 -113.68
N SER H 70 -51.67 -27.36 -113.63
CA SER H 70 -52.53 -26.21 -113.84
C SER H 70 -52.86 -25.48 -112.54
N SER H 71 -52.29 -25.92 -111.41
CA SER H 71 -52.51 -25.31 -110.10
C SER H 71 -53.97 -25.37 -109.66
N TYR H 72 -54.74 -26.30 -110.24
CA TYR H 72 -56.12 -26.55 -109.84
C TYR H 72 -56.99 -25.29 -109.98
N LEU H 73 -56.94 -24.68 -111.16
CA LEU H 73 -57.80 -23.56 -111.49
C LEU H 73 -58.98 -24.03 -112.33
N ALA H 74 -60.07 -23.25 -112.27
CA ALA H 74 -61.29 -23.56 -113.01
C ALA H 74 -61.14 -23.05 -114.44
N GLY H 75 -60.37 -23.79 -115.23
CA GLY H 75 -60.13 -23.44 -116.60
C GLY H 75 -60.80 -24.40 -117.57
N PRO H 76 -60.77 -24.06 -118.87
CA PRO H 76 -61.37 -24.95 -119.87
C PRO H 76 -60.69 -26.31 -119.96
N ASP H 77 -59.45 -26.43 -119.52
CA ASP H 77 -58.74 -27.70 -119.60
C ASP H 77 -59.26 -28.74 -118.62
N ASP H 78 -60.08 -28.35 -117.64
CA ASP H 78 -60.59 -29.30 -116.67
C ASP H 78 -61.45 -30.36 -117.36
N ILE H 79 -61.24 -31.61 -116.99
CA ILE H 79 -61.93 -32.74 -117.60
C ILE H 79 -63.26 -32.94 -116.89
N TYR H 80 -64.34 -32.98 -117.67
CA TYR H 80 -65.69 -33.19 -117.15
C TYR H 80 -65.97 -34.68 -117.06
N VAL H 81 -66.40 -35.12 -115.87
CA VAL H 81 -66.85 -36.51 -115.69
C VAL H 81 -68.30 -36.48 -115.20
N SER H 82 -69.14 -37.27 -115.87
CA SER H 82 -70.56 -37.28 -115.56
C SER H 82 -70.81 -37.96 -114.21
N PRO H 83 -71.93 -37.62 -113.54
CA PRO H 83 -72.24 -38.29 -112.27
C PRO H 83 -72.41 -39.79 -112.40
N SER H 84 -72.90 -40.27 -113.55
CA SER H 84 -73.10 -41.71 -113.73
C SER H 84 -71.80 -42.48 -113.65
N GLN H 85 -70.74 -41.95 -114.27
CA GLN H 85 -69.44 -42.62 -114.22
C GLN H 85 -68.90 -42.65 -112.80
N ILE H 86 -69.05 -41.55 -112.06
CA ILE H 86 -68.57 -41.51 -110.68
C ILE H 86 -69.33 -42.50 -109.81
N ARG H 87 -70.67 -42.54 -109.95
CA ARG H 87 -71.48 -43.38 -109.07
C ARG H 87 -71.38 -44.86 -109.44
N ARG H 88 -71.17 -45.18 -110.71
CA ARG H 88 -71.13 -46.59 -111.10
C ARG H 88 -69.90 -47.30 -110.56
N PHE H 89 -68.78 -46.59 -110.41
CA PHE H 89 -67.56 -47.16 -109.87
C PHE H 89 -67.37 -46.81 -108.39
N ASN H 90 -68.32 -46.08 -107.80
CA ASN H 90 -68.27 -45.70 -106.38
C ASN H 90 -67.03 -44.86 -106.08
N LEU H 91 -66.94 -43.73 -106.77
CA LEU H 91 -65.83 -42.80 -106.61
C LEU H 91 -66.23 -41.61 -105.74
N ARG H 92 -65.22 -40.97 -105.15
CA ARG H 92 -65.41 -39.76 -104.37
C ARG H 92 -64.30 -38.78 -104.77
N THR H 93 -64.19 -37.70 -104.01
CA THR H 93 -63.17 -36.70 -104.30
C THR H 93 -61.78 -37.26 -103.99
N GLY H 94 -60.78 -36.64 -104.60
CA GLY H 94 -59.39 -37.03 -104.38
C GLY H 94 -58.96 -38.30 -105.07
N ASP H 95 -59.78 -38.85 -105.97
CA ASP H 95 -59.42 -40.05 -106.69
C ASP H 95 -58.59 -39.67 -107.92
N THR H 96 -57.34 -40.13 -107.95
CA THR H 96 -56.43 -39.83 -109.06
C THR H 96 -56.85 -40.66 -110.26
N ILE H 97 -57.85 -40.15 -110.97
CA ILE H 97 -58.42 -40.86 -112.11
C ILE H 97 -57.53 -40.61 -113.33
N SER H 98 -57.00 -41.70 -113.90
CA SER H 98 -56.22 -41.62 -115.13
C SER H 98 -56.71 -42.68 -116.09
N GLY H 99 -56.95 -42.29 -117.33
CA GLY H 99 -57.45 -43.21 -118.33
C GLY H 99 -57.57 -42.63 -119.73
N LYS H 100 -58.59 -43.07 -120.46
CA LYS H 100 -58.80 -42.69 -121.84
C LYS H 100 -59.84 -41.57 -121.94
N ILE H 101 -59.60 -40.63 -122.86
CA ILE H 101 -60.40 -39.42 -123.00
C ILE H 101 -60.89 -39.33 -124.44
N ARG H 102 -62.21 -39.19 -124.60
CA ARG H 102 -62.94 -39.09 -125.85
C ARG H 102 -63.19 -37.64 -126.23
N PRO H 103 -63.55 -37.37 -127.49
CA PRO H 103 -63.91 -36.01 -127.86
C PRO H 103 -65.13 -35.55 -127.10
N PRO H 104 -65.23 -34.25 -126.80
CA PRO H 104 -66.42 -33.74 -126.11
C PRO H 104 -67.66 -33.87 -126.98
N LYS H 105 -68.80 -34.04 -126.32
CA LYS H 105 -70.07 -34.20 -127.02
C LYS H 105 -70.69 -32.83 -127.28
N GLU H 106 -71.85 -32.83 -127.94
CA GLU H 106 -72.53 -31.60 -128.26
C GLU H 106 -73.10 -30.94 -127.01
N GLY H 107 -73.15 -29.61 -127.02
CA GLY H 107 -73.66 -28.85 -125.89
C GLY H 107 -72.67 -28.65 -124.77
N GLU H 108 -71.43 -29.10 -124.90
CA GLU H 108 -70.43 -28.99 -123.85
C GLU H 108 -69.05 -28.98 -124.49
N ARG H 109 -68.14 -28.21 -123.91
CA ARG H 109 -66.80 -28.04 -124.46
C ARG H 109 -65.74 -28.87 -123.74
N TYR H 110 -65.93 -29.18 -122.46
CA TYR H 110 -64.93 -29.94 -121.72
C TYR H 110 -64.87 -31.39 -122.21
N PHE H 111 -63.67 -31.96 -122.17
CA PHE H 111 -63.46 -33.31 -122.63
C PHE H 111 -64.10 -34.32 -121.68
N ALA H 112 -64.40 -35.51 -122.22
CA ALA H 112 -65.09 -36.55 -121.48
C ALA H 112 -64.20 -37.77 -121.31
N LEU H 113 -64.54 -38.58 -120.30
CA LEU H 113 -63.78 -39.77 -119.93
C LEU H 113 -64.64 -41.00 -120.17
N LEU H 114 -64.02 -42.08 -120.63
CA LEU H 114 -64.76 -43.30 -120.95
C LEU H 114 -64.23 -44.52 -120.21
N LYS H 115 -62.91 -44.59 -120.01
CA LYS H 115 -62.30 -45.75 -119.36
C LYS H 115 -61.13 -45.27 -118.52
N VAL H 116 -61.01 -45.80 -117.31
CA VAL H 116 -59.99 -45.42 -116.35
C VAL H 116 -58.97 -46.55 -116.24
N ASN H 117 -57.70 -46.21 -116.41
CA ASN H 117 -56.65 -47.22 -116.26
C ASN H 117 -56.08 -47.28 -114.85
N GLU H 118 -56.16 -46.20 -114.09
CA GLU H 118 -55.68 -46.23 -112.71
C GLU H 118 -56.44 -45.23 -111.85
N VAL H 119 -56.66 -45.60 -110.61
CA VAL H 119 -57.29 -44.76 -109.59
C VAL H 119 -56.38 -44.80 -108.36
N ASN H 120 -55.65 -43.71 -108.14
CA ASN H 120 -54.70 -43.61 -107.01
C ASN H 120 -53.62 -44.69 -107.08
N PHE H 121 -53.24 -45.09 -108.30
CA PHE H 121 -52.10 -45.97 -108.54
C PHE H 121 -52.28 -47.34 -107.86
N ASP H 122 -53.34 -48.04 -108.26
CA ASP H 122 -53.54 -49.43 -107.87
C ASP H 122 -54.56 -50.05 -108.82
N LYS H 123 -54.84 -51.33 -108.60
CA LYS H 123 -55.85 -52.02 -109.41
C LYS H 123 -57.23 -51.44 -109.13
N PRO H 124 -58.00 -51.07 -110.17
CA PRO H 124 -59.35 -50.57 -109.91
C PRO H 124 -60.23 -51.54 -109.14
N GLU H 125 -60.10 -52.83 -109.40
CA GLU H 125 -60.85 -53.83 -108.63
C GLU H 125 -60.41 -53.81 -107.17
N ASN H 126 -59.10 -53.69 -106.93
CA ASN H 126 -58.61 -53.57 -105.55
C ASN H 126 -59.10 -52.29 -104.90
N ALA H 127 -59.08 -51.18 -105.65
CA ALA H 127 -59.55 -49.91 -105.12
C ALA H 127 -61.06 -49.91 -104.87
N ARG H 128 -61.80 -50.82 -105.51
CA ARG H 128 -63.23 -50.91 -105.26
C ARG H 128 -63.52 -51.31 -103.81
N ASN H 129 -62.74 -52.24 -103.27
CA ASN H 129 -62.91 -52.74 -101.91
C ASN H 129 -61.78 -52.17 -101.05
N LYS H 130 -62.00 -50.98 -100.49
CA LYS H 130 -61.04 -50.36 -99.60
C LYS H 130 -61.78 -49.51 -98.58
N ILE H 131 -61.25 -49.49 -97.35
CA ILE H 131 -61.97 -48.91 -96.23
C ILE H 131 -61.89 -47.38 -96.28
N LEU H 132 -62.75 -46.73 -95.51
CA LEU H 132 -62.72 -45.29 -95.37
C LEU H 132 -61.67 -44.87 -94.35
N PHE H 133 -60.97 -43.77 -94.65
CA PHE H 133 -59.82 -43.38 -93.82
C PHE H 133 -60.25 -43.00 -92.40
N GLU H 134 -61.34 -42.24 -92.26
CA GLU H 134 -61.74 -41.71 -90.96
C GLU H 134 -62.53 -42.72 -90.13
N ASN H 135 -62.61 -43.98 -90.55
CA ASN H 135 -63.21 -45.05 -89.77
C ASN H 135 -62.16 -46.01 -89.20
N LEU H 136 -60.93 -45.54 -89.04
CA LEU H 136 -59.81 -46.41 -88.71
C LEU H 136 -59.05 -45.87 -87.49
N THR H 137 -58.61 -46.77 -86.62
CA THR H 137 -57.97 -46.40 -85.37
C THR H 137 -56.51 -46.00 -85.61
N PRO H 138 -56.10 -44.80 -85.20
CA PRO H 138 -54.72 -44.37 -85.37
C PRO H 138 -53.84 -44.69 -84.16
N LEU H 139 -52.54 -44.43 -84.32
CA LEU H 139 -51.57 -44.54 -83.22
C LEU H 139 -50.72 -43.28 -83.08
N HIS H 140 -49.68 -43.38 -82.26
CA HIS H 140 -48.63 -42.37 -82.19
C HIS H 140 -47.67 -42.57 -83.36
N ALA H 141 -46.52 -41.91 -83.31
CA ALA H 141 -45.45 -42.11 -84.28
C ALA H 141 -44.58 -43.26 -83.82
N ASN H 142 -44.61 -44.38 -84.56
CA ASN H 142 -43.92 -45.60 -84.19
C ASN H 142 -42.74 -45.89 -85.12
N SER H 143 -42.05 -44.84 -85.54
CA SER H 143 -40.86 -45.01 -86.39
C SER H 143 -39.97 -43.79 -86.24
N ARG H 144 -38.72 -43.94 -86.65
CA ARG H 144 -37.74 -42.87 -86.59
C ARG H 144 -37.53 -42.29 -87.99
N LEU H 145 -37.42 -40.98 -88.07
CA LEU H 145 -37.35 -40.24 -89.33
C LEU H 145 -36.11 -39.35 -89.36
N ARG H 146 -34.95 -39.94 -89.08
CA ARG H 146 -33.71 -39.17 -89.10
C ARG H 146 -33.51 -38.50 -90.45
N MET H 147 -33.11 -37.24 -90.40
CA MET H 147 -33.06 -36.34 -91.53
C MET H 147 -31.63 -35.91 -91.89
N GLU H 148 -30.67 -36.13 -90.99
CA GLU H 148 -29.29 -35.72 -91.20
C GLU H 148 -28.74 -36.19 -92.54
N ARG H 149 -28.10 -35.29 -93.27
CA ARG H 149 -27.44 -35.60 -94.53
C ARG H 149 -26.05 -36.19 -94.31
N GLY H 150 -25.26 -35.56 -93.44
CA GLY H 150 -23.92 -36.02 -93.15
C GLY H 150 -22.85 -35.52 -94.08
N ASN H 151 -23.19 -34.69 -95.07
CA ASN H 151 -22.18 -34.19 -96.00
C ASN H 151 -21.26 -33.19 -95.31
N GLY H 152 -21.79 -32.38 -94.41
CA GLY H 152 -20.97 -31.45 -93.64
C GLY H 152 -21.02 -30.00 -94.06
N SER H 153 -21.89 -29.63 -95.01
CA SER H 153 -22.00 -28.24 -95.41
C SER H 153 -22.74 -27.44 -94.34
N THR H 154 -22.73 -26.11 -94.52
CA THR H 154 -23.38 -25.23 -93.54
C THR H 154 -24.88 -25.53 -93.46
N GLU H 155 -25.53 -25.74 -94.61
CA GLU H 155 -26.92 -26.19 -94.58
C GLU H 155 -27.05 -27.55 -93.92
N ASP H 156 -26.08 -28.44 -94.16
CA ASP H 156 -26.08 -29.73 -93.47
C ASP H 156 -25.86 -29.55 -91.98
N LEU H 157 -25.02 -28.60 -91.58
CA LEU H 157 -24.82 -28.33 -90.16
C LEU H 157 -26.12 -27.85 -89.50
N THR H 158 -26.84 -26.95 -90.18
CA THR H 158 -28.13 -26.49 -89.68
C THR H 158 -29.13 -27.65 -89.59
N ALA H 159 -29.13 -28.52 -90.61
CA ALA H 159 -30.00 -29.68 -90.61
C ALA H 159 -29.69 -30.59 -89.42
N ARG H 160 -28.40 -30.82 -89.15
CA ARG H 160 -28.01 -31.63 -88.00
C ARG H 160 -28.47 -30.99 -86.70
N VAL H 161 -28.30 -29.67 -86.58
CA VAL H 161 -28.72 -28.97 -85.36
C VAL H 161 -30.21 -29.16 -85.12
N LEU H 162 -31.03 -28.89 -86.15
CA LEU H 162 -32.47 -28.95 -85.94
C LEU H 162 -32.96 -30.39 -85.80
N ASP H 163 -32.26 -31.35 -86.41
CA ASP H 163 -32.60 -32.75 -86.21
C ASP H 163 -32.30 -33.19 -84.77
N LEU H 164 -31.16 -32.76 -84.23
CA LEU H 164 -30.85 -33.06 -82.83
C LEU H 164 -31.72 -32.27 -81.87
N ALA H 165 -32.35 -31.19 -82.33
CA ALA H 165 -33.28 -30.45 -81.49
C ALA H 165 -34.48 -31.31 -81.09
N SER H 166 -35.04 -32.05 -82.05
CA SER H 166 -36.19 -32.90 -81.78
C SER H 166 -36.33 -33.92 -82.90
N PRO H 167 -36.61 -35.18 -82.58
CA PRO H 167 -36.80 -36.19 -83.63
C PRO H 167 -38.18 -36.07 -84.27
N ILE H 168 -38.33 -36.77 -85.39
CA ILE H 168 -39.57 -36.78 -86.17
C ILE H 168 -40.02 -38.23 -86.34
N GLY H 169 -41.33 -38.43 -86.36
CA GLY H 169 -41.90 -39.75 -86.47
C GLY H 169 -42.98 -39.81 -87.53
N ARG H 170 -43.42 -41.04 -87.82
CA ARG H 170 -44.45 -41.28 -88.82
C ARG H 170 -45.79 -40.71 -88.36
N GLY H 171 -46.38 -39.86 -89.19
CA GLY H 171 -47.67 -39.27 -88.85
C GLY H 171 -47.65 -38.47 -87.57
N GLN H 172 -46.59 -37.70 -87.34
CA GLN H 172 -46.39 -36.98 -86.09
C GLN H 172 -46.66 -35.50 -86.35
N ARG H 173 -47.62 -34.94 -85.61
CA ARG H 173 -48.01 -33.56 -85.82
C ARG H 173 -46.91 -32.60 -85.39
N GLY H 174 -46.78 -31.50 -86.12
CA GLY H 174 -45.78 -30.50 -85.81
C GLY H 174 -46.20 -29.07 -86.08
N LEU H 175 -45.96 -28.18 -85.12
CA LEU H 175 -46.23 -26.77 -85.26
C LEU H 175 -44.96 -25.99 -84.93
N ILE H 176 -44.74 -24.91 -85.66
CA ILE H 176 -43.57 -24.05 -85.47
C ILE H 176 -44.05 -22.61 -85.35
N VAL H 177 -43.56 -21.91 -84.33
CA VAL H 177 -43.85 -20.49 -84.17
C VAL H 177 -42.64 -19.70 -84.64
N ALA H 178 -42.87 -18.67 -85.44
CA ALA H 178 -41.78 -17.90 -86.02
C ALA H 178 -42.21 -16.48 -86.34
N PRO H 179 -41.61 -15.47 -85.71
CA PRO H 179 -41.94 -14.08 -86.05
C PRO H 179 -41.42 -13.72 -87.42
N PRO H 180 -41.94 -12.66 -88.04
CA PRO H 180 -41.46 -12.27 -89.37
C PRO H 180 -39.99 -11.88 -89.34
N LYS H 181 -39.32 -12.14 -90.47
CA LYS H 181 -37.89 -11.86 -90.63
C LYS H 181 -37.08 -12.62 -89.57
N ALA H 182 -37.32 -13.92 -89.48
CA ALA H 182 -36.61 -14.79 -88.56
C ALA H 182 -35.95 -15.97 -89.26
N GLY H 183 -36.06 -16.08 -90.58
CA GLY H 183 -35.44 -17.18 -91.30
C GLY H 183 -36.22 -18.48 -91.21
N LYS H 184 -37.44 -18.49 -91.73
CA LYS H 184 -38.29 -19.68 -91.69
C LYS H 184 -38.40 -20.39 -93.03
N THR H 185 -38.26 -19.66 -94.15
CA THR H 185 -38.47 -20.27 -95.46
C THR H 185 -37.36 -21.26 -95.80
N MET H 186 -36.10 -20.85 -95.63
CA MET H 186 -35.00 -21.71 -96.04
C MET H 186 -34.87 -22.93 -95.14
N LEU H 187 -35.21 -22.81 -93.86
CA LEU H 187 -35.18 -23.97 -92.97
C LEU H 187 -36.17 -25.04 -93.44
N LEU H 188 -37.40 -24.62 -93.74
CA LEU H 188 -38.41 -25.56 -94.20
C LEU H 188 -38.03 -26.14 -95.56
N GLN H 189 -37.50 -25.31 -96.46
CA GLN H 189 -37.07 -25.82 -97.76
C GLN H 189 -35.96 -26.86 -97.61
N ASN H 190 -34.99 -26.57 -96.73
CA ASN H 190 -33.87 -27.50 -96.52
C ASN H 190 -34.35 -28.82 -95.93
N ILE H 191 -35.23 -28.77 -94.93
CA ILE H 191 -35.69 -30.01 -94.33
C ILE H 191 -36.54 -30.80 -95.31
N ALA H 192 -37.36 -30.11 -96.12
CA ALA H 192 -38.18 -30.80 -97.11
C ALA H 192 -37.31 -31.49 -98.15
N GLN H 193 -36.31 -30.78 -98.70
CA GLN H 193 -35.46 -31.40 -99.71
C GLN H 193 -34.61 -32.52 -99.11
N SER H 194 -34.18 -32.39 -97.87
CA SER H 194 -33.38 -33.44 -97.26
C SER H 194 -34.22 -34.68 -96.99
N ILE H 195 -35.48 -34.50 -96.59
CA ILE H 195 -36.38 -35.65 -96.48
C ILE H 195 -36.60 -36.28 -97.84
N ALA H 196 -36.70 -35.45 -98.89
CA ALA H 196 -36.90 -36.00 -100.24
C ALA H 196 -35.71 -36.84 -100.68
N TYR H 197 -34.48 -36.38 -100.42
CA TYR H 197 -33.29 -37.09 -100.83
C TYR H 197 -32.81 -38.14 -99.82
N ASN H 198 -33.46 -38.24 -98.65
CA ASN H 198 -33.08 -39.24 -97.67
C ASN H 198 -34.07 -40.39 -97.55
N HIS H 199 -35.35 -40.16 -97.84
CA HIS H 199 -36.39 -41.18 -97.77
C HIS H 199 -37.16 -41.19 -99.08
N PRO H 200 -36.56 -41.70 -100.15
CA PRO H 200 -37.27 -41.74 -101.45
C PRO H 200 -38.49 -42.65 -101.45
N ASP H 201 -38.58 -43.60 -100.51
CA ASP H 201 -39.73 -44.50 -100.48
C ASP H 201 -41.02 -43.74 -100.21
N CYS H 202 -41.00 -42.78 -99.30
CA CYS H 202 -42.17 -41.98 -98.97
C CYS H 202 -42.24 -40.75 -99.86
N VAL H 203 -43.45 -40.39 -100.28
CA VAL H 203 -43.68 -39.23 -101.14
C VAL H 203 -43.82 -38.00 -100.27
N LEU H 204 -43.32 -36.87 -100.77
CA LEU H 204 -43.38 -35.59 -100.06
C LEU H 204 -43.89 -34.52 -101.00
N MET H 205 -44.82 -33.70 -100.50
CA MET H 205 -45.33 -32.56 -101.24
C MET H 205 -45.40 -31.36 -100.30
N VAL H 206 -45.32 -30.17 -100.90
CA VAL H 206 -45.27 -28.91 -100.18
C VAL H 206 -46.40 -28.01 -100.69
N LEU H 207 -46.99 -27.24 -99.79
CA LEU H 207 -48.03 -26.27 -100.13
C LEU H 207 -47.59 -24.89 -99.70
N LEU H 208 -47.84 -23.90 -100.57
CA LEU H 208 -47.40 -22.52 -100.36
C LEU H 208 -48.56 -21.57 -100.57
N ILE H 209 -48.68 -20.60 -99.68
CA ILE H 209 -49.78 -19.61 -99.70
C ILE H 209 -49.17 -18.22 -99.75
N ASP H 210 -49.71 -17.39 -100.65
CA ASP H 210 -49.44 -15.94 -100.75
C ASP H 210 -47.98 -15.54 -100.58
N GLU H 211 -47.07 -16.36 -101.10
CA GLU H 211 -45.67 -15.96 -101.19
C GLU H 211 -45.40 -15.30 -102.54
N ARG H 212 -44.23 -14.64 -102.63
CA ARG H 212 -43.84 -14.01 -103.88
C ARG H 212 -43.44 -15.07 -104.91
N PRO H 213 -43.60 -14.77 -106.20
CA PRO H 213 -43.35 -15.80 -107.23
C PRO H 213 -41.91 -16.28 -107.30
N GLU H 214 -40.93 -15.47 -106.91
CA GLU H 214 -39.54 -15.86 -107.09
C GLU H 214 -39.15 -17.03 -106.19
N GLU H 215 -39.53 -16.98 -104.91
CA GLU H 215 -39.22 -18.09 -104.02
C GLU H 215 -39.99 -19.34 -104.41
N VAL H 216 -41.23 -19.19 -104.89
CA VAL H 216 -41.98 -20.34 -105.37
C VAL H 216 -41.26 -20.98 -106.56
N THR H 217 -40.81 -20.16 -107.50
CA THR H 217 -40.13 -20.68 -108.69
C THR H 217 -38.84 -21.39 -108.32
N GLU H 218 -38.04 -20.79 -107.43
CA GLU H 218 -36.83 -21.48 -106.99
C GLU H 218 -37.15 -22.73 -106.17
N MET H 219 -38.32 -22.76 -105.52
CA MET H 219 -38.74 -23.96 -104.82
C MET H 219 -39.01 -25.10 -105.81
N GLN H 220 -39.72 -24.82 -106.91
CA GLN H 220 -39.88 -25.85 -107.92
C GLN H 220 -38.53 -26.25 -108.53
N ARG H 221 -37.67 -25.27 -108.81
CA ARG H 221 -36.47 -25.54 -109.59
C ARG H 221 -35.42 -26.31 -108.78
N LEU H 222 -35.21 -25.93 -107.52
CA LEU H 222 -34.07 -26.46 -106.78
C LEU H 222 -34.29 -27.92 -106.38
N VAL H 223 -35.49 -28.25 -105.88
CA VAL H 223 -35.77 -29.57 -105.34
C VAL H 223 -36.75 -30.28 -106.27
N LYS H 224 -36.51 -31.59 -106.48
CA LYS H 224 -37.38 -32.39 -107.34
C LYS H 224 -38.77 -32.57 -106.75
N GLY H 225 -38.94 -32.38 -105.44
CA GLY H 225 -40.23 -32.56 -104.80
C GLY H 225 -41.31 -31.64 -105.35
N GLU H 226 -42.46 -32.20 -105.68
CA GLU H 226 -43.55 -31.40 -106.22
C GLU H 226 -44.12 -30.47 -105.16
N VAL H 227 -44.55 -29.30 -105.60
CA VAL H 227 -45.08 -28.26 -104.71
C VAL H 227 -46.26 -27.58 -105.40
N VAL H 228 -47.26 -27.22 -104.60
CA VAL H 228 -48.44 -26.49 -105.07
C VAL H 228 -48.46 -25.15 -104.36
N ALA H 229 -48.47 -24.07 -105.13
CA ALA H 229 -48.41 -22.72 -104.57
C ALA H 229 -49.55 -21.88 -105.09
N SER H 230 -50.01 -20.95 -104.26
CA SER H 230 -51.08 -20.04 -104.60
C SER H 230 -50.62 -18.60 -104.41
N THR H 231 -50.96 -17.75 -105.38
CA THR H 231 -50.46 -16.38 -105.42
C THR H 231 -51.22 -15.50 -104.41
N PHE H 232 -50.52 -14.49 -103.90
CA PHE H 232 -51.12 -13.57 -102.94
C PHE H 232 -52.28 -12.78 -103.55
N ASP H 233 -52.13 -12.34 -104.79
CA ASP H 233 -53.13 -11.45 -105.39
C ASP H 233 -54.49 -12.11 -105.57
N GLU H 234 -54.54 -13.43 -105.75
CA GLU H 234 -55.84 -14.06 -105.94
C GLU H 234 -56.53 -14.27 -104.58
N PRO H 235 -57.86 -14.29 -104.55
CA PRO H 235 -58.57 -14.27 -103.28
C PRO H 235 -58.41 -15.56 -102.48
N ALA H 236 -58.77 -15.47 -101.20
CA ALA H 236 -58.59 -16.57 -100.25
C ALA H 236 -59.54 -17.74 -100.48
N SER H 237 -60.58 -17.57 -101.31
CA SER H 237 -61.50 -18.68 -101.56
C SER H 237 -60.77 -19.84 -102.21
N ARG H 238 -59.95 -19.55 -103.23
CA ARG H 238 -59.17 -20.62 -103.85
C ARG H 238 -58.12 -21.17 -102.89
N HIS H 239 -57.55 -20.32 -102.02
CA HIS H 239 -56.63 -20.81 -101.02
C HIS H 239 -57.27 -21.88 -100.14
N VAL H 240 -58.43 -21.57 -99.56
CA VAL H 240 -59.06 -22.53 -98.67
C VAL H 240 -59.55 -23.75 -99.43
N GLN H 241 -60.04 -23.54 -100.67
CA GLN H 241 -60.53 -24.67 -101.46
C GLN H 241 -59.41 -25.66 -101.77
N VAL H 242 -58.28 -25.16 -102.27
CA VAL H 242 -57.14 -26.05 -102.53
C VAL H 242 -56.65 -26.66 -101.24
N ALA H 243 -56.79 -25.94 -100.11
CA ALA H 243 -56.41 -26.52 -98.83
C ALA H 243 -57.23 -27.76 -98.52
N GLU H 244 -58.57 -27.66 -98.56
CA GLU H 244 -59.34 -28.84 -98.18
C GLU H 244 -59.17 -29.96 -99.20
N MET H 245 -59.05 -29.62 -100.49
CA MET H 245 -58.95 -30.71 -101.47
C MET H 245 -57.58 -31.39 -101.41
N VAL H 246 -56.51 -30.65 -101.08
CA VAL H 246 -55.21 -31.29 -100.93
C VAL H 246 -55.18 -32.14 -99.66
N ILE H 247 -55.85 -31.69 -98.59
CA ILE H 247 -55.91 -32.53 -97.39
C ILE H 247 -56.73 -33.79 -97.65
N GLU H 248 -57.79 -33.68 -98.45
CA GLU H 248 -58.58 -34.86 -98.77
C GLU H 248 -57.80 -35.82 -99.66
N LYS H 249 -57.01 -35.28 -100.60
CA LYS H 249 -56.09 -36.13 -101.36
C LYS H 249 -55.11 -36.83 -100.43
N ALA H 250 -54.57 -36.09 -99.47
CA ALA H 250 -53.59 -36.67 -98.55
C ALA H 250 -54.19 -37.80 -97.73
N LYS H 251 -55.41 -37.60 -97.22
CA LYS H 251 -56.05 -38.65 -96.42
C LYS H 251 -56.37 -39.87 -97.28
N ARG H 252 -56.81 -39.65 -98.52
CA ARG H 252 -57.06 -40.77 -99.43
C ARG H 252 -55.77 -41.54 -99.72
N LEU H 253 -54.66 -40.82 -99.93
CA LEU H 253 -53.42 -41.48 -100.29
C LEU H 253 -52.82 -42.21 -99.09
N VAL H 254 -52.95 -41.64 -97.89
CA VAL H 254 -52.50 -42.33 -96.68
C VAL H 254 -53.35 -43.57 -96.43
N GLU H 255 -54.64 -43.50 -96.76
CA GLU H 255 -55.49 -44.68 -96.65
C GLU H 255 -54.99 -45.81 -97.53
N HIS H 256 -54.25 -45.50 -98.58
CA HIS H 256 -53.66 -46.49 -99.48
C HIS H 256 -52.42 -47.17 -98.90
N LYS H 257 -52.18 -47.01 -97.59
CA LYS H 257 -51.09 -47.70 -96.89
C LYS H 257 -49.72 -47.23 -97.38
N LYS H 258 -49.55 -45.92 -97.49
CA LYS H 258 -48.26 -45.34 -97.84
C LYS H 258 -48.08 -44.01 -97.10
N ASP H 259 -46.83 -43.60 -96.97
CA ASP H 259 -46.47 -42.45 -96.16
C ASP H 259 -46.56 -41.16 -96.97
N VAL H 260 -46.97 -40.08 -96.31
CA VAL H 260 -47.09 -38.76 -96.90
C VAL H 260 -46.56 -37.75 -95.89
N ILE H 261 -45.82 -36.75 -96.38
CA ILE H 261 -45.30 -35.66 -95.56
C ILE H 261 -45.70 -34.35 -96.20
N ILE H 262 -46.29 -33.45 -95.42
CA ILE H 262 -46.81 -32.19 -95.93
C ILE H 262 -46.18 -31.04 -95.15
N LEU H 263 -46.00 -29.90 -95.83
CA LEU H 263 -45.38 -28.71 -95.27
C LEU H 263 -46.31 -27.52 -95.45
N LEU H 264 -46.50 -26.74 -94.37
CA LEU H 264 -47.42 -25.60 -94.39
C LEU H 264 -46.78 -24.31 -93.89
N ASP H 265 -47.10 -23.22 -94.60
CA ASP H 265 -46.71 -21.87 -94.22
C ASP H 265 -47.70 -20.91 -94.88
N SER H 266 -48.60 -20.34 -94.09
CA SER H 266 -48.80 -20.50 -92.65
C SER H 266 -50.28 -20.65 -92.32
N ILE H 267 -50.58 -21.25 -91.15
CA ILE H 267 -51.96 -21.45 -90.75
C ILE H 267 -52.61 -20.12 -90.39
N THR H 268 -51.87 -19.25 -89.69
CA THR H 268 -52.46 -18.00 -89.21
C THR H 268 -52.90 -17.12 -90.37
N ARG H 269 -52.11 -17.04 -91.43
CA ARG H 269 -52.44 -16.19 -92.56
C ARG H 269 -53.73 -16.64 -93.24
N LEU H 270 -53.85 -17.95 -93.51
CA LEU H 270 -55.07 -18.45 -94.15
C LEU H 270 -56.27 -18.31 -93.24
N ALA H 271 -56.09 -18.55 -91.94
CA ALA H 271 -57.20 -18.39 -90.99
C ALA H 271 -57.69 -16.95 -90.96
N ARG H 272 -56.75 -16.00 -90.91
CA ARG H 272 -57.13 -14.59 -90.91
C ARG H 272 -57.80 -14.20 -92.23
N ALA H 273 -57.28 -14.70 -93.35
CA ALA H 273 -57.89 -14.39 -94.65
C ALA H 273 -59.32 -14.89 -94.72
N TYR H 274 -59.56 -16.13 -94.28
CA TYR H 274 -60.92 -16.65 -94.29
C TYR H 274 -61.81 -15.88 -93.33
N ASN H 275 -61.31 -15.54 -92.14
CA ASN H 275 -62.10 -14.75 -91.20
C ASN H 275 -62.48 -13.40 -91.79
N THR H 276 -61.58 -12.81 -92.58
CA THR H 276 -61.91 -11.54 -93.23
C THR H 276 -62.94 -11.74 -94.34
N VAL H 277 -62.86 -12.85 -95.08
CA VAL H 277 -63.74 -13.04 -96.23
C VAL H 277 -65.06 -13.71 -95.87
N VAL H 278 -65.11 -14.48 -94.78
CA VAL H 278 -66.34 -15.21 -94.46
C VAL H 278 -67.39 -14.22 -93.94
N PRO H 279 -68.67 -14.39 -94.30
CA PRO H 279 -69.71 -13.61 -93.64
C PRO H 279 -69.85 -13.99 -92.17
N ALA H 280 -70.30 -13.03 -91.37
CA ALA H 280 -70.47 -13.27 -89.95
C ALA H 280 -71.58 -14.28 -89.70
N SER H 281 -71.36 -15.18 -88.74
CA SER H 281 -72.32 -16.23 -88.40
C SER H 281 -73.31 -15.79 -87.33
N GLY H 282 -73.19 -14.57 -86.80
CA GLY H 282 -74.09 -14.09 -85.78
C GLY H 282 -73.43 -13.92 -84.43
N LYS H 283 -72.57 -14.86 -84.07
CA LYS H 283 -71.81 -14.81 -82.82
C LYS H 283 -70.36 -14.48 -83.12
N VAL H 284 -69.82 -13.49 -82.42
CA VAL H 284 -68.46 -13.04 -82.63
C VAL H 284 -67.82 -12.75 -81.27
N LEU H 285 -66.55 -13.12 -81.14
CA LEU H 285 -65.79 -12.84 -79.93
C LEU H 285 -65.17 -11.45 -80.01
N THR H 286 -64.81 -10.92 -78.85
CA THR H 286 -64.23 -9.57 -78.78
C THR H 286 -62.97 -9.50 -79.65
N GLY H 287 -62.89 -8.45 -80.47
CA GLY H 287 -61.80 -8.28 -81.40
C GLY H 287 -62.11 -8.62 -82.83
N GLY H 288 -63.24 -9.27 -83.10
CA GLY H 288 -63.66 -9.58 -84.44
C GLY H 288 -63.42 -11.01 -84.90
N VAL H 289 -62.95 -11.88 -84.01
CA VAL H 289 -62.71 -13.28 -84.35
C VAL H 289 -64.00 -14.06 -84.18
N ASP H 290 -64.31 -14.92 -85.15
CA ASP H 290 -65.53 -15.73 -85.15
C ASP H 290 -65.17 -17.18 -84.92
N ALA H 291 -65.99 -17.86 -84.11
CA ALA H 291 -65.72 -19.26 -83.78
C ALA H 291 -65.86 -20.18 -84.98
N ASN H 292 -66.72 -19.83 -85.93
CA ASN H 292 -66.92 -20.68 -87.11
C ASN H 292 -65.74 -20.58 -88.07
N ALA H 293 -65.01 -19.46 -88.06
CA ALA H 293 -63.95 -19.24 -89.04
C ALA H 293 -62.81 -20.25 -88.88
N LEU H 294 -62.45 -20.58 -87.64
CA LEU H 294 -61.28 -21.40 -87.36
C LEU H 294 -61.62 -22.87 -87.13
N HIS H 295 -62.74 -23.36 -87.65
CA HIS H 295 -63.12 -24.75 -87.45
C HIS H 295 -62.39 -25.67 -88.42
N ARG H 296 -62.63 -25.50 -89.72
CA ARG H 296 -61.90 -26.34 -90.66
C ARG H 296 -60.41 -26.00 -90.67
N PRO H 297 -59.97 -24.79 -90.28
CA PRO H 297 -58.53 -24.65 -89.97
C PRO H 297 -58.04 -25.61 -88.90
N LYS H 298 -58.85 -25.86 -87.85
CA LYS H 298 -58.48 -26.86 -86.86
C LYS H 298 -58.45 -28.25 -87.48
N ARG H 299 -59.42 -28.57 -88.34
CA ARG H 299 -59.34 -29.81 -89.10
C ARG H 299 -58.06 -29.88 -89.93
N PHE H 300 -57.70 -28.76 -90.56
CA PHE H 300 -56.54 -28.68 -91.42
C PHE H 300 -55.26 -28.97 -90.66
N PHE H 301 -55.15 -28.43 -89.44
CA PHE H 301 -53.96 -28.65 -88.62
C PHE H 301 -53.95 -30.06 -88.01
N GLY H 302 -55.11 -30.58 -87.63
CA GLY H 302 -55.18 -31.87 -86.97
C GLY H 302 -55.47 -33.04 -87.87
N ALA H 303 -55.37 -32.88 -89.19
CA ALA H 303 -55.63 -33.99 -90.11
C ALA H 303 -54.60 -35.10 -90.03
N ALA H 304 -53.47 -34.88 -89.36
CA ALA H 304 -52.43 -35.91 -89.29
C ALA H 304 -52.92 -37.10 -88.47
N ARG H 305 -52.75 -38.30 -89.02
CA ARG H 305 -53.22 -39.53 -88.37
C ARG H 305 -52.33 -40.68 -88.82
N ASN H 306 -51.42 -41.12 -87.95
CA ASN H 306 -50.60 -42.28 -88.24
C ASN H 306 -51.43 -43.56 -88.12
N VAL H 307 -51.08 -44.56 -88.92
CA VAL H 307 -51.86 -45.79 -89.02
C VAL H 307 -50.94 -46.99 -88.80
N GLU H 308 -51.37 -47.92 -87.94
CA GLU H 308 -50.62 -49.15 -87.74
C GLU H 308 -50.76 -50.09 -88.94
N GLU H 309 -51.95 -50.15 -89.53
CA GLU H 309 -52.17 -51.04 -90.67
C GLU H 309 -51.29 -50.62 -91.85
N GLY H 310 -51.10 -49.32 -92.04
CA GLY H 310 -50.22 -48.83 -93.08
C GLY H 310 -50.48 -47.38 -93.44
N GLY H 311 -49.42 -46.62 -93.65
CA GLY H 311 -49.55 -45.24 -94.07
C GLY H 311 -49.48 -44.26 -92.90
N SER H 312 -48.96 -43.08 -93.19
CA SER H 312 -48.89 -42.00 -92.22
C SER H 312 -49.06 -40.68 -92.96
N LEU H 313 -49.50 -39.66 -92.22
CA LEU H 313 -49.84 -38.36 -92.79
C LEU H 313 -49.06 -37.27 -92.05
N THR H 314 -47.75 -37.44 -91.99
CA THR H 314 -46.89 -36.54 -91.23
C THR H 314 -47.07 -35.10 -91.73
N ILE H 315 -47.26 -34.19 -90.78
CA ILE H 315 -47.49 -32.77 -91.08
C ILE H 315 -46.43 -31.95 -90.36
N ILE H 316 -45.85 -30.99 -91.07
CA ILE H 316 -45.01 -29.96 -90.47
C ILE H 316 -45.54 -28.62 -90.94
N ALA H 317 -45.75 -27.70 -89.99
CA ALA H 317 -46.42 -26.45 -90.32
C ALA H 317 -45.88 -25.37 -89.40
N THR H 318 -45.55 -24.21 -89.99
CA THR H 318 -45.03 -23.09 -89.23
C THR H 318 -46.05 -21.96 -89.22
N ALA H 319 -46.13 -21.27 -88.08
CA ALA H 319 -47.07 -20.17 -87.89
C ALA H 319 -46.32 -18.91 -87.50
N LEU H 320 -46.84 -17.77 -87.94
CA LEU H 320 -46.21 -16.48 -87.70
C LEU H 320 -47.09 -15.62 -86.80
N ILE H 321 -46.46 -14.96 -85.83
CA ILE H 321 -47.12 -14.06 -84.90
C ILE H 321 -46.33 -12.76 -84.83
N ASP H 322 -46.78 -11.85 -83.97
CA ASP H 322 -46.14 -10.56 -83.75
C ASP H 322 -46.02 -9.77 -85.06
N THR H 323 -47.19 -9.49 -85.65
CA THR H 323 -47.28 -8.74 -86.90
C THR H 323 -48.05 -7.43 -86.72
N GLY H 324 -48.22 -6.98 -85.49
CA GLY H 324 -48.95 -5.76 -85.20
C GLY H 324 -50.44 -5.94 -84.97
N SER H 325 -50.97 -7.14 -85.19
CA SER H 325 -52.38 -7.43 -84.97
C SER H 325 -52.49 -8.57 -83.96
N LYS H 326 -53.43 -8.44 -83.03
CA LYS H 326 -53.60 -9.44 -81.98
C LYS H 326 -54.28 -10.71 -82.48
N MET H 327 -54.77 -10.72 -83.72
CA MET H 327 -55.42 -11.92 -84.24
C MET H 327 -54.46 -13.10 -84.30
N ASP H 328 -53.22 -12.85 -84.73
CA ASP H 328 -52.23 -13.92 -84.77
C ASP H 328 -51.91 -14.43 -83.37
N GLU H 329 -51.83 -13.53 -82.39
CA GLU H 329 -51.60 -13.95 -81.01
C GLU H 329 -52.75 -14.80 -80.49
N VAL H 330 -53.99 -14.41 -80.81
CA VAL H 330 -55.15 -15.20 -80.40
C VAL H 330 -55.12 -16.58 -81.05
N ILE H 331 -54.78 -16.64 -82.34
CA ILE H 331 -54.69 -17.92 -83.03
C ILE H 331 -53.61 -18.79 -82.40
N TYR H 332 -52.47 -18.19 -82.04
CA TYR H 332 -51.41 -18.95 -81.41
C TYR H 332 -51.83 -19.48 -80.04
N GLU H 333 -52.50 -18.64 -79.24
CA GLU H 333 -52.86 -19.07 -77.89
C GLU H 333 -54.01 -20.08 -77.91
N GLU H 334 -54.84 -20.10 -78.95
CA GLU H 334 -55.81 -21.17 -79.09
C GLU H 334 -55.24 -22.39 -79.80
N PHE H 335 -54.07 -22.27 -80.45
CA PHE H 335 -53.39 -23.39 -81.06
C PHE H 335 -52.21 -23.89 -80.25
N LYS H 336 -51.83 -23.21 -79.18
CA LYS H 336 -50.76 -23.70 -78.33
C LYS H 336 -51.18 -24.98 -77.63
N GLY H 337 -50.30 -25.98 -77.63
CA GLY H 337 -50.64 -27.27 -77.09
C GLY H 337 -51.51 -28.14 -77.97
N THR H 338 -51.85 -27.68 -79.16
CA THR H 338 -52.68 -28.45 -80.09
C THR H 338 -51.86 -29.29 -81.06
N GLY H 339 -50.54 -29.28 -80.93
CA GLY H 339 -49.69 -30.08 -81.79
C GLY H 339 -48.82 -31.01 -80.99
N ASN H 340 -48.54 -32.19 -81.57
CA ASN H 340 -47.70 -33.16 -80.89
C ASN H 340 -46.29 -32.64 -80.70
N MET H 341 -45.73 -31.98 -81.72
CA MET H 341 -44.41 -31.38 -81.66
C MET H 341 -44.55 -29.88 -81.76
N GLU H 342 -43.84 -29.15 -80.90
CA GLU H 342 -43.88 -27.69 -80.90
C GLU H 342 -42.45 -27.16 -81.00
N LEU H 343 -42.24 -26.21 -81.91
CA LEU H 343 -40.93 -25.63 -82.15
C LEU H 343 -41.01 -24.12 -81.96
N HIS H 344 -40.00 -23.57 -81.29
CA HIS H 344 -39.96 -22.17 -80.92
C HIS H 344 -38.84 -21.47 -81.69
N LEU H 345 -39.17 -20.37 -82.34
CA LEU H 345 -38.20 -19.56 -83.09
C LEU H 345 -38.38 -18.10 -82.72
N SER H 346 -37.28 -17.35 -82.77
CA SER H 346 -37.27 -15.95 -82.36
C SER H 346 -36.57 -15.11 -83.42
N ARG H 347 -36.92 -13.83 -83.44
CA ARG H 347 -36.36 -12.88 -84.40
C ARG H 347 -35.09 -12.21 -83.89
N LYS H 348 -34.89 -12.17 -82.57
CA LYS H 348 -33.69 -11.51 -82.03
C LYS H 348 -32.42 -12.23 -82.47
N ILE H 349 -32.43 -13.56 -82.48
CA ILE H 349 -31.27 -14.31 -82.94
C ILE H 349 -31.05 -14.10 -84.43
N ALA H 350 -32.14 -13.96 -85.19
CA ALA H 350 -32.01 -13.66 -86.62
C ALA H 350 -31.36 -12.30 -86.84
N GLU H 351 -31.75 -11.30 -86.04
CA GLU H 351 -31.09 -10.00 -86.11
C GLU H 351 -29.61 -10.11 -85.79
N LYS H 352 -29.25 -11.02 -84.89
CA LYS H 352 -27.86 -11.30 -84.56
C LYS H 352 -27.09 -11.92 -85.74
N ARG H 353 -27.80 -12.36 -86.78
CA ARG H 353 -27.18 -12.92 -87.99
C ARG H 353 -26.39 -14.19 -87.69
N VAL H 354 -26.87 -14.97 -86.73
CA VAL H 354 -26.28 -16.26 -86.39
C VAL H 354 -27.38 -17.32 -86.49
N PHE H 355 -27.12 -18.37 -87.25
CA PHE H 355 -28.14 -19.35 -87.61
C PHE H 355 -27.64 -20.76 -87.39
N PRO H 356 -28.56 -21.72 -87.16
CA PRO H 356 -30.03 -21.59 -87.10
C PRO H 356 -30.50 -20.96 -85.79
N ALA H 357 -31.52 -20.10 -85.86
CA ALA H 357 -31.98 -19.34 -84.70
C ALA H 357 -32.93 -20.12 -83.80
N ILE H 358 -32.95 -21.45 -83.91
CA ILE H 358 -33.84 -22.26 -83.10
C ILE H 358 -33.47 -22.14 -81.63
N ASP H 359 -34.48 -22.21 -80.77
CA ASP H 359 -34.29 -22.17 -79.32
C ASP H 359 -34.49 -23.59 -78.78
N TYR H 360 -33.40 -24.22 -78.35
CA TYR H 360 -33.46 -25.55 -77.77
C TYR H 360 -33.76 -25.54 -76.28
N ASN H 361 -33.74 -24.36 -75.65
CA ASN H 361 -33.96 -24.29 -74.20
C ASN H 361 -35.42 -24.60 -73.85
N ARG H 362 -36.35 -23.80 -74.37
CA ARG H 362 -37.76 -23.95 -74.04
C ARG H 362 -38.53 -24.78 -75.06
N SER H 363 -37.84 -25.38 -76.03
CA SER H 363 -38.49 -26.30 -76.95
C SER H 363 -38.87 -27.59 -76.23
N GLY H 364 -39.95 -28.21 -76.70
CA GLY H 364 -40.46 -29.41 -76.06
C GLY H 364 -40.72 -30.51 -77.08
N THR H 365 -40.83 -31.73 -76.55
CA THR H 365 -41.10 -32.92 -77.35
C THR H 365 -42.12 -33.78 -76.63
N ARG H 366 -42.87 -34.56 -77.40
CA ARG H 366 -43.92 -35.43 -76.86
C ARG H 366 -43.55 -36.89 -77.12
N LYS H 367 -43.65 -37.70 -76.08
CA LYS H 367 -43.40 -39.15 -76.16
C LYS H 367 -42.02 -39.45 -76.74
N GLU H 368 -40.99 -38.97 -76.04
CA GLU H 368 -39.63 -39.18 -76.48
C GLU H 368 -39.25 -40.66 -76.47
N GLU H 369 -39.64 -41.38 -75.40
CA GLU H 369 -39.20 -42.76 -75.24
C GLU H 369 -39.81 -43.69 -76.28
N LEU H 370 -41.03 -43.41 -76.74
CA LEU H 370 -41.69 -44.27 -77.70
C LEU H 370 -41.13 -44.14 -79.11
N LEU H 371 -40.52 -43.00 -79.44
CA LEU H 371 -40.10 -42.75 -80.82
C LEU H 371 -38.96 -43.67 -81.24
N THR H 372 -37.95 -43.85 -80.38
CA THR H 372 -36.76 -44.57 -80.77
C THR H 372 -36.10 -45.17 -79.54
N THR H 373 -34.88 -45.69 -79.71
CA THR H 373 -34.15 -46.32 -78.62
C THR H 373 -33.68 -45.28 -77.61
N GLN H 374 -33.36 -45.75 -76.40
CA GLN H 374 -33.13 -44.90 -75.25
C GLN H 374 -31.69 -44.39 -75.14
N GLU H 375 -30.78 -44.85 -75.98
CA GLU H 375 -29.39 -44.38 -75.88
C GLU H 375 -29.26 -42.94 -76.37
N GLU H 376 -29.68 -42.69 -77.61
CA GLU H 376 -29.69 -41.31 -78.10
C GLU H 376 -30.67 -40.45 -77.32
N LEU H 377 -31.70 -41.05 -76.74
CA LEU H 377 -32.60 -40.29 -75.87
C LEU H 377 -31.90 -39.85 -74.60
N GLN H 378 -31.07 -40.72 -74.01
CA GLN H 378 -30.28 -40.33 -72.85
C GLN H 378 -29.23 -39.29 -73.21
N LYS H 379 -28.69 -39.38 -74.43
CA LYS H 379 -27.79 -38.32 -74.91
C LYS H 379 -28.53 -36.99 -75.02
N MET H 380 -29.76 -37.01 -75.55
CA MET H 380 -30.57 -35.79 -75.59
C MET H 380 -30.87 -35.29 -74.18
N TRP H 381 -31.02 -36.20 -73.23
CA TRP H 381 -31.27 -35.81 -71.84
C TRP H 381 -30.06 -35.09 -71.24
N ILE H 382 -28.86 -35.61 -71.49
CA ILE H 382 -27.68 -34.90 -70.96
C ILE H 382 -27.48 -33.58 -71.69
N LEU H 383 -27.82 -33.53 -72.99
CA LEU H 383 -27.80 -32.25 -73.70
C LEU H 383 -28.77 -31.26 -73.06
N ARG H 384 -29.96 -31.75 -72.67
CA ARG H 384 -30.93 -30.90 -72.00
C ARG H 384 -30.37 -30.37 -70.69
N LYS H 385 -29.74 -31.24 -69.89
CA LYS H 385 -29.27 -30.80 -68.58
C LYS H 385 -28.07 -29.87 -68.71
N ILE H 386 -27.29 -29.97 -69.78
CA ILE H 386 -26.21 -29.01 -69.96
C ILE H 386 -26.70 -27.75 -70.67
N ILE H 387 -27.91 -27.77 -71.24
CA ILE H 387 -28.40 -26.61 -71.96
C ILE H 387 -29.34 -25.71 -71.16
N HIS H 388 -30.03 -26.24 -70.13
CA HIS H 388 -30.99 -25.39 -69.44
C HIS H 388 -30.34 -24.36 -68.51
N PRO H 389 -29.28 -24.69 -67.73
CA PRO H 389 -28.81 -23.71 -66.74
C PRO H 389 -28.25 -22.43 -67.34
N MET H 390 -27.87 -22.44 -68.61
CA MET H 390 -27.12 -21.34 -69.21
C MET H 390 -27.91 -20.72 -70.36
N GLY H 391 -27.51 -19.52 -70.75
CA GLY H 391 -28.35 -18.58 -71.46
C GLY H 391 -28.73 -18.99 -72.87
N GLU H 392 -29.14 -17.97 -73.65
CA GLU H 392 -29.70 -18.20 -74.98
C GLU H 392 -28.67 -17.95 -76.07
N ILE H 393 -28.09 -16.73 -76.12
CA ILE H 393 -27.15 -16.39 -77.18
C ILE H 393 -25.91 -17.27 -77.10
N ASP H 394 -25.38 -17.43 -75.89
CA ASP H 394 -24.23 -18.30 -75.69
C ASP H 394 -24.56 -19.76 -76.00
N ALA H 395 -25.77 -20.22 -75.70
CA ALA H 395 -26.16 -21.58 -76.10
C ALA H 395 -26.16 -21.72 -77.61
N MET H 396 -26.70 -20.71 -78.30
CA MET H 396 -26.71 -20.70 -79.76
C MET H 396 -25.30 -20.84 -80.31
N GLU H 397 -24.41 -19.97 -79.84
CA GLU H 397 -23.01 -19.98 -80.30
C GLU H 397 -22.33 -21.30 -79.99
N PHE H 398 -22.52 -21.80 -78.76
CA PHE H 398 -21.83 -23.02 -78.36
C PHE H 398 -22.34 -24.23 -79.11
N LEU H 399 -23.66 -24.34 -79.32
CA LEU H 399 -24.18 -25.48 -80.05
C LEU H 399 -23.65 -25.50 -81.48
N ILE H 400 -23.63 -24.35 -82.16
CA ILE H 400 -23.10 -24.39 -83.53
C ILE H 400 -21.59 -24.63 -83.54
N ASN H 401 -20.84 -23.92 -82.70
CA ASN H 401 -19.39 -24.07 -82.79
C ASN H 401 -18.90 -25.41 -82.25
N LYS H 402 -19.75 -26.16 -81.54
CA LYS H 402 -19.43 -27.53 -81.19
C LYS H 402 -19.98 -28.54 -82.21
N LEU H 403 -20.96 -28.13 -83.01
CA LEU H 403 -21.47 -29.01 -84.07
C LEU H 403 -20.90 -28.68 -85.44
N ALA H 404 -20.50 -27.44 -85.69
CA ALA H 404 -19.97 -27.08 -87.01
C ALA H 404 -18.69 -27.83 -87.33
N MET H 405 -17.78 -27.92 -86.37
CA MET H 405 -16.51 -28.60 -86.60
C MET H 405 -16.66 -30.12 -86.63
N THR H 406 -17.82 -30.65 -86.28
CA THR H 406 -18.02 -32.09 -86.23
C THR H 406 -18.65 -32.59 -87.53
N LYS H 407 -18.18 -33.76 -87.99
CA LYS H 407 -18.67 -34.31 -89.26
C LYS H 407 -20.09 -34.83 -89.14
N THR H 408 -20.39 -35.59 -88.09
CA THR H 408 -21.68 -36.26 -87.96
C THR H 408 -22.14 -36.20 -86.51
N ASN H 409 -23.41 -36.54 -86.30
CA ASN H 409 -23.99 -36.48 -84.96
C ASN H 409 -23.39 -37.52 -84.03
N ASP H 410 -22.90 -38.65 -84.57
CA ASP H 410 -22.28 -39.66 -83.72
C ASP H 410 -20.98 -39.15 -83.11
N ASP H 411 -20.13 -38.52 -83.94
CA ASP H 411 -18.91 -37.93 -83.42
C ASP H 411 -19.22 -36.76 -82.49
N PHE H 412 -20.30 -36.02 -82.78
CA PHE H 412 -20.72 -34.94 -81.88
C PHE H 412 -21.10 -35.50 -80.52
N PHE H 413 -21.81 -36.63 -80.49
CA PHE H 413 -22.10 -37.29 -79.23
C PHE H 413 -20.81 -37.73 -78.54
N GLU H 414 -19.86 -38.27 -79.31
CA GLU H 414 -18.61 -38.75 -78.73
C GLU H 414 -17.85 -37.63 -78.06
N MET H 415 -17.78 -36.46 -78.69
CA MET H 415 -17.01 -35.34 -78.16
C MET H 415 -17.84 -34.36 -77.34
N MET H 416 -19.13 -34.65 -77.11
CA MET H 416 -19.87 -34.08 -75.98
C MET H 416 -19.82 -34.94 -74.73
N LYS H 417 -19.76 -36.27 -74.87
CA LYS H 417 -19.71 -37.13 -73.69
C LYS H 417 -18.44 -36.87 -72.87
N ARG H 418 -17.31 -36.69 -73.54
CA ARG H 418 -16.04 -36.45 -72.85
C ARG H 418 -15.78 -34.98 -72.59
N SER H 419 -16.65 -34.08 -73.03
CA SER H 419 -16.48 -32.66 -72.80
C SER H 419 -16.79 -32.30 -71.34
N MET I 1 -12.30 21.40 69.79
CA MET I 1 -13.50 21.01 69.06
C MET I 1 -13.14 20.68 67.60
N ASN I 2 -14.15 20.30 66.81
CA ASN I 2 -13.90 19.73 65.49
C ASN I 2 -13.07 20.66 64.61
N LEU I 3 -11.96 20.13 64.10
CA LEU I 3 -11.05 20.92 63.28
C LEU I 3 -11.46 21.02 61.82
N THR I 4 -12.40 20.19 61.36
CA THR I 4 -12.82 20.24 59.96
C THR I 4 -13.51 21.56 59.64
N GLU I 5 -14.39 22.03 60.54
CA GLU I 5 -15.13 23.25 60.28
C GLU I 5 -14.21 24.46 60.22
N LEU I 6 -13.15 24.48 61.03
CA LEU I 6 -12.16 25.54 60.97
C LEU I 6 -11.08 25.28 59.93
N LYS I 7 -11.10 24.11 59.29
CA LYS I 7 -10.17 23.82 58.20
C LYS I 7 -10.75 24.22 56.85
N ASN I 8 -12.01 23.88 56.58
CA ASN I 8 -12.62 24.24 55.31
C ASN I 8 -13.00 25.71 55.23
N THR I 9 -13.03 26.43 56.35
CA THR I 9 -13.30 27.84 56.33
C THR I 9 -12.16 28.60 55.66
N PRO I 10 -12.44 29.72 55.00
CA PRO I 10 -11.37 30.48 54.34
C PRO I 10 -10.40 31.08 55.35
N VAL I 11 -9.32 31.65 54.79
CA VAL I 11 -8.22 32.17 55.62
C VAL I 11 -8.67 33.37 56.43
N SER I 12 -9.58 34.19 55.88
CA SER I 12 -9.99 35.41 56.59
C SER I 12 -10.67 35.08 57.92
N GLU I 13 -11.58 34.12 57.92
CA GLU I 13 -12.26 33.76 59.15
C GLU I 13 -11.28 33.18 60.16
N LEU I 14 -10.32 32.38 59.69
CA LEU I 14 -9.31 31.81 60.56
C LEU I 14 -8.45 32.89 61.20
N ILE I 15 -8.01 33.88 60.42
CA ILE I 15 -7.16 34.91 60.98
C ILE I 15 -7.95 35.80 61.94
N THR I 16 -9.22 36.07 61.62
CA THR I 16 -10.05 36.87 62.52
C THR I 16 -10.25 36.17 63.86
N LEU I 17 -10.55 34.87 63.84
CA LEU I 17 -10.58 34.15 65.10
C LEU I 17 -9.22 34.11 65.75
N GLY I 18 -8.14 34.17 64.96
CA GLY I 18 -6.81 34.27 65.55
C GLY I 18 -6.64 35.52 66.39
N GLU I 19 -7.05 36.68 65.85
CA GLU I 19 -6.94 37.89 66.67
C GLU I 19 -7.90 37.82 67.86
N ASN I 20 -9.11 37.28 67.68
CA ASN I 20 -10.05 37.33 68.80
C ASN I 20 -9.80 36.24 69.84
N MET I 21 -8.90 35.30 69.59
CA MET I 21 -8.53 34.29 70.58
C MET I 21 -7.29 34.67 71.40
N GLY I 22 -6.65 35.79 71.08
CA GLY I 22 -5.55 36.29 71.87
C GLY I 22 -4.18 36.23 71.25
N LEU I 23 -4.05 35.78 69.99
CA LEU I 23 -2.77 35.68 69.31
C LEU I 23 -2.88 36.42 67.98
N GLU I 24 -2.23 37.58 67.88
CA GLU I 24 -2.42 38.49 66.76
C GLU I 24 -1.30 38.46 65.74
N ASN I 25 -0.20 37.74 65.99
CA ASN I 25 0.94 37.69 65.09
C ASN I 25 1.05 36.32 64.41
N LEU I 26 -0.08 35.75 64.02
CA LEU I 26 -0.12 34.44 63.39
C LEU I 26 -0.73 34.50 61.99
N ALA I 27 -0.30 35.46 61.18
CA ALA I 27 -0.78 35.60 59.82
C ALA I 27 0.28 35.33 58.77
N ARG I 28 1.56 35.58 59.07
CA ARG I 28 2.61 35.47 58.05
C ARG I 28 3.32 34.13 58.17
N MET I 29 2.58 33.08 57.85
CA MET I 29 3.10 31.71 57.78
C MET I 29 2.04 30.83 57.13
N ARG I 30 2.33 29.53 57.06
CA ARG I 30 1.51 28.60 56.32
C ARG I 30 0.17 28.38 57.02
N LYS I 31 -0.82 27.90 56.24
CA LYS I 31 -2.12 27.56 56.82
C LYS I 31 -1.95 26.46 57.86
N GLN I 32 -1.13 25.45 57.56
CA GLN I 32 -0.90 24.37 58.50
C GLN I 32 -0.28 24.88 59.79
N ASP I 33 0.70 25.78 59.69
CA ASP I 33 1.28 26.37 60.89
C ASP I 33 0.27 27.19 61.66
N ILE I 34 -0.57 27.96 60.94
CA ILE I 34 -1.59 28.77 61.59
C ILE I 34 -2.54 27.90 62.39
N ILE I 35 -3.08 26.87 61.77
CA ILE I 35 -4.05 26.02 62.45
C ILE I 35 -3.37 25.24 63.57
N PHE I 36 -2.12 24.82 63.37
CA PHE I 36 -1.39 24.11 64.41
C PHE I 36 -1.24 24.97 65.65
N ALA I 37 -0.80 26.22 65.47
CA ALA I 37 -0.60 27.10 66.63
C ALA I 37 -1.93 27.47 67.29
N ILE I 38 -2.97 27.74 66.48
CA ILE I 38 -4.27 28.10 67.05
C ILE I 38 -4.82 26.94 67.87
N LEU I 39 -4.78 25.73 67.31
CA LEU I 39 -5.27 24.57 68.05
C LEU I 39 -4.38 24.24 69.24
N LYS I 40 -3.08 24.55 69.15
CA LYS I 40 -2.19 24.36 70.29
C LYS I 40 -2.61 25.22 71.45
N GLN I 41 -2.83 26.52 71.21
CA GLN I 41 -3.24 27.39 72.29
C GLN I 41 -4.65 27.06 72.77
N HIS I 42 -5.52 26.61 71.85
CA HIS I 42 -6.88 26.25 72.22
C HIS I 42 -6.91 25.03 73.14
N ALA I 43 -6.12 24.01 72.82
CA ALA I 43 -6.06 22.82 73.65
C ALA I 43 -5.28 23.08 74.93
N LYS I 44 -4.36 24.06 74.92
CA LYS I 44 -3.68 24.44 76.14
C LYS I 44 -4.64 25.01 77.16
N SER I 45 -5.73 25.65 76.70
CA SER I 45 -6.75 26.15 77.61
C SER I 45 -7.50 25.04 78.33
N GLY I 46 -7.54 23.84 77.75
CA GLY I 46 -8.19 22.72 78.39
C GLY I 46 -9.65 22.53 78.00
N GLU I 47 -9.92 22.46 76.71
CA GLU I 47 -11.26 22.27 76.18
C GLU I 47 -11.32 21.01 75.32
N ASP I 48 -12.54 20.56 75.05
CA ASP I 48 -12.75 19.36 74.25
C ASP I 48 -12.25 19.57 72.83
N ILE I 49 -11.59 18.56 72.28
CA ILE I 49 -11.03 18.61 70.94
C ILE I 49 -11.43 17.35 70.18
N PHE I 50 -11.88 17.53 68.94
CA PHE I 50 -12.33 16.46 68.07
C PHE I 50 -11.53 16.50 66.78
N GLY I 51 -11.29 15.31 66.19
CA GLY I 51 -10.51 15.23 64.98
C GLY I 51 -11.05 14.16 64.05
N ASP I 52 -10.61 14.25 62.80
CA ASP I 52 -10.96 13.27 61.79
C ASP I 52 -9.93 13.34 60.66
N GLY I 53 -9.84 12.25 59.90
CA GLY I 53 -8.91 12.20 58.81
C GLY I 53 -8.78 10.80 58.24
N VAL I 54 -7.77 10.64 57.38
CA VAL I 54 -7.46 9.36 56.73
C VAL I 54 -6.03 9.00 57.09
N LEU I 55 -5.84 7.76 57.53
CA LEU I 55 -4.55 7.32 58.05
C LEU I 55 -3.71 6.65 56.97
N GLU I 56 -2.42 6.54 57.26
CA GLU I 56 -1.48 5.78 56.43
C GLU I 56 -0.35 5.30 57.32
N ILE I 57 0.32 4.24 56.87
CA ILE I 57 1.37 3.58 57.64
C ILE I 57 2.68 3.72 56.90
N LEU I 58 3.73 4.15 57.61
CA LEU I 58 5.06 4.29 57.03
C LEU I 58 5.75 2.92 57.00
N GLN I 59 7.06 2.92 56.70
CA GLN I 59 7.80 1.68 56.63
C GLN I 59 8.03 1.07 58.01
N ASP I 60 8.19 1.90 59.03
CA ASP I 60 8.45 1.40 60.38
C ASP I 60 7.19 0.94 61.11
N GLY I 61 6.01 1.16 60.52
CA GLY I 61 4.75 0.78 61.11
C GLY I 61 4.05 1.90 61.85
N PHE I 62 4.77 2.94 62.26
CA PHE I 62 4.16 4.09 62.92
C PHE I 62 3.45 4.95 61.87
N GLY I 63 2.21 5.34 62.16
CA GLY I 63 1.39 5.94 61.13
C GLY I 63 1.03 7.40 61.29
N PHE I 64 0.68 8.02 60.17
CA PHE I 64 0.24 9.41 60.13
C PHE I 64 -1.25 9.47 59.80
N LEU I 65 -1.86 10.61 60.12
CA LEU I 65 -3.27 10.86 59.84
C LEU I 65 -3.37 12.22 59.15
N ARG I 66 -3.74 12.21 57.87
CA ARG I 66 -3.83 13.41 57.05
C ARG I 66 -5.29 13.83 56.89
N SER I 67 -5.47 15.03 56.34
CA SER I 67 -6.79 15.61 56.13
C SER I 67 -7.03 15.80 54.64
N ALA I 68 -8.31 15.70 54.24
CA ALA I 68 -8.66 15.80 52.83
C ALA I 68 -8.50 17.22 52.30
N ASP I 69 -8.85 18.22 53.12
CA ASP I 69 -8.78 19.61 52.66
C ASP I 69 -7.33 20.01 52.35
N SER I 70 -6.40 19.60 53.19
CA SER I 70 -4.99 19.90 52.98
C SER I 70 -4.36 19.09 51.85
N SER I 71 -5.16 18.34 51.10
CA SER I 71 -4.68 17.50 50.00
C SER I 71 -3.67 16.48 50.48
N TYR I 72 -3.87 15.97 51.70
CA TYR I 72 -3.00 14.95 52.30
C TYR I 72 -1.56 15.46 52.41
N LEU I 73 -1.41 16.69 52.89
CA LEU I 73 -0.10 17.31 53.02
C LEU I 73 0.55 16.91 54.34
N ALA I 74 1.88 16.76 54.32
CA ALA I 74 2.64 16.38 55.50
C ALA I 74 2.93 17.60 56.37
N GLY I 75 1.87 18.32 56.71
CA GLY I 75 1.96 19.46 57.58
C GLY I 75 1.67 19.09 59.01
N PRO I 76 1.78 20.07 59.92
CA PRO I 76 1.51 19.78 61.35
C PRO I 76 0.10 19.32 61.62
N ASP I 77 -0.84 19.52 60.70
CA ASP I 77 -2.23 19.10 60.92
C ASP I 77 -2.37 17.58 61.02
N ASP I 78 -1.36 16.83 60.60
CA ASP I 78 -1.42 15.37 60.69
C ASP I 78 -1.41 14.93 62.15
N ILE I 79 -1.90 13.72 62.39
CA ILE I 79 -2.05 13.17 63.73
C ILE I 79 -1.30 11.84 63.80
N TYR I 80 -0.48 11.68 64.84
CA TYR I 80 0.22 10.42 65.04
C TYR I 80 -0.77 9.31 65.40
N VAL I 81 -0.58 8.13 64.80
CA VAL I 81 -1.34 6.95 65.17
C VAL I 81 -0.35 5.80 65.37
N SER I 82 -0.49 5.09 66.49
CA SER I 82 0.43 4.03 66.83
C SER I 82 0.06 2.72 66.14
N PRO I 83 1.04 1.84 65.90
CA PRO I 83 0.71 0.51 65.35
C PRO I 83 -0.16 -0.33 66.28
N SER I 84 -0.22 0.02 67.57
CA SER I 84 -1.02 -0.76 68.50
C SER I 84 -2.51 -0.65 68.17
N GLN I 85 -2.96 0.51 67.70
CA GLN I 85 -4.33 0.64 67.22
C GLN I 85 -4.60 -0.38 66.11
N ILE I 86 -3.64 -0.55 65.21
CA ILE I 86 -3.77 -1.57 64.17
C ILE I 86 -3.81 -2.96 64.78
N ARG I 87 -2.95 -3.21 65.77
CA ARG I 87 -2.78 -4.59 66.24
C ARG I 87 -3.97 -5.08 67.06
N ARG I 88 -4.59 -4.21 67.85
CA ARG I 88 -5.76 -4.63 68.62
C ARG I 88 -7.07 -4.07 68.08
N PHE I 89 -7.15 -2.77 67.81
CA PHE I 89 -8.37 -2.20 67.26
C PHE I 89 -8.68 -2.73 65.87
N ASN I 90 -7.69 -3.34 65.20
CA ASN I 90 -7.86 -3.94 63.88
C ASN I 90 -8.31 -2.90 62.85
N LEU I 91 -7.44 -1.91 62.65
CA LEU I 91 -7.68 -0.84 61.67
C LEU I 91 -6.67 -1.00 60.54
N ARG I 92 -7.17 -1.08 59.30
CA ARG I 92 -6.32 -1.23 58.15
C ARG I 92 -5.86 0.14 57.65
N THR I 93 -5.05 0.14 56.60
CA THR I 93 -4.56 1.38 56.01
C THR I 93 -5.69 2.18 55.40
N GLY I 94 -5.57 3.51 55.49
CA GLY I 94 -6.50 4.39 54.81
C GLY I 94 -7.90 4.42 55.38
N ASP I 95 -8.13 3.83 56.54
CA ASP I 95 -9.46 3.87 57.15
C ASP I 95 -9.74 5.27 57.67
N THR I 96 -10.90 5.82 57.32
CA THR I 96 -11.28 7.14 57.79
C THR I 96 -11.63 7.08 59.27
N ILE I 97 -10.88 7.81 60.08
CA ILE I 97 -11.01 7.79 61.53
C ILE I 97 -11.54 9.15 61.98
N SER I 98 -12.61 9.13 62.78
CA SER I 98 -13.09 10.34 63.44
C SER I 98 -13.32 10.05 64.91
N GLY I 99 -12.83 10.93 65.78
CA GLY I 99 -13.01 10.73 67.21
C GLY I 99 -12.19 11.71 68.02
N LYS I 100 -12.00 11.36 69.29
CA LYS I 100 -11.22 12.19 70.20
C LYS I 100 -9.75 12.21 69.80
N ILE I 101 -9.11 13.33 70.09
CA ILE I 101 -7.69 13.52 69.83
C ILE I 101 -7.02 14.00 71.11
N ARG I 102 -5.71 13.77 71.20
CA ARG I 102 -4.94 14.10 72.38
C ARG I 102 -3.91 15.18 72.06
N PRO I 103 -3.80 16.23 72.86
CA PRO I 103 -2.73 17.20 72.65
C PRO I 103 -1.37 16.58 72.93
N PRO I 104 -0.46 16.60 71.97
CA PRO I 104 0.84 15.96 72.18
C PRO I 104 1.62 16.61 73.31
N LYS I 105 2.33 15.78 74.06
CA LYS I 105 3.15 16.23 75.18
C LYS I 105 4.53 16.66 74.68
N GLU I 106 5.41 16.98 75.63
CA GLU I 106 6.71 17.55 75.28
C GLU I 106 7.51 16.59 74.41
N GLY I 107 8.12 17.13 73.36
CA GLY I 107 8.88 16.34 72.42
C GLY I 107 8.07 15.67 71.33
N GLU I 108 6.74 15.84 71.34
CA GLU I 108 5.86 15.25 70.34
C GLU I 108 5.31 16.38 69.47
N ARG I 109 5.71 16.38 68.20
CA ARG I 109 5.29 17.44 67.28
C ARG I 109 3.86 17.26 66.81
N TYR I 110 3.41 16.02 66.62
CA TYR I 110 2.13 15.72 66.01
C TYR I 110 1.13 15.24 67.05
N PHE I 111 -0.15 15.50 66.78
CA PHE I 111 -1.21 15.12 67.70
C PHE I 111 -1.37 13.61 67.76
N ALA I 112 -2.12 13.14 68.76
CA ALA I 112 -2.38 11.73 68.97
C ALA I 112 -3.87 11.53 69.22
N LEU I 113 -4.31 10.28 69.09
CA LEU I 113 -5.72 9.94 69.28
C LEU I 113 -5.97 9.38 70.67
N LEU I 114 -7.02 9.86 71.32
CA LEU I 114 -7.46 9.28 72.58
C LEU I 114 -8.30 8.03 72.33
N LYS I 115 -9.38 8.16 71.56
CA LYS I 115 -10.24 7.05 71.22
C LYS I 115 -10.86 7.29 69.87
N VAL I 116 -11.34 6.21 69.24
CA VAL I 116 -11.94 6.27 67.92
C VAL I 116 -13.45 6.17 68.07
N ASN I 117 -14.18 7.05 67.38
CA ASN I 117 -15.63 7.09 67.45
C ASN I 117 -16.32 6.58 66.19
N GLU I 118 -15.73 6.79 65.02
CA GLU I 118 -16.34 6.34 63.77
C GLU I 118 -15.26 5.95 62.78
N VAL I 119 -15.44 4.78 62.17
CA VAL I 119 -14.52 4.22 61.17
C VAL I 119 -15.31 3.96 59.90
N ASN I 120 -14.93 4.61 58.81
CA ASN I 120 -15.56 4.41 57.50
C ASN I 120 -17.08 4.56 57.58
N PHE I 121 -17.52 5.60 58.29
CA PHE I 121 -18.94 5.89 58.51
C PHE I 121 -19.66 4.76 59.24
N ASP I 122 -18.91 3.94 59.98
CA ASP I 122 -19.46 2.81 60.72
C ASP I 122 -18.87 2.78 62.11
N LYS I 123 -19.48 1.99 62.98
CA LYS I 123 -18.98 1.84 64.34
C LYS I 123 -17.62 1.14 64.32
N PRO I 124 -16.67 1.58 65.14
CA PRO I 124 -15.36 0.91 65.17
C PRO I 124 -15.42 -0.55 65.60
N GLU I 125 -16.47 -0.95 66.32
CA GLU I 125 -16.52 -2.31 66.85
C GLU I 125 -16.70 -3.34 65.74
N ASN I 126 -17.61 -3.09 64.80
CA ASN I 126 -17.89 -4.06 63.75
C ASN I 126 -16.95 -3.94 62.56
N ALA I 127 -16.02 -2.98 62.57
CA ALA I 127 -15.03 -2.87 61.52
C ALA I 127 -13.93 -3.92 61.62
N ARG I 128 -13.81 -4.59 62.76
CA ARG I 128 -12.78 -5.62 62.92
C ARG I 128 -13.06 -6.82 62.02
N ASN I 129 -14.29 -7.32 62.03
CA ASN I 129 -14.67 -8.48 61.21
C ASN I 129 -15.27 -8.02 59.88
N LYS I 130 -14.47 -7.26 59.13
CA LYS I 130 -14.87 -6.74 57.83
C LYS I 130 -14.11 -7.47 56.73
N ILE I 131 -14.84 -7.88 55.69
CA ILE I 131 -14.23 -8.62 54.59
C ILE I 131 -13.29 -7.70 53.82
N LEU I 132 -12.19 -8.27 53.33
CA LEU I 132 -11.19 -7.50 52.59
C LEU I 132 -11.66 -7.21 51.17
N PHE I 133 -10.99 -6.26 50.53
CA PHE I 133 -11.37 -5.86 49.18
C PHE I 133 -11.03 -6.95 48.16
N GLU I 134 -9.83 -7.51 48.24
CA GLU I 134 -9.41 -8.53 47.29
C GLU I 134 -10.13 -9.86 47.51
N ASN I 135 -10.64 -10.11 48.73
CA ASN I 135 -11.33 -11.36 49.00
C ASN I 135 -12.70 -11.42 48.34
N LEU I 136 -13.24 -10.28 47.90
CA LEU I 136 -14.55 -10.26 47.26
C LEU I 136 -14.43 -10.74 45.82
N THR I 137 -15.27 -11.70 45.44
CA THR I 137 -15.25 -12.19 44.08
C THR I 137 -15.87 -11.16 43.13
N PRO I 138 -15.17 -10.77 42.07
CA PRO I 138 -15.69 -9.74 41.17
C PRO I 138 -16.58 -10.32 40.07
N LEU I 139 -17.29 -9.43 39.40
CA LEU I 139 -18.08 -9.76 38.23
C LEU I 139 -17.94 -8.62 37.23
N HIS I 140 -18.80 -8.63 36.21
CA HIS I 140 -18.77 -7.62 35.17
C HIS I 140 -19.66 -6.44 35.56
N ALA I 141 -19.84 -5.49 34.63
CA ALA I 141 -20.63 -4.30 34.89
C ALA I 141 -22.11 -4.65 34.79
N ASN I 142 -22.68 -5.08 35.92
CA ASN I 142 -24.09 -5.46 35.94
C ASN I 142 -25.00 -4.23 35.89
N SER I 143 -24.64 -3.18 36.63
CA SER I 143 -25.47 -1.99 36.74
C SER I 143 -25.11 -0.98 35.65
N ARG I 144 -26.11 -0.20 35.26
CA ARG I 144 -25.97 0.83 34.23
C ARG I 144 -26.17 2.21 34.85
N LEU I 145 -25.28 3.13 34.50
CA LEU I 145 -25.36 4.52 34.97
C LEU I 145 -25.74 5.42 33.81
N ARG I 146 -26.70 6.31 34.07
CA ARG I 146 -27.19 7.26 33.06
C ARG I 146 -26.64 8.64 33.37
N MET I 147 -26.04 9.27 32.36
CA MET I 147 -25.41 10.57 32.54
C MET I 147 -26.33 11.73 32.21
N GLU I 148 -27.56 11.46 31.79
CA GLU I 148 -28.50 12.54 31.47
C GLU I 148 -28.98 13.22 32.74
N ARG I 149 -28.92 14.56 32.76
CA ARG I 149 -29.40 15.30 33.91
C ARG I 149 -30.91 15.12 34.09
N GLY I 150 -31.66 15.13 32.99
CA GLY I 150 -33.10 15.01 33.04
C GLY I 150 -33.84 16.32 33.16
N ASN I 151 -33.14 17.44 33.37
CA ASN I 151 -33.76 18.75 33.47
C ASN I 151 -33.66 19.55 32.18
N GLY I 152 -33.13 18.96 31.12
CA GLY I 152 -32.94 19.70 29.87
C GLY I 152 -31.94 20.83 29.98
N SER I 153 -30.80 20.58 30.61
CA SER I 153 -29.79 21.62 30.79
C SER I 153 -29.18 22.02 29.45
N THR I 154 -28.64 23.24 29.42
CA THR I 154 -28.03 23.76 28.20
C THR I 154 -26.79 22.97 27.78
N GLU I 155 -26.17 22.23 28.70
CA GLU I 155 -25.01 21.42 28.40
C GLU I 155 -25.29 19.93 28.50
N ASP I 156 -26.56 19.54 28.61
CA ASP I 156 -26.90 18.12 28.69
C ASP I 156 -26.64 17.39 27.37
N LEU I 157 -26.46 18.13 26.27
CA LEU I 157 -26.22 17.49 24.99
C LEU I 157 -24.91 16.70 25.00
N THR I 158 -23.88 17.24 25.66
CA THR I 158 -22.61 16.52 25.76
C THR I 158 -22.77 15.21 26.51
N ALA I 159 -23.49 15.23 27.63
CA ALA I 159 -23.71 14.00 28.38
C ALA I 159 -24.54 13.00 27.58
N ARG I 160 -25.53 13.48 26.85
CA ARG I 160 -26.34 12.59 26.03
C ARG I 160 -25.51 11.97 24.90
N VAL I 161 -24.63 12.75 24.27
CA VAL I 161 -23.75 12.21 23.25
C VAL I 161 -22.81 11.17 23.85
N LEU I 162 -22.30 11.44 25.05
CA LEU I 162 -21.43 10.47 25.72
C LEU I 162 -22.19 9.17 26.00
N ASP I 163 -23.44 9.28 26.45
CA ASP I 163 -24.25 8.10 26.71
C ASP I 163 -24.49 7.30 25.44
N LEU I 164 -24.81 8.00 24.33
CA LEU I 164 -25.04 7.31 23.07
C LEU I 164 -23.77 6.63 22.56
N ALA I 165 -22.63 7.31 22.66
CA ALA I 165 -21.39 6.75 22.13
C ALA I 165 -20.90 5.57 22.98
N SER I 166 -20.90 5.73 24.29
CA SER I 166 -20.38 4.69 25.21
C SER I 166 -21.08 4.83 26.55
N PRO I 167 -22.10 4.00 26.81
CA PRO I 167 -22.73 4.02 28.13
C PRO I 167 -21.74 3.59 29.21
N ILE I 168 -21.94 4.16 30.40
CA ILE I 168 -21.08 3.88 31.55
C ILE I 168 -21.86 3.05 32.55
N GLY I 169 -21.14 2.26 33.36
CA GLY I 169 -21.75 1.39 34.33
C GLY I 169 -20.96 1.31 35.61
N ARG I 170 -21.59 0.71 36.62
CA ARG I 170 -20.95 0.55 37.92
C ARG I 170 -19.89 -0.55 37.86
N GLY I 171 -18.72 -0.26 38.44
CA GLY I 171 -17.65 -1.23 38.49
C GLY I 171 -17.00 -1.55 37.17
N GLN I 172 -17.13 -0.66 36.19
CA GLN I 172 -16.54 -0.88 34.87
C GLN I 172 -15.10 -0.37 34.85
N ARG I 173 -14.38 -0.76 33.79
CA ARG I 173 -12.98 -0.41 33.60
C ARG I 173 -12.85 0.26 32.24
N GLY I 174 -12.77 1.59 32.24
CA GLY I 174 -12.79 2.35 31.00
C GLY I 174 -11.66 3.33 30.90
N LEU I 175 -11.30 3.65 29.66
CA LEU I 175 -10.27 4.63 29.34
C LEU I 175 -10.84 5.65 28.36
N ILE I 176 -10.32 6.87 28.45
CA ILE I 176 -10.69 7.95 27.53
C ILE I 176 -9.40 8.42 26.88
N VAL I 177 -9.07 7.86 25.73
CA VAL I 177 -7.86 8.25 25.02
C VAL I 177 -8.14 9.54 24.25
N ALA I 178 -7.25 10.52 24.41
CA ALA I 178 -7.50 11.83 23.85
C ALA I 178 -6.21 12.59 23.60
N PRO I 179 -6.07 13.22 22.44
CA PRO I 179 -4.95 14.14 22.23
C PRO I 179 -5.15 15.41 23.03
N PRO I 180 -4.15 16.28 23.12
CA PRO I 180 -4.34 17.55 23.83
C PRO I 180 -5.37 18.43 23.13
N LYS I 181 -5.83 19.44 23.87
CA LYS I 181 -6.85 20.38 23.40
C LYS I 181 -8.13 19.66 22.97
N ALA I 182 -8.50 18.62 23.71
CA ALA I 182 -9.64 17.79 23.36
C ALA I 182 -10.90 18.14 24.15
N GLY I 183 -10.84 19.10 25.08
CA GLY I 183 -11.99 19.39 25.90
C GLY I 183 -12.33 18.30 26.89
N LYS I 184 -11.39 17.41 27.20
CA LYS I 184 -11.68 16.29 28.09
C LYS I 184 -11.89 16.75 29.52
N THR I 185 -11.13 17.75 29.97
CA THR I 185 -11.17 18.15 31.38
C THR I 185 -12.58 18.57 31.79
N MET I 186 -13.22 19.41 30.98
CA MET I 186 -14.55 19.87 31.33
C MET I 186 -15.62 18.82 31.09
N LEU I 187 -15.40 17.84 30.20
CA LEU I 187 -16.39 16.77 30.11
C LEU I 187 -16.30 15.83 31.31
N LEU I 188 -15.09 15.60 31.85
CA LEU I 188 -14.99 14.89 33.11
C LEU I 188 -15.64 15.67 34.25
N GLN I 189 -15.46 17.00 34.30
CA GLN I 189 -16.14 17.73 35.36
C GLN I 189 -17.66 17.69 35.16
N ASN I 190 -18.13 17.68 33.91
CA ASN I 190 -19.56 17.59 33.64
C ASN I 190 -20.13 16.26 34.09
N ILE I 191 -19.44 15.16 33.80
CA ILE I 191 -19.95 13.87 34.25
C ILE I 191 -19.86 13.76 35.76
N ALA I 192 -18.86 14.40 36.38
CA ALA I 192 -18.76 14.40 37.83
C ALA I 192 -19.96 15.11 38.46
N GLN I 193 -20.28 16.31 37.97
CA GLN I 193 -21.45 17.00 38.52
C GLN I 193 -22.75 16.27 38.19
N SER I 194 -22.79 15.60 37.03
CA SER I 194 -23.98 14.82 36.68
C SER I 194 -24.20 13.68 37.66
N ILE I 195 -23.14 12.92 37.98
CA ILE I 195 -23.30 11.82 38.92
C ILE I 195 -23.54 12.34 40.33
N ALA I 196 -22.99 13.51 40.66
CA ALA I 196 -23.28 14.11 41.97
C ALA I 196 -24.75 14.48 42.10
N TYR I 197 -25.32 15.08 41.06
CA TYR I 197 -26.71 15.52 41.12
C TYR I 197 -27.66 14.34 41.05
N ASN I 198 -27.41 13.40 40.13
CA ASN I 198 -28.34 12.29 39.94
C ASN I 198 -28.24 11.28 41.07
N HIS I 199 -27.02 10.97 41.51
CA HIS I 199 -26.80 9.95 42.54
C HIS I 199 -26.21 10.60 43.79
N PRO I 200 -27.03 10.91 44.79
CA PRO I 200 -26.48 11.49 46.03
C PRO I 200 -25.97 10.46 47.03
N ASP I 201 -26.16 9.17 46.76
CA ASP I 201 -25.73 8.12 47.68
C ASP I 201 -24.29 7.69 47.44
N CYS I 202 -23.92 7.49 46.18
CA CYS I 202 -22.56 7.07 45.87
C CYS I 202 -21.57 8.20 46.14
N VAL I 203 -20.37 7.84 46.60
CA VAL I 203 -19.34 8.81 46.89
C VAL I 203 -18.68 9.24 45.58
N LEU I 204 -18.32 10.52 45.50
CA LEU I 204 -17.69 11.07 44.32
C LEU I 204 -16.45 11.85 44.72
N MET I 205 -15.35 11.61 44.02
CA MET I 205 -14.14 12.41 44.18
C MET I 205 -13.38 12.38 42.85
N VAL I 206 -12.56 13.41 42.64
CA VAL I 206 -11.80 13.56 41.41
C VAL I 206 -10.33 13.70 41.78
N LEU I 207 -9.49 12.90 41.12
CA LEU I 207 -8.05 12.90 41.37
C LEU I 207 -7.35 13.78 40.34
N LEU I 208 -6.64 14.79 40.81
CA LEU I 208 -5.85 15.67 39.95
C LEU I 208 -4.36 15.42 40.21
N ILE I 209 -3.63 15.17 39.14
CA ILE I 209 -2.18 14.95 39.21
C ILE I 209 -1.50 15.96 38.30
N ASP I 210 -0.42 16.56 38.81
CA ASP I 210 0.46 17.51 38.13
C ASP I 210 -0.27 18.42 37.15
N GLU I 211 -1.38 18.99 37.58
CA GLU I 211 -2.20 19.89 36.79
C GLU I 211 -1.96 21.33 37.21
N ARG I 212 -2.36 22.26 36.35
CA ARG I 212 -2.19 23.68 36.64
C ARG I 212 -3.01 24.06 37.87
N PRO I 213 -2.51 24.98 38.71
CA PRO I 213 -3.28 25.38 39.89
C PRO I 213 -4.64 25.98 39.57
N GLU I 214 -4.75 26.71 38.46
CA GLU I 214 -6.03 27.32 38.09
C GLU I 214 -7.08 26.24 37.82
N GLU I 215 -6.70 25.18 37.13
CA GLU I 215 -7.64 24.07 36.88
C GLU I 215 -8.02 23.39 38.20
N VAL I 216 -7.06 23.27 39.11
CA VAL I 216 -7.35 22.67 40.41
C VAL I 216 -8.39 23.48 41.17
N THR I 217 -8.21 24.81 41.19
CA THR I 217 -9.17 25.66 41.87
C THR I 217 -10.53 25.65 41.18
N GLU I 218 -10.53 25.61 39.84
CA GLU I 218 -11.79 25.55 39.11
C GLU I 218 -12.56 24.27 39.43
N MET I 219 -11.86 23.15 39.50
CA MET I 219 -12.50 21.90 39.91
C MET I 219 -12.98 21.97 41.36
N GLN I 220 -12.17 22.53 42.26
CA GLN I 220 -12.57 22.61 43.66
C GLN I 220 -13.82 23.47 43.83
N ARG I 221 -13.96 24.50 43.01
CA ARG I 221 -15.11 25.39 43.11
C ARG I 221 -16.32 24.84 42.38
N LEU I 222 -16.15 23.83 41.52
CA LEU I 222 -17.24 23.26 40.73
C LEU I 222 -17.45 21.78 41.04
N VAL I 223 -17.42 21.42 42.33
CA VAL I 223 -17.75 20.08 42.77
C VAL I 223 -18.64 20.18 44.00
N LYS I 224 -19.35 19.08 44.27
CA LYS I 224 -20.21 18.98 45.44
C LYS I 224 -19.64 18.07 46.51
N GLY I 225 -19.15 16.89 46.13
CA GLY I 225 -18.52 15.98 47.06
C GLY I 225 -17.08 16.37 47.36
N GLU I 226 -16.47 15.60 48.26
CA GLU I 226 -15.08 15.85 48.63
C GLU I 226 -14.16 15.58 47.44
N VAL I 227 -13.09 16.36 47.35
CA VAL I 227 -12.13 16.26 46.26
C VAL I 227 -10.73 16.54 46.81
N VAL I 228 -9.76 15.77 46.33
CA VAL I 228 -8.35 15.98 46.66
C VAL I 228 -7.58 16.16 45.36
N ALA I 229 -6.71 17.18 45.34
CA ALA I 229 -5.98 17.53 44.14
C ALA I 229 -4.55 17.91 44.50
N SER I 230 -3.64 17.69 43.55
CA SER I 230 -2.24 18.05 43.72
C SER I 230 -1.75 18.68 42.42
N THR I 231 -1.34 19.95 42.50
CA THR I 231 -0.86 20.65 41.31
C THR I 231 0.53 20.14 40.93
N PHE I 232 1.06 20.69 39.85
CA PHE I 232 2.35 20.22 39.33
C PHE I 232 3.53 20.82 40.07
N ASP I 233 3.33 21.89 40.85
CA ASP I 233 4.46 22.56 41.51
C ASP I 233 5.20 21.61 42.44
N GLU I 234 4.45 20.80 43.19
CA GLU I 234 5.07 19.80 44.05
C GLU I 234 5.70 18.68 43.20
N PRO I 235 6.73 18.01 43.72
CA PRO I 235 7.43 16.98 42.93
C PRO I 235 6.59 15.75 42.66
N ALA I 236 7.17 14.81 41.90
CA ALA I 236 6.44 13.60 41.51
C ALA I 236 6.20 12.66 42.69
N SER I 237 7.01 12.74 43.74
CA SER I 237 6.75 11.93 44.93
C SER I 237 5.40 12.28 45.55
N ARG I 238 5.08 13.58 45.58
CA ARG I 238 3.77 14.02 46.03
C ARG I 238 2.67 13.37 45.20
N HIS I 239 2.81 13.39 43.87
CA HIS I 239 1.78 12.84 43.00
C HIS I 239 1.61 11.35 43.22
N VAL I 240 2.72 10.60 43.31
CA VAL I 240 2.62 9.16 43.46
C VAL I 240 2.01 8.80 44.82
N GLN I 241 2.40 9.49 45.89
CA GLN I 241 1.84 9.17 47.19
C GLN I 241 0.36 9.55 47.26
N VAL I 242 -0.02 10.67 46.63
CA VAL I 242 -1.42 11.04 46.56
C VAL I 242 -2.23 9.97 45.83
N ALA I 243 -1.72 9.51 44.69
CA ALA I 243 -2.45 8.52 43.89
C ALA I 243 -2.61 7.21 44.65
N GLU I 244 -1.52 6.73 45.28
CA GLU I 244 -1.61 5.46 45.98
C GLU I 244 -2.53 5.57 47.19
N MET I 245 -2.46 6.68 47.93
CA MET I 245 -3.36 6.85 49.06
C MET I 245 -4.81 6.93 48.61
N VAL I 246 -5.06 7.61 47.50
CA VAL I 246 -6.42 7.75 46.98
C VAL I 246 -6.98 6.38 46.60
N ILE I 247 -6.20 5.58 45.86
CA ILE I 247 -6.73 4.28 45.44
C ILE I 247 -6.90 3.36 46.63
N GLU I 248 -5.99 3.43 47.62
CA GLU I 248 -6.09 2.55 48.77
C GLU I 248 -7.30 2.91 49.62
N LYS I 249 -7.54 4.20 49.86
CA LYS I 249 -8.72 4.59 50.62
C LYS I 249 -10.00 4.30 49.83
N ALA I 250 -9.94 4.38 48.49
CA ALA I 250 -11.11 4.06 47.69
C ALA I 250 -11.48 2.59 47.81
N LYS I 251 -10.49 1.70 47.78
CA LYS I 251 -10.80 0.28 47.93
C LYS I 251 -11.24 -0.04 49.36
N ARG I 252 -10.64 0.63 50.35
CA ARG I 252 -11.12 0.47 51.73
C ARG I 252 -12.57 0.90 51.85
N LEU I 253 -12.95 2.00 51.21
CA LEU I 253 -14.32 2.49 51.30
C LEU I 253 -15.29 1.57 50.56
N VAL I 254 -14.89 1.05 49.40
CA VAL I 254 -15.77 0.15 48.66
C VAL I 254 -15.86 -1.20 49.35
N GLU I 255 -14.95 -1.51 50.27
CA GLU I 255 -15.10 -2.71 51.09
C GLU I 255 -16.42 -2.73 51.84
N HIS I 256 -16.99 -1.55 52.15
CA HIS I 256 -18.20 -1.45 52.94
C HIS I 256 -19.47 -1.46 52.08
N LYS I 257 -19.42 -2.10 50.91
CA LYS I 257 -20.58 -2.23 50.03
C LYS I 257 -21.15 -0.88 49.63
N LYS I 258 -20.26 0.09 49.41
CA LYS I 258 -20.63 1.42 48.96
C LYS I 258 -19.95 1.68 47.63
N ASP I 259 -20.73 2.11 46.63
CA ASP I 259 -20.18 2.37 45.31
C ASP I 259 -19.21 3.55 45.36
N VAL I 260 -18.05 3.36 44.73
CA VAL I 260 -17.00 4.37 44.69
C VAL I 260 -16.66 4.65 43.23
N ILE I 261 -16.70 5.93 42.85
CA ILE I 261 -16.37 6.37 41.51
C ILE I 261 -15.24 7.39 41.61
N ILE I 262 -14.17 7.16 40.86
CA ILE I 262 -13.00 8.04 40.88
C ILE I 262 -12.78 8.59 39.48
N LEU I 263 -12.27 9.81 39.42
CA LEU I 263 -11.93 10.48 38.17
C LEU I 263 -10.44 10.77 38.16
N LEU I 264 -9.77 10.41 37.07
CA LEU I 264 -8.33 10.55 36.97
C LEU I 264 -7.97 11.19 35.63
N ASP I 265 -6.96 12.06 35.66
CA ASP I 265 -6.48 12.72 34.44
C ASP I 265 -5.06 13.21 34.69
N SER I 266 -4.09 12.60 33.99
CA SER I 266 -4.27 11.52 33.03
C SER I 266 -3.30 10.38 33.33
N ILE I 267 -3.58 9.21 32.75
CA ILE I 267 -2.77 8.03 33.07
C ILE I 267 -1.32 8.19 32.61
N THR I 268 -1.09 9.01 31.57
CA THR I 268 0.27 9.19 31.07
C THR I 268 1.15 9.85 32.12
N ARG I 269 0.68 10.95 32.72
CA ARG I 269 1.46 11.64 33.74
C ARG I 269 1.65 10.77 34.98
N LEU I 270 0.63 10.01 35.36
CA LEU I 270 0.74 9.15 36.54
C LEU I 270 1.76 8.03 36.29
N ALA I 271 1.74 7.45 35.09
CA ALA I 271 2.73 6.44 34.73
C ALA I 271 4.13 7.03 34.68
N ARG I 272 4.26 8.28 34.22
CA ARG I 272 5.56 8.94 34.25
C ARG I 272 6.04 9.13 35.68
N ALA I 273 5.13 9.48 36.59
CA ALA I 273 5.49 9.61 38.00
C ALA I 273 5.97 8.28 38.57
N TYR I 274 5.22 7.20 38.27
CA TYR I 274 5.66 5.87 38.70
C TYR I 274 7.04 5.52 38.13
N ASN I 275 7.28 5.84 36.86
CA ASN I 275 8.56 5.53 36.26
C ASN I 275 9.69 6.30 36.94
N THR I 276 9.46 7.57 37.25
CA THR I 276 10.51 8.41 37.84
C THR I 276 10.68 8.19 39.34
N VAL I 277 9.73 7.51 40.01
CA VAL I 277 9.92 7.20 41.43
C VAL I 277 10.37 5.76 41.68
N VAL I 278 10.08 4.84 40.78
CA VAL I 278 10.45 3.44 41.00
C VAL I 278 11.96 3.29 40.83
N PRO I 279 12.63 2.51 41.68
CA PRO I 279 14.06 2.25 41.45
C PRO I 279 14.27 1.44 40.18
N ALA I 280 15.44 1.65 39.56
CA ALA I 280 15.79 0.92 38.35
C ALA I 280 16.01 -0.55 38.67
N SER I 281 15.49 -1.42 37.79
CA SER I 281 15.61 -2.87 37.96
C SER I 281 16.87 -3.43 37.33
N GLY I 282 17.67 -2.61 36.65
CA GLY I 282 18.88 -3.05 35.99
C GLY I 282 18.74 -3.31 34.51
N LYS I 283 17.51 -3.45 34.01
CA LYS I 283 17.25 -3.66 32.59
C LYS I 283 16.28 -2.60 32.09
N VAL I 284 16.47 -2.18 30.84
CA VAL I 284 15.71 -1.09 30.25
C VAL I 284 14.93 -1.65 29.06
N LEU I 285 13.62 -1.36 29.03
CA LEU I 285 12.77 -1.76 27.93
C LEU I 285 12.94 -0.77 26.78
N THR I 286 12.06 -0.86 25.78
CA THR I 286 12.10 0.07 24.67
C THR I 286 11.78 1.48 25.14
N GLY I 287 12.40 2.46 24.50
CA GLY I 287 12.19 3.86 24.86
C GLY I 287 12.95 4.36 26.07
N GLY I 288 12.94 3.59 27.16
CA GLY I 288 13.64 3.99 28.36
C GLY I 288 12.89 3.66 29.64
N VAL I 289 11.69 3.09 29.50
CA VAL I 289 10.89 2.74 30.67
C VAL I 289 11.49 1.52 31.36
N ASP I 290 11.28 1.44 32.67
CA ASP I 290 11.79 0.33 33.46
C ASP I 290 10.85 -0.86 33.37
N ALA I 291 11.37 -2.04 33.74
CA ALA I 291 10.55 -3.25 33.71
C ALA I 291 9.38 -3.15 34.67
N ASN I 292 9.62 -2.64 35.87
CA ASN I 292 8.56 -2.45 36.86
C ASN I 292 7.88 -1.09 36.74
N ALA I 293 8.30 -0.26 35.79
CA ALA I 293 7.69 1.06 35.64
C ALA I 293 6.24 0.96 35.22
N LEU I 294 5.92 0.02 34.31
CA LEU I 294 4.56 -0.13 33.80
C LEU I 294 3.70 -1.05 34.65
N HIS I 295 4.28 -1.75 35.63
CA HIS I 295 3.49 -2.65 36.46
C HIS I 295 2.54 -1.86 37.37
N ARG I 296 3.05 -0.80 38.00
CA ARG I 296 2.23 -0.01 38.92
C ARG I 296 1.02 0.64 38.24
N PRO I 297 1.13 1.25 37.06
CA PRO I 297 -0.09 1.72 36.40
C PRO I 297 -1.07 0.60 36.12
N LYS I 298 -0.57 -0.59 35.80
CA LYS I 298 -1.46 -1.72 35.53
C LYS I 298 -2.23 -2.12 36.79
N ARG I 299 -1.57 -2.19 37.93
CA ARG I 299 -2.27 -2.54 39.17
C ARG I 299 -3.22 -1.44 39.59
N PHE I 300 -2.87 -0.17 39.32
CA PHE I 300 -3.79 0.92 39.61
C PHE I 300 -5.04 0.83 38.75
N PHE I 301 -4.88 0.54 37.46
CA PHE I 301 -6.00 0.49 36.53
C PHE I 301 -6.82 -0.79 36.65
N GLY I 302 -6.26 -1.85 37.24
CA GLY I 302 -6.99 -3.09 37.39
C GLY I 302 -7.86 -3.20 38.62
N ALA I 303 -7.96 -2.13 39.42
CA ALA I 303 -8.75 -2.17 40.63
C ALA I 303 -10.26 -2.15 40.38
N ALA I 304 -10.68 -1.86 39.16
CA ALA I 304 -12.11 -1.79 38.86
C ALA I 304 -12.73 -3.17 38.91
N ARG I 305 -13.84 -3.29 39.64
CA ARG I 305 -14.55 -4.56 39.76
C ARG I 305 -15.94 -4.28 40.33
N ASN I 306 -16.81 -5.28 40.23
CA ASN I 306 -18.17 -5.19 40.73
C ASN I 306 -18.41 -6.30 41.75
N VAL I 307 -19.05 -5.95 42.87
CA VAL I 307 -19.31 -6.87 43.96
C VAL I 307 -20.78 -7.27 43.95
N GLU I 308 -21.05 -8.55 44.17
CA GLU I 308 -22.41 -9.07 44.09
C GLU I 308 -23.29 -8.52 45.21
N GLU I 309 -22.90 -8.78 46.46
CA GLU I 309 -23.74 -8.41 47.59
C GLU I 309 -23.85 -6.91 47.80
N GLY I 310 -22.95 -6.13 47.22
CA GLY I 310 -23.02 -4.69 47.35
C GLY I 310 -21.69 -3.98 47.14
N GLY I 311 -21.75 -2.80 46.54
CA GLY I 311 -20.54 -2.02 46.30
C GLY I 311 -19.93 -2.30 44.94
N SER I 312 -19.26 -1.28 44.41
CA SER I 312 -18.59 -1.40 43.13
C SER I 312 -17.52 -0.31 43.03
N LEU I 313 -16.40 -0.65 42.43
CA LEU I 313 -15.28 0.28 42.25
C LEU I 313 -15.23 0.66 40.77
N THR I 314 -15.71 1.86 40.46
CA THR I 314 -15.77 2.35 39.09
C THR I 314 -14.69 3.39 38.88
N ILE I 315 -13.94 3.25 37.78
CA ILE I 315 -12.85 4.14 37.46
C ILE I 315 -13.09 4.77 36.09
N ILE I 316 -12.84 6.07 35.98
CA ILE I 316 -12.92 6.79 34.72
C ILE I 316 -11.62 7.59 34.61
N ALA I 317 -10.63 7.04 33.91
CA ALA I 317 -9.33 7.67 33.74
C ALA I 317 -9.08 7.90 32.26
N THR I 318 -8.64 9.11 31.93
CA THR I 318 -8.37 9.47 30.54
C THR I 318 -6.90 9.22 30.20
N ALA I 319 -6.63 9.19 28.90
CA ALA I 319 -5.28 8.97 28.38
C ALA I 319 -4.88 10.14 27.50
N LEU I 320 -3.60 10.50 27.55
CA LEU I 320 -3.05 11.59 26.76
C LEU I 320 -2.09 11.02 25.74
N ILE I 321 -2.34 11.28 24.45
CA ILE I 321 -1.54 10.77 23.36
C ILE I 321 -1.28 11.89 22.36
N ASP I 322 -0.38 11.63 21.41
CA ASP I 322 -0.05 12.58 20.35
C ASP I 322 0.42 13.91 20.92
N THR I 323 1.34 13.84 21.88
CA THR I 323 1.89 15.02 22.53
C THR I 323 3.25 15.42 21.98
N GLY I 324 3.69 14.82 20.88
CA GLY I 324 5.00 15.11 20.35
C GLY I 324 6.14 14.55 21.16
N SER I 325 5.89 13.49 21.93
CA SER I 325 6.89 12.87 22.78
C SER I 325 6.98 11.37 22.44
N LYS I 326 7.70 10.63 23.27
CA LYS I 326 7.92 9.21 23.08
C LYS I 326 7.44 8.36 24.26
N MET I 327 7.42 8.92 25.47
CA MET I 327 7.02 8.15 26.64
C MET I 327 5.56 7.69 26.53
N ASP I 328 4.68 8.57 26.04
CA ASP I 328 3.26 8.24 25.98
C ASP I 328 3.00 7.04 25.07
N GLU I 329 3.67 7.00 23.90
CA GLU I 329 3.49 5.88 23.00
C GLU I 329 4.01 4.59 23.60
N VAL I 330 5.16 4.64 24.29
CA VAL I 330 5.75 3.43 24.85
C VAL I 330 5.05 2.97 26.12
N ILE I 331 4.22 3.82 26.74
CA ILE I 331 3.39 3.39 27.85
C ILE I 331 1.94 3.19 27.46
N TYR I 332 1.60 3.44 26.19
CA TYR I 332 0.21 3.34 25.73
C TYR I 332 -0.10 2.04 25.01
N GLU I 333 0.86 1.44 24.32
CA GLU I 333 0.58 0.25 23.53
C GLU I 333 0.17 -0.94 24.39
N GLU I 334 0.55 -0.96 25.67
CA GLU I 334 0.18 -2.03 26.57
C GLU I 334 -1.13 -1.75 27.32
N PHE I 335 -1.71 -0.56 27.15
CA PHE I 335 -2.95 -0.19 27.82
C PHE I 335 -4.13 -0.12 26.88
N LYS I 336 -3.98 -0.56 25.63
CA LYS I 336 -5.09 -0.51 24.69
C LYS I 336 -6.24 -1.41 25.12
N GLY I 337 -5.94 -2.64 25.51
CA GLY I 337 -6.94 -3.60 25.90
C GLY I 337 -7.10 -3.85 27.40
N THR I 338 -6.46 -3.03 28.24
CA THR I 338 -6.58 -3.25 29.69
C THR I 338 -8.00 -3.02 30.18
N GLY I 339 -8.66 -1.98 29.68
CA GLY I 339 -10.01 -1.68 30.10
C GLY I 339 -11.07 -2.33 29.24
N ASN I 340 -12.25 -2.50 29.82
CA ASN I 340 -13.39 -3.06 29.10
C ASN I 340 -14.18 -2.02 28.32
N MET I 341 -13.84 -0.74 28.47
CA MET I 341 -14.48 0.33 27.72
C MET I 341 -13.40 1.31 27.25
N GLU I 342 -13.56 1.79 26.02
CA GLU I 342 -12.63 2.77 25.46
C GLU I 342 -13.42 3.87 24.77
N LEU I 343 -12.94 5.12 24.93
CA LEU I 343 -13.54 6.29 24.29
C LEU I 343 -12.45 7.05 23.58
N HIS I 344 -12.56 7.15 22.25
CA HIS I 344 -11.52 7.71 21.42
C HIS I 344 -11.82 9.16 21.06
N LEU I 345 -10.80 10.01 21.14
CA LEU I 345 -10.86 11.40 20.76
C LEU I 345 -9.82 11.67 19.67
N SER I 346 -10.06 12.71 18.86
CA SER I 346 -9.16 13.01 17.76
C SER I 346 -9.10 14.51 17.53
N ARG I 347 -7.98 14.97 16.99
CA ARG I 347 -7.81 16.36 16.58
C ARG I 347 -8.31 16.63 15.17
N LYS I 348 -8.64 15.58 14.41
CA LYS I 348 -9.09 15.73 13.04
C LYS I 348 -10.54 16.21 12.95
N ILE I 349 -11.25 16.23 14.07
CA ILE I 349 -12.65 16.65 14.10
C ILE I 349 -12.81 18.04 14.73
N ALA I 350 -12.05 18.33 15.78
CA ALA I 350 -12.28 19.53 16.58
C ALA I 350 -11.67 20.80 16.00
N GLU I 351 -10.89 20.71 14.92
CA GLU I 351 -10.24 21.90 14.38
C GLU I 351 -11.24 22.86 13.75
N LYS I 352 -12.43 22.39 13.39
CA LYS I 352 -13.46 23.22 12.77
C LYS I 352 -14.69 23.36 13.67
N ARG I 353 -14.46 23.51 14.98
CA ARG I 353 -15.49 23.90 15.93
C ARG I 353 -16.60 22.86 16.05
N VAL I 354 -16.29 21.61 15.73
CA VAL I 354 -17.23 20.50 15.88
C VAL I 354 -16.92 19.82 17.20
N PHE I 355 -17.81 19.99 18.18
CA PHE I 355 -17.59 19.46 19.51
C PHE I 355 -18.83 18.70 19.97
N PRO I 356 -18.64 17.61 20.74
CA PRO I 356 -17.35 17.00 21.13
C PRO I 356 -16.73 16.22 19.98
N ALA I 357 -15.41 16.14 19.92
CA ALA I 357 -14.73 15.46 18.81
C ALA I 357 -14.46 14.00 19.13
N ILE I 358 -15.52 13.28 19.52
CA ILE I 358 -15.38 11.87 19.87
C ILE I 358 -15.33 11.04 18.58
N ASP I 359 -14.32 10.19 18.48
CA ASP I 359 -14.18 9.27 17.34
C ASP I 359 -15.17 8.13 17.58
N TYR I 360 -16.42 8.35 17.16
CA TYR I 360 -17.52 7.47 17.55
C TYR I 360 -17.37 6.08 16.96
N ASN I 361 -16.93 5.98 15.70
CA ASN I 361 -16.82 4.67 15.06
C ASN I 361 -15.75 3.81 15.72
N ARG I 362 -14.64 4.43 16.14
CA ARG I 362 -13.56 3.71 16.78
C ARG I 362 -13.70 3.64 18.30
N SER I 363 -14.79 4.15 18.86
CA SER I 363 -15.06 4.08 20.28
C SER I 363 -16.29 3.23 20.53
N GLY I 364 -16.30 2.52 21.64
CA GLY I 364 -17.42 1.67 21.98
C GLY I 364 -17.24 1.07 23.35
N THR I 365 -18.27 0.32 23.78
CA THR I 365 -18.30 -0.31 25.08
C THR I 365 -18.59 -1.80 24.90
N ARG I 366 -17.78 -2.64 25.54
CA ARG I 366 -18.02 -4.08 25.50
C ARG I 366 -19.09 -4.47 26.50
N LYS I 367 -19.67 -5.65 26.26
CA LYS I 367 -20.76 -6.18 27.10
C LYS I 367 -21.92 -5.19 27.19
N GLU I 368 -22.30 -4.64 26.03
CA GLU I 368 -23.43 -3.72 25.96
C GLU I 368 -24.76 -4.45 26.01
N GLU I 369 -24.78 -5.78 25.85
CA GLU I 369 -26.04 -6.52 25.91
C GLU I 369 -26.52 -6.66 27.35
N LEU I 370 -25.59 -6.84 28.30
CA LEU I 370 -25.94 -6.97 29.71
C LEU I 370 -26.02 -5.64 30.43
N LEU I 371 -25.65 -4.53 29.77
CA LEU I 371 -25.66 -3.21 30.38
C LEU I 371 -27.00 -2.51 30.17
N THR I 372 -27.52 -2.52 28.95
CA THR I 372 -28.76 -1.84 28.61
C THR I 372 -29.89 -2.85 28.47
N THR I 373 -31.07 -2.34 28.12
CA THR I 373 -32.23 -3.19 27.90
C THR I 373 -32.16 -3.80 26.50
N GLN I 374 -33.25 -4.41 26.04
CA GLN I 374 -33.22 -5.22 24.83
C GLN I 374 -33.41 -4.40 23.56
N GLU I 375 -34.51 -3.66 23.46
CA GLU I 375 -34.82 -2.96 22.21
C GLU I 375 -33.77 -1.90 21.88
N GLU I 376 -33.30 -1.17 22.88
CA GLU I 376 -32.27 -0.16 22.65
C GLU I 376 -30.98 -0.78 22.15
N LEU I 377 -30.74 -2.07 22.43
CA LEU I 377 -29.57 -2.74 21.89
C LEU I 377 -29.60 -2.75 20.36
N GLN I 378 -30.61 -3.39 19.77
CA GLN I 378 -30.68 -3.42 18.32
C GLN I 378 -30.91 -2.03 17.73
N LYS I 379 -31.50 -1.10 18.48
CA LYS I 379 -31.56 0.28 17.99
C LYS I 379 -30.17 0.89 17.91
N MET I 380 -29.31 0.60 18.89
CA MET I 380 -27.93 1.04 18.81
C MET I 380 -27.21 0.40 17.64
N TRP I 381 -27.48 -0.89 17.38
CA TRP I 381 -26.86 -1.55 16.23
C TRP I 381 -27.30 -0.92 14.91
N ILE I 382 -28.58 -0.62 14.76
CA ILE I 382 -29.06 -0.01 13.52
C ILE I 382 -28.50 1.40 13.39
N LEU I 383 -28.36 2.13 14.50
CA LEU I 383 -27.73 3.44 14.46
C LEU I 383 -26.28 3.34 14.02
N ARG I 384 -25.55 2.34 14.55
CA ARG I 384 -24.16 2.13 14.15
C ARG I 384 -24.06 1.82 12.66
N LYS I 385 -24.93 0.94 12.15
CA LYS I 385 -24.81 0.53 10.75
C LYS I 385 -25.41 1.55 9.79
N ILE I 386 -26.14 2.56 10.28
CA ILE I 386 -26.49 3.67 9.41
C ILE I 386 -25.51 4.84 9.54
N ILE I 387 -24.69 4.85 10.59
CA ILE I 387 -23.66 5.88 10.72
C ILE I 387 -22.37 5.45 10.03
N HIS I 388 -22.03 4.15 10.10
CA HIS I 388 -20.76 3.69 9.56
C HIS I 388 -20.54 4.01 8.09
N PRO I 389 -21.48 3.79 7.17
CA PRO I 389 -21.21 4.11 5.76
C PRO I 389 -20.91 5.58 5.52
N MET I 390 -21.49 6.47 6.30
CA MET I 390 -21.33 7.91 6.11
C MET I 390 -20.26 8.46 7.06
N GLY I 391 -19.85 9.70 6.78
CA GLY I 391 -18.65 10.23 7.42
C GLY I 391 -18.80 10.39 8.92
N GLU I 392 -17.66 10.22 9.62
CA GLU I 392 -17.66 10.32 11.07
C GLU I 392 -17.96 11.75 11.54
N ILE I 393 -17.26 12.74 10.97
CA ILE I 393 -17.53 14.12 11.31
C ILE I 393 -18.91 14.53 10.83
N ASP I 394 -19.30 14.03 9.66
CA ASP I 394 -20.66 14.25 9.18
C ASP I 394 -21.68 13.69 10.17
N ALA I 395 -21.41 12.51 10.72
CA ALA I 395 -22.25 11.97 11.78
C ALA I 395 -22.25 12.89 13.00
N MET I 396 -21.11 13.49 13.31
CA MET I 396 -21.04 14.42 14.44
C MET I 396 -22.00 15.59 14.26
N GLU I 397 -21.92 16.27 13.11
CA GLU I 397 -22.83 17.41 12.96
C GLU I 397 -24.27 16.96 12.82
N PHE I 398 -24.51 15.79 12.19
CA PHE I 398 -25.86 15.27 12.09
C PHE I 398 -26.46 15.05 13.47
N LEU I 399 -25.72 14.40 14.36
CA LEU I 399 -26.25 14.11 15.69
C LEU I 399 -26.41 15.39 16.51
N ILE I 400 -25.48 16.34 16.39
CA ILE I 400 -25.62 17.54 17.20
C ILE I 400 -26.82 18.37 16.73
N ASN I 401 -27.04 18.47 15.41
CA ASN I 401 -28.19 19.26 14.96
C ASN I 401 -29.50 18.53 15.21
N LYS I 402 -29.49 17.19 15.17
CA LYS I 402 -30.72 16.46 15.51
C LYS I 402 -30.98 16.42 17.00
N LEU I 403 -29.95 16.66 17.82
CA LEU I 403 -30.10 16.76 19.26
C LEU I 403 -30.34 18.20 19.74
N ALA I 404 -30.20 19.18 18.84
CA ALA I 404 -30.37 20.58 19.25
C ALA I 404 -31.78 20.86 19.75
N MET I 405 -32.79 20.34 19.07
CA MET I 405 -34.18 20.58 19.45
C MET I 405 -34.75 19.52 20.38
N THR I 406 -33.96 18.51 20.74
CA THR I 406 -34.45 17.47 21.63
C THR I 406 -34.53 17.98 23.08
N LYS I 407 -35.29 17.25 23.89
CA LYS I 407 -35.47 17.57 25.30
C LYS I 407 -34.81 16.53 26.20
N THR I 408 -35.16 15.26 26.03
CA THR I 408 -34.57 14.17 26.79
C THR I 408 -33.98 13.14 25.82
N ASN I 409 -33.11 12.28 26.35
CA ASN I 409 -32.50 11.25 25.51
C ASN I 409 -33.54 10.30 24.94
N ASP I 410 -34.52 9.92 25.77
CA ASP I 410 -35.58 9.05 25.27
C ASP I 410 -36.44 9.74 24.22
N ASP I 411 -36.54 11.07 24.26
CA ASP I 411 -37.28 11.80 23.24
C ASP I 411 -36.58 11.71 21.89
N PHE I 412 -35.26 11.91 21.87
CA PHE I 412 -34.49 11.70 20.65
C PHE I 412 -34.59 10.24 20.20
N PHE I 413 -34.59 9.32 21.15
CA PHE I 413 -34.71 7.90 20.83
C PHE I 413 -36.03 7.61 20.12
N GLU I 414 -37.13 8.15 20.64
CA GLU I 414 -38.44 7.88 20.07
C GLU I 414 -38.68 8.65 18.78
N MET I 415 -37.97 9.75 18.54
CA MET I 415 -38.03 10.35 17.21
C MET I 415 -36.98 9.80 16.26
N MET I 416 -36.11 8.90 16.70
CA MET I 416 -35.22 8.25 15.74
C MET I 416 -35.61 6.82 15.40
N LYS I 417 -36.42 6.14 16.22
CA LYS I 417 -36.83 4.79 15.83
C LYS I 417 -37.76 4.83 14.61
N ARG I 418 -38.71 5.77 14.58
CA ARG I 418 -39.74 5.77 13.55
C ARG I 418 -39.21 6.16 12.18
N SER I 419 -37.97 6.63 12.07
CA SER I 419 -37.39 6.97 10.79
C SER I 419 -37.23 5.73 9.91
N MET J 1 23.96 61.19 51.37
CA MET J 1 22.81 61.11 50.48
C MET J 1 22.45 59.67 50.17
N ASN J 2 21.40 59.48 49.37
CA ASN J 2 20.98 58.14 48.98
C ASN J 2 22.02 57.51 48.06
N LEU J 3 22.30 56.23 48.27
CA LEU J 3 23.27 55.53 47.43
C LEU J 3 22.69 55.18 46.07
N THR J 4 21.38 54.97 45.98
CA THR J 4 20.78 54.59 44.71
C THR J 4 20.87 55.71 43.67
N GLU J 5 20.62 56.96 44.11
CA GLU J 5 20.62 58.07 43.16
C GLU J 5 22.01 58.28 42.55
N LEU J 6 23.06 58.15 43.36
CA LEU J 6 24.41 58.26 42.82
C LEU J 6 24.83 57.00 42.05
N LYS J 7 24.28 55.85 42.42
CA LYS J 7 24.60 54.61 41.71
C LYS J 7 24.00 54.62 40.31
N ASN J 8 22.83 55.23 40.14
CA ASN J 8 22.25 55.39 38.81
C ASN J 8 23.13 56.26 37.91
N THR J 9 23.78 57.26 38.49
CA THR J 9 24.60 58.17 37.71
C THR J 9 25.83 57.46 37.15
N PRO J 10 26.33 57.91 35.98
CA PRO J 10 27.53 57.28 35.42
C PRO J 10 28.80 57.65 36.16
N VAL J 11 29.95 57.24 35.61
CA VAL J 11 31.22 57.48 36.29
C VAL J 11 31.56 58.97 36.37
N SER J 12 30.90 59.81 35.59
CA SER J 12 31.16 61.25 35.66
C SER J 12 30.83 61.81 37.04
N GLU J 13 29.68 61.41 37.59
CA GLU J 13 29.32 61.84 38.93
C GLU J 13 30.29 61.29 39.96
N LEU J 14 30.74 60.05 39.78
CA LEU J 14 31.73 59.47 40.68
C LEU J 14 33.01 60.29 40.68
N ILE J 15 33.47 60.68 39.49
CA ILE J 15 34.70 61.46 39.37
C ILE J 15 34.52 62.85 39.98
N THR J 16 33.36 63.48 39.74
CA THR J 16 33.12 64.81 40.31
C THR J 16 33.11 64.75 41.84
N LEU J 17 32.46 63.74 42.41
CA LEU J 17 32.50 63.59 43.87
C LEU J 17 33.93 63.35 44.35
N GLY J 18 34.65 62.45 43.68
CA GLY J 18 36.01 62.14 44.11
C GLY J 18 36.92 63.35 44.08
N GLU J 19 36.74 64.21 43.08
CA GLU J 19 37.58 65.40 42.99
C GLU J 19 37.14 66.48 43.98
N ASN J 20 35.83 66.60 44.26
CA ASN J 20 35.42 67.65 45.18
C ASN J 20 35.70 67.31 46.63
N MET J 21 35.58 66.03 47.03
CA MET J 21 35.96 65.72 48.41
C MET J 21 37.46 65.51 48.57
N GLY J 22 38.19 65.37 47.48
CA GLY J 22 39.63 65.28 47.53
C GLY J 22 40.21 63.87 47.63
N LEU J 23 39.42 62.83 47.36
CA LEU J 23 39.91 61.46 47.37
C LEU J 23 40.30 61.08 45.93
N GLU J 24 41.53 61.44 45.58
CA GLU J 24 42.04 61.16 44.24
C GLU J 24 42.32 59.68 44.02
N ASN J 25 42.41 58.88 45.08
CA ASN J 25 42.70 57.46 44.97
C ASN J 25 41.42 56.64 44.78
N LEU J 26 40.62 57.03 43.78
CA LEU J 26 39.40 56.30 43.44
C LEU J 26 39.28 56.04 41.94
N ALA J 27 40.36 56.25 41.18
CA ALA J 27 40.30 56.08 39.74
C ALA J 27 40.29 54.60 39.34
N ARG J 28 41.12 53.77 39.98
CA ARG J 28 41.34 52.40 39.54
C ARG J 28 40.95 51.41 40.64
N MET J 29 39.66 51.12 40.73
CA MET J 29 39.13 49.96 41.45
C MET J 29 37.66 49.81 41.03
N ARG J 30 36.99 48.82 41.63
CA ARG J 30 35.63 48.50 41.24
C ARG J 30 34.69 49.65 41.56
N LYS J 31 33.62 49.76 40.75
CA LYS J 31 32.63 50.82 40.97
C LYS J 31 31.96 50.66 42.33
N GLN J 32 31.66 49.43 42.73
CA GLN J 32 31.10 49.19 44.06
C GLN J 32 32.07 49.64 45.15
N ASP J 33 33.37 49.44 44.93
CA ASP J 33 34.36 49.91 45.90
C ASP J 33 34.34 51.43 45.99
N ILE J 34 34.23 52.13 44.86
CA ILE J 34 34.18 53.59 44.88
C ILE J 34 32.93 54.07 45.62
N ILE J 35 31.79 53.42 45.35
CA ILE J 35 30.56 53.78 46.04
C ILE J 35 30.69 53.57 47.53
N PHE J 36 31.27 52.43 47.93
CA PHE J 36 31.48 52.14 49.35
C PHE J 36 32.38 53.19 50.00
N ALA J 37 33.45 53.58 49.32
CA ALA J 37 34.36 54.59 49.87
C ALA J 37 33.66 55.94 50.01
N ILE J 38 32.86 56.33 49.02
CA ILE J 38 32.17 57.60 49.08
C ILE J 38 31.15 57.61 50.22
N LEU J 39 30.38 56.52 50.36
CA LEU J 39 29.43 56.44 51.48
C LEU J 39 30.16 56.45 52.82
N LYS J 40 31.30 55.77 52.90
CA LYS J 40 32.07 55.74 54.15
C LYS J 40 32.55 57.14 54.52
N GLN J 41 33.09 57.89 53.56
CA GLN J 41 33.58 59.22 53.89
C GLN J 41 32.44 60.18 54.19
N HIS J 42 31.30 60.02 53.51
CA HIS J 42 30.15 60.87 53.81
C HIS J 42 29.62 60.58 55.20
N ALA J 43 29.61 59.31 55.61
CA ALA J 43 29.22 58.97 56.97
C ALA J 43 30.22 59.51 57.99
N LYS J 44 31.50 59.50 57.65
CA LYS J 44 32.50 60.11 58.53
C LYS J 44 32.25 61.59 58.68
N SER J 45 31.87 62.27 57.59
CA SER J 45 31.57 63.69 57.65
C SER J 45 30.34 64.00 58.51
N GLY J 46 29.49 63.00 58.75
CA GLY J 46 28.40 63.13 59.71
C GLY J 46 27.02 63.34 59.13
N GLU J 47 26.90 63.61 57.83
CA GLU J 47 25.58 63.82 57.25
C GLU J 47 24.78 62.52 57.19
N ASP J 48 23.47 62.66 57.36
CA ASP J 48 22.58 61.50 57.27
C ASP J 48 22.52 60.98 55.85
N ILE J 49 22.47 59.65 55.72
CA ILE J 49 22.49 58.98 54.43
C ILE J 49 21.29 58.04 54.32
N PHE J 50 20.61 58.09 53.19
CA PHE J 50 19.48 57.19 52.93
C PHE J 50 20.00 55.80 52.55
N GLY J 51 19.07 54.85 52.52
CA GLY J 51 19.38 53.54 52.00
C GLY J 51 18.13 52.87 51.49
N ASP J 52 18.29 52.01 50.49
CA ASP J 52 17.15 51.30 49.91
C ASP J 52 17.66 50.09 49.15
N GLY J 53 16.80 49.08 49.06
CA GLY J 53 17.17 47.89 48.31
C GLY J 53 16.24 46.73 48.60
N VAL J 54 16.73 45.52 48.31
CA VAL J 54 15.97 44.28 48.41
C VAL J 54 16.62 43.40 49.47
N LEU J 55 15.80 42.85 50.36
CA LEU J 55 16.28 42.06 51.48
C LEU J 55 16.45 40.60 51.09
N GLU J 56 17.43 39.94 51.72
CA GLU J 56 17.71 38.53 51.52
C GLU J 56 18.15 37.92 52.85
N ILE J 57 17.67 36.70 53.11
CA ILE J 57 18.00 35.97 54.33
C ILE J 57 18.69 34.68 53.95
N LEU J 58 19.84 34.42 54.56
CA LEU J 58 20.61 33.21 54.30
C LEU J 58 20.13 32.08 55.20
N GLN J 59 20.89 30.98 55.23
CA GLN J 59 20.48 29.83 56.02
C GLN J 59 20.65 30.05 57.52
N ASP J 60 21.39 31.08 57.92
CA ASP J 60 21.62 31.37 59.34
C ASP J 60 20.96 32.66 59.78
N GLY J 61 20.01 33.17 59.01
CA GLY J 61 19.33 34.41 59.33
C GLY J 61 20.10 35.67 59.01
N PHE J 62 21.26 35.55 58.38
CA PHE J 62 22.06 36.72 58.04
C PHE J 62 21.31 37.58 57.02
N GLY J 63 21.23 38.87 57.29
CA GLY J 63 20.47 39.79 56.46
C GLY J 63 21.34 40.55 55.49
N PHE J 64 21.09 40.35 54.20
CA PHE J 64 21.74 41.10 53.14
C PHE J 64 20.73 42.04 52.50
N LEU J 65 21.21 43.21 52.05
CA LEU J 65 20.39 44.15 51.30
C LEU J 65 21.12 44.48 50.02
N ARG J 66 20.59 44.02 48.90
CA ARG J 66 21.18 44.20 47.58
C ARG J 66 20.47 45.32 46.83
N SER J 67 21.09 45.74 45.71
CA SER J 67 20.56 46.80 44.88
C SER J 67 20.22 46.24 43.49
N ALA J 68 19.18 46.81 42.89
CA ALA J 68 18.74 46.35 41.57
C ALA J 68 19.69 46.77 40.47
N ASP J 69 20.36 47.91 40.62
CA ASP J 69 21.26 48.40 39.59
C ASP J 69 22.43 47.44 39.38
N SER J 70 23.00 46.93 40.47
CA SER J 70 24.11 45.99 40.41
C SER J 70 23.67 44.57 40.07
N SER J 71 22.42 44.39 39.64
CA SER J 71 21.88 43.07 39.29
C SER J 71 21.99 42.10 40.48
N TYR J 72 21.73 42.62 41.68
CA TYR J 72 21.73 41.82 42.90
C TYR J 72 23.09 41.17 43.13
N LEU J 73 24.14 41.98 43.12
CA LEU J 73 25.50 41.50 43.27
C LEU J 73 25.97 41.64 44.71
N ALA J 74 26.64 40.61 45.20
CA ALA J 74 27.18 40.61 46.56
C ALA J 74 28.44 41.47 46.58
N GLY J 75 28.26 42.76 46.81
CA GLY J 75 29.35 43.70 46.83
C GLY J 75 29.40 44.52 48.09
N PRO J 76 30.40 45.40 48.20
CA PRO J 76 30.51 46.25 49.40
C PRO J 76 29.34 47.19 49.59
N ASP J 77 28.61 47.53 48.52
CA ASP J 77 27.48 48.44 48.64
C ASP J 77 26.26 47.81 49.31
N ASP J 78 26.28 46.49 49.50
CA ASP J 78 25.16 45.83 50.17
C ASP J 78 25.08 46.24 51.64
N ILE J 79 23.86 46.23 52.17
CA ILE J 79 23.60 46.73 53.52
C ILE J 79 23.40 45.55 54.46
N TYR J 80 24.05 45.59 55.62
CA TYR J 80 23.85 44.56 56.64
C TYR J 80 22.49 44.72 57.31
N VAL J 81 21.86 43.59 57.61
CA VAL J 81 20.57 43.55 58.29
C VAL J 81 20.63 42.43 59.33
N SER J 82 20.46 42.79 60.60
CA SER J 82 20.50 41.83 61.70
C SER J 82 19.21 41.02 61.77
N PRO J 83 19.28 39.78 62.25
CA PRO J 83 18.04 38.99 62.43
C PRO J 83 17.08 39.59 63.44
N SER J 84 17.56 40.45 64.35
CA SER J 84 16.67 41.05 65.34
C SER J 84 15.62 41.93 64.67
N GLN J 85 16.04 42.76 63.72
CA GLN J 85 15.08 43.59 62.98
C GLN J 85 14.13 42.73 62.16
N ILE J 86 14.64 41.63 61.60
CA ILE J 86 13.81 40.72 60.82
C ILE J 86 12.70 40.15 61.69
N ARG J 87 13.06 39.70 62.90
CA ARG J 87 12.07 39.16 63.82
C ARG J 87 11.10 40.25 64.28
N ARG J 88 11.60 41.45 64.56
CA ARG J 88 10.75 42.51 65.08
C ARG J 88 9.72 42.96 64.05
N PHE J 89 10.15 43.20 62.81
CA PHE J 89 9.27 43.71 61.78
C PHE J 89 8.60 42.61 60.97
N ASN J 90 9.03 41.36 61.11
CA ASN J 90 8.47 40.21 60.39
C ASN J 90 8.57 40.43 58.87
N LEU J 91 9.81 40.56 58.40
CA LEU J 91 10.10 40.72 56.98
C LEU J 91 10.88 39.52 56.47
N ARG J 92 10.72 39.23 55.18
CA ARG J 92 11.43 38.13 54.55
C ARG J 92 12.16 38.58 53.30
N THR J 93 12.68 37.63 52.53
CA THR J 93 13.44 37.93 51.33
C THR J 93 12.55 38.59 50.28
N GLY J 94 13.17 39.38 49.40
CA GLY J 94 12.45 39.95 48.28
C GLY J 94 11.55 41.12 48.62
N ASP J 95 11.78 41.77 49.75
CA ASP J 95 10.96 42.89 50.20
C ASP J 95 11.75 44.18 50.03
N THR J 96 11.13 45.18 49.40
CA THR J 96 11.79 46.46 49.19
C THR J 96 11.82 47.23 50.51
N ILE J 97 13.03 47.48 51.01
CA ILE J 97 13.24 48.15 52.29
C ILE J 97 13.97 49.46 52.02
N SER J 98 13.46 50.56 52.60
CA SER J 98 14.11 51.85 52.47
C SER J 98 14.04 52.58 53.81
N GLY J 99 15.13 53.27 54.15
CA GLY J 99 15.15 54.04 55.38
C GLY J 99 16.57 54.43 55.76
N LYS J 100 16.74 54.73 57.05
CA LYS J 100 18.03 55.09 57.59
C LYS J 100 18.97 53.88 57.60
N ILE J 101 20.26 54.15 57.38
CA ILE J 101 21.29 53.12 57.44
C ILE J 101 22.40 53.62 58.35
N ARG J 102 23.14 52.67 58.94
CA ARG J 102 24.19 53.00 59.89
C ARG J 102 25.56 52.76 59.27
N PRO J 103 26.50 53.69 59.44
CA PRO J 103 27.86 53.46 58.96
C PRO J 103 28.49 52.26 59.64
N PRO J 104 29.29 51.48 58.92
CA PRO J 104 29.91 50.30 59.52
C PRO J 104 31.04 50.64 60.48
N LYS J 105 30.84 50.37 61.76
CA LYS J 105 31.89 50.57 62.75
C LYS J 105 33.02 49.58 62.47
N GLU J 106 34.24 49.95 62.87
CA GLU J 106 35.41 49.11 62.64
C GLU J 106 35.20 47.72 63.26
N GLY J 107 35.05 46.71 62.42
CA GLY J 107 34.75 45.37 62.89
C GLY J 107 33.76 44.65 62.01
N GLU J 108 32.91 45.40 61.31
CA GLU J 108 32.00 44.83 60.32
C GLU J 108 32.27 45.47 58.96
N ARG J 109 32.04 44.68 57.90
CA ARG J 109 32.43 45.09 56.56
C ARG J 109 31.37 45.92 55.84
N TYR J 110 30.09 45.68 56.12
CA TYR J 110 29.01 46.30 55.38
C TYR J 110 28.23 47.28 56.26
N PHE J 111 27.57 48.22 55.60
CA PHE J 111 26.77 49.22 56.30
C PHE J 111 25.60 48.56 57.02
N ALA J 112 25.29 49.05 58.21
CA ALA J 112 24.18 48.53 59.00
C ALA J 112 22.91 49.34 58.72
N LEU J 113 21.83 49.00 59.42
CA LEU J 113 20.54 49.64 59.25
C LEU J 113 20.12 50.29 60.55
N LEU J 114 19.82 51.59 60.50
CA LEU J 114 19.36 52.30 61.68
C LEU J 114 17.86 52.10 61.91
N LYS J 115 17.05 52.55 60.95
CA LYS J 115 15.60 52.47 61.08
C LYS J 115 14.99 52.46 59.68
N VAL J 116 13.96 51.64 59.51
CA VAL J 116 13.25 51.53 58.24
C VAL J 116 12.19 52.61 58.15
N ASN J 117 12.09 53.24 56.97
CA ASN J 117 11.07 54.25 56.73
C ASN J 117 9.92 53.73 55.87
N GLU J 118 10.18 52.80 54.96
CA GLU J 118 9.12 52.23 54.14
C GLU J 118 9.49 50.82 53.72
N VAL J 119 8.47 49.98 53.56
CA VAL J 119 8.62 48.59 53.15
C VAL J 119 7.64 48.33 52.01
N ASN J 120 8.16 47.94 50.85
CA ASN J 120 7.34 47.57 49.69
C ASN J 120 6.37 48.68 49.32
N PHE J 121 6.87 49.92 49.33
CA PHE J 121 6.06 51.11 49.02
C PHE J 121 4.85 51.20 49.94
N ASP J 122 5.05 50.85 51.21
CA ASP J 122 3.96 50.87 52.18
C ASP J 122 4.55 51.00 53.58
N LYS J 123 3.70 51.38 54.52
CA LYS J 123 4.11 51.50 55.91
C LYS J 123 4.44 50.11 56.47
N PRO J 124 5.57 49.98 57.20
CA PRO J 124 5.93 48.66 57.73
C PRO J 124 4.87 48.05 58.64
N GLU J 125 4.21 48.87 59.46
CA GLU J 125 3.13 48.34 60.29
C GLU J 125 1.98 47.82 59.44
N ASN J 126 1.61 48.55 58.39
CA ASN J 126 0.61 48.07 57.46
C ASN J 126 1.10 46.82 56.72
N ALA J 127 2.37 46.81 56.33
CA ALA J 127 2.93 45.65 55.62
C ALA J 127 2.98 44.41 56.51
N ARG J 128 2.99 44.58 57.83
CA ARG J 128 2.93 43.42 58.71
C ARG J 128 1.64 42.65 58.54
N ASN J 129 0.51 43.35 58.39
CA ASN J 129 -0.78 42.70 58.19
C ASN J 129 -1.06 42.53 56.69
N LYS J 130 -0.19 41.76 56.04
CA LYS J 130 -0.28 41.48 54.61
C LYS J 130 -0.35 39.98 54.39
N ILE J 131 -1.19 39.57 53.46
CA ILE J 131 -1.37 38.15 53.14
C ILE J 131 -0.24 37.69 52.24
N LEU J 132 0.20 36.44 52.43
CA LEU J 132 1.28 35.88 51.63
C LEU J 132 0.77 35.54 50.23
N PHE J 133 1.72 35.49 49.28
CA PHE J 133 1.37 35.26 47.88
C PHE J 133 0.68 33.91 47.69
N GLU J 134 1.29 32.85 48.21
CA GLU J 134 0.75 31.51 48.00
C GLU J 134 -0.54 31.27 48.77
N ASN J 135 -0.91 32.17 49.69
CA ASN J 135 -2.22 32.05 50.34
C ASN J 135 -3.35 32.48 49.43
N LEU J 136 -3.07 33.27 48.39
CA LEU J 136 -4.12 33.69 47.46
C LEU J 136 -4.63 32.50 46.66
N THR J 137 -5.93 32.46 46.45
CA THR J 137 -6.54 31.38 45.68
C THR J 137 -6.26 31.60 44.20
N PRO J 138 -5.62 30.66 43.51
CA PRO J 138 -5.40 30.82 42.07
C PRO J 138 -6.71 30.85 41.31
N LEU J 139 -6.71 31.59 40.20
CA LEU J 139 -7.89 31.72 39.37
C LEU J 139 -7.45 32.06 37.95
N HIS J 140 -8.32 31.78 36.99
CA HIS J 140 -7.99 31.99 35.59
C HIS J 140 -7.88 33.48 35.27
N ALA J 141 -7.13 33.78 34.21
CA ALA J 141 -6.94 35.16 33.80
C ALA J 141 -8.24 35.75 33.29
N ASN J 142 -8.53 36.98 33.72
CA ASN J 142 -9.72 37.70 33.29
C ASN J 142 -9.40 39.00 32.58
N SER J 143 -8.49 39.81 33.13
CA SER J 143 -8.14 41.08 32.50
C SER J 143 -7.38 40.84 31.20
N ARG J 144 -7.62 41.72 30.23
CA ARG J 144 -7.00 41.62 28.92
C ARG J 144 -5.84 42.60 28.81
N LEU J 145 -4.71 42.13 28.30
CA LEU J 145 -3.51 42.94 28.11
C LEU J 145 -3.28 43.09 26.61
N ARG J 146 -3.77 44.20 26.04
CA ARG J 146 -3.67 44.43 24.62
C ARG J 146 -2.27 44.92 24.25
N MET J 147 -1.70 44.36 23.18
CA MET J 147 -0.36 44.69 22.75
C MET J 147 -0.33 45.74 21.65
N GLU J 148 -1.49 46.23 21.20
CA GLU J 148 -1.56 47.17 20.09
C GLU J 148 -1.32 48.59 20.62
N ARG J 149 -0.22 49.20 20.19
CA ARG J 149 0.09 50.56 20.61
C ARG J 149 -0.96 51.55 20.09
N GLY J 150 -1.39 51.38 18.84
CA GLY J 150 -2.36 52.26 18.24
C GLY J 150 -1.79 53.52 17.63
N ASN J 151 -0.47 53.72 17.70
CA ASN J 151 0.17 54.89 17.13
C ASN J 151 0.51 54.72 15.65
N GLY J 152 0.22 53.56 15.08
CA GLY J 152 0.54 53.31 13.69
C GLY J 152 2.02 53.26 13.38
N SER J 153 2.83 52.76 14.31
CA SER J 153 4.26 52.63 14.08
C SER J 153 4.55 51.53 13.08
N THR J 154 5.63 51.70 12.33
CA THR J 154 6.00 50.71 11.31
C THR J 154 6.45 49.39 11.91
N GLU J 155 6.83 49.38 13.20
CA GLU J 155 7.19 48.15 13.89
C GLU J 155 6.04 47.56 14.70
N ASP J 156 4.85 48.16 14.63
CA ASP J 156 3.69 47.65 15.36
C ASP J 156 3.10 46.40 14.71
N LEU J 157 3.58 46.02 13.52
CA LEU J 157 3.02 44.86 12.84
C LEU J 157 3.25 43.58 13.63
N THR J 158 4.40 43.46 14.28
CA THR J 158 4.67 42.27 15.09
C THR J 158 3.71 42.19 16.29
N ALA J 159 3.44 43.32 16.94
CA ALA J 159 2.49 43.32 18.04
C ALA J 159 1.08 42.99 17.54
N ARG J 160 0.71 43.53 16.38
CA ARG J 160 -0.61 43.26 15.83
C ARG J 160 -0.78 41.78 15.49
N VAL J 161 0.23 41.17 14.87
CA VAL J 161 0.13 39.76 14.52
C VAL J 161 0.19 38.89 15.77
N LEU J 162 0.91 39.34 16.81
CA LEU J 162 0.89 38.61 18.08
C LEU J 162 -0.49 38.64 18.70
N ASP J 163 -1.16 39.79 18.66
CA ASP J 163 -2.53 39.88 19.16
C ASP J 163 -3.47 39.00 18.34
N LEU J 164 -3.32 39.02 17.01
CA LEU J 164 -4.17 38.18 16.16
C LEU J 164 -3.91 36.69 16.39
N ALA J 165 -2.70 36.32 16.80
CA ALA J 165 -2.37 34.91 17.00
C ALA J 165 -2.80 34.44 18.38
N SER J 166 -2.31 35.08 19.43
CA SER J 166 -2.60 34.65 20.79
C SER J 166 -2.63 35.84 21.75
N PRO J 167 -3.80 36.21 22.26
CA PRO J 167 -3.85 37.29 23.26
C PRO J 167 -3.23 36.86 24.57
N ILE J 168 -2.75 37.85 25.32
CA ILE J 168 -2.13 37.63 26.63
C ILE J 168 -2.91 38.43 27.67
N GLY J 169 -3.10 37.83 28.85
CA GLY J 169 -3.83 38.47 29.91
C GLY J 169 -3.02 38.54 31.19
N ARG J 170 -3.54 39.28 32.15
CA ARG J 170 -2.87 39.44 33.44
C ARG J 170 -2.89 38.13 34.21
N GLY J 171 -1.77 37.81 34.85
CA GLY J 171 -1.67 36.58 35.62
C GLY J 171 -1.80 35.33 34.77
N GLN J 172 -1.16 35.30 33.61
CA GLN J 172 -1.28 34.20 32.67
C GLN J 172 0.10 33.63 32.37
N ARG J 173 0.22 32.31 32.45
CA ARG J 173 1.48 31.61 32.27
C ARG J 173 1.61 31.17 30.81
N GLY J 174 2.61 31.72 30.11
CA GLY J 174 2.74 31.49 28.69
C GLY J 174 4.12 30.98 28.31
N LEU J 175 4.19 30.42 27.11
CA LEU J 175 5.42 29.85 26.57
C LEU J 175 5.73 30.44 25.20
N ILE J 176 7.02 30.48 24.87
CA ILE J 176 7.48 30.79 23.53
C ILE J 176 8.50 29.75 23.10
N VAL J 177 8.32 29.20 21.90
CA VAL J 177 9.18 28.15 21.37
C VAL J 177 9.82 28.68 20.10
N ALA J 178 11.14 28.62 20.03
CA ALA J 178 11.86 29.23 18.92
C ALA J 178 13.15 28.47 18.63
N PRO J 179 13.63 28.48 17.40
CA PRO J 179 14.99 28.03 17.12
C PRO J 179 15.98 29.13 17.46
N PRO J 180 17.29 28.86 17.41
CA PRO J 180 18.26 29.93 17.64
C PRO J 180 18.17 31.01 16.57
N LYS J 181 18.53 32.23 16.97
CA LYS J 181 18.52 33.43 16.12
C LYS J 181 17.26 33.51 15.26
N ALA J 182 16.11 33.29 15.91
CA ALA J 182 14.82 33.35 15.25
C ALA J 182 14.07 34.65 15.55
N GLY J 183 14.66 35.57 16.28
CA GLY J 183 14.03 36.83 16.60
C GLY J 183 13.40 36.92 17.97
N LYS J 184 13.86 36.12 18.93
CA LYS J 184 13.32 36.20 20.28
C LYS J 184 13.61 37.54 20.93
N THR J 185 14.84 38.02 20.79
CA THR J 185 15.27 39.22 21.50
C THR J 185 14.48 40.44 21.05
N MET J 186 14.27 40.60 19.74
CA MET J 186 13.50 41.75 19.27
C MET J 186 12.04 41.67 19.68
N LEU J 187 11.49 40.46 19.75
CA LEU J 187 10.14 40.31 20.31
C LEU J 187 10.12 40.74 21.77
N LEU J 188 11.17 40.41 22.53
CA LEU J 188 11.28 40.86 23.90
C LEU J 188 11.28 42.38 23.99
N GLN J 189 12.08 43.05 23.14
CA GLN J 189 12.06 44.50 23.14
C GLN J 189 10.68 45.04 22.78
N ASN J 190 10.07 44.50 21.74
CA ASN J 190 8.79 45.03 21.27
C ASN J 190 7.73 44.91 22.35
N ILE J 191 7.65 43.76 23.01
CA ILE J 191 6.71 43.61 24.11
C ILE J 191 7.10 44.51 25.27
N ALA J 192 8.39 44.83 25.42
CA ALA J 192 8.81 45.74 26.48
C ALA J 192 8.23 47.12 26.30
N GLN J 193 8.41 47.72 25.11
CA GLN J 193 7.76 49.03 24.92
C GLN J 193 6.24 48.91 24.85
N SER J 194 5.71 47.76 24.42
CA SER J 194 4.26 47.61 24.42
C SER J 194 3.70 47.69 25.83
N ILE J 195 4.35 47.00 26.78
CA ILE J 195 3.94 47.11 28.19
C ILE J 195 4.16 48.53 28.70
N ALA J 196 5.33 49.11 28.40
CA ALA J 196 5.68 50.42 28.96
C ALA J 196 4.78 51.53 28.44
N TYR J 197 4.17 51.37 27.26
CA TYR J 197 3.35 52.41 26.66
C TYR J 197 1.86 52.16 26.84
N ASN J 198 1.40 50.94 26.57
CA ASN J 198 -0.03 50.64 26.70
C ASN J 198 -0.46 50.52 28.15
N HIS J 199 0.36 49.92 29.00
CA HIS J 199 0.01 49.64 30.40
C HIS J 199 1.11 50.17 31.31
N PRO J 200 1.18 51.49 31.50
CA PRO J 200 2.20 52.03 32.42
C PRO J 200 1.92 51.74 33.88
N ASP J 201 0.70 51.32 34.23
CA ASP J 201 0.37 51.08 35.63
C ASP J 201 1.12 49.87 36.18
N CYS J 202 1.15 48.78 35.42
CA CYS J 202 1.81 47.57 35.89
C CYS J 202 3.33 47.74 35.81
N VAL J 203 4.02 47.17 36.80
CA VAL J 203 5.48 47.26 36.83
C VAL J 203 6.06 46.37 35.75
N LEU J 204 7.11 46.86 35.10
CA LEU J 204 7.78 46.14 34.02
C LEU J 204 9.08 45.55 34.53
N MET J 205 9.26 44.25 34.30
CA MET J 205 10.41 43.52 34.83
C MET J 205 10.84 42.48 33.81
N VAL J 206 12.10 42.54 33.40
CA VAL J 206 12.65 41.65 32.37
C VAL J 206 13.91 40.99 32.90
N LEU J 207 14.03 39.68 32.66
CA LEU J 207 15.12 38.87 33.18
C LEU J 207 15.98 38.33 32.05
N LEU J 208 17.29 38.35 32.25
CA LEU J 208 18.25 37.75 31.33
C LEU J 208 19.25 36.90 32.11
N ILE J 209 19.52 35.70 31.61
CA ILE J 209 20.48 34.78 32.22
C ILE J 209 21.46 34.31 31.16
N ASP J 210 22.71 34.08 31.59
CA ASP J 210 23.82 33.54 30.81
C ASP J 210 23.79 34.03 29.36
N GLU J 211 23.61 35.33 29.19
CA GLU J 211 23.43 35.98 27.92
C GLU J 211 24.54 37.01 27.77
N ARG J 212 25.08 37.17 26.57
CA ARG J 212 26.31 37.94 26.41
C ARG J 212 26.08 39.39 26.82
N PRO J 213 27.14 40.09 27.29
CA PRO J 213 26.94 41.37 27.97
C PRO J 213 26.45 42.51 27.06
N GLU J 214 26.10 42.20 25.81
CA GLU J 214 25.53 43.23 24.95
C GLU J 214 24.03 43.38 25.16
N GLU J 215 23.32 42.26 25.35
CA GLU J 215 21.88 42.32 25.53
C GLU J 215 21.49 43.01 26.83
N VAL J 216 22.29 42.86 27.89
CA VAL J 216 22.00 43.56 29.14
C VAL J 216 22.13 45.07 28.95
N THR J 217 23.16 45.51 28.23
CA THR J 217 23.29 46.94 27.95
C THR J 217 22.15 47.43 27.07
N GLU J 218 21.70 46.61 26.12
CA GLU J 218 20.60 47.03 25.28
C GLU J 218 19.31 47.11 26.10
N MET J 219 19.15 46.21 27.09
CA MET J 219 18.10 46.36 28.09
C MET J 219 18.16 47.73 28.75
N GLN J 220 19.26 47.99 29.45
CA GLN J 220 19.37 49.22 30.24
C GLN J 220 19.29 50.47 29.37
N ARG J 221 19.54 50.35 28.06
CA ARG J 221 19.42 51.51 27.18
C ARG J 221 18.01 51.68 26.61
N LEU J 222 17.29 50.60 26.33
CA LEU J 222 16.00 50.68 25.66
C LEU J 222 14.83 50.54 26.62
N VAL J 223 14.77 49.45 27.38
CA VAL J 223 13.59 49.18 28.20
C VAL J 223 13.51 50.21 29.33
N LYS J 224 12.29 50.71 29.57
CA LYS J 224 12.10 51.70 30.62
C LYS J 224 12.13 51.07 32.01
N GLY J 225 11.53 49.89 32.15
CA GLY J 225 11.56 49.21 33.43
C GLY J 225 12.93 48.63 33.75
N GLU J 226 13.14 48.34 35.02
CA GLU J 226 14.41 47.78 35.46
C GLU J 226 14.58 46.36 34.94
N VAL J 227 15.83 45.95 34.78
CA VAL J 227 16.18 44.65 34.22
C VAL J 227 17.05 43.90 35.22
N VAL J 228 16.75 42.62 35.42
CA VAL J 228 17.57 41.73 36.23
C VAL J 228 18.30 40.80 35.27
N ALA J 229 19.60 40.99 35.13
CA ALA J 229 20.37 40.25 34.15
C ALA J 229 21.70 39.81 34.74
N SER J 230 22.04 38.55 34.49
CA SER J 230 23.33 37.97 34.86
C SER J 230 23.95 37.36 33.61
N THR J 231 25.18 37.77 33.30
CA THR J 231 25.84 37.30 32.09
C THR J 231 26.41 35.89 32.29
N PHE J 232 26.88 35.30 31.18
CA PHE J 232 27.49 33.99 31.23
C PHE J 232 28.85 33.99 31.95
N ASP J 233 29.40 35.17 32.21
CA ASP J 233 30.72 35.25 32.85
C ASP J 233 30.69 34.61 34.23
N GLU J 234 29.72 34.97 35.05
CA GLU J 234 29.59 34.44 36.40
C GLU J 234 29.06 33.01 36.37
N PRO J 235 29.39 32.20 37.39
CA PRO J 235 28.94 30.80 37.40
C PRO J 235 27.45 30.66 37.66
N ALA J 236 26.98 29.40 37.75
CA ALA J 236 25.56 29.13 37.93
C ALA J 236 25.01 29.63 39.25
N SER J 237 25.87 29.81 40.26
CA SER J 237 25.40 30.31 41.56
C SER J 237 24.79 31.70 41.42
N ARG J 238 25.42 32.57 40.62
CA ARG J 238 24.84 33.88 40.39
C ARG J 238 23.48 33.78 39.71
N HIS J 239 23.36 32.89 38.71
CA HIS J 239 22.10 32.73 38.01
C HIS J 239 21.00 32.27 38.96
N VAL J 240 21.29 31.27 39.79
CA VAL J 240 20.27 30.81 40.72
C VAL J 240 19.90 31.93 41.70
N GLN J 241 20.91 32.53 42.34
CA GLN J 241 20.60 33.53 43.36
C GLN J 241 19.76 34.67 42.80
N VAL J 242 20.06 35.12 41.57
CA VAL J 242 19.24 36.17 40.99
C VAL J 242 17.85 35.64 40.65
N ALA J 243 17.73 34.37 40.25
CA ALA J 243 16.41 33.83 39.91
C ALA J 243 15.49 33.76 41.12
N GLU J 244 15.96 33.15 42.21
CA GLU J 244 15.15 33.15 43.43
C GLU J 244 14.94 34.56 43.97
N MET J 245 15.94 35.44 43.86
CA MET J 245 15.75 36.81 44.34
C MET J 245 14.63 37.51 43.58
N VAL J 246 14.63 37.39 42.24
CA VAL J 246 13.64 38.09 41.45
C VAL J 246 12.25 37.49 41.63
N ILE J 247 12.16 36.17 41.74
CA ILE J 247 10.84 35.56 41.94
C ILE J 247 10.29 35.92 43.32
N GLU J 248 11.17 35.96 44.33
CA GLU J 248 10.75 36.35 45.66
C GLU J 248 10.28 37.80 45.68
N LYS J 249 11.01 38.68 45.01
CA LYS J 249 10.61 40.09 44.93
C LYS J 249 9.27 40.23 44.18
N ALA J 250 9.09 39.48 43.10
CA ALA J 250 7.86 39.57 42.33
C ALA J 250 6.66 39.14 43.15
N LYS J 251 6.79 38.01 43.88
CA LYS J 251 5.64 37.58 44.66
C LYS J 251 5.41 38.47 45.87
N ARG J 252 6.48 38.98 46.49
CA ARG J 252 6.30 39.93 47.59
C ARG J 252 5.61 41.20 47.11
N LEU J 253 5.91 41.64 45.89
CA LEU J 253 5.27 42.85 45.37
C LEU J 253 3.82 42.60 44.98
N VAL J 254 3.52 41.44 44.38
CA VAL J 254 2.13 41.14 44.04
C VAL J 254 1.31 40.86 45.30
N GLU J 255 1.96 40.55 46.42
CA GLU J 255 1.23 40.42 47.68
C GLU J 255 0.48 41.70 48.03
N HIS J 256 0.97 42.86 47.58
CA HIS J 256 0.34 44.14 47.85
C HIS J 256 -0.69 44.52 46.79
N LYS J 257 -1.27 43.54 46.10
CA LYS J 257 -2.29 43.76 45.07
C LYS J 257 -1.73 44.61 43.93
N LYS J 258 -0.50 44.33 43.53
CA LYS J 258 0.13 44.97 42.38
C LYS J 258 0.16 44.01 41.20
N ASP J 259 0.25 44.58 40.00
CA ASP J 259 0.34 43.82 38.77
C ASP J 259 1.82 43.70 38.38
N VAL J 260 2.37 42.49 38.50
CA VAL J 260 3.77 42.23 38.23
C VAL J 260 3.87 41.26 37.05
N ILE J 261 4.88 41.47 36.21
CA ILE J 261 5.12 40.62 35.05
C ILE J 261 6.58 40.23 35.00
N ILE J 262 6.84 39.06 34.43
CA ILE J 262 8.18 38.48 34.34
C ILE J 262 8.44 38.15 32.88
N LEU J 263 9.59 38.60 32.37
CA LEU J 263 10.03 38.33 31.01
C LEU J 263 11.22 37.38 31.10
N LEU J 264 10.95 36.08 30.99
CA LEU J 264 11.95 35.06 31.26
C LEU J 264 12.60 34.60 29.96
N ASP J 265 13.94 34.55 29.95
CA ASP J 265 14.69 34.10 28.78
C ASP J 265 16.04 33.59 29.28
N SER J 266 16.22 32.28 29.30
CA SER J 266 15.28 31.27 28.85
C SER J 266 15.06 30.19 29.91
N ILE J 267 14.01 29.39 29.74
CA ILE J 267 13.73 28.32 30.70
C ILE J 267 14.83 27.29 30.67
N THR J 268 15.28 26.90 29.47
CA THR J 268 16.25 25.83 29.33
C THR J 268 17.58 26.18 29.98
N ARG J 269 18.03 27.41 29.80
CA ARG J 269 19.30 27.82 30.39
C ARG J 269 19.23 27.80 31.92
N LEU J 270 18.12 28.28 32.48
CA LEU J 270 17.94 28.23 33.93
C LEU J 270 17.87 26.79 34.43
N ALA J 271 17.22 25.90 33.66
CA ALA J 271 17.16 24.50 34.04
C ALA J 271 18.55 23.87 34.03
N ARG J 272 19.36 24.19 33.02
CA ARG J 272 20.73 23.70 32.98
C ARG J 272 21.54 24.22 34.16
N ALA J 273 21.36 25.50 34.51
CA ALA J 273 22.07 26.05 35.66
C ALA J 273 21.65 25.35 36.95
N TYR J 274 20.36 25.12 37.13
CA TYR J 274 19.89 24.38 38.31
C TYR J 274 20.43 22.97 38.34
N ASN J 275 20.46 22.29 37.20
CA ASN J 275 21.01 20.95 37.14
C ASN J 275 22.48 20.93 37.52
N THR J 276 23.24 21.93 37.04
CA THR J 276 24.65 22.00 37.37
C THR J 276 24.90 22.42 38.81
N VAL J 277 23.93 23.06 39.47
CA VAL J 277 24.15 23.53 40.83
C VAL J 277 23.53 22.56 41.84
N VAL J 278 22.54 21.79 41.41
CA VAL J 278 21.86 20.88 42.35
C VAL J 278 22.76 19.68 42.63
N PRO J 279 22.84 19.21 43.87
CA PRO J 279 23.56 17.96 44.13
C PRO J 279 22.86 16.78 43.51
N ALA J 280 23.65 15.76 43.16
CA ALA J 280 23.10 14.55 42.57
C ALA J 280 22.25 13.80 43.59
N SER J 281 21.07 13.35 43.15
CA SER J 281 20.15 12.62 44.01
C SER J 281 20.27 11.11 43.87
N GLY J 282 21.21 10.62 43.06
CA GLY J 282 21.38 9.21 42.84
C GLY J 282 20.57 8.62 41.71
N LYS J 283 19.64 9.39 41.14
CA LYS J 283 18.85 8.95 40.00
C LYS J 283 18.96 9.97 38.89
N VAL J 284 19.16 9.49 37.67
CA VAL J 284 19.35 10.35 36.51
C VAL J 284 18.42 9.90 35.39
N LEU J 285 17.75 10.86 34.75
CA LEU J 285 17.00 10.60 33.53
C LEU J 285 17.98 10.46 32.36
N THR J 286 17.48 9.92 31.26
CA THR J 286 18.33 9.66 30.10
C THR J 286 19.01 10.96 29.64
N GLY J 287 20.31 10.87 29.36
CA GLY J 287 21.11 12.03 29.05
C GLY J 287 21.76 12.69 30.23
N GLY J 288 21.43 12.28 31.46
CA GLY J 288 22.03 12.85 32.64
C GLY J 288 21.21 13.96 33.28
N VAL J 289 19.93 13.72 33.47
CA VAL J 289 19.03 14.69 34.08
C VAL J 289 18.57 14.15 35.43
N ASP J 290 18.90 14.85 36.51
CA ASP J 290 18.45 14.44 37.83
C ASP J 290 16.94 14.67 37.96
N ALA J 291 16.31 13.82 38.77
CA ALA J 291 14.87 13.97 39.00
C ALA J 291 14.53 15.29 39.65
N ASN J 292 15.33 15.69 40.64
CA ASN J 292 15.13 16.96 41.32
C ASN J 292 15.71 18.15 40.54
N ALA J 293 16.48 17.89 39.49
CA ALA J 293 17.05 18.98 38.70
C ALA J 293 15.96 19.79 38.02
N LEU J 294 14.94 19.13 37.48
CA LEU J 294 13.85 19.82 36.81
C LEU J 294 12.78 20.32 37.77
N HIS J 295 12.89 20.00 39.06
CA HIS J 295 11.90 20.46 40.03
C HIS J 295 11.99 21.97 40.24
N ARG J 296 13.21 22.49 40.39
CA ARG J 296 13.38 23.92 40.63
C ARG J 296 12.90 24.79 39.48
N PRO J 297 13.25 24.54 38.21
CA PRO J 297 12.69 25.38 37.13
C PRO J 297 11.18 25.28 37.05
N LYS J 298 10.63 24.10 37.32
CA LYS J 298 9.19 23.89 37.23
C LYS J 298 8.45 24.71 38.30
N ARG J 299 8.97 24.75 39.53
CA ARG J 299 8.34 25.56 40.55
C ARG J 299 8.61 27.05 40.35
N PHE J 300 9.76 27.40 39.76
CA PHE J 300 10.02 28.79 39.42
C PHE J 300 9.03 29.29 38.38
N PHE J 301 8.75 28.48 37.36
CA PHE J 301 7.84 28.87 36.30
C PHE J 301 6.38 28.56 36.61
N GLY J 302 6.12 27.72 37.62
CA GLY J 302 4.77 27.38 38.00
C GLY J 302 4.08 28.35 38.92
N ALA J 303 4.77 29.41 39.35
CA ALA J 303 4.18 30.38 40.27
C ALA J 303 3.28 31.39 39.57
N ALA J 304 3.23 31.38 38.24
CA ALA J 304 2.39 32.33 37.52
C ALA J 304 0.91 31.98 37.70
N ARG J 305 0.14 32.96 38.15
CA ARG J 305 -1.30 32.78 38.33
C ARG J 305 -1.96 34.14 38.38
N ASN J 306 -3.27 34.16 38.15
CA ASN J 306 -4.07 35.37 38.21
C ASN J 306 -4.82 35.42 39.53
N VAL J 307 -4.67 36.52 40.26
CA VAL J 307 -5.27 36.71 41.57
C VAL J 307 -6.52 37.56 41.40
N GLU J 308 -7.66 37.04 41.88
CA GLU J 308 -8.92 37.77 41.81
C GLU J 308 -9.11 38.72 42.98
N GLU J 309 -8.47 38.46 44.12
CA GLU J 309 -8.58 39.37 45.26
C GLU J 309 -7.95 40.72 44.96
N GLY J 310 -6.77 40.72 44.35
CA GLY J 310 -6.10 41.95 43.99
C GLY J 310 -4.74 41.72 43.36
N GLY J 311 -4.45 42.43 42.27
CA GLY J 311 -3.19 42.27 41.59
C GLY J 311 -3.12 40.99 40.78
N SER J 312 -1.99 40.81 40.11
CA SER J 312 -1.77 39.61 39.31
C SER J 312 -0.27 39.43 39.11
N LEU J 313 0.11 38.18 38.82
CA LEU J 313 1.49 37.82 38.51
C LEU J 313 1.49 37.10 37.17
N THR J 314 1.90 37.80 36.12
CA THR J 314 2.02 37.24 34.79
C THR J 314 3.47 36.89 34.52
N ILE J 315 3.72 35.68 34.02
CA ILE J 315 5.06 35.27 33.65
C ILE J 315 5.02 34.78 32.21
N ILE J 316 5.72 35.49 31.33
CA ILE J 316 5.85 35.10 29.94
C ILE J 316 7.31 34.77 29.68
N ALA J 317 7.55 33.63 29.05
CA ALA J 317 8.89 33.05 29.04
C ALA J 317 9.17 32.39 27.69
N THR J 318 10.39 32.56 27.20
CA THR J 318 10.81 32.04 25.91
C THR J 318 11.70 30.82 26.11
N ALA J 319 11.40 29.74 25.39
CA ALA J 319 12.18 28.51 25.44
C ALA J 319 12.71 28.21 24.05
N LEU J 320 14.02 28.31 23.87
CA LEU J 320 14.62 28.03 22.57
C LEU J 320 14.83 26.53 22.37
N ILE J 321 14.59 26.07 21.15
CA ILE J 321 14.72 24.67 20.78
C ILE J 321 15.60 24.59 19.53
N ASP J 322 15.76 23.37 19.01
CA ASP J 322 16.52 23.09 17.80
C ASP J 322 17.99 23.49 17.93
N THR J 323 18.48 23.64 19.17
CA THR J 323 19.88 23.96 19.38
C THR J 323 20.80 22.78 19.09
N GLY J 324 20.27 21.56 19.19
CA GLY J 324 21.08 20.36 19.08
C GLY J 324 21.37 19.67 20.40
N SER J 325 20.76 20.12 21.49
CA SER J 325 20.97 19.55 22.81
C SER J 325 19.76 18.72 23.21
N LYS J 326 20.01 17.47 23.63
CA LYS J 326 18.92 16.66 24.17
C LYS J 326 18.44 17.19 25.52
N MET J 327 19.26 17.98 26.20
CA MET J 327 18.80 18.67 27.41
C MET J 327 17.64 19.61 27.09
N ASP J 328 17.78 20.37 26.00
CA ASP J 328 16.70 21.25 25.57
C ASP J 328 15.46 20.44 25.20
N GLU J 329 15.66 19.30 24.54
CA GLU J 329 14.53 18.46 24.15
C GLU J 329 13.77 17.94 25.37
N VAL J 330 14.50 17.42 26.36
CA VAL J 330 13.82 16.89 27.54
C VAL J 330 13.18 18.01 28.35
N ILE J 331 13.81 19.19 28.41
CA ILE J 331 13.19 20.32 29.09
C ILE J 331 11.89 20.72 28.39
N TYR J 332 11.90 20.76 27.06
CA TYR J 332 10.69 21.08 26.32
C TYR J 332 9.60 20.03 26.54
N GLU J 333 9.96 18.75 26.53
CA GLU J 333 8.97 17.70 26.75
C GLU J 333 8.42 17.75 28.17
N GLU J 334 9.23 18.23 29.13
CA GLU J 334 8.72 18.37 30.50
C GLU J 334 7.79 19.57 30.62
N PHE J 335 8.02 20.61 29.82
CA PHE J 335 7.27 21.86 29.90
C PHE J 335 6.24 22.00 28.79
N LYS J 336 5.68 20.87 28.32
CA LYS J 336 4.72 20.92 27.23
C LYS J 336 3.45 21.66 27.63
N GLY J 337 2.72 21.13 28.61
CA GLY J 337 1.43 21.67 28.98
C GLY J 337 1.45 22.54 30.22
N THR J 338 2.62 23.02 30.62
CA THR J 338 2.72 23.82 31.84
C THR J 338 1.95 25.12 31.71
N GLY J 339 2.05 25.80 30.56
CA GLY J 339 1.37 27.05 30.35
C GLY J 339 0.04 26.89 29.63
N ASN J 340 -0.84 27.88 29.81
CA ASN J 340 -2.16 27.86 29.18
C ASN J 340 -2.19 28.61 27.86
N MET J 341 -1.06 29.19 27.42
CA MET J 341 -0.99 29.83 26.11
C MET J 341 0.47 29.88 25.69
N GLU J 342 0.69 29.91 24.38
CA GLU J 342 2.05 29.77 23.87
C GLU J 342 2.11 30.26 22.43
N LEU J 343 3.33 30.56 22.01
CA LEU J 343 3.65 30.95 20.64
C LEU J 343 4.74 30.02 20.12
N HIS J 344 4.63 29.64 18.85
CA HIS J 344 5.67 28.87 18.16
C HIS J 344 6.40 29.75 17.15
N LEU J 345 7.72 29.81 17.27
CA LEU J 345 8.58 30.37 16.24
C LEU J 345 9.23 29.21 15.50
N SER J 346 9.21 29.27 14.17
CA SER J 346 9.72 28.18 13.34
C SER J 346 10.83 28.68 12.43
N ARG J 347 11.81 27.80 12.20
CA ARG J 347 12.95 28.15 11.35
C ARG J 347 12.53 28.36 9.90
N LYS J 348 11.56 27.57 9.42
CA LYS J 348 11.24 27.55 8.00
C LYS J 348 10.70 28.88 7.49
N ILE J 349 10.27 29.78 8.37
CA ILE J 349 9.80 31.09 7.93
C ILE J 349 10.96 32.08 7.81
N ALA J 350 12.05 31.85 8.55
CA ALA J 350 13.13 32.84 8.62
C ALA J 350 13.76 33.09 7.25
N GLU J 351 14.01 32.03 6.49
CA GLU J 351 14.64 32.20 5.19
C GLU J 351 13.70 32.75 4.12
N LYS J 352 12.40 32.86 4.42
CA LYS J 352 11.42 33.33 3.46
C LYS J 352 11.35 34.86 3.39
N ARG J 353 12.13 35.56 4.23
CA ARG J 353 12.17 37.02 4.35
C ARG J 353 10.90 37.62 4.93
N VAL J 354 9.88 36.81 5.22
CA VAL J 354 8.68 37.30 5.89
C VAL J 354 8.87 37.13 7.39
N PHE J 355 8.63 38.21 8.13
CA PHE J 355 8.90 38.25 9.56
C PHE J 355 7.72 38.89 10.29
N PRO J 356 7.50 38.54 11.56
CA PRO J 356 8.27 37.58 12.39
C PRO J 356 8.04 36.13 11.98
N ALA J 357 8.97 35.24 12.30
CA ALA J 357 8.87 33.84 11.88
C ALA J 357 7.97 33.06 12.83
N ILE J 358 6.76 33.55 13.06
CA ILE J 358 5.83 32.94 13.99
C ILE J 358 5.08 31.81 13.30
N ASP J 359 4.86 30.72 14.03
CA ASP J 359 4.06 29.60 13.54
C ASP J 359 2.67 29.74 14.14
N TYR J 360 1.74 30.29 13.35
CA TYR J 360 0.43 30.67 13.87
C TYR J 360 -0.44 29.44 14.10
N ASN J 361 -0.35 28.45 13.22
CA ASN J 361 -1.20 27.26 13.34
C ASN J 361 -0.93 26.50 14.62
N ARG J 362 0.35 26.31 14.96
CA ARG J 362 0.69 25.59 16.19
C ARG J 362 0.36 26.43 17.42
N SER J 363 0.56 27.74 17.35
CA SER J 363 0.30 28.60 18.48
C SER J 363 -1.20 28.76 18.72
N GLY J 364 -1.55 29.07 19.96
CA GLY J 364 -2.95 29.27 20.31
C GLY J 364 -3.08 29.58 21.78
N THR J 365 -4.29 29.95 22.17
CA THR J 365 -4.63 30.27 23.54
C THR J 365 -5.76 29.36 24.00
N ARG J 366 -5.63 28.81 25.21
CA ARG J 366 -6.62 27.91 25.77
C ARG J 366 -7.58 28.70 26.65
N LYS J 367 -8.89 28.57 26.35
CA LYS J 367 -9.94 29.30 27.05
C LYS J 367 -9.71 30.80 26.99
N GLU J 368 -9.74 31.33 25.78
CA GLU J 368 -9.54 32.75 25.52
C GLU J 368 -10.83 33.54 25.48
N GLU J 369 -11.99 32.88 25.64
CA GLU J 369 -13.26 33.60 25.61
C GLU J 369 -13.42 34.52 26.81
N LEU J 370 -12.81 34.17 27.94
CA LEU J 370 -12.84 35.03 29.12
C LEU J 370 -11.85 36.19 29.02
N LEU J 371 -10.92 36.15 28.07
CA LEU J 371 -9.88 37.17 27.95
C LEU J 371 -10.24 38.26 26.95
N THR J 372 -11.40 38.19 26.31
CA THR J 372 -11.79 39.17 25.31
C THR J 372 -13.32 39.19 25.22
N THR J 373 -13.83 39.95 24.26
CA THR J 373 -15.27 40.09 24.06
C THR J 373 -15.79 38.92 23.22
N GLN J 374 -17.04 39.00 22.80
CA GLN J 374 -17.66 37.96 21.99
C GLN J 374 -17.41 38.14 20.50
N GLU J 375 -17.76 39.30 19.95
CA GLU J 375 -17.65 39.51 18.51
C GLU J 375 -16.19 39.40 18.06
N GLU J 376 -15.25 39.96 18.83
CA GLU J 376 -13.85 39.88 18.45
C GLU J 376 -13.33 38.45 18.56
N LEU J 377 -13.87 37.67 19.49
CA LEU J 377 -13.51 36.26 19.60
C LEU J 377 -13.89 35.50 18.33
N GLN J 378 -15.13 35.64 17.88
CA GLN J 378 -15.54 34.95 16.67
C GLN J 378 -14.86 35.54 15.43
N LYS J 379 -14.43 36.81 15.50
CA LYS J 379 -13.66 37.36 14.40
C LYS J 379 -12.28 36.70 14.30
N MET J 380 -11.60 36.49 15.43
CA MET J 380 -10.36 35.73 15.34
C MET J 380 -10.63 34.27 14.99
N TRP J 381 -11.81 33.74 15.32
CA TRP J 381 -12.18 32.40 14.86
C TRP J 381 -12.28 32.36 13.33
N ILE J 382 -12.89 33.39 12.74
CA ILE J 382 -12.94 33.50 11.28
C ILE J 382 -11.53 33.59 10.72
N LEU J 383 -10.66 34.38 11.35
CA LEU J 383 -9.26 34.43 10.92
C LEU J 383 -8.61 33.05 10.99
N ARG J 384 -8.89 32.30 12.06
CA ARG J 384 -8.35 30.95 12.20
C ARG J 384 -8.78 30.08 11.02
N LYS J 385 -10.09 30.03 10.75
CA LYS J 385 -10.56 29.17 9.67
C LYS J 385 -10.12 29.65 8.29
N ILE J 386 -9.80 30.93 8.14
CA ILE J 386 -9.33 31.41 6.84
C ILE J 386 -7.86 31.07 6.64
N ILE J 387 -7.00 31.42 7.58
CA ILE J 387 -5.56 31.28 7.35
C ILE J 387 -5.06 29.95 7.91
N HIS J 388 -5.97 29.05 8.25
CA HIS J 388 -5.55 27.72 8.67
C HIS J 388 -5.16 26.82 7.49
N PRO J 389 -6.04 26.62 6.47
CA PRO J 389 -5.77 25.56 5.49
C PRO J 389 -4.84 25.97 4.36
N MET J 390 -3.59 26.26 4.70
CA MET J 390 -2.51 26.44 3.73
C MET J 390 -1.18 26.44 4.49
N GLY J 391 -0.09 26.68 3.77
CA GLY J 391 1.22 26.69 4.40
C GLY J 391 1.38 27.85 5.36
N GLU J 392 2.29 27.65 6.33
CA GLU J 392 2.51 28.68 7.34
C GLU J 392 3.18 29.91 6.76
N ILE J 393 4.18 29.72 5.89
CA ILE J 393 4.88 30.86 5.30
C ILE J 393 3.92 31.69 4.44
N ASP J 394 3.09 31.02 3.63
CA ASP J 394 2.16 31.74 2.76
C ASP J 394 1.19 32.57 3.57
N ALA J 395 0.64 32.00 4.64
CA ALA J 395 -0.20 32.78 5.54
C ALA J 395 0.60 33.90 6.20
N MET J 396 1.91 33.71 6.39
CA MET J 396 2.73 34.76 6.97
C MET J 396 2.78 35.99 6.07
N GLU J 397 3.12 35.81 4.78
CA GLU J 397 3.10 37.02 3.94
C GLU J 397 1.67 37.49 3.69
N PHE J 398 0.69 36.59 3.77
CA PHE J 398 -0.70 36.98 3.63
C PHE J 398 -1.10 37.97 4.73
N LEU J 399 -0.70 37.68 5.96
CA LEU J 399 -0.95 38.62 7.05
C LEU J 399 -0.09 39.88 6.92
N ILE J 400 1.16 39.72 6.46
CA ILE J 400 2.07 40.87 6.41
C ILE J 400 1.58 41.91 5.42
N ASN J 401 1.21 41.48 4.21
CA ASN J 401 0.93 42.45 3.15
C ASN J 401 -0.53 42.90 3.09
N LYS J 402 -1.40 42.44 3.98
CA LYS J 402 -2.70 43.07 4.22
C LYS J 402 -2.81 43.66 5.63
N LEU J 403 -1.68 43.97 6.27
CA LEU J 403 -1.67 44.72 7.51
C LEU J 403 -0.94 46.04 7.42
N ALA J 404 -0.23 46.31 6.32
CA ALA J 404 0.51 47.57 6.21
C ALA J 404 -0.43 48.76 6.07
N MET J 405 -1.46 48.63 5.24
CA MET J 405 -2.39 49.72 5.00
C MET J 405 -3.53 49.77 6.02
N THR J 406 -3.59 48.81 6.95
CA THR J 406 -4.59 48.83 8.00
C THR J 406 -4.00 49.52 9.23
N LYS J 407 -4.63 50.62 9.65
CA LYS J 407 -4.08 51.40 10.76
C LYS J 407 -4.14 50.62 12.07
N THR J 408 -5.27 49.98 12.37
CA THR J 408 -5.47 49.23 13.59
C THR J 408 -5.99 47.84 13.26
N ASN J 409 -6.11 47.01 14.28
CA ASN J 409 -6.60 45.64 14.09
C ASN J 409 -8.02 45.64 13.55
N ASP J 410 -8.90 46.46 14.15
CA ASP J 410 -10.28 46.52 13.69
C ASP J 410 -10.38 46.93 12.23
N ASP J 411 -9.51 47.86 11.80
CA ASP J 411 -9.48 48.28 10.40
C ASP J 411 -9.18 47.08 9.49
N PHE J 412 -8.19 46.28 9.87
CA PHE J 412 -7.93 45.04 9.16
C PHE J 412 -9.18 44.16 9.14
N PHE J 413 -9.94 44.16 10.23
CA PHE J 413 -11.15 43.33 10.28
C PHE J 413 -12.19 43.78 9.26
N GLU J 414 -12.49 45.09 9.17
CA GLU J 414 -13.53 45.43 8.19
C GLU J 414 -13.00 45.32 6.78
N MET J 415 -11.69 45.54 6.56
CA MET J 415 -11.22 45.40 5.18
C MET J 415 -11.20 43.94 4.74
N MET J 416 -10.98 43.00 5.67
CA MET J 416 -11.05 41.60 5.29
C MET J 416 -12.50 41.12 5.16
N LYS J 417 -13.40 41.60 6.01
CA LYS J 417 -14.79 41.16 5.93
C LYS J 417 -15.55 41.83 4.80
N ARG J 418 -15.05 42.96 4.29
CA ARG J 418 -15.68 43.61 3.15
C ARG J 418 -15.57 42.77 1.89
N SER J 419 -14.42 42.15 1.67
CA SER J 419 -14.22 41.28 0.51
C SER J 419 -14.73 39.88 0.78
N MET K 1 70.30 51.91 27.98
CA MET K 1 69.99 51.10 26.81
C MET K 1 68.74 50.26 27.05
N ASN K 2 68.00 50.02 25.97
CA ASN K 2 66.75 49.27 26.05
C ASN K 2 67.04 47.77 26.18
N LEU K 3 65.99 47.03 26.53
CA LEU K 3 66.06 45.57 26.64
C LEU K 3 65.53 44.86 25.40
N THR K 4 64.45 45.39 24.80
CA THR K 4 63.89 44.77 23.59
C THR K 4 64.86 44.84 22.42
N GLU K 5 65.77 45.82 22.41
CA GLU K 5 66.78 45.88 21.37
C GLU K 5 67.73 44.69 21.42
N LEU K 6 67.80 43.98 22.55
CA LEU K 6 68.61 42.79 22.66
C LEU K 6 67.82 41.51 22.39
N LYS K 7 66.54 41.50 22.73
CA LYS K 7 65.71 40.32 22.48
C LYS K 7 65.56 40.04 21.00
N ASN K 8 65.35 41.09 20.20
CA ASN K 8 65.14 40.91 18.77
C ASN K 8 66.36 40.32 18.08
N THR K 9 67.55 40.78 18.45
CA THR K 9 68.76 40.30 17.81
C THR K 9 69.03 38.84 18.17
N PRO K 10 69.24 37.96 17.20
CA PRO K 10 69.63 36.57 17.51
C PRO K 10 70.91 36.51 18.34
N VAL K 11 71.19 35.30 18.84
CA VAL K 11 72.26 35.11 19.80
C VAL K 11 73.65 35.27 19.22
N SER K 12 73.80 35.28 17.90
CA SER K 12 75.13 35.38 17.30
C SER K 12 75.78 36.71 17.64
N GLU K 13 75.09 37.82 17.35
CA GLU K 13 75.64 39.13 17.68
C GLU K 13 75.64 39.38 19.19
N LEU K 14 74.74 38.75 19.94
CA LEU K 14 74.83 38.83 21.39
C LEU K 14 76.13 38.23 21.91
N ILE K 15 76.50 37.05 21.37
CA ILE K 15 77.77 36.43 21.73
C ILE K 15 78.93 37.29 21.29
N THR K 16 78.85 37.87 20.09
CA THR K 16 79.93 38.73 19.61
C THR K 16 80.12 39.95 20.52
N LEU K 17 79.01 40.59 20.90
CA LEU K 17 79.10 41.72 21.82
C LEU K 17 79.65 41.30 23.17
N GLY K 18 79.16 40.19 23.71
CA GLY K 18 79.65 39.73 25.01
C GLY K 18 81.14 39.44 24.99
N GLU K 19 81.64 38.89 23.88
CA GLU K 19 83.08 38.78 23.71
C GLU K 19 83.75 40.15 23.68
N ASN K 20 83.12 41.10 22.99
CA ASN K 20 83.60 42.49 23.04
C ASN K 20 83.38 43.12 24.40
N MET K 21 82.47 42.59 25.22
CA MET K 21 82.17 43.12 26.54
C MET K 21 83.10 42.58 27.61
N GLY K 22 84.06 41.73 27.24
CA GLY K 22 85.09 41.27 28.17
C GLY K 22 84.62 40.39 29.31
N LEU K 23 83.77 39.41 29.02
CA LEU K 23 83.34 38.43 30.02
C LEU K 23 84.01 37.10 29.76
N GLU K 24 84.32 36.37 30.85
CA GLU K 24 85.15 35.17 30.73
C GLU K 24 84.43 34.08 29.94
N ASN K 25 83.14 33.87 30.17
CA ASN K 25 82.40 32.88 29.40
C ASN K 25 80.90 33.18 29.49
N LEU K 26 80.27 33.34 28.33
CA LEU K 26 78.82 33.56 28.27
C LEU K 26 78.18 32.79 27.12
N ALA K 27 78.78 31.66 26.73
CA ALA K 27 78.30 30.90 25.58
C ALA K 27 77.35 29.78 26.01
N ARG K 28 77.82 28.87 26.86
CA ARG K 28 77.10 27.63 27.15
C ARG K 28 76.13 27.82 28.31
N MET K 29 75.04 28.53 28.02
CA MET K 29 73.91 28.64 28.95
C MET K 29 72.74 29.27 28.18
N ARG K 30 71.64 29.49 28.91
CA ARG K 30 70.42 30.00 28.31
C ARG K 30 70.62 31.45 27.85
N LYS K 31 69.79 31.84 26.87
CA LYS K 31 69.83 33.21 26.36
C LYS K 31 69.48 34.21 27.45
N GLN K 32 68.54 33.85 28.33
CA GLN K 32 68.17 34.74 29.42
C GLN K 32 69.34 34.98 30.36
N ASP K 33 70.11 33.93 30.65
CA ASP K 33 71.30 34.10 31.49
C ASP K 33 72.35 34.96 30.80
N ILE K 34 72.49 34.82 29.48
CA ILE K 34 73.43 35.67 28.74
C ILE K 34 73.02 37.12 28.84
N ILE K 35 71.73 37.40 28.66
CA ILE K 35 71.24 38.77 28.77
C ILE K 35 71.44 39.30 30.19
N PHE K 36 71.20 38.46 31.19
CA PHE K 36 71.40 38.86 32.59
C PHE K 36 72.86 39.23 32.84
N ALA K 37 73.79 38.42 32.35
CA ALA K 37 75.21 38.70 32.55
C ALA K 37 75.63 39.98 31.83
N ILE K 38 75.14 40.17 30.60
CA ILE K 38 75.46 41.39 29.85
C ILE K 38 74.96 42.62 30.59
N LEU K 39 73.71 42.57 31.06
CA LEU K 39 73.15 43.70 31.79
C LEU K 39 73.91 43.95 33.08
N LYS K 40 74.30 42.89 33.79
CA LYS K 40 75.06 43.05 35.03
C LYS K 40 76.39 43.73 34.78
N GLN K 41 77.12 43.30 33.74
CA GLN K 41 78.44 43.90 33.51
C GLN K 41 78.29 45.32 32.99
N HIS K 42 77.25 45.59 32.19
CA HIS K 42 77.01 46.96 31.73
C HIS K 42 76.65 47.88 32.89
N ALA K 43 75.88 47.37 33.85
CA ALA K 43 75.59 48.16 35.05
C ALA K 43 76.85 48.38 35.87
N LYS K 44 77.72 47.37 35.95
CA LYS K 44 79.00 47.55 36.63
C LYS K 44 79.85 48.60 35.91
N SER K 45 79.67 48.76 34.60
CA SER K 45 80.37 49.81 33.87
C SER K 45 79.94 51.19 34.33
N GLY K 46 78.72 51.32 34.86
CA GLY K 46 78.24 52.58 35.41
C GLY K 46 77.30 53.37 34.53
N GLU K 47 76.88 52.83 33.38
CA GLU K 47 76.00 53.55 32.48
C GLU K 47 74.54 53.24 32.79
N ASP K 48 73.69 54.25 32.63
CA ASP K 48 72.26 54.07 32.85
C ASP K 48 71.66 53.17 31.76
N ILE K 49 70.64 52.40 32.15
CA ILE K 49 70.01 51.43 31.28
C ILE K 49 68.50 51.62 31.33
N PHE K 50 67.88 51.64 30.15
CA PHE K 50 66.43 51.67 30.05
C PHE K 50 65.85 50.29 30.37
N GLY K 51 64.54 50.25 30.61
CA GLY K 51 63.86 48.99 30.80
C GLY K 51 62.40 49.13 30.45
N ASP K 52 61.79 48.03 30.04
CA ASP K 52 60.38 48.04 29.66
C ASP K 52 59.83 46.62 29.72
N GLY K 53 58.51 46.53 29.74
CA GLY K 53 57.85 45.23 29.72
C GLY K 53 56.43 45.33 30.22
N VAL K 54 55.93 44.18 30.69
CA VAL K 54 54.56 44.05 31.18
C VAL K 54 54.62 43.65 32.65
N LEU K 55 53.86 44.34 33.48
CA LEU K 55 53.90 44.16 34.92
C LEU K 55 52.87 43.14 35.38
N GLU K 56 53.22 42.40 36.43
CA GLU K 56 52.35 41.40 37.03
C GLU K 56 52.58 41.40 38.54
N ILE K 57 51.51 41.20 39.30
CA ILE K 57 51.56 41.21 40.75
C ILE K 57 51.10 39.87 41.29
N LEU K 58 51.84 39.35 42.27
CA LEU K 58 51.47 38.09 42.91
C LEU K 58 50.39 38.36 43.95
N GLN K 59 50.09 37.35 44.78
CA GLN K 59 49.08 37.50 45.82
C GLN K 59 49.53 38.42 46.95
N ASP K 60 50.82 38.74 47.04
CA ASP K 60 51.35 39.60 48.10
C ASP K 60 51.98 40.87 47.55
N GLY K 61 51.71 41.22 46.30
CA GLY K 61 52.29 42.41 45.71
C GLY K 61 53.72 42.28 45.27
N PHE K 62 54.29 41.07 45.30
CA PHE K 62 55.68 40.85 44.91
C PHE K 62 55.77 40.94 43.39
N GLY K 63 56.03 42.14 42.88
CA GLY K 63 55.80 42.41 41.46
C GLY K 63 56.92 41.93 40.56
N PHE K 64 56.54 41.26 39.47
CA PHE K 64 57.44 40.91 38.40
C PHE K 64 57.14 41.76 37.17
N LEU K 65 58.13 41.87 36.30
CA LEU K 65 57.97 42.54 35.01
C LEU K 65 58.59 41.65 33.94
N ARG K 66 57.74 41.09 33.08
CA ARG K 66 58.16 40.18 32.03
C ARG K 66 58.28 40.92 30.69
N SER K 67 58.80 40.20 29.70
CA SER K 67 58.97 40.73 28.35
C SER K 67 58.14 39.91 27.38
N ALA K 68 57.49 40.60 26.43
CA ALA K 68 56.65 39.92 25.46
C ALA K 68 57.47 39.08 24.48
N ASP K 69 58.70 39.50 24.20
CA ASP K 69 59.54 38.76 23.26
C ASP K 69 59.86 37.37 23.79
N SER K 70 60.13 37.26 25.09
CA SER K 70 60.47 35.98 25.69
C SER K 70 59.25 35.12 26.02
N SER K 71 58.08 35.47 25.48
CA SER K 71 56.84 34.72 25.70
C SER K 71 56.51 34.61 27.19
N TYR K 72 56.83 35.67 27.95
CA TYR K 72 56.51 35.76 29.37
C TYR K 72 57.13 34.62 30.18
N LEU K 73 58.35 34.23 29.81
CA LEU K 73 59.11 33.30 30.63
C LEU K 73 59.52 33.94 31.94
N ALA K 74 59.62 33.13 32.99
CA ALA K 74 60.08 33.59 34.30
C ALA K 74 61.59 33.58 34.37
N GLY K 75 62.21 34.32 33.44
CA GLY K 75 63.65 34.38 33.36
C GLY K 75 64.27 35.25 34.43
N PRO K 76 65.58 35.09 34.64
CA PRO K 76 66.26 35.91 35.65
C PRO K 76 66.29 37.39 35.32
N ASP K 77 66.06 37.77 34.06
CA ASP K 77 66.11 39.16 33.64
C ASP K 77 64.80 39.90 33.89
N ASP K 78 63.78 39.22 34.41
CA ASP K 78 62.52 39.89 34.71
C ASP K 78 62.73 40.95 35.79
N ILE K 79 62.15 42.12 35.57
CA ILE K 79 62.42 43.29 36.43
C ILE K 79 61.63 43.16 37.72
N TYR K 80 62.30 43.35 38.85
CA TYR K 80 61.62 43.40 40.13
C TYR K 80 60.83 44.69 40.27
N VAL K 81 59.65 44.60 40.89
CA VAL K 81 58.79 45.75 41.14
C VAL K 81 58.25 45.62 42.56
N SER K 82 58.65 46.54 43.44
CA SER K 82 58.20 46.55 44.82
C SER K 82 56.78 47.11 44.92
N PRO K 83 56.03 46.72 45.95
CA PRO K 83 54.67 47.26 46.12
C PRO K 83 54.63 48.75 46.39
N SER K 84 55.76 49.36 46.79
CA SER K 84 55.75 50.77 47.15
C SER K 84 55.34 51.65 45.97
N GLN K 85 56.01 51.49 44.83
CA GLN K 85 55.63 52.28 43.65
C GLN K 85 54.30 51.84 43.08
N ILE K 86 53.93 50.56 43.29
CA ILE K 86 52.64 50.08 42.84
C ILE K 86 51.52 50.84 43.53
N ARG K 87 51.61 50.99 44.86
CA ARG K 87 50.62 51.77 45.58
C ARG K 87 50.79 53.27 45.39
N ARG K 88 52.00 53.72 45.05
CA ARG K 88 52.22 55.15 44.85
C ARG K 88 51.57 55.63 43.56
N PHE K 89 51.73 54.88 42.46
CA PHE K 89 51.23 55.29 41.16
C PHE K 89 50.02 54.48 40.70
N ASN K 90 49.49 53.61 41.55
CA ASN K 90 48.26 52.86 41.28
C ASN K 90 48.40 52.01 40.01
N LEU K 91 49.31 51.05 40.08
CA LEU K 91 49.57 50.12 38.99
C LEU K 91 48.97 48.75 39.29
N ARG K 92 48.58 48.06 38.22
CA ARG K 92 47.97 46.73 38.33
C ARG K 92 48.50 45.86 37.20
N THR K 93 48.04 44.61 37.17
CA THR K 93 48.52 43.64 36.19
C THR K 93 48.08 44.04 34.78
N GLY K 94 48.96 43.78 33.81
CA GLY K 94 48.65 44.03 32.42
C GLY K 94 49.03 45.40 31.90
N ASP K 95 49.69 46.22 32.71
CA ASP K 95 50.06 47.57 32.30
C ASP K 95 51.47 47.57 31.72
N THR K 96 51.61 48.11 30.51
CA THR K 96 52.91 48.26 29.90
C THR K 96 53.70 49.35 30.62
N ILE K 97 54.93 49.03 31.01
CA ILE K 97 55.75 49.90 31.85
C ILE K 97 57.08 50.11 31.17
N SER K 98 57.62 51.33 31.26
CA SER K 98 59.00 51.56 30.82
C SER K 98 59.58 52.73 31.60
N GLY K 99 60.90 52.65 31.82
CA GLY K 99 61.61 53.72 32.49
C GLY K 99 62.98 53.23 32.96
N LYS K 100 63.54 53.98 33.91
CA LYS K 100 64.81 53.62 34.51
C LYS K 100 64.66 52.35 35.35
N ILE K 101 65.69 51.51 35.32
CA ILE K 101 65.72 50.27 36.09
C ILE K 101 66.97 50.26 36.95
N ARG K 102 66.81 49.83 38.22
CA ARG K 102 67.91 49.79 39.16
C ARG K 102 68.66 48.46 39.05
N PRO K 103 69.97 48.47 38.85
CA PRO K 103 70.71 47.21 38.88
C PRO K 103 70.62 46.56 40.24
N PRO K 104 70.58 45.23 40.29
CA PRO K 104 70.49 44.54 41.59
C PRO K 104 71.76 44.72 42.40
N LYS K 105 71.59 44.73 43.71
CA LYS K 105 72.70 44.81 44.67
C LYS K 105 72.74 43.53 45.49
N GLU K 106 73.65 43.49 46.45
CA GLU K 106 73.77 42.33 47.33
C GLU K 106 72.47 42.12 48.11
N GLY K 107 72.05 40.86 48.19
CA GLY K 107 70.80 40.50 48.85
C GLY K 107 69.66 40.20 47.91
N GLU K 108 69.78 40.56 46.64
CA GLU K 108 68.75 40.27 45.64
C GLU K 108 69.42 39.93 44.33
N ARG K 109 68.69 39.21 43.48
CA ARG K 109 69.20 38.77 42.18
C ARG K 109 68.35 39.25 41.01
N TYR K 110 67.38 40.13 41.26
CA TYR K 110 66.50 40.63 40.22
C TYR K 110 66.71 42.13 40.03
N PHE K 111 66.70 42.56 38.78
CA PHE K 111 66.83 43.98 38.47
C PHE K 111 65.63 44.74 39.01
N ALA K 112 65.90 45.84 39.72
CA ALA K 112 64.85 46.66 40.30
C ALA K 112 64.48 47.79 39.34
N LEU K 113 63.52 48.61 39.75
CA LEU K 113 63.03 49.72 38.96
C LEU K 113 63.40 51.03 39.64
N LEU K 114 64.13 51.89 38.92
CA LEU K 114 64.51 53.18 39.49
C LEU K 114 63.38 54.20 39.38
N LYS K 115 62.96 54.50 38.15
CA LYS K 115 61.90 55.49 37.93
C LYS K 115 61.23 55.19 36.59
N VAL K 116 59.92 54.98 36.63
CA VAL K 116 59.15 54.77 35.41
C VAL K 116 59.07 56.08 34.63
N ASN K 117 59.28 56.00 33.33
CA ASN K 117 59.15 57.18 32.49
C ASN K 117 57.85 57.21 31.68
N GLU K 118 57.25 56.06 31.39
CA GLU K 118 55.92 56.05 30.80
C GLU K 118 55.24 54.73 31.10
N VAL K 119 53.90 54.77 31.05
CA VAL K 119 53.05 53.63 31.34
C VAL K 119 52.02 53.53 30.22
N ASN K 120 51.95 52.36 29.59
CA ASN K 120 50.97 52.08 28.53
C ASN K 120 51.04 53.11 27.42
N PHE K 121 52.27 53.47 27.03
CA PHE K 121 52.51 54.46 25.97
C PHE K 121 51.81 55.79 26.30
N ASP K 122 51.88 56.19 27.57
CA ASP K 122 51.21 57.40 28.02
C ASP K 122 51.93 57.92 29.26
N LYS K 123 51.60 59.15 29.63
CA LYS K 123 52.18 59.76 30.83
C LYS K 123 51.79 58.94 32.07
N PRO K 124 52.72 58.65 32.97
CA PRO K 124 52.37 57.80 34.12
C PRO K 124 51.23 58.33 34.97
N GLU K 125 51.16 59.64 35.18
CA GLU K 125 50.06 60.21 35.96
C GLU K 125 48.80 60.42 35.13
N ASN K 126 48.92 60.42 33.80
CA ASN K 126 47.74 60.55 32.96
C ASN K 126 46.94 59.24 32.93
N ALA K 127 47.63 58.10 32.84
CA ALA K 127 46.97 56.81 32.81
C ALA K 127 46.35 56.42 34.14
N ARG K 128 46.70 57.11 35.23
CA ARG K 128 46.10 56.79 36.52
C ARG K 128 44.60 57.05 36.52
N ASN K 129 44.17 58.16 35.91
CA ASN K 129 42.75 58.53 35.88
C ASN K 129 42.05 57.79 34.74
N LYS K 130 41.96 56.48 34.90
CA LYS K 130 41.29 55.63 33.93
C LYS K 130 40.40 54.63 34.65
N ILE K 131 39.22 54.40 34.11
CA ILE K 131 38.27 53.46 34.70
C ILE K 131 38.58 52.05 34.22
N LEU K 132 38.08 51.07 34.96
CA LEU K 132 38.39 49.68 34.68
C LEU K 132 37.57 49.15 33.50
N PHE K 133 37.98 47.98 33.00
CA PHE K 133 37.38 47.42 31.80
C PHE K 133 35.91 47.09 31.99
N GLU K 134 35.55 46.52 33.14
CA GLU K 134 34.17 46.09 33.36
C GLU K 134 33.21 47.24 33.60
N ASN K 135 33.72 48.46 33.80
CA ASN K 135 32.89 49.61 34.07
C ASN K 135 32.38 50.31 32.81
N LEU K 136 32.81 49.86 31.63
CA LEU K 136 32.38 50.51 30.40
C LEU K 136 31.03 49.96 29.94
N THR K 137 30.39 50.71 29.04
CA THR K 137 29.11 50.30 28.47
C THR K 137 29.32 49.86 27.03
N PRO K 138 29.27 48.56 26.74
CA PRO K 138 29.52 48.10 25.38
C PRO K 138 28.29 48.25 24.48
N LEU K 139 28.57 48.24 23.17
CA LEU K 139 27.52 48.15 22.15
C LEU K 139 27.89 47.11 21.11
N HIS K 140 27.11 47.01 20.04
CA HIS K 140 27.40 46.04 18.99
C HIS K 140 28.61 46.48 18.18
N ALA K 141 28.97 45.66 17.19
CA ALA K 141 30.10 45.96 16.32
C ALA K 141 29.68 47.04 15.33
N ASN K 142 30.16 48.26 15.56
CA ASN K 142 29.80 49.39 14.70
C ASN K 142 30.76 49.53 13.53
N SER K 143 32.06 49.48 13.79
CA SER K 143 33.07 49.59 12.74
C SER K 143 33.30 48.23 12.09
N ARG K 144 33.27 48.20 10.76
CA ARG K 144 33.44 46.97 10.02
C ARG K 144 34.91 46.80 9.62
N LEU K 145 35.47 45.64 9.93
CA LEU K 145 36.85 45.30 9.57
C LEU K 145 36.81 44.45 8.31
N ARG K 146 37.04 45.10 7.17
CA ARG K 146 37.02 44.38 5.89
C ARG K 146 38.23 43.48 5.79
N MET K 147 38.00 42.22 5.44
CA MET K 147 39.07 41.23 5.38
C MET K 147 39.81 41.22 4.05
N GLU K 148 39.20 41.78 3.01
CA GLU K 148 39.80 41.76 1.68
C GLU K 148 40.96 42.75 1.58
N ARG K 149 42.09 42.30 1.04
CA ARG K 149 43.24 43.18 0.86
C ARG K 149 43.00 44.16 -0.27
N GLY K 150 42.46 43.70 -1.39
CA GLY K 150 42.30 44.49 -2.58
C GLY K 150 43.40 44.35 -3.60
N ASN K 151 44.50 43.66 -3.26
CA ASN K 151 45.61 43.47 -4.17
C ASN K 151 45.45 42.25 -5.06
N GLY K 152 44.42 41.45 -4.86
CA GLY K 152 44.20 40.27 -5.68
C GLY K 152 45.26 39.20 -5.55
N SER K 153 45.67 38.91 -4.32
CA SER K 153 46.67 37.87 -4.09
C SER K 153 46.12 36.49 -4.45
N THR K 154 47.02 35.61 -4.87
CA THR K 154 46.60 34.26 -5.27
C THR K 154 46.09 33.45 -4.09
N GLU K 155 46.53 33.78 -2.87
CA GLU K 155 46.08 33.10 -1.67
C GLU K 155 45.06 33.92 -0.88
N ASP K 156 44.60 35.04 -1.43
CA ASP K 156 43.63 35.90 -0.76
C ASP K 156 42.21 35.37 -0.85
N LEU K 157 42.01 34.13 -1.31
CA LEU K 157 40.67 33.59 -1.45
C LEU K 157 39.99 33.45 -0.10
N THR K 158 40.74 33.05 0.93
CA THR K 158 40.14 32.80 2.24
C THR K 158 39.53 34.07 2.82
N ALA K 159 40.27 35.17 2.80
CA ALA K 159 39.76 36.42 3.37
C ALA K 159 38.55 36.93 2.60
N ARG K 160 38.58 36.80 1.27
CA ARG K 160 37.48 37.32 0.46
C ARG K 160 36.21 36.47 0.64
N VAL K 161 36.35 35.15 0.69
CA VAL K 161 35.19 34.31 0.94
C VAL K 161 34.70 34.49 2.38
N LEU K 162 35.59 34.83 3.31
CA LEU K 162 35.16 35.13 4.67
C LEU K 162 34.36 36.43 4.73
N ASP K 163 34.78 37.43 3.96
CA ASP K 163 33.98 38.65 3.82
C ASP K 163 32.63 38.35 3.22
N LEU K 164 32.59 37.51 2.18
CA LEU K 164 31.33 37.11 1.58
C LEU K 164 30.50 36.22 2.51
N ALA K 165 31.11 35.67 3.55
CA ALA K 165 30.43 34.74 4.44
C ALA K 165 30.19 35.33 5.84
N SER K 166 31.24 35.76 6.52
CA SER K 166 31.14 36.24 7.90
C SER K 166 31.85 37.58 8.03
N PRO K 167 31.11 38.68 7.93
CA PRO K 167 31.72 40.00 8.16
C PRO K 167 32.30 40.10 9.57
N ILE K 168 33.43 40.77 9.68
CA ILE K 168 34.17 40.90 10.94
C ILE K 168 34.15 42.37 11.34
N GLY K 169 33.79 42.65 12.59
CA GLY K 169 33.74 44.00 13.08
C GLY K 169 34.50 44.14 14.39
N ARG K 170 34.78 45.39 14.73
CA ARG K 170 35.50 45.68 15.97
C ARG K 170 34.64 45.34 17.18
N GLY K 171 35.28 44.75 18.19
CA GLY K 171 34.56 44.38 19.40
C GLY K 171 33.65 43.19 19.24
N GLN K 172 33.87 42.35 18.24
CA GLN K 172 33.02 41.21 17.98
C GLN K 172 33.44 40.02 18.84
N ARG K 173 32.73 38.90 18.69
CA ARG K 173 33.02 37.70 19.45
C ARG K 173 32.69 36.50 18.57
N GLY K 174 33.72 35.83 18.07
CA GLY K 174 33.53 34.80 17.06
C GLY K 174 34.12 33.47 17.48
N LEU K 175 33.48 32.41 16.98
CA LEU K 175 33.94 31.04 17.16
C LEU K 175 34.32 30.47 15.79
N ILE K 176 35.43 29.74 15.76
CA ILE K 176 35.86 29.02 14.57
C ILE K 176 35.82 27.54 14.91
N VAL K 177 35.01 26.78 14.17
CA VAL K 177 34.80 25.36 14.42
C VAL K 177 35.46 24.58 13.30
N ALA K 178 36.37 23.68 13.67
CA ALA K 178 37.11 22.94 12.68
C ALA K 178 37.59 21.60 13.24
N PRO K 179 37.39 20.50 12.52
CA PRO K 179 38.01 19.23 12.91
C PRO K 179 39.50 19.27 12.66
N PRO K 180 40.26 18.31 13.19
CA PRO K 180 41.70 18.29 12.93
C PRO K 180 42.00 18.20 11.44
N LYS K 181 43.07 18.88 11.03
CA LYS K 181 43.52 18.93 9.64
C LYS K 181 42.45 19.57 8.75
N ALA K 182 42.07 20.79 9.10
CA ALA K 182 41.10 21.56 8.34
C ALA K 182 41.63 22.92 7.92
N GLY K 183 42.91 23.21 8.15
CA GLY K 183 43.48 24.47 7.74
C GLY K 183 43.04 25.66 8.56
N LYS K 184 42.67 25.44 9.83
CA LYS K 184 42.25 26.56 10.67
C LYS K 184 43.41 27.48 11.01
N THR K 185 44.60 26.91 11.27
CA THR K 185 45.75 27.71 11.67
C THR K 185 46.17 28.67 10.56
N MET K 186 46.22 28.18 9.32
CA MET K 186 46.59 29.04 8.21
C MET K 186 45.56 30.14 8.01
N LEU K 187 44.28 29.83 8.21
CA LEU K 187 43.26 30.88 8.19
C LEU K 187 43.51 31.90 9.29
N LEU K 188 44.00 31.44 10.44
CA LEU K 188 44.30 32.36 11.54
C LEU K 188 45.39 33.35 11.15
N GLN K 189 46.50 32.85 10.58
CA GLN K 189 47.52 33.84 10.21
C GLN K 189 47.13 34.63 8.98
N ASN K 190 46.25 34.10 8.12
CA ASN K 190 45.72 34.92 7.03
C ASN K 190 44.92 36.09 7.57
N ILE K 191 44.06 35.84 8.57
CA ILE K 191 43.32 36.93 9.21
C ILE K 191 44.28 37.90 9.86
N ALA K 192 45.30 37.39 10.55
CA ALA K 192 46.26 38.26 11.22
C ALA K 192 46.96 39.18 10.23
N GLN K 193 47.50 38.62 9.15
CA GLN K 193 48.23 39.44 8.20
C GLN K 193 47.30 40.36 7.40
N SER K 194 46.05 39.94 7.17
CA SER K 194 45.11 40.82 6.47
C SER K 194 44.72 42.01 7.34
N ILE K 195 44.55 41.78 8.65
CA ILE K 195 44.34 42.91 9.56
C ILE K 195 45.56 43.81 9.59
N ALA K 196 46.76 43.22 9.64
CA ALA K 196 47.98 44.02 9.67
C ALA K 196 48.14 44.84 8.39
N TYR K 197 47.64 44.33 7.26
CA TYR K 197 47.75 45.03 5.99
C TYR K 197 46.68 46.12 5.86
N ASN K 198 45.41 45.75 6.04
CA ASN K 198 44.32 46.70 5.87
C ASN K 198 44.21 47.67 7.03
N HIS K 199 44.45 47.20 8.26
CA HIS K 199 44.23 47.99 9.47
C HIS K 199 45.49 47.99 10.31
N PRO K 200 46.51 48.76 9.92
CA PRO K 200 47.73 48.83 10.73
C PRO K 200 47.56 49.61 12.02
N ASP K 201 46.49 50.40 12.15
CA ASP K 201 46.31 51.23 13.35
C ASP K 201 46.00 50.38 14.57
N CYS K 202 45.09 49.40 14.43
CA CYS K 202 44.67 48.62 15.57
C CYS K 202 45.79 47.71 16.06
N VAL K 203 45.89 47.55 17.38
CA VAL K 203 46.91 46.69 17.97
C VAL K 203 46.56 45.24 17.71
N LEU K 204 47.54 44.48 17.23
CA LEU K 204 47.34 43.08 16.88
C LEU K 204 48.08 42.20 17.88
N MET K 205 47.36 41.28 18.50
CA MET K 205 47.94 40.27 19.37
C MET K 205 47.43 38.89 18.95
N VAL K 206 48.33 37.92 18.94
CA VAL K 206 47.99 36.56 18.54
C VAL K 206 48.52 35.61 19.61
N LEU K 207 47.62 34.80 20.18
CA LEU K 207 47.96 33.90 21.27
C LEU K 207 47.96 32.46 20.77
N LEU K 208 49.05 31.74 21.06
CA LEU K 208 49.18 30.32 20.74
C LEU K 208 49.45 29.54 22.01
N ILE K 209 48.74 28.43 22.18
CA ILE K 209 48.97 27.54 23.31
C ILE K 209 49.15 26.12 22.79
N ASP K 210 49.98 25.35 23.51
CA ASP K 210 50.30 23.94 23.27
C ASP K 210 50.44 23.58 21.80
N GLU K 211 51.05 24.46 21.02
CA GLU K 211 51.35 24.19 19.62
C GLU K 211 52.81 23.82 19.44
N ARG K 212 53.11 23.25 18.28
CA ARG K 212 54.46 22.80 17.99
C ARG K 212 55.38 24.00 17.79
N PRO K 213 56.67 23.85 18.13
CA PRO K 213 57.61 24.94 17.88
C PRO K 213 57.69 25.36 16.42
N GLU K 214 57.48 24.42 15.49
CA GLU K 214 57.46 24.76 14.07
C GLU K 214 56.33 25.75 13.77
N GLU K 215 55.13 25.45 14.27
CA GLU K 215 54.00 26.36 14.07
C GLU K 215 54.26 27.69 14.76
N VAL K 216 54.88 27.67 15.94
CA VAL K 216 55.18 28.91 16.64
C VAL K 216 56.11 29.80 15.82
N THR K 217 57.19 29.20 15.29
CA THR K 217 58.14 29.96 14.47
C THR K 217 57.45 30.50 13.23
N GLU K 218 56.61 29.70 12.59
CA GLU K 218 55.84 30.20 11.46
C GLU K 218 54.92 31.35 11.87
N MET K 219 54.41 31.32 13.10
CA MET K 219 53.58 32.42 13.58
C MET K 219 54.39 33.70 13.71
N GLN K 220 55.59 33.63 14.29
CA GLN K 220 56.41 34.85 14.37
C GLN K 220 56.79 35.35 12.98
N ARG K 221 57.13 34.43 12.07
CA ARG K 221 57.58 34.87 10.74
C ARG K 221 56.44 35.45 9.92
N LEU K 222 55.23 34.90 10.05
CA LEU K 222 54.12 35.28 9.19
C LEU K 222 53.25 36.39 9.76
N VAL K 223 53.53 36.86 10.97
CA VAL K 223 52.75 37.92 11.59
C VAL K 223 53.69 39.09 11.89
N LYS K 224 53.41 40.25 11.29
CA LYS K 224 54.22 41.43 11.54
C LYS K 224 54.10 41.90 12.99
N GLY K 225 52.89 41.88 13.54
CA GLY K 225 52.70 42.24 14.92
C GLY K 225 53.27 41.19 15.86
N GLU K 226 53.53 41.62 17.10
CA GLU K 226 54.10 40.71 18.09
C GLU K 226 53.10 39.62 18.46
N VAL K 227 53.60 38.40 18.59
CA VAL K 227 52.78 37.21 18.82
C VAL K 227 53.32 36.47 20.03
N VAL K 228 52.42 36.04 20.92
CA VAL K 228 52.78 35.29 22.10
C VAL K 228 52.42 33.82 21.88
N ALA K 229 53.32 32.93 22.27
CA ALA K 229 53.12 31.50 22.02
C ALA K 229 53.79 30.70 23.12
N SER K 230 53.00 29.92 23.84
CA SER K 230 53.49 28.98 24.86
C SER K 230 53.25 27.57 24.35
N THR K 231 54.32 26.80 24.22
CA THR K 231 54.25 25.47 23.61
C THR K 231 53.70 24.47 24.63
N PHE K 232 53.74 23.18 24.27
CA PHE K 232 53.24 22.12 25.12
C PHE K 232 54.28 21.59 26.10
N ASP K 233 55.52 22.07 26.03
CA ASP K 233 56.56 21.57 26.91
C ASP K 233 56.26 21.90 28.37
N GLU K 234 55.97 23.16 28.65
CA GLU K 234 55.66 23.57 30.01
C GLU K 234 54.27 23.06 30.41
N PRO K 235 54.03 22.87 31.72
CA PRO K 235 52.71 22.38 32.16
C PRO K 235 51.60 23.40 31.98
N ALA K 236 50.39 23.04 32.40
CA ALA K 236 49.23 23.90 32.19
C ALA K 236 49.30 25.19 33.02
N SER K 237 50.10 25.21 34.09
CA SER K 237 50.19 26.40 34.93
C SER K 237 50.73 27.58 34.14
N ARG K 238 51.77 27.35 33.33
CA ARG K 238 52.29 28.45 32.52
C ARG K 238 51.31 28.85 31.43
N HIS K 239 50.54 27.90 30.90
CA HIS K 239 49.49 28.25 29.95
C HIS K 239 48.48 29.19 30.60
N VAL K 240 48.07 28.87 31.82
CA VAL K 240 47.11 29.72 32.54
C VAL K 240 47.70 31.10 32.77
N GLN K 241 48.96 31.16 33.24
CA GLN K 241 49.54 32.45 33.57
C GLN K 241 49.74 33.31 32.33
N VAL K 242 50.15 32.71 31.21
CA VAL K 242 50.33 33.49 29.99
C VAL K 242 48.98 33.97 29.45
N ALA K 243 47.94 33.13 29.56
CA ALA K 243 46.61 33.56 29.13
C ALA K 243 46.12 34.74 29.97
N GLU K 244 46.29 34.67 31.29
CA GLU K 244 45.89 35.79 32.13
C GLU K 244 46.72 37.03 31.82
N MET K 245 48.02 36.87 31.56
CA MET K 245 48.86 38.01 31.22
C MET K 245 48.36 38.69 29.96
N VAL K 246 48.04 37.89 28.92
CA VAL K 246 47.58 38.46 27.66
C VAL K 246 46.24 39.16 27.85
N ILE K 247 45.31 38.54 28.57
CA ILE K 247 43.99 39.14 28.71
C ILE K 247 44.06 40.42 29.54
N GLU K 248 44.91 40.44 30.58
CA GLU K 248 45.08 41.66 31.36
C GLU K 248 45.76 42.75 30.56
N LYS K 249 46.74 42.39 29.73
CA LYS K 249 47.38 43.39 28.87
C LYS K 249 46.36 44.00 27.91
N ALA K 250 45.53 43.16 27.29
CA ALA K 250 44.50 43.69 26.39
C ALA K 250 43.51 44.58 27.13
N LYS K 251 43.10 44.15 28.33
CA LYS K 251 42.14 44.93 29.11
C LYS K 251 42.72 46.29 29.50
N ARG K 252 44.00 46.33 29.90
CA ARG K 252 44.61 47.59 30.25
C ARG K 252 44.85 48.47 29.03
N LEU K 253 45.11 47.86 27.87
CA LEU K 253 45.38 48.64 26.67
C LEU K 253 44.11 49.22 26.06
N VAL K 254 42.96 48.54 26.23
CA VAL K 254 41.76 48.99 25.55
C VAL K 254 41.26 50.33 26.08
N GLU K 255 41.49 50.64 27.36
CA GLU K 255 41.00 51.89 27.91
C GLU K 255 41.69 53.11 27.31
N HIS K 256 42.84 52.92 26.66
CA HIS K 256 43.57 54.03 26.05
C HIS K 256 43.04 54.39 24.67
N LYS K 257 41.81 54.00 24.34
CA LYS K 257 41.18 54.28 23.05
C LYS K 257 41.94 53.59 21.91
N LYS K 258 42.40 52.37 22.16
CA LYS K 258 43.07 51.55 21.16
C LYS K 258 42.20 50.35 20.84
N ASP K 259 42.03 50.09 19.54
CA ASP K 259 41.30 48.90 19.09
C ASP K 259 42.25 47.71 19.10
N VAL K 260 41.93 46.70 19.91
CA VAL K 260 42.78 45.53 20.08
C VAL K 260 41.96 44.29 19.75
N ILE K 261 42.50 43.43 18.89
CA ILE K 261 41.90 42.15 18.55
C ILE K 261 42.91 41.06 18.87
N ILE K 262 42.45 39.97 19.47
CA ILE K 262 43.36 38.90 19.87
C ILE K 262 42.86 37.55 19.40
N LEU K 263 43.79 36.76 18.87
CA LEU K 263 43.57 35.42 18.33
C LEU K 263 43.67 34.38 19.44
N LEU K 264 42.99 33.24 19.24
CA LEU K 264 43.04 32.16 20.22
C LEU K 264 43.09 30.81 19.52
N ASP K 265 44.19 30.08 19.75
CA ASP K 265 44.49 28.75 19.21
C ASP K 265 44.97 27.88 20.37
N SER K 266 44.03 27.21 21.05
CA SER K 266 42.60 27.23 20.81
C SER K 266 41.85 27.29 22.14
N ILE K 267 40.55 27.60 22.08
CA ILE K 267 39.77 27.73 23.32
C ILE K 267 39.65 26.39 24.03
N THR K 268 39.55 25.28 23.29
CA THR K 268 39.37 23.98 23.91
C THR K 268 40.55 23.61 24.78
N ARG K 269 41.78 23.82 24.28
CA ARG K 269 42.96 23.47 25.06
C ARG K 269 43.11 24.37 26.28
N LEU K 270 42.76 25.66 26.14
CA LEU K 270 42.79 26.55 27.29
C LEU K 270 41.79 26.12 28.34
N ALA K 271 40.59 25.71 27.92
CA ALA K 271 39.59 25.21 28.86
C ALA K 271 40.08 23.95 29.55
N ARG K 272 40.71 23.05 28.82
CA ARG K 272 41.25 21.83 29.44
C ARG K 272 42.35 22.16 30.43
N ALA K 273 43.21 23.13 30.11
CA ALA K 273 44.25 23.55 31.03
C ALA K 273 43.66 24.14 32.30
N TYR K 274 42.63 24.98 32.16
CA TYR K 274 41.95 25.52 33.34
C TYR K 274 41.31 24.41 34.16
N ASN K 275 40.74 23.40 33.49
CA ASN K 275 40.14 22.29 34.21
C ASN K 275 41.19 21.50 35.00
N THR K 276 42.35 21.28 34.40
CA THR K 276 43.38 20.46 35.04
C THR K 276 44.30 21.25 35.98
N VAL K 277 44.17 22.57 36.04
CA VAL K 277 45.04 23.35 36.91
C VAL K 277 44.35 23.65 38.23
N VAL K 278 43.03 23.78 38.21
CA VAL K 278 42.27 24.17 39.40
C VAL K 278 42.00 22.93 40.26
N PRO K 279 41.84 23.08 41.57
CA PRO K 279 41.44 21.93 42.39
C PRO K 279 40.02 21.50 42.11
N ALA K 280 39.73 20.23 42.37
CA ALA K 280 38.40 19.71 42.15
C ALA K 280 37.40 20.36 43.10
N SER K 281 36.21 20.67 42.57
CA SER K 281 35.16 21.30 43.34
C SER K 281 34.20 20.31 43.97
N GLY K 282 34.41 19.01 43.78
CA GLY K 282 33.54 17.99 44.33
C GLY K 282 32.36 17.62 43.47
N LYS K 283 32.15 18.32 42.36
CA LYS K 283 31.04 18.03 41.45
C LYS K 283 31.56 18.22 40.02
N VAL K 284 31.70 17.13 39.28
CA VAL K 284 32.33 17.13 37.97
C VAL K 284 31.28 16.77 36.92
N LEU K 285 31.22 17.57 35.86
CA LEU K 285 30.30 17.30 34.75
C LEU K 285 30.73 16.05 33.99
N THR K 286 29.94 15.70 32.98
CA THR K 286 30.26 14.57 32.14
C THR K 286 31.53 14.84 31.33
N GLY K 287 32.26 13.76 31.03
CA GLY K 287 33.50 13.88 30.29
C GLY K 287 34.71 14.24 31.12
N GLY K 288 34.57 14.31 32.44
CA GLY K 288 35.70 14.63 33.29
C GLY K 288 36.08 16.08 33.33
N VAL K 289 35.12 16.99 33.14
CA VAL K 289 35.36 18.43 33.17
C VAL K 289 34.60 19.02 34.35
N ASP K 290 35.28 19.86 35.12
CA ASP K 290 34.68 20.48 36.29
C ASP K 290 33.83 21.67 35.88
N ALA K 291 32.62 21.76 36.41
CA ALA K 291 31.74 22.89 36.11
C ALA K 291 32.33 24.20 36.62
N ASN K 292 32.92 24.17 37.82
CA ASN K 292 33.55 25.37 38.37
C ASN K 292 34.71 25.81 37.49
N ALA K 293 35.47 24.86 36.95
CA ALA K 293 36.63 25.19 36.12
C ALA K 293 36.23 25.92 34.86
N LEU K 294 35.04 25.65 34.33
CA LEU K 294 34.58 26.28 33.10
C LEU K 294 34.29 27.77 33.28
N HIS K 295 34.27 28.26 34.51
CA HIS K 295 34.03 29.68 34.76
C HIS K 295 35.19 30.53 34.25
N ARG K 296 36.41 30.03 34.39
CA ARG K 296 37.59 30.80 33.96
C ARG K 296 37.61 31.06 32.45
N PRO K 297 37.35 30.07 31.57
CA PRO K 297 37.29 30.40 30.14
C PRO K 297 36.21 31.42 29.81
N LYS K 298 35.16 31.50 30.62
CA LYS K 298 34.18 32.57 30.45
C LYS K 298 34.80 33.93 30.73
N ARG K 299 35.63 34.02 31.77
CA ARG K 299 36.34 35.27 32.04
C ARG K 299 37.29 35.63 30.90
N PHE K 300 38.02 34.64 30.37
CA PHE K 300 38.91 34.93 29.25
C PHE K 300 38.15 35.25 27.97
N PHE K 301 36.92 34.77 27.85
CA PHE K 301 36.16 34.87 26.60
C PHE K 301 35.07 35.93 26.64
N GLY K 302 34.57 36.27 27.82
CA GLY K 302 33.50 37.25 27.93
C GLY K 302 33.92 38.70 27.81
N ALA K 303 35.21 38.97 27.68
CA ALA K 303 35.68 40.34 27.55
C ALA K 303 35.41 40.93 26.17
N ALA K 304 35.01 40.11 25.19
CA ALA K 304 34.78 40.58 23.83
C ALA K 304 33.61 41.55 23.82
N ARG K 305 33.92 42.84 23.61
CA ARG K 305 32.90 43.87 23.63
C ARG K 305 33.41 45.08 22.87
N ASN K 306 32.47 45.93 22.44
CA ASN K 306 32.78 47.15 21.70
C ASN K 306 32.41 48.34 22.58
N VAL K 307 33.42 48.99 23.16
CA VAL K 307 33.18 50.12 24.05
C VAL K 307 32.76 51.33 23.22
N GLU K 308 31.62 51.93 23.60
CA GLU K 308 31.15 53.12 22.89
C GLU K 308 31.82 54.40 23.37
N GLU K 309 32.46 54.37 24.55
CA GLU K 309 33.29 55.50 24.95
C GLU K 309 34.47 55.66 24.00
N GLY K 310 35.08 54.55 23.60
CA GLY K 310 36.22 54.57 22.70
C GLY K 310 37.02 53.29 22.80
N GLY K 311 37.50 52.79 21.66
CA GLY K 311 38.23 51.55 21.62
C GLY K 311 37.31 50.35 21.56
N SER K 312 37.91 49.19 21.33
CA SER K 312 37.15 47.94 21.21
C SER K 312 38.10 46.77 21.35
N LEU K 313 37.77 45.85 22.25
CA LEU K 313 38.52 44.61 22.42
C LEU K 313 37.75 43.48 21.76
N THR K 314 38.40 42.76 20.85
CA THR K 314 37.79 41.70 20.08
C THR K 314 38.47 40.38 20.40
N ILE K 315 37.65 39.37 20.69
CA ILE K 315 38.12 38.01 20.91
C ILE K 315 37.78 37.20 19.67
N ILE K 316 38.79 36.66 19.00
CA ILE K 316 38.57 35.70 17.92
C ILE K 316 39.27 34.41 18.30
N ALA K 317 38.56 33.29 18.20
CA ALA K 317 39.03 32.03 18.75
C ALA K 317 38.62 30.88 17.84
N THR K 318 39.35 29.77 17.96
CA THR K 318 38.99 28.56 17.23
C THR K 318 38.71 27.43 18.22
N ALA K 319 37.91 26.46 17.77
CA ALA K 319 37.55 25.30 18.56
C ALA K 319 37.76 24.03 17.75
N LEU K 320 38.11 22.96 18.45
CA LEU K 320 38.35 21.66 17.84
C LEU K 320 37.20 20.72 18.19
N ILE K 321 36.68 20.02 17.18
CA ILE K 321 35.61 19.05 17.37
C ILE K 321 36.00 17.76 16.66
N ASP K 322 35.35 16.67 17.07
CA ASP K 322 35.57 15.34 16.49
C ASP K 322 37.03 14.93 16.59
N THR K 323 37.66 15.23 17.72
CA THR K 323 39.06 14.88 17.95
C THR K 323 39.23 13.54 18.65
N GLY K 324 38.13 12.84 18.93
CA GLY K 324 38.20 11.56 19.60
C GLY K 324 38.06 11.61 21.11
N SER K 325 38.10 12.79 21.71
CA SER K 325 37.94 12.95 23.15
C SER K 325 36.46 13.06 23.50
N LYS K 326 36.18 13.29 24.77
CA LYS K 326 34.81 13.43 25.27
C LYS K 326 34.52 14.82 25.82
N MET K 327 35.48 15.43 26.50
CA MET K 327 35.24 16.74 27.12
C MET K 327 35.17 17.86 26.08
N ASP K 328 35.85 17.70 24.95
CA ASP K 328 35.88 18.76 23.95
C ASP K 328 34.50 19.01 23.34
N GLU K 329 33.74 17.94 23.11
CA GLU K 329 32.36 18.12 22.65
C GLU K 329 31.53 18.86 23.69
N VAL K 330 31.74 18.56 24.97
CA VAL K 330 31.02 19.24 26.03
C VAL K 330 31.34 20.73 26.02
N ILE K 331 32.63 21.07 25.88
CA ILE K 331 33.03 22.47 25.84
C ILE K 331 32.43 23.17 24.63
N TYR K 332 32.49 22.52 23.46
CA TYR K 332 31.93 23.11 22.25
C TYR K 332 30.43 23.36 22.40
N GLU K 333 29.70 22.37 22.91
CA GLU K 333 28.26 22.51 23.05
C GLU K 333 27.89 23.51 24.13
N GLU K 334 28.73 23.71 25.13
CA GLU K 334 28.47 24.73 26.13
C GLU K 334 28.86 26.12 25.64
N PHE K 335 29.68 26.21 24.58
CA PHE K 335 30.04 27.48 23.98
C PHE K 335 29.20 27.85 22.77
N LYS K 336 28.10 27.14 22.51
CA LYS K 336 27.26 27.50 21.37
C LYS K 336 26.62 28.87 21.55
N GLY K 337 26.12 29.17 22.75
CA GLY K 337 25.38 30.39 22.97
C GLY K 337 26.16 31.52 23.63
N THR K 338 27.49 31.44 23.60
CA THR K 338 28.31 32.46 24.23
C THR K 338 28.89 33.48 23.26
N GLY K 339 28.97 33.15 21.97
CA GLY K 339 29.52 34.05 20.98
C GLY K 339 28.46 34.47 19.99
N ASN K 340 28.62 35.69 19.45
CA ASN K 340 27.65 36.24 18.51
C ASN K 340 28.11 36.13 17.06
N MET K 341 29.17 35.37 16.78
CA MET K 341 29.52 35.04 15.40
C MET K 341 30.07 33.63 15.38
N GLU K 342 29.71 32.87 14.34
CA GLU K 342 30.15 31.50 14.19
C GLU K 342 30.66 31.28 12.77
N LEU K 343 31.70 30.45 12.63
CA LEU K 343 32.24 30.10 11.33
C LEU K 343 32.72 28.65 11.40
N HIS K 344 32.07 27.78 10.64
CA HIS K 344 32.30 26.35 10.72
C HIS K 344 33.14 25.87 9.54
N LEU K 345 34.04 24.92 9.82
CA LEU K 345 34.83 24.24 8.79
C LEU K 345 34.45 22.78 8.74
N SER K 346 34.33 22.23 7.54
CA SER K 346 33.89 20.86 7.33
C SER K 346 35.08 19.99 6.92
N ARG K 347 35.22 18.83 7.58
CA ARG K 347 36.31 17.92 7.28
C ARG K 347 36.11 17.25 5.92
N LYS K 348 34.87 16.93 5.57
CA LYS K 348 34.61 16.24 4.31
C LYS K 348 34.88 17.13 3.11
N ILE K 349 34.69 18.45 3.25
CA ILE K 349 35.10 19.36 2.19
C ILE K 349 36.62 19.45 2.13
N ALA K 350 37.27 19.44 3.30
CA ALA K 350 38.73 19.55 3.35
C ALA K 350 39.41 18.35 2.69
N GLU K 351 38.88 17.16 2.92
CA GLU K 351 39.52 15.94 2.39
C GLU K 351 39.40 15.81 0.86
N LYS K 352 38.86 16.80 0.15
CA LYS K 352 38.76 16.75 -1.31
C LYS K 352 39.67 17.77 -1.99
N ARG K 353 40.62 18.36 -1.25
CA ARG K 353 41.48 19.43 -1.77
C ARG K 353 40.65 20.56 -2.38
N VAL K 354 39.55 20.90 -1.72
CA VAL K 354 38.70 22.02 -2.11
C VAL K 354 38.76 23.02 -0.96
N PHE K 355 39.56 24.06 -1.11
CA PHE K 355 39.86 24.97 -0.03
C PHE K 355 39.61 26.41 -0.45
N PRO K 356 39.28 27.30 0.51
CA PRO K 356 39.08 27.05 1.94
C PRO K 356 37.74 26.38 2.21
N ALA K 357 37.68 25.45 3.15
CA ALA K 357 36.47 24.64 3.40
C ALA K 357 35.65 25.32 4.49
N ILE K 358 34.59 26.00 4.11
CA ILE K 358 33.67 26.63 5.05
C ILE K 358 32.26 26.16 4.74
N ASP K 359 31.53 25.74 5.78
CA ASP K 359 30.13 25.37 5.65
C ASP K 359 29.30 26.66 5.61
N TYR K 360 28.92 27.08 4.40
CA TYR K 360 28.22 28.35 4.26
C TYR K 360 26.88 28.34 4.98
N ASN K 361 26.11 27.26 4.85
CA ASN K 361 24.77 27.23 5.41
C ASN K 361 24.79 27.30 6.94
N ARG K 362 25.73 26.59 7.57
CA ARG K 362 25.79 26.55 9.03
C ARG K 362 26.55 27.73 9.63
N SER K 363 27.27 28.51 8.83
CA SER K 363 28.04 29.63 9.31
C SER K 363 27.35 30.94 8.96
N GLY K 364 27.33 31.88 9.91
CA GLY K 364 26.71 33.16 9.68
C GLY K 364 27.17 34.17 10.70
N THR K 365 26.60 35.37 10.60
CA THR K 365 26.95 36.47 11.50
C THR K 365 25.67 37.09 12.05
N ARG K 366 25.75 37.60 13.27
CA ARG K 366 24.61 38.16 13.97
C ARG K 366 24.68 39.68 13.93
N LYS K 367 23.51 40.32 13.84
CA LYS K 367 23.39 41.78 13.74
C LYS K 367 24.16 42.30 12.53
N GLU K 368 23.97 41.65 11.39
CA GLU K 368 24.64 42.06 10.16
C GLU K 368 24.14 43.41 9.66
N GLU K 369 22.88 43.74 9.93
CA GLU K 369 22.30 44.97 9.43
C GLU K 369 22.98 46.21 9.98
N LEU K 370 23.61 46.12 11.14
CA LEU K 370 24.31 47.25 11.73
C LEU K 370 25.78 47.30 11.34
N LEU K 371 26.42 46.16 11.12
CA LEU K 371 27.85 46.14 10.84
C LEU K 371 28.15 46.62 9.42
N THR K 372 27.35 46.19 8.44
CA THR K 372 27.60 46.46 7.04
C THR K 372 26.58 47.45 6.49
N THR K 373 26.72 47.74 5.20
CA THR K 373 25.81 48.65 4.51
C THR K 373 24.55 47.91 4.08
N GLN K 374 23.68 48.61 3.35
CA GLN K 374 22.39 48.04 2.96
C GLN K 374 22.51 47.18 1.71
N GLU K 375 22.92 47.79 0.60
CA GLU K 375 22.93 47.09 -0.68
C GLU K 375 23.84 45.87 -0.65
N GLU K 376 24.99 46.00 0.02
CA GLU K 376 25.85 44.83 0.21
C GLU K 376 25.13 43.74 0.99
N LEU K 377 24.34 44.12 2.00
CA LEU K 377 23.61 43.14 2.78
C LEU K 377 22.61 42.38 1.91
N GLN K 378 21.81 43.11 1.11
CA GLN K 378 20.87 42.41 0.24
C GLN K 378 21.60 41.56 -0.79
N LYS K 379 22.73 42.04 -1.29
CA LYS K 379 23.47 41.26 -2.29
C LYS K 379 23.97 39.94 -1.72
N MET K 380 24.60 39.98 -0.54
CA MET K 380 25.10 38.73 0.02
C MET K 380 23.96 37.85 0.51
N TRP K 381 22.82 38.42 0.88
CA TRP K 381 21.69 37.58 1.25
C TRP K 381 21.09 36.89 0.01
N ILE K 382 21.09 37.57 -1.13
CA ILE K 382 20.70 36.92 -2.39
C ILE K 382 21.71 35.82 -2.74
N LEU K 383 22.99 36.07 -2.48
CA LEU K 383 23.99 35.02 -2.67
C LEU K 383 23.71 33.81 -1.78
N ARG K 384 23.35 34.05 -0.52
CA ARG K 384 22.97 32.96 0.37
C ARG K 384 21.74 32.23 -0.17
N LYS K 385 20.78 32.96 -0.73
CA LYS K 385 19.60 32.35 -1.33
C LYS K 385 20.00 31.43 -2.48
N ILE K 386 20.95 31.86 -3.31
CA ILE K 386 21.42 31.03 -4.40
C ILE K 386 22.15 29.80 -3.85
N ILE K 387 22.85 29.96 -2.73
CA ILE K 387 23.82 28.94 -2.32
C ILE K 387 23.16 27.84 -1.49
N HIS K 388 22.23 28.18 -0.60
CA HIS K 388 21.78 27.19 0.38
C HIS K 388 21.11 25.96 -0.23
N PRO K 389 20.24 26.05 -1.28
CA PRO K 389 19.45 24.87 -1.67
C PRO K 389 20.25 23.61 -1.96
N MET K 390 21.22 23.69 -2.88
CA MET K 390 22.03 22.51 -3.17
C MET K 390 23.03 22.27 -2.04
N GLY K 391 23.85 21.25 -2.21
CA GLY K 391 24.78 20.83 -1.17
C GLY K 391 25.82 21.87 -0.81
N GLU K 392 26.68 21.54 0.15
CA GLU K 392 27.72 22.46 0.58
C GLU K 392 29.03 22.28 -0.19
N ILE K 393 29.37 21.04 -0.55
CA ILE K 393 30.62 20.79 -1.26
C ILE K 393 30.56 21.39 -2.66
N ASP K 394 29.50 21.08 -3.41
CA ASP K 394 29.37 21.59 -4.77
C ASP K 394 29.26 23.11 -4.78
N ALA K 395 28.52 23.68 -3.81
CA ALA K 395 28.51 25.13 -3.65
C ALA K 395 29.90 25.66 -3.35
N MET K 396 30.71 24.89 -2.61
CA MET K 396 32.07 25.33 -2.32
C MET K 396 32.91 25.42 -3.59
N GLU K 397 32.86 24.39 -4.43
CA GLU K 397 33.60 24.50 -5.69
C GLU K 397 33.04 25.59 -6.58
N PHE K 398 31.71 25.80 -6.54
CA PHE K 398 31.12 26.87 -7.34
C PHE K 398 31.64 28.23 -6.90
N LEU K 399 31.74 28.46 -5.59
CA LEU K 399 32.31 29.70 -5.09
C LEU K 399 33.78 29.82 -5.46
N ILE K 400 34.53 28.72 -5.35
CA ILE K 400 35.97 28.77 -5.62
C ILE K 400 36.22 29.14 -7.08
N ASN K 401 35.51 28.50 -8.01
CA ASN K 401 35.71 28.83 -9.42
C ASN K 401 35.08 30.17 -9.77
N LYS K 402 34.05 30.59 -9.04
CA LYS K 402 33.43 31.88 -9.29
C LYS K 402 34.30 33.02 -8.78
N LEU K 403 34.92 32.84 -7.60
CA LEU K 403 35.74 33.90 -7.02
C LEU K 403 37.05 34.11 -7.75
N ALA K 404 37.41 33.26 -8.70
CA ALA K 404 38.69 33.33 -9.40
C ALA K 404 38.52 33.68 -10.88
N MET K 405 37.61 34.61 -11.19
CA MET K 405 37.42 35.05 -12.57
C MET K 405 37.28 36.55 -12.73
N THR K 406 37.36 37.33 -11.65
CA THR K 406 37.55 38.78 -11.72
C THR K 406 38.56 39.18 -10.65
N LYS K 407 38.64 40.48 -10.38
CA LYS K 407 39.64 41.04 -9.48
C LYS K 407 39.09 41.38 -8.10
N THR K 408 38.03 42.19 -8.04
CA THR K 408 37.51 42.69 -6.78
C THR K 408 36.12 42.14 -6.52
N ASN K 409 35.65 42.32 -5.28
CA ASN K 409 34.34 41.82 -4.88
C ASN K 409 33.21 42.57 -5.60
N ASP K 410 33.43 43.85 -5.92
CA ASP K 410 32.40 44.62 -6.63
C ASP K 410 32.14 44.04 -8.02
N ASP K 411 33.18 43.52 -8.68
CA ASP K 411 32.99 42.88 -9.98
C ASP K 411 32.03 41.70 -9.87
N PHE K 412 32.22 40.86 -8.85
CA PHE K 412 31.27 39.78 -8.60
C PHE K 412 29.89 40.34 -8.32
N PHE K 413 29.80 41.30 -7.39
CA PHE K 413 28.50 41.81 -6.96
C PHE K 413 27.71 42.40 -8.13
N GLU K 414 28.40 42.91 -9.14
CA GLU K 414 27.75 43.32 -10.37
C GLU K 414 27.71 42.20 -11.41
N MET K 415 28.28 41.04 -11.12
CA MET K 415 28.36 39.96 -12.10
C MET K 415 27.17 39.02 -12.04
N MET K 416 26.91 38.43 -10.86
CA MET K 416 25.90 37.37 -10.81
C MET K 416 24.50 37.90 -11.09
N LYS K 417 24.18 39.11 -10.62
CA LYS K 417 22.89 39.70 -10.97
C LYS K 417 22.82 40.11 -12.43
N ARG K 418 23.95 40.39 -13.07
CA ARG K 418 23.95 40.69 -14.49
C ARG K 418 23.50 39.49 -15.32
N SER K 419 23.96 38.30 -14.95
CA SER K 419 23.60 37.08 -15.67
C SER K 419 22.35 36.45 -15.07
N MET L 1 95.08 3.79 24.93
CA MET L 1 95.21 2.59 24.11
C MET L 1 93.89 2.23 23.44
N ASN L 2 93.03 3.24 23.27
CA ASN L 2 91.73 3.10 22.62
C ASN L 2 90.88 2.05 23.36
N LEU L 3 90.51 2.43 24.58
CA LEU L 3 89.74 1.53 25.45
C LEU L 3 88.42 1.11 24.82
N THR L 4 87.88 1.93 23.90
CA THR L 4 86.60 1.60 23.27
C THR L 4 86.68 0.29 22.51
N GLU L 5 87.67 0.17 21.60
CA GLU L 5 87.81 -1.07 20.85
C GLU L 5 88.20 -2.23 21.78
N LEU L 6 88.88 -1.91 22.88
CA LEU L 6 89.19 -2.95 23.87
C LEU L 6 87.92 -3.54 24.46
N LYS L 7 86.93 -2.69 24.77
CA LYS L 7 85.66 -3.20 25.27
C LYS L 7 84.76 -3.75 24.18
N ASN L 8 84.99 -3.38 22.91
CA ASN L 8 84.18 -3.95 21.84
C ASN L 8 84.45 -5.43 21.64
N THR L 9 85.68 -5.89 21.87
CA THR L 9 85.98 -7.30 21.73
C THR L 9 85.20 -8.12 22.76
N PRO L 10 84.81 -9.35 22.40
CA PRO L 10 84.06 -10.18 23.36
C PRO L 10 84.91 -10.59 24.55
N VAL L 11 84.30 -11.33 25.47
CA VAL L 11 84.97 -11.68 26.73
C VAL L 11 86.17 -12.59 26.47
N SER L 12 86.09 -13.48 25.48
CA SER L 12 87.15 -14.47 25.27
C SER L 12 88.48 -13.80 24.95
N GLU L 13 88.47 -12.81 24.07
CA GLU L 13 89.71 -12.12 23.71
C GLU L 13 90.29 -11.37 24.91
N LEU L 14 89.43 -10.75 25.72
CA LEU L 14 89.89 -10.08 26.92
C LEU L 14 90.54 -11.06 27.89
N ILE L 15 89.92 -12.23 28.07
CA ILE L 15 90.50 -13.24 28.96
C ILE L 15 91.84 -13.70 28.44
N THR L 16 91.94 -13.95 27.13
CA THR L 16 93.21 -14.39 26.56
C THR L 16 94.30 -13.34 26.75
N LEU L 17 93.97 -12.07 26.50
CA LEU L 17 94.95 -11.00 26.68
C LEU L 17 95.38 -10.89 28.14
N GLY L 18 94.43 -10.95 29.06
CA GLY L 18 94.76 -10.86 30.47
C GLY L 18 95.64 -11.99 30.95
N GLU L 19 95.34 -13.22 30.50
CA GLU L 19 96.18 -14.35 30.87
C GLU L 19 97.56 -14.27 30.22
N ASN L 20 97.64 -13.76 28.99
CA ASN L 20 98.93 -13.60 28.34
C ASN L 20 99.81 -12.60 29.07
N MET L 21 99.23 -11.47 29.50
CA MET L 21 100.01 -10.44 30.17
C MET L 21 99.78 -10.38 31.69
N GLY L 22 99.03 -11.34 32.24
CA GLY L 22 99.11 -11.64 33.66
C GLY L 22 98.21 -10.94 34.66
N LEU L 23 96.89 -11.02 34.48
CA LEU L 23 95.94 -10.68 35.56
C LEU L 23 95.43 -11.92 36.27
N GLU L 24 96.35 -12.65 36.89
CA GLU L 24 96.00 -13.72 37.82
C GLU L 24 95.03 -14.71 37.18
N ASN L 25 93.74 -14.52 37.45
CA ASN L 25 92.69 -15.36 36.85
C ASN L 25 91.45 -14.49 36.67
N LEU L 26 91.28 -13.95 35.47
CA LEU L 26 90.13 -13.11 35.13
C LEU L 26 88.90 -13.92 34.73
N ALA L 27 88.88 -15.22 35.03
CA ALA L 27 87.84 -16.09 34.49
C ALA L 27 86.45 -15.71 34.99
N ARG L 28 86.32 -15.37 36.27
CA ARG L 28 85.01 -15.26 36.92
C ARG L 28 84.87 -13.93 37.67
N MET L 29 84.40 -12.90 36.96
CA MET L 29 83.98 -11.64 37.56
C MET L 29 83.40 -10.75 36.46
N ARG L 30 82.84 -9.61 36.88
CA ARG L 30 82.18 -8.68 35.97
C ARG L 30 83.19 -8.09 35.00
N LYS L 31 82.74 -7.83 33.76
CA LYS L 31 83.64 -7.35 32.71
C LYS L 31 84.33 -6.06 33.11
N GLN L 32 83.60 -5.14 33.74
CA GLN L 32 84.20 -3.87 34.16
C GLN L 32 85.35 -4.10 35.12
N ASP L 33 85.29 -5.16 35.92
CA ASP L 33 86.42 -5.49 36.78
C ASP L 33 87.65 -5.85 35.96
N ILE L 34 87.48 -6.64 34.90
CA ILE L 34 88.59 -6.94 34.01
C ILE L 34 89.14 -5.67 33.38
N ILE L 35 88.24 -4.80 32.91
CA ILE L 35 88.68 -3.56 32.25
C ILE L 35 89.51 -2.72 33.21
N PHE L 36 89.01 -2.51 34.43
CA PHE L 36 89.72 -1.70 35.41
C PHE L 36 91.05 -2.33 35.78
N ALA L 37 91.08 -3.65 35.99
CA ALA L 37 92.30 -4.32 36.39
C ALA L 37 93.38 -4.21 35.31
N ILE L 38 93.01 -4.51 34.06
CA ILE L 38 94.00 -4.48 32.99
C ILE L 38 94.45 -3.04 32.72
N LEU L 39 93.52 -2.08 32.84
CA LEU L 39 93.91 -0.68 32.65
C LEU L 39 94.89 -0.23 33.72
N LYS L 40 94.65 -0.62 34.98
CA LYS L 40 95.59 -0.27 36.05
C LYS L 40 96.95 -0.93 35.83
N GLN L 41 96.95 -2.21 35.43
CA GLN L 41 98.21 -2.91 35.23
C GLN L 41 99.00 -2.32 34.08
N HIS L 42 98.32 -1.90 33.01
CA HIS L 42 99.02 -1.22 31.93
C HIS L 42 99.47 0.18 32.35
N ALA L 43 98.72 0.82 33.24
CA ALA L 43 99.08 2.18 33.66
C ALA L 43 100.31 2.18 34.56
N LYS L 44 100.46 1.17 35.42
CA LYS L 44 101.59 1.16 36.33
C LYS L 44 102.92 1.05 35.60
N SER L 45 102.92 0.52 34.38
CA SER L 45 104.17 0.38 33.63
C SER L 45 104.67 1.70 33.06
N GLY L 46 103.83 2.73 33.03
CA GLY L 46 104.24 4.05 32.61
C GLY L 46 103.81 4.46 31.21
N GLU L 47 103.35 3.52 30.39
CA GLU L 47 102.93 3.85 29.05
C GLU L 47 101.65 4.70 29.07
N ASP L 48 101.51 5.55 28.06
CA ASP L 48 100.35 6.42 27.97
C ASP L 48 99.08 5.62 27.74
N ILE L 49 97.98 6.09 28.33
CA ILE L 49 96.68 5.46 28.23
C ILE L 49 95.66 6.48 27.75
N PHE L 50 94.78 6.05 26.84
CA PHE L 50 93.76 6.91 26.26
C PHE L 50 92.38 6.44 26.71
N GLY L 51 91.44 7.37 26.75
CA GLY L 51 90.07 7.06 27.11
C GLY L 51 89.11 8.01 26.44
N ASP L 52 87.91 7.50 26.18
CA ASP L 52 86.88 8.29 25.49
C ASP L 52 85.51 7.82 25.93
N GLY L 53 84.53 8.70 25.76
CA GLY L 53 83.17 8.38 26.12
C GLY L 53 82.30 9.63 26.17
N VAL L 54 81.23 9.53 26.95
CA VAL L 54 80.22 10.57 27.07
C VAL L 54 80.20 11.08 28.51
N LEU L 55 80.24 12.40 28.67
CA LEU L 55 80.29 13.01 29.99
C LEU L 55 78.89 13.11 30.60
N GLU L 56 78.85 13.03 31.93
CA GLU L 56 77.62 13.19 32.69
C GLU L 56 77.95 13.89 34.00
N ILE L 57 77.35 15.05 34.23
CA ILE L 57 77.67 15.87 35.40
C ILE L 57 76.73 15.50 36.54
N LEU L 58 77.25 15.53 37.76
CA LEU L 58 76.48 15.30 38.96
C LEU L 58 76.08 16.64 39.58
N GLN L 59 75.54 16.59 40.80
CA GLN L 59 75.03 17.79 41.46
C GLN L 59 76.13 18.66 42.05
N ASP L 60 77.38 18.18 42.08
CA ASP L 60 78.46 18.96 42.68
C ASP L 60 79.72 18.94 41.82
N GLY L 61 79.56 18.81 40.51
CA GLY L 61 80.70 18.78 39.61
C GLY L 61 81.47 17.48 39.60
N PHE L 62 81.00 16.47 40.32
CA PHE L 62 81.66 15.17 40.39
C PHE L 62 81.30 14.41 39.11
N GLY L 63 82.02 14.69 38.03
CA GLY L 63 81.56 14.25 36.72
C GLY L 63 82.06 12.86 36.36
N PHE L 64 81.20 12.09 35.71
CA PHE L 64 81.54 10.76 35.22
C PHE L 64 81.65 10.78 33.70
N LEU L 65 82.33 9.75 33.18
CA LEU L 65 82.42 9.50 31.76
C LEU L 65 82.05 8.05 31.50
N ARG L 66 80.93 7.85 30.82
CA ARG L 66 80.40 6.53 30.50
C ARG L 66 80.78 6.13 29.09
N SER L 67 80.56 4.85 28.77
CA SER L 67 80.88 4.29 27.46
C SER L 67 79.62 3.78 26.81
N ALA L 68 79.54 3.95 25.48
CA ALA L 68 78.34 3.55 24.75
C ALA L 68 78.16 2.03 24.74
N ASP L 69 79.25 1.29 24.49
CA ASP L 69 79.16 -0.16 24.41
C ASP L 69 78.93 -0.82 25.76
N SER L 70 79.04 -0.07 26.85
CA SER L 70 78.76 -0.58 28.18
C SER L 70 77.30 -0.40 28.58
N SER L 71 76.45 0.02 27.66
CA SER L 71 75.03 0.28 27.89
C SER L 71 74.80 1.38 28.92
N TYR L 72 75.79 2.26 29.10
CA TYR L 72 75.70 3.40 30.01
C TYR L 72 75.45 2.95 31.45
N LEU L 73 76.30 2.02 31.91
CA LEU L 73 76.20 1.48 33.27
C LEU L 73 77.23 2.15 34.16
N ALA L 74 76.85 2.39 35.42
CA ALA L 74 77.72 3.06 36.39
C ALA L 74 78.72 2.04 36.96
N GLY L 75 79.64 1.61 36.10
CA GLY L 75 80.66 0.67 36.48
C GLY L 75 81.95 1.36 36.86
N PRO L 76 82.91 0.58 37.39
CA PRO L 76 84.21 1.17 37.75
C PRO L 76 84.99 1.71 36.56
N ASP L 77 84.68 1.25 35.33
CA ASP L 77 85.41 1.69 34.15
C ASP L 77 85.13 3.14 33.79
N ASP L 78 84.09 3.75 34.37
CA ASP L 78 83.77 5.13 34.06
C ASP L 78 84.92 6.06 34.47
N ILE L 79 85.15 7.10 33.68
CA ILE L 79 86.31 7.96 33.85
C ILE L 79 85.93 9.20 34.65
N TYR L 80 86.69 9.50 35.69
CA TYR L 80 86.44 10.68 36.50
C TYR L 80 86.81 11.95 35.75
N VAL L 81 85.94 12.95 35.81
CA VAL L 81 86.24 14.30 35.34
C VAL L 81 85.84 15.28 36.43
N SER L 82 86.73 16.27 36.71
CA SER L 82 86.72 17.30 37.73
C SER L 82 86.06 18.58 37.21
N PRO L 83 85.45 19.36 38.11
CA PRO L 83 84.81 20.62 37.69
C PRO L 83 85.78 21.61 37.06
N SER L 84 87.04 21.60 37.47
CA SER L 84 87.99 22.60 36.99
C SER L 84 88.20 22.50 35.49
N GLN L 85 88.51 21.30 34.99
CA GLN L 85 88.71 21.13 33.56
C GLN L 85 87.41 21.28 32.78
N ILE L 86 86.28 20.93 33.39
CA ILE L 86 84.99 21.12 32.73
C ILE L 86 84.74 22.61 32.50
N ARG L 87 85.01 23.43 33.52
CA ARG L 87 84.88 24.87 33.35
C ARG L 87 85.90 25.41 32.35
N ARG L 88 87.12 24.90 32.39
CA ARG L 88 88.17 25.41 31.52
C ARG L 88 87.86 25.14 30.05
N PHE L 89 87.39 23.94 29.74
CA PHE L 89 87.11 23.56 28.36
C PHE L 89 85.61 23.61 28.02
N ASN L 90 84.78 24.09 28.94
CA ASN L 90 83.36 24.33 28.69
C ASN L 90 82.63 23.05 28.26
N LEU L 91 82.58 22.09 29.17
CA LEU L 91 81.90 20.83 28.93
C LEU L 91 80.54 20.79 29.62
N ARG L 92 79.71 19.84 29.17
CA ARG L 92 78.39 19.59 29.74
C ARG L 92 78.01 18.17 29.41
N THR L 93 77.01 17.65 30.14
CA THR L 93 76.53 16.30 29.92
C THR L 93 76.09 16.11 28.46
N GLY L 94 76.48 14.98 27.88
CA GLY L 94 76.15 14.66 26.51
C GLY L 94 77.27 14.86 25.52
N ASP L 95 78.32 15.57 25.88
CA ASP L 95 79.44 15.77 24.98
C ASP L 95 80.27 14.50 24.87
N THR L 96 80.96 14.35 23.74
CA THR L 96 81.87 13.23 23.50
C THR L 96 83.30 13.70 23.74
N ILE L 97 84.00 13.03 24.65
CA ILE L 97 85.34 13.43 25.07
C ILE L 97 86.29 12.27 24.84
N SER L 98 87.41 12.55 24.18
CA SER L 98 88.47 11.57 23.96
C SER L 98 89.81 12.22 24.23
N GLY L 99 90.70 11.49 24.89
CA GLY L 99 92.02 12.01 25.17
C GLY L 99 92.74 11.18 26.21
N LYS L 100 93.93 11.65 26.57
CA LYS L 100 94.73 10.96 27.56
C LYS L 100 94.06 11.01 28.92
N ILE L 101 94.17 9.92 29.68
CA ILE L 101 93.54 9.79 30.99
C ILE L 101 94.61 9.52 32.03
N ARG L 102 94.30 9.91 33.28
CA ARG L 102 95.26 9.79 34.37
C ARG L 102 94.95 8.57 35.21
N PRO L 103 95.94 7.72 35.48
CA PRO L 103 95.73 6.59 36.40
C PRO L 103 95.37 7.09 37.79
N PRO L 104 94.47 6.42 38.48
CA PRO L 104 94.11 6.86 39.83
C PRO L 104 95.24 6.67 40.82
N LYS L 105 95.31 7.57 41.79
CA LYS L 105 96.27 7.51 42.87
C LYS L 105 95.53 7.23 44.18
N GLU L 106 96.26 7.27 45.29
CA GLU L 106 95.67 7.02 46.59
C GLU L 106 94.58 8.06 46.88
N GLY L 107 93.49 7.60 47.49
CA GLY L 107 92.36 8.44 47.82
C GLY L 107 91.18 8.31 46.89
N GLU L 108 91.37 7.72 45.71
CA GLU L 108 90.27 7.51 44.77
C GLU L 108 90.50 6.21 44.02
N ARG L 109 89.40 5.67 43.47
CA ARG L 109 89.43 4.42 42.74
C ARG L 109 88.92 4.58 41.30
N TYR L 110 88.90 5.81 40.78
CA TYR L 110 88.41 6.09 39.45
C TYR L 110 89.50 6.77 38.62
N PHE L 111 89.59 6.39 37.36
CA PHE L 111 90.59 6.97 36.47
C PHE L 111 90.25 8.42 36.16
N ALA L 112 91.23 9.31 36.30
CA ALA L 112 91.06 10.71 35.98
C ALA L 112 91.50 10.97 34.53
N LEU L 113 91.49 12.24 34.13
CA LEU L 113 91.84 12.63 32.78
C LEU L 113 93.04 13.57 32.81
N LEU L 114 94.05 13.25 32.02
CA LEU L 114 95.23 14.11 31.92
C LEU L 114 94.98 15.31 31.02
N LYS L 115 94.70 15.04 29.74
CA LYS L 115 94.47 16.11 28.77
C LYS L 115 93.60 15.56 27.64
N VAL L 116 92.57 16.31 27.29
CA VAL L 116 91.65 15.92 26.23
C VAL L 116 92.20 16.39 24.89
N ASN L 117 92.06 15.56 23.86
CA ASN L 117 92.51 15.90 22.53
C ASN L 117 91.43 15.96 21.47
N GLU L 118 90.24 15.40 21.72
CA GLU L 118 89.08 15.67 20.88
C GLU L 118 87.82 15.80 21.74
N VAL L 119 86.99 16.78 21.40
CA VAL L 119 85.69 16.99 22.04
C VAL L 119 84.65 17.11 20.93
N ASN L 120 83.60 16.29 21.01
CA ASN L 120 82.50 16.32 20.04
C ASN L 120 83.00 16.11 18.61
N PHE L 121 83.92 15.15 18.45
CA PHE L 121 84.42 14.70 17.15
C PHE L 121 85.15 15.80 16.38
N ASP L 122 85.65 16.83 17.06
CA ASP L 122 86.46 17.85 16.44
C ASP L 122 87.31 18.51 17.52
N LYS L 123 87.98 19.61 17.15
CA LYS L 123 88.88 20.28 18.07
C LYS L 123 88.10 20.86 19.25
N PRO L 124 88.56 20.67 20.48
CA PRO L 124 87.86 21.28 21.63
C PRO L 124 87.85 22.79 21.62
N GLU L 125 88.74 23.43 20.85
CA GLU L 125 88.83 24.89 20.87
C GLU L 125 87.56 25.54 20.34
N ASN L 126 87.03 25.03 19.24
CA ASN L 126 85.83 25.61 18.64
C ASN L 126 84.54 25.03 19.22
N ALA L 127 84.63 24.00 20.07
CA ALA L 127 83.43 23.46 20.70
C ALA L 127 82.81 24.44 21.68
N ARG L 128 83.62 25.24 22.36
CA ARG L 128 83.10 26.22 23.30
C ARG L 128 82.28 27.30 22.60
N ASN L 129 82.58 27.58 21.35
CA ASN L 129 81.86 28.58 20.56
C ASN L 129 80.77 27.91 19.71
N LYS L 130 79.80 27.32 20.38
CA LYS L 130 78.70 26.63 19.73
C LYS L 130 77.38 27.14 20.26
N ILE L 131 76.40 27.32 19.36
CA ILE L 131 75.09 27.81 19.74
C ILE L 131 74.32 26.73 20.48
N LEU L 132 73.59 27.11 21.52
CA LEU L 132 72.81 26.16 22.29
C LEU L 132 71.65 25.63 21.45
N PHE L 133 71.28 24.37 21.72
CA PHE L 133 70.21 23.74 20.97
C PHE L 133 68.87 24.44 21.20
N GLU L 134 68.58 24.82 22.45
CA GLU L 134 67.30 25.45 22.75
C GLU L 134 67.18 26.82 22.12
N ASN L 135 68.30 27.54 21.95
CA ASN L 135 68.27 28.87 21.36
C ASN L 135 68.05 28.84 19.85
N LEU L 136 68.24 27.69 19.22
CA LEU L 136 68.07 27.59 17.77
C LEU L 136 66.59 27.62 17.41
N THR L 137 66.25 28.44 16.42
CA THR L 137 64.87 28.57 15.99
C THR L 137 64.46 27.39 15.12
N PRO L 138 63.40 26.66 15.46
CA PRO L 138 63.02 25.48 14.69
C PRO L 138 62.33 25.85 13.38
N LEU L 139 62.14 24.83 12.55
CA LEU L 139 61.41 24.95 11.29
C LEU L 139 60.69 23.64 11.03
N HIS L 140 60.15 23.49 9.83
CA HIS L 140 59.47 22.28 9.41
C HIS L 140 60.43 21.36 8.68
N ALA L 141 59.98 20.13 8.46
CA ALA L 141 60.79 19.15 7.76
C ALA L 141 60.96 19.55 6.29
N ASN L 142 62.20 19.44 5.80
CA ASN L 142 62.51 19.81 4.42
C ASN L 142 63.05 18.64 3.60
N SER L 143 64.00 17.88 4.14
CA SER L 143 64.61 16.78 3.39
C SER L 143 63.78 15.52 3.54
N ARG L 144 63.53 14.86 2.42
CA ARG L 144 62.77 13.62 2.41
C ARG L 144 63.66 12.45 2.79
N LEU L 145 63.16 11.59 3.68
CA LEU L 145 63.88 10.40 4.12
C LEU L 145 63.22 9.20 3.45
N ARG L 146 63.68 8.87 2.25
CA ARG L 146 63.13 7.74 1.50
C ARG L 146 63.58 6.44 2.15
N MET L 147 62.61 5.68 2.67
CA MET L 147 62.92 4.45 3.39
C MET L 147 63.15 3.25 2.48
N GLU L 148 62.84 3.36 1.19
CA GLU L 148 62.97 2.22 0.29
C GLU L 148 64.44 1.94 0.01
N ARG L 149 64.84 0.67 0.20
CA ARG L 149 66.20 0.27 -0.10
C ARG L 149 66.48 0.35 -1.61
N GLY L 150 65.51 -0.03 -2.43
CA GLY L 150 65.65 -0.03 -3.87
C GLY L 150 66.23 -1.29 -4.46
N ASN L 151 66.62 -2.26 -3.63
CA ASN L 151 67.17 -3.52 -4.11
C ASN L 151 66.12 -4.62 -4.27
N GLY L 152 64.85 -4.30 -4.02
CA GLY L 152 63.80 -5.30 -4.12
C GLY L 152 63.91 -6.40 -3.08
N SER L 153 64.24 -6.05 -1.85
CA SER L 153 64.38 -7.04 -0.79
C SER L 153 63.02 -7.62 -0.40
N THR L 154 63.05 -8.84 0.15
CA THR L 154 61.82 -9.49 0.58
C THR L 154 61.14 -8.72 1.69
N GLU L 155 61.92 -8.22 2.66
CA GLU L 155 61.38 -7.48 3.79
C GLU L 155 61.27 -5.99 3.54
N ASP L 156 61.65 -5.51 2.36
CA ASP L 156 61.57 -4.08 2.08
C ASP L 156 60.17 -3.64 1.67
N LEU L 157 59.24 -4.59 1.52
CA LEU L 157 57.87 -4.26 1.11
C LEU L 157 57.19 -3.37 2.15
N THR L 158 57.39 -3.68 3.44
CA THR L 158 56.77 -2.88 4.48
C THR L 158 57.39 -1.48 4.54
N ALA L 159 58.70 -1.37 4.27
CA ALA L 159 59.32 -0.05 4.17
C ALA L 159 58.73 0.74 3.00
N ARG L 160 58.49 0.06 1.88
CA ARG L 160 57.90 0.73 0.72
C ARG L 160 56.50 1.23 1.03
N VAL L 161 55.68 0.39 1.66
CA VAL L 161 54.32 0.82 1.97
C VAL L 161 54.33 1.91 3.03
N LEU L 162 55.32 1.91 3.93
CA LEU L 162 55.46 3.03 4.84
C LEU L 162 55.81 4.31 4.11
N ASP L 163 56.68 4.23 3.10
CA ASP L 163 56.98 5.39 2.28
C ASP L 163 55.75 5.93 1.58
N LEU L 164 54.93 5.04 1.01
CA LEU L 164 53.65 5.44 0.44
C LEU L 164 52.62 5.83 1.49
N ALA L 165 52.87 5.58 2.77
CA ALA L 165 51.93 5.91 3.83
C ALA L 165 52.20 7.29 4.41
N SER L 166 53.41 7.50 4.94
CA SER L 166 53.76 8.76 5.56
C SER L 166 55.26 9.04 5.40
N PRO L 167 55.64 10.03 4.61
CA PRO L 167 57.07 10.32 4.43
C PRO L 167 57.71 10.80 5.72
N ILE L 168 59.01 10.53 5.84
CA ILE L 168 59.82 10.92 7.00
C ILE L 168 60.65 12.13 6.62
N GLY L 169 60.65 13.14 7.49
CA GLY L 169 61.41 14.35 7.25
C GLY L 169 62.33 14.66 8.42
N ARG L 170 63.20 15.65 8.20
CA ARG L 170 64.13 16.07 9.24
C ARG L 170 63.41 16.88 10.31
N GLY L 171 63.65 16.53 11.57
CA GLY L 171 62.98 17.21 12.67
C GLY L 171 61.48 17.00 12.68
N GLN L 172 61.03 15.78 12.39
CA GLN L 172 59.61 15.46 12.29
C GLN L 172 59.23 14.53 13.44
N ARG L 173 58.21 14.93 14.21
CA ARG L 173 57.80 14.17 15.38
C ARG L 173 56.89 13.02 14.94
N GLY L 174 57.34 11.79 15.20
CA GLY L 174 56.66 10.61 14.72
C GLY L 174 56.02 9.82 15.85
N LEU L 175 54.77 9.43 15.63
CA LEU L 175 54.04 8.56 16.54
C LEU L 175 53.75 7.23 15.86
N ILE L 176 54.08 6.14 16.55
CA ILE L 176 53.71 4.81 16.09
C ILE L 176 52.71 4.25 17.08
N VAL L 177 51.42 4.44 16.80
CA VAL L 177 50.38 3.95 17.70
C VAL L 177 50.22 2.47 17.44
N ALA L 178 50.97 1.63 18.15
CA ALA L 178 51.03 0.20 17.89
C ALA L 178 50.80 -0.57 19.19
N PRO L 179 49.67 -1.23 19.35
CA PRO L 179 49.44 -2.05 20.54
C PRO L 179 50.31 -3.30 20.51
N PRO L 180 50.39 -4.03 21.61
CA PRO L 180 51.22 -5.25 21.63
C PRO L 180 50.76 -6.26 20.59
N LYS L 181 51.71 -7.09 20.14
CA LYS L 181 51.47 -8.11 19.13
C LYS L 181 51.04 -7.49 17.80
N ALA L 182 51.89 -6.59 17.29
CA ALA L 182 51.62 -5.92 16.03
C ALA L 182 52.84 -5.86 15.12
N GLY L 183 53.96 -6.49 15.49
CA GLY L 183 55.14 -6.46 14.65
C GLY L 183 55.84 -5.13 14.60
N LYS L 184 55.68 -4.30 15.64
CA LYS L 184 56.30 -2.98 15.62
C LYS L 184 57.81 -3.06 15.77
N THR L 185 58.32 -4.07 16.48
CA THR L 185 59.74 -4.10 16.82
C THR L 185 60.61 -4.27 15.57
N MET L 186 60.35 -5.29 14.77
CA MET L 186 61.18 -5.47 13.59
C MET L 186 60.83 -4.49 12.48
N LEU L 187 59.64 -3.88 12.53
CA LEU L 187 59.41 -2.72 11.68
C LEU L 187 60.35 -1.57 12.04
N LEU L 188 60.55 -1.35 13.34
CA LEU L 188 61.50 -0.34 13.78
C LEU L 188 62.92 -0.68 13.33
N GLN L 189 63.29 -1.96 13.44
CA GLN L 189 64.62 -2.34 12.96
C GLN L 189 64.75 -2.22 11.44
N ASN L 190 63.66 -2.46 10.69
CA ASN L 190 63.70 -2.23 9.26
C ASN L 190 63.92 -0.75 8.96
N ILE L 191 63.24 0.12 9.70
CA ILE L 191 63.47 1.56 9.54
C ILE L 191 64.92 1.90 9.85
N ALA L 192 65.46 1.32 10.92
CA ALA L 192 66.84 1.60 11.32
C ALA L 192 67.83 1.15 10.24
N GLN L 193 67.64 -0.05 9.71
CA GLN L 193 68.56 -0.54 8.69
C GLN L 193 68.40 0.24 7.39
N SER L 194 67.18 0.69 7.07
CA SER L 194 67.00 1.54 5.91
C SER L 194 67.73 2.86 6.07
N ILE L 195 67.67 3.46 7.27
CA ILE L 195 68.43 4.68 7.54
C ILE L 195 69.93 4.43 7.42
N ALA L 196 70.39 3.31 7.97
CA ALA L 196 71.82 3.01 7.93
C ALA L 196 72.31 2.79 6.50
N TYR L 197 71.51 2.14 5.66
CA TYR L 197 71.94 1.82 4.30
C TYR L 197 71.79 3.02 3.37
N ASN L 198 70.58 3.59 3.31
CA ASN L 198 70.33 4.70 2.40
C ASN L 198 71.14 5.94 2.79
N HIS L 199 71.24 6.23 4.09
CA HIS L 199 71.91 7.43 4.59
C HIS L 199 72.95 7.04 5.62
N PRO L 200 74.09 6.50 5.17
CA PRO L 200 75.17 6.18 6.12
C PRO L 200 75.74 7.39 6.83
N ASP L 201 75.67 8.57 6.19
CA ASP L 201 76.22 9.77 6.80
C ASP L 201 75.44 10.19 8.04
N CYS L 202 74.13 9.98 8.05
CA CYS L 202 73.30 10.34 9.20
C CYS L 202 73.67 9.50 10.41
N VAL L 203 73.80 10.15 11.56
CA VAL L 203 74.11 9.45 12.80
C VAL L 203 72.86 8.74 13.30
N LEU L 204 72.98 7.45 13.58
CA LEU L 204 71.85 6.61 13.98
C LEU L 204 72.00 6.16 15.42
N MET L 205 70.91 6.25 16.17
CA MET L 205 70.86 5.72 17.53
C MET L 205 69.43 5.25 17.80
N VAL L 206 69.31 4.11 18.47
CA VAL L 206 68.01 3.52 18.80
C VAL L 206 67.97 3.26 20.30
N LEU L 207 66.89 3.71 20.94
CA LEU L 207 66.74 3.61 22.38
C LEU L 207 65.75 2.48 22.71
N LEU L 208 66.14 1.63 23.66
CA LEU L 208 65.31 0.53 24.11
C LEU L 208 64.98 0.71 25.59
N ILE L 209 63.72 0.47 25.95
CA ILE L 209 63.24 0.61 27.32
C ILE L 209 62.72 -0.74 27.79
N ASP L 210 63.20 -1.17 28.97
CA ASP L 210 62.75 -2.36 29.71
C ASP L 210 62.37 -3.51 28.78
N GLU L 211 63.25 -3.79 27.82
CA GLU L 211 63.07 -4.92 26.92
C GLU L 211 63.86 -6.12 27.43
N ARG L 212 63.41 -7.30 27.02
CA ARG L 212 64.09 -8.53 27.40
C ARG L 212 65.48 -8.59 26.77
N PRO L 213 66.45 -9.20 27.46
CA PRO L 213 67.83 -9.19 26.95
C PRO L 213 68.00 -9.86 25.60
N GLU L 214 67.13 -10.81 25.24
CA GLU L 214 67.29 -11.52 23.97
C GLU L 214 67.15 -10.56 22.79
N GLU L 215 66.06 -9.79 22.75
CA GLU L 215 65.93 -8.82 21.67
C GLU L 215 66.93 -7.69 21.80
N VAL L 216 67.44 -7.41 23.01
CA VAL L 216 68.49 -6.42 23.16
C VAL L 216 69.77 -6.86 22.44
N THR L 217 70.17 -8.12 22.64
CA THR L 217 71.31 -8.66 21.92
C THR L 217 71.03 -8.72 20.42
N GLU L 218 69.79 -9.04 20.04
CA GLU L 218 69.41 -8.93 18.65
C GLU L 218 69.62 -7.51 18.13
N MET L 219 69.36 -6.51 18.98
CA MET L 219 69.55 -5.12 18.57
C MET L 219 71.01 -4.83 18.28
N GLN L 220 71.88 -5.15 19.24
CA GLN L 220 73.30 -4.84 18.99
C GLN L 220 73.95 -5.80 17.99
N ARG L 221 73.30 -6.89 17.59
CA ARG L 221 73.87 -7.75 16.57
C ARG L 221 73.23 -7.57 15.20
N LEU L 222 72.15 -6.80 15.09
CA LEU L 222 71.46 -6.62 13.81
C LEU L 222 71.68 -5.26 13.20
N VAL L 223 71.42 -4.18 13.94
CA VAL L 223 71.52 -2.83 13.37
C VAL L 223 72.99 -2.44 13.24
N LYS L 224 73.30 -1.70 12.17
CA LYS L 224 74.67 -1.26 11.94
C LYS L 224 75.05 -0.13 12.90
N GLY L 225 74.16 0.84 13.08
CA GLY L 225 74.46 1.95 13.96
C GLY L 225 74.43 1.56 15.43
N GLU L 226 75.02 2.42 16.26
CA GLU L 226 75.06 2.16 17.69
C GLU L 226 73.67 2.24 18.29
N VAL L 227 73.39 1.36 19.25
CA VAL L 227 72.09 1.23 19.87
C VAL L 227 72.26 1.16 21.38
N VAL L 228 71.40 1.87 22.11
CA VAL L 228 71.39 1.86 23.56
C VAL L 228 70.14 1.14 24.04
N ALA L 229 70.32 0.22 24.97
CA ALA L 229 69.22 -0.63 25.42
C ALA L 229 69.19 -0.68 26.94
N SER L 230 68.01 -0.46 27.50
CA SER L 230 67.78 -0.59 28.94
C SER L 230 66.79 -1.72 29.18
N THR L 231 67.18 -2.68 30.01
CA THR L 231 66.34 -3.83 30.31
C THR L 231 65.43 -3.52 31.48
N PHE L 232 64.60 -4.51 31.85
CA PHE L 232 63.74 -4.39 33.01
C PHE L 232 64.42 -4.82 34.30
N ASP L 233 65.70 -5.20 34.23
CA ASP L 233 66.45 -5.56 35.43
C ASP L 233 66.58 -4.37 36.37
N GLU L 234 67.05 -3.25 35.86
CA GLU L 234 67.29 -2.07 36.67
C GLU L 234 65.99 -1.35 37.01
N PRO L 235 65.99 -0.56 38.09
CA PRO L 235 64.79 0.22 38.43
C PRO L 235 64.58 1.40 37.50
N ALA L 236 63.57 2.23 37.81
CA ALA L 236 63.22 3.33 36.92
C ALA L 236 64.24 4.47 36.94
N SER L 237 65.00 4.62 38.03
CA SER L 237 65.97 5.70 38.10
C SER L 237 67.03 5.57 37.02
N ARG L 238 67.51 4.34 36.79
CA ARG L 238 68.47 4.11 35.71
C ARG L 238 67.84 4.46 34.37
N HIS L 239 66.58 4.08 34.17
CA HIS L 239 65.90 4.40 32.92
C HIS L 239 65.84 5.90 32.67
N VAL L 240 65.43 6.67 33.70
CA VAL L 240 65.28 8.11 33.50
C VAL L 240 66.63 8.77 33.31
N GLN L 241 67.66 8.30 34.03
CA GLN L 241 68.97 8.93 33.88
C GLN L 241 69.57 8.62 32.52
N VAL L 242 69.44 7.39 32.03
CA VAL L 242 69.99 7.08 30.71
C VAL L 242 69.22 7.82 29.63
N ALA L 243 67.90 7.95 29.79
CA ALA L 243 67.12 8.69 28.81
C ALA L 243 67.54 10.16 28.76
N GLU L 244 67.67 10.80 29.93
CA GLU L 244 68.04 12.21 29.93
C GLU L 244 69.45 12.41 29.39
N MET L 245 70.39 11.53 29.74
CA MET L 245 71.75 11.74 29.24
C MET L 245 71.84 11.47 27.75
N VAL L 246 71.08 10.49 27.23
CA VAL L 246 71.14 10.22 25.80
C VAL L 246 70.47 11.34 25.01
N ILE L 247 69.38 11.91 25.53
CA ILE L 247 68.76 13.02 24.82
C ILE L 247 69.66 14.25 24.86
N GLU L 248 70.38 14.46 25.98
CA GLU L 248 71.34 15.54 26.02
C GLU L 248 72.50 15.30 25.05
N LYS L 249 72.92 14.04 24.91
CA LYS L 249 73.95 13.71 23.93
C LYS L 249 73.47 13.99 22.51
N ALA L 250 72.22 13.64 22.21
CA ALA L 250 71.67 13.92 20.89
C ALA L 250 71.61 15.43 20.64
N LYS L 251 71.21 16.20 21.65
CA LYS L 251 71.17 17.65 21.51
C LYS L 251 72.57 18.21 21.25
N ARG L 252 73.56 17.74 22.01
CA ARG L 252 74.93 18.22 21.81
C ARG L 252 75.45 17.85 20.43
N LEU L 253 75.13 16.64 19.96
CA LEU L 253 75.60 16.21 18.64
C LEU L 253 74.95 17.01 17.53
N VAL L 254 73.65 17.30 17.64
CA VAL L 254 72.98 18.07 16.61
C VAL L 254 73.36 19.54 16.69
N GLU L 255 73.88 19.99 17.84
CA GLU L 255 74.39 21.36 17.94
C GLU L 255 75.58 21.59 17.03
N HIS L 256 76.28 20.54 16.61
CA HIS L 256 77.44 20.64 15.74
C HIS L 256 77.10 20.41 14.27
N LYS L 257 75.89 20.80 13.86
CA LYS L 257 75.45 20.67 12.46
C LYS L 257 75.54 19.24 11.96
N LYS L 258 75.11 18.29 12.79
CA LYS L 258 75.17 16.88 12.48
C LYS L 258 73.75 16.30 12.38
N ASP L 259 73.53 15.48 11.35
CA ASP L 259 72.25 14.81 11.17
C ASP L 259 72.13 13.67 12.17
N VAL L 260 71.09 13.70 12.99
CA VAL L 260 70.89 12.69 14.03
C VAL L 260 69.47 12.16 13.94
N ILE L 261 69.34 10.84 14.06
CA ILE L 261 68.05 10.16 14.11
C ILE L 261 68.01 9.31 15.37
N ILE L 262 66.89 9.37 16.09
CA ILE L 262 66.73 8.64 17.34
C ILE L 262 65.45 7.83 17.26
N LEU L 263 65.53 6.55 17.65
CA LEU L 263 64.40 5.64 17.67
C LEU L 263 64.18 5.15 19.09
N LEU L 264 62.95 5.25 19.57
CA LEU L 264 62.63 4.86 20.94
C LEU L 264 61.37 3.99 20.93
N ASP L 265 61.38 2.99 21.82
CA ASP L 265 60.20 2.16 22.04
C ASP L 265 60.22 1.61 23.47
N SER L 266 59.17 1.89 24.24
CA SER L 266 58.07 2.75 23.83
C SER L 266 57.95 3.93 24.80
N ILE L 267 57.38 5.04 24.33
CA ILE L 267 57.20 6.21 25.19
C ILE L 267 56.24 5.93 26.33
N THR L 268 55.41 4.89 26.21
CA THR L 268 54.50 4.53 27.30
C THR L 268 55.29 4.13 28.55
N ARG L 269 56.28 3.25 28.39
CA ARG L 269 57.07 2.82 29.53
C ARG L 269 57.98 3.93 30.04
N LEU L 270 58.48 4.78 29.13
CA LEU L 270 59.27 5.93 29.57
C LEU L 270 58.43 6.89 30.42
N ALA L 271 57.18 7.13 30.00
CA ALA L 271 56.29 7.95 30.80
C ALA L 271 55.96 7.28 32.13
N ARG L 272 55.82 5.95 32.13
CA ARG L 272 55.62 5.23 33.39
C ARG L 272 56.80 5.44 34.32
N ALA L 273 58.03 5.33 33.80
CA ALA L 273 59.21 5.53 34.63
C ALA L 273 59.29 6.95 35.16
N TYR L 274 59.00 7.94 34.31
CA TYR L 274 59.01 9.33 34.78
C TYR L 274 57.96 9.56 35.86
N ASN L 275 56.77 8.98 35.69
CA ASN L 275 55.72 9.14 36.69
C ASN L 275 56.11 8.48 38.01
N THR L 276 56.74 7.31 37.95
CA THR L 276 57.06 6.58 39.18
C THR L 276 58.38 7.03 39.81
N VAL L 277 59.16 7.87 39.14
CA VAL L 277 60.41 8.35 39.72
C VAL L 277 60.20 9.73 40.31
N VAL L 278 59.24 10.48 39.78
CA VAL L 278 58.98 11.85 40.23
C VAL L 278 58.05 11.79 41.44
N PRO L 279 58.42 12.41 42.56
CA PRO L 279 57.53 12.42 43.73
C PRO L 279 56.25 13.17 43.42
N ALA L 280 55.16 12.74 44.08
CA ALA L 280 53.86 13.36 43.86
C ALA L 280 53.88 14.83 44.28
N SER L 281 53.27 15.67 43.46
CA SER L 281 53.20 17.11 43.70
C SER L 281 51.93 17.53 44.43
N GLY L 282 51.09 16.58 44.84
CA GLY L 282 49.85 16.89 45.52
C GLY L 282 48.64 17.02 44.61
N LYS L 283 48.85 17.03 43.29
CA LYS L 283 47.76 17.08 42.31
C LYS L 283 47.90 15.84 41.43
N VAL L 284 47.12 14.81 41.73
CA VAL L 284 47.20 13.53 41.03
C VAL L 284 46.08 13.44 40.01
N LEU L 285 46.43 13.15 38.76
CA LEU L 285 45.45 12.93 37.71
C LEU L 285 44.96 11.48 37.76
N THR L 286 43.84 11.23 37.10
CA THR L 286 43.27 9.89 37.06
C THR L 286 44.28 8.90 36.48
N GLY L 287 44.39 7.74 37.13
CA GLY L 287 45.35 6.74 36.73
C GLY L 287 46.66 6.76 37.48
N GLY L 288 46.75 7.49 38.59
CA GLY L 288 47.98 7.56 39.36
C GLY L 288 49.12 8.26 38.64
N VAL L 289 48.82 9.32 37.89
CA VAL L 289 49.83 10.11 37.20
C VAL L 289 49.82 11.52 37.79
N ASP L 290 51.01 12.01 38.15
CA ASP L 290 51.11 13.29 38.82
C ASP L 290 50.90 14.44 37.81
N ALA L 291 50.64 15.63 38.35
CA ALA L 291 50.44 16.81 37.51
C ALA L 291 51.69 17.19 36.75
N ASN L 292 52.87 16.78 37.21
CA ASN L 292 54.12 17.01 36.50
C ASN L 292 54.67 15.73 35.86
N ALA L 293 53.91 14.63 35.90
CA ALA L 293 54.37 13.37 35.32
C ALA L 293 54.44 13.43 33.80
N LEU L 294 53.69 14.32 33.16
CA LEU L 294 53.74 14.50 31.72
C LEU L 294 54.75 15.56 31.30
N HIS L 295 55.33 16.28 32.25
CA HIS L 295 56.21 17.39 31.91
C HIS L 295 57.54 16.88 31.33
N ARG L 296 58.14 15.89 31.99
CA ARG L 296 59.39 15.31 31.46
C ARG L 296 59.20 14.60 30.11
N PRO L 297 58.20 13.72 29.93
CA PRO L 297 58.05 13.09 28.61
C PRO L 297 57.80 14.09 27.50
N LYS L 298 57.03 15.14 27.76
CA LYS L 298 56.80 16.16 26.74
C LYS L 298 58.08 16.93 26.43
N ARG L 299 58.89 17.21 27.45
CA ARG L 299 60.18 17.84 27.19
C ARG L 299 61.05 16.95 26.32
N PHE L 300 61.08 15.65 26.61
CA PHE L 300 61.87 14.72 25.80
C PHE L 300 61.37 14.67 24.37
N PHE L 301 60.05 14.59 24.18
CA PHE L 301 59.49 14.38 22.86
C PHE L 301 59.46 15.64 22.01
N GLY L 302 59.48 16.82 22.63
CA GLY L 302 59.50 18.05 21.88
C GLY L 302 60.85 18.49 21.37
N ALA L 303 61.90 17.71 21.65
CA ALA L 303 63.24 18.06 21.18
C ALA L 303 63.37 17.98 19.67
N ALA L 304 62.48 17.24 19.00
CA ALA L 304 62.56 17.14 17.55
C ALA L 304 62.22 18.48 16.91
N ARG L 305 63.11 18.94 16.03
CA ARG L 305 62.94 20.22 15.35
C ARG L 305 63.96 20.31 14.23
N ASN L 306 63.65 21.15 13.25
CA ASN L 306 64.53 21.42 12.12
C ASN L 306 65.08 22.82 12.30
N VAL L 307 66.36 22.91 12.67
CA VAL L 307 66.99 24.20 12.93
C VAL L 307 67.32 24.88 11.61
N GLU L 308 67.65 26.18 11.67
CA GLU L 308 67.91 26.94 10.45
C GLU L 308 69.12 26.39 9.70
N GLU L 309 70.24 26.20 10.39
CA GLU L 309 71.49 25.76 9.78
C GLU L 309 71.96 24.46 10.41
N GLY L 310 72.53 23.59 9.60
CA GLY L 310 73.07 22.35 10.10
C GLY L 310 72.05 21.23 10.19
N GLY L 311 72.47 20.16 10.85
CA GLY L 311 71.62 19.00 10.99
C GLY L 311 70.46 19.23 11.93
N SER L 312 69.50 18.30 11.88
CA SER L 312 68.28 18.38 12.67
C SER L 312 68.07 17.08 13.42
N LEU L 313 67.32 17.18 14.52
CA LEU L 313 67.01 16.04 15.37
C LEU L 313 65.60 15.55 15.06
N THR L 314 65.48 14.29 14.64
CA THR L 314 64.21 13.69 14.30
C THR L 314 63.98 12.48 15.21
N ILE L 315 62.79 12.38 15.77
CA ILE L 315 62.43 11.28 16.67
C ILE L 315 61.25 10.53 16.09
N ILE L 316 61.34 9.21 16.09
CA ILE L 316 60.24 8.32 15.72
C ILE L 316 60.04 7.36 16.88
N ALA L 317 58.85 7.39 17.48
CA ALA L 317 58.58 6.65 18.71
C ALA L 317 57.28 5.88 18.60
N THR L 318 57.18 4.83 19.40
CA THR L 318 56.01 3.97 19.43
C THR L 318 55.16 4.27 20.65
N ALA L 319 53.85 4.28 20.47
CA ALA L 319 52.89 4.49 21.56
C ALA L 319 51.99 3.28 21.68
N LEU L 320 51.89 2.75 22.90
CA LEU L 320 51.07 1.56 23.15
C LEU L 320 49.66 1.96 23.56
N ILE L 321 48.69 1.16 23.12
CA ILE L 321 47.29 1.38 23.44
C ILE L 321 46.70 0.06 23.94
N ASP L 322 45.45 0.14 24.41
CA ASP L 322 44.60 -0.97 24.85
C ASP L 322 45.35 -2.07 25.58
N THR L 323 46.28 -1.69 26.46
CA THR L 323 47.05 -2.64 27.25
C THR L 323 46.31 -3.11 28.50
N GLY L 324 45.11 -2.60 28.75
CA GLY L 324 44.34 -2.96 29.93
C GLY L 324 44.49 -2.01 31.09
N SER L 325 45.41 -1.05 31.02
CA SER L 325 45.60 -0.04 32.06
C SER L 325 45.17 1.30 31.50
N LYS L 326 44.25 1.97 32.20
CA LYS L 326 43.66 3.20 31.67
C LYS L 326 44.59 4.39 31.77
N MET L 327 45.59 4.35 32.65
CA MET L 327 46.58 5.41 32.66
C MET L 327 47.39 5.41 31.36
N ASP L 328 47.57 4.23 30.75
CA ASP L 328 48.17 4.18 29.43
C ASP L 328 47.29 4.92 28.41
N GLU L 329 45.98 4.74 28.50
CA GLU L 329 45.09 5.44 27.58
C GLU L 329 45.14 6.95 27.80
N VAL L 330 45.20 7.41 29.05
CA VAL L 330 45.20 8.85 29.26
C VAL L 330 46.53 9.45 28.83
N ILE L 331 47.65 8.75 29.05
CA ILE L 331 48.93 9.29 28.59
C ILE L 331 49.01 9.25 27.07
N TYR L 332 48.33 8.29 26.43
CA TYR L 332 48.18 8.35 24.98
C TYR L 332 47.37 9.56 24.56
N GLU L 333 46.29 9.86 25.29
CA GLU L 333 45.44 10.99 24.96
C GLU L 333 46.21 12.31 25.06
N GLU L 334 47.02 12.47 26.11
CA GLU L 334 47.79 13.69 26.25
C GLU L 334 48.96 13.77 25.29
N PHE L 335 49.27 12.68 24.58
CA PHE L 335 50.34 12.64 23.59
C PHE L 335 49.80 12.41 22.19
N LYS L 336 48.55 12.81 21.93
CA LYS L 336 47.95 12.56 20.62
C LYS L 336 48.36 13.60 19.59
N GLY L 337 48.04 14.86 19.85
CA GLY L 337 48.29 15.93 18.91
C GLY L 337 49.65 16.59 18.99
N THR L 338 50.56 16.05 19.82
CA THR L 338 51.87 16.67 19.99
C THR L 338 52.83 16.35 18.86
N GLY L 339 52.54 15.36 18.02
CA GLY L 339 53.40 14.99 16.93
C GLY L 339 52.84 15.41 15.59
N ASN L 340 53.74 15.70 14.64
CA ASN L 340 53.34 16.14 13.32
C ASN L 340 53.24 15.01 12.30
N MET L 341 53.49 13.76 12.71
CA MET L 341 53.20 12.62 11.85
C MET L 341 52.93 11.41 12.73
N GLU L 342 52.06 10.53 12.27
CA GLU L 342 51.69 9.35 13.04
C GLU L 342 51.19 8.26 12.11
N LEU L 343 51.28 7.02 12.60
CA LEU L 343 50.74 5.87 11.88
C LEU L 343 50.28 4.83 12.88
N HIS L 344 49.20 4.13 12.54
CA HIS L 344 48.54 3.19 13.44
C HIS L 344 48.78 1.75 12.99
N LEU L 345 49.11 0.90 13.96
CA LEU L 345 49.05 -0.55 13.81
C LEU L 345 47.78 -1.02 14.49
N SER L 346 47.05 -1.93 13.84
CA SER L 346 45.74 -2.35 14.33
C SER L 346 45.68 -3.85 14.47
N ARG L 347 45.07 -4.31 15.57
CA ARG L 347 44.81 -5.73 15.75
C ARG L 347 43.73 -6.23 14.79
N LYS L 348 42.83 -5.35 14.36
CA LYS L 348 41.72 -5.78 13.51
C LYS L 348 42.21 -6.41 12.21
N ILE L 349 43.38 -5.98 11.73
CA ILE L 349 43.98 -6.64 10.57
C ILE L 349 44.82 -7.85 10.99
N ALA L 350 45.15 -7.96 12.29
CA ALA L 350 46.06 -9.01 12.73
C ALA L 350 45.41 -10.39 12.76
N GLU L 351 44.13 -10.47 13.16
CA GLU L 351 43.51 -11.80 13.30
C GLU L 351 43.35 -12.48 11.96
N LYS L 352 43.13 -11.71 10.89
CA LYS L 352 43.08 -12.30 9.55
C LYS L 352 44.47 -12.55 8.97
N ARG L 353 45.52 -12.10 9.67
CA ARG L 353 46.90 -12.54 9.45
C ARG L 353 47.49 -12.05 8.13
N VAL L 354 47.04 -10.92 7.63
CA VAL L 354 47.67 -10.26 6.48
C VAL L 354 48.53 -9.11 7.03
N PHE L 355 49.84 -9.19 6.76
CA PHE L 355 50.76 -8.27 7.39
C PHE L 355 51.59 -7.55 6.32
N PRO L 356 52.06 -6.33 6.60
CA PRO L 356 51.94 -5.56 7.85
C PRO L 356 50.53 -5.04 8.09
N ALA L 357 50.11 -4.96 9.35
CA ALA L 357 48.75 -4.59 9.72
C ALA L 357 48.72 -3.12 10.11
N ILE L 358 48.69 -2.25 9.11
CA ILE L 358 48.68 -0.81 9.30
C ILE L 358 47.34 -0.27 8.82
N ASP L 359 46.71 0.56 9.65
CA ASP L 359 45.45 1.22 9.28
C ASP L 359 45.79 2.42 8.41
N TYR L 360 45.87 2.17 7.09
CA TYR L 360 46.34 3.20 6.17
C TYR L 360 45.39 4.39 6.13
N ASN L 361 44.08 4.14 6.17
CA ASN L 361 43.12 5.23 6.13
C ASN L 361 43.26 6.15 7.34
N ARG L 362 43.39 5.57 8.53
CA ARG L 362 43.52 6.38 9.74
C ARG L 362 44.91 6.97 9.88
N SER L 363 45.93 6.25 9.42
CA SER L 363 47.29 6.77 9.45
C SER L 363 47.48 7.88 8.42
N GLY L 364 48.38 8.79 8.72
CA GLY L 364 48.68 9.87 7.80
C GLY L 364 49.70 10.81 8.39
N THR L 365 50.31 11.59 7.50
CA THR L 365 51.32 12.57 7.87
C THR L 365 50.76 13.98 7.73
N ARG L 366 51.59 14.96 8.06
CA ARG L 366 51.19 16.36 8.04
C ARG L 366 52.31 17.20 7.45
N LYS L 367 51.93 18.25 6.72
CA LYS L 367 52.89 19.15 6.06
C LYS L 367 53.84 18.36 5.15
N GLU L 368 53.28 17.44 4.38
CA GLU L 368 54.06 16.65 3.44
C GLU L 368 54.17 17.30 2.07
N GLU L 369 53.36 18.32 1.79
CA GLU L 369 53.43 19.00 0.49
C GLU L 369 54.75 19.72 0.31
N LEU L 370 55.26 20.34 1.37
CA LEU L 370 56.58 20.98 1.30
C LEU L 370 57.70 19.95 1.33
N LEU L 371 57.43 18.74 1.79
CA LEU L 371 58.44 17.69 1.84
C LEU L 371 58.70 17.08 0.47
N THR L 372 57.67 16.50 -0.13
CA THR L 372 57.80 15.78 -1.38
C THR L 372 57.51 16.68 -2.58
N THR L 373 57.70 16.12 -3.77
CA THR L 373 57.48 16.85 -5.01
C THR L 373 55.98 16.87 -5.33
N GLN L 374 55.64 17.28 -6.56
CA GLN L 374 54.24 17.50 -6.92
C GLN L 374 53.57 16.25 -7.50
N GLU L 375 54.12 15.72 -8.60
CA GLU L 375 53.43 14.65 -9.32
C GLU L 375 53.24 13.41 -8.46
N GLU L 376 54.27 13.01 -7.70
CA GLU L 376 54.10 11.87 -6.81
C GLU L 376 53.13 12.20 -5.67
N LEU L 377 53.03 13.47 -5.29
CA LEU L 377 52.04 13.86 -4.29
C LEU L 377 50.63 13.59 -4.80
N GLN L 378 50.34 13.97 -6.06
CA GLN L 378 49.04 13.63 -6.62
C GLN L 378 48.88 12.12 -6.78
N LYS L 379 49.97 11.39 -7.04
CA LYS L 379 49.88 9.94 -7.12
C LYS L 379 49.44 9.33 -5.80
N MET L 380 50.11 9.71 -4.70
CA MET L 380 49.69 9.20 -3.41
C MET L 380 48.30 9.69 -3.02
N TRP L 381 47.92 10.91 -3.43
CA TRP L 381 46.60 11.39 -3.11
C TRP L 381 45.52 10.60 -3.84
N ILE L 382 45.72 10.29 -5.12
CA ILE L 382 44.71 9.54 -5.85
C ILE L 382 44.64 8.11 -5.34
N LEU L 383 45.78 7.50 -5.00
CA LEU L 383 45.70 6.15 -4.43
C LEU L 383 45.04 6.18 -3.05
N ARG L 384 45.26 7.25 -2.27
CA ARG L 384 44.57 7.40 -1.00
C ARG L 384 43.06 7.49 -1.18
N LYS L 385 42.62 8.28 -2.17
CA LYS L 385 41.18 8.41 -2.39
C LYS L 385 40.59 7.14 -3.00
N ILE L 386 41.40 6.31 -3.66
CA ILE L 386 40.93 4.99 -4.08
C ILE L 386 40.79 4.08 -2.85
N ILE L 387 41.74 4.14 -1.92
CA ILE L 387 41.69 3.29 -0.73
C ILE L 387 40.58 3.72 0.22
N HIS L 388 40.19 5.00 0.19
CA HIS L 388 39.26 5.52 1.19
C HIS L 388 37.89 4.83 1.19
N PRO L 389 37.19 4.64 0.06
CA PRO L 389 35.79 4.16 0.15
C PRO L 389 35.64 2.82 0.82
N MET L 390 36.54 1.88 0.61
CA MET L 390 36.43 0.55 1.20
C MET L 390 37.25 0.47 2.48
N GLY L 391 37.18 -0.69 3.14
CA GLY L 391 37.83 -0.86 4.41
C GLY L 391 39.34 -0.95 4.30
N GLU L 392 39.98 -1.00 5.47
CA GLU L 392 41.45 -1.03 5.50
C GLU L 392 42.00 -2.41 5.15
N ILE L 393 41.26 -3.47 5.43
CA ILE L 393 41.81 -4.83 5.28
C ILE L 393 41.90 -5.22 3.81
N ASP L 394 40.77 -5.20 3.10
CA ASP L 394 40.77 -5.58 1.69
C ASP L 394 41.67 -4.67 0.88
N ALA L 395 41.62 -3.37 1.18
CA ALA L 395 42.58 -2.44 0.56
C ALA L 395 44.00 -2.80 0.93
N MET L 396 44.22 -3.37 2.12
CA MET L 396 45.57 -3.78 2.52
C MET L 396 46.10 -4.86 1.59
N GLU L 397 45.31 -5.94 1.41
CA GLU L 397 45.76 -6.93 0.42
C GLU L 397 45.88 -6.32 -0.96
N PHE L 398 44.99 -5.39 -1.31
CA PHE L 398 45.04 -4.77 -2.63
C PHE L 398 46.39 -4.11 -2.87
N LEU L 399 46.84 -3.24 -1.96
CA LEU L 399 48.07 -2.53 -2.27
C LEU L 399 49.30 -3.40 -2.04
N ILE L 400 49.26 -4.37 -1.11
CA ILE L 400 50.44 -5.22 -0.97
C ILE L 400 50.62 -6.09 -2.20
N ASN L 401 49.51 -6.56 -2.80
CA ASN L 401 49.62 -7.36 -4.02
C ASN L 401 50.01 -6.49 -5.21
N LYS L 402 49.53 -5.24 -5.25
CA LYS L 402 49.91 -4.35 -6.35
C LYS L 402 51.34 -3.85 -6.23
N LEU L 403 51.91 -3.88 -5.02
CA LEU L 403 53.27 -3.40 -4.80
C LEU L 403 54.31 -4.51 -4.78
N ALA L 404 53.92 -5.74 -4.46
CA ALA L 404 54.87 -6.84 -4.44
C ALA L 404 55.23 -7.33 -5.84
N MET L 405 54.28 -7.27 -6.78
CA MET L 405 54.53 -7.79 -8.12
C MET L 405 55.58 -6.96 -8.86
N THR L 406 55.72 -5.68 -8.51
CA THR L 406 56.71 -4.82 -9.16
C THR L 406 58.02 -4.86 -8.37
N LYS L 407 58.94 -3.97 -8.70
CA LYS L 407 60.26 -3.92 -8.06
C LYS L 407 60.46 -2.66 -7.23
N THR L 408 60.24 -1.48 -7.82
CA THR L 408 60.46 -0.21 -7.14
C THR L 408 59.14 0.55 -7.03
N ASN L 409 59.14 1.57 -6.16
CA ASN L 409 57.93 2.37 -5.96
C ASN L 409 57.56 3.15 -7.21
N ASP L 410 58.55 3.68 -7.93
CA ASP L 410 58.28 4.41 -9.16
C ASP L 410 57.66 3.50 -10.22
N ASP L 411 58.15 2.26 -10.30
CA ASP L 411 57.56 1.30 -11.22
C ASP L 411 56.11 0.99 -10.85
N PHE L 412 55.83 0.88 -9.55
CA PHE L 412 54.46 0.67 -9.10
C PHE L 412 53.58 1.86 -9.47
N PHE L 413 54.10 3.08 -9.32
CA PHE L 413 53.34 4.27 -9.68
C PHE L 413 53.04 4.28 -11.17
N GLU L 414 54.02 3.92 -11.99
CA GLU L 414 53.80 3.82 -13.43
C GLU L 414 52.74 2.77 -13.75
N MET L 415 52.82 1.62 -13.09
CA MET L 415 51.86 0.55 -13.34
C MET L 415 50.45 0.98 -12.96
N MET L 416 50.30 1.68 -11.85
CA MET L 416 48.96 2.05 -11.40
C MET L 416 48.38 3.21 -12.21
N LYS L 417 49.22 4.18 -12.60
CA LYS L 417 48.69 5.29 -13.39
C LYS L 417 48.45 4.91 -14.84
N ARG L 418 49.20 3.93 -15.36
CA ARG L 418 48.96 3.50 -16.74
C ARG L 418 47.67 2.70 -16.84
N SER L 419 47.36 1.91 -15.82
CA SER L 419 46.13 1.13 -15.78
C SER L 419 44.91 2.03 -15.64
N MET M 1 84.98 -41.98 52.79
CA MET M 1 83.63 -42.23 52.29
C MET M 1 82.82 -40.93 52.26
N ASN M 2 81.89 -40.83 51.32
CA ASN M 2 81.12 -39.62 51.14
C ASN M 2 79.91 -39.59 52.06
N LEU M 3 79.50 -38.37 52.42
CA LEU M 3 78.30 -38.16 53.22
C LEU M 3 77.05 -37.96 52.37
N THR M 4 77.18 -37.97 51.05
CA THR M 4 76.03 -37.77 50.18
C THR M 4 75.01 -38.90 50.34
N GLU M 5 75.49 -40.14 50.45
CA GLU M 5 74.60 -41.27 50.59
C GLU M 5 74.03 -41.42 51.99
N LEU M 6 74.56 -40.68 52.97
CA LEU M 6 74.07 -40.77 54.35
C LEU M 6 72.90 -39.82 54.61
N LYS M 7 72.95 -38.61 54.05
CA LYS M 7 71.87 -37.66 54.26
C LYS M 7 70.56 -38.15 53.65
N ASN M 8 70.63 -38.74 52.46
CA ASN M 8 69.45 -39.31 51.82
C ASN M 8 69.11 -40.70 52.35
N THR M 9 69.95 -41.27 53.20
CA THR M 9 69.69 -42.60 53.75
C THR M 9 68.47 -42.56 54.66
N PRO M 10 67.54 -43.50 54.53
CA PRO M 10 66.41 -43.57 55.46
C PRO M 10 66.87 -43.87 56.88
N VAL M 11 65.91 -43.80 57.81
CA VAL M 11 66.24 -43.90 59.22
C VAL M 11 66.63 -45.31 59.65
N SER M 12 66.21 -46.34 58.91
CA SER M 12 66.36 -47.71 59.38
C SER M 12 67.81 -48.16 59.43
N GLU M 13 68.48 -48.24 58.28
CA GLU M 13 69.87 -48.68 58.28
C GLU M 13 70.78 -47.63 58.90
N LEU M 14 70.37 -46.36 58.92
CA LEU M 14 71.09 -45.34 59.67
C LEU M 14 71.12 -45.68 61.16
N ILE M 15 69.96 -46.05 61.71
CA ILE M 15 69.89 -46.44 63.11
C ILE M 15 70.67 -47.73 63.34
N THR M 16 70.63 -48.66 62.39
CA THR M 16 71.42 -49.88 62.52
C THR M 16 72.91 -49.58 62.59
N LEU M 17 73.39 -48.65 61.76
CA LEU M 17 74.79 -48.24 61.80
C LEU M 17 75.12 -47.61 63.15
N GLY M 18 74.26 -46.71 63.61
CA GLY M 18 74.49 -46.07 64.91
C GLY M 18 74.57 -47.08 66.04
N GLU M 19 73.68 -48.08 66.02
CA GLU M 19 73.71 -49.10 67.06
C GLU M 19 74.94 -49.98 66.94
N ASN M 20 75.32 -50.36 65.72
CA ASN M 20 76.45 -51.28 65.58
C ASN M 20 77.79 -50.62 65.87
N MET M 21 77.90 -49.29 65.78
CA MET M 21 79.13 -48.70 66.27
C MET M 21 79.13 -48.68 67.80
N GLY M 22 77.98 -48.35 68.41
CA GLY M 22 77.88 -48.22 69.85
C GLY M 22 77.20 -46.94 70.31
N LEU M 23 76.52 -46.25 69.41
CA LEU M 23 75.80 -45.04 69.78
C LEU M 23 74.58 -45.36 70.64
N GLU M 24 74.16 -44.36 71.41
CA GLU M 24 73.00 -44.49 72.29
C GLU M 24 71.72 -44.30 71.48
N ASN M 25 70.60 -44.12 72.17
CA ASN M 25 69.31 -43.97 71.49
C ASN M 25 69.26 -42.63 70.79
N LEU M 26 69.59 -42.63 69.49
CA LEU M 26 69.61 -41.42 68.69
C LEU M 26 68.26 -41.10 68.06
N ALA M 27 67.22 -41.87 68.38
CA ALA M 27 65.91 -41.65 67.79
C ALA M 27 65.25 -40.37 68.28
N ARG M 28 65.80 -39.73 69.32
CA ARG M 28 65.22 -38.51 69.88
C ARG M 28 66.02 -37.25 69.53
N MET M 29 66.64 -37.23 68.35
CA MET M 29 67.26 -36.01 67.84
C MET M 29 66.91 -35.85 66.37
N ARG M 30 67.13 -34.64 65.85
CA ARG M 30 66.87 -34.35 64.45
C ARG M 30 67.85 -35.12 63.56
N LYS M 31 67.56 -35.14 62.26
CA LYS M 31 68.41 -35.89 61.32
C LYS M 31 69.81 -35.32 61.26
N GLN M 32 69.94 -33.98 61.24
CA GLN M 32 71.22 -33.37 60.93
C GLN M 32 72.27 -33.67 61.99
N ASP M 33 71.92 -33.59 63.28
CA ASP M 33 72.93 -33.88 64.29
C ASP M 33 73.25 -35.37 64.37
N ILE M 34 72.30 -36.24 63.99
CA ILE M 34 72.61 -37.66 63.91
C ILE M 34 73.62 -37.92 62.79
N ILE M 35 73.43 -37.26 61.64
CA ILE M 35 74.42 -37.35 60.57
C ILE M 35 75.77 -36.84 61.04
N PHE M 36 75.77 -35.75 61.82
CA PHE M 36 77.01 -35.21 62.35
C PHE M 36 77.70 -36.22 63.25
N ALA M 37 76.95 -36.88 64.13
CA ALA M 37 77.54 -37.86 65.05
C ALA M 37 78.06 -39.07 64.28
N ILE M 38 77.33 -39.52 63.26
CA ILE M 38 77.78 -40.66 62.46
C ILE M 38 79.06 -40.31 61.71
N LEU M 39 79.16 -39.07 61.22
CA LEU M 39 80.40 -38.67 60.58
C LEU M 39 81.54 -38.52 61.57
N LYS M 40 81.24 -38.11 62.81
CA LYS M 40 82.26 -38.12 63.86
C LYS M 40 82.80 -39.51 64.12
N GLN M 41 81.91 -40.50 64.21
CA GLN M 41 82.37 -41.86 64.48
C GLN M 41 83.08 -42.47 63.28
N HIS M 42 82.67 -42.09 62.06
CA HIS M 42 83.42 -42.50 60.88
C HIS M 42 84.81 -41.88 60.88
N ALA M 43 84.93 -40.61 61.30
CA ALA M 43 86.22 -39.97 61.37
C ALA M 43 87.13 -40.63 62.40
N LYS M 44 86.59 -40.94 63.58
CA LYS M 44 87.42 -41.58 64.60
C LYS M 44 87.78 -43.00 64.20
N SER M 45 86.88 -43.71 63.51
CA SER M 45 87.26 -44.99 62.92
C SER M 45 88.32 -44.79 61.83
N GLY M 46 88.17 -43.73 61.04
CA GLY M 46 89.16 -43.35 60.05
C GLY M 46 88.76 -43.68 58.62
N GLU M 47 88.18 -42.69 57.94
CA GLU M 47 87.90 -42.77 56.51
C GLU M 47 87.77 -41.35 55.99
N ASP M 48 88.58 -40.99 55.00
CA ASP M 48 88.56 -39.64 54.48
C ASP M 48 87.19 -39.33 53.88
N ILE M 49 86.64 -38.17 54.24
CA ILE M 49 85.29 -37.80 53.81
C ILE M 49 85.34 -37.24 52.41
N PHE M 50 84.45 -37.73 51.54
CA PHE M 50 84.34 -37.23 50.16
C PHE M 50 83.22 -36.19 50.11
N GLY M 51 83.54 -35.00 50.59
CA GLY M 51 82.51 -33.97 50.72
C GLY M 51 82.00 -33.54 49.36
N ASP M 52 80.71 -33.25 49.29
CA ASP M 52 80.08 -32.84 48.04
C ASP M 52 78.83 -32.05 48.37
N GLY M 53 78.67 -30.91 47.71
CA GLY M 53 77.48 -30.10 47.90
C GLY M 53 77.66 -28.71 47.33
N VAL M 54 76.60 -27.92 47.51
CA VAL M 54 76.57 -26.55 47.01
C VAL M 54 77.28 -25.64 48.00
N LEU M 55 78.13 -24.76 47.49
CA LEU M 55 78.87 -23.80 48.31
C LEU M 55 78.17 -22.45 48.28
N GLU M 56 77.83 -21.93 49.45
CA GLU M 56 77.23 -20.62 49.59
C GLU M 56 78.15 -19.79 50.47
N ILE M 57 78.54 -18.61 49.98
CA ILE M 57 79.49 -17.77 50.70
C ILE M 57 78.74 -16.69 51.46
N LEU M 58 79.20 -16.41 52.67
CA LEU M 58 78.64 -15.39 53.53
C LEU M 58 79.27 -14.03 53.19
N GLN M 59 78.63 -12.95 53.66
CA GLN M 59 79.24 -11.64 53.50
C GLN M 59 80.54 -11.49 54.29
N ASP M 60 80.84 -12.42 55.21
CA ASP M 60 82.15 -12.47 55.84
C ASP M 60 83.23 -12.99 54.90
N GLY M 61 82.87 -13.40 53.69
CA GLY M 61 83.81 -14.05 52.80
C GLY M 61 84.08 -15.50 53.13
N PHE M 62 83.11 -16.18 53.73
CA PHE M 62 83.30 -17.51 54.28
C PHE M 62 82.21 -18.45 53.76
N GLY M 63 82.54 -19.73 53.65
CA GLY M 63 81.65 -20.73 53.08
C GLY M 63 81.05 -21.63 54.13
N PHE M 64 79.75 -21.91 53.98
CA PHE M 64 78.98 -22.77 54.89
C PHE M 64 78.28 -23.86 54.11
N LEU M 65 79.03 -24.58 53.27
CA LEU M 65 78.52 -25.47 52.24
C LEU M 65 77.31 -26.27 52.72
N ARG M 66 76.20 -26.15 51.97
CA ARG M 66 74.91 -26.73 52.34
C ARG M 66 74.71 -28.07 51.63
N SER M 67 73.48 -28.58 51.72
CA SER M 67 73.07 -29.81 51.06
C SER M 67 71.69 -29.62 50.44
N ALA M 68 71.45 -30.35 49.34
CA ALA M 68 70.17 -30.24 48.66
C ALA M 68 69.06 -31.01 49.40
N ASP M 69 69.43 -32.10 50.09
CA ASP M 69 68.43 -32.89 50.79
C ASP M 69 67.74 -32.09 51.89
N SER M 70 68.52 -31.29 52.62
CA SER M 70 67.98 -30.47 53.70
C SER M 70 67.31 -29.20 53.21
N SER M 71 67.00 -29.12 51.91
CA SER M 71 66.37 -27.94 51.31
C SER M 71 67.20 -26.69 51.52
N TYR M 72 68.53 -26.85 51.54
CA TYR M 72 69.51 -25.79 51.72
C TYR M 72 69.38 -25.09 53.07
N LEU M 73 68.68 -25.71 54.03
CA LEU M 73 68.63 -25.14 55.38
C LEU M 73 70.00 -25.23 56.04
N ALA M 74 70.37 -24.18 56.75
CA ALA M 74 71.65 -24.18 57.47
C ALA M 74 71.60 -25.17 58.62
N GLY M 75 72.60 -26.03 58.69
CA GLY M 75 72.65 -27.06 59.71
C GLY M 75 74.05 -27.43 60.12
N PRO M 76 74.16 -28.25 61.17
CA PRO M 76 75.49 -28.69 61.63
C PRO M 76 76.28 -29.47 60.58
N ASP M 77 75.62 -30.09 59.60
CA ASP M 77 76.32 -30.81 58.55
C ASP M 77 76.85 -29.90 57.46
N ASP M 78 76.61 -28.60 57.54
CA ASP M 78 77.24 -27.66 56.63
C ASP M 78 78.76 -27.73 56.79
N ILE M 79 79.47 -27.53 55.69
CA ILE M 79 80.92 -27.69 55.66
C ILE M 79 81.56 -26.31 55.77
N TYR M 80 82.45 -26.14 56.76
CA TYR M 80 83.25 -24.93 56.85
C TYR M 80 84.11 -24.81 55.61
N VAL M 81 84.18 -23.61 55.04
CA VAL M 81 85.04 -23.34 53.88
C VAL M 81 85.75 -22.03 54.18
N SER M 82 87.05 -22.12 54.48
CA SER M 82 87.83 -20.95 54.83
C SER M 82 87.97 -20.01 53.63
N PRO M 83 88.12 -18.71 53.87
CA PRO M 83 88.29 -17.77 52.74
C PRO M 83 89.47 -18.12 51.86
N SER M 84 90.54 -18.69 52.43
CA SER M 84 91.65 -19.16 51.62
C SER M 84 91.21 -20.25 50.65
N GLN M 85 90.28 -21.11 51.08
CA GLN M 85 89.77 -22.15 50.18
C GLN M 85 89.06 -21.56 48.97
N ILE M 86 88.25 -20.52 49.20
CA ILE M 86 87.62 -19.84 48.06
C ILE M 86 88.68 -19.18 47.19
N ARG M 87 89.64 -18.49 47.81
CA ARG M 87 90.59 -17.67 47.04
C ARG M 87 91.52 -18.53 46.20
N ARG M 88 91.94 -19.69 46.72
CA ARG M 88 92.87 -20.53 45.96
C ARG M 88 92.23 -21.11 44.71
N PHE M 89 90.91 -21.31 44.74
CA PHE M 89 90.20 -21.90 43.61
C PHE M 89 89.25 -20.91 42.94
N ASN M 90 89.13 -19.69 43.46
CA ASN M 90 88.29 -18.65 42.88
C ASN M 90 86.84 -19.11 42.76
N LEU M 91 86.23 -19.38 43.92
CA LEU M 91 84.85 -19.83 43.98
C LEU M 91 83.92 -18.69 44.38
N ARG M 92 82.62 -18.98 44.37
CA ARG M 92 81.59 -18.02 44.71
C ARG M 92 80.44 -18.78 45.37
N THR M 93 79.28 -18.14 45.44
CA THR M 93 78.07 -18.83 45.88
C THR M 93 77.68 -19.89 44.85
N GLY M 94 76.96 -20.91 45.33
CA GLY M 94 76.23 -21.82 44.46
C GLY M 94 77.04 -22.60 43.45
N ASP M 95 78.13 -23.21 43.89
CA ASP M 95 78.95 -24.07 43.05
C ASP M 95 78.96 -25.47 43.65
N THR M 96 78.86 -26.49 42.79
CA THR M 96 78.89 -27.88 43.22
C THR M 96 80.32 -28.28 43.47
N ILE M 97 80.74 -28.24 44.74
CA ILE M 97 82.10 -28.57 45.15
C ILE M 97 82.09 -29.99 45.69
N SER M 98 82.96 -30.83 45.14
CA SER M 98 83.12 -32.21 45.59
C SER M 98 84.62 -32.50 45.69
N GLY M 99 85.10 -32.71 46.91
CA GLY M 99 86.51 -32.96 47.12
C GLY M 99 86.78 -33.64 48.44
N LYS M 100 88.07 -33.89 48.66
CA LYS M 100 88.52 -34.56 49.88
C LYS M 100 88.43 -33.59 51.05
N ILE M 101 87.40 -33.73 51.88
CA ILE M 101 87.21 -32.84 53.01
C ILE M 101 87.64 -33.57 54.29
N ARG M 102 87.79 -32.79 55.37
CA ARG M 102 88.35 -33.30 56.61
C ARG M 102 87.46 -32.84 57.77
N PRO M 103 87.09 -33.76 58.67
CA PRO M 103 86.15 -33.41 59.75
C PRO M 103 86.76 -32.42 60.72
N PRO M 104 85.94 -31.59 61.38
CA PRO M 104 86.48 -30.54 62.24
C PRO M 104 87.35 -31.08 63.36
N LYS M 105 88.43 -30.37 63.65
CA LYS M 105 89.25 -30.64 64.81
C LYS M 105 88.76 -29.79 65.99
N GLU M 106 89.56 -29.72 67.05
CA GLU M 106 89.19 -28.92 68.21
C GLU M 106 89.14 -27.44 67.84
N GLY M 107 88.11 -26.76 68.35
CA GLY M 107 87.92 -25.34 68.12
C GLY M 107 86.85 -25.00 67.09
N GLU M 108 86.40 -25.97 66.30
CA GLU M 108 85.36 -25.74 65.31
C GLU M 108 84.49 -27.00 65.20
N ARG M 109 83.27 -26.81 64.69
CA ARG M 109 82.30 -27.90 64.70
C ARG M 109 81.54 -28.06 63.38
N TYR M 110 82.01 -27.48 62.29
CA TYR M 110 81.58 -27.86 60.95
C TYR M 110 82.76 -28.41 60.17
N PHE M 111 82.45 -29.16 59.11
CA PHE M 111 83.48 -29.89 58.39
C PHE M 111 84.42 -28.94 57.64
N ALA M 112 85.70 -29.29 57.61
CA ALA M 112 86.71 -28.45 56.99
C ALA M 112 86.91 -28.87 55.53
N LEU M 113 87.91 -28.28 54.87
CA LEU M 113 88.20 -28.56 53.47
C LEU M 113 89.67 -28.31 53.22
N LEU M 114 90.30 -29.19 52.44
CA LEU M 114 91.72 -29.05 52.15
C LEU M 114 92.03 -29.00 50.66
N LYS M 115 91.32 -29.76 49.84
CA LYS M 115 91.42 -29.62 48.38
C LYS M 115 90.20 -30.25 47.75
N VAL M 116 90.08 -30.06 46.43
CA VAL M 116 88.95 -30.57 45.66
C VAL M 116 89.47 -31.40 44.50
N ASN M 117 88.60 -32.28 44.00
CA ASN M 117 88.94 -33.14 42.88
C ASN M 117 87.86 -33.20 41.80
N GLU M 118 86.68 -32.65 42.04
CA GLU M 118 85.60 -32.66 41.04
C GLU M 118 84.67 -31.51 41.33
N VAL M 119 84.44 -30.65 40.35
CA VAL M 119 83.57 -29.48 40.49
C VAL M 119 82.46 -29.58 39.45
N ASN M 120 81.22 -29.49 39.93
CA ASN M 120 80.00 -29.53 39.11
C ASN M 120 80.11 -30.52 37.95
N PHE M 121 80.45 -31.77 38.31
CA PHE M 121 80.57 -32.86 37.34
C PHE M 121 81.58 -32.53 36.24
N ASP M 122 82.68 -31.89 36.62
CA ASP M 122 83.71 -31.52 35.67
C ASP M 122 85.04 -31.43 36.40
N LYS M 123 86.12 -31.49 35.61
CA LYS M 123 87.46 -31.37 36.19
C LYS M 123 87.67 -29.96 36.74
N PRO M 124 88.22 -29.84 37.95
CA PRO M 124 88.33 -28.51 38.57
C PRO M 124 89.12 -27.50 37.74
N GLU M 125 90.33 -27.88 37.31
CA GLU M 125 91.15 -26.95 36.53
C GLU M 125 90.47 -26.56 35.22
N ASN M 126 89.86 -27.53 34.55
CA ASN M 126 89.09 -27.22 33.35
C ASN M 126 87.89 -26.34 33.67
N ALA M 127 87.21 -26.62 34.78
CA ALA M 127 86.04 -25.82 35.16
C ALA M 127 86.40 -24.39 35.50
N ARG M 128 87.66 -24.13 35.88
CA ARG M 128 88.07 -22.76 36.17
C ARG M 128 87.96 -21.87 34.93
N ASN M 129 88.39 -22.37 33.78
CA ASN M 129 88.41 -21.57 32.56
C ASN M 129 87.05 -21.65 31.88
N LYS M 130 86.14 -20.77 32.30
CA LYS M 130 84.81 -20.69 31.71
C LYS M 130 84.40 -19.21 31.65
N ILE M 131 83.13 -18.98 31.33
CA ILE M 131 82.59 -17.64 31.15
C ILE M 131 81.40 -17.46 32.09
N LEU M 132 81.15 -16.21 32.47
CA LEU M 132 80.00 -15.90 33.31
C LEU M 132 78.70 -16.16 32.56
N PHE M 133 77.65 -16.48 33.33
CA PHE M 133 76.33 -16.65 32.73
C PHE M 133 75.84 -15.36 32.11
N GLU M 134 76.00 -14.24 32.82
CA GLU M 134 75.58 -12.94 32.29
C GLU M 134 76.52 -12.44 31.20
N ASN M 135 77.77 -12.89 31.20
CA ASN M 135 78.70 -12.46 30.16
C ASN M 135 78.37 -13.09 28.81
N LEU M 136 77.84 -14.30 28.81
CA LEU M 136 77.44 -14.96 27.56
C LEU M 136 76.28 -14.19 26.93
N THR M 137 76.29 -14.12 25.61
CA THR M 137 75.30 -13.32 24.89
C THR M 137 73.96 -14.05 24.84
N PRO M 138 72.90 -13.50 25.41
CA PRO M 138 71.59 -14.14 25.32
C PRO M 138 71.00 -14.03 23.91
N LEU M 139 70.13 -14.98 23.60
CA LEU M 139 69.33 -14.94 22.37
C LEU M 139 67.96 -15.54 22.67
N HIS M 140 67.22 -15.83 21.61
CA HIS M 140 65.86 -16.34 21.73
C HIS M 140 65.88 -17.88 21.77
N ALA M 141 64.71 -18.45 22.09
CA ALA M 141 64.58 -19.90 22.18
C ALA M 141 64.57 -20.49 20.77
N ASN M 142 65.56 -21.31 20.46
CA ASN M 142 65.67 -21.95 19.15
C ASN M 142 65.06 -23.36 19.15
N SER M 143 65.58 -24.25 19.99
CA SER M 143 65.09 -25.61 20.06
C SER M 143 63.76 -25.66 20.81
N ARG M 144 62.98 -26.70 20.53
CA ARG M 144 61.63 -26.86 21.09
C ARG M 144 61.61 -28.01 22.07
N LEU M 145 60.99 -27.79 23.21
CA LEU M 145 60.79 -28.83 24.23
C LEU M 145 59.37 -29.38 24.07
N ARG M 146 59.26 -30.60 23.57
CA ARG M 146 57.96 -31.22 23.36
C ARG M 146 57.37 -31.67 24.69
N MET M 147 56.11 -31.31 24.93
CA MET M 147 55.44 -31.58 26.20
C MET M 147 54.53 -32.80 26.15
N GLU M 148 54.53 -33.56 25.05
CA GLU M 148 53.72 -34.75 24.93
C GLU M 148 54.58 -35.98 25.18
N ARG M 149 54.21 -36.77 26.19
CA ARG M 149 54.95 -38.00 26.47
C ARG M 149 54.72 -39.04 25.38
N GLY M 150 53.49 -39.15 24.88
CA GLY M 150 53.17 -40.10 23.84
C GLY M 150 52.89 -41.51 24.32
N ASN M 151 52.91 -41.76 25.63
CA ASN M 151 52.62 -43.09 26.16
C ASN M 151 51.14 -43.45 26.05
N GLY M 152 50.26 -42.50 25.76
CA GLY M 152 48.84 -42.77 25.64
C GLY M 152 48.10 -42.86 26.95
N SER M 153 48.69 -42.39 28.05
CA SER M 153 48.03 -42.45 29.34
C SER M 153 46.81 -41.52 29.36
N THR M 154 45.78 -41.93 30.10
CA THR M 154 44.54 -41.17 30.16
C THR M 154 44.69 -39.83 30.86
N GLU M 155 45.74 -39.65 31.67
CA GLU M 155 45.99 -38.40 32.35
C GLU M 155 46.93 -37.47 31.58
N ASP M 156 47.40 -37.91 30.41
CA ASP M 156 48.34 -37.13 29.62
C ASP M 156 47.66 -36.07 28.76
N LEU M 157 46.33 -36.03 28.73
CA LEU M 157 45.63 -35.10 27.83
C LEU M 157 45.95 -33.65 28.17
N THR M 158 46.20 -33.35 29.45
CA THR M 158 46.54 -31.98 29.84
C THR M 158 47.86 -31.56 29.23
N ALA M 159 48.88 -32.41 29.30
CA ALA M 159 50.15 -32.10 28.67
C ALA M 159 50.02 -32.00 27.15
N ARG M 160 49.20 -32.88 26.57
CA ARG M 160 48.99 -32.84 25.12
C ARG M 160 48.37 -31.52 24.69
N VAL M 161 47.34 -31.05 25.41
CA VAL M 161 46.72 -29.79 25.04
C VAL M 161 47.64 -28.62 25.34
N LEU M 162 48.46 -28.72 26.39
CA LEU M 162 49.42 -27.66 26.68
C LEU M 162 50.50 -27.57 25.61
N ASP M 163 50.82 -28.69 24.96
CA ASP M 163 51.87 -28.68 23.94
C ASP M 163 51.52 -27.73 22.80
N LEU M 164 50.31 -27.83 22.25
CA LEU M 164 49.89 -26.92 21.20
C LEU M 164 49.26 -25.65 21.75
N ALA M 165 49.00 -25.58 23.05
CA ALA M 165 48.53 -24.33 23.64
C ALA M 165 49.60 -23.25 23.55
N SER M 166 50.83 -23.60 23.90
CA SER M 166 51.98 -22.70 23.77
C SER M 166 53.27 -23.51 23.75
N PRO M 167 54.09 -23.37 22.71
CA PRO M 167 55.34 -24.13 22.66
C PRO M 167 56.29 -23.74 23.78
N ILE M 168 57.08 -24.72 24.21
CA ILE M 168 58.07 -24.54 25.27
C ILE M 168 59.44 -24.85 24.67
N GLY M 169 60.41 -23.95 24.91
CA GLY M 169 61.76 -24.14 24.41
C GLY M 169 62.78 -23.83 25.48
N ARG M 170 64.04 -24.11 25.13
CA ARG M 170 65.15 -23.80 26.03
C ARG M 170 65.28 -22.29 26.21
N GLY M 171 65.49 -21.87 27.45
CA GLY M 171 65.61 -20.45 27.74
C GLY M 171 64.34 -19.66 27.50
N GLN M 172 63.19 -20.20 27.91
CA GLN M 172 61.89 -19.57 27.70
C GLN M 172 61.34 -19.07 29.02
N ARG M 173 60.78 -17.87 28.99
CA ARG M 173 60.27 -17.21 30.20
C ARG M 173 58.75 -17.11 30.12
N GLY M 174 58.07 -17.60 31.15
CA GLY M 174 56.64 -17.79 31.09
C GLY M 174 55.93 -17.41 32.36
N LEU M 175 54.68 -17.00 32.20
CA LEU M 175 53.76 -16.73 33.30
C LEU M 175 52.64 -17.76 33.29
N ILE M 176 52.08 -18.02 34.46
CA ILE M 176 50.85 -18.83 34.55
C ILE M 176 49.92 -18.13 35.53
N VAL M 177 48.94 -17.40 35.02
CA VAL M 177 48.03 -16.66 35.87
C VAL M 177 46.88 -17.56 36.27
N ALA M 178 46.56 -17.58 37.56
CA ALA M 178 45.57 -18.51 38.07
C ALA M 178 45.00 -18.06 39.42
N PRO M 179 43.68 -17.97 39.54
CA PRO M 179 43.07 -17.82 40.86
C PRO M 179 43.23 -19.10 41.66
N PRO M 180 43.12 -19.04 42.99
CA PRO M 180 43.33 -20.26 43.78
C PRO M 180 42.23 -21.28 43.53
N LYS M 181 42.57 -22.55 43.77
CA LYS M 181 41.71 -23.69 43.48
C LYS M 181 41.44 -23.81 41.98
N ALA M 182 42.53 -23.88 41.21
CA ALA M 182 42.45 -24.00 39.77
C ALA M 182 43.28 -25.16 39.20
N GLY M 183 43.95 -25.93 40.05
CA GLY M 183 44.72 -27.06 39.56
C GLY M 183 46.07 -26.72 38.97
N LYS M 184 46.68 -25.61 39.39
CA LYS M 184 47.97 -25.22 38.83
C LYS M 184 49.12 -26.05 39.39
N THR M 185 49.00 -26.53 40.62
CA THR M 185 50.10 -27.30 41.23
C THR M 185 50.29 -28.64 40.55
N MET M 186 49.20 -29.39 40.36
CA MET M 186 49.36 -30.67 39.69
C MET M 186 49.54 -30.51 38.18
N LEU M 187 49.10 -29.39 37.61
CA LEU M 187 49.54 -29.04 36.27
C LEU M 187 51.07 -28.89 36.22
N LEU M 188 51.64 -28.24 37.23
CA LEU M 188 53.08 -28.06 37.30
C LEU M 188 53.79 -29.42 37.40
N GLN M 189 53.28 -30.30 38.26
CA GLN M 189 53.95 -31.61 38.37
C GLN M 189 53.73 -32.47 37.13
N ASN M 190 52.60 -32.31 36.44
CA ASN M 190 52.42 -33.00 35.17
C ASN M 190 53.43 -32.52 34.13
N ILE M 191 53.68 -31.20 34.10
CA ILE M 191 54.76 -30.68 33.27
C ILE M 191 56.10 -31.28 33.69
N ALA M 192 56.27 -31.49 35.00
CA ALA M 192 57.51 -32.09 35.50
C ALA M 192 57.69 -33.50 34.96
N GLN M 193 56.64 -34.34 35.03
CA GLN M 193 56.77 -35.68 34.47
C GLN M 193 57.00 -35.63 32.97
N SER M 194 56.32 -34.71 32.27
CA SER M 194 56.50 -34.61 30.83
C SER M 194 57.95 -34.31 30.47
N ILE M 195 58.53 -33.29 31.12
CA ILE M 195 59.90 -32.90 30.80
C ILE M 195 60.90 -33.96 31.27
N ALA M 196 60.59 -34.68 32.35
CA ALA M 196 61.50 -35.71 32.83
C ALA M 196 61.50 -36.92 31.90
N TYR M 197 60.32 -37.37 31.48
CA TYR M 197 60.22 -38.55 30.63
C TYR M 197 60.71 -38.25 29.22
N ASN M 198 60.30 -37.12 28.66
CA ASN M 198 60.65 -36.80 27.28
C ASN M 198 62.11 -36.35 27.17
N HIS M 199 62.58 -35.56 28.12
CA HIS M 199 63.95 -35.01 28.10
C HIS M 199 64.65 -35.34 29.40
N PRO M 200 65.13 -36.58 29.57
CA PRO M 200 65.88 -36.92 30.79
C PRO M 200 67.27 -36.33 30.82
N ASP M 201 67.80 -35.88 29.69
CA ASP M 201 69.17 -35.35 29.66
C ASP M 201 69.27 -34.03 30.42
N CYS M 202 68.32 -33.12 30.19
CA CYS M 202 68.36 -31.82 30.85
C CYS M 202 68.05 -31.97 32.34
N VAL M 203 68.72 -31.16 33.16
CA VAL M 203 68.49 -31.22 34.60
C VAL M 203 67.11 -30.66 34.92
N LEU M 204 66.56 -31.13 36.03
CA LEU M 204 65.22 -30.73 36.47
C LEU M 204 65.25 -30.38 37.94
N MET M 205 64.63 -29.26 38.28
CA MET M 205 64.44 -28.88 39.67
C MET M 205 63.24 -27.94 39.75
N VAL M 206 62.45 -28.10 40.80
CA VAL M 206 61.26 -27.29 41.02
C VAL M 206 61.33 -26.64 42.39
N LEU M 207 61.02 -25.35 42.44
CA LEU M 207 61.07 -24.56 43.66
C LEU M 207 59.68 -24.42 44.24
N LEU M 208 59.52 -24.85 45.49
CA LEU M 208 58.31 -24.65 46.27
C LEU M 208 58.61 -23.58 47.32
N ILE M 209 57.83 -22.51 47.31
CA ILE M 209 58.03 -21.37 48.21
C ILE M 209 56.86 -21.32 49.17
N ASP M 210 57.16 -21.01 50.44
CA ASP M 210 56.18 -20.85 51.53
C ASP M 210 54.94 -21.71 51.34
N GLU M 211 55.19 -23.01 51.14
CA GLU M 211 54.17 -23.99 50.85
C GLU M 211 54.26 -25.10 51.89
N ARG M 212 53.12 -25.73 52.17
CA ARG M 212 53.05 -26.68 53.27
C ARG M 212 54.03 -27.84 53.05
N PRO M 213 54.65 -28.36 54.12
CA PRO M 213 55.57 -29.48 53.94
C PRO M 213 54.89 -30.75 53.45
N GLU M 214 53.56 -30.83 53.56
CA GLU M 214 52.82 -31.96 53.01
C GLU M 214 53.09 -32.13 51.53
N GLU M 215 52.73 -31.13 50.73
CA GLU M 215 53.02 -31.18 49.30
C GLU M 215 54.51 -31.18 49.02
N VAL M 216 55.33 -30.67 49.94
CA VAL M 216 56.78 -30.73 49.77
C VAL M 216 57.24 -32.19 49.72
N THR M 217 56.83 -32.98 50.71
CA THR M 217 57.17 -34.40 50.70
C THR M 217 56.46 -35.13 49.57
N GLU M 218 55.28 -34.66 49.16
CA GLU M 218 54.60 -35.24 48.02
C GLU M 218 55.45 -35.10 46.76
N MET M 219 56.02 -33.91 46.54
CA MET M 219 56.94 -33.71 45.43
C MET M 219 58.21 -34.55 45.61
N GLN M 220 58.72 -34.62 46.85
CA GLN M 220 59.94 -35.37 47.10
C GLN M 220 59.79 -36.83 46.69
N ARG M 221 58.67 -37.44 47.04
CA ARG M 221 58.40 -38.82 46.63
C ARG M 221 57.86 -38.92 45.21
N LEU M 222 57.46 -37.80 44.60
CA LEU M 222 56.83 -37.82 43.28
C LEU M 222 57.80 -37.57 42.13
N VAL M 223 58.45 -36.41 42.12
CA VAL M 223 59.27 -36.02 40.97
C VAL M 223 60.62 -36.72 41.03
N LYS M 224 61.07 -37.23 39.88
CA LYS M 224 62.36 -37.90 39.81
C LYS M 224 63.50 -36.94 40.10
N GLY M 225 63.44 -35.73 39.54
CA GLY M 225 64.47 -34.75 39.79
C GLY M 225 64.39 -34.20 41.20
N GLU M 226 65.49 -33.60 41.64
CA GLU M 226 65.54 -33.05 42.99
C GLU M 226 64.65 -31.82 43.09
N VAL M 227 63.94 -31.71 44.21
CA VAL M 227 63.01 -30.62 44.47
C VAL M 227 63.56 -29.76 45.60
N VAL M 228 63.50 -28.44 45.43
CA VAL M 228 63.94 -27.51 46.45
C VAL M 228 62.70 -26.81 47.00
N ALA M 229 62.54 -26.81 48.31
CA ALA M 229 61.33 -26.29 48.93
C ALA M 229 61.65 -25.57 50.22
N SER M 230 60.76 -24.66 50.59
CA SER M 230 60.87 -23.91 51.84
C SER M 230 59.47 -23.68 52.39
N THR M 231 59.14 -24.36 53.48
CA THR M 231 57.82 -24.25 54.06
C THR M 231 57.63 -22.88 54.72
N PHE M 232 56.37 -22.54 54.98
CA PHE M 232 56.04 -21.25 55.57
C PHE M 232 56.46 -21.13 57.02
N ASP M 233 56.92 -22.23 57.64
CA ASP M 233 57.34 -22.18 59.04
C ASP M 233 58.47 -21.18 59.24
N GLU M 234 59.50 -21.27 58.41
CA GLU M 234 60.59 -20.30 58.47
C GLU M 234 60.13 -18.96 57.92
N PRO M 235 60.74 -17.85 58.38
CA PRO M 235 60.27 -16.52 57.93
C PRO M 235 60.57 -16.25 56.47
N ALA M 236 60.12 -15.09 55.98
CA ALA M 236 60.31 -14.74 54.57
C ALA M 236 61.77 -14.57 54.22
N SER M 237 62.62 -14.23 55.20
CA SER M 237 64.04 -14.06 54.92
C SER M 237 64.64 -15.32 54.34
N ARG M 238 64.44 -16.46 55.03
CA ARG M 238 64.96 -17.74 54.56
C ARG M 238 64.55 -17.99 53.12
N HIS M 239 63.27 -17.75 52.80
CA HIS M 239 62.80 -17.84 51.42
C HIS M 239 63.65 -16.97 50.50
N VAL M 240 63.94 -15.74 50.94
CA VAL M 240 64.74 -14.83 50.12
C VAL M 240 66.09 -15.44 49.79
N GLN M 241 66.89 -15.75 50.82
CA GLN M 241 68.26 -16.16 50.52
C GLN M 241 68.29 -17.50 49.80
N VAL M 242 67.37 -18.42 50.12
CA VAL M 242 67.36 -19.67 49.36
C VAL M 242 67.00 -19.39 47.91
N ALA M 243 66.12 -18.41 47.65
CA ALA M 243 65.78 -18.07 46.28
C ALA M 243 66.99 -17.58 45.50
N GLU M 244 67.72 -16.59 46.04
CA GLU M 244 68.84 -16.11 45.23
C GLU M 244 69.96 -17.14 45.16
N MET M 245 70.19 -17.94 46.21
CA MET M 245 71.26 -18.92 46.09
C MET M 245 70.90 -20.02 45.10
N VAL M 246 69.62 -20.42 45.01
CA VAL M 246 69.26 -21.45 44.05
C VAL M 246 69.29 -20.89 42.63
N ILE M 247 68.90 -19.63 42.43
CA ILE M 247 68.97 -19.07 41.08
C ILE M 247 70.43 -18.92 40.65
N GLU M 248 71.31 -18.56 41.60
CA GLU M 248 72.72 -18.46 41.26
C GLU M 248 73.35 -19.85 41.06
N LYS M 249 72.84 -20.86 41.78
CA LYS M 249 73.27 -22.24 41.55
C LYS M 249 72.88 -22.69 40.15
N ALA M 250 71.67 -22.37 39.72
CA ALA M 250 71.27 -22.67 38.35
C ALA M 250 72.14 -21.90 37.35
N LYS M 251 72.50 -20.67 37.69
CA LYS M 251 73.41 -19.89 36.85
C LYS M 251 74.75 -20.61 36.67
N ARG M 252 75.33 -21.06 37.79
CA ARG M 252 76.61 -21.76 37.72
C ARG M 252 76.48 -23.08 36.96
N LEU M 253 75.37 -23.79 37.14
CA LEU M 253 75.17 -25.05 36.43
C LEU M 253 75.05 -24.83 34.92
N VAL M 254 74.32 -23.79 34.51
CA VAL M 254 74.17 -23.50 33.09
C VAL M 254 75.40 -22.83 32.50
N GLU M 255 76.31 -22.35 33.34
CA GLU M 255 77.57 -21.79 32.83
C GLU M 255 78.38 -22.79 32.02
N HIS M 256 78.15 -24.09 32.22
CA HIS M 256 78.92 -25.15 31.56
C HIS M 256 78.15 -25.79 30.42
N LYS M 257 77.38 -25.01 29.66
CA LYS M 257 76.66 -25.49 28.48
C LYS M 257 75.69 -26.61 28.82
N LYS M 258 75.06 -26.50 29.99
CA LYS M 258 74.09 -27.50 30.46
C LYS M 258 72.71 -26.87 30.50
N ASP M 259 71.75 -27.52 29.84
CA ASP M 259 70.38 -27.02 29.82
C ASP M 259 69.76 -27.14 31.20
N VAL M 260 69.30 -26.02 31.75
CA VAL M 260 68.71 -25.97 33.09
C VAL M 260 67.30 -25.41 32.96
N ILE M 261 66.33 -26.15 33.51
CA ILE M 261 64.93 -25.73 33.55
C ILE M 261 64.47 -25.78 34.99
N ILE M 262 63.98 -24.66 35.50
CA ILE M 262 63.49 -24.56 36.87
C ILE M 262 62.03 -24.13 36.84
N LEU M 263 61.29 -24.56 37.86
CA LEU M 263 59.85 -24.32 37.93
C LEU M 263 59.54 -23.58 39.22
N LEU M 264 58.71 -22.55 39.12
CA LEU M 264 58.39 -21.68 40.26
C LEU M 264 56.90 -21.68 40.54
N ASP M 265 56.56 -21.71 41.83
CA ASP M 265 55.18 -21.54 42.27
C ASP M 265 55.15 -21.03 43.72
N SER M 266 54.91 -19.73 43.88
CA SER M 266 54.63 -18.79 42.80
C SER M 266 55.51 -17.55 42.91
N ILE M 267 55.63 -16.81 41.80
CA ILE M 267 56.44 -15.59 41.80
C ILE M 267 55.82 -14.52 42.68
N THR M 268 54.49 -14.53 42.82
CA THR M 268 53.83 -13.51 43.64
C THR M 268 54.23 -13.61 45.10
N ARG M 269 54.30 -14.83 45.63
CA ARG M 269 54.67 -14.99 47.04
C ARG M 269 56.12 -14.62 47.27
N LEU M 270 56.99 -14.95 46.30
CA LEU M 270 58.38 -14.53 46.38
C LEU M 270 58.51 -13.01 46.37
N ALA M 271 57.74 -12.34 45.51
CA ALA M 271 57.76 -10.89 45.48
C ALA M 271 57.28 -10.29 46.80
N ARG M 272 56.22 -10.88 47.37
CA ARG M 272 55.72 -10.39 48.66
C ARG M 272 56.76 -10.59 49.75
N ALA M 273 57.45 -11.74 49.76
CA ALA M 273 58.49 -11.98 50.75
C ALA M 273 59.63 -10.99 50.60
N TYR M 274 60.04 -10.71 49.36
CA TYR M 274 61.10 -9.74 49.13
C TYR M 274 60.67 -8.35 49.58
N ASN M 275 59.42 -7.98 49.32
CA ASN M 275 58.92 -6.67 49.75
C ASN M 275 58.92 -6.58 51.28
N THR M 276 58.49 -7.64 51.96
CA THR M 276 58.44 -7.61 53.41
C THR M 276 59.83 -7.55 54.02
N VAL M 277 60.77 -8.33 53.50
CA VAL M 277 62.09 -8.40 54.11
C VAL M 277 62.89 -7.13 53.88
N VAL M 278 62.72 -6.49 52.73
CA VAL M 278 63.59 -5.35 52.38
C VAL M 278 63.20 -4.14 53.23
N PRO M 279 64.16 -3.35 53.72
CA PRO M 279 63.81 -2.10 54.40
C PRO M 279 63.20 -1.09 53.43
N ALA M 280 62.37 -0.22 53.98
CA ALA M 280 61.74 0.82 53.18
C ALA M 280 62.78 1.83 52.71
N SER M 281 62.78 2.14 51.42
CA SER M 281 63.73 3.05 50.82
C SER M 281 63.24 4.50 50.80
N GLY M 282 62.02 4.75 51.25
CA GLY M 282 61.47 6.09 51.23
C GLY M 282 60.52 6.32 50.08
N LYS M 283 60.87 5.80 48.91
CA LYS M 283 60.02 5.89 47.73
C LYS M 283 58.99 4.77 47.80
N VAL M 284 57.78 5.11 48.25
CA VAL M 284 56.71 4.15 48.46
C VAL M 284 55.71 4.27 47.33
N LEU M 285 55.42 3.14 46.67
CA LEU M 285 54.43 3.11 45.60
C LEU M 285 53.03 3.10 46.20
N THR M 286 52.02 2.89 45.35
CA THR M 286 50.65 2.88 45.83
C THR M 286 50.40 1.67 46.72
N GLY M 287 49.77 1.92 47.88
CA GLY M 287 49.40 0.88 48.81
C GLY M 287 50.48 0.46 49.78
N GLY M 288 51.74 0.86 49.55
CA GLY M 288 52.81 0.49 50.47
C GLY M 288 53.87 -0.41 49.86
N VAL M 289 54.12 -0.26 48.56
CA VAL M 289 55.12 -1.06 47.85
C VAL M 289 56.39 -0.23 47.72
N ASP M 290 57.51 -0.80 48.17
CA ASP M 290 58.80 -0.13 48.04
C ASP M 290 59.29 -0.20 46.60
N ALA M 291 59.96 0.87 46.16
CA ALA M 291 60.46 0.92 44.78
C ALA M 291 61.53 -0.15 44.55
N ASN M 292 62.45 -0.32 45.51
CA ASN M 292 63.51 -1.29 45.37
C ASN M 292 63.09 -2.70 45.76
N ALA M 293 61.88 -2.86 46.31
CA ALA M 293 61.42 -4.19 46.70
C ALA M 293 61.24 -5.10 45.49
N LEU M 294 60.69 -4.56 44.40
CA LEU M 294 60.42 -5.36 43.21
C LEU M 294 61.64 -5.57 42.33
N HIS M 295 62.75 -4.88 42.60
CA HIS M 295 63.92 -5.00 41.74
C HIS M 295 64.48 -6.42 41.74
N ARG M 296 64.60 -7.02 42.92
CA ARG M 296 65.14 -8.39 43.00
C ARG M 296 64.27 -9.42 42.29
N PRO M 297 62.95 -9.45 42.47
CA PRO M 297 62.14 -10.39 41.67
C PRO M 297 62.25 -10.17 40.18
N LYS M 298 62.45 -8.91 39.74
CA LYS M 298 62.68 -8.66 38.32
C LYS M 298 63.96 -9.35 37.85
N ARG M 299 65.02 -9.28 38.65
CA ARG M 299 66.26 -9.97 38.30
C ARG M 299 66.06 -11.48 38.31
N PHE M 300 65.32 -12.01 39.30
CA PHE M 300 65.10 -13.44 39.37
C PHE M 300 64.33 -13.95 38.16
N PHE M 301 63.29 -13.22 37.75
CA PHE M 301 62.48 -13.65 36.62
C PHE M 301 63.16 -13.40 35.28
N GLY M 302 63.95 -12.34 35.17
CA GLY M 302 64.63 -12.00 33.95
C GLY M 302 65.89 -12.78 33.66
N ALA M 303 66.26 -13.70 34.54
CA ALA M 303 67.43 -14.55 34.31
C ALA M 303 67.23 -15.52 33.14
N ALA M 304 66.00 -15.66 32.66
CA ALA M 304 65.73 -16.58 31.55
C ALA M 304 66.34 -16.03 30.26
N ARG M 305 67.12 -16.87 29.58
CA ARG M 305 67.75 -16.51 28.32
C ARG M 305 68.26 -17.78 27.66
N ASN M 306 68.54 -17.69 26.37
CA ASN M 306 69.10 -18.80 25.59
C ASN M 306 70.49 -18.41 25.13
N VAL M 307 71.50 -19.10 25.64
CA VAL M 307 72.89 -18.79 25.32
C VAL M 307 73.26 -19.46 24.01
N GLU M 308 73.81 -18.67 23.07
CA GLU M 308 74.21 -19.22 21.78
C GLU M 308 75.41 -20.15 21.92
N GLU M 309 76.32 -19.87 22.85
CA GLU M 309 77.49 -20.71 23.05
C GLU M 309 77.14 -22.10 23.56
N GLY M 310 75.92 -22.28 24.09
CA GLY M 310 75.50 -23.58 24.57
C GLY M 310 74.78 -23.52 25.89
N GLY M 311 73.67 -24.23 26.00
CA GLY M 311 72.88 -24.24 27.21
C GLY M 311 71.96 -23.04 27.32
N SER M 312 71.01 -23.15 28.24
CA SER M 312 70.06 -22.08 28.49
C SER M 312 69.46 -22.25 29.88
N LEU M 313 68.94 -21.16 30.41
CA LEU M 313 68.29 -21.14 31.72
C LEU M 313 66.81 -20.83 31.51
N THR M 314 65.97 -21.84 31.73
CA THR M 314 64.53 -21.73 31.49
C THR M 314 63.81 -21.59 32.82
N ILE M 315 63.04 -20.52 32.97
CA ILE M 315 62.23 -20.28 34.16
C ILE M 315 60.77 -20.23 33.75
N ILE M 316 59.94 -21.07 34.35
CA ILE M 316 58.51 -21.07 34.15
C ILE M 316 57.86 -20.88 35.52
N ALA M 317 57.15 -19.77 35.68
CA ALA M 317 56.62 -19.37 36.98
C ALA M 317 55.14 -19.10 36.89
N THR M 318 54.41 -19.51 37.92
CA THR M 318 52.98 -19.25 38.02
C THR M 318 52.72 -17.88 38.63
N ALA M 319 51.50 -17.38 38.43
CA ALA M 319 51.09 -16.09 38.96
C ALA M 319 49.74 -16.23 39.67
N LEU M 320 49.57 -15.46 40.74
CA LEU M 320 48.36 -15.49 41.54
C LEU M 320 47.57 -14.21 41.30
N ILE M 321 46.31 -14.35 40.89
CA ILE M 321 45.43 -13.23 40.65
C ILE M 321 44.08 -13.50 41.31
N ASP M 322 43.35 -12.42 41.57
CA ASP M 322 42.00 -12.49 42.15
C ASP M 322 41.98 -13.20 43.50
N THR M 323 43.07 -13.08 44.25
CA THR M 323 43.15 -13.70 45.58
C THR M 323 42.64 -12.80 46.69
N GLY M 324 42.29 -11.55 46.38
CA GLY M 324 41.76 -10.63 47.36
C GLY M 324 42.77 -9.66 47.95
N SER M 325 44.05 -9.97 47.87
CA SER M 325 45.08 -9.07 48.37
C SER M 325 45.27 -7.89 47.42
N LYS M 326 45.76 -6.78 47.97
CA LYS M 326 45.92 -5.57 47.19
C LYS M 326 47.11 -5.65 46.23
N MET M 327 48.18 -6.35 46.62
CA MET M 327 49.42 -6.30 45.86
C MET M 327 49.58 -7.41 44.83
N ASP M 328 48.71 -8.43 44.86
CA ASP M 328 48.85 -9.51 43.89
C ASP M 328 48.61 -9.03 42.47
N GLU M 329 47.54 -8.27 42.25
CA GLU M 329 47.28 -7.75 40.92
C GLU M 329 48.31 -6.70 40.52
N VAL M 330 48.84 -5.94 41.47
CA VAL M 330 49.90 -4.98 41.18
C VAL M 330 51.14 -5.70 40.68
N ILE M 331 51.52 -6.79 41.35
CA ILE M 331 52.67 -7.57 40.91
C ILE M 331 52.41 -8.21 39.56
N TYR M 332 51.19 -8.72 39.35
CA TYR M 332 50.86 -9.32 38.05
C TYR M 332 50.96 -8.30 36.93
N GLU M 333 50.46 -7.09 37.15
CA GLU M 333 50.57 -6.04 36.13
C GLU M 333 52.02 -5.65 35.92
N GLU M 334 52.81 -5.58 37.00
CA GLU M 334 54.22 -5.25 36.86
C GLU M 334 54.99 -6.35 36.13
N PHE M 335 54.52 -7.60 36.21
CA PHE M 335 55.13 -8.73 35.54
C PHE M 335 54.41 -9.11 34.26
N LYS M 336 53.81 -8.13 33.57
CA LYS M 336 53.03 -8.42 32.38
C LYS M 336 53.91 -8.79 31.20
N GLY M 337 54.76 -7.86 30.77
CA GLY M 337 55.60 -8.04 29.61
C GLY M 337 56.94 -8.69 29.85
N THR M 338 57.24 -9.09 31.09
CA THR M 338 58.53 -9.69 31.38
C THR M 338 58.70 -11.03 30.67
N GLY M 339 57.72 -11.92 30.81
CA GLY M 339 57.80 -13.22 30.17
C GLY M 339 57.34 -13.16 28.72
N ASN M 340 57.98 -14.00 27.89
CA ASN M 340 57.63 -14.05 26.48
C ASN M 340 56.59 -15.11 26.16
N MET M 341 56.11 -15.87 27.16
CA MET M 341 54.97 -16.75 26.94
C MET M 341 54.21 -16.88 28.25
N GLU M 342 52.93 -17.24 28.16
CA GLU M 342 52.10 -17.28 29.35
C GLU M 342 50.86 -18.12 29.11
N LEU M 343 50.30 -18.61 30.22
CA LEU M 343 49.04 -19.35 30.25
C LEU M 343 48.04 -18.64 31.14
N HIS M 344 46.77 -18.70 30.73
CA HIS M 344 45.66 -18.09 31.46
C HIS M 344 44.81 -19.19 32.07
N LEU M 345 44.94 -19.39 33.37
CA LEU M 345 44.07 -20.28 34.13
C LEU M 345 43.07 -19.42 34.89
N SER M 346 41.79 -19.81 34.83
CA SER M 346 40.72 -19.03 35.42
C SER M 346 39.81 -19.92 36.26
N ARG M 347 39.52 -19.46 37.48
CA ARG M 347 38.50 -20.12 38.29
C ARG M 347 37.10 -19.78 37.79
N LYS M 348 36.93 -18.61 37.16
CA LYS M 348 35.65 -18.19 36.62
C LYS M 348 35.16 -19.10 35.50
N ILE M 349 36.03 -19.94 34.94
CA ILE M 349 35.65 -20.90 33.92
C ILE M 349 35.74 -22.33 34.45
N ALA M 350 35.78 -22.50 35.77
CA ALA M 350 35.98 -23.81 36.38
C ALA M 350 34.77 -24.30 37.18
N GLU M 351 33.69 -23.53 37.26
CA GLU M 351 32.49 -24.01 37.96
C GLU M 351 31.88 -25.20 37.24
N LYS M 352 31.94 -25.23 35.91
CA LYS M 352 31.50 -26.39 35.15
C LYS M 352 32.43 -27.58 35.31
N ARG M 353 33.59 -27.39 35.96
CA ARG M 353 34.52 -28.47 36.26
C ARG M 353 35.03 -29.15 34.98
N VAL M 354 35.28 -28.34 33.95
CA VAL M 354 35.95 -28.83 32.76
C VAL M 354 37.44 -28.89 33.05
N PHE M 355 38.00 -30.09 32.98
CA PHE M 355 39.37 -30.34 33.42
C PHE M 355 40.25 -30.72 32.24
N PRO M 356 41.28 -29.94 31.91
CA PRO M 356 41.68 -28.67 32.54
C PRO M 356 40.83 -27.51 32.05
N ALA M 357 41.07 -26.29 32.51
CA ALA M 357 40.27 -25.13 32.13
C ALA M 357 41.22 -23.96 31.85
N ILE M 358 41.60 -23.81 30.58
CA ILE M 358 42.47 -22.73 30.14
C ILE M 358 41.72 -21.88 29.12
N ASP M 359 41.68 -20.57 29.35
CA ASP M 359 41.05 -19.66 28.41
C ASP M 359 41.93 -19.52 27.17
N TYR M 360 41.66 -20.31 26.15
CA TYR M 360 42.50 -20.40 24.96
C TYR M 360 42.06 -19.45 23.85
N ASN M 361 41.07 -18.59 24.11
CA ASN M 361 40.64 -17.64 23.08
C ASN M 361 41.76 -16.67 22.72
N ARG M 362 42.52 -16.20 23.72
CA ARG M 362 43.60 -15.25 23.52
C ARG M 362 44.85 -15.63 24.30
N SER M 363 45.01 -16.91 24.61
CA SER M 363 46.21 -17.41 25.26
C SER M 363 47.20 -17.88 24.20
N GLY M 364 48.46 -17.49 24.35
CA GLY M 364 49.47 -17.87 23.38
C GLY M 364 50.82 -17.34 23.77
N THR M 365 51.77 -17.48 22.83
CA THR M 365 53.15 -17.05 23.00
C THR M 365 53.50 -16.02 21.93
N ARG M 366 54.77 -15.66 21.87
CA ARG M 366 55.25 -14.66 20.92
C ARG M 366 56.47 -15.18 20.17
N LYS M 367 56.59 -14.76 18.91
CA LYS M 367 57.74 -15.02 18.04
C LYS M 367 58.09 -16.51 17.94
N GLU M 368 57.12 -17.39 18.22
CA GLU M 368 57.32 -18.83 18.11
C GLU M 368 57.47 -19.33 16.67
N GLU M 369 57.53 -18.42 15.69
CA GLU M 369 57.64 -18.83 14.29
C GLU M 369 58.89 -19.66 14.05
N LEU M 370 59.97 -19.39 14.77
CA LEU M 370 61.21 -20.12 14.65
C LEU M 370 61.36 -21.22 15.68
N LEU M 371 60.33 -21.45 16.51
CA LEU M 371 60.40 -22.45 17.56
C LEU M 371 59.89 -23.82 17.12
N THR M 372 59.30 -23.93 15.93
CA THR M 372 58.74 -25.20 15.47
C THR M 372 58.74 -25.22 13.95
N THR M 373 58.53 -26.42 13.40
CA THR M 373 58.43 -26.57 11.96
C THR M 373 57.18 -25.88 11.43
N GLN M 374 57.19 -25.61 10.12
CA GLN M 374 56.25 -24.66 9.55
C GLN M 374 54.84 -25.25 9.44
N GLU M 375 54.68 -26.29 8.62
CA GLU M 375 53.35 -26.84 8.34
C GLU M 375 52.58 -27.16 9.62
N GLU M 376 53.30 -27.66 10.63
CA GLU M 376 52.71 -27.89 11.94
C GLU M 376 52.25 -26.56 12.56
N LEU M 377 53.02 -25.49 12.33
CA LEU M 377 52.65 -24.18 12.85
C LEU M 377 51.40 -23.63 12.15
N GLN M 378 51.34 -23.73 10.82
CA GLN M 378 50.10 -23.32 10.15
C GLN M 378 48.92 -24.21 10.54
N LYS M 379 49.16 -25.44 10.98
CA LYS M 379 48.03 -26.23 11.46
C LYS M 379 47.53 -25.74 12.83
N MET M 380 48.44 -25.33 13.72
CA MET M 380 47.93 -24.60 14.89
C MET M 380 47.24 -23.32 14.50
N TRP M 381 47.71 -22.64 13.44
CA TRP M 381 47.04 -21.43 12.98
C TRP M 381 45.60 -21.73 12.54
N ILE M 382 45.42 -22.83 11.79
CA ILE M 382 44.09 -23.24 11.36
C ILE M 382 43.22 -23.56 12.56
N LEU M 383 43.77 -24.30 13.54
CA LEU M 383 43.02 -24.63 14.74
C LEU M 383 42.60 -23.36 15.49
N ARG M 384 43.52 -22.40 15.61
CA ARG M 384 43.22 -21.14 16.27
C ARG M 384 42.10 -20.41 15.55
N LYS M 385 42.19 -20.30 14.22
CA LYS M 385 41.19 -19.55 13.48
C LYS M 385 39.84 -20.26 13.43
N ILE M 386 39.81 -21.57 13.65
CA ILE M 386 38.52 -22.27 13.68
C ILE M 386 37.93 -22.38 15.07
N ILE M 387 38.71 -22.16 16.12
CA ILE M 387 38.19 -22.17 17.49
C ILE M 387 38.15 -20.79 18.12
N HIS M 388 38.50 -19.75 17.37
CA HIS M 388 38.49 -18.38 17.90
C HIS M 388 37.11 -17.73 17.92
N PRO M 389 36.33 -17.77 16.81
CA PRO M 389 35.12 -16.92 16.76
C PRO M 389 34.10 -17.20 17.86
N MET M 390 33.92 -18.47 18.25
CA MET M 390 32.93 -18.77 19.27
C MET M 390 33.51 -18.54 20.66
N GLY M 391 32.69 -18.78 21.69
CA GLY M 391 33.10 -18.55 23.05
C GLY M 391 34.16 -19.55 23.51
N GLU M 392 34.75 -19.24 24.66
CA GLU M 392 35.79 -20.10 25.22
C GLU M 392 35.22 -21.35 25.87
N ILE M 393 34.00 -21.30 26.39
CA ILE M 393 33.43 -22.45 27.09
C ILE M 393 33.22 -23.61 26.13
N ASP M 394 32.38 -23.40 25.11
CA ASP M 394 32.05 -24.49 24.20
C ASP M 394 33.26 -24.96 23.42
N ALA M 395 34.15 -24.03 23.03
CA ALA M 395 35.40 -24.42 22.40
C ALA M 395 36.24 -25.27 23.34
N MET M 396 36.21 -24.97 24.63
CA MET M 396 37.00 -25.75 25.58
C MET M 396 36.43 -27.15 25.74
N GLU M 397 35.11 -27.29 25.81
CA GLU M 397 34.54 -28.64 25.83
C GLU M 397 34.82 -29.39 24.53
N PHE M 398 34.83 -28.67 23.40
CA PHE M 398 35.18 -29.30 22.13
C PHE M 398 36.60 -29.85 22.18
N LEU M 399 37.54 -29.05 22.68
CA LEU M 399 38.91 -29.54 22.83
C LEU M 399 38.96 -30.73 23.78
N ILE M 400 38.23 -30.66 24.90
CA ILE M 400 38.28 -31.72 25.90
C ILE M 400 37.77 -33.03 25.31
N ASN M 401 36.63 -33.00 24.62
CA ASN M 401 36.06 -34.24 24.12
C ASN M 401 36.67 -34.68 22.80
N LYS M 402 37.51 -33.86 22.16
CA LYS M 402 38.28 -34.38 21.02
C LYS M 402 39.64 -34.93 21.43
N LEU M 403 40.28 -34.37 22.46
CA LEU M 403 41.49 -34.99 22.99
C LEU M 403 41.20 -36.37 23.58
N ALA M 404 40.06 -36.52 24.25
CA ALA M 404 39.74 -37.78 24.91
C ALA M 404 39.40 -38.88 23.91
N MET M 405 38.95 -38.51 22.71
CA MET M 405 38.47 -39.49 21.74
C MET M 405 39.54 -39.95 20.76
N THR M 406 40.78 -39.44 20.87
CA THR M 406 41.84 -39.80 19.94
C THR M 406 43.12 -40.04 20.72
N LYS M 407 44.21 -40.31 19.99
CA LYS M 407 45.48 -40.72 20.58
C LYS M 407 46.48 -39.57 20.67
N THR M 408 46.82 -38.95 19.55
CA THR M 408 47.87 -37.94 19.50
C THR M 408 47.39 -36.73 18.71
N ASN M 409 48.17 -35.64 18.83
CA ASN M 409 47.88 -34.43 18.07
C ASN M 409 48.03 -34.62 16.57
N ASP M 410 48.85 -35.58 16.14
CA ASP M 410 48.94 -35.89 14.72
C ASP M 410 47.59 -36.34 14.18
N ASP M 411 46.86 -37.15 14.96
CA ASP M 411 45.53 -37.56 14.55
C ASP M 411 44.61 -36.36 14.36
N PHE M 412 44.70 -35.39 15.27
CA PHE M 412 44.04 -34.11 15.04
C PHE M 412 44.47 -33.52 13.71
N PHE M 413 45.75 -33.64 13.38
CA PHE M 413 46.26 -33.03 12.16
C PHE M 413 45.55 -33.61 10.93
N GLU M 414 45.50 -34.94 10.82
CA GLU M 414 44.81 -35.44 9.62
C GLU M 414 43.28 -35.31 9.71
N MET M 415 42.69 -35.24 10.90
CA MET M 415 41.24 -35.09 10.91
C MET M 415 40.81 -33.65 10.65
N MET M 416 41.67 -32.66 10.87
CA MET M 416 41.46 -31.38 10.22
C MET M 416 41.83 -31.42 8.75
N LYS M 417 42.72 -32.34 8.33
CA LYS M 417 42.97 -32.47 6.90
C LYS M 417 41.71 -32.85 6.14
N ARG M 418 40.92 -33.80 6.66
CA ARG M 418 39.57 -33.96 6.11
C ARG M 418 38.68 -32.77 6.49
N SER M 419 38.64 -32.40 7.76
CA SER M 419 37.70 -31.37 8.21
C SER M 419 38.40 -30.04 8.44
N MET N 1 50.59 -44.17 96.55
CA MET N 1 49.65 -43.06 96.64
C MET N 1 49.97 -42.03 95.55
N ASN N 2 49.10 -41.96 94.54
CA ASN N 2 49.31 -41.02 93.45
C ASN N 2 49.01 -39.59 93.90
N LEU N 3 49.82 -38.65 93.40
CA LEU N 3 49.60 -37.24 93.74
C LEU N 3 48.43 -36.65 92.97
N THR N 4 48.26 -37.06 91.71
CA THR N 4 47.24 -36.44 90.87
C THR N 4 45.82 -36.87 91.24
N GLU N 5 45.66 -38.01 91.92
CA GLU N 5 44.33 -38.48 92.23
C GLU N 5 43.68 -37.66 93.34
N LEU N 6 44.48 -37.02 94.20
CA LEU N 6 43.94 -36.22 95.29
C LEU N 6 43.67 -34.77 94.89
N LYS N 7 44.12 -34.34 93.70
CA LYS N 7 43.80 -32.99 93.25
C LYS N 7 42.31 -32.85 92.96
N ASN N 8 41.71 -33.85 92.31
CA ASN N 8 40.28 -33.84 92.04
C ASN N 8 39.45 -34.16 93.27
N THR N 9 40.08 -34.61 94.35
CA THR N 9 39.35 -34.88 95.58
C THR N 9 38.76 -33.59 96.14
N PRO N 10 37.52 -33.59 96.60
CA PRO N 10 36.93 -32.38 97.15
C PRO N 10 37.69 -31.88 98.37
N VAL N 11 37.65 -30.56 98.57
CA VAL N 11 38.41 -29.93 99.65
C VAL N 11 37.97 -30.47 101.00
N SER N 12 36.67 -30.73 101.16
CA SER N 12 36.17 -31.25 102.43
C SER N 12 36.78 -32.61 102.76
N GLU N 13 36.85 -33.50 101.77
CA GLU N 13 37.47 -34.80 102.00
C GLU N 13 38.95 -34.65 102.35
N LEU N 14 39.66 -33.77 101.65
CA LEU N 14 41.08 -33.57 101.91
C LEU N 14 41.31 -33.05 103.32
N ILE N 15 40.50 -32.07 103.75
CA ILE N 15 40.70 -31.51 105.08
C ILE N 15 40.30 -32.51 106.16
N THR N 16 39.28 -33.35 105.91
CA THR N 16 38.94 -34.40 106.87
C THR N 16 40.08 -35.40 107.01
N LEU N 17 40.67 -35.81 105.88
CA LEU N 17 41.82 -36.72 105.95
C LEU N 17 42.99 -36.07 106.68
N GLY N 18 43.23 -34.78 106.42
CA GLY N 18 44.31 -34.09 107.10
C GLY N 18 44.10 -34.01 108.60
N GLU N 19 42.89 -33.68 109.04
CA GLU N 19 42.61 -33.58 110.47
C GLU N 19 42.58 -34.96 111.13
N ASN N 20 42.28 -36.02 110.37
CA ASN N 20 42.37 -37.37 110.91
C ASN N 20 43.77 -37.95 110.84
N MET N 21 44.70 -37.30 110.12
CA MET N 21 46.05 -37.80 109.98
C MET N 21 47.13 -36.90 110.58
N GLY N 22 46.78 -35.70 111.06
CA GLY N 22 47.74 -34.88 111.75
C GLY N 22 47.65 -33.38 111.47
N LEU N 23 46.87 -32.99 110.47
CA LEU N 23 46.72 -31.59 110.10
C LEU N 23 45.43 -31.05 110.71
N GLU N 24 45.52 -30.67 111.99
CA GLU N 24 44.33 -30.19 112.70
C GLU N 24 43.79 -28.91 112.09
N ASN N 25 44.68 -28.02 111.65
CA ASN N 25 44.26 -26.80 110.97
C ASN N 25 44.09 -27.05 109.47
N LEU N 26 43.17 -26.32 108.87
CA LEU N 26 42.77 -26.62 107.50
C LEU N 26 42.17 -25.38 106.85
N ALA N 27 42.13 -25.40 105.51
CA ALA N 27 41.49 -24.37 104.70
C ALA N 27 42.07 -22.97 104.98
N ARG N 28 43.36 -22.90 105.28
CA ARG N 28 44.00 -21.62 105.55
C ARG N 28 45.34 -21.43 104.86
N MET N 29 45.97 -22.48 104.32
CA MET N 29 47.26 -22.37 103.66
C MET N 29 47.12 -22.86 102.21
N ARG N 30 48.26 -22.84 101.50
CA ARG N 30 48.29 -23.36 100.14
C ARG N 30 48.12 -24.87 100.14
N LYS N 31 47.38 -25.37 99.14
CA LYS N 31 47.16 -26.80 99.03
C LYS N 31 48.46 -27.56 98.80
N GLN N 32 49.45 -26.90 98.19
CA GLN N 32 50.74 -27.56 97.96
C GLN N 32 51.42 -27.94 99.27
N ASP N 33 51.33 -27.08 100.28
CA ASP N 33 51.89 -27.41 101.58
C ASP N 33 51.19 -28.60 102.21
N ILE N 34 49.86 -28.69 102.03
CA ILE N 34 49.12 -29.84 102.53
C ILE N 34 49.57 -31.11 101.83
N ILE N 35 49.77 -31.04 100.50
CA ILE N 35 50.26 -32.20 99.76
C ILE N 35 51.66 -32.59 100.24
N PHE N 36 52.52 -31.61 100.50
CA PHE N 36 53.85 -31.90 101.02
C PHE N 36 53.78 -32.61 102.36
N ALA N 37 52.93 -32.12 103.26
CA ALA N 37 52.80 -32.74 104.57
C ALA N 37 52.27 -34.16 104.45
N ILE N 38 51.27 -34.36 103.58
CA ILE N 38 50.70 -35.70 103.39
C ILE N 38 51.75 -36.65 102.83
N LEU N 39 52.53 -36.19 101.85
CA LEU N 39 53.57 -37.04 101.27
C LEU N 39 54.64 -37.38 102.30
N LYS N 40 55.06 -36.41 103.11
CA LYS N 40 56.07 -36.67 104.13
C LYS N 40 55.56 -37.66 105.17
N GLN N 41 54.33 -37.47 105.63
CA GLN N 41 53.78 -38.40 106.63
C GLN N 41 53.59 -39.79 106.05
N HIS N 42 53.22 -39.88 104.77
CA HIS N 42 53.14 -41.19 104.11
C HIS N 42 54.52 -41.84 104.02
N ALA N 43 55.55 -41.05 103.70
CA ALA N 43 56.90 -41.59 103.61
C ALA N 43 57.38 -42.11 104.96
N LYS N 44 57.14 -41.35 106.04
CA LYS N 44 57.51 -41.84 107.36
C LYS N 44 56.64 -43.01 107.81
N SER N 45 55.42 -43.11 107.30
CA SER N 45 54.54 -44.22 107.64
C SER N 45 54.75 -45.43 106.74
N GLY N 46 55.62 -45.33 105.73
CA GLY N 46 55.90 -46.44 104.84
C GLY N 46 54.96 -46.58 103.66
N GLU N 47 53.97 -45.70 103.52
CA GLU N 47 53.05 -45.80 102.40
C GLU N 47 53.76 -45.45 101.09
N ASP N 48 53.47 -46.23 100.06
CA ASP N 48 54.06 -45.99 98.75
C ASP N 48 53.50 -44.72 98.13
N ILE N 49 54.34 -44.01 97.39
CA ILE N 49 53.97 -42.75 96.74
C ILE N 49 54.22 -42.88 95.24
N PHE N 50 53.26 -42.38 94.46
CA PHE N 50 53.29 -42.47 93.01
C PHE N 50 53.08 -41.08 92.41
N GLY N 51 53.60 -40.87 91.21
CA GLY N 51 53.44 -39.60 90.54
C GLY N 51 53.31 -39.80 89.04
N ASP N 52 52.70 -38.80 88.40
CA ASP N 52 52.54 -38.81 86.96
C ASP N 52 52.40 -37.37 86.47
N GLY N 53 52.76 -37.15 85.22
CA GLY N 53 52.64 -35.81 84.66
C GLY N 53 53.45 -35.66 83.37
N VAL N 54 53.80 -34.41 83.09
CA VAL N 54 54.52 -34.03 81.88
C VAL N 54 55.85 -33.40 82.27
N LEU N 55 56.89 -33.74 81.52
CA LEU N 55 58.25 -33.27 81.78
C LEU N 55 58.56 -32.06 80.91
N GLU N 56 59.22 -31.07 81.51
CA GLU N 56 59.75 -29.91 80.80
C GLU N 56 61.21 -29.76 81.18
N ILE N 57 62.07 -29.71 80.17
CA ILE N 57 63.52 -29.64 80.38
C ILE N 57 63.92 -28.17 80.39
N LEU N 58 64.09 -27.62 81.59
CA LEU N 58 64.54 -26.25 81.73
C LEU N 58 66.07 -26.20 81.63
N GLN N 59 66.59 -25.00 81.36
CA GLN N 59 68.03 -24.85 81.14
C GLN N 59 68.85 -25.26 82.35
N ASP N 60 68.26 -25.18 83.56
CA ASP N 60 68.98 -25.60 84.76
C ASP N 60 69.06 -27.11 84.90
N GLY N 61 68.33 -27.87 84.08
CA GLY N 61 68.32 -29.31 84.19
C GLY N 61 67.44 -29.86 85.29
N PHE N 62 66.59 -29.03 85.88
CA PHE N 62 65.73 -29.51 86.96
C PHE N 62 64.69 -30.51 86.46
N GLY N 63 64.20 -30.35 85.24
CA GLY N 63 63.17 -31.22 84.72
C GLY N 63 61.85 -31.05 85.44
N PHE N 64 61.22 -29.88 85.25
CA PHE N 64 59.98 -29.58 85.95
C PHE N 64 58.86 -30.51 85.48
N LEU N 65 58.17 -31.14 86.43
CA LEU N 65 57.09 -32.08 86.11
C LEU N 65 55.77 -31.42 86.47
N ARG N 66 55.01 -31.02 85.47
CA ARG N 66 53.70 -30.43 85.65
C ARG N 66 52.61 -31.50 85.58
N SER N 67 51.42 -31.13 86.01
CA SER N 67 50.25 -32.00 85.94
C SER N 67 49.14 -31.30 85.17
N ALA N 68 48.46 -32.06 84.30
CA ALA N 68 47.44 -31.48 83.45
C ALA N 68 46.25 -30.96 84.26
N ASP N 69 45.84 -31.70 85.29
CA ASP N 69 44.65 -31.35 86.05
C ASP N 69 44.84 -30.10 86.92
N SER N 70 46.08 -29.64 87.11
CA SER N 70 46.35 -28.45 87.90
C SER N 70 46.47 -27.19 87.05
N SER N 71 45.97 -27.22 85.82
CA SER N 71 45.99 -26.08 84.91
C SER N 71 47.41 -25.60 84.63
N TYR N 72 48.38 -26.53 84.67
CA TYR N 72 49.78 -26.26 84.34
C TYR N 72 50.37 -25.17 85.22
N LEU N 73 49.92 -25.07 86.48
CA LEU N 73 50.50 -24.12 87.41
C LEU N 73 51.90 -24.58 87.83
N ALA N 74 52.82 -23.62 87.90
CA ALA N 74 54.20 -23.89 88.31
C ALA N 74 54.33 -23.61 89.80
N GLY N 75 54.90 -24.57 90.53
CA GLY N 75 55.06 -24.44 91.95
C GLY N 75 55.99 -25.48 92.54
N PRO N 76 56.21 -25.40 93.87
CA PRO N 76 57.11 -26.37 94.51
C PRO N 76 56.63 -27.81 94.43
N ASP N 77 55.35 -28.05 94.17
CA ASP N 77 54.80 -29.40 94.12
C ASP N 77 55.32 -30.20 92.93
N ASP N 78 56.00 -29.57 91.98
CA ASP N 78 56.47 -30.26 90.79
C ASP N 78 57.54 -31.29 91.16
N ILE N 79 57.59 -32.36 90.39
CA ILE N 79 58.53 -33.46 90.63
C ILE N 79 59.88 -33.10 90.04
N TYR N 80 60.95 -33.48 90.73
CA TYR N 80 62.32 -33.19 90.29
C TYR N 80 62.88 -34.39 89.54
N VAL N 81 63.42 -34.15 88.35
CA VAL N 81 64.07 -35.16 87.54
C VAL N 81 65.51 -34.72 87.30
N SER N 82 66.47 -35.50 87.79
CA SER N 82 67.86 -35.12 87.65
C SER N 82 68.29 -35.16 86.19
N PRO N 83 69.26 -34.32 85.81
CA PRO N 83 69.74 -34.35 84.42
C PRO N 83 70.30 -35.71 84.02
N SER N 84 70.91 -36.44 84.96
CA SER N 84 71.38 -37.78 84.66
C SER N 84 70.23 -38.71 84.29
N GLN N 85 69.12 -38.61 85.02
CA GLN N 85 67.92 -39.36 84.65
C GLN N 85 67.36 -38.90 83.32
N ILE N 86 67.53 -37.61 82.99
CA ILE N 86 67.03 -37.09 81.73
C ILE N 86 67.79 -37.68 80.56
N ARG N 87 69.12 -37.72 80.65
CA ARG N 87 69.91 -38.20 79.52
C ARG N 87 70.06 -39.72 79.50
N ARG N 88 69.86 -40.40 80.64
CA ARG N 88 70.00 -41.85 80.65
C ARG N 88 68.73 -42.56 80.19
N PHE N 89 67.56 -41.97 80.41
CA PHE N 89 66.31 -42.53 79.92
C PHE N 89 65.91 -41.95 78.57
N ASN N 90 66.65 -40.97 78.06
CA ASN N 90 66.45 -40.42 76.73
C ASN N 90 65.03 -39.87 76.56
N LEU N 91 64.51 -39.26 77.61
CA LEU N 91 63.17 -38.68 77.59
C LEU N 91 63.27 -37.16 77.44
N ARG N 92 62.36 -36.61 76.66
CA ARG N 92 62.38 -35.19 76.30
C ARG N 92 61.11 -34.49 76.82
N THR N 93 60.97 -33.23 76.46
CA THR N 93 59.82 -32.44 76.88
C THR N 93 58.55 -32.96 76.23
N GLY N 94 57.45 -32.97 77.00
CA GLY N 94 56.17 -33.44 76.52
C GLY N 94 55.93 -34.92 76.68
N ASP N 95 56.85 -35.64 77.32
CA ASP N 95 56.67 -37.07 77.54
C ASP N 95 55.82 -37.31 78.78
N THR N 96 54.80 -38.15 78.65
CA THR N 96 53.94 -38.51 79.78
C THR N 96 54.71 -39.49 80.67
N ILE N 97 55.19 -38.99 81.80
CA ILE N 97 56.06 -39.75 82.70
C ILE N 97 55.29 -40.09 83.96
N SER N 98 55.26 -41.37 84.31
CA SER N 98 54.62 -41.83 85.53
C SER N 98 55.48 -42.88 86.20
N GLY N 99 55.59 -42.81 87.51
CA GLY N 99 56.37 -43.78 88.25
C GLY N 99 56.45 -43.44 89.73
N LYS N 100 57.28 -44.21 90.43
CA LYS N 100 57.49 -43.99 91.85
C LYS N 100 58.26 -42.70 92.07
N ILE N 101 57.77 -41.86 92.98
CA ILE N 101 58.40 -40.60 93.30
C ILE N 101 59.17 -40.73 94.61
N ARG N 102 60.04 -39.75 94.88
CA ARG N 102 60.87 -39.79 96.07
C ARG N 102 60.67 -38.52 96.89
N PRO N 103 60.57 -38.64 98.22
CA PRO N 103 60.46 -37.45 99.05
C PRO N 103 61.72 -36.61 98.98
N PRO N 104 61.61 -35.30 99.10
CA PRO N 104 62.80 -34.44 99.03
C PRO N 104 63.72 -34.66 100.21
N LYS N 105 65.01 -34.40 99.98
CA LYS N 105 66.02 -34.48 101.02
C LYS N 105 66.10 -33.16 101.77
N GLU N 106 67.09 -33.02 102.64
CA GLU N 106 67.29 -31.79 103.38
C GLU N 106 67.83 -30.70 102.48
N GLY N 107 67.45 -29.45 102.78
CA GLY N 107 67.90 -28.31 102.02
C GLY N 107 67.07 -27.99 100.79
N GLU N 108 66.08 -28.81 100.46
CA GLU N 108 65.23 -28.55 99.31
C GLU N 108 63.89 -29.22 99.52
N ARG N 109 62.82 -28.55 99.11
CA ARG N 109 61.45 -28.98 99.32
C ARG N 109 60.87 -29.73 98.13
N TYR N 110 61.49 -29.62 96.96
CA TYR N 110 60.88 -30.09 95.73
C TYR N 110 60.91 -31.62 95.66
N PHE N 111 59.77 -32.22 95.32
CA PHE N 111 59.67 -33.68 95.30
C PHE N 111 60.56 -34.28 94.22
N ALA N 112 61.18 -35.42 94.54
CA ALA N 112 62.06 -36.11 93.63
C ALA N 112 61.34 -37.31 93.00
N LEU N 113 62.08 -38.11 92.24
CA LEU N 113 61.53 -39.26 91.53
C LEU N 113 62.41 -40.48 91.78
N LEU N 114 61.78 -41.61 92.09
CA LEU N 114 62.53 -42.84 92.30
C LEU N 114 62.84 -43.54 90.98
N LYS N 115 61.81 -43.95 90.24
CA LYS N 115 62.00 -44.71 89.02
C LYS N 115 60.73 -44.60 88.19
N VAL N 116 60.90 -44.42 86.88
CA VAL N 116 59.77 -44.29 85.97
C VAL N 116 59.23 -45.67 85.62
N ASN N 117 57.91 -45.81 85.66
CA ASN N 117 57.27 -47.07 85.30
C ASN N 117 56.52 -47.01 83.97
N GLU N 118 56.19 -45.82 83.48
CA GLU N 118 55.50 -45.70 82.21
C GLU N 118 55.86 -44.37 81.56
N VAL N 119 56.16 -44.44 80.26
CA VAL N 119 56.49 -43.26 79.46
C VAL N 119 55.50 -43.21 78.29
N ASN N 120 54.73 -42.13 78.23
CA ASN N 120 53.73 -41.93 77.17
C ASN N 120 52.78 -43.12 77.07
N PHE N 121 52.32 -43.59 78.23
CA PHE N 121 51.43 -44.75 78.31
C PHE N 121 52.06 -45.98 77.67
N ASP N 122 53.37 -46.14 77.86
CA ASP N 122 54.10 -47.26 77.27
C ASP N 122 55.34 -47.51 78.12
N LYS N 123 55.93 -48.69 77.92
CA LYS N 123 57.16 -49.03 78.62
C LYS N 123 58.27 -48.07 78.21
N PRO N 124 59.08 -47.60 79.16
CA PRO N 124 60.16 -46.66 78.78
C PRO N 124 61.12 -47.23 77.74
N GLU N 125 61.43 -48.52 77.82
CA GLU N 125 62.34 -49.12 76.84
C GLU N 125 61.75 -49.07 75.43
N ASN N 126 60.46 -49.38 75.31
CA ASN N 126 59.80 -49.30 74.01
C ASN N 126 59.75 -47.86 73.51
N ALA N 127 59.49 -46.91 74.41
CA ALA N 127 59.41 -45.52 74.01
C ALA N 127 60.78 -44.96 73.62
N ARG N 128 61.86 -45.57 74.10
CA ARG N 128 63.20 -45.09 73.77
C ARG N 128 63.48 -45.19 72.28
N ASN N 129 62.99 -46.24 71.63
CA ASN N 129 63.17 -46.41 70.19
C ASN N 129 61.93 -45.90 69.46
N LYS N 130 61.72 -44.58 69.57
CA LYS N 130 60.60 -43.91 68.93
C LYS N 130 61.12 -42.82 68.00
N ILE N 131 60.68 -42.85 66.74
CA ILE N 131 61.06 -41.82 65.79
C ILE N 131 60.37 -40.52 66.15
N LEU N 132 61.07 -39.40 65.91
CA LEU N 132 60.54 -38.10 66.29
C LEU N 132 59.48 -37.64 65.29
N PHE N 133 59.07 -36.38 65.44
CA PHE N 133 57.86 -35.91 64.76
C PHE N 133 58.12 -35.55 63.30
N GLU N 134 58.95 -34.53 63.06
CA GLU N 134 59.16 -34.09 61.69
C GLU N 134 60.05 -35.04 60.89
N ASN N 135 60.67 -36.03 61.53
CA ASN N 135 61.31 -37.11 60.77
C ASN N 135 60.28 -37.87 59.96
N LEU N 136 59.06 -37.98 60.47
CA LEU N 136 57.99 -38.65 59.74
C LEU N 136 57.55 -37.79 58.57
N THR N 137 57.45 -38.41 57.39
CA THR N 137 57.05 -37.69 56.19
C THR N 137 55.55 -37.46 56.19
N PRO N 138 55.08 -36.21 56.12
CA PRO N 138 53.63 -35.97 56.12
C PRO N 138 52.96 -36.59 54.90
N LEU N 139 51.72 -37.04 55.11
CA LEU N 139 50.88 -37.57 54.04
C LEU N 139 49.49 -36.95 54.17
N HIS N 140 48.80 -36.83 53.04
CA HIS N 140 47.54 -36.11 52.99
C HIS N 140 46.50 -36.77 53.90
N ALA N 141 45.51 -35.97 54.29
CA ALA N 141 44.40 -36.48 55.09
C ALA N 141 43.55 -37.43 54.24
N ASN N 142 43.24 -38.60 54.79
CA ASN N 142 42.51 -39.62 54.05
C ASN N 142 41.33 -40.22 54.79
N SER N 143 41.27 -40.13 56.12
CA SER N 143 40.20 -40.72 56.90
C SER N 143 39.22 -39.62 57.31
N ARG N 144 37.98 -39.72 56.83
CA ARG N 144 36.95 -38.74 57.15
C ARG N 144 36.27 -39.09 58.47
N LEU N 145 36.09 -38.08 59.30
CA LEU N 145 35.39 -38.21 60.59
C LEU N 145 34.19 -37.27 60.58
N ARG N 146 33.00 -37.82 60.33
CA ARG N 146 31.80 -37.01 60.36
C ARG N 146 31.44 -36.68 61.81
N MET N 147 31.18 -35.40 62.07
CA MET N 147 30.82 -34.96 63.41
C MET N 147 29.38 -35.29 63.77
N GLU N 148 28.58 -35.75 62.82
CA GLU N 148 27.18 -36.09 63.09
C GLU N 148 27.08 -37.16 64.15
N ARG N 149 26.42 -36.83 65.26
CA ARG N 149 26.34 -37.73 66.40
C ARG N 149 25.27 -38.80 66.23
N GLY N 150 24.45 -38.73 65.18
CA GLY N 150 23.44 -39.74 64.94
C GLY N 150 22.41 -39.86 66.04
N ASN N 151 21.96 -38.72 66.58
CA ASN N 151 20.96 -38.71 67.64
C ASN N 151 19.68 -37.97 67.26
N GLY N 152 19.68 -37.20 66.18
CA GLY N 152 18.49 -36.47 65.79
C GLY N 152 18.12 -35.34 66.72
N SER N 153 19.08 -34.83 67.49
CA SER N 153 18.84 -33.75 68.43
C SER N 153 19.24 -32.42 67.82
N THR N 154 19.02 -31.34 68.57
CA THR N 154 19.35 -30.01 68.07
C THR N 154 20.85 -29.79 67.95
N GLU N 155 21.65 -30.42 68.82
CA GLU N 155 23.10 -30.31 68.70
C GLU N 155 23.63 -31.08 67.50
N ASP N 156 22.89 -32.08 67.01
CA ASP N 156 23.32 -32.82 65.84
C ASP N 156 23.16 -32.02 64.55
N LEU N 157 22.30 -31.00 64.54
CA LEU N 157 22.07 -30.23 63.33
C LEU N 157 23.33 -29.46 62.92
N THR N 158 24.02 -28.85 63.90
CA THR N 158 25.26 -28.14 63.58
C THR N 158 26.32 -29.10 63.06
N ALA N 159 26.44 -30.27 63.66
CA ALA N 159 27.38 -31.28 63.18
C ALA N 159 27.04 -31.69 61.75
N ARG N 160 25.76 -31.89 61.47
CA ARG N 160 25.35 -32.29 60.12
C ARG N 160 25.67 -31.20 59.09
N VAL N 161 25.36 -29.94 59.42
CA VAL N 161 25.59 -28.88 58.45
C VAL N 161 27.10 -28.67 58.22
N LEU N 162 27.91 -28.79 59.28
CA LEU N 162 29.35 -28.66 59.08
C LEU N 162 29.92 -29.86 58.31
N ASP N 163 29.36 -31.06 58.54
CA ASP N 163 29.81 -32.23 57.78
C ASP N 163 29.49 -32.08 56.30
N LEU N 164 28.29 -31.59 55.98
CA LEU N 164 27.96 -31.37 54.58
C LEU N 164 28.67 -30.15 54.00
N ALA N 165 29.20 -29.27 54.86
CA ALA N 165 29.93 -28.09 54.42
C ALA N 165 31.45 -28.27 54.54
N SER N 166 31.94 -28.61 55.73
CA SER N 166 33.37 -28.73 55.99
C SER N 166 33.70 -30.14 56.46
N PRO N 167 34.13 -31.04 55.58
CA PRO N 167 34.56 -32.36 56.03
C PRO N 167 35.66 -32.26 57.07
N ILE N 168 35.55 -33.09 58.10
CA ILE N 168 36.50 -33.11 59.21
C ILE N 168 37.22 -34.45 59.18
N GLY N 169 38.55 -34.41 59.22
CA GLY N 169 39.34 -35.63 59.11
C GLY N 169 40.64 -35.53 59.87
N ARG N 170 41.30 -36.68 59.97
CA ARG N 170 42.59 -36.79 60.65
C ARG N 170 43.68 -36.12 59.80
N GLY N 171 44.32 -35.10 60.36
CA GLY N 171 45.38 -34.41 59.68
C GLY N 171 45.02 -33.08 59.03
N GLN N 172 43.83 -32.55 59.29
CA GLN N 172 43.43 -31.29 58.69
C GLN N 172 44.12 -30.11 59.37
N ARG N 173 43.72 -28.91 58.95
CA ARG N 173 44.23 -27.66 59.52
C ARG N 173 43.16 -26.60 59.25
N GLY N 174 42.41 -26.24 60.28
CA GLY N 174 41.24 -25.41 60.09
C GLY N 174 41.29 -24.03 60.73
N LEU N 175 41.22 -23.00 59.90
CA LEU N 175 41.04 -21.63 60.37
C LEU N 175 39.55 -21.33 60.50
N ILE N 176 39.22 -20.43 61.43
CA ILE N 176 37.86 -19.95 61.59
C ILE N 176 37.90 -18.44 61.60
N VAL N 177 37.18 -17.81 60.67
CA VAL N 177 37.12 -16.36 60.56
C VAL N 177 35.74 -15.91 61.01
N ALA N 178 35.71 -15.01 61.99
CA ALA N 178 34.46 -14.52 62.57
C ALA N 178 34.71 -13.29 63.43
N PRO N 179 33.88 -12.25 63.31
CA PRO N 179 34.03 -11.08 64.18
C PRO N 179 33.61 -11.40 65.60
N PRO N 180 33.89 -10.52 66.56
CA PRO N 180 33.43 -10.75 67.94
C PRO N 180 31.91 -10.87 68.01
N LYS N 181 31.45 -11.67 68.97
CA LYS N 181 30.02 -11.92 69.18
C LYS N 181 29.39 -12.57 67.95
N ALA N 182 30.04 -13.62 67.45
CA ALA N 182 29.55 -14.38 66.31
C ALA N 182 28.98 -15.74 66.70
N GLY N 183 29.01 -16.08 67.98
CA GLY N 183 28.53 -17.38 68.42
C GLY N 183 29.42 -18.52 67.98
N LYS N 184 30.64 -18.57 68.52
CA LYS N 184 31.62 -19.58 68.14
C LYS N 184 32.05 -20.48 69.28
N THR N 185 32.02 -20.01 70.52
CA THR N 185 32.50 -20.81 71.64
C THR N 185 31.64 -22.05 71.84
N MET N 186 30.30 -21.88 71.81
CA MET N 186 29.43 -23.03 71.98
C MET N 186 29.47 -23.98 70.78
N LEU N 187 29.82 -23.48 69.59
CA LEU N 187 30.12 -24.38 68.48
C LEU N 187 31.34 -25.24 68.78
N LEU N 188 32.36 -24.64 69.39
CA LEU N 188 33.53 -25.41 69.81
C LEU N 188 33.15 -26.45 70.85
N GLN N 189 32.28 -26.08 71.79
CA GLN N 189 31.80 -27.07 72.76
C GLN N 189 31.03 -28.18 72.07
N ASN N 190 30.20 -27.84 71.08
CA ASN N 190 29.42 -28.85 70.38
C ASN N 190 30.33 -29.84 69.67
N ILE N 191 31.36 -29.34 68.97
CA ILE N 191 32.27 -30.26 68.29
C ILE N 191 33.10 -31.05 69.31
N ALA N 192 33.39 -30.45 70.47
CA ALA N 192 34.13 -31.18 71.51
C ALA N 192 33.32 -32.37 72.02
N GLN N 193 32.06 -32.15 72.37
CA GLN N 193 31.22 -33.28 72.76
C GLN N 193 30.95 -34.24 71.62
N SER N 194 30.94 -33.75 70.37
CA SER N 194 30.83 -34.65 69.23
C SER N 194 32.02 -35.61 69.18
N ILE N 195 33.23 -35.10 69.37
CA ILE N 195 34.41 -35.96 69.44
C ILE N 195 34.32 -36.90 70.63
N ALA N 196 33.91 -36.38 71.79
CA ALA N 196 33.88 -37.19 73.00
C ALA N 196 32.91 -38.36 72.87
N TYR N 197 31.72 -38.11 72.31
CA TYR N 197 30.68 -39.13 72.25
C TYR N 197 30.74 -39.98 70.99
N ASN N 198 31.48 -39.54 69.97
CA ASN N 198 31.58 -40.28 68.72
C ASN N 198 32.91 -41.01 68.56
N HIS N 199 34.02 -40.39 68.97
CA HIS N 199 35.35 -40.96 68.83
C HIS N 199 36.08 -40.90 70.16
N PRO N 200 35.70 -41.75 71.12
CA PRO N 200 36.42 -41.76 72.40
C PRO N 200 37.84 -42.27 72.30
N ASP N 201 38.19 -42.99 71.22
CA ASP N 201 39.54 -43.53 71.10
C ASP N 201 40.58 -42.42 70.92
N CYS N 202 40.29 -41.42 70.09
CA CYS N 202 41.23 -40.35 69.86
C CYS N 202 41.29 -39.41 71.07
N VAL N 203 42.49 -38.90 71.35
CA VAL N 203 42.70 -38.00 72.47
C VAL N 203 42.58 -36.56 71.97
N LEU N 204 41.70 -35.80 72.61
CA LEU N 204 41.45 -34.41 72.25
C LEU N 204 41.70 -33.51 73.45
N MET N 205 42.40 -32.40 73.22
CA MET N 205 42.59 -31.38 74.23
C MET N 205 42.36 -30.01 73.60
N VAL N 206 41.82 -29.10 74.40
CA VAL N 206 41.50 -27.75 73.96
C VAL N 206 42.28 -26.76 74.82
N LEU N 207 43.03 -25.88 74.17
CA LEU N 207 43.81 -24.86 74.85
C LEU N 207 43.15 -23.50 74.66
N LEU N 208 42.93 -22.80 75.77
CA LEU N 208 42.31 -21.48 75.77
C LEU N 208 43.34 -20.44 76.21
N ILE N 209 43.37 -19.31 75.51
CA ILE N 209 44.30 -18.21 75.78
C ILE N 209 43.50 -17.05 76.35
N ASP N 210 43.97 -16.50 77.47
CA ASP N 210 43.43 -15.36 78.21
C ASP N 210 41.90 -15.28 78.14
N GLU N 211 41.26 -16.37 78.51
CA GLU N 211 39.81 -16.53 78.46
C GLU N 211 39.19 -16.19 79.81
N ARG N 212 37.86 -16.25 79.87
CA ARG N 212 37.16 -15.97 81.11
C ARG N 212 37.34 -17.12 82.10
N PRO N 213 37.61 -16.83 83.37
CA PRO N 213 37.74 -17.91 84.36
C PRO N 213 36.50 -18.76 84.51
N GLU N 214 35.31 -18.16 84.32
CA GLU N 214 34.08 -18.94 84.35
C GLU N 214 34.10 -20.01 83.25
N GLU N 215 34.56 -19.64 82.05
CA GLU N 215 34.74 -20.65 81.01
C GLU N 215 35.80 -21.68 81.40
N VAL N 216 36.85 -21.24 82.10
CA VAL N 216 37.90 -22.16 82.52
C VAL N 216 37.32 -23.26 83.39
N THR N 217 36.54 -22.88 84.40
CA THR N 217 35.97 -23.88 85.30
C THR N 217 34.75 -24.57 84.73
N GLU N 218 34.12 -24.00 83.69
CA GLU N 218 33.00 -24.68 83.04
C GLU N 218 33.49 -25.80 82.13
N MET N 219 34.60 -25.56 81.41
CA MET N 219 35.13 -26.57 80.49
C MET N 219 35.67 -27.78 81.22
N GLN N 220 36.00 -27.65 82.51
CA GLN N 220 36.54 -28.79 83.26
C GLN N 220 35.50 -29.90 83.39
N ARG N 221 34.24 -29.54 83.63
CA ARG N 221 33.18 -30.50 83.81
C ARG N 221 32.23 -30.60 82.62
N LEU N 222 32.30 -29.68 81.67
CA LEU N 222 31.40 -29.73 80.52
C LEU N 222 31.82 -30.80 79.52
N VAL N 223 33.11 -31.06 79.38
CA VAL N 223 33.63 -32.06 78.47
C VAL N 223 34.50 -33.03 79.25
N LYS N 224 34.37 -34.32 78.95
CA LYS N 224 35.17 -35.33 79.64
C LYS N 224 36.64 -35.24 79.26
N GLY N 225 36.96 -34.72 78.09
CA GLY N 225 38.35 -34.59 77.68
C GLY N 225 39.08 -33.54 78.49
N GLU N 226 40.39 -33.72 78.60
CA GLU N 226 41.22 -32.77 79.33
C GLU N 226 41.35 -31.47 78.56
N VAL N 227 41.12 -30.35 79.24
CA VAL N 227 41.15 -29.03 78.62
C VAL N 227 42.08 -28.13 79.44
N VAL N 228 43.00 -27.46 78.75
CA VAL N 228 43.93 -26.53 79.38
C VAL N 228 43.51 -25.11 79.03
N ALA N 229 43.33 -24.27 80.05
CA ALA N 229 42.85 -22.91 79.86
C ALA N 229 43.71 -21.98 80.68
N SER N 230 44.55 -21.18 80.01
CA SER N 230 45.41 -20.21 80.67
C SER N 230 44.79 -18.83 80.49
N THR N 231 44.20 -18.30 81.56
CA THR N 231 43.50 -17.02 81.50
C THR N 231 44.51 -15.87 81.47
N PHE N 232 43.99 -14.64 81.44
CA PHE N 232 44.81 -13.44 81.39
C PHE N 232 45.42 -13.08 82.73
N ASP N 233 45.23 -13.91 83.76
CA ASP N 233 45.85 -13.64 85.05
C ASP N 233 47.37 -13.63 84.94
N GLU N 234 47.93 -14.58 84.19
CA GLU N 234 49.36 -14.71 83.97
C GLU N 234 49.79 -13.92 82.74
N PRO N 235 51.06 -13.51 82.67
CA PRO N 235 51.55 -12.80 81.48
C PRO N 235 51.65 -13.71 80.27
N ALA N 236 52.10 -13.15 79.14
CA ALA N 236 52.19 -13.92 77.91
C ALA N 236 53.28 -14.99 77.96
N SER N 237 54.25 -14.87 78.87
CA SER N 237 55.28 -15.88 78.98
C SER N 237 54.71 -17.23 79.37
N ARG N 238 53.78 -17.24 80.34
CA ARG N 238 53.14 -18.50 80.71
C ARG N 238 52.31 -19.05 79.56
N HIS N 239 51.65 -18.16 78.80
CA HIS N 239 50.86 -18.61 77.65
C HIS N 239 51.75 -19.29 76.61
N VAL N 240 52.87 -18.67 76.26
CA VAL N 240 53.73 -19.27 75.24
C VAL N 240 54.37 -20.55 75.76
N GLN N 241 54.70 -20.62 77.06
CA GLN N 241 55.34 -21.83 77.56
C GLN N 241 54.33 -22.99 77.66
N VAL N 242 53.08 -22.70 78.05
CA VAL N 242 52.09 -23.77 78.05
C VAL N 242 51.79 -24.21 76.63
N ALA N 243 51.80 -23.28 75.67
CA ALA N 243 51.59 -23.64 74.27
C ALA N 243 52.70 -24.56 73.77
N GLU N 244 53.96 -24.19 74.07
CA GLU N 244 55.06 -25.01 73.58
C GLU N 244 55.08 -26.39 74.24
N MET N 245 54.78 -26.46 75.54
CA MET N 245 54.80 -27.78 76.16
C MET N 245 53.57 -28.61 75.80
N VAL N 246 52.43 -27.98 75.49
CA VAL N 246 51.29 -28.77 75.02
C VAL N 246 51.53 -29.26 73.59
N ILE N 247 52.22 -28.49 72.76
CA ILE N 247 52.55 -29.01 71.44
C ILE N 247 53.61 -30.11 71.56
N GLU N 248 54.49 -30.01 72.56
CA GLU N 248 55.40 -31.12 72.86
C GLU N 248 54.61 -32.36 73.25
N LYS N 249 53.58 -32.19 74.10
CA LYS N 249 52.70 -33.31 74.47
C LYS N 249 52.06 -33.92 73.24
N ALA N 250 51.54 -33.08 72.35
CA ALA N 250 50.88 -33.58 71.14
C ALA N 250 51.85 -34.36 70.26
N LYS N 251 53.07 -33.82 70.08
CA LYS N 251 54.06 -34.51 69.27
C LYS N 251 54.45 -35.85 69.89
N ARG N 252 54.67 -35.88 71.20
CA ARG N 252 55.04 -37.13 71.86
C ARG N 252 53.92 -38.15 71.77
N LEU N 253 52.67 -37.70 71.91
CA LEU N 253 51.54 -38.63 71.82
C LEU N 253 51.38 -39.18 70.41
N VAL N 254 51.54 -38.33 69.39
CA VAL N 254 51.39 -38.80 68.03
C VAL N 254 52.59 -39.63 67.58
N GLU N 255 53.73 -39.49 68.27
CA GLU N 255 54.90 -40.29 67.93
C GLU N 255 54.68 -41.77 68.20
N HIS N 256 53.78 -42.10 69.13
CA HIS N 256 53.48 -43.47 69.50
C HIS N 256 52.25 -44.01 68.77
N LYS N 257 51.99 -43.52 67.56
CA LYS N 257 50.86 -43.95 66.74
C LYS N 257 49.54 -43.74 67.47
N LYS N 258 49.26 -42.47 67.79
CA LYS N 258 48.04 -42.09 68.47
C LYS N 258 47.46 -40.85 67.80
N ASP N 259 46.15 -40.68 67.92
CA ASP N 259 45.44 -39.58 67.29
C ASP N 259 45.38 -38.39 68.25
N VAL N 260 45.80 -37.22 67.77
CA VAL N 260 45.80 -36.00 68.56
C VAL N 260 44.94 -34.97 67.85
N ILE N 261 43.98 -34.40 68.58
CA ILE N 261 43.13 -33.33 68.08
C ILE N 261 43.24 -32.16 69.04
N ILE N 262 43.56 -30.98 68.51
CA ILE N 262 43.77 -29.78 69.31
C ILE N 262 42.82 -28.70 68.81
N LEU N 263 42.17 -28.02 69.75
CA LEU N 263 41.29 -26.90 69.46
C LEU N 263 41.84 -25.67 70.16
N LEU N 264 41.97 -24.58 69.42
CA LEU N 264 42.66 -23.39 69.92
C LEU N 264 41.81 -22.14 69.68
N ASP N 265 41.77 -21.28 70.69
CA ASP N 265 41.00 -20.04 70.64
C ASP N 265 41.75 -18.99 71.44
N SER N 266 42.32 -18.00 70.77
CA SER N 266 42.27 -17.81 69.32
C SER N 266 43.68 -17.66 68.75
N ILE N 267 43.85 -18.02 67.47
CA ILE N 267 45.17 -17.99 66.86
C ILE N 267 45.68 -16.56 66.74
N THR N 268 44.79 -15.61 66.47
CA THR N 268 45.18 -14.21 66.45
C THR N 268 45.59 -13.73 67.85
N ARG N 269 44.88 -14.18 68.88
CA ARG N 269 45.24 -13.84 70.25
C ARG N 269 46.61 -14.43 70.61
N LEU N 270 46.86 -15.68 70.22
CA LEU N 270 48.16 -16.28 70.49
C LEU N 270 49.26 -15.56 69.73
N ALA N 271 48.98 -15.13 68.51
CA ALA N 271 49.96 -14.34 67.75
C ALA N 271 50.24 -13.02 68.44
N ARG N 272 49.21 -12.37 68.98
CA ARG N 272 49.43 -11.13 69.73
C ARG N 272 50.30 -11.38 70.96
N ALA N 273 50.02 -12.46 71.69
CA ALA N 273 50.82 -12.78 72.87
C ALA N 273 52.28 -13.04 72.49
N TYR N 274 52.50 -13.79 71.40
CA TYR N 274 53.86 -14.06 70.95
C TYR N 274 54.58 -12.79 70.53
N ASN N 275 53.88 -11.91 69.80
CA ASN N 275 54.49 -10.66 69.36
C ASN N 275 54.84 -9.76 70.54
N THR N 276 53.96 -9.70 71.55
CA THR N 276 54.23 -8.88 72.72
C THR N 276 55.38 -9.46 73.55
N VAL N 277 55.48 -10.79 73.62
CA VAL N 277 56.48 -11.38 74.49
C VAL N 277 57.85 -11.46 73.79
N VAL N 278 57.88 -11.52 72.46
CA VAL N 278 59.15 -11.67 71.76
C VAL N 278 59.91 -10.35 71.81
N PRO N 279 61.22 -10.36 72.06
CA PRO N 279 62.00 -9.12 71.98
C PRO N 279 62.08 -8.61 70.55
N ALA N 280 62.18 -7.29 70.43
CA ALA N 280 62.32 -6.66 69.12
C ALA N 280 63.69 -6.98 68.52
N SER N 281 63.70 -7.31 67.23
CA SER N 281 64.93 -7.65 66.52
C SER N 281 65.45 -6.49 65.68
N GLY N 282 64.87 -5.30 65.83
CA GLY N 282 65.28 -4.14 65.05
C GLY N 282 64.54 -3.97 63.73
N LYS N 283 63.72 -4.94 63.34
CA LYS N 283 62.90 -4.85 62.14
C LYS N 283 61.44 -4.97 62.54
N VAL N 284 60.66 -3.93 62.24
CA VAL N 284 59.24 -3.89 62.59
C VAL N 284 58.43 -3.79 61.29
N LEU N 285 57.53 -4.75 61.09
CA LEU N 285 56.66 -4.77 59.92
C LEU N 285 55.41 -3.94 60.20
N THR N 286 54.43 -4.01 59.31
CA THR N 286 53.16 -3.36 59.56
C THR N 286 52.42 -4.11 60.66
N GLY N 287 51.79 -3.37 61.57
CA GLY N 287 51.13 -3.98 62.69
C GLY N 287 51.99 -4.13 63.94
N GLY N 288 53.16 -3.51 63.96
CA GLY N 288 54.05 -3.64 65.10
C GLY N 288 54.46 -5.07 65.36
N VAL N 289 54.74 -5.83 64.30
CA VAL N 289 54.99 -7.26 64.41
C VAL N 289 56.36 -7.56 63.81
N ASP N 290 57.07 -8.50 64.42
CA ASP N 290 58.40 -8.90 63.97
C ASP N 290 58.32 -10.14 63.10
N ALA N 291 59.39 -10.37 62.33
CA ALA N 291 59.44 -11.55 61.47
C ALA N 291 59.37 -12.83 62.29
N ASN N 292 60.10 -12.88 63.41
CA ASN N 292 60.00 -14.04 64.29
C ASN N 292 58.65 -14.08 65.01
N ALA N 293 58.07 -12.91 65.29
CA ALA N 293 56.75 -12.85 65.91
C ALA N 293 55.68 -13.48 65.03
N LEU N 294 55.94 -13.63 63.74
CA LEU N 294 55.09 -14.39 62.85
C LEU N 294 55.61 -15.80 62.58
N HIS N 295 56.93 -15.99 62.62
CA HIS N 295 57.51 -17.30 62.41
C HIS N 295 57.07 -18.28 63.49
N ARG N 296 57.08 -17.85 64.75
CA ARG N 296 56.69 -18.75 65.84
C ARG N 296 55.25 -19.24 65.71
N PRO N 297 54.24 -18.38 65.49
CA PRO N 297 52.89 -18.92 65.25
C PRO N 297 52.81 -19.83 64.03
N LYS N 298 53.55 -19.53 62.97
CA LYS N 298 53.54 -20.39 61.80
C LYS N 298 54.16 -21.74 62.09
N ARG N 299 55.28 -21.76 62.82
CA ARG N 299 55.90 -23.05 63.17
C ARG N 299 55.04 -23.83 64.15
N PHE N 300 54.25 -23.14 64.97
CA PHE N 300 53.30 -23.84 65.83
C PHE N 300 52.15 -24.43 65.04
N PHE N 301 51.62 -23.67 64.08
CA PHE N 301 50.44 -24.07 63.32
C PHE N 301 50.76 -25.11 62.24
N GLY N 302 52.00 -25.17 61.78
CA GLY N 302 52.35 -26.10 60.72
C GLY N 302 52.55 -27.53 61.14
N ALA N 303 52.44 -27.83 62.43
CA ALA N 303 52.64 -29.19 62.91
C ALA N 303 51.52 -30.13 62.48
N ALA N 304 50.36 -29.60 62.11
CA ALA N 304 49.23 -30.45 61.75
C ALA N 304 49.51 -31.22 60.48
N ARG N 305 49.40 -32.55 60.56
CA ARG N 305 49.63 -33.42 59.41
C ARG N 305 49.03 -34.79 59.73
N ASN N 306 48.83 -35.58 58.68
CA ASN N 306 48.34 -36.96 58.81
C ASN N 306 49.53 -37.89 58.62
N VAL N 307 49.91 -38.59 59.68
CA VAL N 307 51.06 -39.48 59.65
C VAL N 307 50.61 -40.84 59.11
N GLU N 308 51.25 -41.29 58.03
CA GLU N 308 50.94 -42.59 57.47
C GLU N 308 51.57 -43.75 58.26
N GLU N 309 52.70 -43.51 58.93
CA GLU N 309 53.29 -44.58 59.72
C GLU N 309 52.43 -44.95 60.92
N GLY N 310 51.92 -43.95 61.64
CA GLY N 310 51.06 -44.21 62.78
C GLY N 310 50.53 -42.94 63.42
N GLY N 311 49.23 -42.91 63.70
CA GLY N 311 48.64 -41.75 64.33
C GLY N 311 48.49 -40.58 63.37
N SER N 312 47.95 -39.49 63.91
CA SER N 312 47.77 -38.27 63.14
C SER N 312 47.63 -37.11 64.12
N LEU N 313 47.85 -35.90 63.61
CA LEU N 313 47.73 -34.67 64.37
C LEU N 313 46.86 -33.70 63.60
N THR N 314 45.80 -33.21 64.25
CA THR N 314 44.90 -32.23 63.66
C THR N 314 44.78 -31.05 64.62
N ILE N 315 44.95 -29.84 64.10
CA ILE N 315 44.87 -28.62 64.90
C ILE N 315 43.86 -27.69 64.23
N ILE N 316 42.85 -27.27 64.99
CA ILE N 316 41.84 -26.33 64.52
C ILE N 316 41.88 -25.12 65.43
N ALA N 317 42.26 -23.96 64.85
CA ALA N 317 42.39 -22.73 65.61
C ALA N 317 41.47 -21.67 65.02
N THR N 318 40.76 -20.95 65.89
CA THR N 318 39.87 -19.91 65.43
C THR N 318 40.57 -18.55 65.45
N ALA N 319 40.04 -17.63 64.65
CA ALA N 319 40.62 -16.30 64.50
C ALA N 319 39.54 -15.24 64.61
N LEU N 320 39.94 -14.04 65.01
CA LEU N 320 39.03 -12.91 65.19
C LEU N 320 39.37 -11.82 64.18
N ILE N 321 38.33 -11.19 63.62
CA ILE N 321 38.49 -10.13 62.64
C ILE N 321 37.57 -8.97 63.02
N ASP N 322 37.88 -7.80 62.46
CA ASP N 322 37.05 -6.61 62.59
C ASP N 322 36.85 -6.22 64.06
N THR N 323 37.92 -6.34 64.86
CA THR N 323 37.89 -5.93 66.26
C THR N 323 38.45 -4.53 66.47
N GLY N 324 38.52 -3.73 65.41
CA GLY N 324 39.16 -2.42 65.49
C GLY N 324 40.64 -2.47 65.74
N SER N 325 41.34 -3.46 65.16
CA SER N 325 42.79 -3.56 65.31
C SER N 325 43.40 -3.98 63.98
N LYS N 326 44.37 -3.19 63.53
CA LYS N 326 45.04 -3.42 62.25
C LYS N 326 45.86 -4.72 62.26
N MET N 327 46.49 -5.05 63.39
CA MET N 327 47.25 -6.29 63.44
C MET N 327 46.35 -7.52 63.34
N ASP N 328 45.04 -7.41 63.62
CA ASP N 328 44.15 -8.54 63.45
C ASP N 328 44.09 -9.00 61.99
N GLU N 329 43.79 -8.07 61.07
CA GLU N 329 43.80 -8.47 59.67
C GLU N 329 45.22 -8.69 59.16
N VAL N 330 46.22 -8.10 59.83
CA VAL N 330 47.61 -8.46 59.51
C VAL N 330 47.82 -9.96 59.71
N ILE N 331 47.42 -10.48 60.88
CA ILE N 331 47.56 -11.91 61.15
C ILE N 331 46.67 -12.72 60.22
N TYR N 332 45.46 -12.23 59.94
CA TYR N 332 44.54 -12.96 59.07
C TYR N 332 45.15 -13.15 57.69
N GLU N 333 45.66 -12.06 57.09
CA GLU N 333 46.28 -12.16 55.77
C GLU N 333 47.55 -12.98 55.82
N GLU N 334 48.31 -12.88 56.91
CA GLU N 334 49.54 -13.66 57.05
C GLU N 334 49.23 -15.15 57.14
N PHE N 335 48.13 -15.51 57.79
CA PHE N 335 47.72 -16.90 57.95
C PHE N 335 46.63 -17.30 56.95
N LYS N 336 46.46 -16.54 55.87
CA LYS N 336 45.36 -16.77 54.94
C LYS N 336 45.51 -18.11 54.22
N GLY N 337 46.67 -18.36 53.63
CA GLY N 337 46.87 -19.53 52.81
C GLY N 337 47.63 -20.66 53.50
N THR N 338 47.71 -20.61 54.82
CA THR N 338 48.47 -21.59 55.59
C THR N 338 47.59 -22.67 56.19
N GLY N 339 46.32 -22.75 55.80
CA GLY N 339 45.43 -23.78 56.31
C GLY N 339 44.70 -24.47 55.19
N ASN N 340 44.54 -25.80 55.33
CA ASN N 340 43.85 -26.58 54.32
C ASN N 340 42.34 -26.47 54.41
N MET N 341 41.81 -25.87 55.46
CA MET N 341 40.37 -25.64 55.56
C MET N 341 40.10 -24.34 56.28
N GLU N 342 39.06 -23.63 55.84
CA GLU N 342 38.65 -22.39 56.48
C GLU N 342 37.13 -22.39 56.67
N LEU N 343 36.70 -21.78 57.77
CA LEU N 343 35.28 -21.70 58.12
C LEU N 343 34.89 -20.23 58.22
N HIS N 344 33.97 -19.81 57.35
CA HIS N 344 33.51 -18.43 57.30
C HIS N 344 32.20 -18.29 58.06
N LEU N 345 32.13 -17.29 58.93
CA LEU N 345 30.93 -17.00 59.70
C LEU N 345 30.45 -15.61 59.33
N SER N 346 29.27 -15.54 58.71
CA SER N 346 28.73 -14.25 58.29
C SER N 346 28.33 -13.42 59.49
N ARG N 347 28.62 -12.11 59.43
CA ARG N 347 28.28 -11.21 60.52
C ARG N 347 26.83 -10.73 60.41
N LYS N 348 26.38 -10.42 59.19
CA LYS N 348 25.04 -9.87 59.02
C LYS N 348 23.96 -10.83 59.51
N ILE N 349 24.24 -12.13 59.49
CA ILE N 349 23.27 -13.12 59.96
C ILE N 349 23.09 -13.02 61.48
N ALA N 350 24.14 -12.62 62.19
CA ALA N 350 24.13 -12.67 63.65
C ALA N 350 23.12 -11.72 64.27
N GLU N 351 22.61 -10.74 63.52
CA GLU N 351 21.67 -9.76 64.06
C GLU N 351 20.22 -10.16 63.87
N LYS N 352 19.95 -11.42 63.53
CA LYS N 352 18.58 -11.90 63.35
C LYS N 352 18.34 -13.28 63.94
N ARG N 353 19.30 -13.83 64.68
CA ARG N 353 19.17 -15.12 65.36
C ARG N 353 18.72 -16.23 64.41
N VAL N 354 19.54 -16.47 63.40
CA VAL N 354 19.40 -17.62 62.52
C VAL N 354 20.72 -18.36 62.58
N PHE N 355 20.79 -19.36 63.47
CA PHE N 355 22.05 -20.03 63.78
C PHE N 355 21.90 -21.54 63.61
N PRO N 356 23.00 -22.25 63.32
CA PRO N 356 24.38 -21.76 63.14
C PRO N 356 24.55 -20.99 61.83
N ALA N 357 25.40 -19.96 61.83
CA ALA N 357 25.61 -19.09 60.68
C ALA N 357 26.96 -19.43 60.06
N ILE N 358 26.94 -20.05 58.89
CA ILE N 358 28.15 -20.39 58.15
C ILE N 358 27.99 -19.86 56.73
N ASP N 359 28.98 -19.09 56.27
CA ASP N 359 28.99 -18.57 54.90
C ASP N 359 29.42 -19.69 53.98
N TYR N 360 28.45 -20.40 53.41
CA TYR N 360 28.76 -21.57 52.58
C TYR N 360 29.52 -21.17 51.32
N ASN N 361 29.14 -20.05 50.70
CA ASN N 361 29.78 -19.63 49.46
C ASN N 361 31.27 -19.32 49.69
N ARG N 362 31.58 -18.63 50.78
CA ARG N 362 32.97 -18.31 51.08
C ARG N 362 33.75 -19.51 51.59
N SER N 363 33.07 -20.45 52.26
CA SER N 363 33.75 -21.64 52.77
C SER N 363 34.09 -22.58 51.62
N GLY N 364 35.32 -23.09 51.62
CA GLY N 364 35.75 -24.00 50.58
C GLY N 364 36.68 -25.05 51.14
N THR N 365 36.69 -26.22 50.49
CA THR N 365 37.44 -27.36 50.93
C THR N 365 38.60 -27.62 49.97
N ARG N 366 39.71 -28.12 50.52
CA ARG N 366 40.91 -28.39 49.75
C ARG N 366 41.34 -29.84 49.96
N LYS N 367 41.59 -30.55 48.86
CA LYS N 367 42.02 -31.94 48.88
C LYS N 367 41.07 -32.81 49.69
N GLU N 368 39.76 -32.59 49.49
CA GLU N 368 38.75 -33.37 50.19
C GLU N 368 38.48 -34.71 49.52
N GLU N 369 39.00 -34.95 48.32
CA GLU N 369 38.72 -36.20 47.62
C GLU N 369 39.30 -37.40 48.36
N LEU N 370 40.50 -37.25 48.92
CA LEU N 370 41.11 -38.36 49.64
C LEU N 370 40.34 -38.71 50.90
N LEU N 371 39.75 -37.71 51.56
CA LEU N 371 39.06 -37.93 52.82
C LEU N 371 37.82 -38.79 52.65
N THR N 372 37.01 -38.52 51.62
CA THR N 372 35.66 -39.03 51.55
C THR N 372 35.38 -39.67 50.19
N THR N 373 34.21 -40.30 50.07
CA THR N 373 33.90 -41.22 48.99
C THR N 373 33.17 -40.53 47.84
N GLN N 374 33.32 -41.11 46.65
CA GLN N 374 32.98 -40.41 45.41
C GLN N 374 31.49 -40.06 45.33
N GLU N 375 30.62 -40.95 45.80
CA GLU N 375 29.19 -40.66 45.73
C GLU N 375 28.82 -39.45 46.57
N GLU N 376 29.42 -39.31 47.75
CA GLU N 376 29.15 -38.11 48.52
C GLU N 376 29.96 -36.92 48.02
N LEU N 377 31.09 -37.13 47.33
CA LEU N 377 31.66 -36.03 46.55
C LEU N 377 30.64 -35.46 45.58
N GLN N 378 29.98 -36.32 44.80
CA GLN N 378 29.07 -35.78 43.79
C GLN N 378 27.81 -35.21 44.41
N LYS N 379 27.36 -35.75 45.55
CA LYS N 379 26.21 -35.13 46.21
C LYS N 379 26.59 -33.76 46.76
N MET N 380 27.78 -33.61 47.34
CA MET N 380 28.21 -32.29 47.80
C MET N 380 28.36 -31.33 46.64
N TRP N 381 28.90 -31.81 45.52
CA TRP N 381 29.06 -30.94 44.35
C TRP N 381 27.72 -30.49 43.78
N ILE N 382 26.73 -31.39 43.71
CA ILE N 382 25.44 -31.00 43.17
C ILE N 382 24.74 -30.03 44.12
N LEU N 383 24.83 -30.27 45.44
CA LEU N 383 24.21 -29.32 46.37
C LEU N 383 24.93 -27.97 46.36
N ARG N 384 26.25 -27.99 46.12
CA ARG N 384 26.99 -26.73 46.00
C ARG N 384 26.57 -25.95 44.76
N LYS N 385 26.45 -26.64 43.63
CA LYS N 385 26.07 -25.93 42.41
C LYS N 385 24.62 -25.48 42.43
N ILE N 386 23.76 -26.15 43.21
CA ILE N 386 22.39 -25.65 43.37
C ILE N 386 22.24 -24.70 44.54
N ILE N 387 23.29 -24.50 45.34
CA ILE N 387 23.25 -23.58 46.47
C ILE N 387 24.04 -22.31 46.21
N HIS N 388 24.95 -22.29 45.24
CA HIS N 388 25.70 -21.06 44.94
C HIS N 388 24.83 -19.92 44.42
N PRO N 389 23.91 -20.14 43.44
CA PRO N 389 23.22 -18.99 42.81
C PRO N 389 22.56 -18.02 43.77
N MET N 390 21.67 -18.50 44.63
CA MET N 390 20.98 -17.60 45.56
C MET N 390 21.95 -17.15 46.65
N GLY N 391 21.54 -16.12 47.38
CA GLY N 391 22.39 -15.53 48.39
C GLY N 391 22.68 -16.50 49.52
N GLU N 392 23.82 -16.27 50.19
CA GLU N 392 24.26 -17.18 51.23
C GLU N 392 23.32 -17.16 52.43
N ILE N 393 22.71 -16.01 52.74
CA ILE N 393 21.76 -15.95 53.85
C ILE N 393 20.52 -16.80 53.53
N ASP N 394 19.96 -16.62 52.33
CA ASP N 394 18.82 -17.43 51.93
C ASP N 394 19.18 -18.90 51.87
N ALA N 395 20.38 -19.22 51.36
CA ALA N 395 20.81 -20.60 51.27
C ALA N 395 20.92 -21.24 52.66
N MET N 396 21.52 -20.53 53.62
CA MET N 396 21.71 -21.10 54.94
C MET N 396 20.38 -21.24 55.68
N GLU N 397 19.49 -20.25 55.55
CA GLU N 397 18.18 -20.39 56.18
C GLU N 397 17.38 -21.52 55.53
N PHE N 398 17.52 -21.71 54.22
CA PHE N 398 16.84 -22.81 53.55
C PHE N 398 17.35 -24.16 54.07
N LEU N 399 18.67 -24.32 54.16
CA LEU N 399 19.19 -25.59 54.66
C LEU N 399 18.88 -25.79 56.14
N ILE N 400 18.72 -24.71 56.90
CA ILE N 400 18.32 -24.84 58.30
C ILE N 400 16.88 -25.33 58.40
N ASN N 401 15.97 -24.71 57.63
CA ASN N 401 14.56 -25.07 57.74
C ASN N 401 14.23 -26.39 57.04
N LYS N 402 15.08 -26.87 56.13
CA LYS N 402 14.87 -28.17 55.51
C LYS N 402 15.50 -29.32 56.28
N LEU N 403 16.46 -29.03 57.17
CA LEU N 403 17.11 -30.07 57.97
C LEU N 403 16.45 -30.24 59.34
N ALA N 404 15.44 -29.43 59.66
CA ALA N 404 14.84 -29.49 61.00
C ALA N 404 14.10 -30.80 61.22
N MET N 405 13.37 -31.28 60.22
CA MET N 405 12.51 -32.44 60.35
C MET N 405 13.15 -33.73 59.83
N THR N 406 14.44 -33.70 59.50
CA THR N 406 15.14 -34.86 58.98
C THR N 406 16.04 -35.45 60.06
N LYS N 407 15.96 -36.77 60.24
CA LYS N 407 16.76 -37.44 61.24
C LYS N 407 18.25 -37.44 60.86
N THR N 408 18.55 -37.63 59.58
CA THR N 408 19.92 -37.75 59.11
C THR N 408 20.11 -36.84 57.90
N ASN N 409 21.28 -36.19 57.84
CA ASN N 409 21.59 -35.32 56.70
C ASN N 409 21.63 -36.10 55.40
N ASP N 410 22.24 -37.30 55.42
CA ASP N 410 22.24 -38.14 54.23
C ASP N 410 20.83 -38.52 53.82
N ASP N 411 20.06 -39.06 54.77
CA ASP N 411 18.65 -39.39 54.50
C ASP N 411 17.89 -38.15 54.05
N PHE N 412 18.23 -36.98 54.58
CA PHE N 412 17.66 -35.74 54.07
C PHE N 412 17.98 -35.57 52.59
N PHE N 413 19.21 -35.87 52.19
CA PHE N 413 19.57 -35.74 50.78
C PHE N 413 18.77 -36.71 49.92
N GLU N 414 18.60 -37.96 50.36
CA GLU N 414 17.77 -38.87 49.56
C GLU N 414 16.33 -38.40 49.48
N MET N 415 15.76 -37.90 50.58
CA MET N 415 14.36 -37.50 50.51
C MET N 415 14.15 -36.21 49.74
N MET N 416 15.18 -35.35 49.63
CA MET N 416 15.03 -34.14 48.82
C MET N 416 15.35 -34.37 47.35
N LYS N 417 16.24 -35.32 47.04
CA LYS N 417 16.60 -35.57 45.64
C LYS N 417 15.51 -36.32 44.89
N ARG N 418 14.59 -36.97 45.59
CA ARG N 418 13.49 -37.68 44.95
C ARG N 418 12.28 -36.78 44.69
N SER N 419 12.34 -35.53 45.12
CA SER N 419 11.23 -34.60 44.90
C SER N 419 11.49 -33.71 43.69
N MET O 1 35.76 1.53 125.89
CA MET O 1 34.80 2.07 124.95
C MET O 1 35.30 1.92 123.51
N ASN O 2 34.37 1.74 122.57
CA ASN O 2 34.72 1.52 121.18
C ASN O 2 35.19 2.81 120.54
N LEU O 3 36.24 2.73 119.72
CA LEU O 3 36.83 3.89 119.07
C LEU O 3 36.16 4.25 117.75
N THR O 4 35.23 3.43 117.27
CA THR O 4 34.56 3.74 116.01
C THR O 4 33.74 5.01 116.11
N GLU O 5 33.01 5.19 117.21
CA GLU O 5 32.18 6.38 117.39
C GLU O 5 33.02 7.65 117.41
N LEU O 6 34.14 7.62 118.13
CA LEU O 6 35.01 8.79 118.15
C LEU O 6 35.72 8.99 116.82
N LYS O 7 35.96 7.91 116.08
CA LYS O 7 36.62 8.01 114.79
C LYS O 7 35.73 8.68 113.75
N ASN O 8 34.47 8.24 113.66
CA ASN O 8 33.58 8.79 112.64
C ASN O 8 33.12 10.20 112.98
N THR O 9 32.86 10.47 114.26
CA THR O 9 32.39 11.78 114.66
C THR O 9 33.51 12.81 114.53
N PRO O 10 33.15 14.09 114.32
CA PRO O 10 34.18 15.13 114.17
C PRO O 10 34.88 15.48 115.46
N VAL O 11 35.70 16.54 115.44
CA VAL O 11 36.54 16.92 116.58
C VAL O 11 35.71 17.36 117.78
N SER O 12 34.38 17.37 117.62
CA SER O 12 33.50 17.69 118.75
C SER O 12 33.68 16.66 119.86
N GLU O 13 33.78 15.38 119.53
CA GLU O 13 34.05 14.38 120.54
C GLU O 13 35.41 14.60 121.17
N LEU O 14 36.39 15.01 120.37
CA LEU O 14 37.73 15.28 120.91
C LEU O 14 37.68 16.38 121.96
N ILE O 15 37.01 17.50 121.64
CA ILE O 15 36.97 18.61 122.59
C ILE O 15 36.13 18.26 123.82
N THR O 16 35.06 17.48 123.63
CA THR O 16 34.25 17.07 124.78
C THR O 16 35.06 16.18 125.72
N LEU O 17 35.79 15.21 125.18
CA LEU O 17 36.66 14.39 126.02
C LEU O 17 37.75 15.23 126.68
N GLY O 18 38.33 16.16 125.95
CA GLY O 18 39.37 17.00 126.52
C GLY O 18 38.87 17.84 127.70
N GLU O 19 37.65 18.38 127.58
CA GLU O 19 37.09 19.14 128.69
C GLU O 19 36.50 18.24 129.77
N ASN O 20 36.28 16.96 129.48
CA ASN O 20 35.73 16.05 130.48
C ASN O 20 36.83 15.46 131.37
N MET O 21 37.78 14.75 130.77
CA MET O 21 38.83 14.11 131.57
C MET O 21 40.03 15.01 131.80
N GLY O 22 40.34 15.91 130.87
CA GLY O 22 41.43 16.85 131.06
C GLY O 22 42.69 16.51 130.29
N LEU O 23 43.04 17.35 129.32
CA LEU O 23 44.25 17.19 128.54
C LEU O 23 45.07 18.47 128.61
N GLU O 24 46.40 18.32 128.58
CA GLU O 24 47.27 19.48 128.67
C GLU O 24 47.10 20.41 127.47
N ASN O 25 46.94 19.84 126.28
CA ASN O 25 46.74 20.64 125.08
C ASN O 25 45.87 19.86 124.10
N LEU O 26 45.09 20.59 123.30
CA LEU O 26 44.25 20.02 122.27
C LEU O 26 44.42 20.80 120.98
N ALA O 27 44.20 20.13 119.86
CA ALA O 27 44.29 20.73 118.53
C ALA O 27 45.68 21.31 118.28
N ARG O 28 46.69 20.44 118.39
CA ARG O 28 48.05 20.82 118.05
C ARG O 28 48.78 19.75 117.27
N MET O 29 48.17 18.58 117.04
CA MET O 29 48.81 17.49 116.32
C MET O 29 47.75 16.75 115.51
N ARG O 30 48.18 15.72 114.80
CA ARG O 30 47.32 15.00 113.87
C ARG O 30 46.19 14.29 114.61
N LYS O 31 45.05 14.11 113.93
CA LYS O 31 43.87 13.56 114.57
C LYS O 31 44.11 12.15 115.09
N GLN O 32 44.85 11.34 114.35
CA GLN O 32 45.15 9.99 114.83
C GLN O 32 46.05 10.01 116.05
N ASP O 33 46.95 10.99 116.15
CA ASP O 33 47.74 11.15 117.37
C ASP O 33 46.85 11.46 118.57
N ILE O 34 45.85 12.34 118.37
CA ILE O 34 44.92 12.67 119.44
C ILE O 34 44.12 11.44 119.85
N ILE O 35 43.68 10.66 118.85
CA ILE O 35 42.92 9.44 119.14
C ILE O 35 43.77 8.46 119.92
N PHE O 36 45.03 8.29 119.52
CA PHE O 36 45.93 7.40 120.25
C PHE O 36 46.15 7.85 121.67
N ALA O 37 46.35 9.16 121.87
CA ALA O 37 46.54 9.68 123.23
C ALA O 37 45.30 9.48 124.09
N ILE O 38 44.12 9.72 123.52
CA ILE O 38 42.88 9.55 124.27
C ILE O 38 42.69 8.08 124.63
N LEU O 39 42.95 7.18 123.69
CA LEU O 39 42.83 5.75 123.96
C LEU O 39 43.80 5.31 125.04
N LYS O 40 45.04 5.81 124.99
CA LYS O 40 46.02 5.48 126.02
C LYS O 40 45.57 5.97 127.39
N GLN O 41 45.08 7.21 127.46
CA GLN O 41 44.64 7.76 128.73
C GLN O 41 43.45 6.98 129.29
N HIS O 42 42.52 6.57 128.42
CA HIS O 42 41.37 5.81 128.88
C HIS O 42 41.78 4.41 129.33
N ALA O 43 42.72 3.79 128.62
CA ALA O 43 43.09 2.40 128.92
C ALA O 43 43.98 2.32 130.17
N LYS O 44 44.85 3.30 130.39
CA LYS O 44 45.70 3.28 131.57
C LYS O 44 44.93 3.43 132.87
N SER O 45 43.65 3.84 132.80
CA SER O 45 42.84 3.94 134.01
C SER O 45 42.53 2.58 134.62
N GLY O 46 42.65 1.50 133.85
CA GLY O 46 42.43 0.17 134.36
C GLY O 46 41.39 -0.63 133.60
N GLU O 47 41.09 -0.19 132.37
CA GLU O 47 40.08 -0.85 131.54
C GLU O 47 40.70 -1.20 130.19
N ASP O 48 40.53 -2.45 129.77
CA ASP O 48 40.94 -2.84 128.43
C ASP O 48 40.06 -2.15 127.40
N ILE O 49 40.67 -1.75 126.28
CA ILE O 49 39.98 -0.96 125.29
C ILE O 49 39.51 -1.87 124.17
N PHE O 50 38.63 -1.35 123.31
CA PHE O 50 38.14 -2.10 122.16
C PHE O 50 38.86 -1.66 120.89
N GLY O 51 38.88 -2.54 119.91
CA GLY O 51 39.51 -2.24 118.64
C GLY O 51 38.89 -3.01 117.50
N ASP O 52 38.56 -2.31 116.42
CA ASP O 52 37.94 -2.91 115.25
C ASP O 52 38.58 -2.37 113.99
N GLY O 53 38.60 -3.19 112.95
CA GLY O 53 39.14 -2.74 111.68
C GLY O 53 39.43 -3.93 110.77
N VAL O 54 40.32 -3.69 109.81
CA VAL O 54 40.70 -4.67 108.80
C VAL O 54 42.17 -5.01 108.99
N LEU O 55 42.47 -6.31 109.06
CA LEU O 55 43.81 -6.79 109.36
C LEU O 55 44.54 -7.19 108.09
N GLU O 56 45.83 -6.88 108.03
CA GLU O 56 46.69 -7.24 106.91
C GLU O 56 48.02 -7.74 107.45
N ILE O 57 48.50 -8.83 106.88
CA ILE O 57 49.76 -9.46 107.31
C ILE O 57 50.88 -8.99 106.39
N LEU O 58 51.99 -8.57 107.00
CA LEU O 58 53.13 -8.07 106.25
C LEU O 58 54.06 -9.22 105.86
N GLN O 59 55.17 -8.88 105.21
CA GLN O 59 56.12 -9.89 104.75
C GLN O 59 57.00 -10.42 105.87
N ASP O 60 57.11 -9.70 106.99
CA ASP O 60 57.94 -10.12 108.11
C ASP O 60 57.12 -10.75 109.24
N GLY O 61 55.85 -11.04 109.01
CA GLY O 61 55.00 -11.64 110.01
C GLY O 61 54.25 -10.68 110.90
N PHE O 62 54.52 -9.37 110.80
CA PHE O 62 53.81 -8.39 111.59
C PHE O 62 52.42 -8.13 111.00
N GLY O 63 51.44 -7.98 111.88
CA GLY O 63 50.07 -7.70 111.46
C GLY O 63 49.71 -6.25 111.75
N PHE O 64 49.05 -5.61 110.80
CA PHE O 64 48.61 -4.22 110.96
C PHE O 64 47.11 -4.14 110.68
N LEU O 65 46.39 -3.49 111.59
CA LEU O 65 44.95 -3.31 111.46
C LEU O 65 44.65 -1.84 111.20
N ARG O 66 43.92 -1.58 110.13
CA ARG O 66 43.58 -0.22 109.71
C ARG O 66 42.07 -0.01 109.82
N SER O 67 41.69 1.27 109.82
CA SER O 67 40.29 1.68 109.95
C SER O 67 39.76 2.13 108.60
N ALA O 68 38.54 1.72 108.28
CA ALA O 68 37.92 2.10 107.02
C ALA O 68 37.70 3.61 106.94
N ASP O 69 37.24 4.21 108.03
CA ASP O 69 36.97 5.65 108.03
C ASP O 69 38.26 6.45 107.84
N SER O 70 39.37 5.97 108.38
CA SER O 70 40.65 6.67 108.29
C SER O 70 41.32 6.53 106.93
N SER O 71 40.61 5.99 105.93
CA SER O 71 41.14 5.83 104.57
C SER O 71 42.39 4.94 104.54
N TYR O 72 42.47 3.99 105.47
CA TYR O 72 43.54 2.99 105.51
C TYR O 72 44.93 3.63 105.65
N LEU O 73 45.01 4.78 106.31
CA LEU O 73 46.31 5.40 106.55
C LEU O 73 47.13 4.57 107.51
N ALA O 74 48.43 4.49 107.27
CA ALA O 74 49.35 3.75 108.14
C ALA O 74 49.92 4.65 109.24
N GLY O 75 49.02 5.32 109.96
CA GLY O 75 49.42 6.19 111.04
C GLY O 75 49.43 5.45 112.36
N PRO O 76 49.58 6.19 113.47
CA PRO O 76 49.57 5.56 114.80
C PRO O 76 48.25 4.90 115.14
N ASP O 77 47.16 5.25 114.46
CA ASP O 77 45.85 4.69 114.77
C ASP O 77 45.75 3.21 114.44
N ASP O 78 46.70 2.64 113.70
CA ASP O 78 46.66 1.23 113.38
C ASP O 78 46.88 0.39 114.63
N ILE O 79 46.41 -0.85 114.57
CA ILE O 79 46.52 -1.79 115.69
C ILE O 79 47.56 -2.84 115.32
N TYR O 80 48.55 -3.02 116.20
CA TYR O 80 49.59 -4.01 115.97
C TYR O 80 49.11 -5.39 116.39
N VAL O 81 49.41 -6.38 115.55
CA VAL O 81 49.05 -7.77 115.81
C VAL O 81 50.33 -8.58 115.75
N SER O 82 50.67 -9.24 116.86
CA SER O 82 51.93 -9.95 116.96
C SER O 82 51.92 -11.17 116.05
N PRO O 83 53.08 -11.54 115.49
CA PRO O 83 53.13 -12.70 114.58
C PRO O 83 52.63 -13.99 115.21
N SER O 84 52.87 -14.18 116.50
CA SER O 84 52.32 -15.34 117.20
C SER O 84 50.80 -15.35 117.13
N GLN O 85 50.18 -14.17 117.08
CA GLN O 85 48.73 -14.11 116.87
C GLN O 85 48.35 -14.63 115.50
N ILE O 86 49.15 -14.32 114.46
CA ILE O 86 48.86 -14.84 113.13
C ILE O 86 48.96 -16.37 113.12
N ARG O 87 49.98 -16.94 113.75
CA ARG O 87 50.00 -18.41 113.83
C ARG O 87 48.83 -18.96 114.63
N ARG O 88 48.63 -18.49 115.87
CA ARG O 88 47.71 -19.21 116.75
C ARG O 88 46.24 -18.95 116.37
N PHE O 89 45.91 -17.74 115.93
CA PHE O 89 44.55 -17.47 115.47
C PHE O 89 44.32 -17.92 114.05
N ASN O 90 45.38 -18.09 113.26
CA ASN O 90 45.31 -18.54 111.87
C ASN O 90 44.43 -17.60 111.03
N LEU O 91 44.88 -16.35 110.96
CA LEU O 91 44.20 -15.30 110.21
C LEU O 91 45.03 -14.95 108.97
N ARG O 92 44.44 -14.11 108.12
CA ARG O 92 45.10 -13.68 106.89
C ARG O 92 44.84 -12.18 106.69
N THR O 93 45.21 -11.69 105.52
CA THR O 93 44.98 -10.31 105.14
C THR O 93 43.47 -10.05 104.98
N GLY O 94 43.07 -8.81 105.25
CA GLY O 94 41.77 -8.32 104.85
C GLY O 94 40.60 -8.76 105.70
N ASP O 95 40.84 -9.54 106.74
CA ASP O 95 39.75 -9.99 107.61
C ASP O 95 39.36 -8.89 108.58
N THR O 96 38.05 -8.78 108.82
CA THR O 96 37.52 -7.78 109.75
C THR O 96 37.69 -8.31 111.17
N ILE O 97 38.59 -7.70 111.92
CA ILE O 97 38.91 -8.11 113.28
C ILE O 97 38.37 -7.07 114.25
N SER O 98 37.60 -7.52 115.23
CA SER O 98 37.03 -6.67 116.26
C SER O 98 37.11 -7.39 117.59
N GLY O 99 37.62 -6.71 118.61
CA GLY O 99 37.71 -7.34 119.92
C GLY O 99 38.53 -6.51 120.89
N LYS O 100 38.81 -7.13 122.03
CA LYS O 100 39.55 -6.47 123.10
C LYS O 100 41.00 -6.27 122.71
N ILE O 101 41.55 -5.12 123.09
CA ILE O 101 42.96 -4.80 122.90
C ILE O 101 43.46 -4.04 124.11
N ARG O 102 44.78 -4.14 124.35
CA ARG O 102 45.57 -3.59 125.43
C ARG O 102 46.44 -2.43 124.94
N PRO O 103 46.60 -1.38 125.73
CA PRO O 103 47.47 -0.29 125.31
C PRO O 103 48.90 -0.77 125.16
N PRO O 104 49.66 -0.20 124.22
CA PRO O 104 51.06 -0.61 124.04
C PRO O 104 51.91 -0.28 125.26
N LYS O 105 52.92 -1.10 125.48
CA LYS O 105 53.87 -0.89 126.57
C LYS O 105 55.09 -0.13 126.04
N GLU O 106 56.13 -0.04 126.87
CA GLU O 106 57.34 0.67 126.46
C GLU O 106 58.03 -0.06 125.32
N GLY O 107 58.68 0.70 124.45
CA GLY O 107 59.38 0.16 123.30
C GLY O 107 58.57 0.05 122.04
N GLU O 108 57.26 0.35 122.09
CA GLU O 108 56.42 0.28 120.92
C GLU O 108 55.27 1.28 121.07
N ARG O 109 54.84 1.84 119.95
CA ARG O 109 53.82 2.89 119.94
C ARG O 109 52.53 2.43 119.26
N TYR O 110 52.34 1.12 119.07
CA TYR O 110 51.17 0.59 118.40
C TYR O 110 50.41 -0.35 119.31
N PHE O 111 49.09 -0.22 119.33
CA PHE O 111 48.24 -1.04 120.20
C PHE O 111 48.40 -2.51 119.88
N ALA O 112 48.57 -3.32 120.92
CA ALA O 112 48.68 -4.76 120.78
C ALA O 112 47.31 -5.42 120.87
N LEU O 113 47.21 -6.62 120.30
CA LEU O 113 45.96 -7.37 120.27
C LEU O 113 46.01 -8.46 121.33
N LEU O 114 45.00 -8.47 122.21
CA LEU O 114 44.92 -9.49 123.25
C LEU O 114 44.27 -10.76 122.71
N LYS O 115 43.03 -10.66 122.24
CA LYS O 115 42.31 -11.81 121.72
C LYS O 115 41.34 -11.34 120.65
N VAL O 116 40.90 -12.27 119.81
CA VAL O 116 39.99 -11.99 118.72
C VAL O 116 38.57 -12.33 119.16
N ASN O 117 37.62 -11.46 118.79
CA ASN O 117 36.22 -11.65 119.15
C ASN O 117 35.27 -11.57 117.97
N GLU O 118 35.72 -11.13 116.80
CA GLU O 118 34.83 -11.01 115.64
C GLU O 118 35.68 -11.12 114.38
N VAL O 119 35.33 -12.04 113.50
CA VAL O 119 36.07 -12.27 112.25
C VAL O 119 35.07 -12.13 111.10
N ASN O 120 35.23 -11.06 110.32
CA ASN O 120 34.41 -10.74 109.14
C ASN O 120 32.94 -11.12 109.33
N PHE O 121 32.35 -10.55 110.39
CA PHE O 121 30.93 -10.72 110.70
C PHE O 121 30.57 -12.20 110.86
N ASP O 122 31.46 -12.97 111.48
CA ASP O 122 31.23 -14.38 111.67
C ASP O 122 32.05 -14.87 112.88
N LYS O 123 31.66 -16.02 113.39
CA LYS O 123 32.37 -16.60 114.52
C LYS O 123 33.79 -16.98 114.10
N PRO O 124 34.80 -16.69 114.92
CA PRO O 124 36.18 -17.04 114.54
C PRO O 124 36.38 -18.52 114.24
N GLU O 125 35.72 -19.40 115.00
CA GLU O 125 35.83 -20.83 114.73
C GLU O 125 35.22 -21.19 113.37
N ASN O 126 34.06 -20.62 113.06
CA ASN O 126 33.43 -20.89 111.77
C ASN O 126 34.22 -20.29 110.62
N ALA O 127 34.75 -19.08 110.80
CA ALA O 127 35.49 -18.41 109.74
C ALA O 127 36.81 -19.10 109.43
N ARG O 128 37.36 -19.87 110.38
CA ARG O 128 38.62 -20.56 110.14
C ARG O 128 38.48 -21.71 109.15
N ASN O 129 37.26 -22.16 108.87
CA ASN O 129 36.99 -23.25 107.94
C ASN O 129 36.13 -22.70 106.81
N LYS O 130 36.77 -22.15 105.79
CA LYS O 130 36.07 -21.60 104.64
C LYS O 130 36.81 -21.98 103.36
N ILE O 131 36.05 -22.09 102.27
CA ILE O 131 36.64 -22.44 100.98
C ILE O 131 37.40 -21.24 100.43
N LEU O 132 38.57 -21.49 99.86
CA LEU O 132 39.38 -20.42 99.29
C LEU O 132 38.65 -19.76 98.12
N PHE O 133 38.84 -18.44 98.00
CA PHE O 133 38.14 -17.69 96.95
C PHE O 133 38.54 -18.16 95.57
N GLU O 134 39.84 -18.37 95.34
CA GLU O 134 40.30 -18.84 94.04
C GLU O 134 40.06 -20.33 93.84
N ASN O 135 39.85 -21.09 94.91
CA ASN O 135 39.60 -22.53 94.77
C ASN O 135 38.18 -22.81 94.30
N LEU O 136 37.21 -22.01 94.71
CA LEU O 136 35.83 -22.22 94.28
C LEU O 136 35.69 -21.96 92.79
N THR O 137 34.88 -22.79 92.13
CA THR O 137 34.70 -22.67 90.70
C THR O 137 33.71 -21.56 90.38
N PRO O 138 34.12 -20.52 89.66
CA PRO O 138 33.19 -19.44 89.30
C PRO O 138 32.11 -19.91 88.34
N LEU O 139 30.95 -19.26 88.43
CA LEU O 139 29.84 -19.50 87.53
C LEU O 139 29.29 -18.15 87.08
N HIS O 140 28.58 -18.16 85.96
CA HIS O 140 28.09 -16.92 85.38
C HIS O 140 27.04 -16.27 86.30
N ALA O 141 26.82 -14.97 86.08
CA ALA O 141 25.93 -14.20 86.94
C ALA O 141 24.52 -14.76 86.89
N ASN O 142 23.90 -14.90 88.06
CA ASN O 142 22.54 -15.40 88.17
C ASN O 142 21.58 -14.39 88.78
N SER O 143 21.92 -13.83 89.93
CA SER O 143 21.02 -12.87 90.60
C SER O 143 20.99 -11.56 89.82
N ARG O 144 19.78 -11.04 89.60
CA ARG O 144 19.58 -9.83 88.82
C ARG O 144 19.58 -8.60 89.71
N LEU O 145 20.26 -7.56 89.25
CA LEU O 145 20.31 -6.28 89.95
C LEU O 145 19.50 -5.25 89.18
N ARG O 146 18.75 -4.44 89.91
CA ARG O 146 17.89 -3.41 89.32
C ARG O 146 18.45 -2.03 89.65
N MET O 147 18.94 -1.33 88.62
CA MET O 147 19.34 0.06 88.78
C MET O 147 18.14 0.96 89.01
N GLU O 148 16.97 0.56 88.51
CA GLU O 148 15.75 1.34 88.74
C GLU O 148 15.35 1.31 90.21
N ARG O 149 14.94 2.47 90.73
CA ARG O 149 14.46 2.58 92.09
C ARG O 149 12.93 2.50 92.20
N GLY O 150 12.22 2.54 91.07
CA GLY O 150 10.77 2.48 91.12
C GLY O 150 10.09 3.72 91.63
N ASN O 151 10.75 4.87 91.57
CA ASN O 151 10.16 6.12 92.05
C ASN O 151 9.89 7.13 90.93
N GLY O 152 10.62 7.05 89.81
CA GLY O 152 10.39 7.97 88.71
C GLY O 152 10.88 9.38 88.95
N SER O 153 11.84 9.57 89.86
CA SER O 153 12.36 10.90 90.13
C SER O 153 13.24 11.37 88.98
N THR O 154 13.59 12.66 89.01
CA THR O 154 14.43 13.24 87.98
C THR O 154 15.84 12.65 87.98
N GLU O 155 16.28 12.07 89.09
CA GLU O 155 17.58 11.43 89.18
C GLU O 155 17.52 9.94 88.87
N ASP O 156 16.35 9.40 88.55
CA ASP O 156 16.18 7.99 88.27
C ASP O 156 15.86 7.70 86.81
N LEU O 157 15.70 8.73 85.97
CA LEU O 157 15.39 8.49 84.57
C LEU O 157 16.56 7.84 83.84
N THR O 158 17.79 8.29 84.10
CA THR O 158 18.95 7.65 83.50
C THR O 158 19.11 6.22 84.00
N ALA O 159 18.65 5.95 85.23
CA ALA O 159 18.70 4.58 85.76
C ALA O 159 17.87 3.64 84.89
N ARG O 160 16.62 4.01 84.62
CA ARG O 160 15.76 3.18 83.76
C ARG O 160 16.27 3.16 82.33
N VAL O 161 16.86 4.27 81.87
CA VAL O 161 17.41 4.30 80.51
C VAL O 161 18.52 3.28 80.36
N LEU O 162 19.43 3.22 81.34
CA LEU O 162 20.51 2.24 81.27
C LEU O 162 20.03 0.82 81.56
N ASP O 163 18.96 0.67 82.34
CA ASP O 163 18.34 -0.65 82.49
C ASP O 163 17.83 -1.17 81.16
N LEU O 164 17.16 -0.30 80.39
CA LEU O 164 16.76 -0.68 79.05
C LEU O 164 17.98 -0.92 78.16
N ALA O 165 19.04 -0.15 78.35
CA ALA O 165 20.23 -0.28 77.52
C ALA O 165 20.90 -1.64 77.71
N SER O 166 21.13 -2.03 78.95
CA SER O 166 21.82 -3.28 79.24
C SER O 166 21.49 -3.71 80.67
N PRO O 167 21.49 -5.01 80.96
CA PRO O 167 21.21 -5.47 82.32
C PRO O 167 22.48 -5.56 83.17
N ILE O 168 22.30 -5.27 84.45
CA ILE O 168 23.37 -5.31 85.44
C ILE O 168 23.01 -6.36 86.48
N GLY O 169 23.99 -7.19 86.86
CA GLY O 169 23.72 -8.25 87.80
C GLY O 169 24.82 -8.52 88.80
N ARG O 170 24.77 -9.69 89.43
CA ARG O 170 25.71 -10.08 90.48
C ARG O 170 26.79 -10.95 89.85
N GLY O 171 27.98 -10.38 89.64
CA GLY O 171 29.12 -11.10 89.11
C GLY O 171 29.52 -10.71 87.70
N GLN O 172 28.86 -9.74 87.09
CA GLN O 172 29.22 -9.31 85.75
C GLN O 172 30.49 -8.48 85.77
N ARG O 173 31.17 -8.45 84.62
CA ARG O 173 32.38 -7.65 84.44
C ARG O 173 32.03 -6.46 83.57
N GLY O 174 32.05 -5.27 84.17
CA GLY O 174 31.58 -4.06 83.52
C GLY O 174 32.72 -3.09 83.26
N LEU O 175 32.75 -2.58 82.02
CA LEU O 175 33.66 -1.51 81.63
C LEU O 175 32.84 -0.33 81.13
N ILE O 176 33.29 0.88 81.45
CA ILE O 176 32.67 2.10 80.96
C ILE O 176 33.76 3.01 80.46
N VAL O 177 33.88 3.13 79.14
CA VAL O 177 34.85 4.03 78.52
C VAL O 177 34.22 5.43 78.45
N ALA O 178 34.98 6.43 78.91
CA ALA O 178 34.42 7.76 79.01
C ALA O 178 35.49 8.84 78.93
N PRO O 179 35.34 9.83 78.07
CA PRO O 179 36.24 10.99 78.08
C PRO O 179 35.95 11.88 79.27
N PRO O 180 36.80 12.87 79.54
CA PRO O 180 36.51 13.79 80.66
C PRO O 180 35.25 14.59 80.40
N LYS O 181 34.60 14.98 81.49
CA LYS O 181 33.35 15.76 81.45
C LYS O 181 32.23 15.00 80.75
N ALA O 182 32.25 13.67 80.84
CA ALA O 182 31.20 12.85 80.28
C ALA O 182 30.11 12.51 81.28
N GLY O 183 30.22 12.97 82.52
CA GLY O 183 29.22 12.69 83.52
C GLY O 183 29.33 11.34 84.18
N LYS O 184 30.51 10.73 84.19
CA LYS O 184 30.67 9.41 84.81
C LYS O 184 30.69 9.49 86.34
N THR O 185 31.06 10.63 86.90
CA THR O 185 31.15 10.74 88.36
C THR O 185 29.79 10.58 89.01
N MET O 186 28.85 11.47 88.71
CA MET O 186 27.51 11.31 89.25
C MET O 186 26.80 10.09 88.66
N LEU O 187 27.28 9.56 87.52
CA LEU O 187 26.72 8.31 87.01
C LEU O 187 27.02 7.15 87.97
N LEU O 188 28.29 6.99 88.36
CA LEU O 188 28.61 5.95 89.34
C LEU O 188 28.04 6.28 90.71
N GLN O 189 27.88 7.58 91.02
CA GLN O 189 27.22 7.95 92.26
C GLN O 189 25.77 7.48 92.28
N ASN O 190 25.07 7.63 91.14
CA ASN O 190 23.71 7.13 91.01
C ASN O 190 23.68 5.61 91.07
N ILE O 191 24.67 4.95 90.47
CA ILE O 191 24.80 3.50 90.60
C ILE O 191 24.84 3.12 92.08
N ALA O 192 25.68 3.80 92.85
CA ALA O 192 25.82 3.50 94.27
C ALA O 192 24.53 3.75 95.03
N GLN O 193 23.88 4.88 94.76
CA GLN O 193 22.61 5.17 95.45
C GLN O 193 21.57 4.11 95.17
N SER O 194 21.43 3.71 93.91
CA SER O 194 20.39 2.76 93.55
C SER O 194 20.69 1.37 94.08
N ILE O 195 21.96 0.95 94.04
CA ILE O 195 22.28 -0.37 94.57
C ILE O 195 22.11 -0.39 96.09
N ALA O 196 22.33 0.74 96.76
CA ALA O 196 22.08 0.80 98.20
C ALA O 196 20.59 0.86 98.51
N TYR O 197 19.79 1.45 97.61
CA TYR O 197 18.38 1.67 97.88
C TYR O 197 17.51 0.46 97.54
N ASN O 198 17.80 -0.22 96.43
CA ASN O 198 16.96 -1.34 96.02
C ASN O 198 17.31 -2.61 96.81
N HIS O 199 18.60 -2.92 96.91
CA HIS O 199 19.08 -4.11 97.61
C HIS O 199 20.16 -3.69 98.59
N PRO O 200 19.77 -3.22 99.78
CA PRO O 200 20.76 -2.81 100.78
C PRO O 200 21.48 -3.97 101.45
N ASP O 201 21.09 -5.22 101.16
CA ASP O 201 21.74 -6.37 101.78
C ASP O 201 23.21 -6.45 101.38
N CYS O 202 23.53 -6.21 100.11
CA CYS O 202 24.91 -6.27 99.66
C CYS O 202 25.72 -5.13 100.24
N VAL O 203 26.99 -5.40 100.50
CA VAL O 203 27.90 -4.39 101.03
C VAL O 203 28.32 -3.48 99.89
N LEU O 204 28.02 -2.19 100.03
CA LEU O 204 28.34 -1.20 99.00
C LEU O 204 29.69 -0.58 99.26
N MET O 205 30.53 -0.54 98.23
CA MET O 205 31.87 0.02 98.34
C MET O 205 32.24 0.67 97.01
N VAL O 206 33.03 1.74 97.10
CA VAL O 206 33.58 2.42 95.93
C VAL O 206 35.05 2.69 96.20
N LEU O 207 35.88 2.52 95.17
CA LEU O 207 37.31 2.73 95.27
C LEU O 207 37.73 3.83 94.31
N LEU O 208 38.52 4.78 94.80
CA LEU O 208 39.05 5.87 94.00
C LEU O 208 40.57 5.82 94.02
N ILE O 209 41.17 5.97 92.85
CA ILE O 209 42.63 6.01 92.69
C ILE O 209 43.02 7.43 92.34
N ASP O 210 43.96 7.99 93.11
CA ASP O 210 44.61 9.29 92.89
C ASP O 210 43.65 10.31 92.29
N GLU O 211 42.57 10.57 93.01
CA GLU O 211 41.55 11.52 92.60
C GLU O 211 41.42 12.59 93.66
N ARG O 212 40.94 13.77 93.25
CA ARG O 212 40.93 14.92 94.13
C ARG O 212 40.08 14.66 95.37
N PRO O 213 40.52 15.12 96.55
CA PRO O 213 39.78 14.81 97.79
C PRO O 213 38.37 15.37 97.83
N GLU O 214 38.07 16.43 97.08
CA GLU O 214 36.73 17.02 97.15
C GLU O 214 35.67 16.05 96.66
N GLU O 215 35.93 15.36 95.54
CA GLU O 215 34.94 14.43 95.02
C GLU O 215 34.78 13.21 95.92
N VAL O 216 35.88 12.70 96.47
CA VAL O 216 35.77 11.54 97.35
C VAL O 216 35.06 11.94 98.65
N THR O 217 35.21 13.18 99.10
CA THR O 217 34.48 13.60 100.29
C THR O 217 33.02 13.85 100.00
N GLU O 218 32.69 14.32 98.80
CA GLU O 218 31.29 14.36 98.39
C GLU O 218 30.69 12.96 98.36
N MET O 219 31.47 11.99 97.89
CA MET O 219 31.05 10.59 97.94
C MET O 219 30.83 10.14 99.38
N GLN O 220 31.74 10.52 100.28
CA GLN O 220 31.60 10.14 101.69
C GLN O 220 30.32 10.73 102.29
N ARG O 221 30.06 12.00 102.04
CA ARG O 221 28.92 12.68 102.66
C ARG O 221 27.59 12.33 102.01
N LEU O 222 27.60 11.81 100.77
CA LEU O 222 26.33 11.52 100.12
C LEU O 222 25.80 10.13 100.49
N VAL O 223 26.58 9.09 100.22
CA VAL O 223 26.11 7.73 100.41
C VAL O 223 26.24 7.35 101.88
N LYS O 224 25.30 6.54 102.36
CA LYS O 224 25.35 6.07 103.74
C LYS O 224 26.52 5.12 103.98
N GLY O 225 26.87 4.31 102.98
CA GLY O 225 27.96 3.37 103.14
C GLY O 225 29.32 4.04 103.12
N GLU O 226 30.29 3.40 103.76
CA GLU O 226 31.64 3.93 103.83
C GLU O 226 32.36 3.71 102.50
N VAL O 227 33.14 4.70 102.10
CA VAL O 227 33.88 4.67 100.85
C VAL O 227 35.34 4.99 101.13
N VAL O 228 36.25 4.25 100.51
CA VAL O 228 37.67 4.50 100.66
C VAL O 228 38.10 5.64 99.75
N ALA O 229 39.19 6.32 100.13
CA ALA O 229 39.63 7.51 99.43
C ALA O 229 41.13 7.45 99.20
N SER O 230 41.57 8.06 98.09
CA SER O 230 42.97 8.24 97.78
C SER O 230 43.10 9.47 96.90
N THR O 231 44.28 10.08 96.93
CA THR O 231 44.51 11.33 96.21
C THR O 231 45.95 11.38 95.73
N PHE O 232 46.26 12.44 94.98
CA PHE O 232 47.62 12.62 94.46
C PHE O 232 48.64 12.82 95.57
N ASP O 233 48.18 13.22 96.76
CA ASP O 233 49.07 13.24 97.92
C ASP O 233 49.59 11.84 98.22
N GLU O 234 48.72 10.85 98.12
CA GLU O 234 49.14 9.47 98.32
C GLU O 234 49.98 9.01 97.12
N PRO O 235 51.15 8.42 97.35
CA PRO O 235 51.97 7.96 96.22
C PRO O 235 51.31 6.78 95.50
N ALA O 236 51.88 6.46 94.33
CA ALA O 236 51.33 5.40 93.50
C ALA O 236 51.39 4.05 94.22
N SER O 237 52.51 3.76 94.88
CA SER O 237 52.62 2.51 95.63
C SER O 237 51.57 2.44 96.73
N ARG O 238 51.26 3.60 97.34
CA ARG O 238 50.17 3.65 98.30
C ARG O 238 48.85 3.24 97.69
N HIS O 239 48.55 3.74 96.48
CA HIS O 239 47.34 3.34 95.79
C HIS O 239 47.33 1.84 95.52
N VAL O 240 48.46 1.30 95.05
CA VAL O 240 48.54 -0.13 94.76
C VAL O 240 48.24 -0.94 96.01
N GLN O 241 48.86 -0.57 97.14
CA GLN O 241 48.73 -1.39 98.33
C GLN O 241 47.34 -1.26 98.95
N VAL O 242 46.77 -0.05 98.99
CA VAL O 242 45.41 0.09 99.51
C VAL O 242 44.43 -0.65 98.62
N ALA O 243 44.64 -0.61 97.30
CA ALA O 243 43.76 -1.31 96.39
C ALA O 243 43.84 -2.82 96.60
N GLU O 244 45.04 -3.33 96.88
CA GLU O 244 45.13 -4.78 97.03
C GLU O 244 44.57 -5.23 98.38
N MET O 245 44.74 -4.44 99.45
CA MET O 245 43.97 -4.77 100.66
C MET O 245 42.47 -4.73 100.39
N VAL O 246 42.00 -3.74 99.63
CA VAL O 246 40.55 -3.61 99.41
C VAL O 246 40.02 -4.82 98.66
N ILE O 247 40.70 -5.22 97.59
CA ILE O 247 40.21 -6.35 96.79
C ILE O 247 40.35 -7.65 97.57
N GLU O 248 41.42 -7.81 98.36
CA GLU O 248 41.57 -9.02 99.14
C GLU O 248 40.50 -9.10 100.22
N LYS O 249 40.15 -7.97 100.84
CA LYS O 249 39.06 -7.95 101.81
C LYS O 249 37.73 -8.27 101.15
N ALA O 250 37.52 -7.75 99.93
CA ALA O 250 36.28 -8.05 99.20
C ALA O 250 36.17 -9.54 98.90
N LYS O 251 37.28 -10.17 98.48
CA LYS O 251 37.22 -11.60 98.19
C LYS O 251 37.05 -12.41 99.47
N ARG O 252 37.66 -11.97 100.58
CA ARG O 252 37.42 -12.64 101.85
C ARG O 252 35.97 -12.53 102.27
N LEU O 253 35.34 -11.37 102.05
CA LEU O 253 33.95 -11.17 102.41
C LEU O 253 33.03 -12.04 101.55
N VAL O 254 33.28 -12.10 100.24
CA VAL O 254 32.44 -12.92 99.37
C VAL O 254 32.69 -14.41 99.62
N GLU O 255 33.84 -14.76 100.21
CA GLU O 255 34.08 -16.14 100.61
C GLU O 255 33.04 -16.63 101.61
N HIS O 256 32.46 -15.72 102.39
CA HIS O 256 31.43 -16.06 103.36
C HIS O 256 30.03 -15.99 102.78
N LYS O 257 29.91 -16.19 101.46
CA LYS O 257 28.62 -16.27 100.78
C LYS O 257 27.81 -14.98 100.97
N LYS O 258 28.42 -13.88 100.56
CA LYS O 258 27.80 -12.56 100.65
C LYS O 258 27.99 -11.81 99.34
N ASP O 259 27.06 -10.90 99.06
CA ASP O 259 27.10 -10.11 97.84
C ASP O 259 27.99 -8.88 98.05
N VAL O 260 28.97 -8.72 97.17
CA VAL O 260 29.94 -7.63 97.25
C VAL O 260 29.95 -6.89 95.93
N ILE O 261 29.93 -5.56 95.98
CA ILE O 261 29.98 -4.72 94.79
C ILE O 261 31.15 -3.76 94.92
N ILE O 262 31.93 -3.62 93.85
CA ILE O 262 33.11 -2.77 93.80
C ILE O 262 32.95 -1.78 92.65
N LEU O 263 33.34 -0.53 92.89
CA LEU O 263 33.33 0.51 91.87
C LEU O 263 34.75 0.99 91.63
N LEU O 264 35.12 1.11 90.37
CA LEU O 264 36.48 1.47 89.97
C LEU O 264 36.42 2.75 89.15
N ASP O 265 37.16 3.77 89.59
CA ASP O 265 37.26 5.05 88.88
C ASP O 265 38.68 5.56 89.06
N SER O 266 39.55 5.27 88.09
CA SER O 266 39.21 4.49 86.89
C SER O 266 40.28 3.44 86.61
N ILE O 267 40.06 2.66 85.55
CA ILE O 267 41.05 1.64 85.18
C ILE O 267 42.33 2.29 84.69
N THR O 268 42.24 3.46 84.05
CA THR O 268 43.43 4.12 83.53
C THR O 268 44.30 4.67 84.67
N ARG O 269 43.67 5.23 85.70
CA ARG O 269 44.44 5.77 86.82
C ARG O 269 45.23 4.66 87.51
N LEU O 270 44.56 3.55 87.81
CA LEU O 270 45.27 2.43 88.42
C LEU O 270 46.33 1.86 87.48
N ALA O 271 46.03 1.78 86.18
CA ALA O 271 47.02 1.27 85.23
C ALA O 271 48.28 2.13 85.24
N ARG O 272 48.10 3.46 85.27
CA ARG O 272 49.25 4.36 85.37
C ARG O 272 50.00 4.13 86.67
N ALA O 273 49.28 3.95 87.78
CA ALA O 273 49.95 3.71 89.06
C ALA O 273 50.78 2.42 89.02
N TYR O 274 50.20 1.34 88.48
CA TYR O 274 50.93 0.07 88.43
C TYR O 274 52.11 0.16 87.47
N ASN O 275 51.96 0.93 86.39
CA ASN O 275 53.09 1.17 85.48
C ASN O 275 54.21 1.89 86.21
N THR O 276 53.88 2.92 87.00
CA THR O 276 54.91 3.65 87.73
C THR O 276 55.60 2.77 88.76
N VAL O 277 54.84 1.94 89.48
CA VAL O 277 55.43 1.20 90.59
C VAL O 277 56.18 -0.06 90.15
N VAL O 278 55.96 -0.55 88.94
CA VAL O 278 56.58 -1.81 88.54
C VAL O 278 58.08 -1.60 88.30
N PRO O 279 58.94 -2.50 88.76
CA PRO O 279 60.36 -2.41 88.38
C PRO O 279 60.57 -2.88 86.95
N ALA O 280 61.74 -2.52 86.42
CA ALA O 280 62.11 -2.92 85.07
C ALA O 280 62.57 -4.37 85.08
N SER O 281 61.90 -5.21 84.27
CA SER O 281 62.22 -6.63 84.21
C SER O 281 63.17 -6.97 83.08
N GLY O 282 63.65 -5.99 82.31
CA GLY O 282 64.55 -6.21 81.21
C GLY O 282 63.89 -6.30 79.86
N LYS O 283 62.58 -6.56 79.81
CA LYS O 283 61.82 -6.60 78.58
C LYS O 283 60.67 -5.61 78.68
N VAL O 284 60.50 -4.78 77.65
CA VAL O 284 59.57 -3.66 77.66
C VAL O 284 58.67 -3.75 76.44
N LEU O 285 57.36 -3.70 76.66
CA LEU O 285 56.41 -3.65 75.56
C LEU O 285 56.47 -2.27 74.90
N THR O 286 56.06 -2.22 73.64
CA THR O 286 56.16 -0.99 72.86
C THR O 286 55.41 0.14 73.54
N GLY O 287 56.00 1.33 73.52
CA GLY O 287 55.48 2.47 74.24
C GLY O 287 56.08 2.70 75.61
N GLY O 288 57.18 2.03 75.93
CA GLY O 288 57.83 2.20 77.22
C GLY O 288 57.04 1.70 78.41
N VAL O 289 56.41 0.54 78.29
CA VAL O 289 55.64 -0.07 79.38
C VAL O 289 56.06 -1.52 79.52
N ASP O 290 56.03 -2.03 80.74
CA ASP O 290 56.36 -3.42 81.00
C ASP O 290 55.16 -4.30 80.65
N ALA O 291 55.37 -5.26 79.75
CA ALA O 291 54.28 -6.13 79.32
C ALA O 291 53.75 -6.97 80.48
N ASN O 292 54.64 -7.49 81.32
CA ASN O 292 54.20 -8.29 82.46
C ASN O 292 53.40 -7.46 83.45
N ALA O 293 53.75 -6.18 83.61
CA ALA O 293 53.05 -5.33 84.58
C ALA O 293 51.56 -5.25 84.29
N LEU O 294 51.16 -5.38 83.01
CA LEU O 294 49.75 -5.33 82.65
C LEU O 294 48.94 -6.44 83.31
N HIS O 295 49.60 -7.50 83.78
CA HIS O 295 48.87 -8.55 84.48
C HIS O 295 48.36 -8.09 85.84
N ARG O 296 48.97 -7.06 86.42
CA ARG O 296 48.63 -6.67 87.79
C ARG O 296 47.32 -5.90 87.85
N PRO O 297 47.00 -5.01 86.89
CA PRO O 297 45.62 -4.49 86.84
C PRO O 297 44.58 -5.59 86.66
N LYS O 298 44.93 -6.68 85.99
CA LYS O 298 44.01 -7.81 85.86
C LYS O 298 43.85 -8.55 87.19
N ARG O 299 44.83 -8.46 88.08
CA ARG O 299 44.63 -8.94 89.44
C ARG O 299 43.54 -8.15 90.15
N PHE O 300 43.51 -6.83 89.94
CA PHE O 300 42.47 -5.99 90.51
C PHE O 300 41.15 -6.09 89.76
N PHE O 301 41.14 -6.77 88.60
CA PHE O 301 39.92 -6.94 87.82
C PHE O 301 39.45 -8.38 87.74
N GLY O 302 40.31 -9.36 88.01
CA GLY O 302 39.95 -10.76 87.88
C GLY O 302 39.08 -11.31 88.98
N ALA O 303 38.83 -10.54 90.04
CA ALA O 303 38.00 -11.02 91.15
C ALA O 303 36.53 -11.08 90.80
N ALA O 304 36.11 -10.52 89.67
CA ALA O 304 34.71 -10.51 89.28
C ALA O 304 34.26 -11.93 88.92
N ARG O 305 33.47 -12.54 89.80
CA ARG O 305 32.96 -13.88 89.55
C ARG O 305 31.76 -14.12 90.46
N ASN O 306 30.78 -14.86 89.95
CA ASN O 306 29.56 -15.18 90.68
C ASN O 306 29.69 -16.58 91.27
N VAL O 307 29.42 -16.69 92.57
CA VAL O 307 29.49 -17.96 93.28
C VAL O 307 28.10 -18.59 93.27
N GLU O 308 28.01 -19.80 92.71
CA GLU O 308 26.71 -20.48 92.64
C GLU O 308 26.28 -20.99 94.00
N GLU O 309 27.23 -21.28 94.89
CA GLU O 309 26.89 -21.80 96.21
C GLU O 309 26.37 -20.71 97.15
N GLY O 310 26.52 -19.44 96.80
CA GLY O 310 26.04 -18.36 97.63
C GLY O 310 26.88 -17.11 97.52
N GLY O 311 26.22 -15.95 97.39
CA GLY O 311 26.94 -14.70 97.26
C GLY O 311 27.53 -14.50 95.89
N SER O 312 28.06 -13.31 95.63
CA SER O 312 28.65 -12.99 94.33
C SER O 312 29.41 -11.69 94.44
N LEU O 313 30.55 -11.60 93.76
CA LEU O 313 31.36 -10.39 93.71
C LEU O 313 31.25 -9.78 92.32
N THR O 314 30.87 -8.51 92.27
CA THR O 314 30.71 -7.79 91.02
C THR O 314 31.54 -6.52 91.04
N ILE O 315 32.06 -6.13 89.89
CA ILE O 315 32.85 -4.91 89.74
C ILE O 315 32.30 -4.10 88.58
N ILE O 316 32.25 -2.78 88.77
CA ILE O 316 31.86 -1.84 87.72
C ILE O 316 32.99 -0.82 87.59
N ALA O 317 33.65 -0.80 86.44
CA ALA O 317 34.86 -0.02 86.25
C ALA O 317 34.68 0.99 85.12
N THR O 318 35.20 2.19 85.33
CA THR O 318 35.20 3.23 84.32
C THR O 318 36.56 3.30 83.62
N ALA O 319 36.55 3.88 82.42
CA ALA O 319 37.75 4.00 81.60
C ALA O 319 37.85 5.40 81.03
N LEU O 320 39.07 5.81 80.71
CA LEU O 320 39.37 7.15 80.22
C LEU O 320 40.21 7.04 78.96
N ILE O 321 39.81 7.76 77.91
CA ILE O 321 40.52 7.76 76.63
C ILE O 321 40.58 9.20 76.12
N ASP O 322 41.20 9.35 74.95
CA ASP O 322 41.33 10.59 74.19
C ASP O 322 41.62 11.82 75.05
N THR O 323 42.53 11.67 76.03
CA THR O 323 42.99 12.78 76.86
C THR O 323 44.34 13.32 76.41
N GLY O 324 44.68 13.16 75.13
CA GLY O 324 45.97 13.59 74.64
C GLY O 324 47.11 12.66 74.95
N SER O 325 46.83 11.48 75.52
CA SER O 325 47.86 10.49 75.85
C SER O 325 47.78 9.34 74.87
N LYS O 326 48.92 8.99 74.27
CA LYS O 326 48.98 7.91 73.29
C LYS O 326 48.75 6.54 73.94
N MET O 327 48.88 6.44 75.25
CA MET O 327 48.97 5.16 75.93
C MET O 327 47.65 4.75 76.57
N ASP O 328 46.55 5.41 76.20
CA ASP O 328 45.24 5.20 76.80
C ASP O 328 44.30 4.34 75.97
N GLU O 329 44.33 4.48 74.64
CA GLU O 329 43.39 3.71 73.83
C GLU O 329 43.82 2.25 73.69
N VAL O 330 45.12 1.97 73.71
CA VAL O 330 45.58 0.60 73.52
C VAL O 330 45.30 -0.25 74.76
N ILE O 331 45.34 0.35 75.96
CA ILE O 331 44.95 -0.41 77.14
C ILE O 331 43.46 -0.76 77.06
N TYR O 332 42.65 0.13 76.49
CA TYR O 332 41.26 -0.20 76.24
C TYR O 332 41.13 -1.33 75.23
N GLU O 333 41.98 -1.31 74.20
CA GLU O 333 41.94 -2.37 73.19
C GLU O 333 42.29 -3.73 73.80
N GLU O 334 43.31 -3.78 74.65
CA GLU O 334 43.69 -5.03 75.28
C GLU O 334 42.83 -5.39 76.49
N PHE O 335 42.00 -4.47 76.96
CA PHE O 335 40.99 -4.76 77.97
C PHE O 335 39.60 -4.92 77.37
N LYS O 336 39.48 -4.90 76.05
CA LYS O 336 38.18 -5.04 75.42
C LYS O 336 37.55 -6.39 75.72
N GLY O 337 38.35 -7.46 75.65
CA GLY O 337 37.86 -8.79 75.93
C GLY O 337 37.83 -9.20 77.38
N THR O 338 38.28 -8.32 78.28
CA THR O 338 38.34 -8.69 79.69
C THR O 338 36.95 -8.76 80.32
N GLY O 339 36.10 -7.78 80.03
CA GLY O 339 34.79 -7.68 80.64
C GLY O 339 33.69 -8.22 79.75
N ASN O 340 32.59 -8.63 80.38
CA ASN O 340 31.46 -9.17 79.65
C ASN O 340 30.44 -8.13 79.23
N MET O 341 30.57 -6.88 79.70
CA MET O 341 29.71 -5.82 79.19
C MET O 341 30.45 -4.50 79.27
N GLU O 342 30.15 -3.60 78.33
CA GLU O 342 30.84 -2.33 78.22
C GLU O 342 29.86 -1.24 77.79
N LEU O 343 30.20 0.00 78.16
CA LEU O 343 29.37 1.16 77.87
C LEU O 343 30.25 2.27 77.32
N HIS O 344 29.84 2.82 76.18
CA HIS O 344 30.62 3.82 75.46
C HIS O 344 30.11 5.23 75.77
N LEU O 345 31.04 6.16 75.95
CA LEU O 345 30.74 7.58 76.11
C LEU O 345 31.44 8.33 75.00
N SER O 346 30.71 9.20 74.30
CA SER O 346 31.24 9.90 73.14
C SER O 346 31.24 11.40 73.38
N ARG O 347 32.11 12.10 72.64
CA ARG O 347 32.25 13.54 72.75
C ARG O 347 31.20 14.31 71.97
N LYS O 348 30.62 13.70 70.92
CA LYS O 348 29.61 14.41 70.14
C LYS O 348 28.34 14.65 70.95
N ILE O 349 27.98 13.72 71.83
CA ILE O 349 26.84 13.94 72.72
C ILE O 349 27.16 15.03 73.73
N ALA O 350 28.41 15.08 74.21
CA ALA O 350 28.82 16.15 75.12
C ALA O 350 28.73 17.51 74.44
N GLU O 351 29.14 17.58 73.17
CA GLU O 351 28.91 18.79 72.39
C GLU O 351 27.43 19.08 72.25
N LYS O 352 26.61 18.04 72.10
CA LYS O 352 25.18 18.20 72.05
C LYS O 352 24.61 18.64 73.41
N ARG O 353 25.40 18.55 74.48
CA ARG O 353 25.18 19.12 75.79
C ARG O 353 24.14 18.31 76.60
N VAL O 354 23.45 17.35 76.01
CA VAL O 354 22.48 16.54 76.72
C VAL O 354 23.16 15.29 77.27
N PHE O 355 22.95 15.01 78.55
CA PHE O 355 23.51 13.87 79.24
C PHE O 355 22.39 13.06 79.88
N PRO O 356 22.60 11.75 80.12
CA PRO O 356 23.83 10.97 79.92
C PRO O 356 24.16 10.68 78.46
N ALA O 357 25.45 10.60 78.15
CA ALA O 357 25.92 10.31 76.79
C ALA O 357 26.05 8.82 76.55
N ILE O 358 24.98 8.08 76.84
CA ILE O 358 25.01 6.62 76.77
C ILE O 358 24.98 6.21 75.30
N ASP O 359 26.06 5.59 74.83
CA ASP O 359 26.12 5.05 73.48
C ASP O 359 25.75 3.57 73.49
N TYR O 360 24.49 3.31 73.86
CA TYR O 360 24.01 1.95 74.04
C TYR O 360 23.84 1.20 72.72
N ASN O 361 23.89 1.89 71.58
CA ASN O 361 23.74 1.20 70.30
C ASN O 361 24.85 0.20 70.07
N ARG O 362 26.09 0.57 70.41
CA ARG O 362 27.22 -0.32 70.27
C ARG O 362 27.49 -1.15 71.53
N SER O 363 26.78 -0.87 72.62
CA SER O 363 26.97 -1.64 73.84
C SER O 363 26.47 -3.07 73.66
N GLY O 364 27.15 -4.00 74.29
CA GLY O 364 26.77 -5.40 74.19
C GLY O 364 27.20 -6.17 75.42
N THR O 365 26.46 -7.24 75.71
CA THR O 365 26.76 -8.12 76.84
C THR O 365 26.84 -9.55 76.35
N ARG O 366 27.70 -10.33 76.98
CA ARG O 366 27.91 -11.74 76.62
C ARG O 366 27.09 -12.62 77.56
N LYS O 367 26.14 -13.35 76.99
CA LYS O 367 25.27 -14.26 77.74
C LYS O 367 24.55 -13.51 78.87
N GLU O 368 23.95 -12.37 78.52
CA GLU O 368 23.15 -11.61 79.47
C GLU O 368 21.82 -12.30 79.78
N GLU O 369 21.47 -13.35 79.03
CA GLU O 369 20.19 -14.02 79.21
C GLU O 369 20.00 -14.50 80.64
N LEU O 370 21.08 -14.84 81.34
CA LEU O 370 20.99 -15.34 82.70
C LEU O 370 20.47 -14.30 83.67
N LEU O 371 20.41 -13.03 83.28
CA LEU O 371 19.99 -11.98 84.18
C LEU O 371 18.52 -11.59 83.99
N THR O 372 17.93 -11.87 82.84
CA THR O 372 16.55 -11.52 82.55
C THR O 372 15.76 -12.80 82.23
N THR O 373 14.51 -12.61 81.81
CA THR O 373 13.66 -13.73 81.40
C THR O 373 14.05 -14.15 79.98
N GLN O 374 13.25 -15.01 79.36
CA GLN O 374 13.52 -15.45 77.99
C GLN O 374 12.76 -14.63 76.97
N GLU O 375 11.42 -14.65 77.02
CA GLU O 375 10.62 -13.98 75.99
C GLU O 375 10.81 -12.47 76.03
N GLU O 376 10.87 -11.90 77.24
CA GLU O 376 11.07 -10.45 77.35
C GLU O 376 12.50 -10.07 76.98
N LEU O 377 13.45 -11.01 77.08
CA LEU O 377 14.78 -10.78 76.54
C LEU O 377 14.73 -10.57 75.04
N GLN O 378 14.07 -11.49 74.32
CA GLN O 378 13.85 -11.26 72.90
C GLN O 378 13.06 -9.99 72.66
N LYS O 379 12.23 -9.57 73.63
CA LYS O 379 11.48 -8.33 73.46
C LYS O 379 12.43 -7.12 73.41
N MET O 380 13.32 -6.97 74.39
CA MET O 380 14.15 -5.77 74.24
C MET O 380 15.18 -5.99 73.14
N TRP O 381 15.44 -7.22 72.72
CA TRP O 381 16.33 -7.37 71.56
C TRP O 381 15.65 -6.97 70.26
N ILE O 382 14.34 -7.24 70.14
CA ILE O 382 13.55 -6.66 69.05
C ILE O 382 13.69 -5.15 69.08
N LEU O 383 13.51 -4.55 70.25
CA LEU O 383 13.65 -3.10 70.36
C LEU O 383 15.05 -2.64 69.98
N ARG O 384 16.06 -3.39 70.40
CA ARG O 384 17.45 -3.05 70.13
C ARG O 384 17.73 -3.02 68.63
N LYS O 385 17.39 -4.09 67.92
CA LYS O 385 17.71 -4.08 66.50
C LYS O 385 16.74 -3.22 65.69
N ILE O 386 15.60 -2.86 66.24
CA ILE O 386 14.79 -1.82 65.60
C ILE O 386 15.48 -0.47 65.72
N ILE O 387 16.07 -0.17 66.88
CA ILE O 387 16.68 1.15 67.10
C ILE O 387 18.10 1.23 66.57
N HIS O 388 18.72 0.11 66.22
CA HIS O 388 20.09 0.14 65.69
C HIS O 388 20.24 0.98 64.43
N PRO O 389 19.45 0.80 63.37
CA PRO O 389 19.75 1.51 62.11
C PRO O 389 19.68 3.02 62.21
N MET O 390 18.79 3.58 63.04
CA MET O 390 18.69 5.03 63.13
C MET O 390 19.90 5.60 63.85
N GLY O 391 19.94 6.93 63.94
CA GLY O 391 21.05 7.61 64.58
C GLY O 391 21.12 7.35 66.07
N GLU O 392 22.33 7.52 66.60
CA GLU O 392 22.55 7.29 68.02
C GLU O 392 21.99 8.42 68.89
N ILE O 393 21.70 9.57 68.31
CA ILE O 393 21.29 10.75 69.08
C ILE O 393 19.77 10.76 69.25
N ASP O 394 19.05 10.90 68.14
CA ASP O 394 17.59 11.01 68.23
C ASP O 394 16.99 9.84 68.99
N ALA O 395 17.63 8.67 68.88
CA ALA O 395 17.24 7.53 69.69
C ALA O 395 17.24 7.88 71.18
N MET O 396 18.35 8.43 71.68
CA MET O 396 18.42 8.68 73.12
C MET O 396 17.51 9.82 73.54
N GLU O 397 17.37 10.87 72.72
CA GLU O 397 16.38 11.89 73.10
C GLU O 397 14.98 11.33 73.20
N PHE O 398 14.54 10.53 72.20
CA PHE O 398 13.14 10.13 72.31
C PHE O 398 12.95 9.05 73.38
N LEU O 399 13.98 8.23 73.63
CA LEU O 399 13.90 7.30 74.76
C LEU O 399 13.75 8.05 76.08
N ILE O 400 14.62 9.02 76.35
CA ILE O 400 14.54 9.72 77.62
C ILE O 400 13.26 10.57 77.70
N ASN O 401 12.78 11.06 76.56
CA ASN O 401 11.55 11.84 76.56
C ASN O 401 10.34 10.97 76.90
N LYS O 402 10.27 9.77 76.32
CA LYS O 402 9.18 8.86 76.64
C LYS O 402 9.28 8.36 78.08
N LEU O 403 10.50 8.17 78.59
CA LEU O 403 10.69 7.60 79.91
C LEU O 403 10.68 8.64 81.03
N ALA O 404 10.70 9.94 80.70
CA ALA O 404 10.91 10.96 81.73
C ALA O 404 9.73 11.04 82.69
N MET O 405 8.54 11.35 82.18
CA MET O 405 7.40 11.68 83.02
C MET O 405 6.70 10.45 83.62
N THR O 406 7.32 9.27 83.57
CA THR O 406 6.73 8.07 84.12
C THR O 406 7.48 7.65 85.38
N LYS O 407 6.90 6.68 86.08
CA LYS O 407 7.39 6.27 87.40
C LYS O 407 8.16 4.96 87.39
N THR O 408 7.80 4.00 86.54
CA THR O 408 8.45 2.69 86.52
C THR O 408 8.72 2.28 85.08
N ASN O 409 9.73 1.41 84.91
CA ASN O 409 10.11 0.94 83.59
C ASN O 409 9.10 -0.04 83.01
N ASP O 410 8.30 -0.70 83.85
CA ASP O 410 7.29 -1.61 83.34
C ASP O 410 6.28 -0.87 82.47
N ASP O 411 5.80 0.29 82.95
CA ASP O 411 4.88 1.10 82.15
C ASP O 411 5.53 1.53 80.85
N PHE O 412 6.84 1.77 80.86
CA PHE O 412 7.58 2.00 79.63
C PHE O 412 7.45 0.80 78.71
N PHE O 413 7.56 -0.40 79.27
CA PHE O 413 7.43 -1.61 78.46
C PHE O 413 6.04 -1.72 77.84
N GLU O 414 4.98 -1.45 78.61
CA GLU O 414 3.64 -1.54 78.01
C GLU O 414 3.41 -0.44 76.97
N MET O 415 3.90 0.78 77.20
CA MET O 415 3.64 1.79 76.18
C MET O 415 4.57 1.66 74.98
N MET O 416 5.59 0.81 75.06
CA MET O 416 6.23 0.35 73.83
C MET O 416 5.32 -0.57 73.03
N LYS O 417 4.34 -1.20 73.68
CA LYS O 417 3.28 -1.92 73.00
C LYS O 417 2.04 -1.07 72.79
N ARG O 418 2.05 0.18 73.26
CA ARG O 418 0.93 1.11 73.11
C ARG O 418 1.23 2.24 72.15
N SER O 419 2.46 2.74 72.10
CA SER O 419 2.83 3.80 71.18
C SER O 419 3.54 3.23 69.96
N MET P 1 63.12 48.90 117.87
CA MET P 1 62.38 49.43 116.74
C MET P 1 62.19 48.36 115.66
N ASN P 2 61.11 48.48 114.90
CA ASN P 2 60.79 47.47 113.89
C ASN P 2 61.77 47.57 112.73
N LEU P 3 62.30 46.42 112.30
CA LEU P 3 63.23 46.36 111.20
C LEU P 3 62.55 46.22 109.84
N THR P 4 61.23 46.02 109.83
CA THR P 4 60.52 45.88 108.55
C THR P 4 60.58 47.17 107.74
N GLU P 5 60.43 48.32 108.42
CA GLU P 5 60.45 49.60 107.71
C GLU P 5 61.80 49.85 107.04
N LEU P 6 62.90 49.58 107.76
CA LEU P 6 64.21 49.76 107.16
C LEU P 6 64.51 48.69 106.12
N LYS P 7 63.89 47.51 106.25
CA LYS P 7 64.13 46.44 105.29
C LYS P 7 63.46 46.73 103.96
N ASN P 8 62.21 47.18 103.98
CA ASN P 8 61.50 47.43 102.74
C ASN P 8 61.98 48.71 102.05
N THR P 9 62.31 49.74 102.83
CA THR P 9 62.77 50.99 102.26
C THR P 9 64.14 50.79 101.60
N PRO P 10 64.43 51.56 100.54
CA PRO P 10 65.69 51.38 99.81
C PRO P 10 66.90 51.87 100.58
N VAL P 11 68.06 51.85 99.91
CA VAL P 11 69.33 52.25 100.51
C VAL P 11 69.33 53.73 100.89
N SER P 12 68.37 54.51 100.36
CA SER P 12 68.38 55.96 100.57
C SER P 12 68.36 56.32 102.05
N GLU P 13 67.55 55.63 102.84
CA GLU P 13 67.53 55.88 104.29
C GLU P 13 68.58 55.07 105.04
N LEU P 14 68.99 53.93 104.50
CA LEU P 14 70.02 53.12 105.16
C LEU P 14 71.35 53.86 105.20
N ILE P 15 71.71 54.56 104.13
CA ILE P 15 72.94 55.36 104.16
C ILE P 15 72.81 56.50 105.15
N THR P 16 71.62 57.12 105.24
CA THR P 16 71.43 58.17 106.22
C THR P 16 71.66 57.65 107.63
N LEU P 17 71.12 56.47 107.93
CA LEU P 17 71.37 55.85 109.23
C LEU P 17 72.86 55.57 109.43
N GLY P 18 73.53 55.11 108.38
CA GLY P 18 74.95 54.84 108.47
C GLY P 18 75.75 56.07 108.86
N GLU P 19 75.43 57.22 108.25
CA GLU P 19 76.11 58.45 108.66
C GLU P 19 75.59 59.04 109.97
N ASN P 20 74.37 58.70 110.42
CA ASN P 20 74.01 59.10 111.79
C ASN P 20 74.87 58.36 112.82
N MET P 21 75.12 57.07 112.62
CA MET P 21 75.97 56.35 113.57
C MET P 21 77.40 56.16 113.09
N GLY P 22 77.74 56.67 111.90
CA GLY P 22 79.12 56.64 111.44
C GLY P 22 79.66 55.26 111.11
N LEU P 23 79.06 54.58 110.13
CA LEU P 23 79.57 53.30 109.71
C LEU P 23 80.88 53.46 108.93
N GLU P 24 81.77 52.48 109.09
CA GLU P 24 83.07 52.56 108.45
C GLU P 24 82.96 52.49 106.93
N ASN P 25 82.12 51.60 106.41
CA ASN P 25 81.95 51.42 104.97
C ASN P 25 80.47 51.33 104.63
N LEU P 26 80.13 51.81 103.44
CA LEU P 26 78.75 51.84 102.98
C LEU P 26 78.69 51.50 101.50
N ALA P 27 77.68 50.70 101.12
CA ALA P 27 77.39 50.37 99.74
C ALA P 27 78.60 49.76 99.03
N ARG P 28 79.24 48.79 99.69
CA ARG P 28 80.37 48.09 99.11
C ARG P 28 80.21 46.58 99.08
N MET P 29 79.31 45.99 99.86
CA MET P 29 79.11 44.54 99.85
C MET P 29 77.62 44.22 99.89
N ARG P 30 77.29 42.95 100.13
CA ARG P 30 75.88 42.54 100.22
C ARG P 30 75.18 43.31 101.33
N LYS P 31 73.99 43.82 101.03
CA LYS P 31 73.36 44.83 101.87
C LYS P 31 72.78 44.24 103.15
N GLN P 32 72.42 42.96 103.15
CA GLN P 32 71.88 42.35 104.37
C GLN P 32 72.91 42.32 105.49
N ASP P 33 74.19 42.19 105.15
CA ASP P 33 75.23 42.31 106.16
C ASP P 33 75.24 43.71 106.77
N ILE P 34 75.04 44.74 105.94
CA ILE P 34 74.97 46.10 106.45
C ILE P 34 73.74 46.27 107.34
N ILE P 35 72.62 45.63 106.98
CA ILE P 35 71.43 45.71 107.81
C ILE P 35 71.67 45.05 109.16
N PHE P 36 72.33 43.88 109.16
CA PHE P 36 72.68 43.21 110.40
C PHE P 36 73.59 44.08 111.26
N ALA P 37 74.58 44.72 110.64
CA ALA P 37 75.46 45.62 111.38
C ALA P 37 74.69 46.80 111.95
N ILE P 38 73.73 47.33 111.17
CA ILE P 38 72.90 48.43 111.65
C ILE P 38 72.13 48.01 112.90
N LEU P 39 71.50 46.85 112.84
CA LEU P 39 70.72 46.36 113.98
C LEU P 39 71.62 46.12 115.19
N LYS P 40 72.80 45.51 114.97
CA LYS P 40 73.70 45.23 116.08
C LYS P 40 74.20 46.51 116.74
N GLN P 41 74.60 47.49 115.94
CA GLN P 41 75.10 48.74 116.50
C GLN P 41 74.00 49.59 117.11
N HIS P 42 72.74 49.42 116.67
CA HIS P 42 71.65 50.12 117.32
C HIS P 42 71.28 49.47 118.65
N ALA P 43 71.34 48.14 118.72
CA ALA P 43 70.96 47.42 119.93
C ALA P 43 72.10 47.29 120.95
N LYS P 44 73.33 47.60 120.56
CA LYS P 44 74.44 47.49 121.50
C LYS P 44 74.35 48.52 122.63
N SER P 45 73.58 49.60 122.44
CA SER P 45 73.44 50.61 123.48
C SER P 45 72.61 50.12 124.66
N GLY P 46 71.91 49.00 124.53
CA GLY P 46 71.08 48.49 125.60
C GLY P 46 69.60 48.60 125.31
N GLU P 47 69.25 48.57 124.02
CA GLU P 47 67.87 48.70 123.59
C GLU P 47 67.44 47.39 122.93
N ASP P 48 66.34 46.81 123.43
CA ASP P 48 65.83 45.57 122.89
C ASP P 48 65.28 45.81 121.49
N ILE P 49 65.69 44.98 120.53
CA ILE P 49 65.35 45.20 119.14
C ILE P 49 64.13 44.36 118.77
N PHE P 50 63.53 44.67 117.64
CA PHE P 50 62.38 43.93 117.14
C PHE P 50 62.79 42.97 116.05
N GLY P 51 62.06 41.86 115.92
CA GLY P 51 62.32 40.89 114.90
C GLY P 51 61.06 40.17 114.45
N ASP P 52 60.81 40.15 113.15
CA ASP P 52 59.62 39.52 112.59
C ASP P 52 60.00 38.66 111.40
N GLY P 53 59.18 37.64 111.16
CA GLY P 53 59.41 36.77 110.01
C GLY P 53 58.63 35.48 110.16
N VAL P 54 59.09 34.46 109.44
CA VAL P 54 58.48 33.13 109.47
C VAL P 54 59.55 32.13 109.87
N LEU P 55 59.21 31.23 110.79
CA LEU P 55 60.16 30.28 111.36
C LEU P 55 60.11 28.95 110.63
N GLU P 56 61.29 28.32 110.50
CA GLU P 56 61.43 27.02 109.87
C GLU P 56 62.36 26.16 110.72
N ILE P 57 62.03 24.88 110.83
CA ILE P 57 62.74 23.97 111.73
C ILE P 57 63.53 22.97 110.91
N LEU P 58 64.81 22.82 111.22
CA LEU P 58 65.68 21.86 110.55
C LEU P 58 65.56 20.49 111.22
N GLN P 59 66.45 19.57 110.83
CA GLN P 59 66.45 18.22 111.39
C GLN P 59 67.24 18.12 112.69
N ASP P 60 68.04 19.12 113.03
CA ASP P 60 68.85 19.10 114.26
C ASP P 60 68.22 19.93 115.38
N GLY P 61 67.00 20.43 115.18
CA GLY P 61 66.31 21.20 116.19
C GLY P 61 66.50 22.70 116.11
N PHE P 62 67.45 23.18 115.31
CA PHE P 62 67.66 24.61 115.18
C PHE P 62 66.53 25.26 114.39
N GLY P 63 66.08 26.42 114.86
CA GLY P 63 65.04 27.18 114.18
C GLY P 63 65.64 28.41 113.51
N PHE P 64 65.22 28.65 112.27
CA PHE P 64 65.69 29.80 111.50
C PHE P 64 64.49 30.62 111.07
N LEU P 65 64.49 31.91 111.40
CA LEU P 65 63.41 32.82 111.06
C LEU P 65 63.88 33.70 109.90
N ARG P 66 63.10 33.67 108.81
CA ARG P 66 63.43 34.36 107.57
C ARG P 66 62.38 35.43 107.28
N SER P 67 62.83 36.51 106.64
CA SER P 67 61.93 37.59 106.27
C SER P 67 61.21 37.27 104.97
N ALA P 68 60.40 38.22 104.50
CA ALA P 68 59.61 38.06 103.28
C ALA P 68 60.11 38.91 102.13
N ASP P 69 60.48 40.16 102.39
CA ASP P 69 60.94 41.04 101.31
C ASP P 69 62.33 40.71 100.81
N SER P 70 63.06 39.81 101.50
CA SER P 70 64.40 39.42 101.10
C SER P 70 64.40 38.32 100.04
N SER P 71 63.26 38.10 99.36
CA SER P 71 63.12 37.09 98.32
C SER P 71 63.40 35.68 98.83
N TYR P 72 63.22 35.48 100.13
CA TYR P 72 63.37 34.16 100.78
C TYR P 72 64.76 33.59 100.55
N LEU P 73 65.77 34.32 101.05
CA LEU P 73 67.15 33.88 101.01
C LEU P 73 67.67 33.69 102.43
N ALA P 74 68.44 32.62 102.63
CA ALA P 74 68.94 32.28 103.96
C ALA P 74 70.26 33.00 104.22
N GLY P 75 70.16 34.33 104.34
CA GLY P 75 71.29 35.14 104.65
C GLY P 75 71.53 35.26 106.14
N PRO P 76 72.59 36.00 106.51
CA PRO P 76 72.87 36.20 107.94
C PRO P 76 71.79 36.99 108.66
N ASP P 77 70.92 37.69 107.95
CA ASP P 77 69.85 38.46 108.58
C ASP P 77 68.81 37.60 109.27
N ASP P 78 68.83 36.29 109.05
CA ASP P 78 67.87 35.39 109.68
C ASP P 78 68.09 35.36 111.20
N ILE P 79 67.03 35.00 111.92
CA ILE P 79 67.04 35.00 113.38
C ILE P 79 67.12 33.56 113.87
N TYR P 80 68.00 33.32 114.85
CA TYR P 80 68.17 31.99 115.42
C TYR P 80 67.18 31.78 116.55
N VAL P 81 66.51 30.63 116.55
CA VAL P 81 65.54 30.25 117.56
C VAL P 81 65.96 28.90 118.13
N SER P 82 66.12 28.82 119.44
CA SER P 82 66.55 27.61 120.11
C SER P 82 65.42 26.59 120.18
N PRO P 83 65.75 25.31 120.33
CA PRO P 83 64.69 24.29 120.47
C PRO P 83 63.84 24.46 121.72
N SER P 84 64.32 25.22 122.71
CA SER P 84 63.57 25.38 123.96
C SER P 84 62.20 25.99 123.71
N GLN P 85 62.15 27.12 122.99
CA GLN P 85 60.88 27.75 122.68
C GLN P 85 60.03 26.88 121.75
N ILE P 86 60.69 26.15 120.85
CA ILE P 86 59.97 25.28 119.92
C ILE P 86 59.21 24.20 120.67
N ARG P 87 59.86 23.58 121.66
CA ARG P 87 59.18 22.58 122.47
C ARG P 87 58.31 23.19 123.55
N ARG P 88 58.47 24.48 123.85
CA ARG P 88 57.63 25.13 124.86
C ARG P 88 56.27 25.51 124.27
N PHE P 89 56.26 26.29 123.20
CA PHE P 89 55.02 26.79 122.62
C PHE P 89 54.59 26.00 121.39
N ASN P 90 55.24 24.86 121.10
CA ASN P 90 54.85 23.97 120.02
C ASN P 90 54.83 24.68 118.67
N LEU P 91 56.02 25.13 118.26
CA LEU P 91 56.21 25.79 116.97
C LEU P 91 56.78 24.81 115.95
N ARG P 92 56.59 25.14 114.68
CA ARG P 92 57.11 24.35 113.57
C ARG P 92 57.27 25.26 112.36
N THR P 93 57.48 24.65 111.20
CA THR P 93 57.63 25.40 109.96
C THR P 93 56.35 26.13 109.61
N GLY P 94 56.50 27.33 109.04
CA GLY P 94 55.38 28.11 108.57
C GLY P 94 54.76 29.06 109.57
N ASP P 95 55.24 29.07 110.82
CA ASP P 95 54.68 29.94 111.84
C ASP P 95 55.25 31.34 111.72
N THR P 96 54.37 32.33 111.63
CA THR P 96 54.80 33.73 111.57
C THR P 96 55.04 34.24 112.98
N ILE P 97 56.29 34.59 113.28
CA ILE P 97 56.70 35.01 114.61
C ILE P 97 57.21 36.44 114.55
N SER P 98 56.69 37.29 115.44
CA SER P 98 57.16 38.66 115.61
C SER P 98 57.30 38.93 117.09
N GLY P 99 58.41 39.55 117.50
CA GLY P 99 58.61 39.82 118.90
C GLY P 99 59.93 40.50 119.16
N LYS P 100 60.16 40.79 120.45
CA LYS P 100 61.37 41.47 120.88
C LYS P 100 62.50 40.47 121.06
N ILE P 101 63.67 40.81 120.51
CA ILE P 101 64.87 39.98 120.61
C ILE P 101 66.06 40.85 120.98
N ARG P 102 67.06 40.21 121.56
CA ARG P 102 68.37 40.58 122.09
C ARG P 102 69.44 40.50 121.00
N PRO P 103 70.32 41.48 120.91
CA PRO P 103 71.41 41.41 119.93
C PRO P 103 72.31 40.23 120.23
N PRO P 104 72.90 39.63 119.19
CA PRO P 104 73.76 38.46 119.42
C PRO P 104 74.99 38.81 120.23
N LYS P 105 75.42 37.87 121.07
CA LYS P 105 76.61 38.03 121.89
C LYS P 105 77.79 37.34 121.21
N GLU P 106 78.91 37.25 121.92
CA GLU P 106 80.09 36.59 121.40
C GLU P 106 79.84 35.09 121.22
N GLY P 107 80.54 34.50 120.25
CA GLY P 107 80.40 33.10 119.95
C GLY P 107 79.35 32.75 118.91
N GLU P 108 78.58 33.73 118.44
CA GLU P 108 77.56 33.48 117.44
C GLU P 108 77.42 34.71 116.55
N ARG P 109 76.87 34.49 115.36
CA ARG P 109 76.69 35.55 114.38
C ARG P 109 75.24 35.89 114.10
N TYR P 110 74.30 35.07 114.56
CA TYR P 110 72.88 35.26 114.30
C TYR P 110 72.17 35.76 115.54
N PHE P 111 71.11 36.55 115.33
CA PHE P 111 70.31 37.06 116.44
C PHE P 111 69.64 35.91 117.18
N ALA P 112 69.59 36.01 118.50
CA ALA P 112 69.01 34.99 119.35
C ALA P 112 67.63 35.43 119.81
N LEU P 113 66.66 34.52 119.71
CA LEU P 113 65.30 34.84 120.11
C LEU P 113 65.21 34.95 121.63
N LEU P 114 64.53 35.99 122.10
CA LEU P 114 64.33 36.22 123.53
C LEU P 114 62.92 35.90 123.99
N LYS P 115 61.91 36.39 123.27
CA LYS P 115 60.53 36.13 123.63
C LYS P 115 59.66 36.25 122.38
N VAL P 116 58.45 35.72 122.47
CA VAL P 116 57.48 35.75 121.38
C VAL P 116 56.25 36.53 121.85
N ASN P 117 55.72 37.36 120.96
CA ASN P 117 54.55 38.18 121.25
C ASN P 117 53.32 37.75 120.49
N GLU P 118 53.43 37.54 119.18
CA GLU P 118 52.30 37.13 118.35
C GLU P 118 52.71 35.97 117.46
N VAL P 119 51.74 35.12 117.13
CA VAL P 119 51.94 33.98 116.25
C VAL P 119 50.90 34.05 115.14
N ASN P 120 51.37 34.16 113.90
CA ASN P 120 50.55 34.28 112.69
C ASN P 120 49.31 35.15 112.92
N PHE P 121 49.57 36.38 113.36
CA PHE P 121 48.52 37.38 113.60
C PHE P 121 47.48 36.86 114.60
N ASP P 122 47.95 36.17 115.64
CA ASP P 122 47.05 35.63 116.65
C ASP P 122 47.83 35.46 117.95
N LYS P 123 47.09 35.32 119.03
CA LYS P 123 47.70 35.11 120.34
C LYS P 123 48.42 33.76 120.37
N PRO P 124 49.64 33.71 120.91
CA PRO P 124 50.35 32.41 120.96
C PRO P 124 49.58 31.33 121.71
N GLU P 125 48.89 31.69 122.80
CA GLU P 125 48.09 30.72 123.52
C GLU P 125 46.94 30.20 122.66
N ASN P 126 46.27 31.10 121.94
CA ASN P 126 45.19 30.67 121.05
C ASN P 126 45.75 29.87 119.87
N ALA P 127 46.91 30.27 119.35
CA ALA P 127 47.52 29.55 118.23
C ALA P 127 47.98 28.16 118.62
N ARG P 128 48.14 27.88 119.91
CA ARG P 128 48.55 26.56 120.37
C ARG P 128 47.42 25.54 120.30
N ASN P 129 46.19 25.96 120.00
CA ASN P 129 45.05 25.07 119.88
C ASN P 129 44.34 25.38 118.56
N LYS P 130 44.80 24.76 117.48
CA LYS P 130 44.21 24.94 116.16
C LYS P 130 44.24 23.61 115.41
N ILE P 131 43.11 23.27 114.78
CA ILE P 131 43.03 22.01 114.06
C ILE P 131 43.99 22.03 112.88
N LEU P 132 44.69 20.91 112.66
CA LEU P 132 45.69 20.83 111.62
C LEU P 132 45.05 20.90 110.23
N PHE P 133 45.86 21.31 109.25
CA PHE P 133 45.35 21.46 107.89
C PHE P 133 44.88 20.14 107.32
N GLU P 134 45.68 19.08 107.48
CA GLU P 134 45.26 17.77 107.01
C GLU P 134 44.17 17.15 107.88
N ASN P 135 43.91 17.71 109.06
CA ASN P 135 42.90 17.15 109.94
C ASN P 135 41.48 17.48 109.49
N LEU P 136 41.26 18.66 108.91
CA LEU P 136 39.94 19.03 108.45
C LEU P 136 39.48 18.12 107.32
N THR P 137 38.19 17.82 107.30
CA THR P 137 37.63 17.01 106.22
C THR P 137 37.39 17.88 104.99
N PRO P 138 37.77 17.44 103.80
CA PRO P 138 37.55 18.25 102.60
C PRO P 138 36.08 18.34 102.23
N LEU P 139 35.75 19.40 101.48
CA LEU P 139 34.43 19.60 100.93
C LEU P 139 34.54 20.44 99.67
N HIS P 140 33.54 20.33 98.81
CA HIS P 140 33.54 21.05 97.55
C HIS P 140 33.36 22.56 97.76
N ALA P 141 33.68 23.32 96.72
CA ALA P 141 33.58 24.77 96.79
C ALA P 141 32.13 25.19 96.95
N ASN P 142 31.90 26.18 97.81
CA ASN P 142 30.55 26.67 98.07
C ASN P 142 30.49 28.19 97.92
N SER P 143 31.60 28.86 98.18
CA SER P 143 31.67 30.32 98.10
C SER P 143 32.19 30.74 96.74
N ARG P 144 31.46 31.66 96.09
CA ARG P 144 31.83 32.15 94.77
C ARG P 144 32.77 33.33 94.91
N LEU P 145 33.95 33.22 94.30
CA LEU P 145 34.93 34.30 94.29
C LEU P 145 34.72 35.13 93.02
N ARG P 146 34.21 36.35 93.18
CA ARG P 146 33.98 37.21 92.01
C ARG P 146 35.32 37.62 91.40
N MET P 147 35.39 37.55 90.08
CA MET P 147 36.63 37.72 89.34
C MET P 147 36.56 38.95 88.43
N GLU P 148 35.51 39.76 88.58
CA GLU P 148 35.31 40.95 87.76
C GLU P 148 35.67 42.20 88.53
N ARG P 149 36.46 43.07 87.91
CA ARG P 149 36.80 44.35 88.55
C ARG P 149 35.63 45.31 88.56
N GLY P 150 34.67 45.17 87.64
CA GLY P 150 33.53 46.05 87.60
C GLY P 150 33.74 47.36 86.88
N ASN P 151 34.86 47.52 86.17
CA ASN P 151 35.14 48.75 85.44
C ASN P 151 34.92 48.64 83.95
N GLY P 152 35.13 47.47 83.37
CA GLY P 152 34.96 47.30 81.94
C GLY P 152 36.03 47.93 81.09
N SER P 153 37.21 48.17 81.64
CA SER P 153 38.29 48.80 80.90
C SER P 153 39.01 47.77 80.03
N THR P 154 39.97 48.24 79.24
CA THR P 154 40.72 47.35 78.35
C THR P 154 41.54 46.34 79.15
N GLU P 155 42.17 46.80 80.24
CA GLU P 155 42.97 45.90 81.07
C GLU P 155 42.11 44.84 81.76
N ASP P 156 40.83 45.10 81.95
CA ASP P 156 39.90 44.13 82.54
C ASP P 156 39.22 43.26 81.50
N LEU P 157 39.48 43.49 80.21
CA LEU P 157 38.80 42.72 79.16
C LEU P 157 39.16 41.24 79.24
N THR P 158 40.44 40.93 79.49
CA THR P 158 40.85 39.53 79.60
C THR P 158 40.20 38.86 80.81
N ALA P 159 40.00 39.60 81.90
CA ALA P 159 39.29 39.04 83.05
C ALA P 159 37.86 38.68 82.69
N ARG P 160 37.18 39.54 81.93
CA ARG P 160 35.82 39.24 81.48
C ARG P 160 35.81 38.04 80.54
N VAL P 161 36.82 37.94 79.66
CA VAL P 161 36.90 36.82 78.74
C VAL P 161 37.06 35.51 79.50
N LEU P 162 37.94 35.49 80.51
CA LEU P 162 38.13 34.27 81.27
C LEU P 162 36.93 33.98 82.17
N ASP P 163 36.21 35.01 82.61
CA ASP P 163 34.95 34.78 83.31
C ASP P 163 33.94 34.10 82.42
N LEU P 164 33.82 34.56 81.17
CA LEU P 164 32.96 33.86 80.21
C LEU P 164 33.46 32.46 79.94
N ALA P 165 34.78 32.25 80.04
CA ALA P 165 35.35 30.92 79.82
C ALA P 165 34.96 29.97 80.95
N SER P 166 35.14 30.39 82.20
CA SER P 166 34.87 29.54 83.36
C SER P 166 34.85 30.36 84.64
N PRO P 167 34.06 29.96 85.64
CA PRO P 167 34.06 30.67 86.92
C PRO P 167 35.10 30.12 87.88
N ILE P 168 35.33 30.88 88.95
CA ILE P 168 36.29 30.52 89.99
C ILE P 168 35.61 30.62 91.35
N GLY P 169 36.01 29.74 92.26
CA GLY P 169 35.44 29.73 93.59
C GLY P 169 36.47 29.58 94.69
N ARG P 170 36.05 29.07 95.85
CA ARG P 170 36.93 28.88 97.00
C ARG P 170 37.20 27.38 97.16
N GLY P 171 38.42 26.96 96.84
CA GLY P 171 38.79 25.57 96.99
C GLY P 171 38.78 24.80 95.68
N GLN P 172 39.30 25.41 94.62
CA GLN P 172 39.37 24.78 93.31
C GLN P 172 40.81 24.61 92.89
N ARG P 173 41.03 23.71 91.92
CA ARG P 173 42.36 23.39 91.42
C ARG P 173 42.42 23.80 89.96
N GLY P 174 43.11 24.91 89.69
CA GLY P 174 43.14 25.44 88.34
C GLY P 174 44.47 25.29 87.63
N LEU P 175 44.48 24.52 86.55
CA LEU P 175 45.64 24.39 85.69
C LEU P 175 45.48 25.32 84.50
N ILE P 176 46.58 25.95 84.09
CA ILE P 176 46.59 26.87 82.95
C ILE P 176 47.64 26.34 81.98
N VAL P 177 47.22 25.49 81.04
CA VAL P 177 48.17 24.91 80.10
C VAL P 177 48.40 25.90 78.96
N ALA P 178 49.67 26.12 78.61
CA ALA P 178 50.02 27.11 77.61
C ALA P 178 51.39 26.79 77.02
N PRO P 179 51.52 26.83 75.69
CA PRO P 179 52.84 26.68 75.07
C PRO P 179 53.69 27.90 75.33
N PRO P 180 55.01 27.82 75.16
CA PRO P 180 55.86 28.99 75.37
C PRO P 180 55.50 30.12 74.43
N LYS P 181 55.67 31.35 74.92
CA LYS P 181 55.34 32.57 74.19
C LYS P 181 53.85 32.61 73.84
N ALA P 182 53.01 32.57 74.88
CA ALA P 182 51.57 32.61 74.73
C ALA P 182 50.94 33.71 75.56
N GLY P 183 51.72 34.69 76.00
CA GLY P 183 51.19 35.78 76.80
C GLY P 183 50.71 35.37 78.18
N LYS P 184 51.39 34.42 78.81
CA LYS P 184 51.01 34.00 80.15
C LYS P 184 51.29 35.08 81.18
N THR P 185 52.38 35.85 80.99
CA THR P 185 52.75 36.87 81.96
C THR P 185 51.66 37.93 82.08
N MET P 186 51.13 38.41 80.96
CA MET P 186 50.08 39.43 81.00
C MET P 186 48.83 38.90 81.70
N LEU P 187 48.44 37.66 81.39
CA LEU P 187 47.25 37.09 82.02
C LEU P 187 47.42 36.95 83.53
N LEU P 188 48.58 36.46 83.97
CA LEU P 188 48.80 36.30 85.40
C LEU P 188 48.88 37.65 86.09
N GLN P 189 49.48 38.65 85.44
CA GLN P 189 49.49 40.01 85.99
C GLN P 189 48.08 40.53 86.16
N ASN P 190 47.24 40.35 85.13
CA ASN P 190 45.87 40.86 85.20
C ASN P 190 45.08 40.19 86.31
N ILE P 191 45.19 38.86 86.42
CA ILE P 191 44.40 38.16 87.43
C ILE P 191 44.92 38.50 88.84
N ALA P 192 46.23 38.64 89.01
CA ALA P 192 46.76 39.04 90.30
C ALA P 192 46.30 40.44 90.68
N GLN P 193 46.34 41.38 89.73
CA GLN P 193 45.90 42.74 90.01
C GLN P 193 44.42 42.78 90.38
N SER P 194 43.59 42.01 89.67
CA SER P 194 42.16 42.03 89.98
C SER P 194 41.87 41.34 91.30
N ILE P 195 42.63 40.30 91.65
CA ILE P 195 42.48 39.68 92.96
C ILE P 195 42.85 40.67 94.06
N ALA P 196 43.95 41.40 93.87
CA ALA P 196 44.35 42.40 94.87
C ALA P 196 43.30 43.50 95.01
N TYR P 197 42.75 43.98 93.89
CA TYR P 197 41.81 45.08 93.94
C TYR P 197 40.46 44.64 94.52
N ASN P 198 39.94 43.51 94.05
CA ASN P 198 38.59 43.10 94.42
C ASN P 198 38.53 42.61 95.86
N HIS P 199 39.49 41.78 96.27
CA HIS P 199 39.49 41.13 97.58
C HIS P 199 40.81 41.41 98.28
N PRO P 200 40.96 42.58 98.89
CA PRO P 200 42.18 42.86 99.68
C PRO P 200 42.34 41.95 100.89
N ASP P 201 41.25 41.32 101.36
CA ASP P 201 41.34 40.51 102.57
C ASP P 201 42.26 39.32 102.39
N CYS P 202 42.17 38.63 101.27
CA CYS P 202 43.00 37.46 101.03
C CYS P 202 44.42 37.90 100.66
N VAL P 203 45.41 37.29 101.30
CA VAL P 203 46.80 37.63 101.03
C VAL P 203 47.23 37.07 99.69
N LEU P 204 47.86 37.89 98.87
CA LEU P 204 48.24 37.55 97.51
C LEU P 204 49.75 37.43 97.40
N MET P 205 50.21 36.37 96.73
CA MET P 205 51.62 36.19 96.45
C MET P 205 51.78 35.26 95.25
N VAL P 206 52.94 35.33 94.62
CA VAL P 206 53.27 34.52 93.46
C VAL P 206 54.62 33.85 93.71
N LEU P 207 54.70 32.56 93.38
CA LEU P 207 55.92 31.79 93.55
C LEU P 207 56.60 31.60 92.20
N LEU P 208 57.88 31.95 92.12
CA LEU P 208 58.66 31.82 90.90
C LEU P 208 59.84 30.88 91.13
N ILE P 209 60.20 30.15 90.08
CA ILE P 209 61.34 29.24 90.11
C ILE P 209 62.26 29.60 88.95
N ASP P 210 63.55 29.79 89.25
CA ASP P 210 64.65 30.00 88.31
C ASP P 210 64.24 30.79 87.07
N GLU P 211 63.68 31.98 87.27
CA GLU P 211 63.13 32.79 86.20
C GLU P 211 63.91 34.10 86.14
N ARG P 212 63.83 34.76 84.97
CA ARG P 212 64.66 35.95 84.74
C ARG P 212 64.28 37.06 85.71
N PRO P 213 65.28 37.78 86.27
CA PRO P 213 65.01 38.66 87.41
C PRO P 213 64.29 39.97 87.09
N GLU P 214 64.45 40.53 85.90
CA GLU P 214 63.92 41.88 85.66
C GLU P 214 62.39 41.90 85.72
N GLU P 215 61.73 40.93 85.08
CA GLU P 215 60.27 40.95 85.10
C GLU P 215 59.70 40.50 86.43
N VAL P 216 60.40 39.65 87.19
CA VAL P 216 59.89 39.33 88.52
C VAL P 216 60.06 40.52 89.47
N THR P 217 61.12 41.31 89.28
CA THR P 217 61.22 42.57 90.03
C THR P 217 60.10 43.53 89.64
N GLU P 218 59.77 43.58 88.34
CA GLU P 218 58.62 44.37 87.91
C GLU P 218 57.33 43.87 88.56
N MET P 219 57.19 42.55 88.70
CA MET P 219 56.07 41.98 89.44
C MET P 219 56.07 42.48 90.88
N GLN P 220 57.23 42.48 91.52
CA GLN P 220 57.34 42.95 92.90
C GLN P 220 56.88 44.40 93.01
N ARG P 221 57.29 45.24 92.06
CA ARG P 221 56.88 46.65 92.09
C ARG P 221 55.38 46.81 91.85
N LEU P 222 54.82 46.07 90.89
CA LEU P 222 53.44 46.34 90.49
C LEU P 222 52.44 45.90 91.56
N VAL P 223 52.67 44.77 92.22
CA VAL P 223 51.70 44.24 93.16
C VAL P 223 51.89 44.93 94.52
N LYS P 224 50.76 45.22 95.18
CA LYS P 224 50.82 45.84 96.50
C LYS P 224 51.20 44.84 97.58
N GLY P 225 50.76 43.59 97.45
CA GLY P 225 51.08 42.57 98.43
C GLY P 225 52.48 42.01 98.24
N GLU P 226 52.90 41.22 99.23
CA GLU P 226 54.22 40.62 99.19
C GLU P 226 54.26 39.50 98.14
N VAL P 227 55.46 39.25 97.63
CA VAL P 227 55.65 38.24 96.59
C VAL P 227 57.11 37.81 96.63
N VAL P 228 57.34 36.52 96.36
CA VAL P 228 58.67 35.91 96.40
C VAL P 228 59.16 35.70 94.98
N ALA P 229 60.42 36.03 94.74
CA ALA P 229 61.04 35.88 93.43
C ALA P 229 62.34 35.08 93.57
N SER P 230 62.75 34.47 92.47
CA SER P 230 63.95 33.65 92.47
C SER P 230 64.66 33.79 91.12
N THR P 231 65.95 33.49 91.13
CA THR P 231 66.79 33.53 89.94
C THR P 231 67.24 32.12 89.56
N PHE P 232 67.95 32.02 88.45
CA PHE P 232 68.43 30.74 87.94
C PHE P 232 69.91 30.51 88.24
N ASP P 233 70.54 31.37 89.02
CA ASP P 233 71.97 31.25 89.32
C ASP P 233 72.24 30.51 90.62
N GLU P 234 71.21 30.01 91.31
CA GLU P 234 71.37 29.26 92.53
C GLU P 234 70.96 27.81 92.33
N PRO P 235 71.48 26.89 93.15
CA PRO P 235 71.12 25.47 92.98
C PRO P 235 69.64 25.23 93.24
N ALA P 236 69.13 24.18 92.61
CA ALA P 236 67.70 23.86 92.71
C ALA P 236 67.27 23.52 94.13
N SER P 237 68.22 23.16 95.00
CA SER P 237 67.88 22.85 96.39
C SER P 237 67.26 24.05 97.09
N ARG P 238 67.76 25.26 96.79
CA ARG P 238 67.16 26.46 97.33
C ARG P 238 65.72 26.63 96.86
N HIS P 239 65.46 26.37 95.58
CA HIS P 239 64.10 26.44 95.07
C HIS P 239 63.20 25.44 95.78
N VAL P 240 63.68 24.21 95.98
CA VAL P 240 62.92 23.22 96.73
C VAL P 240 62.58 23.75 98.11
N GLN P 241 63.61 24.22 98.83
CA GLN P 241 63.45 24.66 100.21
C GLN P 241 62.45 25.81 100.32
N VAL P 242 62.57 26.82 99.45
CA VAL P 242 61.61 27.90 99.50
C VAL P 242 60.22 27.41 99.10
N ALA P 243 60.14 26.35 98.29
CA ALA P 243 58.83 25.80 97.95
C ALA P 243 58.12 25.22 99.18
N GLU P 244 58.81 24.36 99.94
CA GLU P 244 58.10 23.84 101.11
C GLU P 244 57.93 24.92 102.16
N MET P 245 58.84 25.90 102.22
CA MET P 245 58.65 27.03 103.11
C MET P 245 57.34 27.75 102.81
N VAL P 246 57.12 28.08 101.53
CA VAL P 246 55.91 28.81 101.15
C VAL P 246 54.67 27.97 101.40
N ILE P 247 54.71 26.68 101.05
CA ILE P 247 53.51 25.87 101.20
C ILE P 247 53.16 25.66 102.68
N GLU P 248 54.18 25.49 103.52
CA GLU P 248 53.93 25.34 104.95
C GLU P 248 53.44 26.64 105.57
N LYS P 249 53.98 27.77 105.12
CA LYS P 249 53.47 29.06 105.59
C LYS P 249 52.00 29.23 105.19
N ALA P 250 51.66 28.86 103.96
CA ALA P 250 50.27 28.98 103.52
C ALA P 250 49.34 28.09 104.34
N LYS P 251 49.76 26.85 104.61
CA LYS P 251 48.90 25.96 105.39
C LYS P 251 48.77 26.44 106.83
N ARG P 252 49.85 26.98 107.40
CA ARG P 252 49.76 27.53 108.76
C ARG P 252 48.83 28.73 108.80
N LEU P 253 48.90 29.60 107.78
CA LEU P 253 48.01 30.76 107.74
C LEU P 253 46.55 30.34 107.59
N VAL P 254 46.28 29.36 106.73
CA VAL P 254 44.89 28.92 106.53
C VAL P 254 44.39 28.13 107.74
N GLU P 255 45.30 27.59 108.55
CA GLU P 255 44.87 26.90 109.77
C GLU P 255 44.16 27.83 110.74
N HIS P 256 44.36 29.15 110.61
CA HIS P 256 43.74 30.14 111.48
C HIS P 256 42.63 30.90 110.78
N LYS P 257 41.88 30.20 109.92
CA LYS P 257 40.68 30.74 109.26
C LYS P 257 41.03 31.96 108.40
N LYS P 258 41.87 31.73 107.40
CA LYS P 258 42.31 32.79 106.49
C LYS P 258 42.32 32.26 105.06
N ASP P 259 41.57 32.92 104.19
CA ASP P 259 41.57 32.56 102.77
C ASP P 259 42.86 32.99 102.11
N VAL P 260 43.41 32.14 101.25
CA VAL P 260 44.69 32.38 100.61
C VAL P 260 44.54 32.18 99.10
N ILE P 261 45.15 33.08 98.33
CA ILE P 261 45.22 32.98 96.88
C ILE P 261 46.68 32.76 96.49
N ILE P 262 46.93 31.77 95.64
CA ILE P 262 48.28 31.34 95.28
C ILE P 262 48.40 31.31 93.77
N LEU P 263 49.52 31.84 93.27
CA LEU P 263 49.84 31.79 91.85
C LEU P 263 51.08 30.92 91.63
N LEU P 264 51.04 30.08 90.60
CA LEU P 264 52.10 29.12 90.32
C LEU P 264 52.52 29.25 88.87
N ASP P 265 53.79 29.58 88.65
CA ASP P 265 54.32 29.74 87.30
C ASP P 265 55.82 29.46 87.33
N SER P 266 56.21 28.26 86.89
CA SER P 266 55.32 27.21 86.39
C SER P 266 55.66 25.88 87.05
N ILE P 267 54.77 24.89 86.89
CA ILE P 267 54.96 23.60 87.55
C ILE P 267 56.19 22.88 87.02
N THR P 268 56.53 23.11 85.74
CA THR P 268 57.64 22.38 85.13
C THR P 268 58.97 22.70 85.81
N ARG P 269 59.18 23.98 86.17
CA ARG P 269 60.48 24.38 86.69
C ARG P 269 60.78 23.71 88.04
N LEU P 270 59.85 23.81 89.00
CA LEU P 270 60.10 23.15 90.27
C LEU P 270 59.96 21.64 90.17
N ALA P 271 59.20 21.14 89.19
CA ALA P 271 59.20 19.69 88.96
C ALA P 271 60.58 19.19 88.56
N ARG P 272 61.23 19.91 87.63
CA ARG P 272 62.59 19.52 87.24
C ARG P 272 63.58 19.77 88.36
N ALA P 273 63.36 20.79 89.18
CA ALA P 273 64.21 20.98 90.36
C ALA P 273 64.10 19.79 91.30
N TYR P 274 62.88 19.32 91.55
CA TYR P 274 62.68 18.13 92.38
C TYR P 274 63.34 16.91 91.77
N ASN P 275 63.21 16.75 90.45
CA ASN P 275 63.82 15.61 89.78
C ASN P 275 65.35 15.64 89.89
N THR P 276 65.94 16.83 89.76
CA THR P 276 67.39 16.93 89.79
C THR P 276 67.96 16.97 91.21
N VAL P 277 67.14 17.16 92.24
CA VAL P 277 67.64 17.10 93.61
C VAL P 277 67.35 15.76 94.29
N VAL P 278 66.44 14.96 93.75
CA VAL P 278 66.09 13.69 94.40
C VAL P 278 67.21 12.69 94.20
N PRO P 279 67.57 11.90 95.22
CA PRO P 279 68.52 10.82 95.01
C PRO P 279 67.90 9.66 94.24
N ALA P 280 68.77 8.85 93.63
CA ALA P 280 68.31 7.70 92.87
C ALA P 280 67.77 6.64 93.82
N SER P 281 66.57 6.14 93.51
CA SER P 281 65.90 5.13 94.33
C SER P 281 66.14 3.71 93.83
N GLY P 282 66.94 3.52 92.78
CA GLY P 282 67.22 2.22 92.23
C GLY P 282 66.39 1.86 91.02
N LYS P 283 65.27 2.53 90.81
CA LYS P 283 64.41 2.30 89.65
C LYS P 283 64.15 3.61 88.93
N VAL P 284 64.21 3.57 87.61
CA VAL P 284 63.98 4.75 86.77
C VAL P 284 63.02 4.39 85.65
N LEU P 285 62.02 5.23 85.42
CA LEU P 285 61.09 5.08 84.32
C LEU P 285 61.55 5.97 83.16
N THR P 286 60.70 6.11 82.15
CA THR P 286 61.08 6.85 80.94
C THR P 286 61.36 8.31 81.27
N GLY P 287 62.30 8.89 80.53
CA GLY P 287 62.73 10.25 80.78
C GLY P 287 63.79 10.41 81.85
N GLY P 288 64.32 9.31 82.37
CA GLY P 288 65.35 9.39 83.39
C GLY P 288 64.91 9.97 84.72
N VAL P 289 63.72 9.60 85.18
CA VAL P 289 63.20 10.07 86.46
C VAL P 289 62.70 8.87 87.27
N ASP P 290 62.64 9.06 88.58
CA ASP P 290 62.21 8.00 89.48
C ASP P 290 60.70 8.00 89.63
N ALA P 291 60.15 6.83 90.01
CA ALA P 291 58.71 6.70 90.18
C ALA P 291 58.21 7.57 91.31
N ASN P 292 58.93 7.61 92.44
CA ASN P 292 58.53 8.41 93.59
C ASN P 292 58.87 9.88 93.44
N ALA P 293 59.57 10.27 92.37
CA ALA P 293 59.98 11.65 92.17
C ALA P 293 58.83 12.56 91.75
N LEU P 294 57.69 12.00 91.37
CA LEU P 294 56.56 12.79 90.89
C LEU P 294 55.56 13.13 91.98
N HIS P 295 55.80 12.72 93.22
CA HIS P 295 54.87 13.02 94.31
C HIS P 295 55.22 14.31 95.04
N ARG P 296 56.50 14.67 95.12
CA ARG P 296 56.87 15.96 95.69
C ARG P 296 56.31 17.15 94.95
N PRO P 297 56.24 17.19 93.61
CA PRO P 297 55.62 18.33 92.94
C PRO P 297 54.18 18.59 93.36
N LYS P 298 53.49 17.60 93.92
CA LYS P 298 52.13 17.80 94.42
C LYS P 298 52.10 18.44 95.79
N ARG P 299 53.25 18.54 96.48
CA ARG P 299 53.26 19.11 97.83
C ARG P 299 52.78 20.56 97.82
N PHE P 300 53.26 21.35 96.86
CA PHE P 300 52.84 22.74 96.77
C PHE P 300 51.47 22.89 96.12
N PHE P 301 50.98 21.86 95.44
CA PHE P 301 49.68 21.90 94.78
C PHE P 301 48.55 21.30 95.62
N GLY P 302 48.89 20.47 96.61
CA GLY P 302 47.88 19.77 97.38
C GLY P 302 47.19 20.57 98.47
N ALA P 303 47.56 21.83 98.65
CA ALA P 303 46.93 22.67 99.66
C ALA P 303 45.58 23.22 99.23
N ALA P 304 45.24 23.13 97.94
CA ALA P 304 43.98 23.68 97.45
C ALA P 304 42.82 22.81 97.92
N ARG P 305 42.32 23.10 99.12
CA ARG P 305 41.30 22.26 99.73
C ARG P 305 40.45 23.13 100.65
N ASN P 306 39.16 23.22 100.34
CA ASN P 306 38.26 24.11 101.09
C ASN P 306 38.07 23.61 102.52
N VAL P 307 37.96 24.55 103.44
CA VAL P 307 37.76 24.27 104.86
C VAL P 307 36.38 24.79 105.24
N GLU P 308 35.54 23.90 105.79
CA GLU P 308 34.21 24.32 106.24
C GLU P 308 34.28 25.13 107.53
N GLU P 309 35.24 24.81 108.40
CA GLU P 309 35.38 25.56 109.65
C GLU P 309 35.77 27.00 109.38
N GLY P 310 36.66 27.24 108.42
CA GLY P 310 37.09 28.57 108.08
C GLY P 310 38.39 28.59 107.30
N GLY P 311 38.48 29.46 106.30
CA GLY P 311 39.64 29.53 105.45
C GLY P 311 39.54 28.62 104.24
N SER P 312 40.39 28.90 103.25
CA SER P 312 40.42 28.11 102.02
C SER P 312 41.68 28.45 101.25
N LEU P 313 42.00 27.60 100.28
CA LEU P 313 43.10 27.82 99.35
C LEU P 313 42.55 27.89 97.93
N THR P 314 42.99 28.88 97.17
CA THR P 314 42.63 29.02 95.76
C THR P 314 43.92 29.19 94.98
N ILE P 315 44.32 28.16 94.25
CA ILE P 315 45.59 28.16 93.52
C ILE P 315 45.32 28.18 92.02
N ILE P 316 46.09 28.98 91.30
CA ILE P 316 46.06 29.03 89.85
C ILE P 316 47.47 28.72 89.36
N ALA P 317 47.62 27.61 88.66
CA ALA P 317 48.92 27.12 88.23
C ALA P 317 48.98 27.05 86.71
N THR P 318 50.15 27.37 86.15
CA THR P 318 50.37 27.27 84.72
C THR P 318 51.49 26.28 84.44
N ALA P 319 51.52 25.76 83.21
CA ALA P 319 52.50 24.78 82.79
C ALA P 319 53.03 25.13 81.41
N LEU P 320 54.26 24.69 81.14
CA LEU P 320 54.90 24.90 79.85
C LEU P 320 55.01 23.56 79.13
N ILE P 321 54.39 23.47 77.96
CA ILE P 321 54.33 22.24 77.18
C ILE P 321 54.87 22.51 75.79
N ASP P 322 55.44 21.46 75.17
CA ASP P 322 56.03 21.55 73.84
C ASP P 322 57.15 22.58 73.80
N THR P 323 58.01 22.55 74.81
CA THR P 323 59.17 23.43 74.91
C THR P 323 60.44 22.75 74.41
N GLY P 324 60.32 21.86 73.43
CA GLY P 324 61.46 21.13 72.92
C GLY P 324 61.76 19.82 73.60
N SER P 325 60.99 19.44 74.62
CA SER P 325 61.22 18.21 75.35
C SER P 325 59.91 17.43 75.45
N LYS P 326 59.97 16.13 75.15
CA LYS P 326 58.77 15.30 75.17
C LYS P 326 58.37 14.92 76.59
N MET P 327 59.32 14.85 77.52
CA MET P 327 58.97 14.47 78.89
C MET P 327 58.08 15.51 79.57
N ASP P 328 58.06 16.75 79.06
CA ASP P 328 57.05 17.71 79.51
C ASP P 328 55.64 17.17 79.25
N GLU P 329 55.40 16.67 78.04
CA GLU P 329 54.11 16.04 77.76
C GLU P 329 53.94 14.73 78.52
N VAL P 330 55.04 13.99 78.73
CA VAL P 330 54.95 12.73 79.46
C VAL P 330 54.45 12.95 80.88
N ILE P 331 54.97 13.98 81.56
CA ILE P 331 54.48 14.30 82.90
C ILE P 331 53.16 15.06 82.84
N TYR P 332 52.86 15.70 81.71
CA TYR P 332 51.59 16.43 81.57
C TYR P 332 50.40 15.48 81.62
N GLU P 333 50.50 14.33 80.94
CA GLU P 333 49.34 13.46 80.76
C GLU P 333 48.84 12.87 82.07
N GLU P 334 49.66 12.84 83.12
CA GLU P 334 49.27 12.29 84.40
C GLU P 334 48.86 13.36 85.41
N PHE P 335 48.73 14.61 84.98
CA PHE P 335 48.29 15.70 85.85
C PHE P 335 46.96 16.31 85.41
N LYS P 336 46.28 15.71 84.45
CA LYS P 336 44.96 16.21 84.06
C LYS P 336 43.89 15.83 85.06
N GLY P 337 44.12 14.79 85.86
CA GLY P 337 43.24 14.52 86.98
C GLY P 337 43.56 15.31 88.22
N THR P 338 44.72 15.99 88.23
CA THR P 338 45.14 16.74 89.42
C THR P 338 44.21 17.90 89.70
N GLY P 339 43.80 18.63 88.67
CA GLY P 339 42.94 19.79 88.83
C GLY P 339 41.52 19.53 88.36
N ASN P 340 40.57 20.19 89.02
CA ASN P 340 39.19 20.16 88.54
C ASN P 340 38.99 21.11 87.36
N MET P 341 39.68 22.24 87.35
CA MET P 341 39.59 23.24 86.29
C MET P 341 40.85 23.20 85.44
N GLU P 342 40.68 23.14 84.12
CA GLU P 342 41.78 23.26 83.17
C GLU P 342 41.43 24.34 82.15
N LEU P 343 42.36 25.26 81.91
CA LEU P 343 42.20 26.29 80.90
C LEU P 343 43.28 26.09 79.84
N HIS P 344 42.86 25.94 78.60
CA HIS P 344 43.75 25.59 77.51
C HIS P 344 44.10 26.83 76.68
N LEU P 345 45.39 26.97 76.38
CA LEU P 345 45.90 28.06 75.56
C LEU P 345 46.42 27.48 74.25
N SER P 346 46.02 28.09 73.13
CA SER P 346 46.38 27.61 71.81
C SER P 346 47.35 28.57 71.14
N ARG P 347 48.40 28.02 70.54
CA ARG P 347 49.40 28.84 69.86
C ARG P 347 48.87 29.43 68.56
N LYS P 348 47.91 28.77 67.92
CA LYS P 348 47.38 29.25 66.64
C LYS P 348 46.62 30.56 66.77
N ILE P 349 46.15 30.90 67.97
CA ILE P 349 45.57 32.23 68.17
C ILE P 349 46.63 33.24 68.60
N ALA P 350 47.69 32.78 69.28
CA ALA P 350 48.76 33.69 69.69
C ALA P 350 49.46 34.28 68.47
N GLU P 351 49.66 33.48 67.43
CA GLU P 351 50.29 34.00 66.21
C GLU P 351 49.40 34.98 65.48
N LYS P 352 48.09 34.99 65.76
CA LYS P 352 47.17 35.94 65.17
C LYS P 352 47.10 37.24 65.94
N ARG P 353 47.85 37.37 67.04
CA ARG P 353 47.86 38.57 67.86
C ARG P 353 46.46 38.91 68.38
N VAL P 354 45.70 37.89 68.74
CA VAL P 354 44.38 38.07 69.33
C VAL P 354 44.43 37.58 70.77
N PHE P 355 44.66 38.51 71.71
CA PHE P 355 44.80 38.09 73.09
C PHE P 355 43.46 38.17 73.81
N PRO P 356 43.17 37.22 74.71
CA PRO P 356 43.99 36.05 75.07
C PRO P 356 43.84 34.92 74.04
N ALA P 357 44.85 34.07 73.91
CA ALA P 357 44.80 32.94 72.99
C ALA P 357 44.29 31.68 73.68
N ILE P 358 43.14 31.81 74.34
CA ILE P 358 42.57 30.73 75.14
C ILE P 358 41.81 29.78 74.23
N ASP P 359 41.60 28.56 74.71
CA ASP P 359 40.85 27.52 74.00
C ASP P 359 39.60 27.22 74.82
N TYR P 360 38.53 27.96 74.54
CA TYR P 360 37.27 27.75 75.26
C TYR P 360 36.65 26.40 74.92
N ASN P 361 36.78 25.96 73.67
CA ASN P 361 36.13 24.72 73.24
C ASN P 361 36.69 23.51 74.00
N ARG P 362 38.01 23.45 74.17
CA ARG P 362 38.63 22.31 74.82
C ARG P 362 38.54 22.39 76.34
N SER P 363 38.38 23.59 76.91
CA SER P 363 38.28 23.73 78.35
C SER P 363 36.95 23.17 78.85
N GLY P 364 36.97 22.69 80.10
CA GLY P 364 35.79 22.11 80.70
C GLY P 364 35.53 22.68 82.08
N THR P 365 34.31 22.45 82.55
CA THR P 365 33.88 22.96 83.85
C THR P 365 33.07 21.88 84.57
N ARG P 366 33.30 21.75 85.87
CA ARG P 366 32.61 20.78 86.70
C ARG P 366 32.08 21.46 87.95
N LYS P 367 31.05 20.84 88.54
CA LYS P 367 30.41 21.35 89.75
C LYS P 367 29.99 22.81 89.61
N GLU P 368 29.38 23.12 88.47
CA GLU P 368 28.93 24.48 88.20
C GLU P 368 27.65 24.86 88.94
N GLU P 369 26.93 23.88 89.49
CA GLU P 369 25.67 24.19 90.17
C GLU P 369 25.91 24.85 91.53
N LEU P 370 27.00 24.50 92.20
CA LEU P 370 27.30 25.02 93.53
C LEU P 370 28.12 26.28 93.52
N LEU P 371 28.51 26.78 92.34
CA LEU P 371 29.39 27.94 92.25
C LEU P 371 28.75 29.16 91.58
N THR P 372 27.47 29.11 91.26
CA THR P 372 26.81 30.23 90.60
C THR P 372 25.32 30.19 90.90
N THR P 373 24.61 31.20 90.42
CA THR P 373 23.16 31.31 90.62
C THR P 373 22.45 30.41 89.62
N GLN P 374 21.13 30.56 89.51
CA GLN P 374 20.33 29.71 88.64
C GLN P 374 20.27 30.26 87.21
N GLU P 375 19.73 31.46 87.03
CA GLU P 375 19.51 31.99 85.69
C GLU P 375 20.84 32.15 84.94
N GLU P 376 21.88 32.62 85.63
CA GLU P 376 23.19 32.72 84.99
C GLU P 376 23.73 31.35 84.61
N LEU P 377 23.32 30.30 85.32
CA LEU P 377 23.77 28.95 84.97
C LEU P 377 23.25 28.53 83.59
N GLN P 378 21.94 28.69 83.36
CA GLN P 378 21.43 28.40 82.02
C GLN P 378 21.93 29.41 81.00
N LYS P 379 22.28 30.63 81.42
CA LYS P 379 22.88 31.57 80.49
C LYS P 379 24.22 31.06 79.98
N MET P 380 25.07 30.60 80.90
CA MET P 380 26.34 29.99 80.49
C MET P 380 26.09 28.75 79.64
N TRP P 381 25.11 27.94 80.02
CA TRP P 381 24.75 26.76 79.23
C TRP P 381 24.45 27.13 77.78
N ILE P 382 23.55 28.10 77.59
CA ILE P 382 23.10 28.43 76.24
C ILE P 382 24.23 29.10 75.44
N LEU P 383 25.02 29.95 76.10
CA LEU P 383 26.12 30.58 75.37
C LEU P 383 27.15 29.54 74.92
N ARG P 384 27.45 28.57 75.79
CA ARG P 384 28.34 27.48 75.38
C ARG P 384 27.72 26.67 74.24
N LYS P 385 26.41 26.42 74.31
CA LYS P 385 25.73 25.67 73.25
C LYS P 385 25.84 26.39 71.91
N ILE P 386 25.74 27.71 71.92
CA ILE P 386 25.73 28.47 70.67
C ILE P 386 27.13 28.88 70.21
N ILE P 387 28.15 28.75 71.06
CA ILE P 387 29.50 29.12 70.65
C ILE P 387 30.41 27.89 70.43
N HIS P 388 30.02 26.71 70.89
CA HIS P 388 30.89 25.55 70.81
C HIS P 388 30.94 24.88 69.44
N PRO P 389 29.80 24.59 68.78
CA PRO P 389 29.85 23.72 67.59
C PRO P 389 30.77 24.23 66.48
N MET P 390 30.80 25.54 66.23
CA MET P 390 31.70 26.07 65.22
C MET P 390 33.05 26.41 65.84
N GLY P 391 34.04 26.58 64.97
CA GLY P 391 35.40 26.83 65.44
C GLY P 391 35.51 28.14 66.19
N GLU P 392 36.42 28.18 67.15
CA GLU P 392 36.70 29.38 67.93
C GLU P 392 37.61 30.35 67.20
N ILE P 393 38.13 29.96 66.03
CA ILE P 393 39.10 30.80 65.31
C ILE P 393 38.52 32.17 65.02
N ASP P 394 37.23 32.21 64.63
CA ASP P 394 36.53 33.48 64.44
C ASP P 394 35.65 33.86 65.61
N ALA P 395 35.24 32.87 66.42
CA ALA P 395 34.44 33.17 67.61
C ALA P 395 35.20 34.06 68.58
N MET P 396 36.53 33.93 68.62
CA MET P 396 37.31 34.80 69.50
C MET P 396 37.18 36.27 69.09
N GLU P 397 37.33 36.57 67.80
CA GLU P 397 37.14 37.94 67.36
C GLU P 397 35.70 38.39 67.55
N PHE P 398 34.74 37.49 67.34
CA PHE P 398 33.34 37.85 67.60
C PHE P 398 33.13 38.28 69.04
N LEU P 399 33.60 37.48 70.00
CA LEU P 399 33.42 37.84 71.40
C LEU P 399 34.23 39.08 71.78
N ILE P 400 35.42 39.26 71.20
CA ILE P 400 36.22 40.44 71.53
C ILE P 400 35.53 41.71 71.04
N ASN P 401 35.05 41.71 69.80
CA ASN P 401 34.42 42.92 69.28
C ASN P 401 33.01 43.11 69.82
N LYS P 402 32.40 42.06 70.39
CA LYS P 402 31.11 42.20 71.05
C LYS P 402 31.24 42.57 72.52
N LEU P 403 32.43 42.40 73.11
CA LEU P 403 32.65 42.72 74.52
C LEU P 403 33.35 44.05 74.73
N ALA P 404 33.90 44.67 73.67
CA ALA P 404 34.70 45.87 73.84
C ALA P 404 33.87 47.03 74.41
N MET P 405 32.66 47.22 73.90
CA MET P 405 31.83 48.35 74.32
C MET P 405 31.06 48.07 75.60
N THR P 406 31.06 46.84 76.10
CA THR P 406 30.32 46.49 77.30
C THR P 406 31.18 46.71 78.53
N LYS P 407 30.52 47.07 79.64
CA LYS P 407 31.20 47.34 80.90
C LYS P 407 31.10 46.20 81.90
N THR P 408 30.01 45.43 81.86
CA THR P 408 29.82 44.31 82.78
C THR P 408 29.30 43.11 82.00
N ASN P 409 29.42 41.94 82.63
CA ASN P 409 29.00 40.70 81.97
C ASN P 409 27.49 40.69 81.72
N ASP P 410 26.71 41.23 82.65
CA ASP P 410 25.26 41.26 82.47
C ASP P 410 24.87 42.12 81.27
N ASP P 411 25.52 43.29 81.11
CA ASP P 411 25.25 44.14 79.96
C ASP P 411 25.58 43.42 78.66
N PHE P 412 26.72 42.73 78.63
CA PHE P 412 27.05 41.87 77.50
C PHE P 412 25.96 40.84 77.24
N PHE P 413 25.39 40.30 78.32
CA PHE P 413 24.34 39.29 78.18
C PHE P 413 23.13 39.87 77.47
N GLU P 414 22.62 41.02 77.94
CA GLU P 414 21.42 41.53 77.30
C GLU P 414 21.69 42.06 75.91
N MET P 415 22.88 42.61 75.65
CA MET P 415 23.15 43.10 74.29
C MET P 415 23.38 41.95 73.32
N MET P 416 23.84 40.79 73.80
CA MET P 416 23.89 39.62 72.94
C MET P 416 22.49 39.05 72.73
N LYS P 417 21.63 39.11 73.75
CA LYS P 417 20.24 38.73 73.58
C LYS P 417 19.56 39.61 72.53
N ARG P 418 19.92 40.89 72.47
CA ARG P 418 19.41 41.75 71.42
C ARG P 418 19.83 41.27 70.04
N SER P 419 21.08 40.84 69.90
CA SER P 419 21.59 40.34 68.63
C SER P 419 20.99 38.97 68.30
N THR Q 4 -84.32 -44.66 -2.90
CA THR Q 4 -84.18 -45.60 -4.01
C THR Q 4 -83.16 -45.11 -5.02
N ALA Q 5 -82.43 -44.05 -4.66
CA ALA Q 5 -81.40 -43.52 -5.55
C ALA Q 5 -80.29 -44.53 -5.75
N LEU Q 6 -79.88 -45.22 -4.68
CA LEU Q 6 -78.84 -46.23 -4.81
C LEU Q 6 -79.30 -47.38 -5.71
N GLN Q 7 -80.56 -47.80 -5.57
CA GLN Q 7 -81.06 -48.91 -6.37
C GLN Q 7 -81.08 -48.54 -7.86
N GLN Q 8 -81.56 -47.34 -8.19
CA GLN Q 8 -81.60 -46.93 -9.59
C GLN Q 8 -80.19 -46.70 -10.14
N ALA Q 9 -79.28 -46.19 -9.31
CA ALA Q 9 -77.90 -46.04 -9.76
C ALA Q 9 -77.26 -47.39 -10.04
N PHE Q 10 -77.52 -48.39 -9.19
CA PHE Q 10 -77.00 -49.73 -9.45
C PHE Q 10 -77.65 -50.34 -10.69
N ASP Q 11 -78.93 -50.05 -10.93
CA ASP Q 11 -79.59 -50.52 -12.14
C ASP Q 11 -78.94 -49.91 -13.38
N THR Q 12 -78.63 -48.61 -13.33
CA THR Q 12 -77.95 -47.97 -14.45
C THR Q 12 -76.56 -48.54 -14.66
N CYS Q 13 -75.86 -48.85 -13.56
CA CYS Q 13 -74.55 -49.49 -13.68
C CYS Q 13 -74.65 -50.85 -14.32
N GLN Q 14 -75.67 -51.64 -13.94
CA GLN Q 14 -75.87 -52.93 -14.59
C GLN Q 14 -76.18 -52.76 -16.07
N ASN Q 15 -77.00 -51.76 -16.40
CA ASN Q 15 -77.36 -51.53 -17.80
C ASN Q 15 -76.15 -51.17 -18.64
N ASN Q 16 -75.32 -50.23 -18.15
CA ASN Q 16 -74.21 -49.79 -18.99
C ASN Q 16 -73.08 -50.82 -19.00
N LYS Q 17 -72.94 -51.63 -17.95
CA LYS Q 17 -71.97 -52.72 -18.03
C LYS Q 17 -72.45 -53.83 -18.96
N ALA Q 18 -73.77 -54.06 -19.03
CA ALA Q 18 -74.28 -54.98 -20.04
C ALA Q 18 -74.05 -54.45 -21.45
N ALA Q 19 -74.22 -53.14 -21.64
CA ALA Q 19 -73.89 -52.54 -22.93
C ALA Q 19 -72.41 -52.67 -23.24
N TRP Q 20 -71.56 -52.54 -22.21
CA TRP Q 20 -70.12 -52.70 -22.39
C TRP Q 20 -69.77 -54.13 -22.81
N LEU Q 21 -70.44 -55.12 -22.21
CA LEU Q 21 -70.23 -56.51 -22.62
C LEU Q 21 -70.75 -56.76 -24.04
N GLN Q 22 -71.86 -56.13 -24.39
CA GLN Q 22 -72.35 -56.23 -25.76
C GLN Q 22 -71.33 -55.67 -26.75
N ARG Q 23 -70.74 -54.52 -26.41
CA ARG Q 23 -69.68 -53.96 -27.23
C ARG Q 23 -68.48 -54.90 -27.30
N LYS Q 24 -68.16 -55.55 -26.17
CA LYS Q 24 -67.07 -56.52 -26.15
C LYS Q 24 -67.29 -57.63 -27.17
N ASN Q 25 -68.47 -58.27 -27.13
CA ASN Q 25 -68.70 -59.39 -28.03
C ASN Q 25 -68.85 -58.93 -29.48
N GLU Q 26 -69.42 -57.74 -29.71
CA GLU Q 26 -69.47 -57.21 -31.06
C GLU Q 26 -68.07 -56.95 -31.61
N LEU Q 27 -67.18 -56.41 -30.77
CA LEU Q 27 -65.79 -56.22 -31.17
C LEU Q 27 -65.11 -57.54 -31.45
N ALA Q 28 -65.34 -58.55 -30.60
CA ALA Q 28 -64.74 -59.86 -30.84
C ALA Q 28 -65.19 -60.42 -32.18
N ALA Q 29 -66.48 -60.29 -32.49
CA ALA Q 29 -66.98 -60.68 -33.81
C ALA Q 29 -66.30 -59.88 -34.91
N ALA Q 30 -66.07 -58.58 -34.67
CA ALA Q 30 -65.44 -57.74 -35.67
C ALA Q 30 -64.05 -58.23 -36.03
N GLU Q 31 -63.20 -58.48 -35.01
CA GLU Q 31 -61.85 -58.94 -35.34
C GLU Q 31 -61.81 -60.39 -35.81
N GLN Q 32 -62.74 -61.25 -35.37
CA GLN Q 32 -62.71 -62.60 -35.92
C GLN Q 32 -63.10 -62.60 -37.39
N GLU Q 33 -64.08 -61.77 -37.77
CA GLU Q 33 -64.41 -61.63 -39.18
C GLU Q 33 -63.27 -60.96 -39.95
N TYR Q 34 -62.57 -60.03 -39.32
CA TYR Q 34 -61.43 -59.39 -39.95
C TYR Q 34 -60.34 -60.41 -40.26
N LEU Q 35 -60.04 -61.28 -39.29
CA LEU Q 35 -59.04 -62.32 -39.51
C LEU Q 35 -59.50 -63.31 -40.57
N ARG Q 36 -60.79 -63.66 -40.57
CA ARG Q 36 -61.31 -64.56 -41.60
C ARG Q 36 -61.17 -63.95 -42.98
N LEU Q 37 -61.48 -62.67 -43.13
CA LEU Q 37 -61.34 -62.00 -44.41
C LEU Q 37 -59.87 -61.89 -44.82
N LEU Q 38 -58.98 -61.61 -43.87
CA LEU Q 38 -57.56 -61.51 -44.18
C LEU Q 38 -56.99 -62.86 -44.62
N SER Q 39 -57.50 -63.96 -44.04
CA SER Q 39 -57.03 -65.28 -44.46
C SER Q 39 -57.38 -65.56 -45.91
N GLY Q 40 -58.47 -64.99 -46.42
CA GLY Q 40 -58.85 -65.17 -47.79
C GLY Q 40 -58.06 -64.30 -48.75
N GLU Q 41 -58.31 -64.51 -50.04
CA GLU Q 41 -57.62 -63.74 -51.07
C GLU Q 41 -58.09 -62.29 -51.06
N GLY Q 42 -57.14 -61.38 -51.31
CA GLY Q 42 -57.41 -59.96 -51.25
C GLY Q 42 -57.80 -59.33 -52.58
N ARG Q 43 -58.95 -59.74 -53.14
CA ARG Q 43 -59.42 -59.13 -54.38
C ARG Q 43 -59.79 -57.68 -54.16
N ASN Q 44 -60.59 -57.39 -53.14
CA ASN Q 44 -61.04 -56.05 -52.83
C ASN Q 44 -60.41 -55.57 -51.54
N VAL Q 45 -60.01 -54.30 -51.51
CA VAL Q 45 -59.42 -53.69 -50.33
C VAL Q 45 -60.36 -52.70 -49.65
N SER Q 46 -61.41 -52.25 -50.34
CA SER Q 46 -62.41 -51.40 -49.69
C SER Q 46 -63.03 -52.11 -48.50
N ARG Q 47 -63.24 -53.43 -48.62
CA ARG Q 47 -63.69 -54.21 -47.47
C ARG Q 47 -62.66 -54.17 -46.35
N LEU Q 48 -61.38 -54.25 -46.70
CA LEU Q 48 -60.33 -54.14 -45.68
C LEU Q 48 -60.36 -52.77 -45.00
N ASP Q 49 -60.52 -51.71 -45.79
CA ASP Q 49 -60.56 -50.36 -45.22
C ASP Q 49 -61.74 -50.19 -44.28
N GLU Q 50 -62.93 -50.64 -44.70
CA GLU Q 50 -64.08 -50.53 -43.81
C GLU Q 50 -63.92 -51.42 -42.59
N LEU Q 51 -63.29 -52.58 -42.73
CA LEU Q 51 -63.03 -53.41 -41.56
C LEU Q 51 -62.15 -52.68 -40.56
N ARG Q 52 -61.12 -51.98 -41.05
CA ARG Q 52 -60.32 -51.15 -40.16
C ARG Q 52 -61.16 -50.06 -39.51
N ASN Q 53 -62.06 -49.44 -40.28
CA ASN Q 53 -62.90 -48.39 -39.73
C ASN Q 53 -63.76 -48.89 -38.57
N ILE Q 54 -64.48 -50.01 -38.79
CA ILE Q 54 -65.33 -50.54 -37.73
C ILE Q 54 -64.49 -51.06 -36.55
N ILE Q 55 -63.33 -51.67 -36.80
CA ILE Q 55 -62.58 -52.18 -35.65
C ILE Q 55 -62.05 -51.02 -34.80
N GLU Q 56 -61.61 -49.93 -35.43
CA GLU Q 56 -61.12 -48.81 -34.64
C GLU Q 56 -62.26 -48.09 -33.91
N VAL Q 57 -63.41 -47.92 -34.58
CA VAL Q 57 -64.52 -47.28 -33.88
C VAL Q 57 -65.04 -48.17 -32.76
N ARG Q 58 -64.94 -49.50 -32.92
CA ARG Q 58 -65.40 -50.40 -31.87
C ARG Q 58 -64.44 -50.41 -30.69
N LYS Q 59 -63.14 -50.33 -30.94
CA LYS Q 59 -62.21 -50.23 -29.81
C LYS Q 59 -62.39 -48.91 -29.08
N TRP Q 60 -62.64 -47.82 -29.81
CA TRP Q 60 -62.99 -46.57 -29.15
C TRP Q 60 -64.27 -46.70 -28.32
N GLN Q 61 -65.28 -47.37 -28.87
CA GLN Q 61 -66.54 -47.51 -28.17
C GLN Q 61 -66.39 -48.36 -26.91
N VAL Q 62 -65.62 -49.44 -26.98
CA VAL Q 62 -65.41 -50.25 -25.78
C VAL Q 62 -64.57 -49.48 -24.76
N ASN Q 63 -63.63 -48.64 -25.22
CA ASN Q 63 -62.87 -47.82 -24.29
C ASN Q 63 -63.78 -46.85 -23.53
N GLN Q 64 -64.64 -46.14 -24.26
CA GLN Q 64 -65.52 -45.18 -23.60
C GLN Q 64 -66.57 -45.88 -22.74
N ALA Q 65 -67.04 -47.06 -23.15
CA ALA Q 65 -67.96 -47.83 -22.32
C ALA Q 65 -67.29 -48.31 -21.04
N ALA Q 66 -66.02 -48.73 -21.13
CA ALA Q 66 -65.28 -49.09 -19.93
C ALA Q 66 -65.12 -47.90 -19.01
N GLY Q 67 -64.83 -46.72 -19.57
CA GLY Q 67 -64.73 -45.53 -18.75
C GLY Q 67 -66.04 -45.17 -18.06
N ARG Q 68 -67.15 -45.25 -18.80
CA ARG Q 68 -68.44 -44.91 -18.18
C ARG Q 68 -68.81 -45.93 -17.11
N TYR Q 69 -68.53 -47.21 -17.35
CA TYR Q 69 -68.76 -48.22 -16.31
C TYR Q 69 -67.88 -47.94 -15.09
N ILE Q 70 -66.63 -47.54 -15.30
CA ILE Q 70 -65.71 -47.30 -14.19
C ILE Q 70 -66.21 -46.16 -13.32
N ARG Q 71 -66.55 -45.01 -13.94
CA ARG Q 71 -66.93 -43.91 -13.05
C ARG Q 71 -68.35 -44.08 -12.53
N SER Q 72 -69.22 -44.85 -13.21
CA SER Q 72 -70.50 -45.20 -12.60
C SER Q 72 -70.30 -46.07 -11.36
N HIS Q 73 -69.41 -47.05 -11.44
CA HIS Q 73 -69.11 -47.88 -10.28
C HIS Q 73 -68.51 -47.05 -9.15
N GLU Q 74 -67.61 -46.12 -9.48
CA GLU Q 74 -67.05 -45.23 -8.47
C GLU Q 74 -68.13 -44.38 -7.82
N ALA Q 75 -69.06 -43.85 -8.62
CA ALA Q 75 -70.12 -43.02 -8.08
C ALA Q 75 -71.05 -43.81 -7.17
N VAL Q 76 -71.43 -45.02 -7.56
CA VAL Q 76 -72.34 -45.81 -6.74
C VAL Q 76 -71.65 -46.25 -5.45
N GLN Q 77 -70.37 -46.62 -5.54
CA GLN Q 77 -69.63 -46.98 -4.34
C GLN Q 77 -69.52 -45.79 -3.39
N HIS Q 78 -69.21 -44.60 -3.92
CA HIS Q 78 -69.08 -43.42 -3.08
C HIS Q 78 -70.41 -43.05 -2.44
N ILE Q 79 -71.51 -43.12 -3.19
CA ILE Q 79 -72.80 -42.73 -2.65
C ILE Q 79 -73.23 -43.71 -1.55
N SER Q 80 -73.03 -45.02 -1.77
CA SER Q 80 -73.37 -46.00 -0.75
C SER Q 80 -72.50 -45.84 0.49
N ILE Q 81 -71.19 -45.60 0.30
CA ILE Q 81 -70.29 -45.45 1.43
C ILE Q 81 -70.67 -44.23 2.26
N ARG Q 82 -70.97 -43.10 1.59
CA ARG Q 82 -71.28 -41.90 2.36
C ARG Q 82 -72.63 -42.05 3.05
N ASP Q 83 -73.59 -42.73 2.42
CA ASP Q 83 -74.86 -43.00 3.08
C ASP Q 83 -74.66 -43.83 4.34
N ARG Q 84 -73.87 -44.90 4.23
CA ARG Q 84 -73.65 -45.76 5.39
C ARG Q 84 -72.90 -45.04 6.50
N LEU Q 85 -71.87 -44.27 6.14
CA LEU Q 85 -71.14 -43.51 7.15
C LEU Q 85 -72.04 -42.49 7.84
N ASN Q 86 -72.85 -41.76 7.05
CA ASN Q 86 -73.76 -40.77 7.61
C ASN Q 86 -74.73 -41.43 8.57
N ASP Q 87 -75.36 -42.53 8.15
CA ASP Q 87 -76.35 -43.19 9.01
C ASP Q 87 -75.70 -43.70 10.30
N PHE Q 88 -74.58 -44.42 10.17
CA PHE Q 88 -73.96 -45.01 11.35
C PHE Q 88 -73.50 -43.95 12.34
N MET Q 89 -72.83 -42.89 11.84
CA MET Q 89 -72.32 -41.89 12.76
C MET Q 89 -73.42 -40.96 13.26
N GLN Q 90 -74.55 -40.86 12.54
CA GLN Q 90 -75.73 -40.23 13.11
C GLN Q 90 -76.28 -41.05 14.27
N GLN Q 91 -76.24 -42.38 14.15
CA GLN Q 91 -76.70 -43.23 15.24
C GLN Q 91 -75.85 -43.07 16.50
N HIS Q 92 -74.61 -42.60 16.37
CA HIS Q 92 -73.71 -42.43 17.52
C HIS Q 92 -72.98 -41.10 17.43
N GLY Q 93 -73.71 -40.03 17.10
CA GLY Q 93 -73.08 -38.72 17.00
C GLY Q 93 -72.57 -38.20 18.33
N THR Q 94 -73.29 -38.51 19.41
CA THR Q 94 -72.88 -38.03 20.74
C THR Q 94 -71.53 -38.61 21.14
N ALA Q 95 -71.30 -39.90 20.85
CA ALA Q 95 -70.02 -40.50 21.20
C ALA Q 95 -68.88 -39.87 20.41
N LEU Q 96 -69.08 -39.62 19.12
CA LEU Q 96 -68.04 -38.95 18.32
C LEU Q 96 -67.77 -37.55 18.85
N ALA Q 97 -68.82 -36.82 19.20
CA ALA Q 97 -68.64 -35.46 19.71
C ALA Q 97 -67.97 -35.45 21.08
N ALA Q 98 -68.18 -36.50 21.88
CA ALA Q 98 -67.52 -36.59 23.18
C ALA Q 98 -66.06 -37.00 23.04
N ALA Q 99 -65.74 -37.85 22.07
CA ALA Q 99 -64.36 -38.30 21.91
C ALA Q 99 -63.45 -37.19 21.41
N LEU Q 100 -63.94 -36.37 20.48
CA LEU Q 100 -63.13 -35.32 19.86
C LEU Q 100 -63.72 -33.96 20.20
N ALA Q 101 -64.06 -33.76 21.47
CA ALA Q 101 -64.87 -32.61 21.89
C ALA Q 101 -64.32 -31.26 21.47
N PRO Q 102 -63.01 -30.92 21.67
CA PRO Q 102 -62.57 -29.54 21.47
C PRO Q 102 -62.87 -28.95 20.10
N GLU Q 103 -62.34 -29.57 19.04
CA GLU Q 103 -62.52 -28.99 17.71
C GLU Q 103 -63.95 -29.12 17.23
N LEU Q 104 -64.67 -30.17 17.65
CA LEU Q 104 -66.04 -30.33 17.21
C LEU Q 104 -66.95 -29.25 17.80
N MET Q 105 -66.75 -28.90 19.08
CA MET Q 105 -67.51 -27.78 19.62
C MET Q 105 -67.00 -26.43 19.14
N GLY Q 106 -65.71 -26.33 18.81
CA GLY Q 106 -65.21 -25.10 18.21
C GLY Q 106 -65.83 -24.83 16.85
N TYR Q 107 -66.09 -25.89 16.08
CA TYR Q 107 -66.73 -25.75 14.78
C TYR Q 107 -68.11 -25.10 14.87
N SER Q 108 -68.75 -25.15 16.03
CA SER Q 108 -70.12 -24.67 16.14
C SER Q 108 -70.21 -23.15 16.08
N GLU Q 109 -69.27 -22.45 16.71
CA GLU Q 109 -69.35 -21.00 16.84
C GLU Q 109 -68.20 -20.23 16.21
N LEU Q 110 -67.11 -20.90 15.83
CA LEU Q 110 -65.96 -20.18 15.29
C LEU Q 110 -66.26 -19.68 13.87
N THR Q 111 -65.45 -18.72 13.43
CA THR Q 111 -65.60 -18.14 12.11
C THR Q 111 -65.10 -19.11 11.04
N ALA Q 112 -65.29 -18.73 9.77
CA ALA Q 112 -65.02 -19.63 8.66
C ALA Q 112 -63.56 -20.05 8.61
N ILE Q 113 -62.64 -19.10 8.81
CA ILE Q 113 -61.21 -19.45 8.80
C ILE Q 113 -60.89 -20.38 9.98
N ALA Q 114 -61.40 -20.04 11.16
CA ALA Q 114 -61.23 -20.95 12.30
C ALA Q 114 -62.00 -22.24 12.09
N ARG Q 115 -63.11 -22.19 11.36
CA ARG Q 115 -63.86 -23.41 11.06
C ARG Q 115 -63.01 -24.39 10.25
N ASN Q 116 -62.37 -23.90 9.18
CA ASN Q 116 -61.54 -24.81 8.39
C ASN Q 116 -60.24 -25.17 9.11
N CYS Q 117 -59.74 -24.30 9.99
CA CYS Q 117 -58.62 -24.71 10.82
C CYS Q 117 -58.99 -25.87 11.74
N ALA Q 118 -60.17 -25.81 12.36
CA ALA Q 118 -60.64 -26.93 13.16
C ALA Q 118 -60.88 -28.16 12.29
N ILE Q 119 -61.34 -27.96 11.05
CA ILE Q 119 -61.51 -29.09 10.13
C ILE Q 119 -60.16 -29.77 9.88
N GLN Q 120 -59.10 -28.98 9.64
CA GLN Q 120 -57.79 -29.57 9.42
C GLN Q 120 -57.24 -30.25 10.68
N ARG Q 121 -57.51 -29.67 11.85
CA ARG Q 121 -57.07 -30.29 13.10
C ARG Q 121 -57.74 -31.66 13.29
N ALA Q 122 -59.07 -31.71 13.13
CA ALA Q 122 -59.77 -32.99 13.18
C ALA Q 122 -59.30 -33.91 12.06
N THR Q 123 -58.90 -33.35 10.91
CA THR Q 123 -58.41 -34.16 9.81
C THR Q 123 -57.15 -34.92 10.20
N ASP Q 124 -56.16 -34.20 10.72
CA ASP Q 124 -54.92 -34.87 11.12
C ASP Q 124 -55.18 -35.83 12.29
N ALA Q 125 -56.04 -35.43 13.24
CA ALA Q 125 -56.32 -36.30 14.38
C ALA Q 125 -56.94 -37.62 13.94
N LEU Q 126 -58.01 -37.56 13.15
CA LEU Q 126 -58.65 -38.78 12.69
C LEU Q 126 -57.82 -39.53 11.66
N ARG Q 127 -56.87 -38.86 10.99
CA ARG Q 127 -55.99 -39.57 10.08
C ARG Q 127 -54.98 -40.42 10.85
N GLU Q 128 -54.38 -39.85 11.89
CA GLU Q 128 -53.50 -40.64 12.74
C GLU Q 128 -54.26 -41.54 13.71
N ALA Q 129 -55.59 -41.43 13.75
CA ALA Q 129 -56.40 -42.24 14.65
C ALA Q 129 -56.70 -43.62 14.08
N LEU Q 130 -56.95 -43.72 12.77
CA LEU Q 130 -57.49 -44.94 12.17
C LEU Q 130 -56.44 -45.98 11.84
N LEU Q 131 -55.18 -45.76 12.23
CA LEU Q 131 -54.12 -46.71 11.90
C LEU Q 131 -54.19 -48.00 12.71
N SER Q 132 -54.97 -48.03 13.79
CA SER Q 132 -54.98 -49.16 14.72
C SER Q 132 -55.40 -50.46 14.05
N TRP Q 133 -56.67 -50.55 13.62
CA TRP Q 133 -57.12 -51.78 13.01
C TRP Q 133 -56.58 -51.98 11.61
N LEU Q 134 -56.08 -50.90 10.98
CA LEU Q 134 -55.32 -51.07 9.75
C LEU Q 134 -54.05 -51.86 10.01
N ALA Q 135 -53.40 -51.62 11.16
CA ALA Q 135 -52.28 -52.46 11.56
C ALA Q 135 -52.75 -53.85 11.95
N LYS Q 136 -53.85 -53.95 12.70
CA LYS Q 136 -54.39 -55.26 13.05
C LYS Q 136 -54.85 -56.02 11.81
N GLY Q 137 -55.55 -55.35 10.91
CA GLY Q 137 -55.92 -55.95 9.63
C GLY Q 137 -56.91 -57.10 9.71
N GLU Q 138 -57.97 -56.97 10.50
CA GLU Q 138 -59.01 -57.98 10.53
C GLU Q 138 -59.90 -57.87 9.30
N LYS Q 139 -60.63 -58.95 9.00
CA LYS Q 139 -61.44 -59.04 7.81
C LYS Q 139 -62.89 -59.34 8.18
N ILE Q 140 -63.80 -58.51 7.67
CA ILE Q 140 -65.24 -58.71 7.80
C ILE Q 140 -65.90 -58.38 6.47
N ASN Q 141 -67.22 -58.55 6.42
CA ASN Q 141 -67.98 -58.38 5.18
C ASN Q 141 -68.48 -56.94 5.07
N TYR Q 142 -69.35 -56.69 4.08
CA TYR Q 142 -69.89 -55.38 3.82
C TYR Q 142 -71.11 -55.12 4.69
N SER Q 143 -71.86 -54.06 4.38
CA SER Q 143 -73.08 -53.76 5.12
C SER Q 143 -74.14 -54.83 4.90
N ALA Q 144 -75.05 -54.95 5.86
CA ALA Q 144 -76.02 -56.05 5.85
C ALA Q 144 -76.98 -55.93 4.68
N GLN Q 145 -77.60 -54.76 4.52
CA GLN Q 145 -78.62 -54.60 3.49
C GLN Q 145 -78.04 -54.42 2.09
N ASP Q 146 -76.75 -54.10 1.99
CA ASP Q 146 -76.08 -53.87 0.71
C ASP Q 146 -74.92 -54.85 0.50
N SER Q 147 -75.04 -56.05 1.05
CA SER Q 147 -73.96 -57.03 0.94
C SER Q 147 -73.86 -57.58 -0.48
N ASP Q 148 -74.91 -58.27 -0.93
CA ASP Q 148 -74.82 -59.04 -2.17
C ASP Q 148 -74.57 -58.14 -3.37
N ILE Q 149 -75.12 -56.92 -3.36
CA ILE Q 149 -74.88 -55.99 -4.46
C ILE Q 149 -73.40 -55.68 -4.58
N LEU Q 150 -72.75 -55.39 -3.45
CA LEU Q 150 -71.32 -55.08 -3.47
C LEU Q 150 -70.47 -56.30 -3.78
N THR Q 151 -70.88 -57.49 -3.34
CA THR Q 151 -70.15 -58.69 -3.73
C THR Q 151 -70.22 -58.94 -5.22
N THR Q 152 -71.39 -58.73 -5.82
CA THR Q 152 -71.52 -58.93 -7.27
C THR Q 152 -70.75 -57.88 -8.05
N ILE Q 153 -70.91 -56.61 -7.71
CA ILE Q 153 -70.19 -55.56 -8.44
C ILE Q 153 -68.70 -55.60 -8.10
N GLY Q 154 -68.38 -55.84 -6.83
CA GLY Q 154 -66.98 -55.94 -6.41
C GLY Q 154 -66.28 -54.60 -6.29
N PHE Q 155 -65.47 -54.43 -5.25
CA PHE Q 155 -64.65 -53.23 -5.16
C PHE Q 155 -63.60 -53.20 -6.27
N ARG Q 156 -62.98 -54.33 -6.55
CA ARG Q 156 -62.06 -54.43 -7.67
C ARG Q 156 -62.87 -54.65 -8.95
N PRO Q 157 -62.78 -53.76 -9.93
CA PRO Q 157 -63.56 -53.95 -11.16
C PRO Q 157 -62.92 -54.97 -12.08
N ASP Q 158 -63.48 -55.15 -13.28
CA ASP Q 158 -62.91 -56.08 -14.23
C ASP Q 158 -61.50 -55.64 -14.63
N VAL Q 159 -60.63 -56.61 -14.88
CA VAL Q 159 -59.26 -56.30 -15.26
C VAL Q 159 -59.23 -55.61 -16.62
N ALA Q 160 -60.11 -56.02 -17.54
CA ALA Q 160 -60.15 -55.39 -18.86
C ALA Q 160 -60.46 -53.90 -18.75
N SER Q 161 -61.16 -53.49 -17.70
CA SER Q 161 -61.48 -52.08 -17.52
C SER Q 161 -60.22 -51.23 -17.40
N VAL Q 162 -59.21 -51.74 -16.69
CA VAL Q 162 -57.96 -51.01 -16.57
C VAL Q 162 -56.96 -51.37 -17.67
N ASP Q 163 -57.15 -52.51 -18.34
CA ASP Q 163 -56.27 -52.79 -19.48
C ASP Q 163 -56.59 -51.90 -20.68
N ASP Q 164 -57.87 -51.73 -20.99
CA ASP Q 164 -58.21 -50.96 -22.20
C ASP Q 164 -58.20 -49.45 -21.97
N SER Q 165 -58.52 -49.00 -20.75
CA SER Q 165 -58.61 -47.58 -20.45
C SER Q 165 -57.31 -47.00 -19.93
N ARG Q 166 -56.21 -47.77 -19.94
CA ARG Q 166 -54.93 -47.27 -19.47
C ARG Q 166 -54.35 -46.18 -20.35
N GLU Q 167 -54.87 -46.01 -21.57
CA GLU Q 167 -54.41 -44.98 -22.48
C GLU Q 167 -55.55 -44.04 -22.82
N LYS Q 168 -55.21 -42.77 -23.03
CA LYS Q 168 -56.20 -41.73 -23.29
C LYS Q 168 -55.78 -40.92 -24.51
N PHE Q 169 -56.77 -40.29 -25.14
CA PHE Q 169 -56.57 -39.43 -26.31
C PHE Q 169 -56.88 -37.99 -25.97
N THR Q 170 -56.53 -37.10 -26.90
CA THR Q 170 -56.80 -35.68 -26.77
C THR Q 170 -58.25 -35.37 -27.16
N PRO Q 171 -58.78 -34.23 -26.70
CA PRO Q 171 -60.16 -33.86 -27.07
C PRO Q 171 -60.48 -33.93 -28.55
N ALA Q 172 -59.54 -33.55 -29.42
CA ALA Q 172 -59.78 -33.63 -30.85
C ALA Q 172 -60.05 -35.06 -31.28
N GLN Q 173 -59.26 -36.01 -30.75
CA GLN Q 173 -59.53 -37.42 -31.03
C GLN Q 173 -60.88 -37.84 -30.48
N ASN Q 174 -61.28 -37.29 -29.33
CA ASN Q 174 -62.60 -37.59 -28.78
C ASN Q 174 -63.70 -37.17 -29.75
N MET Q 175 -63.60 -35.95 -30.27
CA MET Q 175 -64.62 -35.45 -31.20
C MET Q 175 -64.65 -36.24 -32.50
N ILE Q 176 -63.47 -36.54 -33.06
CA ILE Q 176 -63.44 -37.26 -34.34
C ILE Q 176 -63.96 -38.68 -34.15
N PHE Q 177 -63.65 -39.30 -33.00
CA PHE Q 177 -64.16 -40.64 -32.73
C PHE Q 177 -65.68 -40.61 -32.52
N SER Q 178 -66.19 -39.57 -31.88
CA SER Q 178 -67.63 -39.44 -31.73
C SER Q 178 -68.32 -39.29 -33.09
N ARG Q 179 -67.74 -38.49 -33.97
CA ARG Q 179 -68.32 -38.34 -35.31
C ARG Q 179 -68.23 -39.65 -36.09
N LYS Q 180 -67.13 -40.39 -35.93
CA LYS Q 180 -67.01 -41.69 -36.58
C LYS Q 180 -68.04 -42.67 -36.07
N SER Q 181 -68.32 -42.65 -34.76
CA SER Q 181 -69.35 -43.52 -34.21
C SER Q 181 -70.73 -43.13 -34.71
N ALA Q 182 -70.98 -41.83 -34.86
CA ALA Q 182 -72.25 -41.39 -35.45
C ALA Q 182 -72.37 -41.87 -36.89
N GLN Q 183 -71.27 -41.82 -37.64
CA GLN Q 183 -71.27 -42.34 -39.01
C GLN Q 183 -71.54 -43.84 -39.02
N LEU Q 184 -70.94 -44.57 -38.08
CA LEU Q 184 -71.17 -46.01 -37.97
C LEU Q 184 -72.64 -46.30 -37.68
N ALA Q 185 -73.25 -45.53 -36.78
CA ALA Q 185 -74.66 -45.70 -36.47
C ALA Q 185 -75.53 -45.41 -37.69
N SER Q 186 -75.20 -44.35 -38.44
CA SER Q 186 -75.96 -44.03 -39.65
C SER Q 186 -75.83 -45.14 -40.68
N ARG Q 187 -74.63 -45.70 -40.86
CA ARG Q 187 -74.45 -46.79 -41.80
C ARG Q 187 -75.22 -48.04 -41.36
N GLN Q 188 -75.20 -48.34 -40.05
CA GLN Q 188 -75.92 -49.49 -39.55
C GLN Q 188 -77.43 -49.32 -39.69
N SER Q 189 -77.92 -48.07 -39.61
CA SER Q 189 -79.34 -47.83 -39.80
C SER Q 189 -79.79 -48.22 -41.21
N VAL Q 190 -78.97 -47.90 -42.21
CA VAL Q 190 -79.28 -48.25 -43.59
C VAL Q 190 -79.02 -49.74 -43.83
N THR R 4 -52.08 -44.02 34.58
CA THR R 4 -52.34 -42.79 35.30
C THR R 4 -51.53 -41.63 34.72
N ALA R 5 -51.05 -41.81 33.49
CA ALA R 5 -50.31 -40.74 32.82
C ALA R 5 -51.20 -39.53 32.56
N LEU R 6 -52.50 -39.76 32.35
CA LEU R 6 -53.44 -38.65 32.15
C LEU R 6 -53.42 -37.72 33.34
N GLN R 7 -53.58 -38.27 34.55
CA GLN R 7 -53.63 -37.44 35.76
C GLN R 7 -52.32 -36.71 35.98
N GLN R 8 -51.19 -37.36 35.67
CA GLN R 8 -49.90 -36.69 35.73
C GLN R 8 -49.86 -35.50 34.78
N ALA R 9 -50.39 -35.68 33.56
CA ALA R 9 -50.44 -34.58 32.61
C ALA R 9 -51.30 -33.43 33.12
N PHE R 10 -52.45 -33.76 33.73
CA PHE R 10 -53.30 -32.71 34.27
C PHE R 10 -52.61 -31.97 35.41
N ASP R 11 -51.91 -32.71 36.27
CA ASP R 11 -51.17 -32.06 37.36
C ASP R 11 -50.09 -31.13 36.83
N THR R 12 -49.35 -31.58 35.79
CA THR R 12 -48.34 -30.71 35.20
C THR R 12 -48.97 -29.47 34.57
N CYS R 13 -50.10 -29.63 33.89
CA CYS R 13 -50.78 -28.48 33.29
C CYS R 13 -51.24 -27.49 34.36
N GLN R 14 -51.81 -28.00 35.45
CA GLN R 14 -52.24 -27.11 36.53
C GLN R 14 -51.07 -26.42 37.19
N ASN R 15 -49.95 -27.13 37.38
CA ASN R 15 -48.76 -26.51 37.95
C ASN R 15 -48.24 -25.41 37.03
N ASN R 16 -48.22 -25.65 35.72
CA ASN R 16 -47.79 -24.63 34.77
C ASN R 16 -48.71 -23.42 34.81
N LYS R 17 -50.03 -23.66 34.88
CA LYS R 17 -50.98 -22.55 34.93
C LYS R 17 -50.78 -21.73 36.20
N ALA R 18 -50.61 -22.39 37.35
CA ALA R 18 -50.41 -21.66 38.60
C ALA R 18 -49.10 -20.88 38.57
N ALA R 19 -48.03 -21.47 38.04
CA ALA R 19 -46.77 -20.77 37.93
C ALA R 19 -46.90 -19.55 37.03
N TRP R 20 -47.59 -19.70 35.90
CA TRP R 20 -47.81 -18.56 35.00
C TRP R 20 -48.62 -17.47 35.67
N LEU R 21 -49.65 -17.84 36.44
CA LEU R 21 -50.46 -16.86 37.14
C LEU R 21 -49.64 -16.09 38.16
N GLN R 22 -48.82 -16.79 38.96
CA GLN R 22 -48.04 -16.08 39.96
C GLN R 22 -46.90 -15.28 39.32
N ARG R 23 -46.39 -15.73 38.18
CA ARG R 23 -45.40 -14.93 37.45
C ARG R 23 -46.02 -13.64 36.94
N LYS R 24 -47.25 -13.70 36.42
CA LYS R 24 -47.92 -12.45 36.05
C LYS R 24 -48.26 -11.59 37.26
N ASN R 25 -48.52 -12.22 38.41
CA ASN R 25 -48.76 -11.45 39.63
C ASN R 25 -47.52 -10.64 40.00
N GLU R 26 -46.36 -11.30 40.06
CA GLU R 26 -45.13 -10.56 40.36
C GLU R 26 -44.77 -9.60 39.23
N LEU R 27 -45.15 -9.91 37.99
CA LEU R 27 -44.99 -8.97 36.89
C LEU R 27 -45.73 -7.68 37.16
N ALA R 28 -47.03 -7.79 37.46
CA ALA R 28 -47.84 -6.60 37.71
C ALA R 28 -47.33 -5.83 38.92
N ALA R 29 -46.89 -6.55 39.97
CA ALA R 29 -46.26 -5.87 41.09
C ALA R 29 -45.03 -5.10 40.64
N ALA R 30 -44.23 -5.69 39.73
CA ALA R 30 -43.05 -5.01 39.23
C ALA R 30 -43.42 -3.74 38.46
N GLU R 31 -44.42 -3.83 37.58
CA GLU R 31 -44.80 -2.62 36.84
C GLU R 31 -45.34 -1.53 37.77
N GLN R 32 -46.17 -1.89 38.75
CA GLN R 32 -46.71 -0.85 39.62
C GLN R 32 -45.61 -0.22 40.47
N GLU R 33 -44.68 -1.04 41.00
CA GLU R 33 -43.58 -0.50 41.78
C GLU R 33 -42.68 0.40 40.94
N TYR R 34 -42.40 -0.03 39.70
CA TYR R 34 -41.57 0.77 38.82
C TYR R 34 -42.24 2.09 38.47
N LEU R 35 -43.56 2.06 38.26
CA LEU R 35 -44.29 3.29 37.96
C LEU R 35 -44.26 4.25 39.15
N ARG R 36 -44.48 3.74 40.37
CA ARG R 36 -44.44 4.62 41.53
C ARG R 36 -43.06 5.20 41.75
N LEU R 37 -42.00 4.40 41.50
CA LEU R 37 -40.65 4.93 41.65
C LEU R 37 -40.29 5.90 40.52
N LEU R 38 -40.87 5.72 39.34
CA LEU R 38 -40.63 6.63 38.23
C LEU R 38 -41.45 7.91 38.34
N SER R 39 -42.47 7.92 39.21
CA SER R 39 -43.21 9.15 39.44
C SER R 39 -42.30 10.28 39.89
N GLY R 40 -41.31 9.98 40.73
CA GLY R 40 -40.30 10.95 41.09
C GLY R 40 -39.28 11.16 40.00
N GLU R 41 -38.49 12.22 40.14
CA GLU R 41 -37.51 12.61 39.14
C GLU R 41 -36.10 12.46 39.70
N GLY R 42 -35.29 11.66 39.03
CA GLY R 42 -33.87 11.56 39.33
C GLY R 42 -33.52 11.04 40.71
N ARG R 43 -34.47 10.43 41.42
CA ARG R 43 -34.17 9.93 42.76
C ARG R 43 -33.22 8.74 42.70
N ASN R 44 -33.55 7.73 41.89
CA ASN R 44 -32.82 6.47 41.85
C ASN R 44 -32.62 6.01 40.41
N VAL R 45 -32.09 6.91 39.57
CA VAL R 45 -31.88 6.69 38.15
C VAL R 45 -31.26 5.32 37.88
N SER R 46 -30.24 4.96 38.65
CA SER R 46 -29.65 3.63 38.52
C SER R 46 -30.66 2.55 38.88
N ARG R 47 -31.41 2.74 39.96
CA ARG R 47 -32.47 1.80 40.28
C ARG R 47 -33.61 1.85 39.27
N LEU R 48 -33.82 3.00 38.62
CA LEU R 48 -34.79 3.07 37.53
C LEU R 48 -34.37 2.18 36.35
N ASP R 49 -33.08 2.23 35.99
CA ASP R 49 -32.58 1.35 34.95
C ASP R 49 -32.68 -0.11 35.37
N GLU R 50 -32.37 -0.40 36.64
CA GLU R 50 -32.51 -1.76 37.13
C GLU R 50 -33.96 -2.23 37.08
N LEU R 51 -34.90 -1.31 37.35
CA LEU R 51 -36.32 -1.65 37.29
C LEU R 51 -36.78 -1.89 35.86
N ARG R 52 -36.27 -1.11 34.92
CA ARG R 52 -36.56 -1.38 33.51
C ARG R 52 -36.03 -2.76 33.11
N ASN R 53 -34.82 -3.09 33.57
CA ASN R 53 -34.24 -4.40 33.28
C ASN R 53 -35.08 -5.52 33.89
N ILE R 54 -35.55 -5.32 35.12
CA ILE R 54 -36.36 -6.36 35.77
C ILE R 54 -37.72 -6.49 35.09
N ILE R 55 -38.26 -5.38 34.58
CA ILE R 55 -39.51 -5.45 33.81
C ILE R 55 -39.30 -6.29 32.56
N GLU R 56 -38.18 -6.06 31.86
CA GLU R 56 -37.89 -6.85 30.67
C GLU R 56 -37.73 -8.33 31.02
N VAL R 57 -36.99 -8.63 32.10
CA VAL R 57 -36.78 -10.01 32.50
C VAL R 57 -38.09 -10.68 32.86
N ARG R 58 -38.93 -9.99 33.63
CA ARG R 58 -40.20 -10.56 34.05
C ARG R 58 -41.13 -10.80 32.87
N LYS R 59 -41.18 -9.85 31.92
CA LYS R 59 -42.05 -10.06 30.77
C LYS R 59 -41.56 -11.20 29.89
N TRP R 60 -40.24 -11.32 29.71
CA TRP R 60 -39.71 -12.44 28.94
C TRP R 60 -40.01 -13.77 29.63
N GLN R 61 -39.84 -13.83 30.95
CA GLN R 61 -40.10 -15.07 31.66
C GLN R 61 -41.59 -15.41 31.68
N VAL R 62 -42.45 -14.39 31.72
CA VAL R 62 -43.89 -14.62 31.62
C VAL R 62 -44.24 -15.17 30.24
N ASN R 63 -43.62 -14.64 29.19
CA ASN R 63 -43.84 -15.18 27.85
C ASN R 63 -43.39 -16.63 27.76
N GLN R 64 -42.22 -16.94 28.34
CA GLN R 64 -41.73 -18.31 28.32
C GLN R 64 -42.67 -19.26 29.07
N ALA R 65 -43.16 -18.81 30.24
CA ALA R 65 -44.10 -19.63 31.01
C ALA R 65 -45.41 -19.81 30.26
N ALA R 66 -45.87 -18.76 29.57
CA ALA R 66 -47.08 -18.87 28.77
C ALA R 66 -46.91 -19.88 27.65
N GLY R 67 -45.76 -19.87 26.98
CA GLY R 67 -45.49 -20.87 25.95
C GLY R 67 -45.45 -22.28 26.53
N ARG R 68 -44.78 -22.44 27.67
CA ARG R 68 -44.76 -23.72 28.37
C ARG R 68 -46.18 -24.21 28.64
N TYR R 69 -47.02 -23.33 29.18
CA TYR R 69 -48.40 -23.70 29.49
C TYR R 69 -49.18 -24.05 28.23
N ILE R 70 -48.96 -23.31 27.14
CA ILE R 70 -49.67 -23.57 25.90
C ILE R 70 -49.34 -24.96 25.38
N ARG R 71 -48.04 -25.28 25.31
CA ARG R 71 -47.67 -26.61 24.80
C ARG R 71 -48.08 -27.72 25.76
N SER R 72 -48.02 -27.47 27.07
CA SER R 72 -48.50 -28.48 28.02
C SER R 72 -49.99 -28.73 27.86
N HIS R 73 -50.78 -27.67 27.68
CA HIS R 73 -52.21 -27.83 27.47
C HIS R 73 -52.50 -28.55 26.16
N GLU R 74 -51.73 -28.24 25.11
CA GLU R 74 -51.91 -28.96 23.85
C GLU R 74 -51.62 -30.44 24.00
N ALA R 75 -50.54 -30.78 24.71
CA ALA R 75 -50.22 -32.18 24.94
C ALA R 75 -51.29 -32.88 25.77
N VAL R 76 -51.81 -32.20 26.80
CA VAL R 76 -52.85 -32.78 27.64
C VAL R 76 -54.10 -33.04 26.82
N GLN R 77 -54.50 -32.06 26.00
CA GLN R 77 -55.68 -32.24 25.16
C GLN R 77 -55.47 -33.37 24.17
N HIS R 78 -54.28 -33.46 23.58
CA HIS R 78 -53.99 -34.53 22.63
C HIS R 78 -54.11 -35.89 23.29
N ILE R 79 -53.53 -36.04 24.49
CA ILE R 79 -53.58 -37.34 25.18
C ILE R 79 -55.02 -37.66 25.57
N SER R 80 -55.78 -36.67 26.03
CA SER R 80 -57.16 -36.92 26.44
C SER R 80 -58.02 -37.35 25.25
N ILE R 81 -57.91 -36.65 24.12
CA ILE R 81 -58.70 -37.03 22.96
C ILE R 81 -58.23 -38.37 22.42
N ARG R 82 -56.93 -38.67 22.50
CA ARG R 82 -56.45 -39.99 22.10
C ARG R 82 -57.09 -41.09 22.95
N ASP R 83 -57.13 -40.89 24.27
CA ASP R 83 -57.73 -41.90 25.14
C ASP R 83 -59.22 -42.07 24.84
N ARG R 84 -59.94 -40.95 24.68
CA ARG R 84 -61.37 -41.02 24.40
C ARG R 84 -61.66 -41.72 23.09
N LEU R 85 -60.97 -41.32 22.02
CA LEU R 85 -61.17 -41.94 20.72
C LEU R 85 -60.80 -43.41 20.77
N ASN R 86 -59.71 -43.76 21.44
CA ASN R 86 -59.29 -45.15 21.52
C ASN R 86 -60.33 -46.00 22.21
N ASP R 87 -60.83 -45.56 23.37
CA ASP R 87 -61.81 -46.38 24.08
C ASP R 87 -63.09 -46.52 23.27
N PHE R 88 -63.61 -45.41 22.75
CA PHE R 88 -64.83 -45.50 21.95
C PHE R 88 -64.62 -46.36 20.71
N MET R 89 -63.41 -46.36 20.16
CA MET R 89 -63.15 -47.09 18.92
C MET R 89 -63.04 -48.59 19.18
N GLN R 90 -62.42 -49.00 20.29
CA GLN R 90 -62.58 -50.40 20.69
C GLN R 90 -64.05 -50.76 20.92
N GLN R 91 -64.85 -49.83 21.45
CA GLN R 91 -66.25 -50.13 21.63
C GLN R 91 -66.96 -50.37 20.29
N HIS R 92 -66.68 -49.55 19.28
CA HIS R 92 -67.44 -49.58 18.03
C HIS R 92 -66.52 -49.55 16.82
N GLY R 93 -65.49 -50.40 16.82
CA GLY R 93 -64.60 -50.47 15.66
C GLY R 93 -65.11 -51.35 14.54
N THR R 94 -65.95 -52.33 14.86
CA THR R 94 -66.43 -53.26 13.84
C THR R 94 -67.27 -52.56 12.77
N ALA R 95 -68.19 -51.69 13.20
CA ALA R 95 -69.02 -50.98 12.25
C ALA R 95 -68.22 -50.00 11.42
N LEU R 96 -67.23 -49.34 12.03
CA LEU R 96 -66.35 -48.45 11.28
C LEU R 96 -65.57 -49.23 10.22
N ALA R 97 -65.08 -50.42 10.57
CA ALA R 97 -64.39 -51.25 9.59
C ALA R 97 -65.34 -51.68 8.48
N ALA R 98 -66.58 -52.04 8.83
CA ALA R 98 -67.55 -52.46 7.83
C ALA R 98 -67.87 -51.32 6.85
N ALA R 99 -68.02 -50.10 7.37
CA ALA R 99 -68.31 -48.96 6.53
C ALA R 99 -67.10 -48.47 5.73
N LEU R 100 -65.89 -48.94 6.05
CA LEU R 100 -64.67 -48.55 5.37
C LEU R 100 -63.88 -49.79 4.99
N ALA R 101 -64.58 -50.83 4.51
CA ALA R 101 -63.93 -52.10 4.21
C ALA R 101 -62.92 -52.01 3.08
N PRO R 102 -63.23 -51.43 1.91
CA PRO R 102 -62.26 -51.50 0.80
C PRO R 102 -60.89 -50.94 1.15
N GLU R 103 -60.85 -49.87 1.94
CA GLU R 103 -59.57 -49.32 2.36
C GLU R 103 -58.82 -50.27 3.28
N LEU R 104 -59.52 -51.04 4.12
CA LEU R 104 -58.81 -51.98 4.98
C LEU R 104 -58.29 -53.17 4.19
N MET R 105 -59.05 -53.66 3.20
CA MET R 105 -58.48 -54.68 2.33
C MET R 105 -57.28 -54.13 1.55
N GLY R 106 -57.34 -52.86 1.14
CA GLY R 106 -56.18 -52.27 0.49
C GLY R 106 -54.96 -52.19 1.39
N TYR R 107 -55.16 -51.81 2.65
CA TYR R 107 -54.05 -51.68 3.59
C TYR R 107 -53.55 -53.03 4.09
N SER R 108 -54.35 -54.10 3.96
CA SER R 108 -53.96 -55.38 4.55
C SER R 108 -52.70 -55.94 3.91
N GLU R 109 -52.59 -55.88 2.58
CA GLU R 109 -51.49 -56.55 1.89
C GLU R 109 -50.72 -55.69 0.90
N LEU R 110 -51.22 -54.52 0.52
CA LEU R 110 -50.58 -53.74 -0.52
C LEU R 110 -49.30 -53.08 0.00
N THR R 111 -48.50 -52.57 -0.94
CA THR R 111 -47.23 -51.96 -0.62
C THR R 111 -47.43 -50.54 -0.09
N ALA R 112 -46.32 -49.87 0.21
CA ALA R 112 -46.37 -48.59 0.91
C ALA R 112 -47.10 -47.52 0.10
N ILE R 113 -46.83 -47.44 -1.21
CA ILE R 113 -47.48 -46.43 -2.04
C ILE R 113 -48.98 -46.67 -2.09
N ALA R 114 -49.39 -47.93 -2.29
CA ALA R 114 -50.81 -48.25 -2.25
C ALA R 114 -51.37 -48.12 -0.85
N ARG R 115 -50.54 -48.36 0.17
CA ARG R 115 -50.98 -48.14 1.54
C ARG R 115 -51.38 -46.69 1.78
N ASN R 116 -50.53 -45.75 1.37
CA ASN R 116 -50.88 -44.34 1.58
C ASN R 116 -51.97 -43.88 0.61
N CYS R 117 -52.09 -44.52 -0.55
CA CYS R 117 -53.23 -44.23 -1.42
C CYS R 117 -54.54 -44.61 -0.74
N ALA R 118 -54.60 -45.80 -0.15
CA ALA R 118 -55.78 -46.20 0.61
C ALA R 118 -55.97 -45.29 1.82
N ILE R 119 -54.87 -44.84 2.42
CA ILE R 119 -54.95 -43.91 3.55
C ILE R 119 -55.68 -42.64 3.13
N GLN R 120 -55.26 -42.05 2.00
CA GLN R 120 -55.87 -40.79 1.58
C GLN R 120 -57.30 -40.99 1.11
N ARG R 121 -57.59 -42.14 0.47
CA ARG R 121 -58.98 -42.43 0.10
C ARG R 121 -59.87 -42.50 1.34
N ALA R 122 -59.45 -43.27 2.34
CA ALA R 122 -60.24 -43.38 3.57
C ALA R 122 -60.40 -42.02 4.23
N THR R 123 -59.31 -41.27 4.34
CA THR R 123 -59.37 -40.01 5.08
C THR R 123 -60.27 -39.01 4.38
N ASP R 124 -60.18 -38.87 3.05
CA ASP R 124 -61.01 -37.85 2.41
C ASP R 124 -62.47 -38.29 2.29
N ALA R 125 -62.72 -39.59 2.15
CA ALA R 125 -64.10 -40.06 2.23
C ALA R 125 -64.71 -39.76 3.58
N LEU R 126 -63.96 -39.97 4.66
CA LEU R 126 -64.54 -39.69 5.96
C LEU R 126 -64.63 -38.19 6.23
N ARG R 127 -63.73 -37.38 5.65
CA ARG R 127 -63.88 -35.93 5.75
C ARG R 127 -65.17 -35.47 5.08
N GLU R 128 -65.45 -35.98 3.87
CA GLU R 128 -66.66 -35.55 3.18
C GLU R 128 -67.90 -36.03 3.93
N ALA R 129 -67.85 -37.25 4.49
CA ALA R 129 -68.97 -37.72 5.30
C ALA R 129 -69.18 -36.84 6.52
N LEU R 130 -68.10 -36.47 7.21
CA LEU R 130 -68.20 -35.63 8.39
C LEU R 130 -68.75 -34.25 8.06
N LEU R 131 -68.27 -33.65 6.97
CA LEU R 131 -68.76 -32.32 6.62
C LEU R 131 -70.21 -32.37 6.14
N SER R 132 -70.62 -33.49 5.55
CA SER R 132 -72.03 -33.65 5.19
C SER R 132 -72.90 -33.76 6.44
N TRP R 133 -72.44 -34.52 7.44
CA TRP R 133 -73.27 -34.73 8.62
C TRP R 133 -73.33 -33.51 9.53
N LEU R 134 -72.20 -32.82 9.73
CA LEU R 134 -72.16 -31.72 10.69
C LEU R 134 -72.99 -30.51 10.27
N ALA R 135 -73.73 -30.57 9.17
CA ALA R 135 -74.62 -29.48 8.80
C ALA R 135 -75.72 -29.29 9.84
N LYS R 136 -76.11 -30.36 10.53
CA LYS R 136 -77.14 -30.25 11.56
C LYS R 136 -76.67 -29.37 12.72
N GLY R 137 -75.43 -29.56 13.17
CA GLY R 137 -74.86 -28.74 14.22
C GLY R 137 -75.53 -28.86 15.57
N GLU R 138 -75.81 -30.09 16.00
CA GLU R 138 -76.41 -30.30 17.32
C GLU R 138 -75.37 -30.09 18.41
N LYS R 139 -75.87 -29.92 19.63
CA LYS R 139 -75.03 -29.66 20.80
C LYS R 139 -74.90 -30.92 21.64
N ILE R 140 -73.67 -31.25 22.02
CA ILE R 140 -73.36 -32.46 22.76
C ILE R 140 -72.50 -32.09 23.97
N ASN R 141 -72.75 -32.76 25.10
CA ASN R 141 -72.00 -32.50 26.32
C ASN R 141 -70.65 -33.20 26.26
N TYR R 142 -69.95 -33.27 27.40
CA TYR R 142 -68.62 -33.86 27.46
C TYR R 142 -68.74 -35.38 27.47
N SER R 143 -67.62 -36.05 27.74
CA SER R 143 -67.58 -37.52 27.74
C SER R 143 -68.24 -38.05 29.01
N ALA R 144 -68.18 -39.37 29.20
CA ALA R 144 -68.83 -39.98 30.35
C ALA R 144 -68.06 -39.69 31.64
N GLN R 145 -66.81 -40.15 31.71
CA GLN R 145 -65.97 -39.92 32.87
C GLN R 145 -64.97 -38.78 32.65
N ASP R 146 -65.11 -38.03 31.56
CA ASP R 146 -64.22 -36.92 31.27
C ASP R 146 -64.98 -35.60 31.28
N SER R 147 -65.84 -35.41 32.30
CA SER R 147 -66.59 -34.17 32.43
C SER R 147 -65.75 -33.06 33.05
N ASP R 148 -65.28 -33.28 34.28
CA ASP R 148 -64.47 -32.26 34.94
C ASP R 148 -63.09 -32.12 34.28
N ILE R 149 -62.61 -33.14 33.59
CA ILE R 149 -61.41 -32.99 32.75
C ILE R 149 -61.61 -31.88 31.73
N LEU R 150 -62.73 -31.91 31.01
CA LEU R 150 -62.99 -30.86 30.02
C LEU R 150 -63.64 -29.63 30.63
N THR R 151 -63.91 -29.64 31.94
CA THR R 151 -64.47 -28.47 32.61
C THR R 151 -63.40 -27.59 33.24
N THR R 152 -62.59 -28.16 34.14
CA THR R 152 -61.63 -27.34 34.88
C THR R 152 -60.42 -26.95 34.03
N ILE R 153 -60.04 -27.78 33.06
CA ILE R 153 -58.91 -27.42 32.20
C ILE R 153 -59.28 -26.24 31.31
N GLY R 154 -60.47 -26.25 30.74
CA GLY R 154 -60.93 -25.16 29.91
C GLY R 154 -60.94 -25.56 28.44
N PHE R 155 -61.95 -25.08 27.72
CA PHE R 155 -62.04 -25.35 26.29
C PHE R 155 -60.88 -24.72 25.54
N ARG R 156 -60.51 -23.50 25.89
CA ARG R 156 -59.39 -22.79 25.30
C ARG R 156 -58.57 -22.13 26.41
N PRO R 157 -57.29 -21.88 26.16
CA PRO R 157 -56.50 -21.12 27.15
C PRO R 157 -57.06 -19.73 27.34
N ASP R 158 -56.84 -19.18 28.53
CA ASP R 158 -57.39 -17.89 28.89
C ASP R 158 -56.90 -16.80 27.94
N VAL R 159 -57.70 -15.72 27.84
CA VAL R 159 -57.40 -14.63 26.95
C VAL R 159 -56.09 -13.95 27.32
N ALA R 160 -55.68 -14.04 28.58
CA ALA R 160 -54.39 -13.49 29.00
C ALA R 160 -53.21 -14.29 28.44
N SER R 161 -53.44 -15.49 27.92
CA SER R 161 -52.38 -16.33 27.39
C SER R 161 -52.19 -16.15 25.88
N VAL R 162 -53.00 -15.33 25.22
CA VAL R 162 -52.87 -15.11 23.79
C VAL R 162 -52.34 -13.73 23.45
N ASP R 163 -52.55 -12.73 24.30
CA ASP R 163 -52.04 -11.39 24.04
C ASP R 163 -50.58 -11.21 24.43
N ASP R 164 -50.01 -12.16 25.18
CA ASP R 164 -48.62 -12.06 25.60
C ASP R 164 -47.68 -12.96 24.82
N SER R 165 -48.20 -14.00 24.17
CA SER R 165 -47.36 -14.94 23.43
C SER R 165 -47.15 -14.53 21.98
N ARG R 166 -47.74 -13.42 21.53
CA ARG R 166 -47.58 -12.99 20.15
C ARG R 166 -46.23 -12.36 19.86
N GLU R 167 -45.51 -11.92 20.89
CA GLU R 167 -44.18 -11.37 20.69
C GLU R 167 -43.19 -12.50 20.44
N LYS R 168 -42.41 -12.37 19.37
CA LYS R 168 -41.47 -13.41 18.96
C LYS R 168 -40.06 -12.99 19.34
N PHE R 169 -39.37 -13.85 20.07
CA PHE R 169 -38.01 -13.60 20.52
C PHE R 169 -37.06 -14.59 19.87
N THR R 170 -35.97 -14.07 19.29
CA THR R 170 -34.98 -14.93 18.66
C THR R 170 -34.18 -15.69 19.72
N PRO R 171 -33.53 -16.78 19.34
CA PRO R 171 -32.75 -17.55 20.33
C PRO R 171 -31.69 -16.74 21.05
N ALA R 172 -31.09 -15.76 20.38
CA ALA R 172 -30.12 -14.89 21.06
C ALA R 172 -30.80 -14.11 22.19
N GLN R 173 -31.98 -13.56 21.93
CA GLN R 173 -32.73 -12.88 22.99
C GLN R 173 -33.09 -13.85 24.11
N ASN R 174 -33.51 -15.07 23.76
CA ASN R 174 -33.86 -16.05 24.77
C ASN R 174 -32.68 -16.38 25.67
N MET R 175 -31.51 -16.59 25.09
CA MET R 175 -30.34 -16.96 25.89
C MET R 175 -29.85 -15.79 26.73
N ILE R 176 -29.86 -14.57 26.17
CA ILE R 176 -29.40 -13.43 26.93
C ILE R 176 -30.35 -13.15 28.09
N PHE R 177 -31.66 -13.30 27.88
CA PHE R 177 -32.60 -13.14 28.98
C PHE R 177 -32.47 -14.28 29.99
N SER R 178 -32.14 -15.49 29.54
CA SER R 178 -31.95 -16.60 30.47
C SER R 178 -30.77 -16.33 31.39
N ARG R 179 -29.63 -15.89 30.84
CA ARG R 179 -28.49 -15.60 31.70
C ARG R 179 -28.76 -14.37 32.57
N LYS R 180 -29.49 -13.38 32.06
CA LYS R 180 -29.86 -12.23 32.86
C LYS R 180 -30.70 -12.65 34.06
N SER R 181 -31.69 -13.52 33.84
CA SER R 181 -32.46 -14.09 34.94
C SER R 181 -31.59 -14.96 35.84
N ALA R 182 -30.52 -15.53 35.30
CA ALA R 182 -29.59 -16.30 36.13
C ALA R 182 -28.90 -15.40 37.15
N GLN R 183 -28.35 -14.26 36.72
CA GLN R 183 -27.77 -13.38 37.73
C GLN R 183 -28.86 -12.73 38.59
N LEU R 184 -30.08 -12.58 38.07
CA LEU R 184 -31.19 -12.15 38.89
C LEU R 184 -31.42 -13.10 40.06
N ALA R 185 -31.47 -14.40 39.77
CA ALA R 185 -31.64 -15.40 40.81
C ALA R 185 -30.44 -15.41 41.77
N SER R 186 -29.24 -15.22 41.23
CA SER R 186 -28.06 -15.15 42.10
C SER R 186 -28.17 -13.99 43.08
N ARG R 187 -28.60 -12.81 42.60
CA ARG R 187 -28.80 -11.68 43.50
C ARG R 187 -29.92 -11.94 44.50
N GLN R 188 -31.01 -12.56 44.04
CA GLN R 188 -32.13 -12.83 44.94
C GLN R 188 -31.76 -13.81 46.03
N SER R 189 -30.85 -14.75 45.74
CA SER R 189 -30.38 -15.67 46.76
C SER R 189 -29.66 -14.93 47.89
N VAL R 190 -28.87 -13.93 47.54
CA VAL R 190 -28.16 -13.13 48.53
C VAL R 190 -29.13 -12.23 49.27
N THR S 4 -85.43 31.47 5.31
CA THR S 4 -86.13 30.25 4.95
C THR S 4 -85.14 29.19 4.44
N ALA S 5 -83.85 29.51 4.54
CA ALA S 5 -82.82 28.56 4.11
C ALA S 5 -82.84 27.31 4.97
N LEU S 6 -83.08 27.47 6.28
CA LEU S 6 -83.15 26.31 7.16
C LEU S 6 -84.30 25.39 6.79
N GLN S 7 -85.47 25.97 6.46
CA GLN S 7 -86.61 25.16 6.05
C GLN S 7 -86.33 24.46 4.73
N GLN S 8 -85.65 25.15 3.79
CA GLN S 8 -85.28 24.53 2.53
C GLN S 8 -84.35 23.34 2.75
N ALA S 9 -83.35 23.52 3.63
CA ALA S 9 -82.48 22.39 3.96
C ALA S 9 -83.27 21.26 4.59
N PHE S 10 -84.23 21.59 5.46
CA PHE S 10 -85.03 20.56 6.12
C PHE S 10 -85.82 19.73 5.13
N ASP S 11 -86.58 20.38 4.24
CA ASP S 11 -87.42 19.57 3.36
C ASP S 11 -86.62 18.92 2.25
N THR S 12 -85.47 19.50 1.84
CA THR S 12 -84.64 18.78 0.88
C THR S 12 -84.00 17.55 1.53
N CYS S 13 -83.67 17.62 2.82
CA CYS S 13 -83.22 16.43 3.54
C CYS S 13 -84.34 15.41 3.63
N GLN S 14 -85.58 15.87 3.82
CA GLN S 14 -86.71 14.96 3.82
C GLN S 14 -86.88 14.26 2.47
N ASN S 15 -86.73 15.01 1.38
CA ASN S 15 -86.79 14.40 0.05
C ASN S 15 -85.66 13.39 -0.15
N ASN S 16 -84.46 13.72 0.32
CA ASN S 16 -83.35 12.78 0.23
C ASN S 16 -83.64 11.50 1.02
N LYS S 17 -84.24 11.65 2.20
CA LYS S 17 -84.63 10.48 2.99
C LYS S 17 -85.64 9.63 2.25
N ALA S 18 -86.66 10.26 1.67
CA ALA S 18 -87.67 9.51 0.94
C ALA S 18 -87.06 8.78 -0.26
N ALA S 19 -86.18 9.47 -0.99
CA ALA S 19 -85.54 8.84 -2.14
C ALA S 19 -84.66 7.67 -1.72
N TRP S 20 -83.91 7.82 -0.63
CA TRP S 20 -83.06 6.72 -0.16
C TRP S 20 -83.90 5.54 0.31
N LEU S 21 -85.00 5.81 1.02
CA LEU S 21 -85.88 4.72 1.46
C LEU S 21 -86.47 3.96 0.27
N GLN S 22 -86.99 4.69 -0.73
CA GLN S 22 -87.58 4.00 -1.87
C GLN S 22 -86.51 3.26 -2.68
N ARG S 23 -85.29 3.80 -2.73
CA ARG S 23 -84.19 3.09 -3.38
C ARG S 23 -83.90 1.78 -2.67
N LYS S 24 -83.87 1.80 -1.33
CA LYS S 24 -83.64 0.55 -0.60
C LYS S 24 -84.77 -0.45 -0.82
N ASN S 25 -86.02 0.03 -0.83
CA ASN S 25 -87.14 -0.88 -1.04
C ASN S 25 -87.08 -1.53 -2.42
N GLU S 26 -86.81 -0.73 -3.45
CA GLU S 26 -86.75 -1.30 -4.80
C GLU S 26 -85.53 -2.20 -4.98
N LEU S 27 -84.41 -1.87 -4.34
CA LEU S 27 -83.25 -2.75 -4.37
C LEU S 27 -83.57 -4.09 -3.69
N ALA S 28 -84.27 -4.05 -2.56
CA ALA S 28 -84.67 -5.28 -1.90
C ALA S 28 -85.59 -6.11 -2.78
N ALA S 29 -86.54 -5.46 -3.46
CA ALA S 29 -87.42 -6.19 -4.36
C ALA S 29 -86.65 -6.84 -5.51
N ALA S 30 -85.72 -6.08 -6.10
CA ALA S 30 -84.92 -6.62 -7.20
C ALA S 30 -84.05 -7.79 -6.73
N GLU S 31 -83.46 -7.66 -5.54
CA GLU S 31 -82.64 -8.75 -5.01
C GLU S 31 -83.50 -9.98 -4.72
N GLN S 32 -84.72 -9.78 -4.20
CA GLN S 32 -85.63 -10.89 -3.97
C GLN S 32 -85.97 -11.61 -5.27
N GLU S 33 -86.27 -10.85 -6.33
CA GLU S 33 -86.55 -11.47 -7.61
C GLU S 33 -85.34 -12.22 -8.14
N TYR S 34 -84.15 -11.61 -8.02
CA TYR S 34 -82.93 -12.26 -8.49
C TYR S 34 -82.68 -13.58 -7.77
N LEU S 35 -82.80 -13.59 -6.44
CA LEU S 35 -82.57 -14.81 -5.69
C LEU S 35 -83.65 -15.84 -5.96
N ARG S 36 -84.90 -15.42 -6.15
CA ARG S 36 -85.96 -16.37 -6.48
C ARG S 36 -85.69 -17.04 -7.82
N LEU S 37 -85.28 -16.28 -8.83
CA LEU S 37 -84.99 -16.88 -10.12
C LEU S 37 -83.71 -17.72 -10.08
N LEU S 38 -82.74 -17.34 -9.25
CA LEU S 38 -81.54 -18.16 -9.09
C LEU S 38 -81.89 -19.50 -8.44
N SER S 39 -82.74 -19.49 -7.41
CA SER S 39 -83.15 -20.72 -6.75
C SER S 39 -84.05 -21.56 -7.66
N GLY S 40 -84.81 -20.92 -8.54
CA GLY S 40 -85.61 -21.68 -9.49
C GLY S 40 -84.77 -22.52 -10.43
N GLU S 41 -83.59 -22.05 -10.80
CA GLU S 41 -82.66 -22.75 -11.67
C GLU S 41 -83.31 -23.07 -13.02
N GLY S 42 -83.75 -22.01 -13.69
CA GLY S 42 -84.35 -22.15 -14.99
C GLY S 42 -83.34 -22.27 -16.11
N ARG S 43 -83.85 -22.56 -17.31
CA ARG S 43 -82.98 -22.70 -18.47
C ARG S 43 -82.49 -21.35 -18.98
N ASN S 44 -83.20 -20.26 -18.69
CA ASN S 44 -82.81 -18.95 -19.17
C ASN S 44 -81.47 -18.50 -18.57
N VAL S 45 -80.70 -17.79 -19.38
CA VAL S 45 -79.39 -17.28 -18.98
C VAL S 45 -79.31 -15.77 -19.08
N SER S 46 -79.87 -15.18 -20.15
CA SER S 46 -79.83 -13.73 -20.31
C SER S 46 -80.57 -13.02 -19.18
N ARG S 47 -81.66 -13.63 -18.71
CA ARG S 47 -82.40 -13.05 -17.58
C ARG S 47 -81.51 -12.96 -16.34
N LEU S 48 -80.74 -14.01 -16.07
CA LEU S 48 -79.86 -13.99 -14.91
C LEU S 48 -78.80 -12.90 -15.03
N ASP S 49 -78.18 -12.75 -16.20
CA ASP S 49 -77.15 -11.73 -16.37
C ASP S 49 -77.73 -10.33 -16.27
N GLU S 50 -78.89 -10.09 -16.90
CA GLU S 50 -79.47 -8.77 -16.81
C GLU S 50 -79.96 -8.46 -15.40
N LEU S 51 -80.41 -9.47 -14.66
CA LEU S 51 -80.77 -9.25 -13.26
C LEU S 51 -79.55 -8.94 -12.41
N ARG S 52 -78.42 -9.59 -12.70
CA ARG S 52 -77.18 -9.25 -12.00
C ARG S 52 -76.78 -7.81 -12.27
N ASN S 53 -76.88 -7.38 -13.54
CA ASN S 53 -76.60 -5.99 -13.88
C ASN S 53 -77.55 -5.05 -13.14
N ILE S 54 -78.83 -5.40 -13.09
CA ILE S 54 -79.82 -4.57 -12.43
C ILE S 54 -79.50 -4.44 -10.95
N ILE S 55 -79.19 -5.56 -10.29
CA ILE S 55 -78.96 -5.49 -8.85
C ILE S 55 -77.68 -4.73 -8.53
N GLU S 56 -76.63 -4.89 -9.35
CA GLU S 56 -75.41 -4.13 -9.08
C GLU S 56 -75.61 -2.64 -9.30
N VAL S 57 -76.32 -2.25 -10.36
CA VAL S 57 -76.55 -0.82 -10.57
C VAL S 57 -77.49 -0.27 -9.51
N ARG S 58 -78.46 -1.07 -9.04
CA ARG S 58 -79.35 -0.61 -7.98
C ARG S 58 -78.60 -0.42 -6.67
N LYS S 59 -77.68 -1.34 -6.34
CA LYS S 59 -76.92 -1.14 -5.11
C LYS S 59 -75.96 0.03 -5.22
N TRP S 60 -75.41 0.29 -6.42
CA TRP S 60 -74.63 1.51 -6.62
C TRP S 60 -75.49 2.75 -6.42
N GLN S 61 -76.72 2.74 -6.95
CA GLN S 61 -77.62 3.87 -6.78
C GLN S 61 -77.97 4.07 -5.31
N VAL S 62 -78.18 2.98 -4.58
CA VAL S 62 -78.47 3.06 -3.15
C VAL S 62 -77.29 3.64 -2.39
N ASN S 63 -76.08 3.23 -2.75
CA ASN S 63 -74.89 3.80 -2.13
C ASN S 63 -74.79 5.30 -2.41
N GLN S 64 -75.05 5.71 -3.65
CA GLN S 64 -75.02 7.13 -3.98
C GLN S 64 -76.08 7.91 -3.21
N ALA S 65 -77.28 7.34 -3.08
CA ALA S 65 -78.34 8.00 -2.32
C ALA S 65 -77.98 8.12 -0.85
N ALA S 66 -77.37 7.08 -0.29
CA ALA S 66 -76.93 7.14 1.11
C ALA S 66 -75.86 8.20 1.30
N GLY S 67 -74.91 8.29 0.35
CA GLY S 67 -73.91 9.34 0.44
C GLY S 67 -74.51 10.72 0.36
N ARG S 68 -75.48 10.91 -0.56
CA ARG S 68 -76.16 12.19 -0.66
C ARG S 68 -76.91 12.53 0.62
N TYR S 69 -77.53 11.51 1.24
CA TYR S 69 -78.19 11.72 2.53
C TYR S 69 -77.18 12.14 3.60
N ILE S 70 -75.99 11.53 3.60
CA ILE S 70 -74.97 11.90 4.56
C ILE S 70 -74.56 13.36 4.37
N ARG S 71 -74.35 13.76 3.11
CA ARG S 71 -73.99 15.15 2.84
C ARG S 71 -75.09 16.11 3.24
N SER S 72 -76.35 15.75 2.96
CA SER S 72 -77.48 16.61 3.34
C SER S 72 -77.60 16.75 4.85
N HIS S 73 -77.41 15.64 5.58
CA HIS S 73 -77.46 15.69 7.03
C HIS S 73 -76.34 16.55 7.59
N GLU S 74 -75.13 16.41 7.04
CA GLU S 74 -74.03 17.27 7.46
C GLU S 74 -74.34 18.73 7.19
N ALA S 75 -74.92 19.02 6.03
CA ALA S 75 -75.25 20.41 5.68
C ALA S 75 -76.30 20.99 6.63
N VAL S 76 -77.36 20.23 6.93
CA VAL S 76 -78.39 20.75 7.80
C VAL S 76 -77.88 20.91 9.22
N GLN S 77 -77.02 19.99 9.68
CA GLN S 77 -76.41 20.14 10.99
C GLN S 77 -75.52 21.37 11.04
N HIS S 78 -74.75 21.61 9.98
CA HIS S 78 -73.89 22.79 9.93
C HIS S 78 -74.72 24.06 9.95
N ILE S 79 -75.83 24.08 9.21
CA ILE S 79 -76.69 25.26 9.20
C ILE S 79 -77.29 25.51 10.58
N SER S 80 -77.76 24.46 11.23
CA SER S 80 -78.33 24.62 12.58
C SER S 80 -77.29 25.11 13.56
N ILE S 81 -76.07 24.55 13.50
CA ILE S 81 -74.99 25.00 14.37
C ILE S 81 -74.66 26.46 14.09
N ARG S 82 -74.60 26.85 12.82
CA ARG S 82 -74.29 28.23 12.48
C ARG S 82 -75.34 29.18 13.05
N ASP S 83 -76.62 28.84 12.89
CA ASP S 83 -77.68 29.72 13.38
C ASP S 83 -77.65 29.83 14.90
N ARG S 84 -77.56 28.68 15.58
CA ARG S 84 -77.56 28.68 17.04
C ARG S 84 -76.36 29.43 17.59
N LEU S 85 -75.17 29.18 17.02
CA LEU S 85 -73.98 29.86 17.48
C LEU S 85 -74.07 31.36 17.21
N ASN S 86 -74.59 31.75 16.04
CA ASN S 86 -74.68 33.16 15.70
C ASN S 86 -75.60 33.91 16.66
N ASP S 87 -76.82 33.40 16.88
CA ASP S 87 -77.73 34.16 17.73
C ASP S 87 -77.35 34.06 19.21
N PHE S 88 -76.77 32.93 19.64
CA PHE S 88 -76.25 32.86 21.00
C PHE S 88 -75.12 33.86 21.23
N MET S 89 -74.19 33.93 20.28
CA MET S 89 -73.06 34.84 20.41
C MET S 89 -73.52 36.29 20.35
N GLN S 90 -74.53 36.57 19.54
CA GLN S 90 -75.13 37.90 19.55
C GLN S 90 -75.76 38.20 20.89
N GLN S 91 -76.39 37.20 21.51
CA GLN S 91 -76.97 37.38 22.84
C GLN S 91 -75.90 37.67 23.88
N HIS S 92 -74.78 36.95 23.83
CA HIS S 92 -73.73 37.03 24.83
C HIS S 92 -72.42 37.56 24.24
N GLY S 93 -72.52 38.61 23.41
CA GLY S 93 -71.32 39.18 22.82
C GLY S 93 -70.43 39.86 23.85
N THR S 94 -71.02 40.61 24.77
CA THR S 94 -70.23 41.36 25.74
C THR S 94 -69.45 40.43 26.67
N ALA S 95 -70.09 39.36 27.15
CA ALA S 95 -69.40 38.44 28.05
C ALA S 95 -68.26 37.72 27.35
N LEU S 96 -68.49 37.27 26.11
CA LEU S 96 -67.42 36.64 25.34
C LEU S 96 -66.28 37.61 25.08
N ALA S 97 -66.61 38.87 24.77
CA ALA S 97 -65.57 39.88 24.55
C ALA S 97 -64.75 40.12 25.81
N ALA S 98 -65.42 40.21 26.96
CA ALA S 98 -64.71 40.41 28.22
C ALA S 98 -63.82 39.21 28.54
N ALA S 99 -64.31 38.01 28.29
CA ALA S 99 -63.51 36.82 28.56
C ALA S 99 -62.36 36.67 27.57
N LEU S 100 -62.55 37.09 26.32
CA LEU S 100 -61.57 36.90 25.26
C LEU S 100 -60.96 38.23 24.81
N ALA S 101 -60.81 39.18 25.73
CA ALA S 101 -60.33 40.51 25.35
C ALA S 101 -58.94 40.52 24.74
N PRO S 102 -57.92 39.86 25.32
CA PRO S 102 -56.58 39.97 24.73
C PRO S 102 -56.49 39.45 23.30
N GLU S 103 -57.11 38.31 23.00
CA GLU S 103 -57.04 37.76 21.65
C GLU S 103 -57.73 38.67 20.64
N LEU S 104 -58.90 39.20 20.99
CA LEU S 104 -59.60 40.06 20.05
C LEU S 104 -58.87 41.38 19.84
N MET S 105 -58.28 41.93 20.91
CA MET S 105 -57.50 43.15 20.74
C MET S 105 -56.26 42.91 19.90
N GLY S 106 -55.60 41.75 20.08
CA GLY S 106 -54.49 41.39 19.23
C GLY S 106 -54.90 41.18 17.78
N TYR S 107 -56.12 40.68 17.55
CA TYR S 107 -56.61 40.52 16.20
C TYR S 107 -57.07 41.84 15.58
N SER S 108 -57.36 42.85 16.40
CA SER S 108 -58.00 44.07 15.90
C SER S 108 -57.14 44.79 14.86
N GLU S 109 -55.98 45.34 15.27
CA GLU S 109 -55.08 46.01 14.33
C GLU S 109 -53.64 45.61 14.64
N LEU S 110 -53.23 44.48 14.09
CA LEU S 110 -51.84 44.02 14.15
C LEU S 110 -51.53 43.32 12.82
N THR S 111 -50.34 42.72 12.75
CA THR S 111 -49.95 41.98 11.56
C THR S 111 -50.69 40.64 11.49
N ALA S 112 -50.66 40.02 10.32
CA ALA S 112 -51.45 38.82 10.08
C ALA S 112 -50.99 37.68 10.98
N ILE S 113 -49.68 37.52 11.16
CA ILE S 113 -49.17 36.38 11.93
C ILE S 113 -49.52 36.55 13.41
N ALA S 114 -49.42 37.76 13.94
CA ALA S 114 -49.81 38.00 15.33
C ALA S 114 -51.31 37.78 15.51
N ARG S 115 -52.11 38.21 14.53
CA ARG S 115 -53.55 37.96 14.58
C ARG S 115 -53.84 36.47 14.62
N ASN S 116 -53.14 35.68 13.79
CA ASN S 116 -53.35 34.24 13.78
C ASN S 116 -52.89 33.60 15.09
N CYS S 117 -51.80 34.11 15.67
CA CYS S 117 -51.34 33.59 16.95
C CYS S 117 -52.36 33.86 18.05
N ALA S 118 -52.94 35.05 18.07
CA ALA S 118 -54.02 35.34 19.02
C ALA S 118 -55.22 34.44 18.76
N ILE S 119 -55.52 34.18 17.49
CA ILE S 119 -56.60 33.25 17.13
C ILE S 119 -56.34 31.89 17.75
N GLN S 120 -55.10 31.39 17.64
CA GLN S 120 -54.78 30.06 18.15
C GLN S 120 -54.78 30.02 19.67
N ARG S 121 -54.35 31.11 20.30
CA ARG S 121 -54.44 31.19 21.75
C ARG S 121 -55.88 31.14 22.22
N ALA S 122 -56.78 31.82 21.50
CA ALA S 122 -58.20 31.68 21.82
C ALA S 122 -58.69 30.27 21.55
N THR S 123 -58.16 29.61 20.51
CA THR S 123 -58.58 28.24 20.22
C THR S 123 -58.29 27.32 21.40
N ASP S 124 -57.05 27.32 21.88
CA ASP S 124 -56.75 26.37 22.95
C ASP S 124 -57.29 26.84 24.30
N ALA S 125 -57.56 28.14 24.48
CA ALA S 125 -58.29 28.58 25.67
C ALA S 125 -59.69 27.98 25.68
N LEU S 126 -60.43 28.12 24.57
CA LEU S 126 -61.74 27.49 24.47
C LEU S 126 -61.66 25.97 24.55
N ARG S 127 -60.55 25.40 24.05
CA ARG S 127 -60.33 23.97 24.17
C ARG S 127 -60.30 23.53 25.63
N GLU S 128 -59.48 24.20 26.43
CA GLU S 128 -59.40 23.87 27.86
C GLU S 128 -60.73 24.13 28.55
N ALA S 129 -61.44 25.20 28.16
CA ALA S 129 -62.74 25.48 28.76
C ALA S 129 -63.72 24.34 28.50
N LEU S 130 -63.77 23.86 27.25
CA LEU S 130 -64.65 22.73 26.92
C LEU S 130 -64.24 21.46 27.64
N LEU S 131 -62.92 21.22 27.75
CA LEU S 131 -62.44 20.06 28.50
C LEU S 131 -62.93 20.10 29.94
N SER S 132 -62.78 21.24 30.60
CA SER S 132 -63.25 21.36 31.98
C SER S 132 -64.76 21.21 32.07
N TRP S 133 -65.48 21.81 31.13
CA TRP S 133 -66.94 21.75 31.16
C TRP S 133 -67.43 20.31 31.06
N LEU S 134 -66.90 19.56 30.10
CA LEU S 134 -67.33 18.16 29.97
C LEU S 134 -66.76 17.28 31.06
N ALA S 135 -65.67 17.71 31.71
CA ALA S 135 -65.24 17.04 32.94
C ALA S 135 -66.29 17.19 34.02
N LYS S 136 -66.92 18.37 34.11
CA LYS S 136 -68.06 18.53 35.01
C LYS S 136 -69.21 17.61 34.60
N GLY S 137 -69.62 17.68 33.33
CA GLY S 137 -70.55 16.72 32.77
C GLY S 137 -71.94 16.68 33.38
N GLU S 138 -72.73 17.72 33.19
CA GLU S 138 -74.11 17.74 33.66
C GLU S 138 -75.05 17.40 32.49
N LYS S 139 -76.36 17.50 32.74
CA LYS S 139 -77.33 17.22 31.70
C LYS S 139 -77.27 18.26 30.59
N ILE S 140 -77.63 17.83 29.38
CA ILE S 140 -77.44 18.65 28.19
C ILE S 140 -78.40 18.17 27.11
N ASN S 141 -78.98 19.12 26.38
CA ASN S 141 -79.93 18.82 25.32
C ASN S 141 -79.79 19.87 24.21
N TYR S 142 -80.62 19.75 23.19
CA TYR S 142 -80.61 20.68 22.07
C TYR S 142 -81.30 21.99 22.45
N SER S 143 -81.08 23.01 21.62
CA SER S 143 -81.77 24.28 21.81
C SER S 143 -83.24 24.13 21.48
N ALA S 144 -84.09 24.74 22.33
CA ALA S 144 -85.53 24.56 22.18
C ALA S 144 -86.07 25.17 20.89
N GLN S 145 -85.40 26.19 20.36
CA GLN S 145 -85.89 26.85 19.15
C GLN S 145 -85.87 25.91 17.95
N ASP S 146 -84.81 25.11 17.81
CA ASP S 146 -84.65 24.22 16.67
C ASP S 146 -84.52 22.77 17.12
N SER S 147 -85.09 22.44 18.28
CA SER S 147 -84.99 21.07 18.79
C SER S 147 -85.73 20.08 17.88
N ASP S 148 -86.98 20.41 17.53
CA ASP S 148 -87.81 19.45 16.80
C ASP S 148 -87.15 19.02 15.50
N ILE S 149 -86.68 19.98 14.71
CA ILE S 149 -86.00 19.65 13.45
C ILE S 149 -84.81 18.74 13.73
N LEU S 150 -84.05 19.04 14.79
CA LEU S 150 -82.93 18.16 15.16
C LEU S 150 -83.42 16.76 15.47
N THR S 151 -84.53 16.64 16.21
CA THR S 151 -85.07 15.33 16.50
C THR S 151 -85.53 14.61 15.24
N THR S 152 -85.81 15.37 14.17
CA THR S 152 -86.13 14.74 12.90
C THR S 152 -84.90 14.11 12.27
N ILE S 153 -83.74 14.75 12.42
CA ILE S 153 -82.51 14.27 11.79
C ILE S 153 -81.69 13.46 12.78
N GLY S 154 -81.86 13.75 14.07
CA GLY S 154 -81.15 13.01 15.10
C GLY S 154 -79.71 13.47 15.25
N PHE S 155 -79.05 12.88 16.25
CA PHE S 155 -77.64 13.19 16.49
C PHE S 155 -76.77 12.74 15.33
N ARG S 156 -77.03 11.55 14.80
CA ARG S 156 -76.31 10.99 13.66
C ARG S 156 -77.30 10.45 12.64
N PRO S 157 -76.91 10.37 11.37
CA PRO S 157 -77.79 9.77 10.36
C PRO S 157 -77.98 8.29 10.62
N ASP S 158 -78.87 7.69 9.82
CA ASP S 158 -79.16 6.27 9.97
C ASP S 158 -77.91 5.43 9.71
N VAL S 159 -77.74 4.39 10.52
CA VAL S 159 -76.57 3.53 10.40
C VAL S 159 -76.59 2.78 9.06
N ALA S 160 -77.78 2.56 8.50
CA ALA S 160 -77.87 1.91 7.20
C ALA S 160 -77.18 2.74 6.13
N SER S 161 -77.42 4.05 6.12
CA SER S 161 -76.73 4.92 5.19
C SER S 161 -75.25 4.99 5.49
N VAL S 162 -74.86 4.82 6.76
CA VAL S 162 -73.44 4.84 7.11
C VAL S 162 -72.73 3.64 6.50
N ASP S 163 -73.32 2.45 6.62
CA ASP S 163 -72.68 1.26 6.06
C ASP S 163 -72.80 1.20 4.54
N ASP S 164 -73.88 1.74 3.98
CA ASP S 164 -73.99 1.77 2.51
C ASP S 164 -72.96 2.68 1.88
N SER S 165 -72.59 3.76 2.55
CA SER S 165 -71.61 4.71 2.04
C SER S 165 -70.19 4.37 2.46
N ARG S 166 -69.98 3.24 3.12
CA ARG S 166 -68.64 2.87 3.57
C ARG S 166 -67.70 2.67 2.39
N GLU S 167 -68.17 1.99 1.34
CA GLU S 167 -67.35 1.75 0.16
C GLU S 167 -67.45 2.91 -0.82
N LYS S 168 -66.37 3.12 -1.58
CA LYS S 168 -66.26 4.21 -2.52
C LYS S 168 -66.08 3.66 -3.93
N PHE S 169 -66.07 4.56 -4.91
CA PHE S 169 -65.88 4.21 -6.31
C PHE S 169 -64.99 5.23 -6.98
N THR S 170 -64.09 4.74 -7.83
CA THR S 170 -63.21 5.63 -8.59
C THR S 170 -64.03 6.37 -9.66
N PRO S 171 -63.58 7.55 -10.08
CA PRO S 171 -64.33 8.30 -11.09
C PRO S 171 -64.57 7.53 -12.38
N ALA S 172 -63.63 6.69 -12.79
CA ALA S 172 -63.87 5.83 -13.95
C ALA S 172 -65.08 4.93 -13.72
N GLN S 173 -65.06 4.18 -12.61
CA GLN S 173 -66.20 3.35 -12.27
C GLN S 173 -67.46 4.18 -12.10
N ASN S 174 -67.32 5.44 -11.68
CA ASN S 174 -68.48 6.33 -11.66
C ASN S 174 -69.04 6.53 -13.07
N MET S 175 -68.17 6.68 -14.06
CA MET S 175 -68.62 6.81 -15.45
C MET S 175 -69.32 5.53 -15.92
N ILE S 176 -68.71 4.37 -15.63
CA ILE S 176 -69.35 3.11 -16.02
C ILE S 176 -70.72 2.97 -15.35
N PHE S 177 -70.83 3.32 -14.07
CA PHE S 177 -72.11 3.16 -13.39
C PHE S 177 -73.13 4.21 -13.81
N SER S 178 -72.68 5.40 -14.24
CA SER S 178 -73.63 6.34 -14.83
C SER S 178 -74.17 5.82 -16.15
N ARG S 179 -73.31 5.21 -16.97
CA ARG S 179 -73.79 4.54 -18.18
C ARG S 179 -74.75 3.42 -17.82
N LYS S 180 -74.46 2.68 -16.75
CA LYS S 180 -75.34 1.60 -16.31
C LYS S 180 -76.69 2.15 -15.82
N SER S 181 -76.69 3.33 -15.20
CA SER S 181 -77.96 3.94 -14.79
C SER S 181 -78.78 4.39 -16.00
N ALA S 182 -78.10 4.94 -17.01
CA ALA S 182 -78.80 5.27 -18.25
C ALA S 182 -79.39 4.03 -18.89
N GLN S 183 -78.63 2.93 -18.89
CA GLN S 183 -79.15 1.68 -19.44
C GLN S 183 -80.24 1.09 -18.55
N LEU S 184 -80.21 1.37 -17.26
CA LEU S 184 -81.32 1.03 -16.37
C LEU S 184 -82.58 1.74 -16.79
N ALA S 185 -82.47 3.04 -17.10
CA ALA S 185 -83.61 3.78 -17.59
C ALA S 185 -84.13 3.20 -18.90
N SER S 186 -83.20 2.84 -19.80
CA SER S 186 -83.61 2.21 -21.06
C SER S 186 -84.33 0.89 -20.83
N ARG S 187 -83.81 0.06 -19.91
CA ARG S 187 -84.42 -1.23 -19.63
C ARG S 187 -85.80 -1.09 -19.01
N GLN S 188 -85.95 -0.19 -18.03
CA GLN S 188 -87.25 0.02 -17.42
C GLN S 188 -88.23 0.68 -18.39
N SER S 189 -87.73 1.39 -19.41
CA SER S 189 -88.60 1.91 -20.45
C SER S 189 -89.19 0.80 -21.29
N VAL S 190 -88.44 -0.27 -21.51
CA VAL S 190 -88.90 -1.39 -22.34
C VAL S 190 -89.46 -2.51 -21.48
N THR T 4 -54.75 33.48 44.78
CA THR T 4 -53.88 34.64 44.69
C THR T 4 -52.79 34.42 43.66
N ALA T 5 -52.99 33.44 42.78
CA ALA T 5 -52.01 33.16 41.73
C ALA T 5 -51.88 34.35 40.78
N LEU T 6 -52.99 35.00 40.46
CA LEU T 6 -52.93 36.17 39.58
C LEU T 6 -52.12 37.29 40.23
N GLN T 7 -52.30 37.51 41.53
CA GLN T 7 -51.51 38.52 42.22
C GLN T 7 -50.03 38.17 42.22
N GLN T 8 -49.70 36.89 42.42
CA GLN T 8 -48.30 36.47 42.38
C GLN T 8 -47.69 36.70 41.00
N ALA T 9 -48.45 36.37 39.94
CA ALA T 9 -47.95 36.59 38.59
C ALA T 9 -47.79 38.08 38.31
N PHE T 10 -48.71 38.92 38.79
CA PHE T 10 -48.58 40.36 38.62
C PHE T 10 -47.35 40.88 39.33
N ASP T 11 -47.08 40.41 40.55
CA ASP T 11 -45.88 40.83 41.27
C ASP T 11 -44.62 40.36 40.54
N THR T 12 -44.66 39.15 39.99
CA THR T 12 -43.52 38.67 39.21
C THR T 12 -43.27 39.56 38.00
N CYS T 13 -44.33 39.93 37.28
CA CYS T 13 -44.17 40.83 36.14
C CYS T 13 -43.63 42.18 36.56
N GLN T 14 -44.12 42.71 37.69
CA GLN T 14 -43.66 44.02 38.14
C GLN T 14 -42.18 43.99 38.50
N ASN T 15 -41.74 42.98 39.23
CA ASN T 15 -40.32 42.93 39.60
C ASN T 15 -39.44 42.60 38.41
N ASN T 16 -39.94 41.82 37.45
CA ASN T 16 -39.19 41.60 36.21
C ASN T 16 -39.01 42.90 35.45
N LYS T 17 -40.08 43.70 35.36
CA LYS T 17 -39.97 45.00 34.68
C LYS T 17 -39.01 45.91 35.41
N ALA T 18 -39.05 45.92 36.75
CA ALA T 18 -38.12 46.75 37.52
C ALA T 18 -36.69 46.33 37.29
N ALA T 19 -36.43 45.02 37.28
CA ALA T 19 -35.08 44.52 37.02
C ALA T 19 -34.61 44.89 35.62
N TRP T 20 -35.49 44.76 34.63
CA TRP T 20 -35.13 45.15 33.27
C TRP T 20 -34.81 46.63 33.18
N LEU T 21 -35.61 47.47 33.84
CA LEU T 21 -35.37 48.91 33.83
C LEU T 21 -34.03 49.24 34.49
N GLN T 22 -33.73 48.61 35.63
CA GLN T 22 -32.46 48.90 36.30
C GLN T 22 -31.28 48.42 35.47
N ARG T 23 -31.43 47.29 34.77
CA ARG T 23 -30.38 46.84 33.86
C ARG T 23 -30.19 47.84 32.73
N LYS T 24 -31.29 48.38 32.20
CA LYS T 24 -31.17 49.38 31.14
C LYS T 24 -30.48 50.64 31.65
N ASN T 25 -30.81 51.09 32.87
CA ASN T 25 -30.16 52.27 33.42
C ASN T 25 -28.67 52.05 33.64
N GLU T 26 -28.29 50.89 34.17
CA GLU T 26 -26.87 50.63 34.39
C GLU T 26 -26.13 50.50 33.06
N LEU T 27 -26.77 49.91 32.05
CA LEU T 27 -26.17 49.84 30.73
C LEU T 27 -25.96 51.24 30.16
N ALA T 28 -26.95 52.11 30.31
CA ALA T 28 -26.82 53.48 29.81
C ALA T 28 -25.69 54.22 30.52
N ALA T 29 -25.60 54.04 31.85
CA ALA T 29 -24.53 54.70 32.59
C ALA T 29 -23.16 54.19 32.14
N ALA T 30 -23.01 52.87 31.97
CA ALA T 30 -21.74 52.33 31.50
C ALA T 30 -21.42 52.82 30.09
N GLU T 31 -22.44 52.92 29.24
CA GLU T 31 -22.23 53.37 27.86
C GLU T 31 -21.77 54.83 27.82
N GLN T 32 -22.42 55.69 28.60
CA GLN T 32 -22.02 57.09 28.62
C GLN T 32 -20.64 57.26 29.24
N GLU T 33 -20.30 56.45 30.25
CA GLU T 33 -18.95 56.47 30.79
C GLU T 33 -17.93 56.04 29.73
N TYR T 34 -18.26 55.02 28.94
CA TYR T 34 -17.38 54.56 27.87
C TYR T 34 -17.16 55.67 26.84
N LEU T 35 -18.23 56.34 26.42
CA LEU T 35 -18.08 57.43 25.47
C LEU T 35 -17.26 58.59 26.05
N ARG T 36 -17.50 58.93 27.32
CA ARG T 36 -16.77 60.02 27.93
C ARG T 36 -15.28 59.69 28.03
N LEU T 37 -14.94 58.46 28.38
CA LEU T 37 -13.54 58.07 28.47
C LEU T 37 -12.90 58.00 27.08
N LEU T 38 -13.63 57.53 26.08
CA LEU T 38 -13.10 57.49 24.72
C LEU T 38 -12.83 58.89 24.19
N SER T 39 -13.74 59.84 24.48
CA SER T 39 -13.56 61.20 24.02
C SER T 39 -12.43 61.92 24.74
N GLY T 40 -11.99 61.41 25.89
CA GLY T 40 -10.92 62.05 26.63
C GLY T 40 -9.59 61.95 25.90
N GLU T 41 -8.75 62.96 26.11
CA GLU T 41 -7.43 62.97 25.49
C GLU T 41 -6.56 61.83 26.00
N GLY T 42 -6.58 61.57 27.31
CA GLY T 42 -5.83 60.47 27.85
C GLY T 42 -6.42 59.13 27.45
N ARG T 43 -5.56 58.10 27.45
CA ARG T 43 -5.97 56.77 27.05
C ARG T 43 -5.60 55.75 28.14
N ASN T 44 -6.44 54.72 28.24
CA ASN T 44 -6.20 53.59 29.15
C ASN T 44 -6.77 52.36 28.46
N VAL T 45 -5.89 51.60 27.79
CA VAL T 45 -6.36 50.49 26.95
C VAL T 45 -7.04 49.42 27.79
N SER T 46 -6.50 49.14 28.98
CA SER T 46 -7.14 48.17 29.86
C SER T 46 -8.51 48.68 30.30
N ARG T 47 -8.61 49.96 30.64
CA ARG T 47 -9.90 50.54 31.01
C ARG T 47 -10.88 50.47 29.85
N LEU T 48 -10.42 50.77 28.63
CA LEU T 48 -11.30 50.71 27.47
C LEU T 48 -11.79 49.29 27.22
N ASP T 49 -10.90 48.30 27.33
CA ASP T 49 -11.28 46.92 27.07
C ASP T 49 -12.26 46.41 28.12
N GLU T 50 -12.02 46.74 29.39
CA GLU T 50 -12.95 46.29 30.43
C GLU T 50 -14.28 47.04 30.32
N LEU T 51 -14.27 48.31 29.91
CA LEU T 51 -15.53 48.98 29.63
C LEU T 51 -16.27 48.29 28.50
N ARG T 52 -15.53 47.84 27.47
CA ARG T 52 -16.16 47.17 26.34
C ARG T 52 -16.84 45.87 26.77
N ASN T 53 -16.12 45.02 27.52
CA ASN T 53 -16.75 43.75 27.88
C ASN T 53 -17.80 43.92 28.97
N ILE T 54 -17.71 44.98 29.79
CA ILE T 54 -18.81 45.31 30.69
C ILE T 54 -20.04 45.73 29.89
N ILE T 55 -19.85 46.52 28.84
CA ILE T 55 -20.97 46.86 27.96
C ILE T 55 -21.60 45.61 27.37
N GLU T 56 -20.75 44.66 26.93
CA GLU T 56 -21.28 43.44 26.33
C GLU T 56 -22.08 42.62 27.34
N VAL T 57 -21.53 42.45 28.54
CA VAL T 57 -22.23 41.65 29.55
C VAL T 57 -23.51 42.35 30.01
N ARG T 58 -23.51 43.69 30.06
CA ARG T 58 -24.72 44.42 30.39
C ARG T 58 -25.76 44.25 29.28
N LYS T 59 -25.33 44.22 28.02
CA LYS T 59 -26.26 43.96 26.93
C LYS T 59 -26.88 42.57 27.06
N TRP T 60 -26.06 41.57 27.40
CA TRP T 60 -26.60 40.23 27.62
C TRP T 60 -27.58 40.21 28.78
N GLN T 61 -27.26 40.91 29.87
CA GLN T 61 -28.15 40.97 31.02
C GLN T 61 -29.46 41.64 30.68
N VAL T 62 -29.42 42.72 29.90
CA VAL T 62 -30.65 43.41 29.50
C VAL T 62 -31.48 42.51 28.59
N ASN T 63 -30.84 41.79 27.67
CA ASN T 63 -31.57 40.86 26.81
C ASN T 63 -32.27 39.78 27.64
N GLN T 64 -31.54 39.20 28.60
CA GLN T 64 -32.13 38.17 29.44
C GLN T 64 -33.27 38.72 30.29
N ALA T 65 -33.09 39.93 30.84
CA ALA T 65 -34.14 40.54 31.65
C ALA T 65 -35.38 40.84 30.83
N ALA T 66 -35.19 41.33 29.59
CA ALA T 66 -36.33 41.59 28.72
C ALA T 66 -37.06 40.30 28.36
N GLY T 67 -36.31 39.24 28.07
CA GLY T 67 -36.94 37.97 27.79
C GLY T 67 -37.73 37.43 28.97
N ARG T 68 -37.14 37.51 30.17
CA ARG T 68 -37.84 37.06 31.37
C ARG T 68 -39.09 37.89 31.62
N TYR T 69 -39.00 39.21 31.43
CA TYR T 69 -40.15 40.08 31.64
C TYR T 69 -41.27 39.78 30.66
N ILE T 70 -40.95 39.60 29.37
CA ILE T 70 -42.00 39.31 28.41
C ILE T 70 -42.60 37.94 28.66
N ARG T 71 -41.76 36.97 29.07
CA ARG T 71 -42.30 35.65 29.41
C ARG T 71 -43.25 35.72 30.59
N SER T 72 -42.90 36.50 31.62
CA SER T 72 -43.79 36.66 32.77
C SER T 72 -45.07 37.39 32.37
N HIS T 73 -44.96 38.37 31.46
CA HIS T 73 -46.14 39.07 30.98
C HIS T 73 -47.08 38.12 30.25
N GLU T 74 -46.53 37.26 29.38
CA GLU T 74 -47.37 36.27 28.72
C GLU T 74 -47.97 35.30 29.72
N ALA T 75 -47.21 34.93 30.76
CA ALA T 75 -47.74 34.01 31.77
C ALA T 75 -48.90 34.62 32.53
N VAL T 76 -48.78 35.87 32.97
CA VAL T 76 -49.85 36.50 33.72
C VAL T 76 -51.06 36.75 32.82
N GLN T 77 -50.82 37.11 31.55
CA GLN T 77 -51.92 37.25 30.60
C GLN T 77 -52.64 35.92 30.41
N HIS T 78 -51.89 34.82 30.30
CA HIS T 78 -52.49 33.51 30.13
C HIS T 78 -53.30 33.12 31.35
N ILE T 79 -52.81 33.42 32.56
CA ILE T 79 -53.55 33.11 33.77
C ILE T 79 -54.85 33.90 33.82
N SER T 80 -54.79 35.20 33.50
CA SER T 80 -56.01 36.01 33.48
C SER T 80 -56.99 35.50 32.44
N ILE T 81 -56.51 35.16 31.25
CA ILE T 81 -57.38 34.63 30.20
C ILE T 81 -58.01 33.33 30.68
N ARG T 82 -57.23 32.46 31.33
CA ARG T 82 -57.75 31.18 31.78
C ARG T 82 -58.86 31.36 32.80
N ASP T 83 -58.65 32.21 33.81
CA ASP T 83 -59.68 32.33 34.84
C ASP T 83 -60.89 33.10 34.34
N ARG T 84 -60.70 34.06 33.41
CA ARG T 84 -61.84 34.71 32.77
C ARG T 84 -62.67 33.70 31.97
N LEU T 85 -62.00 32.85 31.18
CA LEU T 85 -62.72 31.81 30.47
C LEU T 85 -63.46 30.89 31.42
N ASN T 86 -62.80 30.50 32.53
CA ASN T 86 -63.44 29.64 33.51
C ASN T 86 -64.72 30.26 34.04
N ASP T 87 -64.61 31.39 34.75
CA ASP T 87 -65.80 31.93 35.43
C ASP T 87 -66.85 32.38 34.43
N PHE T 88 -66.45 32.87 33.25
CA PHE T 88 -67.43 33.13 32.20
C PHE T 88 -68.15 31.86 31.79
N MET T 89 -67.45 30.73 31.74
CA MET T 89 -68.11 29.52 31.26
C MET T 89 -69.07 28.95 32.31
N GLN T 90 -68.67 28.94 33.59
CA GLN T 90 -69.66 28.57 34.60
C GLN T 90 -70.79 29.60 34.68
N GLN T 91 -70.55 30.82 34.23
CA GLN T 91 -71.64 31.79 34.13
C GLN T 91 -72.64 31.38 33.06
N HIS T 92 -72.16 30.85 31.93
CA HIS T 92 -73.03 30.50 30.82
C HIS T 92 -72.81 29.07 30.33
N GLY T 93 -72.78 28.11 31.27
CA GLY T 93 -72.56 26.73 30.88
C GLY T 93 -73.69 26.17 30.04
N THR T 94 -74.94 26.45 30.43
CA THR T 94 -76.09 25.91 29.71
C THR T 94 -76.17 26.47 28.30
N ALA T 95 -75.86 27.76 28.13
CA ALA T 95 -75.94 28.37 26.81
C ALA T 95 -74.94 27.74 25.85
N LEU T 96 -73.69 27.56 26.29
CA LEU T 96 -72.69 26.92 25.44
C LEU T 96 -73.04 25.46 25.21
N ALA T 97 -73.61 24.78 26.21
CA ALA T 97 -74.02 23.40 26.04
C ALA T 97 -75.09 23.26 24.97
N ALA T 98 -76.06 24.17 24.96
CA ALA T 98 -77.12 24.12 23.96
C ALA T 98 -76.65 24.59 22.60
N ALA T 99 -75.64 25.46 22.56
CA ALA T 99 -75.18 26.02 21.29
C ALA T 99 -74.55 24.94 20.41
N LEU T 100 -73.76 24.04 20.99
CA LEU T 100 -72.99 23.04 20.26
C LEU T 100 -73.33 21.65 20.77
N ALA T 101 -74.63 21.36 20.87
CA ALA T 101 -75.07 20.14 21.54
C ALA T 101 -74.59 18.85 20.85
N PRO T 102 -74.72 18.66 19.54
CA PRO T 102 -74.26 17.38 18.94
C PRO T 102 -72.77 17.12 19.14
N GLU T 103 -71.95 18.17 19.06
CA GLU T 103 -70.51 17.98 19.26
C GLU T 103 -70.20 17.53 20.67
N LEU T 104 -70.90 18.07 21.68
CA LEU T 104 -70.70 17.59 23.03
C LEU T 104 -71.33 16.22 23.26
N MET T 105 -72.37 15.87 22.49
CA MET T 105 -72.85 14.49 22.47
C MET T 105 -71.72 13.54 22.05
N GLY T 106 -71.02 13.90 20.98
CA GLY T 106 -69.90 13.09 20.54
C GLY T 106 -68.75 13.08 21.53
N TYR T 107 -68.46 14.23 22.13
CA TYR T 107 -67.33 14.34 23.05
C TYR T 107 -67.63 13.80 24.44
N SER T 108 -68.89 13.46 24.74
CA SER T 108 -69.20 12.90 26.05
C SER T 108 -68.42 11.61 26.29
N GLU T 109 -68.44 10.71 25.31
CA GLU T 109 -67.61 9.51 25.33
C GLU T 109 -67.35 9.07 23.90
N LEU T 110 -66.09 8.88 23.56
CA LEU T 110 -65.68 8.55 22.20
C LEU T 110 -64.17 8.33 22.20
N THR T 111 -63.67 7.77 21.10
CA THR T 111 -62.23 7.55 20.96
C THR T 111 -61.51 8.87 20.73
N ALA T 112 -60.23 8.89 21.11
CA ALA T 112 -59.49 10.16 21.21
C ALA T 112 -59.44 10.89 19.87
N ILE T 113 -59.24 10.16 18.78
CA ILE T 113 -59.16 10.82 17.47
C ILE T 113 -60.51 11.45 17.11
N ALA T 114 -61.60 10.75 17.39
CA ALA T 114 -62.92 11.32 17.13
C ALA T 114 -63.24 12.46 18.09
N ARG T 115 -62.79 12.35 19.34
CA ARG T 115 -62.88 13.48 20.28
C ARG T 115 -62.23 14.72 19.67
N ASN T 116 -61.01 14.57 19.17
CA ASN T 116 -60.28 15.70 18.60
C ASN T 116 -60.97 16.22 17.34
N CYS T 117 -61.50 15.34 16.50
CA CYS T 117 -62.20 15.80 15.30
C CYS T 117 -63.46 16.59 15.66
N ALA T 118 -64.22 16.11 16.63
CA ALA T 118 -65.42 16.83 17.07
C ALA T 118 -65.05 18.20 17.63
N ILE T 119 -63.98 18.27 18.42
CA ILE T 119 -63.57 19.57 18.92
C ILE T 119 -63.03 20.45 17.81
N GLN T 120 -62.42 19.88 16.77
CA GLN T 120 -61.99 20.68 15.63
C GLN T 120 -63.19 21.34 14.96
N ARG T 121 -64.26 20.56 14.74
CA ARG T 121 -65.47 21.14 14.17
C ARG T 121 -66.06 22.21 15.08
N ALA T 122 -66.17 21.92 16.37
CA ALA T 122 -66.74 22.89 17.30
C ALA T 122 -65.89 24.16 17.32
N THR T 123 -64.57 24.02 17.35
CA THR T 123 -63.69 25.16 17.48
C THR T 123 -63.71 26.04 16.23
N ASP T 124 -63.65 25.43 15.04
CA ASP T 124 -63.60 26.29 13.86
C ASP T 124 -64.98 26.89 13.58
N ALA T 125 -66.06 26.25 14.04
CA ALA T 125 -67.35 26.93 14.01
C ALA T 125 -67.37 28.12 14.96
N LEU T 126 -66.89 27.93 16.20
CA LEU T 126 -66.77 29.05 17.13
C LEU T 126 -65.94 30.16 16.52
N ARG T 127 -64.90 29.81 15.75
CA ARG T 127 -63.99 30.82 15.25
C ARG T 127 -64.59 31.55 14.05
N GLU T 128 -65.37 30.87 13.21
CA GLU T 128 -66.05 31.60 12.15
C GLU T 128 -67.05 32.58 12.75
N ALA T 129 -67.75 32.18 13.81
CA ALA T 129 -68.67 33.11 14.48
C ALA T 129 -67.92 34.31 15.08
N LEU T 130 -66.84 34.05 15.81
CA LEU T 130 -66.10 35.14 16.45
C LEU T 130 -65.42 36.02 15.40
N LEU T 131 -64.99 35.43 14.28
CA LEU T 131 -64.41 36.19 13.20
C LEU T 131 -65.42 37.13 12.57
N SER T 132 -66.65 36.65 12.36
CA SER T 132 -67.71 37.54 11.89
C SER T 132 -67.96 38.67 12.89
N TRP T 133 -68.00 38.33 14.17
CA TRP T 133 -68.23 39.36 15.20
C TRP T 133 -67.15 40.43 15.15
N LEU T 134 -65.88 40.01 15.09
CA LEU T 134 -64.78 40.96 15.05
C LEU T 134 -64.71 41.72 13.75
N ALA T 135 -65.20 41.15 12.65
CA ALA T 135 -65.23 41.82 11.37
C ALA T 135 -66.41 42.79 11.23
N LYS T 136 -67.42 42.68 12.11
CA LYS T 136 -68.50 43.65 12.08
C LYS T 136 -68.01 45.05 12.42
N GLY T 137 -67.01 45.17 13.30
CA GLY T 137 -66.38 46.45 13.54
C GLY T 137 -66.77 47.18 14.81
N GLU T 138 -66.83 46.47 15.93
CA GLU T 138 -67.13 47.07 17.22
C GLU T 138 -65.92 46.94 18.14
N LYS T 139 -65.88 47.80 19.15
CA LYS T 139 -64.76 47.88 20.09
C LYS T 139 -65.28 47.71 21.51
N ILE T 140 -64.44 47.13 22.37
CA ILE T 140 -64.78 46.83 23.75
C ILE T 140 -63.73 47.42 24.67
N ASN T 141 -63.88 47.15 25.96
CA ASN T 141 -62.91 47.51 27.00
C ASN T 141 -62.50 46.25 27.77
N TYR T 142 -61.66 46.45 28.77
CA TYR T 142 -61.05 45.33 29.49
C TYR T 142 -62.09 44.58 30.32
N SER T 143 -61.68 43.43 30.86
CA SER T 143 -62.55 42.66 31.73
C SER T 143 -62.85 43.44 33.00
N ALA T 144 -64.10 43.38 33.45
CA ALA T 144 -64.52 44.20 34.58
C ALA T 144 -63.78 43.81 35.86
N GLN T 145 -63.61 42.52 36.10
CA GLN T 145 -63.01 42.08 37.37
C GLN T 145 -61.52 42.40 37.43
N ASP T 146 -60.80 42.24 36.31
CA ASP T 146 -59.36 42.38 36.28
C ASP T 146 -58.92 43.51 35.34
N SER T 147 -59.69 44.60 35.32
CA SER T 147 -59.32 45.74 34.48
C SER T 147 -58.04 46.41 34.98
N ASP T 148 -57.92 46.57 36.30
CA ASP T 148 -56.78 47.29 36.86
C ASP T 148 -55.47 46.57 36.56
N ILE T 149 -55.45 45.24 36.71
CA ILE T 149 -54.22 44.49 36.46
C ILE T 149 -53.84 44.57 34.99
N LEU T 150 -54.81 44.47 34.09
CA LEU T 150 -54.52 44.58 32.67
C LEU T 150 -53.99 45.96 32.31
N THR T 151 -54.57 47.01 32.91
CA THR T 151 -54.06 48.36 32.66
C THR T 151 -52.65 48.53 33.18
N THR T 152 -52.36 48.01 34.38
CA THR T 152 -51.01 48.13 34.93
C THR T 152 -49.98 47.38 34.09
N ILE T 153 -50.31 46.16 33.66
CA ILE T 153 -49.36 45.40 32.85
C ILE T 153 -49.40 45.81 31.39
N GLY T 154 -50.45 46.48 30.95
CA GLY T 154 -50.56 46.91 29.58
C GLY T 154 -51.08 45.81 28.66
N PHE T 155 -51.62 46.24 27.52
CA PHE T 155 -52.11 45.28 26.53
C PHE T 155 -50.97 44.43 25.96
N ARG T 156 -49.85 45.07 25.64
CA ARG T 156 -48.69 44.39 25.08
C ARG T 156 -47.44 44.87 25.78
N PRO T 157 -46.38 44.06 25.80
CA PRO T 157 -45.11 44.53 26.37
C PRO T 157 -44.55 45.70 25.59
N ASP T 158 -43.76 46.52 26.28
CA ASP T 158 -43.20 47.71 25.66
C ASP T 158 -42.25 47.32 24.52
N VAL T 159 -42.18 48.20 23.51
CA VAL T 159 -41.34 47.93 22.35
C VAL T 159 -39.87 47.86 22.76
N ALA T 160 -39.47 48.68 23.73
CA ALA T 160 -38.09 48.63 24.22
C ALA T 160 -37.76 47.29 24.85
N SER T 161 -38.76 46.52 25.25
CA SER T 161 -38.54 45.18 25.79
C SER T 161 -38.52 44.10 24.72
N VAL T 162 -38.84 44.42 23.47
CA VAL T 162 -38.80 43.44 22.39
C VAL T 162 -37.80 43.79 21.30
N ASP T 163 -37.41 45.06 21.15
CA ASP T 163 -36.40 45.41 20.16
C ASP T 163 -35.02 44.90 20.54
N ASP T 164 -34.71 44.86 21.83
CA ASP T 164 -33.42 44.36 22.31
C ASP T 164 -33.37 42.84 22.37
N SER T 165 -34.50 42.17 22.30
CA SER T 165 -34.56 40.71 22.35
C SER T 165 -34.71 40.07 20.97
N ARG T 166 -34.59 40.87 19.90
CA ARG T 166 -34.71 40.32 18.56
C ARG T 166 -33.60 39.32 18.25
N GLU T 167 -32.37 39.65 18.64
CA GLU T 167 -31.23 38.77 18.39
C GLU T 167 -31.15 37.69 19.47
N LYS T 168 -30.65 36.53 19.07
CA LYS T 168 -30.55 35.37 19.93
C LYS T 168 -29.08 35.04 20.23
N PHE T 169 -28.89 34.22 21.26
CA PHE T 169 -27.57 33.79 21.69
C PHE T 169 -27.50 32.26 21.70
N THR T 170 -26.37 31.73 21.23
CA THR T 170 -26.15 30.29 21.25
C THR T 170 -25.88 29.83 22.67
N PRO T 171 -26.11 28.54 22.95
CA PRO T 171 -25.93 28.05 24.33
C PRO T 171 -24.53 28.28 24.90
N ALA T 172 -23.49 28.10 24.10
CA ALA T 172 -22.13 28.36 24.59
C ALA T 172 -21.94 29.83 24.91
N GLN T 173 -22.43 30.72 24.04
CA GLN T 173 -22.36 32.15 24.32
C GLN T 173 -23.11 32.49 25.60
N ASN T 174 -24.32 31.94 25.77
CA ASN T 174 -25.08 32.21 26.99
C ASN T 174 -24.33 31.74 28.23
N MET T 175 -23.73 30.54 28.15
CA MET T 175 -22.99 30.01 29.30
C MET T 175 -21.81 30.90 29.65
N ILE T 176 -21.04 31.35 28.65
CA ILE T 176 -19.86 32.16 28.96
C ILE T 176 -20.28 33.55 29.43
N PHE T 177 -21.38 34.10 28.88
CA PHE T 177 -21.88 35.38 29.38
C PHE T 177 -22.30 35.26 30.84
N SER T 178 -22.98 34.16 31.19
CA SER T 178 -23.35 33.96 32.58
C SER T 178 -22.12 33.82 33.47
N ARG T 179 -21.10 33.11 33.00
CA ARG T 179 -19.89 32.92 33.79
C ARG T 179 -19.20 34.26 34.05
N LYS T 180 -19.03 35.08 33.02
CA LYS T 180 -18.37 36.36 33.24
C LYS T 180 -19.28 37.36 33.95
N SER T 181 -20.60 37.20 33.88
CA SER T 181 -21.48 38.01 34.71
C SER T 181 -21.30 37.67 36.19
N ALA T 182 -21.17 36.38 36.50
CA ALA T 182 -20.87 35.98 37.87
C ALA T 182 -19.50 36.50 38.30
N GLN T 183 -18.53 36.48 37.39
CA GLN T 183 -17.22 37.05 37.70
C GLN T 183 -17.33 38.55 37.99
N LEU T 184 -18.12 39.28 37.19
CA LEU T 184 -18.34 40.69 37.44
C LEU T 184 -19.01 40.92 38.79
N ALA T 185 -19.99 40.10 39.14
CA ALA T 185 -20.65 40.23 40.44
C ALA T 185 -19.66 40.01 41.58
N SER T 186 -18.80 38.99 41.44
CA SER T 186 -17.79 38.75 42.46
C SER T 186 -16.82 39.91 42.57
N ARG T 187 -16.40 40.47 41.43
CA ARG T 187 -15.48 41.61 41.45
C ARG T 187 -16.12 42.82 42.10
N GLN T 188 -17.39 43.09 41.78
CA GLN T 188 -18.08 44.23 42.39
C GLN T 188 -18.31 44.04 43.88
N SER T 189 -18.56 42.79 44.31
CA SER T 189 -18.72 42.52 45.74
C SER T 189 -17.44 42.83 46.50
N VAL T 190 -16.30 42.47 45.95
CA VAL T 190 -15.01 42.74 46.58
C VAL T 190 -14.68 44.22 46.49
N THR U 4 -34.30 77.02 -25.65
CA THR U 4 -35.62 76.41 -25.63
C THR U 4 -35.56 74.97 -25.15
N ALA U 5 -34.35 74.52 -24.79
CA ALA U 5 -34.19 73.17 -24.27
C ALA U 5 -34.94 72.98 -22.96
N LEU U 6 -34.92 74.00 -22.09
CA LEU U 6 -35.65 73.90 -20.83
C LEU U 6 -37.15 73.78 -21.06
N GLN U 7 -37.69 74.55 -22.02
CA GLN U 7 -39.11 74.44 -22.34
C GLN U 7 -39.44 73.08 -22.95
N GLN U 8 -38.52 72.54 -23.76
CA GLN U 8 -38.72 71.20 -24.31
C GLN U 8 -38.77 70.15 -23.21
N ALA U 9 -37.86 70.25 -22.24
CA ALA U 9 -37.92 69.33 -21.10
C ALA U 9 -39.22 69.51 -20.32
N PHE U 10 -39.65 70.76 -20.14
CA PHE U 10 -40.85 71.03 -19.37
C PHE U 10 -42.08 70.40 -20.02
N ASP U 11 -42.30 70.67 -21.31
CA ASP U 11 -43.51 70.14 -21.92
C ASP U 11 -43.40 68.64 -22.21
N THR U 12 -42.18 68.11 -22.39
CA THR U 12 -42.02 66.67 -22.46
C THR U 12 -42.44 66.01 -21.14
N CYS U 13 -42.00 66.58 -20.02
CA CYS U 13 -42.43 66.06 -18.72
C CYS U 13 -43.94 66.20 -18.54
N GLN U 14 -44.50 67.31 -19.01
CA GLN U 14 -45.94 67.53 -18.88
C GLN U 14 -46.73 66.46 -19.63
N ASN U 15 -46.37 66.21 -20.90
CA ASN U 15 -47.12 65.21 -21.66
C ASN U 15 -46.85 63.80 -21.15
N ASN U 16 -45.64 63.53 -20.65
CA ASN U 16 -45.37 62.23 -20.05
C ASN U 16 -46.24 62.01 -18.81
N LYS U 17 -46.37 63.04 -17.97
CA LYS U 17 -47.23 62.95 -16.79
C LYS U 17 -48.69 62.75 -17.20
N ALA U 18 -49.13 63.47 -18.22
CA ALA U 18 -50.51 63.31 -18.70
C ALA U 18 -50.75 61.89 -19.21
N ALA U 19 -49.81 61.35 -19.97
CA ALA U 19 -49.94 59.98 -20.47
C ALA U 19 -49.95 58.97 -19.34
N TRP U 20 -49.09 59.18 -18.34
CA TRP U 20 -49.07 58.27 -17.18
C TRP U 20 -50.39 58.31 -16.42
N LEU U 21 -50.95 59.52 -16.24
CA LEU U 21 -52.24 59.64 -15.57
C LEU U 21 -53.35 58.97 -16.38
N GLN U 22 -53.32 59.13 -17.70
CA GLN U 22 -54.32 58.47 -18.54
C GLN U 22 -54.20 56.95 -18.46
N ARG U 23 -52.97 56.44 -18.45
CA ARG U 23 -52.77 55.00 -18.30
C ARG U 23 -53.27 54.51 -16.95
N LYS U 24 -53.02 55.27 -15.89
CA LYS U 24 -53.52 54.89 -14.57
C LYS U 24 -55.04 54.87 -14.54
N ASN U 25 -55.67 55.87 -15.16
CA ASN U 25 -57.13 55.90 -15.22
C ASN U 25 -57.68 54.71 -16.00
N GLU U 26 -57.04 54.37 -17.12
CA GLU U 26 -57.47 53.21 -17.89
C GLU U 26 -57.31 51.92 -17.08
N LEU U 27 -56.20 51.79 -16.35
CA LEU U 27 -56.01 50.61 -15.52
C LEU U 27 -57.06 50.53 -14.41
N ALA U 28 -57.39 51.67 -13.80
CA ALA U 28 -58.43 51.68 -12.78
C ALA U 28 -59.79 51.28 -13.35
N ALA U 29 -60.12 51.79 -14.54
CA ALA U 29 -61.38 51.42 -15.17
C ALA U 29 -61.41 49.94 -15.51
N ALA U 30 -60.31 49.41 -16.02
CA ALA U 30 -60.25 47.98 -16.35
C ALA U 30 -60.40 47.13 -15.08
N GLU U 31 -59.75 47.52 -14.00
CA GLU U 31 -59.88 46.78 -12.74
C GLU U 31 -61.31 46.85 -12.21
N GLN U 32 -61.95 48.01 -12.33
CA GLN U 32 -63.34 48.14 -11.90
C GLN U 32 -64.24 47.23 -12.71
N GLU U 33 -64.06 47.20 -14.04
CA GLU U 33 -64.85 46.31 -14.87
C GLU U 33 -64.60 44.85 -14.52
N TYR U 34 -63.34 44.49 -14.26
CA TYR U 34 -63.01 43.12 -13.90
C TYR U 34 -63.68 42.71 -12.60
N LEU U 35 -63.65 43.58 -11.58
CA LEU U 35 -64.26 43.23 -10.31
C LEU U 35 -65.79 43.18 -10.43
N ARG U 36 -66.37 44.07 -11.24
CA ARG U 36 -67.81 44.01 -11.48
C ARG U 36 -68.21 42.70 -12.15
N LEU U 37 -67.43 42.27 -13.15
CA LEU U 37 -67.74 41.01 -13.82
C LEU U 37 -67.54 39.81 -12.89
N LEU U 38 -66.50 39.85 -12.05
CA LEU U 38 -66.28 38.76 -11.10
C LEU U 38 -67.41 38.69 -10.09
N SER U 39 -67.92 39.84 -9.65
CA SER U 39 -69.04 39.85 -8.72
C SER U 39 -70.30 39.26 -9.36
N GLY U 40 -70.51 39.53 -10.65
CA GLY U 40 -71.69 39.01 -11.32
C GLY U 40 -71.66 37.51 -11.45
N GLU U 41 -72.86 36.92 -11.54
CA GLU U 41 -72.98 35.48 -11.63
C GLU U 41 -72.62 34.93 -13.01
N GLY U 42 -72.63 35.78 -14.04
CA GLY U 42 -72.28 35.34 -15.37
C GLY U 42 -70.86 34.82 -15.47
N ARG U 43 -70.70 33.64 -16.07
CA ARG U 43 -69.38 33.02 -16.18
C ARG U 43 -68.42 33.87 -17.00
N ASN U 44 -68.72 34.03 -18.30
CA ASN U 44 -67.92 34.85 -19.20
C ASN U 44 -66.43 34.50 -19.10
N VAL U 45 -66.14 33.23 -19.34
CA VAL U 45 -64.79 32.71 -19.11
C VAL U 45 -63.79 33.39 -20.03
N SER U 46 -64.08 33.43 -21.33
CA SER U 46 -63.19 34.12 -22.26
C SER U 46 -63.17 35.62 -21.98
N ARG U 47 -64.32 36.19 -21.62
CA ARG U 47 -64.38 37.61 -21.27
C ARG U 47 -63.51 37.89 -20.04
N LEU U 48 -63.57 37.01 -19.03
CA LEU U 48 -62.72 37.18 -17.85
C LEU U 48 -61.25 37.03 -18.19
N ASP U 49 -60.90 36.07 -19.06
CA ASP U 49 -59.51 35.89 -19.43
C ASP U 49 -58.97 37.12 -20.17
N GLU U 50 -59.76 37.67 -21.10
CA GLU U 50 -59.29 38.85 -21.81
C GLU U 50 -59.29 40.08 -20.90
N LEU U 51 -60.15 40.12 -19.88
CA LEU U 51 -60.04 41.16 -18.87
C LEU U 51 -58.74 41.04 -18.07
N ARG U 52 -58.35 39.81 -17.72
CA ARG U 52 -57.07 39.63 -17.05
C ARG U 52 -55.92 40.07 -17.94
N ASN U 53 -55.99 39.74 -19.23
CA ASN U 53 -54.96 40.17 -20.17
C ASN U 53 -54.91 41.70 -20.26
N ILE U 54 -56.07 42.34 -20.35
CA ILE U 54 -56.07 43.79 -20.52
C ILE U 54 -55.58 44.48 -19.24
N ILE U 55 -55.93 43.94 -18.07
CA ILE U 55 -55.46 44.59 -16.84
C ILE U 55 -53.96 44.41 -16.68
N GLU U 56 -53.42 43.22 -17.02
CA GLU U 56 -51.98 43.05 -16.91
C GLU U 56 -51.23 43.92 -17.90
N VAL U 57 -51.72 44.03 -19.14
CA VAL U 57 -51.01 44.88 -20.09
C VAL U 57 -51.16 46.35 -19.71
N ARG U 58 -52.30 46.74 -19.14
CA ARG U 58 -52.47 48.11 -18.70
C ARG U 58 -51.56 48.46 -17.54
N LYS U 59 -51.37 47.53 -16.59
CA LYS U 59 -50.44 47.81 -15.50
C LYS U 59 -48.99 47.82 -15.99
N TRP U 60 -48.66 46.98 -16.97
CA TRP U 60 -47.33 47.08 -17.58
C TRP U 60 -47.13 48.43 -18.26
N GLN U 61 -48.15 48.90 -18.97
CA GLN U 61 -48.08 50.21 -19.61
C GLN U 61 -47.96 51.33 -18.57
N VAL U 62 -48.66 51.18 -17.44
CA VAL U 62 -48.56 52.15 -16.36
C VAL U 62 -47.13 52.18 -15.82
N ASN U 63 -46.54 51.01 -15.63
CA ASN U 63 -45.15 50.95 -15.17
C ASN U 63 -44.21 51.62 -16.17
N GLN U 64 -44.40 51.34 -17.46
CA GLN U 64 -43.55 51.96 -18.48
C GLN U 64 -43.71 53.48 -18.49
N ALA U 65 -44.95 53.96 -18.40
CA ALA U 65 -45.21 55.40 -18.39
C ALA U 65 -44.61 56.06 -17.16
N ALA U 66 -44.72 55.40 -16.00
CA ALA U 66 -44.13 55.95 -14.78
C ALA U 66 -42.61 56.00 -14.89
N GLY U 67 -42.00 54.97 -15.47
CA GLY U 67 -40.56 55.01 -15.67
C GLY U 67 -40.13 56.11 -16.61
N ARG U 68 -40.87 56.30 -17.70
CA ARG U 68 -40.56 57.38 -18.64
C ARG U 68 -40.73 58.74 -17.98
N TYR U 69 -41.78 58.90 -17.17
CA TYR U 69 -42.00 60.16 -16.48
C TYR U 69 -40.89 60.44 -15.47
N ILE U 70 -40.43 59.41 -14.75
CA ILE U 70 -39.34 59.57 -13.81
C ILE U 70 -38.06 59.95 -14.55
N ARG U 71 -37.80 59.31 -15.69
CA ARG U 71 -36.62 59.65 -16.48
C ARG U 71 -36.69 61.09 -16.98
N SER U 72 -37.86 61.53 -17.43
CA SER U 72 -38.00 62.92 -17.88
C SER U 72 -37.85 63.89 -16.72
N HIS U 73 -38.34 63.52 -15.54
CA HIS U 73 -38.14 64.34 -14.35
C HIS U 73 -36.66 64.49 -14.04
N GLU U 74 -35.92 63.39 -14.08
CA GLU U 74 -34.48 63.45 -13.86
C GLU U 74 -33.80 64.30 -14.92
N ALA U 75 -34.21 64.16 -16.17
CA ALA U 75 -33.61 64.93 -17.26
C ALA U 75 -33.83 66.43 -17.08
N VAL U 76 -35.07 66.82 -16.75
CA VAL U 76 -35.36 68.25 -16.60
C VAL U 76 -34.66 68.81 -15.37
N GLN U 77 -34.59 68.03 -14.29
CA GLN U 77 -33.84 68.48 -13.12
C GLN U 77 -32.36 68.66 -13.46
N HIS U 78 -31.79 67.73 -14.24
CA HIS U 78 -30.39 67.83 -14.64
C HIS U 78 -30.17 69.06 -15.51
N ILE U 79 -31.08 69.34 -16.44
CA ILE U 79 -30.94 70.51 -17.31
C ILE U 79 -31.02 71.80 -16.50
N SER U 80 -31.97 71.88 -15.56
CA SER U 80 -32.07 73.06 -14.71
C SER U 80 -30.82 73.25 -13.86
N ILE U 81 -30.32 72.16 -13.27
CA ILE U 81 -29.09 72.25 -12.50
C ILE U 81 -27.94 72.72 -13.38
N ARG U 82 -27.85 72.17 -14.60
CA ARG U 82 -26.76 72.48 -15.49
C ARG U 82 -26.77 73.96 -15.88
N ASP U 83 -27.91 74.48 -16.32
CA ASP U 83 -27.89 75.87 -16.78
C ASP U 83 -27.86 76.87 -15.62
N ARG U 84 -28.38 76.51 -14.45
CA ARG U 84 -28.17 77.35 -13.28
C ARG U 84 -26.69 77.43 -12.93
N LEU U 85 -26.01 76.28 -12.94
CA LEU U 85 -24.56 76.30 -12.75
C LEU U 85 -23.89 77.11 -13.84
N ASN U 86 -24.36 77.01 -15.08
CA ASN U 86 -23.71 77.70 -16.19
C ASN U 86 -23.80 79.22 -16.04
N ASP U 87 -24.98 79.76 -15.73
CA ASP U 87 -25.09 81.22 -15.68
C ASP U 87 -24.53 81.78 -14.37
N PHE U 88 -24.82 81.13 -13.24
CA PHE U 88 -24.11 81.46 -12.01
C PHE U 88 -22.60 81.42 -12.20
N MET U 89 -22.15 80.49 -13.02
CA MET U 89 -20.74 80.29 -13.30
C MET U 89 -20.16 81.41 -14.15
N GLN U 90 -20.87 81.77 -15.22
CA GLN U 90 -20.44 82.90 -16.04
C GLN U 90 -20.44 84.18 -15.22
N GLN U 91 -21.21 84.22 -14.13
CA GLN U 91 -21.17 85.37 -13.25
C GLN U 91 -19.95 85.36 -12.32
N HIS U 92 -19.65 84.21 -11.67
CA HIS U 92 -18.65 84.21 -10.60
C HIS U 92 -17.59 83.13 -10.77
N GLY U 93 -17.14 82.90 -12.01
CA GLY U 93 -16.03 81.99 -12.22
C GLY U 93 -14.74 82.48 -11.58
N THR U 94 -14.47 83.78 -11.68
CA THR U 94 -13.29 84.32 -11.03
C THR U 94 -13.38 84.18 -9.51
N ALA U 95 -14.57 84.40 -8.96
CA ALA U 95 -14.75 84.26 -7.51
C ALA U 95 -14.48 82.83 -7.06
N LEU U 96 -14.99 81.84 -7.80
CA LEU U 96 -14.73 80.45 -7.41
C LEU U 96 -13.28 80.07 -7.65
N ALA U 97 -12.67 80.57 -8.73
CA ALA U 97 -11.30 80.23 -9.04
C ALA U 97 -10.32 80.82 -8.03
N ALA U 98 -10.60 82.02 -7.51
CA ALA U 98 -9.74 82.57 -6.48
C ALA U 98 -9.70 81.66 -5.25
N ALA U 99 -10.81 81.02 -4.92
CA ALA U 99 -10.83 80.10 -3.79
C ALA U 99 -10.15 78.77 -4.12
N LEU U 100 -10.39 78.25 -5.33
CA LEU U 100 -9.96 76.90 -5.67
C LEU U 100 -8.57 76.84 -6.31
N ALA U 101 -7.94 78.00 -6.56
CA ALA U 101 -6.71 78.11 -7.34
C ALA U 101 -5.57 77.18 -6.93
N PRO U 102 -5.07 77.22 -5.68
CA PRO U 102 -3.71 76.71 -5.40
C PRO U 102 -3.46 75.26 -5.81
N GLU U 103 -4.47 74.60 -6.36
CA GLU U 103 -4.31 73.27 -6.95
C GLU U 103 -4.46 73.27 -8.46
N LEU U 104 -4.89 74.39 -9.08
CA LEU U 104 -5.30 74.34 -10.48
C LEU U 104 -4.81 75.50 -11.35
N MET U 105 -3.64 76.10 -11.10
CA MET U 105 -3.11 77.05 -12.08
C MET U 105 -2.67 76.33 -13.36
N GLY U 106 -1.95 75.23 -13.22
CA GLY U 106 -1.36 74.58 -14.37
C GLY U 106 -2.20 73.47 -14.97
N TYR U 107 -3.53 73.62 -14.97
CA TYR U 107 -4.40 72.59 -15.49
C TYR U 107 -4.12 72.33 -16.97
N SER U 108 -3.98 73.40 -17.76
CA SER U 108 -3.80 73.25 -19.20
C SER U 108 -2.49 72.53 -19.52
N GLU U 109 -1.41 72.87 -18.82
CA GLU U 109 -0.13 72.24 -19.06
C GLU U 109 0.01 70.89 -18.35
N LEU U 110 -0.85 70.59 -17.39
CA LEU U 110 -0.81 69.29 -16.73
C LEU U 110 -1.34 68.20 -17.66
N THR U 111 -0.78 67.00 -17.52
CA THR U 111 -1.24 65.87 -18.30
C THR U 111 -2.59 65.38 -17.79
N ALA U 112 -3.18 64.44 -18.53
CA ALA U 112 -4.55 64.00 -18.23
C ALA U 112 -4.66 63.40 -16.84
N ILE U 113 -3.69 62.56 -16.45
CA ILE U 113 -3.76 61.91 -15.14
C ILE U 113 -3.57 62.94 -14.03
N ALA U 114 -2.65 63.88 -14.21
CA ALA U 114 -2.51 64.97 -13.24
C ALA U 114 -3.73 65.86 -13.23
N ARG U 115 -4.34 66.08 -14.41
CA ARG U 115 -5.60 66.81 -14.47
C ARG U 115 -6.65 66.14 -13.59
N ASN U 116 -6.80 64.83 -13.72
CA ASN U 116 -7.79 64.11 -12.92
C ASN U 116 -7.41 64.08 -11.44
N CYS U 117 -6.13 64.06 -11.12
CA CYS U 117 -5.73 64.15 -9.71
C CYS U 117 -6.17 65.47 -9.10
N ALA U 118 -5.91 66.58 -9.80
CA ALA U 118 -6.43 67.87 -9.34
C ALA U 118 -7.96 67.86 -9.30
N ILE U 119 -8.58 67.12 -10.22
CA ILE U 119 -10.04 66.95 -10.20
C ILE U 119 -10.48 66.38 -8.87
N GLN U 120 -9.83 65.31 -8.42
CA GLN U 120 -10.24 64.66 -7.17
C GLN U 120 -9.94 65.54 -5.95
N ARG U 121 -8.81 66.25 -5.96
CA ARG U 121 -8.56 67.19 -4.86
C ARG U 121 -9.67 68.22 -4.76
N ALA U 122 -10.09 68.77 -5.91
CA ALA U 122 -11.22 69.71 -5.88
C ALA U 122 -12.52 69.00 -5.50
N THR U 123 -12.65 67.70 -5.81
CA THR U 123 -13.86 66.98 -5.43
C THR U 123 -14.01 67.00 -3.93
N ASP U 124 -12.95 66.63 -3.22
CA ASP U 124 -13.07 66.62 -1.76
C ASP U 124 -13.09 68.03 -1.15
N ALA U 125 -12.43 69.00 -1.79
CA ALA U 125 -12.58 70.39 -1.34
C ALA U 125 -14.04 70.82 -1.38
N LEU U 126 -14.72 70.56 -2.50
CA LEU U 126 -16.14 70.91 -2.60
C LEU U 126 -17.00 70.00 -1.73
N ARG U 127 -16.54 68.77 -1.47
CA ARG U 127 -17.23 67.91 -0.51
C ARG U 127 -17.36 68.61 0.83
N GLU U 128 -16.22 69.09 1.35
CA GLU U 128 -16.24 69.81 2.62
C GLU U 128 -17.01 71.12 2.51
N ALA U 129 -16.89 71.81 1.38
CA ALA U 129 -17.58 73.09 1.21
C ALA U 129 -19.10 72.92 1.31
N LEU U 130 -19.64 71.89 0.65
CA LEU U 130 -21.07 71.63 0.75
C LEU U 130 -21.45 71.02 2.09
N LEU U 131 -20.56 70.25 2.70
CA LEU U 131 -20.82 69.71 4.03
C LEU U 131 -20.97 70.82 5.05
N SER U 132 -20.29 71.95 4.84
CA SER U 132 -20.46 73.08 5.75
C SER U 132 -21.91 73.60 5.73
N TRP U 133 -22.44 73.90 4.54
CA TRP U 133 -23.85 74.27 4.43
C TRP U 133 -24.74 73.21 5.05
N LEU U 134 -24.52 71.95 4.69
CA LEU U 134 -25.40 70.89 5.14
C LEU U 134 -25.27 70.60 6.63
N ALA U 135 -24.21 71.07 7.26
CA ALA U 135 -24.08 70.99 8.71
C ALA U 135 -24.83 72.13 9.39
N LYS U 136 -24.67 73.36 8.90
CA LYS U 136 -25.47 74.45 9.46
C LYS U 136 -26.92 74.35 8.98
N GLY U 137 -27.14 74.06 7.71
CA GLY U 137 -28.44 73.64 7.21
C GLY U 137 -29.62 74.57 7.44
N GLU U 138 -29.63 75.73 6.78
CA GLU U 138 -30.81 76.60 6.81
C GLU U 138 -31.68 76.34 5.58
N LYS U 139 -32.92 76.80 5.67
CA LYS U 139 -33.88 76.57 4.59
C LYS U 139 -33.48 77.33 3.34
N ILE U 140 -33.67 76.69 2.18
CA ILE U 140 -33.29 77.26 0.90
C ILE U 140 -34.47 77.13 -0.06
N ASN U 141 -34.43 77.93 -1.12
CA ASN U 141 -35.47 77.95 -2.15
C ASN U 141 -34.84 77.79 -3.53
N TYR U 142 -35.68 77.70 -4.54
CA TYR U 142 -35.23 77.53 -5.91
C TYR U 142 -34.58 78.82 -6.43
N SER U 143 -33.95 78.71 -7.59
CA SER U 143 -33.39 79.88 -8.26
C SER U 143 -34.49 80.83 -8.71
N ALA U 144 -34.20 82.12 -8.64
CA ALA U 144 -35.21 83.13 -8.92
C ALA U 144 -35.68 83.07 -10.37
N GLN U 145 -34.76 82.81 -11.30
CA GLN U 145 -35.11 82.85 -12.72
C GLN U 145 -36.11 81.77 -13.09
N ASP U 146 -35.94 80.56 -12.55
CA ASP U 146 -36.77 79.42 -12.91
C ASP U 146 -37.42 78.78 -11.68
N SER U 147 -37.87 79.62 -10.74
CA SER U 147 -38.53 79.09 -9.55
C SER U 147 -39.86 78.43 -9.90
N ASP U 148 -40.64 79.07 -10.77
CA ASP U 148 -41.98 78.55 -11.09
C ASP U 148 -41.90 77.18 -11.75
N ILE U 149 -40.97 77.00 -12.69
CA ILE U 149 -40.84 75.72 -13.37
C ILE U 149 -40.44 74.62 -12.38
N LEU U 150 -39.45 74.90 -11.56
CA LEU U 150 -38.98 73.90 -10.59
C LEU U 150 -40.05 73.58 -9.56
N THR U 151 -40.94 74.54 -9.25
CA THR U 151 -42.07 74.23 -8.39
C THR U 151 -43.10 73.36 -9.12
N THR U 152 -43.30 73.61 -10.42
CA THR U 152 -44.25 72.80 -11.17
C THR U 152 -43.82 71.35 -11.24
N ILE U 153 -42.58 71.09 -11.65
CA ILE U 153 -42.08 69.72 -11.61
C ILE U 153 -41.93 69.24 -10.17
N GLY U 154 -41.39 70.08 -9.30
CA GLY U 154 -41.31 69.75 -7.89
C GLY U 154 -39.95 69.20 -7.51
N PHE U 155 -39.81 68.95 -6.20
CA PHE U 155 -38.54 68.48 -5.67
C PHE U 155 -38.29 67.01 -6.02
N ARG U 156 -39.32 66.17 -5.94
CA ARG U 156 -39.21 64.76 -6.25
C ARG U 156 -40.46 64.33 -7.01
N PRO U 157 -40.37 63.26 -7.80
CA PRO U 157 -41.56 62.75 -8.48
C PRO U 157 -42.56 62.16 -7.49
N ASP U 158 -43.80 62.06 -7.96
CA ASP U 158 -44.88 61.55 -7.12
C ASP U 158 -44.60 60.10 -6.72
N VAL U 159 -45.05 59.74 -5.50
CA VAL U 159 -44.85 58.39 -5.00
C VAL U 159 -45.61 57.38 -5.84
N ALA U 160 -46.75 57.79 -6.41
CA ALA U 160 -47.57 56.91 -7.23
C ALA U 160 -46.87 56.46 -8.51
N SER U 161 -45.77 57.11 -8.88
CA SER U 161 -44.98 56.67 -10.03
C SER U 161 -43.81 55.78 -9.61
N VAL U 162 -43.11 56.16 -8.55
CA VAL U 162 -41.95 55.38 -8.12
C VAL U 162 -42.38 54.03 -7.56
N ASP U 163 -43.51 53.98 -6.86
CA ASP U 163 -43.97 52.69 -6.32
C ASP U 163 -44.31 51.72 -7.44
N ASP U 164 -44.93 52.21 -8.52
CA ASP U 164 -45.20 51.36 -9.67
C ASP U 164 -43.93 51.02 -10.43
N SER U 165 -42.95 51.92 -10.44
CA SER U 165 -41.69 51.69 -11.13
C SER U 165 -40.72 50.82 -10.33
N ARG U 166 -41.08 50.46 -9.10
CA ARG U 166 -40.18 49.65 -8.27
C ARG U 166 -39.92 48.29 -8.90
N GLU U 167 -40.95 47.64 -9.41
CA GLU U 167 -40.81 46.34 -10.05
C GLU U 167 -40.46 46.50 -11.52
N LYS U 168 -39.69 45.54 -12.04
CA LYS U 168 -39.19 45.58 -13.41
C LYS U 168 -39.48 44.24 -14.09
N PHE U 169 -39.16 44.16 -15.37
CA PHE U 169 -39.36 42.95 -16.16
C PHE U 169 -38.12 42.66 -16.98
N THR U 170 -37.94 41.39 -17.32
CA THR U 170 -36.88 40.98 -18.23
C THR U 170 -37.20 41.46 -19.64
N PRO U 171 -36.17 41.65 -20.48
CA PRO U 171 -36.43 42.11 -21.85
C PRO U 171 -37.39 41.23 -22.64
N ALA U 172 -37.36 39.91 -22.43
CA ALA U 172 -38.35 39.05 -23.07
C ALA U 172 -39.75 39.40 -22.60
N GLN U 173 -39.92 39.63 -21.30
CA GLN U 173 -41.21 40.11 -20.80
C GLN U 173 -41.56 41.46 -21.41
N ASN U 174 -40.58 42.34 -21.53
CA ASN U 174 -40.83 43.65 -22.11
C ASN U 174 -41.39 43.53 -23.52
N MET U 175 -40.77 42.69 -24.36
CA MET U 175 -41.22 42.64 -25.74
C MET U 175 -42.50 41.83 -25.92
N ILE U 176 -42.74 40.81 -25.07
CA ILE U 176 -44.03 40.13 -25.16
C ILE U 176 -45.16 41.06 -24.74
N PHE U 177 -44.96 41.85 -23.67
CA PHE U 177 -45.97 42.83 -23.32
C PHE U 177 -46.11 43.92 -24.38
N SER U 178 -45.02 44.28 -25.06
CA SER U 178 -45.13 45.24 -26.16
C SER U 178 -45.99 44.70 -27.29
N ARG U 179 -45.77 43.43 -27.66
CA ARG U 179 -46.60 42.82 -28.70
C ARG U 179 -48.06 42.73 -28.27
N LYS U 180 -48.31 42.35 -27.01
CA LYS U 180 -49.67 42.26 -26.53
C LYS U 180 -50.35 43.63 -26.53
N SER U 181 -49.62 44.67 -26.12
CA SER U 181 -50.17 46.02 -26.11
C SER U 181 -50.48 46.48 -27.53
N ALA U 182 -49.59 46.20 -28.48
CA ALA U 182 -49.86 46.58 -29.87
C ALA U 182 -51.09 45.86 -30.41
N GLN U 183 -51.21 44.56 -30.13
CA GLN U 183 -52.37 43.80 -30.59
C GLN U 183 -53.66 44.33 -29.95
N LEU U 184 -53.61 44.64 -28.66
CA LEU U 184 -54.81 45.15 -27.98
C LEU U 184 -55.21 46.52 -28.50
N ALA U 185 -54.23 47.39 -28.76
CA ALA U 185 -54.52 48.70 -29.35
C ALA U 185 -55.13 48.54 -30.74
N SER U 186 -54.59 47.62 -31.54
CA SER U 186 -55.16 47.37 -32.86
C SER U 186 -56.59 46.85 -32.76
N ARG U 187 -56.85 45.95 -31.81
CA ARG U 187 -58.20 45.42 -31.64
C ARG U 187 -59.18 46.50 -31.21
N GLN U 188 -58.74 47.40 -30.31
CA GLN U 188 -59.59 48.53 -29.95
C GLN U 188 -59.84 49.44 -31.14
N SER U 189 -58.83 49.62 -31.99
CA SER U 189 -58.98 50.45 -33.18
C SER U 189 -60.03 49.88 -34.12
N VAL U 190 -60.03 48.56 -34.30
CA VAL U 190 -61.00 47.89 -35.17
C VAL U 190 -62.37 47.86 -34.48
N THR V 4 -4.94 81.65 13.11
CA THR V 4 -3.50 81.81 13.01
C THR V 4 -2.82 80.45 12.83
N ALA V 5 -3.62 79.39 12.72
CA ALA V 5 -3.07 78.06 12.50
C ALA V 5 -2.38 77.96 11.14
N LEU V 6 -2.87 78.68 10.14
CA LEU V 6 -2.22 78.68 8.84
C LEU V 6 -0.83 79.28 8.92
N GLN V 7 -0.64 80.29 9.78
CA GLN V 7 0.69 80.82 10.02
C GLN V 7 1.63 79.76 10.57
N GLN V 8 1.13 78.96 11.52
CA GLN V 8 1.94 77.88 12.09
C GLN V 8 2.27 76.83 11.05
N ALA V 9 1.31 76.49 10.19
CA ALA V 9 1.58 75.52 9.12
C ALA V 9 2.61 76.06 8.14
N PHE V 10 2.53 77.35 7.81
CA PHE V 10 3.51 77.97 6.93
C PHE V 10 4.91 77.94 7.55
N ASP V 11 5.00 78.25 8.84
CA ASP V 11 6.29 78.19 9.53
C ASP V 11 6.82 76.76 9.57
N THR V 12 5.93 75.78 9.78
CA THR V 12 6.34 74.38 9.77
C THR V 12 6.90 73.98 8.40
N CYS V 13 6.23 74.40 7.33
CA CYS V 13 6.73 74.10 5.99
C CYS V 13 8.08 74.76 5.75
N GLN V 14 8.25 76.02 6.18
CA GLN V 14 9.51 76.71 5.97
C GLN V 14 10.65 76.04 6.72
N ASN V 15 10.43 75.67 7.99
CA ASN V 15 11.52 75.03 8.73
C ASN V 15 11.77 73.61 8.23
N ASN V 16 10.75 72.93 7.72
CA ASN V 16 10.97 71.64 7.08
C ASN V 16 11.85 71.79 5.84
N LYS V 17 11.58 72.83 5.03
CA LYS V 17 12.43 73.09 3.87
C LYS V 17 13.85 73.41 4.29
N ALA V 18 14.03 74.21 5.34
CA ALA V 18 15.37 74.55 5.81
C ALA V 18 16.11 73.32 6.29
N ALA V 19 15.44 72.44 7.05
CA ALA V 19 16.06 71.21 7.51
C ALA V 19 16.42 70.31 6.33
N TRP V 20 15.55 70.21 5.34
CA TRP V 20 15.83 69.39 4.17
C TRP V 20 17.04 69.93 3.40
N LEU V 21 17.14 71.25 3.26
CA LEU V 21 18.28 71.83 2.57
C LEU V 21 19.58 71.63 3.34
N GLN V 22 19.53 71.73 4.67
CA GLN V 22 20.74 71.50 5.46
C GLN V 22 21.16 70.04 5.41
N ARG V 23 20.20 69.13 5.38
CA ARG V 23 20.52 67.73 5.12
C ARG V 23 21.16 67.55 3.76
N LYS V 24 20.62 68.24 2.74
CA LYS V 24 21.17 68.12 1.39
C LYS V 24 22.62 68.56 1.33
N ASN V 25 22.94 69.76 1.82
CA ASN V 25 24.32 70.19 1.66
C ASN V 25 25.27 69.50 2.64
N GLU V 26 24.77 69.00 3.78
CA GLU V 26 25.60 68.12 4.60
C GLU V 26 25.94 66.84 3.86
N LEU V 27 24.95 66.25 3.16
CA LEU V 27 25.23 65.08 2.33
C LEU V 27 26.22 65.41 1.23
N ALA V 28 26.08 66.58 0.61
CA ALA V 28 27.00 66.98 -0.45
C ALA V 28 28.41 67.10 0.08
N ALA V 29 28.60 67.71 1.25
CA ALA V 29 29.92 67.79 1.84
C ALA V 29 30.48 66.42 2.16
N ALA V 30 29.65 65.53 2.72
CA ALA V 30 30.13 64.19 3.04
C ALA V 30 30.54 63.43 1.79
N GLU V 31 29.73 63.51 0.73
CA GLU V 31 30.06 62.76 -0.49
C GLU V 31 31.25 63.35 -1.22
N GLN V 32 31.42 64.68 -1.20
CA GLN V 32 32.61 65.24 -1.84
C GLN V 32 33.86 64.89 -1.05
N GLU V 33 33.77 64.84 0.29
CA GLU V 33 34.91 64.39 1.09
C GLU V 33 35.23 62.92 0.79
N TYR V 34 34.20 62.09 0.65
CA TYR V 34 34.43 60.69 0.32
C TYR V 34 35.08 60.54 -1.05
N LEU V 35 34.62 61.31 -2.03
CA LEU V 35 35.24 61.27 -3.36
C LEU V 35 36.68 61.75 -3.32
N ARG V 36 36.95 62.80 -2.53
CA ARG V 36 38.33 63.28 -2.41
C ARG V 36 39.23 62.23 -1.78
N LEU V 37 38.72 61.53 -0.76
CA LEU V 37 39.51 60.47 -0.15
C LEU V 37 39.72 59.31 -1.13
N LEU V 38 38.71 59.00 -1.95
CA LEU V 38 38.86 57.98 -2.97
C LEU V 38 39.96 58.36 -3.96
N SER V 39 39.96 59.62 -4.40
CA SER V 39 40.99 60.08 -5.32
C SER V 39 42.32 60.31 -4.62
N GLY V 40 42.34 60.36 -3.29
CA GLY V 40 43.56 60.58 -2.56
C GLY V 40 44.44 59.34 -2.48
N GLU V 41 45.67 59.55 -2.01
CA GLU V 41 46.62 58.46 -1.87
C GLU V 41 46.27 57.53 -0.71
N GLY V 42 45.46 58.00 0.23
CA GLY V 42 45.15 57.19 1.41
C GLY V 42 44.47 55.89 1.02
N ARG V 43 44.79 54.83 1.77
CA ARG V 43 44.29 53.49 1.50
C ARG V 43 43.55 52.89 2.69
N ASN V 44 43.07 53.73 3.60
CA ASN V 44 42.39 53.24 4.80
C ASN V 44 41.04 52.63 4.40
N VAL V 45 40.95 51.30 4.48
CA VAL V 45 39.72 50.61 4.10
C VAL V 45 38.60 50.90 5.10
N SER V 46 38.93 50.96 6.38
CA SER V 46 37.92 51.26 7.39
C SER V 46 37.35 52.67 7.20
N ARG V 47 38.21 53.62 6.82
CA ARG V 47 37.75 54.96 6.54
C ARG V 47 36.74 54.97 5.40
N LEU V 48 37.04 54.24 4.31
CA LEU V 48 36.11 54.16 3.19
C LEU V 48 34.80 53.49 3.59
N ASP V 49 34.88 52.43 4.39
CA ASP V 49 33.67 51.73 4.82
C ASP V 49 32.79 52.63 5.67
N GLU V 50 33.38 53.34 6.63
CA GLU V 50 32.57 54.22 7.47
C GLU V 50 32.05 55.41 6.68
N LEU V 51 32.80 55.87 5.67
CA LEU V 51 32.29 56.91 4.80
C LEU V 51 31.08 56.43 4.00
N ARG V 52 31.14 55.20 3.49
CA ARG V 52 29.99 54.63 2.80
C ARG V 52 28.79 54.54 3.73
N ASN V 53 29.02 54.08 4.97
CA ASN V 53 27.92 53.98 5.92
C ASN V 53 27.33 55.34 6.24
N ILE V 54 28.17 56.36 6.43
CA ILE V 54 27.66 57.67 6.80
C ILE V 54 26.93 58.32 5.63
N ILE V 55 27.43 58.15 4.41
CA ILE V 55 26.72 58.74 3.27
C ILE V 55 25.39 58.02 3.05
N GLU V 56 25.34 56.71 3.29
CA GLU V 56 24.08 56.00 3.15
C GLU V 56 23.07 56.45 4.20
N VAL V 57 23.49 56.58 5.47
CA VAL V 57 22.55 57.01 6.49
C VAL V 57 22.13 58.45 6.27
N ARG V 58 23.03 59.30 5.75
CA ARG V 58 22.64 60.67 5.43
C ARG V 58 21.68 60.71 4.25
N LYS V 59 21.82 59.78 3.29
CA LYS V 59 20.84 59.69 2.21
C LYS V 59 19.48 59.29 2.75
N TRP V 60 19.45 58.34 3.68
CA TRP V 60 18.18 57.98 4.30
C TRP V 60 17.56 59.16 5.05
N GLN V 61 18.39 59.90 5.78
CA GLN V 61 17.90 61.08 6.49
C GLN V 61 17.38 62.14 5.53
N VAL V 62 18.07 62.33 4.41
CA VAL V 62 17.63 63.29 3.40
C VAL V 62 16.28 62.87 2.83
N ASN V 63 16.11 61.58 2.54
CA ASN V 63 14.84 61.09 2.04
C ASN V 63 13.73 61.30 3.06
N GLN V 64 14.01 61.02 4.33
CA GLN V 64 13.00 61.24 5.38
C GLN V 64 12.65 62.72 5.50
N ALA V 65 13.64 63.61 5.44
CA ALA V 65 13.37 65.03 5.52
C ALA V 65 12.56 65.51 4.32
N ALA V 66 12.87 65.01 3.13
CA ALA V 66 12.09 65.37 1.94
C ALA V 66 10.65 64.90 2.07
N GLY V 67 10.44 63.68 2.57
CA GLY V 67 9.09 63.20 2.79
C GLY V 67 8.33 64.04 3.81
N ARG V 68 8.99 64.40 4.90
CA ARG V 68 8.35 65.23 5.91
C ARG V 68 8.00 66.61 5.36
N TYR V 69 8.91 67.21 4.58
CA TYR V 69 8.64 68.50 3.97
C TYR V 69 7.48 68.41 2.99
N ILE V 70 7.42 67.35 2.20
CA ILE V 70 6.31 67.17 1.26
C ILE V 70 5.00 67.05 2.03
N ARG V 71 4.98 66.22 3.08
CA ARG V 71 3.76 66.03 3.86
C ARG V 71 3.30 67.35 4.44
N SER V 72 4.23 68.14 5.00
CA SER V 72 3.87 69.46 5.49
C SER V 72 3.39 70.38 4.37
N HIS V 73 3.90 70.18 3.14
CA HIS V 73 3.49 71.01 2.02
C HIS V 73 2.03 70.77 1.68
N GLU V 74 1.64 69.50 1.49
CA GLU V 74 0.20 69.27 1.28
C GLU V 74 -0.62 69.59 2.52
N ALA V 75 -0.04 69.50 3.72
CA ALA V 75 -0.78 69.88 4.92
C ALA V 75 -1.15 71.37 4.88
N VAL V 76 -0.16 72.23 4.64
CA VAL V 76 -0.43 73.66 4.61
C VAL V 76 -1.28 74.01 3.39
N GLN V 77 -1.12 73.29 2.27
CA GLN V 77 -1.97 73.54 1.12
C GLN V 77 -3.42 73.21 1.42
N HIS V 78 -3.67 72.11 2.12
CA HIS V 78 -5.03 71.76 2.52
C HIS V 78 -5.58 72.77 3.54
N ILE V 79 -4.71 73.27 4.41
CA ILE V 79 -5.12 74.33 5.33
C ILE V 79 -5.61 75.54 4.54
N SER V 80 -4.84 75.96 3.54
CA SER V 80 -5.28 77.06 2.68
C SER V 80 -6.57 76.72 1.97
N ILE V 81 -6.71 75.48 1.50
CA ILE V 81 -7.92 75.05 0.81
C ILE V 81 -9.14 75.27 1.68
N ARG V 82 -9.17 74.65 2.87
CA ARG V 82 -10.43 74.70 3.62
C ARG V 82 -10.63 76.08 4.23
N ASP V 83 -9.54 76.79 4.56
CA ASP V 83 -9.70 78.17 5.03
C ASP V 83 -10.33 79.05 3.96
N ARG V 84 -9.88 78.93 2.71
CA ARG V 84 -10.37 79.84 1.68
C ARG V 84 -11.77 79.43 1.21
N LEU V 85 -12.06 78.12 1.19
CA LEU V 85 -13.41 77.68 0.87
C LEU V 85 -14.39 78.00 2.00
N ASN V 86 -13.90 78.10 3.23
CA ASN V 86 -14.73 78.58 4.33
C ASN V 86 -14.85 80.10 4.35
N ASP V 87 -13.93 80.81 3.69
CA ASP V 87 -14.10 82.24 3.45
C ASP V 87 -15.13 82.51 2.36
N PHE V 88 -15.07 81.77 1.24
CA PHE V 88 -16.09 81.88 0.22
C PHE V 88 -17.42 81.26 0.68
N MET V 89 -17.38 80.46 1.74
CA MET V 89 -18.57 79.98 2.44
C MET V 89 -19.53 81.10 2.79
N GLN V 90 -19.03 82.16 3.44
CA GLN V 90 -19.93 83.15 4.01
C GLN V 90 -20.60 83.99 2.93
N GLN V 91 -19.84 84.46 1.94
CA GLN V 91 -20.39 85.32 0.90
C GLN V 91 -20.84 84.49 -0.30
N HIS V 92 -22.11 84.63 -0.65
CA HIS V 92 -22.67 84.23 -1.94
C HIS V 92 -22.68 82.71 -2.12
N GLY V 93 -22.64 81.94 -1.04
CA GLY V 93 -22.87 80.50 -1.13
C GLY V 93 -24.34 80.15 -1.15
N THR V 94 -25.19 81.09 -0.72
CA THR V 94 -26.64 80.91 -0.88
C THR V 94 -26.99 80.74 -2.35
N ALA V 95 -26.19 81.33 -3.25
CA ALA V 95 -26.35 81.06 -4.67
C ALA V 95 -26.02 79.60 -5.00
N LEU V 96 -25.01 79.03 -4.34
CA LEU V 96 -24.75 77.60 -4.49
C LEU V 96 -25.96 76.78 -4.04
N ALA V 97 -26.55 77.15 -2.91
CA ALA V 97 -27.72 76.42 -2.43
C ALA V 97 -28.90 76.54 -3.39
N ALA V 98 -29.14 77.75 -3.90
CA ALA V 98 -30.26 77.96 -4.81
C ALA V 98 -30.05 77.24 -6.14
N ALA V 99 -28.83 77.28 -6.67
CA ALA V 99 -28.53 76.60 -7.92
C ALA V 99 -28.51 75.09 -7.75
N LEU V 100 -28.49 74.59 -6.51
CA LEU V 100 -28.56 73.16 -6.22
C LEU V 100 -29.84 72.81 -5.48
N ALA V 101 -30.81 73.72 -5.45
CA ALA V 101 -32.06 73.50 -4.71
C ALA V 101 -32.84 72.25 -5.16
N PRO V 102 -32.97 71.93 -6.44
CA PRO V 102 -33.81 70.77 -6.83
C PRO V 102 -33.42 69.45 -6.18
N GLU V 103 -32.21 69.32 -5.64
CA GLU V 103 -31.83 68.06 -4.99
C GLU V 103 -31.11 68.26 -3.67
N LEU V 104 -31.25 69.43 -3.03
CA LEU V 104 -30.61 69.68 -1.75
C LEU V 104 -31.59 70.00 -0.62
N MET V 105 -32.84 70.31 -0.93
CA MET V 105 -33.81 70.62 0.11
C MET V 105 -34.18 69.36 0.90
N GLY V 106 -34.47 69.55 2.18
CA GLY V 106 -34.84 68.43 3.04
C GLY V 106 -33.73 67.41 3.21
N TYR V 107 -32.49 67.87 3.37
CA TYR V 107 -31.38 66.94 3.50
C TYR V 107 -31.35 66.25 4.85
N SER V 108 -31.88 66.91 5.89
CA SER V 108 -31.78 66.37 7.25
C SER V 108 -32.53 65.06 7.39
N GLU V 109 -33.73 64.96 6.82
CA GLU V 109 -34.56 63.78 6.97
C GLU V 109 -34.28 62.70 5.94
N LEU V 110 -33.42 62.97 4.96
CA LEU V 110 -33.11 61.97 3.95
C LEU V 110 -32.25 60.86 4.54
N THR V 111 -32.39 59.66 3.95
CA THR V 111 -31.62 58.51 4.40
C THR V 111 -30.17 58.63 3.93
N ALA V 112 -29.34 57.67 4.37
CA ALA V 112 -27.91 57.74 4.10
C ALA V 112 -27.62 57.67 2.61
N ILE V 113 -28.23 56.70 1.91
CA ILE V 113 -27.92 56.52 0.49
C ILE V 113 -28.46 57.69 -0.33
N ALA V 114 -29.65 58.19 0.01
CA ALA V 114 -30.19 59.35 -0.70
C ALA V 114 -29.32 60.58 -0.47
N ARG V 115 -28.86 60.77 0.77
CA ARG V 115 -27.97 61.89 1.08
C ARG V 115 -26.68 61.79 0.26
N ASN V 116 -26.10 60.60 0.22
CA ASN V 116 -24.85 60.41 -0.51
C ASN V 116 -25.03 60.65 -2.00
N CYS V 117 -26.13 60.14 -2.58
CA CYS V 117 -26.33 60.33 -4.02
C CYS V 117 -26.64 61.78 -4.35
N ALA V 118 -27.35 62.49 -3.48
CA ALA V 118 -27.55 63.92 -3.68
C ALA V 118 -26.22 64.66 -3.64
N ILE V 119 -25.33 64.28 -2.72
CA ILE V 119 -24.00 64.89 -2.68
C ILE V 119 -23.24 64.61 -3.97
N GLN V 120 -23.34 63.37 -4.47
CA GLN V 120 -22.67 63.02 -5.73
C GLN V 120 -23.20 63.86 -6.88
N ARG V 121 -24.52 64.06 -6.94
CA ARG V 121 -25.11 64.86 -8.00
C ARG V 121 -24.66 66.32 -7.91
N ALA V 122 -24.63 66.88 -6.71
CA ALA V 122 -24.13 68.25 -6.56
C ALA V 122 -22.68 68.34 -7.02
N THR V 123 -21.85 67.38 -6.62
CA THR V 123 -20.43 67.44 -6.95
C THR V 123 -20.20 67.30 -8.45
N ASP V 124 -20.88 66.38 -9.12
CA ASP V 124 -20.59 66.24 -10.55
C ASP V 124 -21.27 67.33 -11.39
N ALA V 125 -22.33 67.96 -10.88
CA ALA V 125 -22.78 69.20 -11.51
C ALA V 125 -21.71 70.28 -11.41
N LEU V 126 -21.11 70.42 -10.23
CA LEU V 126 -19.94 71.29 -10.10
C LEU V 126 -18.83 70.84 -11.03
N ARG V 127 -18.78 69.55 -11.36
CA ARG V 127 -17.73 69.08 -12.26
C ARG V 127 -17.96 69.54 -13.69
N GLU V 128 -19.19 69.47 -14.19
CA GLU V 128 -19.44 70.08 -15.48
C GLU V 128 -19.11 71.56 -15.46
N ALA V 129 -19.41 72.23 -14.33
CA ALA V 129 -19.06 73.65 -14.21
C ALA V 129 -17.55 73.88 -14.34
N LEU V 130 -16.76 73.14 -13.56
CA LEU V 130 -15.30 73.33 -13.61
C LEU V 130 -14.71 72.89 -14.94
N LEU V 131 -15.29 71.88 -15.59
CA LEU V 131 -14.85 71.52 -16.93
C LEU V 131 -15.10 72.68 -17.90
N SER V 132 -16.24 73.35 -17.76
CA SER V 132 -16.48 74.55 -18.57
C SER V 132 -15.43 75.62 -18.28
N TRP V 133 -15.09 75.81 -16.99
CA TRP V 133 -14.08 76.81 -16.64
C TRP V 133 -12.74 76.51 -17.28
N LEU V 134 -12.33 75.24 -17.21
CA LEU V 134 -11.02 74.88 -17.73
C LEU V 134 -11.02 74.78 -19.25
N ALA V 135 -12.21 74.65 -19.86
CA ALA V 135 -12.30 74.74 -21.32
C ALA V 135 -12.17 76.19 -21.79
N LYS V 136 -12.82 77.13 -21.08
CA LYS V 136 -12.70 78.53 -21.48
C LYS V 136 -11.35 79.13 -21.12
N GLY V 137 -10.61 78.50 -20.21
CA GLY V 137 -9.22 78.85 -19.95
C GLY V 137 -8.96 80.25 -19.45
N GLU V 138 -9.71 80.70 -18.44
CA GLU V 138 -9.49 82.01 -17.84
C GLU V 138 -8.45 81.87 -16.73
N LYS V 139 -7.32 82.55 -16.90
CA LYS V 139 -6.24 82.48 -15.92
C LYS V 139 -6.66 83.19 -14.63
N ILE V 140 -6.30 82.59 -13.50
CA ILE V 140 -6.62 83.13 -12.18
C ILE V 140 -5.35 83.20 -11.35
N ASN V 141 -5.23 84.27 -10.56
CA ASN V 141 -4.10 84.44 -9.67
C ASN V 141 -4.41 83.85 -8.30
N TYR V 142 -3.55 84.11 -7.32
CA TYR V 142 -3.77 83.61 -5.97
C TYR V 142 -4.78 84.50 -5.24
N SER V 143 -5.32 83.95 -4.16
CA SER V 143 -6.27 84.71 -3.35
C SER V 143 -5.56 85.85 -2.64
N ALA V 144 -6.21 87.02 -2.62
CA ALA V 144 -5.56 88.24 -2.14
C ALA V 144 -5.20 88.15 -0.65
N GLN V 145 -6.09 87.57 0.17
CA GLN V 145 -5.90 87.61 1.61
C GLN V 145 -4.64 86.86 2.04
N ASP V 146 -4.39 85.71 1.44
CA ASP V 146 -3.25 84.87 1.80
C ASP V 146 -2.39 84.55 0.58
N SER V 147 -2.11 85.58 -0.22
CA SER V 147 -1.28 85.37 -1.41
C SER V 147 0.19 85.20 -1.04
N ASP V 148 0.68 86.02 -0.08
CA ASP V 148 2.10 86.04 0.21
C ASP V 148 2.59 84.69 0.74
N ILE V 149 1.82 84.06 1.64
CA ILE V 149 2.24 82.80 2.22
C ILE V 149 2.32 81.71 1.16
N LEU V 150 1.29 81.63 0.31
CA LEU V 150 1.28 80.61 -0.74
C LEU V 150 2.40 80.85 -1.75
N THR V 151 2.68 82.11 -2.09
CA THR V 151 3.79 82.40 -2.99
C THR V 151 5.13 82.00 -2.37
N THR V 152 5.31 82.28 -1.07
CA THR V 152 6.55 81.89 -0.41
C THR V 152 6.72 80.38 -0.38
N ILE V 153 5.65 79.65 -0.05
CA ILE V 153 5.73 78.19 -0.06
C ILE V 153 5.85 77.66 -1.48
N GLY V 154 5.07 78.22 -2.40
CA GLY V 154 5.14 77.81 -3.79
C GLY V 154 3.98 76.91 -4.19
N PHE V 155 3.75 76.82 -5.50
CA PHE V 155 2.68 75.98 -6.01
C PHE V 155 2.94 74.50 -5.74
N ARG V 156 4.15 74.02 -6.03
CA ARG V 156 4.49 72.62 -5.84
C ARG V 156 5.86 72.52 -5.18
N PRO V 157 6.13 71.43 -4.48
CA PRO V 157 7.49 71.20 -3.98
C PRO V 157 8.47 71.05 -5.13
N ASP V 158 9.72 71.40 -4.86
CA ASP V 158 10.75 71.35 -5.88
C ASP V 158 10.93 69.93 -6.39
N VAL V 159 11.34 69.82 -7.66
CA VAL V 159 11.58 68.51 -8.25
C VAL V 159 12.69 67.78 -7.50
N ALA V 160 13.60 68.52 -6.87
CA ALA V 160 14.63 67.91 -6.05
C ALA V 160 14.01 67.12 -4.89
N SER V 161 13.00 67.70 -4.24
CA SER V 161 12.26 66.95 -3.23
C SER V 161 11.57 65.74 -3.84
N VAL V 162 11.13 65.86 -5.10
CA VAL V 162 10.40 64.78 -5.76
C VAL V 162 11.30 63.56 -5.93
N ASP V 163 12.52 63.76 -6.45
CA ASP V 163 13.38 62.59 -6.62
C ASP V 163 14.16 62.25 -5.36
N ASP V 164 14.14 63.12 -4.34
CA ASP V 164 14.67 62.72 -3.04
C ASP V 164 13.70 61.80 -2.31
N SER V 165 12.40 62.02 -2.49
CA SER V 165 11.37 61.18 -1.88
C SER V 165 10.95 60.02 -2.79
N ARG V 166 11.54 59.90 -3.97
CA ARG V 166 11.15 58.83 -4.88
C ARG V 166 11.45 57.46 -4.30
N GLU V 167 12.63 57.28 -3.72
CA GLU V 167 13.02 55.98 -3.18
C GLU V 167 12.29 55.71 -1.88
N LYS V 168 11.87 54.46 -1.69
CA LYS V 168 11.06 54.06 -0.55
C LYS V 168 11.80 53.02 0.29
N PHE V 169 11.79 53.22 1.60
CA PHE V 169 12.40 52.29 2.55
C PHE V 169 11.34 51.40 3.16
N THR V 170 11.66 50.11 3.30
CA THR V 170 10.77 49.20 4.01
C THR V 170 10.86 49.45 5.51
N PRO V 171 9.82 49.06 6.26
CA PRO V 171 9.82 49.33 7.71
C PRO V 171 11.05 48.80 8.44
N ALA V 172 11.54 47.62 8.08
CA ALA V 172 12.77 47.12 8.68
C ALA V 172 13.95 48.02 8.33
N GLN V 173 14.01 48.48 7.08
CA GLN V 173 15.05 49.43 6.69
C GLN V 173 14.92 50.73 7.45
N ASN V 174 13.67 51.20 7.66
CA ASN V 174 13.47 52.41 8.45
C ASN V 174 13.99 52.23 9.87
N MET V 175 13.69 51.09 10.49
CA MET V 175 14.14 50.85 11.86
C MET V 175 15.66 50.79 11.95
N ILE V 176 16.30 50.04 11.04
CA ILE V 176 17.74 49.90 11.12
C ILE V 176 18.45 51.22 10.79
N PHE V 177 17.89 51.99 9.86
CA PHE V 177 18.47 53.29 9.54
C PHE V 177 18.30 54.27 10.70
N SER V 178 17.16 54.22 11.38
CA SER V 178 16.97 55.06 12.56
C SER V 178 17.96 54.69 13.66
N ARG V 179 18.18 53.39 13.86
CA ARG V 179 19.17 52.96 14.84
C ARG V 179 20.58 53.42 14.46
N LYS V 180 20.93 53.32 13.17
CA LYS V 180 22.22 53.79 12.72
C LYS V 180 22.38 55.30 12.91
N SER V 181 21.32 56.06 12.63
CA SER V 181 21.37 57.50 12.81
C SER V 181 21.51 57.87 14.28
N ALA V 182 20.80 57.15 15.17
CA ALA V 182 20.94 57.40 16.60
C ALA V 182 22.35 57.08 17.08
N GLN V 183 22.92 55.98 16.60
CA GLN V 183 24.29 55.63 16.97
C GLN V 183 25.27 56.68 16.47
N LEU V 184 25.06 57.18 15.25
CA LEU V 184 25.94 58.21 14.70
C LEU V 184 25.84 59.50 15.50
N ALA V 185 24.61 59.88 15.88
CA ALA V 185 24.43 61.08 16.71
C ALA V 185 25.10 60.93 18.06
N SER V 186 24.98 59.75 18.67
CA SER V 186 25.65 59.51 19.95
C SER V 186 27.16 59.58 19.80
N ARG V 187 27.70 59.01 18.71
CA ARG V 187 29.14 59.03 18.50
C ARG V 187 29.65 60.45 18.26
N GLN V 188 28.92 61.24 17.46
CA GLN V 188 29.35 62.60 17.19
C GLN V 188 29.13 63.54 18.38
N SER V 189 28.22 63.19 19.28
CA SER V 189 28.02 63.99 20.48
C SER V 189 29.28 64.00 21.35
N VAL V 190 29.93 62.84 21.49
CA VAL V 190 31.15 62.74 22.28
C VAL V 190 32.36 63.13 21.43
N THR W 4 28.48 55.34 -59.35
CA THR W 4 27.13 55.83 -59.59
C THR W 4 26.13 55.18 -58.63
N ALA W 5 26.63 54.25 -57.81
CA ALA W 5 25.76 53.56 -56.86
C ALA W 5 25.25 54.53 -55.79
N LEU W 6 26.08 55.50 -55.39
CA LEU W 6 25.65 56.47 -54.39
C LEU W 6 24.48 57.31 -54.90
N GLN W 7 24.54 57.74 -56.16
CA GLN W 7 23.43 58.50 -56.73
C GLN W 7 22.17 57.66 -56.83
N GLN W 8 22.31 56.38 -57.19
CA GLN W 8 21.15 55.49 -57.25
C GLN W 8 20.52 55.33 -55.87
N ALA W 9 21.35 55.15 -54.84
CA ALA W 9 20.82 55.05 -53.48
C ALA W 9 20.15 56.34 -53.06
N PHE W 10 20.73 57.49 -53.44
CA PHE W 10 20.14 58.78 -53.08
C PHE W 10 18.77 58.95 -53.72
N ASP W 11 18.65 58.62 -55.01
CA ASP W 11 17.35 58.78 -55.66
C ASP W 11 16.34 57.76 -55.16
N THR W 12 16.81 56.56 -54.79
CA THR W 12 15.92 55.59 -54.16
C THR W 12 15.38 56.12 -52.83
N CYS W 13 16.25 56.73 -52.02
CA CYS W 13 15.80 57.33 -50.78
C CYS W 13 14.82 58.46 -51.04
N GLN W 14 15.09 59.27 -52.06
CA GLN W 14 14.21 60.39 -52.38
C GLN W 14 12.82 59.92 -52.79
N ASN W 15 12.75 58.92 -53.68
CA ASN W 15 11.43 58.47 -54.09
C ASN W 15 10.73 57.69 -52.99
N ASN W 16 11.50 57.00 -52.13
CA ASN W 16 10.89 56.32 -50.99
C ASN W 16 10.28 57.33 -50.02
N LYS W 17 10.98 58.43 -49.73
CA LYS W 17 10.40 59.42 -48.82
C LYS W 17 9.24 60.16 -49.47
N ALA W 18 9.29 60.36 -50.79
CA ALA W 18 8.14 60.94 -51.48
C ALA W 18 6.93 60.03 -51.38
N ALA W 19 7.12 58.71 -51.56
CA ALA W 19 6.03 57.76 -51.41
C ALA W 19 5.50 57.75 -49.98
N TRP W 20 6.40 57.85 -48.99
CA TRP W 20 5.96 57.90 -47.60
C TRP W 20 5.14 59.15 -47.34
N LEU W 21 5.56 60.30 -47.90
CA LEU W 21 4.79 61.53 -47.74
C LEU W 21 3.41 61.41 -48.37
N GLN W 22 3.34 60.84 -49.59
CA GLN W 22 2.04 60.72 -50.23
C GLN W 22 1.14 59.75 -49.46
N ARG W 23 1.72 58.67 -48.93
CA ARG W 23 0.94 57.74 -48.12
C ARG W 23 0.40 58.42 -46.86
N LYS W 24 1.24 59.22 -46.19
CA LYS W 24 0.77 59.86 -44.96
C LYS W 24 -0.28 60.91 -45.24
N ASN W 25 -0.15 61.66 -46.34
CA ASN W 25 -1.18 62.66 -46.63
C ASN W 25 -2.49 62.00 -47.08
N GLU W 26 -2.40 60.89 -47.81
CA GLU W 26 -3.61 60.14 -48.14
C GLU W 26 -4.29 59.60 -46.90
N LEU W 27 -3.50 59.06 -45.95
CA LEU W 27 -4.07 58.57 -44.70
C LEU W 27 -4.72 59.70 -43.91
N ALA W 28 -4.08 60.86 -43.85
CA ALA W 28 -4.66 62.00 -43.15
C ALA W 28 -5.96 62.44 -43.79
N ALA W 29 -6.00 62.49 -45.12
CA ALA W 29 -7.24 62.86 -45.81
C ALA W 29 -8.34 61.84 -45.56
N ALA W 30 -8.00 60.56 -45.58
CA ALA W 30 -9.00 59.51 -45.32
C ALA W 30 -9.54 59.62 -43.90
N GLU W 31 -8.67 59.83 -42.92
CA GLU W 31 -9.13 59.97 -41.54
C GLU W 31 -9.98 61.21 -41.36
N GLN W 32 -9.60 62.32 -42.01
CA GLN W 32 -10.40 63.54 -41.93
C GLN W 32 -11.78 63.32 -42.52
N GLU W 33 -11.86 62.65 -43.66
CA GLU W 33 -13.15 62.36 -44.27
C GLU W 33 -13.98 61.44 -43.37
N TYR W 34 -13.33 60.44 -42.75
CA TYR W 34 -14.04 59.53 -41.87
C TYR W 34 -14.63 60.27 -40.67
N LEU W 35 -13.83 61.14 -40.05
CA LEU W 35 -14.34 61.87 -38.89
C LEU W 35 -15.41 62.89 -39.29
N ARG W 36 -15.28 63.49 -40.47
CA ARG W 36 -16.33 64.38 -40.96
C ARG W 36 -17.64 63.64 -41.17
N LEU W 37 -17.57 62.43 -41.75
CA LEU W 37 -18.77 61.64 -41.93
C LEU W 37 -19.35 61.19 -40.59
N LEU W 38 -18.49 60.83 -39.64
CA LEU W 38 -18.95 60.43 -38.32
C LEU W 38 -19.66 61.59 -37.62
N SER W 39 -19.15 62.81 -37.78
CA SER W 39 -19.80 63.98 -37.19
C SER W 39 -21.17 64.23 -37.79
N GLY W 40 -21.41 63.76 -39.02
CA GLY W 40 -22.70 63.94 -39.65
C GLY W 40 -23.76 63.01 -39.07
N GLU W 41 -25.01 63.30 -39.41
CA GLU W 41 -26.15 62.54 -38.92
C GLU W 41 -26.45 61.30 -39.76
N GLY W 42 -25.81 61.15 -40.92
CA GLY W 42 -26.06 59.98 -41.74
C GLY W 42 -25.61 58.70 -41.06
N ARG W 43 -26.41 57.65 -41.22
CA ARG W 43 -26.10 56.36 -40.61
C ARG W 43 -24.82 55.79 -41.18
N ASN W 44 -24.83 55.45 -42.47
CA ASN W 44 -23.63 55.06 -43.21
C ASN W 44 -22.84 53.97 -42.49
N VAL W 45 -23.55 52.96 -41.97
CA VAL W 45 -22.90 51.92 -41.17
C VAL W 45 -21.91 51.14 -42.03
N SER W 46 -22.35 50.68 -43.20
CA SER W 46 -21.44 50.01 -44.12
C SER W 46 -20.36 50.98 -44.61
N ARG W 47 -20.74 52.23 -44.87
CA ARG W 47 -19.76 53.23 -45.26
C ARG W 47 -18.74 53.48 -44.16
N LEU W 48 -19.19 53.52 -42.90
CA LEU W 48 -18.26 53.69 -41.79
C LEU W 48 -17.33 52.49 -41.68
N ASP W 49 -17.84 51.28 -41.86
CA ASP W 49 -17.00 50.09 -41.78
C ASP W 49 -15.95 50.08 -42.88
N GLU W 50 -16.35 50.40 -44.11
CA GLU W 50 -15.37 50.43 -45.20
C GLU W 50 -14.37 51.57 -45.03
N LEU W 51 -14.81 52.70 -44.47
CA LEU W 51 -13.88 53.78 -44.16
C LEU W 51 -12.87 53.36 -43.10
N ARG W 52 -13.32 52.61 -42.09
CA ARG W 52 -12.39 52.09 -41.09
C ARG W 52 -11.39 51.12 -41.72
N ASN W 53 -11.86 50.28 -42.65
CA ASN W 53 -10.95 49.39 -43.37
C ASN W 53 -9.92 50.18 -44.17
N ILE W 54 -10.37 51.25 -44.84
CA ILE W 54 -9.44 52.11 -45.57
C ILE W 54 -8.43 52.74 -44.63
N ILE W 55 -8.89 53.19 -43.46
CA ILE W 55 -7.98 53.80 -42.49
C ILE W 55 -6.93 52.79 -42.05
N GLU W 56 -7.35 51.56 -41.75
CA GLU W 56 -6.39 50.54 -41.32
C GLU W 56 -5.38 50.22 -42.41
N VAL W 57 -5.84 50.06 -43.65
CA VAL W 57 -4.90 49.71 -44.72
C VAL W 57 -3.98 50.88 -45.03
N ARG W 58 -4.47 52.11 -44.93
CA ARG W 58 -3.60 53.27 -45.12
C ARG W 58 -2.57 53.36 -44.01
N LYS W 59 -2.94 53.05 -42.78
CA LYS W 59 -1.98 53.03 -41.68
C LYS W 59 -0.91 51.97 -41.93
N TRP W 60 -1.30 50.79 -42.39
CA TRP W 60 -0.33 49.75 -42.70
C TRP W 60 0.60 50.19 -43.83
N GLN W 61 0.04 50.83 -44.87
CA GLN W 61 0.85 51.31 -45.98
C GLN W 61 1.83 52.38 -45.52
N VAL W 62 1.39 53.27 -44.62
CA VAL W 62 2.26 54.30 -44.07
C VAL W 62 3.39 53.67 -43.29
N ASN W 63 3.08 52.65 -42.48
CA ASN W 63 4.11 51.95 -41.71
C ASN W 63 5.13 51.30 -42.64
N GLN W 64 4.64 50.64 -43.69
CA GLN W 64 5.56 49.98 -44.64
C GLN W 64 6.42 51.00 -45.37
N ALA W 65 5.83 52.13 -45.77
CA ALA W 65 6.59 53.16 -46.47
C ALA W 65 7.64 53.78 -45.55
N ALA W 66 7.29 54.01 -44.28
CA ALA W 66 8.27 54.55 -43.34
C ALA W 66 9.41 53.57 -43.12
N GLY W 67 9.10 52.27 -42.98
CA GLY W 67 10.14 51.29 -42.83
C GLY W 67 11.05 51.21 -44.05
N ARG W 68 10.47 51.24 -45.25
CA ARG W 68 11.26 51.22 -46.47
C ARG W 68 12.13 52.46 -46.60
N TYR W 69 11.59 53.62 -46.24
CA TYR W 69 12.38 54.85 -46.28
C TYR W 69 13.52 54.81 -45.29
N ILE W 70 13.29 54.28 -44.09
CA ILE W 70 14.35 54.16 -43.10
C ILE W 70 15.43 53.22 -43.60
N ARG W 71 15.02 52.09 -44.19
CA ARG W 71 16.00 51.14 -44.73
C ARG W 71 16.82 51.76 -45.86
N SER W 72 16.16 52.51 -46.74
CA SER W 72 16.88 53.16 -47.83
C SER W 72 17.84 54.22 -47.31
N HIS W 73 17.43 54.98 -46.30
CA HIS W 73 18.32 55.97 -45.70
C HIS W 73 19.54 55.30 -45.07
N GLU W 74 19.32 54.19 -44.36
CA GLU W 74 20.45 53.46 -43.79
C GLU W 74 21.37 52.92 -44.88
N ALA W 75 20.79 52.41 -45.97
CA ALA W 75 21.59 51.88 -47.06
C ALA W 75 22.43 52.96 -47.73
N VAL W 76 21.84 54.11 -48.00
CA VAL W 76 22.59 55.19 -48.65
C VAL W 76 23.65 55.73 -47.70
N GLN W 77 23.35 55.82 -46.40
CA GLN W 77 24.36 56.24 -45.44
C GLN W 77 25.53 55.25 -45.40
N HIS W 78 25.23 53.95 -45.43
CA HIS W 78 26.29 52.96 -45.43
C HIS W 78 27.12 53.02 -46.70
N ILE W 79 26.47 53.28 -47.85
CA ILE W 79 27.19 53.42 -49.11
C ILE W 79 28.12 54.63 -49.05
N SER W 80 27.64 55.74 -48.50
CA SER W 80 28.48 56.93 -48.34
C SER W 80 29.65 56.64 -47.41
N ILE W 81 29.39 55.91 -46.32
CA ILE W 81 30.48 55.51 -45.41
C ILE W 81 31.52 54.71 -46.17
N ARG W 82 31.08 53.73 -46.95
CA ARG W 82 32.03 52.88 -47.67
C ARG W 82 32.84 53.70 -48.67
N ASP W 83 32.19 54.61 -49.40
CA ASP W 83 32.90 55.39 -50.41
C ASP W 83 33.91 56.33 -49.77
N ARG W 84 33.49 57.08 -48.75
CA ARG W 84 34.41 57.99 -48.07
C ARG W 84 35.56 57.23 -47.41
N LEU W 85 35.24 56.08 -46.79
CA LEU W 85 36.26 55.24 -46.18
C LEU W 85 37.27 54.76 -47.21
N ASN W 86 36.79 54.31 -48.37
CA ASN W 86 37.70 53.84 -49.41
C ASN W 86 38.59 54.97 -49.93
N ASP W 87 38.02 56.15 -50.13
CA ASP W 87 38.83 57.28 -50.62
C ASP W 87 39.89 57.67 -49.60
N PHE W 88 39.48 57.91 -48.35
CA PHE W 88 40.44 58.26 -47.31
C PHE W 88 41.48 57.17 -47.12
N MET W 89 41.10 55.90 -47.28
CA MET W 89 42.05 54.85 -46.97
C MET W 89 43.03 54.67 -48.12
N GLN W 90 42.57 54.83 -49.37
CA GLN W 90 43.53 54.89 -50.48
C GLN W 90 44.46 56.07 -50.32
N GLN W 91 44.00 57.13 -49.66
CA GLN W 91 44.89 58.26 -49.37
C GLN W 91 45.95 57.89 -48.33
N HIS W 92 45.54 57.28 -47.21
CA HIS W 92 46.41 57.13 -46.04
C HIS W 92 46.65 55.67 -45.63
N GLY W 93 46.69 54.75 -46.59
CA GLY W 93 46.95 53.36 -46.25
C GLY W 93 48.32 53.15 -45.64
N THR W 94 49.35 53.81 -46.18
CA THR W 94 50.69 53.70 -45.62
C THR W 94 50.73 54.22 -44.19
N ALA W 95 50.05 55.34 -43.93
CA ALA W 95 50.01 55.88 -42.58
C ALA W 95 49.30 54.93 -41.62
N LEU W 96 48.16 54.36 -42.05
CA LEU W 96 47.46 53.38 -41.20
C LEU W 96 48.36 52.19 -40.91
N ALA W 97 49.04 51.68 -41.93
CA ALA W 97 49.92 50.52 -41.73
C ALA W 97 51.06 50.86 -40.78
N ALA W 98 51.68 52.03 -40.93
CA ALA W 98 52.76 52.42 -40.04
C ALA W 98 52.26 52.56 -38.60
N ALA W 99 51.06 53.10 -38.42
CA ALA W 99 50.54 53.29 -37.07
C ALA W 99 50.17 51.96 -36.41
N LEU W 100 49.66 51.00 -37.18
CA LEU W 100 49.08 49.79 -36.59
C LEU W 100 49.96 48.56 -36.75
N ALA W 101 51.12 48.68 -37.39
CA ALA W 101 51.96 47.51 -37.70
C ALA W 101 52.29 46.62 -36.52
N PRO W 102 52.73 47.13 -35.34
CA PRO W 102 53.26 46.22 -34.29
C PRO W 102 52.36 45.04 -33.93
N GLU W 103 51.13 45.01 -34.44
CA GLU W 103 50.19 43.95 -34.10
C GLU W 103 49.63 43.22 -35.32
N LEU W 104 49.91 43.68 -36.54
CA LEU W 104 49.50 42.99 -37.78
C LEU W 104 50.69 42.82 -38.73
N MET W 105 51.46 41.75 -38.53
CA MET W 105 52.42 41.27 -39.52
C MET W 105 52.13 39.82 -39.88
N GLY W 106 52.37 39.49 -41.15
CA GLY W 106 52.25 38.12 -41.62
C GLY W 106 50.86 37.53 -41.48
N TYR W 107 49.83 38.33 -41.79
CA TYR W 107 48.47 37.84 -41.65
C TYR W 107 48.13 36.79 -42.71
N SER W 108 48.69 36.93 -43.92
CA SER W 108 48.33 36.04 -45.01
C SER W 108 48.63 34.58 -44.68
N GLU W 109 49.69 34.33 -43.90
CA GLU W 109 50.03 32.98 -43.49
C GLU W 109 49.35 32.56 -42.20
N LEU W 110 48.68 33.48 -41.51
CA LEU W 110 48.00 33.12 -40.26
C LEU W 110 46.71 32.37 -40.54
N THR W 111 46.37 31.43 -39.66
CA THR W 111 45.13 30.70 -39.75
C THR W 111 43.97 31.58 -39.29
N ALA W 112 42.74 31.10 -39.54
CA ALA W 112 41.55 31.90 -39.28
C ALA W 112 41.46 32.33 -37.82
N ILE W 113 41.86 31.48 -36.89
CA ILE W 113 41.80 31.84 -35.47
C ILE W 113 42.73 33.01 -35.19
N ALA W 114 43.97 32.93 -35.67
CA ALA W 114 44.90 34.04 -35.52
C ALA W 114 44.41 35.27 -36.27
N ARG W 115 43.80 35.06 -37.44
CA ARG W 115 43.22 36.15 -38.21
C ARG W 115 42.24 36.94 -37.37
N ASN W 116 41.27 36.24 -36.77
CA ASN W 116 40.25 36.91 -35.97
C ASN W 116 40.83 37.53 -34.71
N CYS W 117 41.79 36.84 -34.06
CA CYS W 117 42.34 37.40 -32.84
C CYS W 117 43.13 38.67 -33.12
N ALA W 118 43.76 38.77 -34.30
CA ALA W 118 44.43 40.02 -34.66
C ALA W 118 43.42 41.10 -35.04
N ILE W 119 42.36 40.72 -35.74
CA ILE W 119 41.35 41.70 -36.15
C ILE W 119 40.67 42.32 -34.92
N GLN W 120 40.37 41.51 -33.91
CA GLN W 120 39.73 42.06 -32.71
C GLN W 120 40.63 43.06 -32.01
N ARG W 121 41.93 42.78 -31.92
CA ARG W 121 42.85 43.72 -31.29
C ARG W 121 42.99 45.00 -32.10
N ALA W 122 43.03 44.89 -33.43
CA ALA W 122 43.04 46.09 -34.25
C ALA W 122 41.78 46.92 -34.02
N THR W 123 40.62 46.26 -33.99
CA THR W 123 39.36 46.97 -33.83
C THR W 123 39.26 47.65 -32.48
N ASP W 124 39.64 46.98 -31.38
CA ASP W 124 39.48 47.65 -30.10
C ASP W 124 40.58 48.69 -29.86
N ALA W 125 41.77 48.55 -30.45
CA ALA W 125 42.73 49.65 -30.41
C ALA W 125 42.16 50.88 -31.10
N LEU W 126 41.58 50.69 -32.29
CA LEU W 126 40.85 51.78 -32.92
C LEU W 126 39.71 52.26 -32.04
N ARG W 127 39.17 51.38 -31.19
CA ARG W 127 38.11 51.78 -30.28
C ARG W 127 38.60 52.81 -29.28
N GLU W 128 39.74 52.54 -28.61
CA GLU W 128 40.23 53.59 -27.70
C GLU W 128 40.65 54.84 -28.47
N ALA W 129 41.16 54.68 -29.69
CA ALA W 129 41.49 55.86 -30.49
C ALA W 129 40.26 56.74 -30.74
N LEU W 130 39.15 56.10 -31.13
CA LEU W 130 37.92 56.85 -31.36
C LEU W 130 37.36 57.42 -30.07
N LEU W 131 37.47 56.69 -28.95
CA LEU W 131 37.04 57.26 -27.68
C LEU W 131 37.84 58.51 -27.32
N SER W 132 39.14 58.50 -27.60
CA SER W 132 39.93 59.71 -27.35
C SER W 132 39.49 60.86 -28.24
N TRP W 133 39.34 60.60 -29.55
CA TRP W 133 38.92 61.65 -30.48
C TRP W 133 37.56 62.23 -30.06
N LEU W 134 36.61 61.35 -29.74
CA LEU W 134 35.27 61.74 -29.34
C LEU W 134 35.26 62.39 -27.95
N ALA W 135 36.28 62.10 -27.13
CA ALA W 135 36.38 62.73 -25.82
C ALA W 135 36.85 64.17 -25.93
N LYS W 136 37.86 64.45 -26.77
CA LYS W 136 38.27 65.83 -26.90
C LYS W 136 37.27 66.62 -27.75
N GLY W 137 36.71 65.98 -28.78
CA GLY W 137 35.47 66.40 -29.39
C GLY W 137 35.39 67.78 -30.01
N GLU W 138 36.06 67.99 -31.15
CA GLU W 138 35.91 69.26 -31.85
C GLU W 138 34.65 69.23 -32.71
N LYS W 139 34.50 70.26 -33.55
CA LYS W 139 33.28 70.46 -34.33
C LYS W 139 33.36 69.66 -35.63
N ILE W 140 32.31 68.89 -35.91
CA ILE W 140 32.29 67.92 -37.00
C ILE W 140 31.48 68.46 -38.16
N ASN W 141 31.98 68.24 -39.38
CA ASN W 141 31.34 68.71 -40.60
C ASN W 141 31.35 67.59 -41.63
N TYR W 142 30.53 67.76 -42.67
CA TYR W 142 30.43 66.78 -43.74
C TYR W 142 31.73 66.67 -44.52
N SER W 143 31.87 65.56 -45.24
CA SER W 143 32.97 65.43 -46.19
C SER W 143 32.75 66.37 -47.38
N ALA W 144 33.85 66.90 -47.91
CA ALA W 144 33.75 67.90 -48.96
C ALA W 144 33.14 67.33 -50.23
N GLN W 145 33.54 66.10 -50.61
CA GLN W 145 33.11 65.56 -51.89
C GLN W 145 31.63 65.25 -51.92
N ASP W 146 31.08 64.71 -50.82
CA ASP W 146 29.70 64.27 -50.76
C ASP W 146 28.92 65.02 -49.70
N SER W 147 29.10 66.35 -49.64
CA SER W 147 28.40 67.15 -48.64
C SER W 147 26.94 67.34 -49.00
N ASP W 148 26.64 67.56 -50.28
CA ASP W 148 25.26 67.88 -50.68
C ASP W 148 24.32 66.70 -50.42
N ILE W 149 24.77 65.48 -50.70
CA ILE W 149 23.94 64.31 -50.45
C ILE W 149 23.64 64.17 -48.97
N LEU W 150 24.65 64.39 -48.13
CA LEU W 150 24.44 64.32 -46.68
C LEU W 150 23.50 65.41 -46.20
N THR W 151 23.58 66.61 -46.78
CA THR W 151 22.62 67.66 -46.45
C THR W 151 21.20 67.23 -46.81
N THR W 152 21.03 66.65 -48.00
CA THR W 152 19.70 66.26 -48.45
C THR W 152 19.11 65.15 -47.59
N ILE W 153 19.92 64.13 -47.26
CA ILE W 153 19.37 63.00 -46.51
C ILE W 153 19.28 63.30 -45.02
N GLY W 154 20.16 64.14 -44.50
CA GLY W 154 20.16 64.47 -43.09
C GLY W 154 20.93 63.47 -42.26
N PHE W 155 21.30 63.90 -41.06
CA PHE W 155 22.06 63.03 -40.15
C PHE W 155 21.22 61.84 -39.71
N ARG W 156 19.96 62.07 -39.37
CA ARG W 156 19.05 61.02 -38.93
C ARG W 156 17.71 61.17 -39.64
N PRO W 157 16.97 60.07 -39.81
CA PRO W 157 15.62 60.15 -40.37
C PRO W 157 14.69 60.93 -39.45
N ASP W 158 13.63 61.48 -40.04
CA ASP W 158 12.68 62.27 -39.30
C ASP W 158 11.98 61.43 -38.23
N VAL W 159 11.60 62.09 -37.14
CA VAL W 159 10.95 61.38 -36.04
C VAL W 159 9.62 60.78 -36.47
N ALA W 160 8.96 61.40 -37.46
CA ALA W 160 7.72 60.84 -37.98
C ALA W 160 7.95 59.48 -38.63
N SER W 161 9.16 59.23 -39.12
CA SER W 161 9.47 57.92 -39.68
C SER W 161 9.69 56.88 -38.58
N VAL W 162 10.40 57.23 -37.51
CA VAL W 162 10.73 56.25 -36.49
C VAL W 162 9.54 55.93 -35.61
N ASP W 163 8.70 56.94 -35.29
CA ASP W 163 7.57 56.68 -34.42
C ASP W 163 6.43 55.96 -35.11
N ASP W 164 6.41 55.95 -36.44
CA ASP W 164 5.40 55.25 -37.21
C ASP W 164 5.82 53.85 -37.62
N SER W 165 7.00 53.40 -37.21
CA SER W 165 7.49 52.06 -37.53
C SER W 165 7.65 51.19 -36.29
N ARG W 166 6.92 51.50 -35.22
CA ARG W 166 7.02 50.78 -33.96
C ARG W 166 5.90 49.77 -33.75
N GLU W 167 5.13 49.46 -34.80
CA GLU W 167 4.00 48.54 -34.63
C GLU W 167 4.47 47.10 -34.53
N LYS W 168 5.45 46.70 -35.34
CA LYS W 168 5.92 45.32 -35.43
C LYS W 168 4.77 44.36 -35.71
N PHE W 169 4.15 44.54 -36.88
CA PHE W 169 3.10 43.64 -37.31
C PHE W 169 3.66 42.24 -37.58
N THR W 170 2.88 41.23 -37.23
CA THR W 170 3.28 39.85 -37.50
C THR W 170 3.19 39.56 -39.00
N PRO W 171 3.95 38.56 -39.48
CA PRO W 171 3.90 38.25 -40.92
C PRO W 171 2.50 37.97 -41.44
N ALA W 172 1.66 37.29 -40.65
CA ALA W 172 0.28 37.06 -41.07
C ALA W 172 -0.47 38.38 -41.22
N GLN W 173 -0.28 39.30 -40.27
CA GLN W 173 -0.86 40.63 -40.41
C GLN W 173 -0.33 41.32 -41.65
N ASN W 174 0.96 41.17 -41.93
CA ASN W 174 1.55 41.80 -43.11
C ASN W 174 0.88 41.30 -44.39
N MET W 175 0.72 39.98 -44.53
CA MET W 175 0.19 39.49 -45.80
C MET W 175 -1.32 39.71 -45.91
N ILE W 176 -2.07 39.66 -44.81
CA ILE W 176 -3.49 39.98 -44.91
C ILE W 176 -3.67 41.45 -45.24
N PHE W 177 -2.83 42.33 -44.69
CA PHE W 177 -2.91 43.74 -45.05
C PHE W 177 -2.49 43.99 -46.49
N SER W 178 -1.51 43.22 -46.99
CA SER W 178 -1.16 43.33 -48.41
C SER W 178 -2.32 42.92 -49.30
N ARG W 179 -3.02 41.84 -48.92
CA ARG W 179 -4.20 41.43 -49.67
C ARG W 179 -5.29 42.49 -49.62
N LYS W 180 -5.48 43.10 -48.44
CA LYS W 180 -6.45 44.18 -48.32
C LYS W 180 -6.10 45.35 -49.21
N SER W 181 -4.82 45.73 -49.25
CA SER W 181 -4.38 46.81 -50.12
C SER W 181 -4.61 46.46 -51.59
N ALA W 182 -4.32 45.21 -51.96
CA ALA W 182 -4.52 44.80 -53.35
C ALA W 182 -5.99 44.88 -53.75
N GLN W 183 -6.89 44.39 -52.89
CA GLN W 183 -8.31 44.44 -53.24
C GLN W 183 -8.84 45.87 -53.20
N LEU W 184 -8.32 46.71 -52.31
CA LEU W 184 -8.72 48.12 -52.30
C LEU W 184 -8.29 48.81 -53.58
N ALA W 185 -7.07 48.53 -54.04
CA ALA W 185 -6.61 49.09 -55.32
C ALA W 185 -7.47 48.59 -56.46
N SER W 186 -7.82 47.30 -56.45
CA SER W 186 -8.66 46.75 -57.50
C SER W 186 -10.03 47.44 -57.53
N ARG W 187 -10.64 47.66 -56.36
CA ARG W 187 -11.96 48.27 -56.34
C ARG W 187 -11.94 49.77 -56.58
N GLN W 188 -10.85 50.46 -56.22
CA GLN W 188 -10.77 51.89 -56.55
C GLN W 188 -10.46 52.10 -58.02
N SER W 189 -9.79 51.13 -58.65
CA SER W 189 -9.60 51.19 -60.10
C SER W 189 -10.93 51.12 -60.82
N VAL W 190 -11.84 50.26 -60.34
CA VAL W 190 -13.17 50.13 -60.92
C VAL W 190 -14.01 51.35 -60.55
N THR X 4 58.26 58.93 -21.02
CA THR X 4 59.26 57.98 -20.56
C THR X 4 58.63 56.61 -20.27
N ALA X 5 57.31 56.52 -20.49
CA ALA X 5 56.62 55.26 -20.28
C ALA X 5 57.13 54.18 -21.23
N LEU X 6 57.38 54.55 -22.49
CA LEU X 6 57.90 53.58 -23.44
C LEU X 6 59.28 53.08 -23.02
N GLN X 7 60.14 53.98 -22.55
CA GLN X 7 61.48 53.59 -22.14
C GLN X 7 61.45 52.65 -20.94
N GLN X 8 60.61 52.95 -19.94
CA GLN X 8 60.53 52.08 -18.77
C GLN X 8 59.91 50.73 -19.13
N ALA X 9 58.91 50.72 -20.01
CA ALA X 9 58.37 49.45 -20.47
C ALA X 9 59.45 48.65 -21.20
N PHE X 10 60.25 49.32 -22.03
CA PHE X 10 61.27 48.63 -22.82
C PHE X 10 62.34 48.02 -21.93
N ASP X 11 62.87 48.80 -20.97
CA ASP X 11 63.96 48.24 -20.17
C ASP X 11 63.45 47.26 -19.12
N THR X 12 62.20 47.40 -18.66
CA THR X 12 61.61 46.34 -17.83
C THR X 12 61.48 45.04 -18.62
N CYS X 13 61.05 45.13 -19.89
CA CYS X 13 61.01 43.95 -20.73
C CYS X 13 62.40 43.37 -20.94
N GLN X 14 63.40 44.23 -21.09
CA GLN X 14 64.77 43.76 -21.30
C GLN X 14 65.29 42.99 -20.09
N ASN X 15 65.09 43.55 -18.88
CA ASN X 15 65.59 42.85 -17.70
C ASN X 15 64.75 41.61 -17.40
N ASN X 16 63.46 41.61 -17.77
CA ASN X 16 62.67 40.39 -17.64
C ASN X 16 63.20 39.31 -18.58
N LYS X 17 63.56 39.67 -19.80
CA LYS X 17 64.17 38.73 -20.73
C LYS X 17 65.48 38.18 -20.18
N ALA X 18 66.31 39.07 -19.63
CA ALA X 18 67.59 38.62 -19.05
C ALA X 18 67.36 37.68 -17.88
N ALA X 19 66.39 37.99 -17.01
CA ALA X 19 66.08 37.12 -15.89
C ALA X 19 65.57 35.76 -16.36
N TRP X 20 64.74 35.75 -17.40
CA TRP X 20 64.23 34.48 -17.93
C TRP X 20 65.36 33.64 -18.52
N LEU X 21 66.28 34.26 -19.24
CA LEU X 21 67.44 33.54 -19.76
C LEU X 21 68.29 32.99 -18.62
N GLN X 22 68.49 33.78 -17.56
CA GLN X 22 69.25 33.27 -16.41
C GLN X 22 68.55 32.09 -15.75
N ARG X 23 67.23 32.19 -15.59
CA ARG X 23 66.46 31.10 -14.98
C ARG X 23 66.61 29.83 -15.79
N LYS X 24 66.46 29.93 -17.12
CA LYS X 24 66.68 28.77 -17.96
C LYS X 24 68.11 28.27 -17.88
N ASN X 25 69.07 29.18 -17.70
CA ASN X 25 70.47 28.78 -17.63
C ASN X 25 70.73 27.88 -16.43
N GLU X 26 70.36 28.33 -15.24
CA GLU X 26 70.62 27.43 -14.11
C GLU X 26 69.63 26.28 -14.04
N LEU X 27 68.45 26.38 -14.66
CA LEU X 27 67.59 25.21 -14.77
C LEU X 27 68.27 24.11 -15.58
N ALA X 28 68.84 24.48 -16.73
CA ALA X 28 69.55 23.51 -17.56
C ALA X 28 70.79 22.98 -16.85
N ALA X 29 71.51 23.86 -16.14
CA ALA X 29 72.68 23.41 -15.40
C ALA X 29 72.30 22.40 -14.32
N ALA X 30 71.24 22.69 -13.57
CA ALA X 30 70.78 21.77 -12.54
C ALA X 30 70.33 20.45 -13.14
N GLU X 31 69.61 20.50 -14.27
CA GLU X 31 69.15 19.28 -14.91
C GLU X 31 70.33 18.43 -15.38
N GLN X 32 71.33 19.05 -16.01
CA GLN X 32 72.45 18.27 -16.53
C GLN X 32 73.28 17.67 -15.41
N GLU X 33 73.53 18.43 -14.33
CA GLU X 33 74.29 17.85 -13.23
C GLU X 33 73.46 16.83 -12.44
N TYR X 34 72.13 16.97 -12.43
CA TYR X 34 71.29 15.95 -11.80
C TYR X 34 71.33 14.64 -12.59
N LEU X 35 71.27 14.71 -13.92
CA LEU X 35 71.38 13.49 -14.70
C LEU X 35 72.80 12.92 -14.62
N ARG X 36 73.81 13.78 -14.48
CA ARG X 36 75.16 13.29 -14.23
C ARG X 36 75.24 12.52 -12.92
N LEU X 37 74.61 13.05 -11.87
CA LEU X 37 74.56 12.34 -10.59
C LEU X 37 73.80 11.02 -10.73
N LEU X 38 72.72 11.02 -11.50
CA LEU X 38 71.99 9.78 -11.75
C LEU X 38 72.87 8.74 -12.43
N SER X 39 73.66 9.17 -13.42
CA SER X 39 74.56 8.25 -14.10
C SER X 39 75.67 7.75 -13.19
N GLY X 40 75.96 8.46 -12.10
CA GLY X 40 77.00 8.02 -11.19
C GLY X 40 76.61 6.78 -10.41
N GLU X 41 77.63 6.07 -9.93
CA GLU X 41 77.41 4.85 -9.17
C GLU X 41 76.92 5.11 -7.76
N GLY X 42 77.19 6.29 -7.20
CA GLY X 42 76.74 6.63 -5.87
C GLY X 42 75.23 6.67 -5.74
N ARG X 43 74.69 5.98 -4.73
CA ARG X 43 73.25 5.93 -4.52
C ARG X 43 72.71 7.32 -4.22
N ASN X 44 73.09 7.87 -3.05
CA ASN X 44 72.74 9.23 -2.66
C ASN X 44 71.25 9.52 -2.86
N VAL X 45 70.41 8.65 -2.28
CA VAL X 45 68.97 8.73 -2.53
C VAL X 45 68.41 10.05 -2.05
N SER X 46 68.86 10.54 -0.88
CA SER X 46 68.45 11.85 -0.42
C SER X 46 68.92 12.95 -1.37
N ARG X 47 70.14 12.80 -1.89
CA ARG X 47 70.65 13.75 -2.87
C ARG X 47 69.77 13.76 -4.12
N LEU X 48 69.40 12.58 -4.63
CA LEU X 48 68.54 12.53 -5.81
C LEU X 48 67.18 13.16 -5.53
N ASP X 49 66.60 12.88 -4.36
CA ASP X 49 65.28 13.45 -4.05
C ASP X 49 65.35 14.97 -3.97
N GLU X 50 66.35 15.51 -3.29
CA GLU X 50 66.38 16.96 -3.15
C GLU X 50 66.83 17.64 -4.44
N LEU X 51 67.60 16.96 -5.29
CA LEU X 51 67.81 17.48 -6.64
C LEU X 51 66.53 17.47 -7.46
N ARG X 52 65.68 16.45 -7.30
CA ARG X 52 64.38 16.48 -7.97
C ARG X 52 63.58 17.69 -7.51
N ASN X 53 63.57 17.95 -6.20
CA ASN X 53 62.89 19.13 -5.68
C ASN X 53 63.46 20.41 -6.28
N ILE X 54 64.79 20.51 -6.34
CA ILE X 54 65.43 21.73 -6.86
C ILE X 54 65.06 21.93 -8.33
N ILE X 55 65.14 20.87 -9.13
CA ILE X 55 64.89 21.04 -10.56
C ILE X 55 63.43 21.35 -10.82
N GLU X 56 62.51 20.77 -10.05
CA GLU X 56 61.09 21.08 -10.30
C GLU X 56 60.75 22.49 -9.85
N VAL X 57 61.32 22.95 -8.73
CA VAL X 57 61.05 24.33 -8.32
C VAL X 57 61.71 25.32 -9.28
N ARG X 58 62.87 24.96 -9.85
CA ARG X 58 63.48 25.80 -10.87
C ARG X 58 62.63 25.84 -12.14
N LYS X 59 62.01 24.71 -12.49
CA LYS X 59 61.09 24.71 -13.62
C LYS X 59 59.90 25.62 -13.36
N TRP X 60 59.36 25.60 -12.14
CA TRP X 60 58.29 26.52 -11.79
C TRP X 60 58.73 27.97 -11.89
N GLN X 61 59.94 28.26 -11.40
CA GLN X 61 60.46 29.64 -11.48
C GLN X 61 60.65 30.06 -12.93
N VAL X 62 61.12 29.15 -13.78
CA VAL X 62 61.29 29.44 -15.20
C VAL X 62 59.95 29.74 -15.84
N ASN X 63 58.92 28.95 -15.50
CA ASN X 63 57.58 29.21 -16.03
C ASN X 63 57.06 30.58 -15.58
N GLN X 64 57.27 30.92 -14.31
CA GLN X 64 56.83 32.22 -13.82
C GLN X 64 57.57 33.36 -14.52
N ALA X 65 58.87 33.21 -14.72
CA ALA X 65 59.64 34.24 -15.41
C ALA X 65 59.20 34.39 -16.86
N ALA X 66 58.93 33.27 -17.53
CA ALA X 66 58.43 33.33 -18.91
C ALA X 66 57.09 34.02 -18.98
N GLY X 67 56.19 33.70 -18.04
CA GLY X 67 54.90 34.38 -18.02
C GLY X 67 55.02 35.86 -17.77
N ARG X 68 55.90 36.25 -16.84
CA ARG X 68 56.12 37.67 -16.58
C ARG X 68 56.69 38.38 -17.80
N TYR X 69 57.64 37.75 -18.48
CA TYR X 69 58.22 38.34 -19.68
C TYR X 69 57.16 38.48 -20.77
N ILE X 70 56.31 37.47 -20.94
CA ILE X 70 55.25 37.54 -21.95
C ILE X 70 54.28 38.68 -21.63
N ARG X 71 53.91 38.81 -20.36
CA ARG X 71 53.01 39.90 -19.96
C ARG X 71 53.66 41.26 -20.20
N SER X 72 54.95 41.39 -19.88
CA SER X 72 55.64 42.66 -20.11
C SER X 72 55.74 42.99 -21.59
N HIS X 73 56.01 41.97 -22.42
CA HIS X 73 56.08 42.19 -23.87
C HIS X 73 54.72 42.61 -24.41
N GLU X 74 53.64 41.97 -23.95
CA GLU X 74 52.30 42.37 -24.37
C GLU X 74 52.00 43.79 -23.93
N ALA X 75 52.39 44.15 -22.71
CA ALA X 75 52.14 45.50 -22.21
C ALA X 75 52.90 46.55 -23.03
N VAL X 76 54.16 46.30 -23.33
CA VAL X 76 54.94 47.28 -24.09
C VAL X 76 54.43 47.38 -25.53
N GLN X 77 54.02 46.25 -26.12
CA GLN X 77 53.43 46.30 -27.45
C GLN X 77 52.13 47.10 -27.44
N HIS X 78 51.30 46.90 -26.42
CA HIS X 78 50.05 47.66 -26.32
C HIS X 78 50.33 49.15 -26.15
N ILE X 79 51.32 49.50 -25.33
CA ILE X 79 51.66 50.90 -25.12
C ILE X 79 52.16 51.54 -26.41
N SER X 80 53.02 50.82 -27.15
CA SER X 80 53.52 51.35 -28.42
C SER X 80 52.39 51.51 -29.43
N ILE X 81 51.48 50.54 -29.48
CA ILE X 81 50.32 50.66 -30.36
C ILE X 81 49.50 51.88 -29.98
N ARG X 82 49.27 52.07 -28.68
CA ARG X 82 48.47 53.21 -28.22
C ARG X 82 49.12 54.53 -28.61
N ASP X 83 50.42 54.67 -28.38
CA ASP X 83 51.09 55.93 -28.70
C ASP X 83 51.14 56.20 -30.20
N ARG X 84 51.46 55.18 -31.00
CA ARG X 84 51.53 55.38 -32.44
C ARG X 84 50.16 55.69 -33.03
N LEU X 85 49.13 54.94 -32.61
CA LEU X 85 47.79 55.24 -33.06
C LEU X 85 47.35 56.61 -32.60
N ASN X 86 47.76 57.03 -31.39
CA ASN X 86 47.34 58.32 -30.86
C ASN X 86 47.94 59.47 -31.65
N ASP X 87 49.26 59.45 -31.89
CA ASP X 87 49.83 60.60 -32.58
C ASP X 87 49.52 60.57 -34.07
N PHE X 88 49.38 59.39 -34.68
CA PHE X 88 48.86 59.35 -36.05
C PHE X 88 47.42 59.87 -36.11
N MET X 89 46.61 59.52 -35.11
CA MET X 89 45.23 59.98 -35.04
C MET X 89 45.16 61.50 -34.90
N GLN X 90 46.04 62.07 -34.07
CA GLN X 90 46.12 63.53 -33.98
C GLN X 90 46.58 64.13 -35.29
N GLN X 91 47.48 63.45 -36.01
CA GLN X 91 47.92 63.95 -37.30
C GLN X 91 46.79 64.01 -38.32
N HIS X 92 45.95 62.97 -38.36
CA HIS X 92 44.89 62.86 -39.36
C HIS X 92 43.51 62.70 -38.70
N GLY X 93 43.23 63.50 -37.68
CA GLY X 93 41.91 63.45 -37.07
C GLY X 93 40.82 63.93 -38.00
N THR X 94 41.09 64.98 -38.76
CA THR X 94 40.07 65.52 -39.68
C THR X 94 39.69 64.52 -40.76
N ALA X 95 40.67 63.78 -41.28
CA ALA X 95 40.40 62.83 -42.35
C ALA X 95 39.47 61.72 -41.87
N LEU X 96 39.80 61.08 -40.75
CA LEU X 96 38.95 60.03 -40.20
C LEU X 96 37.60 60.59 -39.78
N ALA X 97 37.58 61.82 -39.26
CA ALA X 97 36.32 62.45 -38.89
C ALA X 97 35.41 62.61 -40.09
N ALA X 98 35.94 63.14 -41.19
CA ALA X 98 35.14 63.31 -42.38
C ALA X 98 34.72 61.97 -42.97
N ALA X 99 35.59 60.97 -42.87
CA ALA X 99 35.27 59.66 -43.44
C ALA X 99 34.15 58.96 -42.68
N LEU X 100 34.16 59.04 -41.34
CA LEU X 100 33.23 58.27 -40.53
C LEU X 100 32.22 59.14 -39.79
N ALA X 101 32.04 60.39 -40.23
CA ALA X 101 31.12 61.31 -39.56
C ALA X 101 29.66 60.86 -39.55
N PRO X 102 29.05 60.42 -40.68
CA PRO X 102 27.58 60.24 -40.70
C PRO X 102 26.98 59.40 -39.59
N GLU X 103 27.79 58.69 -38.81
CA GLU X 103 27.29 58.08 -37.58
C GLU X 103 27.91 58.70 -36.33
N LEU X 104 29.07 59.35 -36.47
CA LEU X 104 29.73 59.96 -35.33
C LEU X 104 29.45 61.45 -35.18
N MET X 105 28.69 62.06 -36.08
CA MET X 105 28.38 63.47 -35.93
C MET X 105 27.42 63.70 -34.77
N GLY X 106 27.43 64.91 -34.26
CA GLY X 106 26.51 65.29 -33.21
C GLY X 106 26.65 64.45 -31.96
N TYR X 107 27.88 64.18 -31.52
CA TYR X 107 28.06 63.42 -30.28
C TYR X 107 27.36 64.11 -29.13
N SER X 108 27.64 65.39 -28.92
CA SER X 108 27.10 66.14 -27.79
C SER X 108 27.27 65.34 -26.51
N GLU X 109 26.15 64.88 -25.95
CA GLU X 109 26.18 63.87 -24.90
C GLU X 109 25.38 62.63 -25.26
N LEU X 110 24.13 62.80 -25.71
CA LEU X 110 23.23 61.71 -26.08
C LEU X 110 23.29 60.52 -25.13
N THR X 111 23.44 60.81 -23.84
CA THR X 111 23.42 59.83 -22.75
C THR X 111 24.52 58.78 -22.85
N ALA X 112 25.39 58.90 -23.86
CA ALA X 112 26.54 58.02 -24.06
C ALA X 112 26.13 56.56 -24.26
N ILE X 113 24.83 56.29 -24.31
CA ILE X 113 24.30 54.95 -24.53
C ILE X 113 23.91 54.74 -25.99
N ALA X 114 23.32 55.75 -26.61
CA ALA X 114 23.18 55.74 -28.06
C ALA X 114 24.54 55.92 -28.73
N ARG X 115 25.42 56.68 -28.09
CA ARG X 115 26.70 56.98 -28.71
C ARG X 115 27.67 55.81 -28.66
N ASN X 116 27.61 54.96 -27.63
CA ASN X 116 28.50 53.80 -27.63
C ASN X 116 28.09 52.78 -28.68
N CYS X 117 26.78 52.59 -28.89
CA CYS X 117 26.35 51.71 -29.97
C CYS X 117 26.63 52.34 -31.33
N ALA X 118 26.58 53.68 -31.41
CA ALA X 118 27.04 54.35 -32.63
C ALA X 118 28.53 54.12 -32.87
N ILE X 119 29.32 54.13 -31.79
CA ILE X 119 30.74 53.84 -31.91
C ILE X 119 30.95 52.41 -32.39
N GLN X 120 30.12 51.48 -31.91
CA GLN X 120 30.18 50.11 -32.42
C GLN X 120 29.84 50.06 -33.91
N ARG X 121 28.80 50.79 -34.31
CA ARG X 121 28.35 50.87 -35.70
C ARG X 121 29.32 51.64 -36.58
N ALA X 122 30.31 52.31 -36.00
CA ALA X 122 31.43 52.86 -36.74
C ALA X 122 32.65 51.95 -36.75
N THR X 123 32.92 51.25 -35.64
CA THR X 123 34.06 50.36 -35.58
C THR X 123 33.87 49.11 -36.42
N ASP X 124 32.63 48.69 -36.67
CA ASP X 124 32.45 47.62 -37.66
C ASP X 124 32.89 48.10 -39.05
N ALA X 125 32.60 49.36 -39.39
CA ALA X 125 33.08 49.92 -40.64
C ALA X 125 34.60 50.04 -40.65
N LEU X 126 35.21 50.40 -39.52
CA LEU X 126 36.67 50.41 -39.44
C LEU X 126 37.24 49.01 -39.62
N ARG X 127 36.57 48.00 -39.07
CA ARG X 127 36.97 46.61 -39.30
C ARG X 127 36.90 46.26 -40.78
N GLU X 128 35.85 46.72 -41.46
CA GLU X 128 35.76 46.53 -42.90
C GLU X 128 36.89 47.23 -43.63
N ALA X 129 37.29 48.42 -43.16
CA ALA X 129 38.41 49.14 -43.75
C ALA X 129 39.69 48.33 -43.64
N LEU X 130 39.96 47.81 -42.44
CA LEU X 130 41.15 46.98 -42.25
C LEU X 130 41.07 45.70 -43.10
N LEU X 131 39.87 45.13 -43.24
CA LEU X 131 39.71 43.96 -44.08
C LEU X 131 40.05 44.27 -45.53
N SER X 132 39.60 45.43 -46.03
CA SER X 132 39.92 45.82 -47.40
C SER X 132 41.42 46.05 -47.57
N TRP X 133 42.03 46.77 -46.62
CA TRP X 133 43.48 46.98 -46.67
C TRP X 133 44.23 45.67 -46.71
N LEU X 134 43.83 44.73 -45.86
CA LEU X 134 44.53 43.46 -45.70
C LEU X 134 44.25 42.51 -46.85
N ALA X 135 43.12 42.68 -47.54
CA ALA X 135 42.89 41.96 -48.79
C ALA X 135 43.70 42.55 -49.94
N LYS X 136 43.99 43.85 -49.88
CA LYS X 136 44.92 44.42 -50.85
C LYS X 136 46.30 43.79 -50.74
N GLY X 137 46.72 43.47 -49.51
CA GLY X 137 47.92 42.68 -49.29
C GLY X 137 49.23 43.31 -49.67
N GLU X 138 49.44 44.58 -49.35
CA GLU X 138 50.74 45.20 -49.53
C GLU X 138 51.65 44.84 -48.35
N LYS X 139 52.88 45.35 -48.38
CA LYS X 139 53.84 45.10 -47.32
C LYS X 139 53.75 46.19 -46.27
N ILE X 140 53.78 45.77 -45.00
CA ILE X 140 53.67 46.68 -43.86
C ILE X 140 54.95 46.62 -43.06
N ASN X 141 55.49 47.80 -42.74
CA ASN X 141 56.68 47.91 -41.90
C ASN X 141 56.34 48.68 -40.64
N TYR X 142 57.21 48.58 -39.64
CA TYR X 142 57.01 49.24 -38.37
C TYR X 142 57.17 50.75 -38.52
N SER X 143 56.54 51.50 -37.62
CA SER X 143 56.64 52.95 -37.66
C SER X 143 58.07 53.38 -37.34
N ALA X 144 58.64 54.19 -38.23
CA ALA X 144 60.05 54.55 -38.10
C ALA X 144 60.34 55.42 -36.88
N GLN X 145 59.30 56.02 -36.28
CA GLN X 145 59.53 56.85 -35.11
C GLN X 145 60.06 56.04 -33.93
N ASP X 146 59.50 54.86 -33.69
CA ASP X 146 59.92 54.01 -32.58
C ASP X 146 60.03 52.56 -33.04
N SER X 147 60.63 52.35 -34.22
CA SER X 147 60.75 50.99 -34.74
C SER X 147 61.83 50.19 -34.03
N ASP X 148 62.85 50.86 -33.49
CA ASP X 148 63.99 50.16 -32.92
C ASP X 148 63.59 49.30 -31.73
N ILE X 149 62.85 49.88 -30.78
CA ILE X 149 62.45 49.15 -29.58
C ILE X 149 61.57 47.97 -29.96
N LEU X 150 60.65 48.17 -30.90
CA LEU X 150 59.76 47.09 -31.32
C LEU X 150 60.52 45.97 -32.01
N THR X 151 61.54 46.31 -32.81
CA THR X 151 62.38 45.28 -33.41
C THR X 151 63.15 44.50 -32.35
N THR X 152 63.65 45.20 -31.32
CA THR X 152 64.33 44.50 -30.23
C THR X 152 63.40 43.56 -29.49
N ILE X 153 62.18 43.99 -29.21
CA ILE X 153 61.25 43.11 -28.49
C ILE X 153 60.61 42.08 -29.42
N GLY X 154 60.60 42.31 -30.72
CA GLY X 154 60.07 41.36 -31.67
C GLY X 154 58.57 41.44 -31.81
N PHE X 155 58.07 40.75 -32.84
CA PHE X 155 56.63 40.71 -33.08
C PHE X 155 55.90 39.97 -31.95
N ARG X 156 56.37 38.78 -31.62
CA ARG X 156 55.78 37.93 -30.59
C ARG X 156 56.88 37.42 -29.66
N PRO X 157 56.52 37.04 -28.44
CA PRO X 157 57.51 36.42 -27.55
C PRO X 157 58.06 35.14 -28.17
N ASP X 158 59.29 34.81 -27.79
CA ASP X 158 59.97 33.65 -28.37
C ASP X 158 59.19 32.37 -28.10
N VAL X 159 59.41 31.38 -28.98
CA VAL X 159 58.68 30.11 -28.89
C VAL X 159 58.98 29.42 -27.57
N ALA X 160 60.19 29.61 -27.03
CA ALA X 160 60.53 28.99 -25.75
C ALA X 160 59.65 29.50 -24.62
N SER X 161 59.33 30.80 -24.64
CA SER X 161 58.49 31.37 -23.58
C SER X 161 57.10 30.74 -23.58
N VAL X 162 56.45 30.72 -24.74
CA VAL X 162 55.10 30.15 -24.80
C VAL X 162 55.14 28.65 -24.53
N ASP X 163 56.20 27.96 -24.97
CA ASP X 163 56.33 26.54 -24.68
C ASP X 163 56.46 26.30 -23.18
N ASP X 164 57.18 27.18 -22.47
CA ASP X 164 57.31 27.06 -21.03
C ASP X 164 56.09 27.55 -20.27
N SER X 165 55.19 28.29 -20.92
CA SER X 165 53.99 28.82 -20.27
C SER X 165 52.72 28.09 -20.68
N ARG X 166 52.83 26.89 -21.26
CA ARG X 166 51.63 26.16 -21.64
C ARG X 166 50.85 25.68 -20.43
N GLU X 167 51.52 25.05 -19.47
CA GLU X 167 50.85 24.47 -18.32
C GLU X 167 50.46 25.55 -17.31
N LYS X 168 49.34 25.32 -16.64
CA LYS X 168 48.80 26.22 -15.63
C LYS X 168 48.96 25.61 -14.24
N PHE X 169 49.00 26.48 -13.23
CA PHE X 169 49.20 26.07 -11.85
C PHE X 169 48.07 26.61 -10.98
N THR X 170 47.57 25.77 -10.07
CA THR X 170 46.51 26.17 -9.17
C THR X 170 47.05 27.16 -8.13
N PRO X 171 46.18 28.01 -7.57
CA PRO X 171 46.64 28.96 -6.55
C PRO X 171 47.31 28.30 -5.35
N ALA X 172 46.80 27.15 -4.90
CA ALA X 172 47.45 26.42 -3.83
C ALA X 172 48.84 25.96 -4.25
N GLN X 173 48.95 25.41 -5.46
CA GLN X 173 50.26 25.06 -5.99
C GLN X 173 51.14 26.30 -6.10
N ASN X 174 50.57 27.43 -6.52
CA ASN X 174 51.36 28.65 -6.65
C ASN X 174 51.94 29.09 -5.31
N MET X 175 51.14 29.05 -4.25
CA MET X 175 51.65 29.56 -2.99
C MET X 175 52.58 28.56 -2.29
N ILE X 176 52.35 27.25 -2.45
CA ILE X 176 53.34 26.30 -1.93
C ILE X 176 54.65 26.43 -2.69
N PHE X 177 54.57 26.69 -4.01
CA PHE X 177 55.79 26.90 -4.79
C PHE X 177 56.51 28.16 -4.34
N SER X 178 55.77 29.22 -4.04
CA SER X 178 56.39 30.44 -3.53
C SER X 178 57.07 30.19 -2.19
N ARG X 179 56.43 29.41 -1.31
CA ARG X 179 57.05 29.07 -0.03
C ARG X 179 58.33 28.27 -0.24
N LYS X 180 58.31 27.30 -1.16
CA LYS X 180 59.50 26.50 -1.42
C LYS X 180 60.61 27.35 -2.03
N SER X 181 60.26 28.30 -2.90
CA SER X 181 61.27 29.21 -3.44
C SER X 181 61.87 30.08 -2.35
N ALA X 182 61.04 30.56 -1.43
CA ALA X 182 61.55 31.36 -0.32
C ALA X 182 62.48 30.55 0.57
N GLN X 183 62.13 29.29 0.86
CA GLN X 183 63.01 28.46 1.66
C GLN X 183 64.30 28.13 0.92
N LEU X 184 64.23 27.96 -0.40
CA LEU X 184 65.43 27.77 -1.20
C LEU X 184 66.35 28.98 -1.10
N ALA X 185 65.78 30.18 -1.22
CA ALA X 185 66.57 31.39 -1.10
C ALA X 185 67.19 31.51 0.29
N SER X 186 66.42 31.19 1.33
CA SER X 186 66.93 31.26 2.68
C SER X 186 68.08 30.28 2.90
N ARG X 187 67.96 29.06 2.39
CA ARG X 187 69.00 28.07 2.61
C ARG X 187 70.25 28.37 1.78
N GLN X 188 70.09 28.91 0.57
CA GLN X 188 71.26 29.23 -0.24
C GLN X 188 71.95 30.50 0.25
N SER X 189 71.20 31.41 0.88
CA SER X 189 71.82 32.62 1.42
C SER X 189 72.79 32.28 2.54
N VAL X 190 72.42 31.35 3.41
CA VAL X 190 73.28 30.95 4.52
C VAL X 190 74.42 30.06 4.02
N THR Y 4 54.58 -13.70 -60.70
CA THR Y 4 53.25 -14.27 -60.50
C THR Y 4 52.42 -13.42 -59.55
N ALA Y 5 52.54 -13.70 -58.25
CA ALA Y 5 51.80 -12.93 -57.26
C ALA Y 5 52.28 -11.48 -57.22
N LEU Y 6 53.59 -11.27 -57.35
CA LEU Y 6 54.13 -9.92 -57.32
C LEU Y 6 53.59 -9.09 -58.48
N GLN Y 7 53.54 -9.66 -59.68
CA GLN Y 7 53.07 -8.92 -60.85
C GLN Y 7 51.59 -8.57 -60.72
N GLN Y 8 50.76 -9.52 -60.27
CA GLN Y 8 49.35 -9.23 -60.11
C GLN Y 8 49.12 -8.20 -59.00
N ALA Y 9 49.87 -8.28 -57.90
CA ALA Y 9 49.77 -7.25 -56.88
C ALA Y 9 50.15 -5.89 -57.43
N PHE Y 10 51.23 -5.82 -58.22
CA PHE Y 10 51.72 -4.54 -58.72
C PHE Y 10 50.74 -3.91 -59.70
N ASP Y 11 50.22 -4.70 -60.66
CA ASP Y 11 49.32 -4.07 -61.62
C ASP Y 11 47.93 -3.82 -61.01
N THR Y 12 47.52 -4.62 -60.02
CA THR Y 12 46.32 -4.27 -59.26
C THR Y 12 46.51 -2.93 -58.56
N CYS Y 13 47.67 -2.72 -57.94
CA CYS Y 13 47.93 -1.44 -57.28
C CYS Y 13 47.94 -0.29 -58.28
N GLN Y 14 48.53 -0.51 -59.46
CA GLN Y 14 48.63 0.60 -60.42
C GLN Y 14 47.26 0.93 -61.00
N ASN Y 15 46.41 -0.07 -61.27
CA ASN Y 15 45.08 0.25 -61.78
C ASN Y 15 44.20 0.84 -60.69
N ASN Y 16 44.41 0.44 -59.43
CA ASN Y 16 43.73 1.10 -58.33
C ASN Y 16 44.14 2.57 -58.23
N LYS Y 17 45.43 2.85 -58.43
CA LYS Y 17 45.89 4.24 -58.44
C LYS Y 17 45.25 5.01 -59.59
N ALA Y 18 45.17 4.41 -60.77
CA ALA Y 18 44.53 5.07 -61.90
C ALA Y 18 43.06 5.36 -61.61
N ALA Y 19 42.35 4.39 -61.01
CA ALA Y 19 40.95 4.60 -60.65
C ALA Y 19 40.80 5.71 -59.61
N TRP Y 20 41.70 5.76 -58.64
CA TRP Y 20 41.64 6.81 -57.63
C TRP Y 20 41.91 8.18 -58.24
N LEU Y 21 42.85 8.26 -59.17
CA LEU Y 21 43.09 9.53 -59.88
C LEU Y 21 41.88 9.94 -60.69
N GLN Y 22 41.21 8.98 -61.34
CA GLN Y 22 39.98 9.30 -62.05
C GLN Y 22 38.90 9.82 -61.11
N ARG Y 23 38.75 9.17 -59.94
CA ARG Y 23 37.80 9.66 -58.95
C ARG Y 23 38.13 11.08 -58.53
N LYS Y 24 39.41 11.35 -58.27
CA LYS Y 24 39.81 12.68 -57.82
C LYS Y 24 39.57 13.74 -58.88
N ASN Y 25 39.88 13.44 -60.15
CA ASN Y 25 39.74 14.48 -61.15
C ASN Y 25 38.27 14.72 -61.53
N GLU Y 26 37.43 13.67 -61.51
CA GLU Y 26 36.02 13.94 -61.71
C GLU Y 26 35.39 14.65 -60.50
N LEU Y 27 35.91 14.39 -59.30
CA LEU Y 27 35.48 15.18 -58.15
C LEU Y 27 35.84 16.64 -58.31
N ALA Y 28 37.06 16.92 -58.80
CA ALA Y 28 37.47 18.30 -59.04
C ALA Y 28 36.59 18.96 -60.11
N ALA Y 29 36.28 18.22 -61.18
CA ALA Y 29 35.41 18.75 -62.22
C ALA Y 29 34.02 19.04 -61.68
N ALA Y 30 33.47 18.14 -60.86
CA ALA Y 30 32.16 18.37 -60.27
C ALA Y 30 32.18 19.60 -59.36
N GLU Y 31 33.23 19.75 -58.55
CA GLU Y 31 33.31 20.91 -57.67
C GLU Y 31 33.41 22.21 -58.46
N GLN Y 32 34.23 22.22 -59.52
CA GLN Y 32 34.40 23.45 -60.28
C GLN Y 32 33.11 23.81 -61.03
N GLU Y 33 32.40 22.82 -61.58
CA GLU Y 33 31.14 23.15 -62.24
C GLU Y 33 30.08 23.57 -61.22
N TYR Y 34 30.10 22.98 -60.02
CA TYR Y 34 29.18 23.40 -58.97
C TYR Y 34 29.40 24.86 -58.59
N LEU Y 35 30.67 25.25 -58.38
CA LEU Y 35 30.94 26.63 -58.03
C LEU Y 35 30.66 27.57 -59.20
N ARG Y 36 30.88 27.12 -60.44
CA ARG Y 36 30.52 27.92 -61.60
C ARG Y 36 29.01 28.17 -61.65
N LEU Y 37 28.21 27.13 -61.39
CA LEU Y 37 26.76 27.31 -61.37
C LEU Y 37 26.32 28.20 -60.21
N LEU Y 38 26.99 28.08 -59.06
CA LEU Y 38 26.69 28.97 -57.94
C LEU Y 38 26.97 30.42 -58.30
N SER Y 39 28.09 30.66 -58.99
CA SER Y 39 28.39 32.02 -59.46
C SER Y 39 27.44 32.48 -60.55
N GLY Y 40 26.76 31.55 -61.23
CA GLY Y 40 25.84 31.90 -62.29
C GLY Y 40 24.52 32.42 -61.75
N GLU Y 41 23.70 32.91 -62.69
CA GLU Y 41 22.40 33.47 -62.36
C GLU Y 41 21.31 32.43 -62.19
N GLY Y 42 21.59 31.16 -62.52
CA GLY Y 42 20.59 30.11 -62.44
C GLY Y 42 20.02 29.91 -61.05
N ARG Y 43 18.70 30.03 -60.93
CA ARG Y 43 18.02 29.89 -59.64
C ARG Y 43 17.32 28.56 -59.49
N ASN Y 44 17.51 27.62 -60.43
CA ASN Y 44 16.85 26.32 -60.36
C ASN Y 44 17.43 25.53 -59.20
N VAL Y 45 16.64 25.35 -58.14
CA VAL Y 45 17.11 24.66 -56.95
C VAL Y 45 17.35 23.18 -57.23
N SER Y 46 16.58 22.60 -58.15
CA SER Y 46 16.74 21.18 -58.47
C SER Y 46 18.14 20.87 -58.99
N ARG Y 47 18.67 21.75 -59.85
CA ARG Y 47 20.02 21.56 -60.35
C ARG Y 47 21.04 21.58 -59.22
N LEU Y 48 20.90 22.53 -58.29
CA LEU Y 48 21.82 22.62 -57.17
C LEU Y 48 21.74 21.38 -56.29
N ASP Y 49 20.53 20.91 -56.00
CA ASP Y 49 20.38 19.73 -55.15
C ASP Y 49 20.95 18.49 -55.81
N GLU Y 50 20.67 18.29 -57.10
CA GLU Y 50 21.19 17.11 -57.78
C GLU Y 50 22.71 17.17 -57.91
N LEU Y 51 23.26 18.37 -58.13
CA LEU Y 51 24.71 18.49 -58.18
C LEU Y 51 25.36 18.28 -56.81
N ARG Y 52 24.68 18.69 -55.74
CA ARG Y 52 25.16 18.36 -54.40
C ARG Y 52 25.17 16.85 -54.18
N ASN Y 53 24.13 16.16 -54.63
CA ASN Y 53 24.13 14.70 -54.56
C ASN Y 53 25.27 14.11 -55.37
N ILE Y 54 25.54 14.68 -56.56
CA ILE Y 54 26.62 14.17 -57.41
C ILE Y 54 27.96 14.35 -56.71
N ILE Y 55 28.21 15.53 -56.14
CA ILE Y 55 29.51 15.75 -55.51
C ILE Y 55 29.64 14.88 -54.26
N GLU Y 56 28.55 14.66 -53.53
CA GLU Y 56 28.62 13.80 -52.35
C GLU Y 56 28.95 12.36 -52.74
N VAL Y 57 28.28 11.84 -53.76
CA VAL Y 57 28.56 10.47 -54.18
C VAL Y 57 29.95 10.35 -54.79
N ARG Y 58 30.42 11.40 -55.47
CA ARG Y 58 31.78 11.39 -55.98
C ARG Y 58 32.79 11.39 -54.85
N LYS Y 59 32.52 12.14 -53.78
CA LYS Y 59 33.39 12.11 -52.60
C LYS Y 59 33.41 10.73 -51.98
N TRP Y 60 32.25 10.08 -51.90
CA TRP Y 60 32.20 8.71 -51.39
C TRP Y 60 33.04 7.77 -52.26
N GLN Y 61 32.92 7.90 -53.58
CA GLN Y 61 33.70 7.07 -54.48
C GLN Y 61 35.20 7.35 -54.34
N VAL Y 62 35.57 8.61 -54.15
CA VAL Y 62 36.98 8.95 -53.92
C VAL Y 62 37.48 8.29 -52.65
N ASN Y 63 36.69 8.34 -51.57
CA ASN Y 63 37.08 7.70 -50.32
C ASN Y 63 37.25 6.19 -50.51
N GLN Y 64 36.29 5.56 -51.21
CA GLN Y 64 36.38 4.11 -51.43
C GLN Y 64 37.61 3.76 -52.26
N ALA Y 65 37.88 4.52 -53.31
CA ALA Y 65 39.04 4.25 -54.15
C ALA Y 65 40.34 4.45 -53.38
N ALA Y 66 40.41 5.50 -52.55
CA ALA Y 66 41.60 5.74 -51.75
C ALA Y 66 41.83 4.61 -50.75
N GLY Y 67 40.75 4.16 -50.10
CA GLY Y 67 40.89 3.04 -49.18
C GLY Y 67 41.34 1.76 -49.86
N ARG Y 68 40.75 1.47 -51.03
CA ARG Y 68 41.15 0.28 -51.78
C ARG Y 68 42.61 0.37 -52.22
N TYR Y 69 43.03 1.55 -52.68
CA TYR Y 69 44.41 1.74 -53.10
C TYR Y 69 45.37 1.60 -51.93
N ILE Y 70 45.00 2.12 -50.76
CA ILE Y 70 45.84 1.97 -49.58
C ILE Y 70 45.97 0.51 -49.20
N ARG Y 71 44.84 -0.23 -49.22
CA ARG Y 71 44.88 -1.65 -48.91
C ARG Y 71 45.74 -2.42 -49.90
N SER Y 72 45.62 -2.09 -51.19
CA SER Y 72 46.46 -2.76 -52.20
C SER Y 72 47.93 -2.40 -52.02
N HIS Y 73 48.22 -1.16 -51.62
CA HIS Y 73 49.60 -0.76 -51.35
C HIS Y 73 50.20 -1.57 -50.21
N GLU Y 74 49.45 -1.69 -49.11
CA GLU Y 74 49.91 -2.50 -48.00
C GLU Y 74 50.07 -3.96 -48.40
N ALA Y 75 49.14 -4.48 -49.21
CA ALA Y 75 49.22 -5.88 -49.62
C ALA Y 75 50.44 -6.13 -50.50
N VAL Y 76 50.73 -5.24 -51.45
CA VAL Y 76 51.87 -5.44 -52.33
C VAL Y 76 53.17 -5.27 -51.55
N GLN Y 77 53.22 -4.33 -50.60
CA GLN Y 77 54.41 -4.22 -49.75
C GLN Y 77 54.61 -5.49 -48.94
N HIS Y 78 53.52 -6.04 -48.39
CA HIS Y 78 53.63 -7.25 -47.58
C HIS Y 78 54.09 -8.43 -48.43
N ILE Y 79 53.57 -8.56 -49.66
CA ILE Y 79 53.96 -9.70 -50.49
C ILE Y 79 55.40 -9.55 -50.96
N SER Y 80 55.85 -8.32 -51.22
CA SER Y 80 57.25 -8.10 -51.56
C SER Y 80 58.15 -8.44 -50.38
N ILE Y 81 57.75 -8.05 -49.17
CA ILE Y 81 58.52 -8.40 -47.98
C ILE Y 81 58.55 -9.91 -47.81
N ARG Y 82 57.43 -10.59 -48.10
CA ARG Y 82 57.38 -12.04 -47.99
C ARG Y 82 58.37 -12.69 -48.96
N ASP Y 83 58.39 -12.22 -50.20
CA ASP Y 83 59.33 -12.78 -51.18
C ASP Y 83 60.77 -12.53 -50.77
N ARG Y 84 61.06 -11.32 -50.29
CA ARG Y 84 62.43 -10.98 -49.88
C ARG Y 84 62.86 -11.84 -48.70
N LEU Y 85 61.99 -11.98 -47.69
CA LEU Y 85 62.36 -12.81 -46.54
C LEU Y 85 62.53 -14.26 -46.96
N ASN Y 86 61.68 -14.74 -47.86
CA ASN Y 86 61.77 -16.13 -48.29
C ASN Y 86 63.09 -16.42 -49.01
N ASP Y 87 63.45 -15.59 -49.99
CA ASP Y 87 64.65 -15.91 -50.76
C ASP Y 87 65.92 -15.59 -49.97
N PHE Y 88 65.94 -14.49 -49.22
CA PHE Y 88 67.09 -14.21 -48.35
C PHE Y 88 67.26 -15.31 -47.30
N MET Y 89 66.15 -15.86 -46.80
CA MET Y 89 66.24 -16.99 -45.90
C MET Y 89 66.82 -18.20 -46.59
N GLN Y 90 66.27 -18.57 -47.74
CA GLN Y 90 66.74 -19.78 -48.43
C GLN Y 90 68.22 -19.66 -48.78
N GLN Y 91 68.72 -18.43 -48.91
CA GLN Y 91 70.15 -18.26 -49.16
C GLN Y 91 71.00 -18.44 -47.90
N HIS Y 92 70.47 -18.02 -46.73
CA HIS Y 92 71.29 -17.90 -45.51
C HIS Y 92 70.58 -18.50 -44.30
N GLY Y 93 70.11 -19.74 -44.43
CA GLY Y 93 69.40 -20.40 -43.34
C GLY Y 93 70.21 -20.68 -42.08
N THR Y 94 71.20 -21.57 -42.19
CA THR Y 94 71.99 -21.95 -41.02
C THR Y 94 72.77 -20.77 -40.46
N ALA Y 95 73.13 -19.82 -41.31
CA ALA Y 95 73.86 -18.64 -40.85
C ALA Y 95 73.03 -17.85 -39.84
N LEU Y 96 71.75 -17.63 -40.14
CA LEU Y 96 70.88 -16.96 -39.17
C LEU Y 96 70.50 -17.89 -38.03
N ALA Y 97 70.51 -19.21 -38.27
CA ALA Y 97 70.25 -20.16 -37.20
C ALA Y 97 71.28 -20.02 -36.08
N ALA Y 98 72.56 -19.99 -36.46
CA ALA Y 98 73.63 -20.05 -35.47
C ALA Y 98 73.50 -19.02 -34.36
N ALA Y 99 72.67 -17.99 -34.55
CA ALA Y 99 72.48 -16.99 -33.51
C ALA Y 99 71.41 -17.42 -32.50
N LEU Y 100 70.23 -17.79 -32.99
CA LEU Y 100 69.06 -18.01 -32.14
C LEU Y 100 68.76 -19.49 -31.95
N ALA Y 101 69.67 -20.38 -32.34
CA ALA Y 101 69.49 -21.82 -32.18
C ALA Y 101 69.17 -22.29 -30.75
N PRO Y 102 69.81 -21.78 -29.68
CA PRO Y 102 69.66 -22.44 -28.36
C PRO Y 102 68.21 -22.70 -27.92
N GLU Y 103 67.27 -21.80 -28.19
CA GLU Y 103 65.89 -22.03 -27.81
C GLU Y 103 65.03 -22.62 -28.93
N LEU Y 104 65.65 -23.12 -30.00
CA LEU Y 104 64.94 -23.91 -31.02
C LEU Y 104 65.41 -25.36 -31.05
N MET Y 105 66.19 -25.81 -30.07
CA MET Y 105 66.61 -27.21 -30.04
C MET Y 105 65.43 -28.12 -29.74
N GLY Y 106 65.04 -28.93 -30.72
CA GLY Y 106 63.90 -29.82 -30.55
C GLY Y 106 62.59 -29.11 -30.28
N TYR Y 107 62.33 -28.02 -31.02
CA TYR Y 107 61.12 -27.23 -30.77
C TYR Y 107 59.87 -28.03 -31.10
N SER Y 108 59.89 -28.78 -32.21
CA SER Y 108 58.69 -29.42 -32.73
C SER Y 108 58.12 -30.47 -31.79
N GLU Y 109 58.94 -31.02 -30.90
CA GLU Y 109 58.49 -32.01 -29.94
C GLU Y 109 57.96 -31.40 -28.64
N LEU Y 110 58.06 -30.08 -28.48
CA LEU Y 110 57.57 -29.43 -27.28
C LEU Y 110 56.05 -29.24 -27.35
N THR Y 111 55.44 -29.11 -26.18
CA THR Y 111 54.02 -28.87 -26.08
C THR Y 111 53.68 -27.42 -26.44
N ALA Y 112 52.38 -27.14 -26.52
CA ALA Y 112 51.92 -25.84 -27.02
C ALA Y 112 52.41 -24.70 -26.13
N ILE Y 113 52.33 -24.86 -24.81
CA ILE Y 113 52.75 -23.78 -23.91
C ILE Y 113 54.25 -23.57 -23.98
N ALA Y 114 55.03 -24.66 -24.05
CA ALA Y 114 56.46 -24.52 -24.23
C ALA Y 114 56.80 -23.89 -25.57
N ARG Y 115 56.03 -24.24 -26.60
CA ARG Y 115 56.22 -23.62 -27.92
C ARG Y 115 55.99 -22.11 -27.84
N ASN Y 116 54.93 -21.68 -27.14
CA ASN Y 116 54.67 -20.26 -26.99
C ASN Y 116 55.75 -19.58 -26.17
N CYS Y 117 56.25 -20.24 -25.12
CA CYS Y 117 57.33 -19.64 -24.32
C CYS Y 117 58.58 -19.43 -25.16
N ALA Y 118 58.94 -20.43 -25.98
CA ALA Y 118 60.06 -20.26 -26.90
C ALA Y 118 59.78 -19.16 -27.90
N ILE Y 119 58.52 -19.03 -28.33
CA ILE Y 119 58.14 -17.98 -29.27
C ILE Y 119 58.43 -16.61 -28.68
N GLN Y 120 57.96 -16.35 -27.45
CA GLN Y 120 58.21 -15.05 -26.84
C GLN Y 120 59.69 -14.85 -26.49
N ARG Y 121 60.41 -15.92 -26.13
CA ARG Y 121 61.84 -15.77 -25.86
C ARG Y 121 62.59 -15.31 -27.10
N ALA Y 122 62.41 -16.04 -28.21
CA ALA Y 122 63.02 -15.59 -29.46
C ALA Y 122 62.47 -14.24 -29.89
N THR Y 123 61.24 -13.91 -29.47
CA THR Y 123 60.63 -12.64 -29.84
C THR Y 123 61.36 -11.47 -29.20
N ASP Y 124 61.64 -11.55 -27.90
CA ASP Y 124 62.35 -10.43 -27.29
C ASP Y 124 63.82 -10.43 -27.72
N ALA Y 125 64.37 -11.60 -28.06
CA ALA Y 125 65.71 -11.63 -28.64
C ALA Y 125 65.77 -10.85 -29.94
N LEU Y 126 64.86 -11.15 -30.87
CA LEU Y 126 64.84 -10.44 -32.15
C LEU Y 126 64.44 -8.98 -31.97
N ARG Y 127 63.62 -8.68 -30.96
CA ARG Y 127 63.32 -7.29 -30.64
C ARG Y 127 64.58 -6.53 -30.28
N GLU Y 128 65.43 -7.13 -29.42
CA GLU Y 128 66.67 -6.47 -29.05
C GLU Y 128 67.59 -6.32 -30.25
N ALA Y 129 67.64 -7.34 -31.11
CA ALA Y 129 68.48 -7.27 -32.30
C ALA Y 129 68.04 -6.11 -33.21
N LEU Y 130 66.73 -6.01 -33.47
CA LEU Y 130 66.23 -4.96 -34.35
C LEU Y 130 66.41 -3.58 -33.73
N LEU Y 131 66.21 -3.45 -32.41
CA LEU Y 131 66.42 -2.15 -31.80
C LEU Y 131 67.89 -1.75 -31.83
N SER Y 132 68.81 -2.71 -31.71
CA SER Y 132 70.22 -2.40 -31.89
C SER Y 132 70.52 -1.95 -33.31
N TRP Y 133 69.93 -2.64 -34.30
CA TRP Y 133 70.09 -2.22 -35.69
C TRP Y 133 69.63 -0.79 -35.91
N LEU Y 134 68.46 -0.44 -35.37
CA LEU Y 134 67.95 0.91 -35.52
C LEU Y 134 68.79 1.91 -34.73
N ALA Y 135 69.33 1.50 -33.60
CA ALA Y 135 70.18 2.39 -32.80
C ALA Y 135 71.45 2.74 -33.57
N LYS Y 136 72.05 1.78 -34.26
CA LYS Y 136 73.28 2.08 -34.99
C LYS Y 136 73.00 3.01 -36.16
N GLY Y 137 71.87 2.82 -36.83
CA GLY Y 137 71.36 3.81 -37.76
C GLY Y 137 72.11 4.03 -39.06
N GLU Y 138 72.07 3.05 -39.96
CA GLU Y 138 72.70 3.18 -41.27
C GLU Y 138 71.65 3.47 -42.33
N LYS Y 139 72.13 3.94 -43.48
CA LYS Y 139 71.27 4.31 -44.61
C LYS Y 139 71.31 3.19 -45.65
N ILE Y 140 70.13 2.72 -46.04
CA ILE Y 140 69.99 1.60 -46.97
C ILE Y 140 69.26 2.06 -48.22
N ASN Y 141 69.55 1.41 -49.34
CA ASN Y 141 68.88 1.63 -50.61
C ASN Y 141 67.86 0.53 -50.87
N TYR Y 142 67.29 0.55 -52.08
CA TYR Y 142 66.30 -0.46 -52.46
C TYR Y 142 66.98 -1.77 -52.85
N SER Y 143 66.19 -2.83 -52.89
CA SER Y 143 66.67 -4.12 -53.36
C SER Y 143 66.94 -4.06 -54.86
N ALA Y 144 68.01 -4.70 -55.29
CA ALA Y 144 68.42 -4.63 -56.69
C ALA Y 144 67.42 -5.32 -57.62
N GLN Y 145 66.71 -6.34 -57.12
CA GLN Y 145 65.80 -7.09 -57.97
C GLN Y 145 64.54 -6.30 -58.29
N ASP Y 146 64.01 -5.56 -57.32
CA ASP Y 146 62.73 -4.86 -57.47
C ASP Y 146 62.87 -3.41 -57.03
N SER Y 147 63.94 -2.76 -57.47
CA SER Y 147 64.13 -1.34 -57.15
C SER Y 147 63.06 -0.48 -57.82
N ASP Y 148 62.76 -0.76 -59.09
CA ASP Y 148 61.77 0.03 -59.82
C ASP Y 148 60.39 -0.09 -59.19
N ILE Y 149 60.04 -1.29 -58.72
CA ILE Y 149 58.76 -1.49 -58.05
C ILE Y 149 58.67 -0.63 -56.80
N LEU Y 150 59.76 -0.58 -56.02
CA LEU Y 150 59.76 0.25 -54.82
C LEU Y 150 59.68 1.73 -55.17
N THR Y 151 60.36 2.16 -56.25
CA THR Y 151 60.26 3.55 -56.67
C THR Y 151 58.84 3.91 -57.07
N THR Y 152 58.17 3.03 -57.81
CA THR Y 152 56.79 3.29 -58.22
C THR Y 152 55.84 3.29 -57.03
N ILE Y 153 56.05 2.37 -56.09
CA ILE Y 153 55.15 2.26 -54.95
C ILE Y 153 55.51 3.28 -53.87
N GLY Y 154 56.74 3.20 -53.36
CA GLY Y 154 57.18 4.13 -52.33
C GLY Y 154 56.78 3.69 -50.94
N PHE Y 155 57.23 4.47 -49.96
CA PHE Y 155 56.92 4.19 -48.56
C PHE Y 155 55.41 4.28 -48.31
N ARG Y 156 54.84 5.46 -48.47
CA ARG Y 156 53.41 5.69 -48.45
C ARG Y 156 53.01 6.48 -49.70
N PRO Y 157 51.75 6.37 -50.12
CA PRO Y 157 51.27 7.21 -51.22
C PRO Y 157 51.23 8.68 -50.82
N ASP Y 158 50.78 9.54 -51.74
CA ASP Y 158 50.70 10.96 -51.46
C ASP Y 158 49.78 11.24 -50.28
N VAL Y 159 49.90 12.46 -49.72
CA VAL Y 159 49.09 12.84 -48.57
C VAL Y 159 47.62 12.87 -48.94
N ALA Y 160 47.30 13.03 -50.23
CA ALA Y 160 45.91 13.06 -50.67
C ALA Y 160 45.20 11.75 -50.37
N SER Y 161 45.89 10.62 -50.48
CA SER Y 161 45.27 9.33 -50.22
C SER Y 161 44.82 9.22 -48.76
N VAL Y 162 45.73 9.53 -47.83
CA VAL Y 162 45.37 9.44 -46.41
C VAL Y 162 44.34 10.52 -46.04
N ASP Y 163 44.42 11.69 -46.69
CA ASP Y 163 43.41 12.72 -46.43
C ASP Y 163 42.02 12.26 -46.87
N ASP Y 164 41.93 11.59 -48.02
CA ASP Y 164 40.66 11.07 -48.49
C ASP Y 164 40.17 9.90 -47.66
N SER Y 165 41.07 9.07 -47.15
CA SER Y 165 40.70 7.92 -46.34
C SER Y 165 40.56 8.27 -44.86
N ARG Y 166 40.80 9.52 -44.47
CA ARG Y 166 40.72 9.89 -43.06
C ARG Y 166 39.29 9.79 -42.54
N GLU Y 167 38.33 10.39 -43.26
CA GLU Y 167 36.95 10.38 -42.81
C GLU Y 167 36.33 9.00 -43.00
N LYS Y 168 35.37 8.68 -42.12
CA LYS Y 168 34.75 7.36 -42.07
C LYS Y 168 33.25 7.46 -42.33
N PHE Y 169 32.72 6.46 -43.01
CA PHE Y 169 31.29 6.29 -43.21
C PHE Y 169 30.86 4.95 -42.63
N THR Y 170 29.70 4.93 -41.98
CA THR Y 170 29.14 3.68 -41.49
C THR Y 170 28.74 2.80 -42.67
N PRO Y 171 28.82 1.47 -42.52
CA PRO Y 171 28.51 0.59 -43.66
C PRO Y 171 27.10 0.77 -44.23
N ALA Y 172 26.12 1.15 -43.41
CA ALA Y 172 24.81 1.47 -43.95
C ALA Y 172 24.88 2.67 -44.87
N GLN Y 173 25.62 3.70 -44.47
CA GLN Y 173 25.86 4.84 -45.34
C GLN Y 173 26.59 4.41 -46.60
N ASN Y 174 27.56 3.50 -46.46
CA ASN Y 174 28.30 3.01 -47.62
C ASN Y 174 27.36 2.34 -48.62
N MET Y 175 26.44 1.50 -48.13
CA MET Y 175 25.57 0.78 -49.06
C MET Y 175 24.50 1.68 -49.65
N ILE Y 176 23.98 2.66 -48.89
CA ILE Y 176 23.05 3.61 -49.51
C ILE Y 176 23.77 4.45 -50.56
N PHE Y 177 25.03 4.82 -50.31
CA PHE Y 177 25.79 5.56 -51.32
C PHE Y 177 26.04 4.70 -52.54
N SER Y 178 26.31 3.41 -52.34
CA SER Y 178 26.47 2.51 -53.48
C SER Y 178 25.19 2.41 -54.30
N ARG Y 179 24.04 2.35 -53.62
CA ARG Y 179 22.76 2.34 -54.34
C ARG Y 179 22.57 3.61 -55.16
N LYS Y 180 22.83 4.78 -54.53
CA LYS Y 180 22.69 6.04 -55.25
C LYS Y 180 23.62 6.10 -56.45
N SER Y 181 24.88 5.68 -56.28
CA SER Y 181 25.79 5.59 -57.40
C SER Y 181 25.26 4.64 -58.46
N ALA Y 182 24.52 3.60 -58.06
CA ALA Y 182 23.94 2.68 -59.03
C ALA Y 182 22.93 3.39 -59.93
N GLN Y 183 21.96 4.10 -59.33
CA GLN Y 183 21.02 4.73 -60.27
C GLN Y 183 21.66 5.91 -60.99
N LEU Y 184 22.68 6.54 -60.42
CA LEU Y 184 23.37 7.59 -61.15
C LEU Y 184 24.12 7.05 -62.36
N ALA Y 185 24.75 5.88 -62.21
CA ALA Y 185 25.36 5.22 -63.35
C ALA Y 185 24.30 4.82 -64.38
N SER Y 186 23.14 4.36 -63.91
CA SER Y 186 22.07 4.00 -64.83
C SER Y 186 21.60 5.21 -65.64
N ARG Y 187 21.45 6.36 -64.99
CA ARG Y 187 20.95 7.52 -65.71
C ARG Y 187 22.01 8.13 -66.63
N GLN Y 188 23.28 8.10 -66.22
CA GLN Y 188 24.32 8.63 -67.10
C GLN Y 188 24.66 7.68 -68.24
N SER Y 189 24.32 6.39 -68.11
CA SER Y 189 24.46 5.47 -69.23
C SER Y 189 23.55 5.87 -70.38
N VAL Y 190 22.32 6.30 -70.06
CA VAL Y 190 21.38 6.74 -71.08
C VAL Y 190 21.77 8.11 -71.60
N THR Z 4 84.44 -11.90 -22.29
CA THR Z 4 84.49 -13.08 -21.43
C THR Z 4 83.29 -13.13 -20.50
N ALA Z 5 82.26 -12.33 -20.80
CA ALA Z 5 81.05 -12.33 -20.00
C ALA Z 5 80.34 -13.67 -20.08
N LEU Z 6 80.31 -14.28 -21.26
CA LEU Z 6 79.69 -15.59 -21.42
C LEU Z 6 80.40 -16.64 -20.58
N GLN Z 7 81.75 -16.62 -20.58
CA GLN Z 7 82.51 -17.61 -19.83
C GLN Z 7 82.27 -17.47 -18.32
N GLN Z 8 82.27 -16.23 -17.81
CA GLN Z 8 82.05 -16.04 -16.38
C GLN Z 8 80.60 -16.37 -16.00
N ALA Z 9 79.65 -16.07 -16.88
CA ALA Z 9 78.27 -16.47 -16.62
C ALA Z 9 78.13 -17.98 -16.56
N PHE Z 10 78.82 -18.69 -17.47
CA PHE Z 10 78.80 -20.15 -17.45
C PHE Z 10 79.43 -20.67 -16.16
N ASP Z 11 80.51 -20.03 -15.70
CA ASP Z 11 81.12 -20.43 -14.44
C ASP Z 11 80.16 -20.21 -13.27
N THR Z 12 79.44 -19.09 -13.27
CA THR Z 12 78.44 -18.85 -12.22
C THR Z 12 77.35 -19.92 -12.26
N CYS Z 13 76.90 -20.29 -13.44
CA CYS Z 13 75.90 -21.36 -13.55
C CYS Z 13 76.44 -22.67 -13.03
N GLN Z 14 77.70 -22.99 -13.34
CA GLN Z 14 78.29 -24.23 -12.87
C GLN Z 14 78.39 -24.27 -11.35
N ASN Z 15 78.85 -23.17 -10.74
CA ASN Z 15 78.96 -23.18 -9.28
C ASN Z 15 77.59 -23.14 -8.62
N ASN Z 16 76.60 -22.52 -9.25
CA ASN Z 16 75.23 -22.60 -8.73
C ASN Z 16 74.71 -24.03 -8.75
N LYS Z 17 74.97 -24.75 -9.85
CA LYS Z 17 74.57 -26.15 -9.92
C LYS Z 17 75.29 -26.98 -8.86
N ALA Z 18 76.58 -26.73 -8.66
CA ALA Z 18 77.33 -27.45 -7.64
C ALA Z 18 76.76 -27.18 -6.24
N ALA Z 19 76.43 -25.92 -5.95
CA ALA Z 19 75.85 -25.59 -4.65
C ALA Z 19 74.50 -26.25 -4.48
N TRP Z 20 73.69 -26.30 -5.53
CA TRP Z 20 72.39 -26.95 -5.44
C TRP Z 20 72.54 -28.45 -5.22
N LEU Z 21 73.53 -29.07 -5.86
CA LEU Z 21 73.81 -30.48 -5.61
C LEU Z 21 74.25 -30.71 -4.16
N GLN Z 22 75.10 -29.81 -3.64
CA GLN Z 22 75.50 -29.92 -2.25
C GLN Z 22 74.31 -29.82 -1.31
N ARG Z 23 73.41 -28.87 -1.59
CA ARG Z 23 72.20 -28.72 -0.77
C ARG Z 23 71.35 -29.98 -0.84
N LYS Z 24 71.21 -30.56 -2.03
CA LYS Z 24 70.41 -31.78 -2.17
C LYS Z 24 71.01 -32.91 -1.34
N ASN Z 25 72.33 -33.10 -1.40
CA ASN Z 25 72.91 -34.22 -0.68
C ASN Z 25 72.85 -34.01 0.84
N GLU Z 26 73.02 -32.77 1.31
CA GLU Z 26 72.92 -32.56 2.75
C GLU Z 26 71.48 -32.70 3.23
N LEU Z 27 70.51 -32.29 2.41
CA LEU Z 27 69.12 -32.59 2.69
C LEU Z 27 68.91 -34.09 2.82
N ALA Z 28 69.46 -34.86 1.87
CA ALA Z 28 69.31 -36.31 1.92
C ALA Z 28 69.90 -36.87 3.20
N ALA Z 29 71.08 -36.38 3.59
CA ALA Z 29 71.75 -36.87 4.80
C ALA Z 29 70.91 -36.61 6.04
N ALA Z 30 70.42 -35.37 6.20
CA ALA Z 30 69.51 -35.08 7.29
C ALA Z 30 68.28 -35.98 7.22
N GLU Z 31 67.87 -36.36 6.00
CA GLU Z 31 66.68 -37.19 5.85
C GLU Z 31 66.91 -38.59 6.40
N GLN Z 32 68.03 -39.24 6.06
CA GLN Z 32 68.19 -40.60 6.61
C GLN Z 32 68.48 -40.54 8.10
N GLU Z 33 69.10 -39.44 8.57
CA GLU Z 33 69.27 -39.32 10.02
C GLU Z 33 67.92 -39.25 10.73
N TYR Z 34 67.00 -38.42 10.21
CA TYR Z 34 65.67 -38.35 10.79
C TYR Z 34 64.96 -39.69 10.69
N LEU Z 35 65.12 -40.39 9.57
CA LEU Z 35 64.46 -41.68 9.39
C LEU Z 35 64.99 -42.72 10.36
N ARG Z 36 66.32 -42.77 10.54
CA ARG Z 36 66.90 -43.79 11.42
C ARG Z 36 66.56 -43.51 12.88
N LEU Z 37 66.48 -42.24 13.27
CA LEU Z 37 66.08 -41.94 14.64
C LEU Z 37 64.57 -42.15 14.82
N LEU Z 38 63.79 -41.98 13.75
CA LEU Z 38 62.35 -42.27 13.84
C LEU Z 38 62.10 -43.75 14.05
N SER Z 39 62.85 -44.60 13.35
CA SER Z 39 62.72 -46.05 13.46
C SER Z 39 63.70 -46.65 14.46
N GLY Z 40 64.41 -45.82 15.21
CA GLY Z 40 65.37 -46.28 16.19
C GLY Z 40 64.82 -46.66 17.53
N GLU Z 41 63.48 -46.65 17.68
CA GLU Z 41 62.78 -47.04 18.92
C GLU Z 41 63.40 -46.40 20.15
N GLY Z 42 64.00 -45.23 19.96
CA GLY Z 42 64.69 -44.52 21.02
C GLY Z 42 63.78 -43.56 21.77
N ARG Z 43 64.41 -42.62 22.47
CA ARG Z 43 63.72 -41.65 23.31
C ARG Z 43 64.20 -40.23 23.06
N ASN Z 44 64.77 -39.96 21.90
CA ASN Z 44 65.39 -38.65 21.62
C ASN Z 44 64.41 -37.79 20.83
N VAL Z 45 63.41 -37.27 21.56
CA VAL Z 45 62.38 -36.45 20.94
C VAL Z 45 62.93 -35.10 20.51
N SER Z 46 63.83 -34.52 21.31
CA SER Z 46 64.39 -33.22 20.97
C SER Z 46 65.17 -33.27 19.66
N ARG Z 47 65.99 -34.32 19.50
CA ARG Z 47 66.73 -34.48 18.24
C ARG Z 47 65.77 -34.72 17.08
N LEU Z 48 64.68 -35.45 17.30
CA LEU Z 48 63.71 -35.67 16.25
C LEU Z 48 63.10 -34.35 15.79
N ASP Z 49 62.70 -33.50 16.75
CA ASP Z 49 62.10 -32.22 16.40
C ASP Z 49 63.11 -31.30 15.70
N GLU Z 50 64.34 -31.24 16.20
CA GLU Z 50 65.32 -30.36 15.57
C GLU Z 50 65.71 -30.88 14.19
N LEU Z 51 65.68 -32.20 13.97
CA LEU Z 51 65.92 -32.73 12.63
C LEU Z 51 64.75 -32.47 11.70
N ARG Z 52 63.52 -32.45 12.22
CA ARG Z 52 62.40 -31.99 11.40
C ARG Z 52 62.61 -30.55 10.96
N ASN Z 53 63.05 -29.70 11.89
CA ASN Z 53 63.39 -28.32 11.54
C ASN Z 53 64.49 -28.29 10.48
N ILE Z 54 65.52 -29.11 10.65
CA ILE Z 54 66.64 -29.13 9.72
C ILE Z 54 66.18 -29.55 8.33
N ILE Z 55 65.36 -30.60 8.25
CA ILE Z 55 64.95 -31.08 6.93
C ILE Z 55 64.02 -30.09 6.26
N GLU Z 56 63.16 -29.40 7.02
CA GLU Z 56 62.29 -28.41 6.39
C GLU Z 56 63.09 -27.23 5.87
N VAL Z 57 64.02 -26.70 6.69
CA VAL Z 57 64.83 -25.58 6.21
C VAL Z 57 65.74 -26.04 5.08
N ARG Z 58 66.12 -27.31 5.07
CA ARG Z 58 66.98 -27.82 4.01
C ARG Z 58 66.22 -27.95 2.70
N LYS Z 59 64.94 -28.36 2.76
CA LYS Z 59 64.16 -28.38 1.53
C LYS Z 59 63.89 -26.97 1.02
N TRP Z 60 63.70 -26.00 1.93
CA TRP Z 60 63.62 -24.62 1.48
C TRP Z 60 64.92 -24.17 0.82
N GLN Z 61 66.06 -24.53 1.41
CA GLN Z 61 67.35 -24.15 0.83
C GLN Z 61 67.56 -24.79 -0.53
N VAL Z 62 67.13 -26.05 -0.67
CA VAL Z 62 67.25 -26.74 -1.96
C VAL Z 62 66.37 -26.07 -3.01
N ASN Z 63 65.15 -25.69 -2.62
CA ASN Z 63 64.28 -24.98 -3.55
C ASN Z 63 64.91 -23.65 -3.98
N GLN Z 64 65.46 -22.91 -3.02
CA GLN Z 64 66.09 -21.64 -3.33
C GLN Z 64 67.30 -21.82 -4.25
N ALA Z 65 68.13 -22.83 -3.97
CA ALA Z 65 69.29 -23.10 -4.81
C ALA Z 65 68.87 -23.52 -6.21
N ALA Z 66 67.84 -24.34 -6.33
CA ALA Z 66 67.33 -24.73 -7.64
C ALA Z 66 66.82 -23.54 -8.42
N GLY Z 67 66.06 -22.65 -7.75
CA GLY Z 67 65.58 -21.46 -8.42
C GLY Z 67 66.71 -20.54 -8.86
N ARG Z 68 67.72 -20.37 -8.01
CA ARG Z 68 68.87 -19.54 -8.36
C ARG Z 68 69.64 -20.14 -9.53
N TYR Z 69 69.81 -21.46 -9.53
CA TYR Z 69 70.51 -22.11 -10.63
C TYR Z 69 69.72 -22.00 -11.94
N ILE Z 70 68.39 -22.12 -11.86
CA ILE Z 70 67.58 -21.95 -13.06
C ILE Z 70 67.69 -20.52 -13.59
N ARG Z 71 67.63 -19.55 -12.69
CA ARG Z 71 67.78 -18.15 -13.11
C ARG Z 71 69.14 -17.89 -13.72
N SER Z 72 70.20 -18.46 -13.14
CA SER Z 72 71.54 -18.30 -13.70
C SER Z 72 71.65 -18.99 -15.07
N HIS Z 73 71.01 -20.15 -15.23
CA HIS Z 73 71.01 -20.83 -16.51
C HIS Z 73 70.31 -19.99 -17.58
N GLU Z 74 69.17 -19.38 -17.22
CA GLU Z 74 68.51 -18.48 -18.15
C GLU Z 74 69.37 -17.26 -18.46
N ALA Z 75 70.10 -16.76 -17.47
CA ALA Z 75 71.01 -15.64 -17.70
C ALA Z 75 72.12 -16.02 -18.67
N VAL Z 76 72.67 -17.23 -18.53
CA VAL Z 76 73.69 -17.71 -19.47
C VAL Z 76 73.10 -17.84 -20.87
N GLN Z 77 71.88 -18.40 -20.96
CA GLN Z 77 71.22 -18.49 -22.25
C GLN Z 77 71.04 -17.11 -22.88
N HIS Z 78 70.66 -16.12 -22.07
CA HIS Z 78 70.38 -14.79 -22.62
C HIS Z 78 71.64 -14.05 -23.01
N ILE Z 79 72.73 -14.20 -22.23
CA ILE Z 79 74.01 -13.63 -22.63
C ILE Z 79 74.50 -14.24 -23.93
N SER Z 80 74.40 -15.58 -24.05
CA SER Z 80 74.82 -16.22 -25.29
C SER Z 80 73.96 -15.77 -26.46
N ILE Z 81 72.64 -15.66 -26.24
CA ILE Z 81 71.74 -15.25 -27.32
C ILE Z 81 72.06 -13.84 -27.77
N ARG Z 82 72.19 -12.88 -26.85
CA ARG Z 82 72.39 -11.52 -27.33
C ARG Z 82 73.78 -11.34 -27.92
N ASP Z 83 74.78 -12.06 -27.41
CA ASP Z 83 76.10 -12.02 -28.04
C ASP Z 83 76.04 -12.54 -29.47
N ARG Z 84 75.47 -13.72 -29.67
CA ARG Z 84 75.39 -14.27 -31.02
C ARG Z 84 74.58 -13.36 -31.93
N LEU Z 85 73.46 -12.84 -31.43
CA LEU Z 85 72.62 -11.97 -32.24
C LEU Z 85 73.35 -10.72 -32.64
N ASN Z 86 74.04 -10.03 -31.72
CA ASN Z 86 74.63 -8.77 -32.13
C ASN Z 86 75.83 -8.99 -33.04
N ASP Z 87 76.64 -10.04 -32.80
CA ASP Z 87 77.78 -10.24 -33.69
C ASP Z 87 77.31 -10.62 -35.09
N PHE Z 88 76.41 -11.59 -35.21
CA PHE Z 88 75.96 -12.00 -36.54
C PHE Z 88 75.11 -10.91 -37.21
N MET Z 89 74.41 -10.10 -36.41
CA MET Z 89 73.63 -9.01 -36.94
C MET Z 89 74.53 -7.93 -37.53
N GLN Z 90 75.64 -7.61 -36.84
CA GLN Z 90 76.64 -6.74 -37.44
C GLN Z 90 77.28 -7.39 -38.65
N GLN Z 91 77.34 -8.73 -38.68
CA GLN Z 91 77.89 -9.42 -39.84
C GLN Z 91 76.98 -9.29 -41.06
N HIS Z 92 75.68 -9.55 -40.88
CA HIS Z 92 74.73 -9.57 -41.98
C HIS Z 92 73.63 -8.53 -41.80
N GLY Z 93 74.01 -7.34 -41.35
CA GLY Z 93 73.02 -6.28 -41.19
C GLY Z 93 72.41 -5.83 -42.51
N THR Z 94 73.24 -5.73 -43.55
CA THR Z 94 72.75 -5.23 -44.83
C THR Z 94 71.67 -6.12 -45.42
N ALA Z 95 71.85 -7.45 -45.36
CA ALA Z 95 70.88 -8.36 -45.96
C ALA Z 95 69.56 -8.33 -45.19
N LEU Z 96 69.62 -8.44 -43.86
CA LEU Z 96 68.39 -8.43 -43.07
C LEU Z 96 67.68 -7.09 -43.20
N ALA Z 97 68.44 -6.00 -43.36
CA ALA Z 97 67.82 -4.70 -43.56
C ALA Z 97 67.18 -4.59 -44.94
N ALA Z 98 67.82 -5.19 -45.96
CA ALA Z 98 67.25 -5.19 -47.30
C ALA Z 98 65.98 -6.03 -47.37
N ALA Z 99 65.87 -7.03 -46.48
CA ALA Z 99 64.62 -7.80 -46.41
C ALA Z 99 63.46 -6.93 -45.94
N LEU Z 100 63.75 -5.90 -45.14
CA LEU Z 100 62.74 -4.99 -44.63
C LEU Z 100 63.09 -3.55 -44.93
N ALA Z 101 63.46 -3.26 -46.18
CA ALA Z 101 64.00 -1.95 -46.52
C ALA Z 101 63.04 -0.80 -46.25
N PRO Z 102 61.76 -0.84 -46.64
CA PRO Z 102 60.93 0.37 -46.50
C PRO Z 102 60.77 0.86 -45.07
N GLU Z 103 60.31 -0.01 -44.17
CA GLU Z 103 60.08 0.41 -42.79
C GLU Z 103 61.37 0.89 -42.13
N LEU Z 104 62.47 0.20 -42.40
CA LEU Z 104 63.74 0.57 -41.78
C LEU Z 104 64.24 1.92 -42.29
N MET Z 105 64.10 2.18 -43.60
CA MET Z 105 64.55 3.47 -44.11
C MET Z 105 63.64 4.60 -43.64
N GLY Z 106 62.36 4.32 -43.44
CA GLY Z 106 61.47 5.35 -42.90
C GLY Z 106 61.59 5.55 -41.40
N TYR Z 107 62.19 4.58 -40.69
CA TYR Z 107 62.36 4.68 -39.25
C TYR Z 107 63.13 5.94 -38.83
N SER Z 108 63.97 6.47 -39.72
CA SER Z 108 64.81 7.60 -39.36
C SER Z 108 63.97 8.83 -39.02
N GLU Z 109 62.93 9.10 -39.79
CA GLU Z 109 62.14 10.32 -39.63
C GLU Z 109 60.79 10.09 -38.94
N LEU Z 110 60.43 8.85 -38.62
CA LEU Z 110 59.16 8.59 -37.97
C LEU Z 110 59.19 9.00 -36.51
N THR Z 111 58.01 9.29 -35.97
CA THR Z 111 57.86 9.62 -34.57
C THR Z 111 57.92 8.35 -33.71
N ALA Z 112 57.87 8.52 -32.40
CA ALA Z 112 58.04 7.40 -31.48
C ALA Z 112 56.95 6.35 -31.68
N ILE Z 113 55.69 6.79 -31.81
CA ILE Z 113 54.59 5.85 -32.01
C ILE Z 113 54.74 5.13 -33.34
N ALA Z 114 55.07 5.88 -34.39
CA ALA Z 114 55.29 5.26 -35.70
C ALA Z 114 56.51 4.35 -35.68
N ARG Z 115 57.53 4.72 -34.91
CA ARG Z 115 58.72 3.87 -34.78
C ARG Z 115 58.37 2.54 -34.12
N ASN Z 116 57.55 2.59 -33.06
CA ASN Z 116 57.12 1.36 -32.40
C ASN Z 116 56.25 0.51 -33.33
N CYS Z 117 55.37 1.16 -34.10
CA CYS Z 117 54.57 0.41 -35.06
C CYS Z 117 55.45 -0.26 -36.11
N ALA Z 118 56.48 0.44 -36.58
CA ALA Z 118 57.39 -0.13 -37.58
C ALA Z 118 58.16 -1.32 -37.02
N ILE Z 119 58.66 -1.20 -35.78
CA ILE Z 119 59.41 -2.32 -35.20
C ILE Z 119 58.49 -3.51 -34.99
N GLN Z 120 57.24 -3.26 -34.59
CA GLN Z 120 56.27 -4.35 -34.44
C GLN Z 120 56.03 -5.05 -35.77
N ARG Z 121 55.85 -4.27 -36.84
CA ARG Z 121 55.64 -4.87 -38.16
C ARG Z 121 56.83 -5.71 -38.59
N ALA Z 122 58.05 -5.19 -38.40
CA ALA Z 122 59.23 -5.95 -38.78
C ALA Z 122 59.33 -7.24 -37.97
N THR Z 123 59.07 -7.17 -36.66
CA THR Z 123 59.12 -8.36 -35.82
C THR Z 123 58.13 -9.42 -36.30
N ASP Z 124 56.88 -9.03 -36.56
CA ASP Z 124 55.91 -10.04 -36.95
C ASP Z 124 56.25 -10.62 -38.33
N ALA Z 125 56.70 -9.79 -39.26
CA ALA Z 125 57.06 -10.29 -40.59
C ALA Z 125 58.17 -11.33 -40.50
N LEU Z 126 59.26 -11.00 -39.79
CA LEU Z 126 60.30 -12.00 -39.64
C LEU Z 126 59.81 -13.17 -38.79
N ARG Z 127 58.71 -12.99 -38.05
CA ARG Z 127 58.08 -14.13 -37.39
C ARG Z 127 57.48 -15.11 -38.39
N GLU Z 128 56.75 -14.62 -39.41
CA GLU Z 128 56.29 -15.58 -40.42
C GLU Z 128 57.49 -16.19 -41.15
N ALA Z 129 58.59 -15.44 -41.28
CA ALA Z 129 59.78 -16.04 -41.88
C ALA Z 129 60.31 -17.22 -41.06
N LEU Z 130 60.52 -17.00 -39.76
CA LEU Z 130 61.01 -18.07 -38.91
C LEU Z 130 60.01 -19.22 -38.81
N LEU Z 131 58.71 -18.91 -38.88
CA LEU Z 131 57.70 -19.96 -38.88
C LEU Z 131 57.76 -20.77 -40.16
N SER Z 132 58.11 -20.14 -41.28
CA SER Z 132 58.30 -20.87 -42.52
C SER Z 132 59.46 -21.86 -42.40
N TRP Z 133 60.59 -21.39 -41.85
CA TRP Z 133 61.68 -22.35 -41.66
C TRP Z 133 61.27 -23.45 -40.69
N LEU Z 134 60.59 -23.08 -39.61
CA LEU Z 134 60.14 -24.07 -38.63
C LEU Z 134 59.21 -25.09 -39.27
N ALA Z 135 58.45 -24.66 -40.28
CA ALA Z 135 57.68 -25.59 -41.09
C ALA Z 135 58.62 -26.53 -41.86
N LYS Z 136 59.71 -25.99 -42.42
CA LYS Z 136 60.71 -26.89 -42.99
C LYS Z 136 61.33 -27.78 -41.92
N GLY Z 137 61.72 -27.20 -40.79
CA GLY Z 137 62.05 -27.94 -39.59
C GLY Z 137 63.21 -28.92 -39.67
N GLU Z 138 64.36 -28.50 -40.19
CA GLU Z 138 65.53 -29.36 -40.27
C GLU Z 138 66.46 -29.08 -39.09
N LYS Z 139 67.05 -30.14 -38.56
CA LYS Z 139 67.86 -30.03 -37.34
C LYS Z 139 69.14 -29.25 -37.60
N ILE Z 140 69.55 -28.46 -36.61
CA ILE Z 140 70.72 -27.61 -36.70
C ILE Z 140 71.61 -27.87 -35.49
N ASN Z 141 72.72 -27.11 -35.42
CA ASN Z 141 73.71 -27.25 -34.36
C ASN Z 141 73.94 -25.86 -33.74
N TYR Z 142 74.81 -25.81 -32.74
CA TYR Z 142 75.10 -24.57 -32.03
C TYR Z 142 76.06 -23.71 -32.87
N SER Z 143 76.58 -22.65 -32.26
CA SER Z 143 77.44 -21.70 -32.96
C SER Z 143 78.87 -22.24 -33.00
N ALA Z 144 79.82 -21.38 -33.38
CA ALA Z 144 81.19 -21.81 -33.60
C ALA Z 144 81.99 -21.89 -32.31
N GLN Z 145 82.15 -20.76 -31.61
CA GLN Z 145 83.09 -20.70 -30.50
C GLN Z 145 82.45 -20.95 -29.14
N ASP Z 146 81.16 -20.70 -28.99
CA ASP Z 146 80.46 -20.92 -27.72
C ASP Z 146 79.56 -22.14 -27.75
N SER Z 147 79.83 -23.09 -28.66
CA SER Z 147 78.99 -24.27 -28.78
C SER Z 147 79.10 -25.15 -27.54
N ASP Z 148 80.30 -25.32 -27.01
CA ASP Z 148 80.48 -26.27 -25.90
C ASP Z 148 79.90 -25.72 -24.60
N ILE Z 149 79.85 -24.40 -24.42
CA ILE Z 149 79.16 -23.84 -23.26
C ILE Z 149 77.69 -24.22 -23.31
N LEU Z 150 77.07 -24.06 -24.49
CA LEU Z 150 75.66 -24.42 -24.65
C LEU Z 150 75.46 -25.91 -24.46
N THR Z 151 76.40 -26.73 -24.93
CA THR Z 151 76.30 -28.16 -24.74
C THR Z 151 76.34 -28.53 -23.26
N THR Z 152 77.23 -27.89 -22.51
CA THR Z 152 77.33 -28.18 -21.07
C THR Z 152 76.10 -27.73 -20.31
N ILE Z 153 75.64 -26.49 -20.56
CA ILE Z 153 74.49 -25.98 -19.83
C ILE Z 153 73.22 -26.73 -20.24
N GLY Z 154 73.12 -27.10 -21.51
CA GLY Z 154 71.98 -27.84 -21.99
C GLY Z 154 70.86 -26.95 -22.50
N PHE Z 155 69.95 -27.57 -23.27
CA PHE Z 155 68.82 -26.85 -23.81
C PHE Z 155 67.91 -26.33 -22.70
N ARG Z 156 67.64 -27.15 -21.70
CA ARG Z 156 66.86 -26.79 -20.54
C ARG Z 156 67.58 -27.25 -19.28
N PRO Z 157 67.32 -26.61 -18.14
CA PRO Z 157 67.83 -27.15 -16.87
C PRO Z 157 67.24 -28.52 -16.61
N ASP Z 158 68.00 -29.36 -15.90
CA ASP Z 158 67.59 -30.73 -15.67
C ASP Z 158 66.30 -30.79 -14.85
N VAL Z 159 65.61 -31.93 -14.98
CA VAL Z 159 64.30 -32.08 -14.34
C VAL Z 159 64.43 -32.04 -12.83
N ALA Z 160 65.60 -32.41 -12.29
CA ALA Z 160 65.79 -32.42 -10.84
C ALA Z 160 65.65 -31.02 -10.25
N SER Z 161 66.16 -30.01 -10.95
CA SER Z 161 66.12 -28.66 -10.44
C SER Z 161 64.77 -27.98 -10.63
N VAL Z 162 63.90 -28.54 -11.48
CA VAL Z 162 62.65 -27.86 -11.81
C VAL Z 162 61.48 -28.53 -11.12
N ASP Z 163 61.62 -29.83 -10.79
CA ASP Z 163 60.51 -30.53 -10.15
C ASP Z 163 60.21 -29.96 -8.77
N ASP Z 164 61.25 -29.61 -8.01
CA ASP Z 164 61.09 -29.10 -6.66
C ASP Z 164 60.77 -27.60 -6.62
N SER Z 165 60.78 -26.93 -7.75
CA SER Z 165 60.51 -25.49 -7.81
C SER Z 165 59.06 -25.16 -8.10
N ARG Z 166 58.18 -26.16 -8.21
CA ARG Z 166 56.78 -25.89 -8.51
C ARG Z 166 56.10 -25.12 -7.38
N GLU Z 167 56.35 -25.51 -6.14
CA GLU Z 167 55.72 -24.85 -5.01
C GLU Z 167 56.36 -23.49 -4.76
N LYS Z 168 55.53 -22.53 -4.36
CA LYS Z 168 55.96 -21.15 -4.13
C LYS Z 168 55.90 -20.81 -2.65
N PHE Z 169 56.66 -19.78 -2.26
CA PHE Z 169 56.73 -19.30 -0.89
C PHE Z 169 56.45 -17.81 -0.86
N THR Z 170 55.47 -17.42 -0.05
CA THR Z 170 55.15 -16.00 0.11
C THR Z 170 56.23 -15.31 0.96
N PRO Z 171 56.33 -13.99 0.86
CA PRO Z 171 57.50 -13.31 1.49
C PRO Z 171 57.62 -13.51 2.99
N ALA Z 172 56.52 -13.70 3.71
CA ALA Z 172 56.62 -13.94 5.15
C ALA Z 172 57.40 -15.21 5.45
N GLN Z 173 57.05 -16.31 4.75
CA GLN Z 173 57.83 -17.53 4.90
C GLN Z 173 59.26 -17.34 4.42
N ASN Z 174 59.46 -16.51 3.39
CA ASN Z 174 60.82 -16.25 2.92
C ASN Z 174 61.67 -15.61 4.01
N MET Z 175 61.13 -14.62 4.72
CA MET Z 175 61.92 -13.93 5.72
C MET Z 175 62.08 -14.77 6.99
N ILE Z 176 61.05 -15.54 7.38
CA ILE Z 176 61.27 -16.43 8.52
C ILE Z 176 62.30 -17.51 8.17
N PHE Z 177 62.32 -17.96 6.91
CA PHE Z 177 63.32 -18.94 6.51
C PHE Z 177 64.71 -18.32 6.45
N SER Z 178 64.79 -17.03 6.10
CA SER Z 178 66.08 -16.33 6.21
C SER Z 178 66.56 -16.29 7.65
N ARG Z 179 65.63 -16.04 8.59
CA ARG Z 179 65.99 -16.11 10.01
C ARG Z 179 66.44 -17.51 10.41
N LYS Z 180 65.77 -18.53 9.89
CA LYS Z 180 66.19 -19.91 10.17
C LYS Z 180 67.59 -20.18 9.63
N SER Z 181 67.89 -19.70 8.43
CA SER Z 181 69.24 -19.87 7.88
C SER Z 181 70.26 -19.14 8.73
N ALA Z 182 69.91 -17.95 9.22
CA ALA Z 182 70.82 -17.20 10.10
C ALA Z 182 71.10 -17.98 11.38
N GLN Z 183 70.07 -18.56 11.99
CA GLN Z 183 70.32 -19.33 13.22
C GLN Z 183 71.06 -20.64 12.91
N LEU Z 184 70.85 -21.21 11.73
CA LEU Z 184 71.65 -22.36 11.31
C LEU Z 184 73.12 -22.00 11.26
N ALA Z 185 73.45 -20.86 10.63
CA ALA Z 185 74.83 -20.40 10.61
C ALA Z 185 75.34 -20.16 12.01
N SER Z 186 74.50 -19.59 12.88
CA SER Z 186 74.91 -19.28 14.24
C SER Z 186 75.30 -20.54 15.01
N ARG Z 187 74.47 -21.58 14.95
CA ARG Z 187 74.78 -22.76 15.76
C ARG Z 187 75.67 -23.76 15.05
N GLN Z 188 75.96 -23.57 13.76
CA GLN Z 188 77.00 -24.36 13.12
C GLN Z 188 78.38 -23.73 13.28
N SER Z 189 78.44 -22.40 13.44
CA SER Z 189 79.71 -21.76 13.72
C SER Z 189 80.27 -22.21 15.07
N VAL Z 190 79.40 -22.34 16.07
CA VAL Z 190 79.81 -22.79 17.39
C VAL Z 190 80.03 -24.30 17.38
N THR AA 4 27.71 -71.31 -18.47
CA THR AA 4 26.31 -71.11 -18.84
C THR AA 4 25.93 -69.64 -18.79
N ALA AA 5 25.43 -69.21 -17.62
CA ALA AA 5 25.09 -67.79 -17.44
C ALA AA 5 26.31 -66.90 -17.57
N LEU AA 6 27.44 -67.34 -16.99
CA LEU AA 6 28.68 -66.57 -17.13
C LEU AA 6 29.13 -66.52 -18.58
N GLN AA 7 28.96 -67.63 -19.32
CA GLN AA 7 29.36 -67.65 -20.72
C GLN AA 7 28.52 -66.69 -21.55
N GLN AA 8 27.20 -66.66 -21.34
CA GLN AA 8 26.36 -65.74 -22.09
C GLN AA 8 26.61 -64.30 -21.68
N ALA AA 9 26.92 -64.05 -20.41
CA ALA AA 9 27.31 -62.72 -19.99
C ALA AA 9 28.61 -62.29 -20.68
N PHE AA 10 29.56 -63.21 -20.81
CA PHE AA 10 30.79 -62.93 -21.55
C PHE AA 10 30.50 -62.62 -23.00
N ASP AA 11 29.59 -63.37 -23.63
CA ASP AA 11 29.23 -63.11 -25.01
C ASP AA 11 28.59 -61.73 -25.17
N THR AA 12 27.71 -61.37 -24.24
CA THR AA 12 27.11 -60.03 -24.28
C THR AA 12 28.16 -58.94 -24.10
N CYS AA 13 29.11 -59.16 -23.19
CA CYS AA 13 30.18 -58.18 -23.03
C CYS AA 13 31.01 -58.05 -24.30
N GLN AA 14 31.32 -59.18 -24.93
CA GLN AA 14 32.16 -59.17 -26.13
C GLN AA 14 31.46 -58.46 -27.29
N ASN AA 15 30.19 -58.79 -27.54
CA ASN AA 15 29.52 -58.10 -28.64
C ASN AA 15 29.19 -56.66 -28.28
N ASN AA 16 29.15 -56.32 -26.98
CA ASN AA 16 29.07 -54.92 -26.59
C ASN AA 16 30.34 -54.17 -26.95
N LYS AA 17 31.51 -54.78 -26.71
CA LYS AA 17 32.75 -54.15 -27.17
C LYS AA 17 32.75 -54.02 -28.69
N ALA AA 18 32.28 -55.05 -29.39
CA ALA AA 18 32.22 -54.98 -30.85
C ALA AA 18 31.33 -53.83 -31.31
N ALA AA 19 30.16 -53.68 -30.68
CA ALA AA 19 29.26 -52.58 -31.04
C ALA AA 19 29.89 -51.23 -30.75
N TRP AA 20 30.56 -51.09 -29.61
CA TRP AA 20 31.20 -49.82 -29.28
C TRP AA 20 32.30 -49.48 -30.28
N LEU AA 21 33.09 -50.48 -30.68
CA LEU AA 21 34.11 -50.28 -31.71
C LEU AA 21 33.46 -49.85 -33.02
N GLN AA 22 32.34 -50.48 -33.39
CA GLN AA 22 31.65 -50.10 -34.61
C GLN AA 22 31.19 -48.65 -34.55
N ARG AA 23 30.59 -48.24 -33.42
CA ARG AA 23 30.15 -46.86 -33.27
C ARG AA 23 31.32 -45.89 -33.38
N LYS AA 24 32.46 -46.25 -32.78
CA LYS AA 24 33.66 -45.44 -32.97
C LYS AA 24 34.03 -45.37 -34.44
N ASN AA 25 33.84 -46.46 -35.18
CA ASN AA 25 34.17 -46.46 -36.60
C ASN AA 25 33.32 -45.44 -37.37
N GLU AA 26 32.00 -45.47 -37.20
CA GLU AA 26 31.23 -44.51 -37.99
C GLU AA 26 31.40 -43.09 -37.45
N LEU AA 27 31.71 -42.93 -36.17
CA LEU AA 27 32.01 -41.59 -35.65
C LEU AA 27 33.27 -41.04 -36.31
N ALA AA 28 34.32 -41.86 -36.41
CA ALA AA 28 35.55 -41.42 -37.07
C ALA AA 28 35.29 -41.14 -38.55
N ALA AA 29 34.47 -41.96 -39.20
CA ALA AA 29 34.14 -41.71 -40.61
C ALA AA 29 33.42 -40.38 -40.77
N ALA AA 30 32.46 -40.10 -39.90
CA ALA AA 30 31.74 -38.82 -39.96
C ALA AA 30 32.68 -37.65 -39.73
N GLU AA 31 33.58 -37.78 -38.74
CA GLU AA 31 34.52 -36.69 -38.48
C GLU AA 31 35.45 -36.46 -39.67
N GLN AA 32 35.94 -37.54 -40.30
CA GLN AA 32 36.87 -37.35 -41.40
C GLN AA 32 36.18 -36.79 -42.64
N GLU AA 33 34.93 -37.21 -42.91
CA GLU AA 33 34.23 -36.60 -44.03
C GLU AA 33 33.90 -35.14 -43.74
N TYR AA 34 33.58 -34.82 -42.48
CA TYR AA 34 33.37 -33.43 -42.10
C TYR AA 34 34.63 -32.60 -42.33
N LEU AA 35 35.78 -33.13 -41.94
CA LEU AA 35 37.04 -32.41 -42.14
C LEU AA 35 37.35 -32.23 -43.62
N ARG AA 36 37.17 -33.28 -44.43
CA ARG AA 36 37.49 -33.16 -45.84
C ARG AA 36 36.52 -32.23 -46.57
N LEU AA 37 35.26 -32.17 -46.12
CA LEU AA 37 34.32 -31.21 -46.68
C LEU AA 37 34.66 -29.78 -46.26
N LEU AA 38 35.16 -29.61 -45.04
CA LEU AA 38 35.66 -28.29 -44.63
C LEU AA 38 36.84 -27.86 -45.48
N SER AA 39 37.74 -28.80 -45.79
CA SER AA 39 38.89 -28.48 -46.63
C SER AA 39 38.45 -28.06 -48.02
N GLY AA 40 37.44 -28.72 -48.58
CA GLY AA 40 36.93 -28.38 -49.88
C GLY AA 40 36.02 -27.16 -49.85
N GLU AA 41 35.49 -26.83 -51.03
CA GLU AA 41 34.60 -25.68 -51.19
C GLU AA 41 33.20 -26.09 -50.75
N GLY AA 42 32.94 -25.93 -49.46
CA GLY AA 42 31.64 -26.28 -48.89
C GLY AA 42 30.64 -25.14 -48.97
N ARG AA 43 30.13 -24.86 -50.17
CA ARG AA 43 29.23 -23.72 -50.34
C ARG AA 43 27.94 -23.91 -49.55
N ASN AA 44 27.38 -25.11 -49.56
CA ASN AA 44 26.19 -25.38 -48.77
C ASN AA 44 26.52 -25.29 -47.29
N VAL AA 45 25.57 -24.76 -46.51
CA VAL AA 45 25.81 -24.53 -45.09
C VAL AA 45 24.86 -25.38 -44.25
N SER AA 46 23.69 -25.71 -44.80
CA SER AA 46 22.79 -26.61 -44.11
C SER AA 46 23.43 -27.99 -43.94
N ARG AA 47 24.16 -28.44 -44.96
CA ARG AA 47 24.91 -29.68 -44.84
C ARG AA 47 25.93 -29.60 -43.71
N LEU AA 48 26.51 -28.42 -43.48
CA LEU AA 48 27.42 -28.24 -42.35
C LEU AA 48 26.69 -28.50 -41.03
N ASP AA 49 25.49 -27.94 -40.88
CA ASP AA 49 24.72 -28.13 -39.65
C ASP AA 49 24.34 -29.59 -39.46
N GLU AA 50 23.93 -30.27 -40.53
CA GLU AA 50 23.57 -31.68 -40.37
C GLU AA 50 24.80 -32.53 -40.05
N LEU AA 51 25.97 -32.19 -40.60
CA LEU AA 51 27.19 -32.88 -40.20
C LEU AA 51 27.48 -32.66 -38.72
N ARG AA 52 27.32 -31.42 -38.23
CA ARG AA 52 27.52 -31.18 -36.81
C ARG AA 52 26.56 -32.02 -35.97
N ASN AA 53 25.29 -32.08 -36.38
CA ASN AA 53 24.31 -32.86 -35.64
C ASN AA 53 24.67 -34.34 -35.62
N ILE AA 54 25.06 -34.89 -36.77
CA ILE AA 54 25.34 -36.32 -36.84
C ILE AA 54 26.61 -36.67 -36.07
N ILE AA 55 27.63 -35.81 -36.12
CA ILE AA 55 28.84 -36.10 -35.35
C ILE AA 55 28.56 -35.98 -33.86
N GLU AA 56 27.71 -35.03 -33.46
CA GLU AA 56 27.35 -34.91 -32.05
C GLU AA 56 26.61 -36.15 -31.56
N VAL AA 57 25.64 -36.63 -32.35
CA VAL AA 57 24.90 -37.81 -31.92
C VAL AA 57 25.80 -39.05 -31.97
N ARG AA 58 26.79 -39.07 -32.87
CA ARG AA 58 27.73 -40.19 -32.89
C ARG AA 58 28.61 -40.19 -31.65
N LYS AA 59 29.06 -39.01 -31.21
CA LYS AA 59 29.82 -38.94 -29.96
C LYS AA 59 28.96 -39.38 -28.78
N TRP AA 60 27.68 -38.99 -28.77
CA TRP AA 60 26.78 -39.47 -27.72
C TRP AA 60 26.67 -41.00 -27.75
N GLN AA 61 26.53 -41.57 -28.95
CA GLN AA 61 26.38 -43.01 -29.08
C GLN AA 61 27.63 -43.74 -28.61
N VAL AA 62 28.81 -43.25 -28.98
CA VAL AA 62 30.03 -43.90 -28.52
C VAL AA 62 30.19 -43.72 -27.00
N ASN AA 63 29.75 -42.60 -26.45
CA ASN AA 63 29.80 -42.41 -25.01
C ASN AA 63 28.95 -43.43 -24.28
N GLN AA 64 27.70 -43.60 -24.72
CA GLN AA 64 26.83 -44.56 -24.05
C GLN AA 64 27.28 -46.00 -24.29
N ALA AA 65 27.83 -46.28 -25.47
CA ALA AA 65 28.38 -47.61 -25.74
C ALA AA 65 29.55 -47.92 -24.82
N ALA AA 66 30.45 -46.94 -24.64
CA ALA AA 66 31.56 -47.13 -23.71
C ALA AA 66 31.07 -47.33 -22.29
N GLY AA 67 30.05 -46.57 -21.88
CA GLY AA 67 29.51 -46.73 -20.54
C GLY AA 67 28.93 -48.11 -20.32
N ARG AA 68 28.12 -48.59 -21.27
CA ARG AA 68 27.55 -49.93 -21.11
C ARG AA 68 28.60 -51.01 -21.23
N TYR AA 69 29.66 -50.78 -22.02
CA TYR AA 69 30.78 -51.72 -22.05
C TYR AA 69 31.47 -51.79 -20.68
N ILE AA 70 31.65 -50.64 -20.03
CA ILE AA 70 32.24 -50.64 -18.69
C ILE AA 70 31.36 -51.40 -17.72
N ARG AA 71 30.04 -51.17 -17.79
CA ARG AA 71 29.13 -51.89 -16.90
C ARG AA 71 29.19 -53.39 -17.15
N SER AA 72 29.23 -53.82 -18.41
CA SER AA 72 29.30 -55.24 -18.73
C SER AA 72 30.62 -55.85 -18.25
N HIS AA 73 31.72 -55.12 -18.40
CA HIS AA 73 33.01 -55.60 -17.94
C HIS AA 73 33.02 -55.79 -16.42
N GLU AA 74 32.49 -54.80 -15.69
CA GLU AA 74 32.39 -54.96 -14.25
C GLU AA 74 31.48 -56.12 -13.88
N ALA AA 75 30.39 -56.30 -14.63
CA ALA AA 75 29.46 -57.39 -14.36
C ALA AA 75 30.16 -58.74 -14.50
N VAL AA 76 30.84 -58.96 -15.62
CA VAL AA 76 31.49 -60.25 -15.84
C VAL AA 76 32.62 -60.47 -14.85
N GLN AA 77 33.38 -59.42 -14.55
CA GLN AA 77 34.46 -59.55 -13.57
C GLN AA 77 33.92 -59.96 -12.21
N HIS AA 78 32.85 -59.28 -11.75
CA HIS AA 78 32.36 -59.56 -10.40
C HIS AA 78 31.66 -60.91 -10.34
N ILE AA 79 30.99 -61.35 -11.41
CA ILE AA 79 30.37 -62.66 -11.37
C ILE AA 79 31.44 -63.76 -11.40
N SER AA 80 32.53 -63.53 -12.14
CA SER AA 80 33.63 -64.49 -12.10
C SER AA 80 34.24 -64.58 -10.71
N ILE AA 81 34.47 -63.43 -10.07
CA ILE AA 81 34.99 -63.45 -8.70
C ILE AA 81 34.01 -64.17 -7.77
N ARG AA 82 32.71 -63.89 -7.94
CA ARG AA 82 31.70 -64.48 -7.07
C ARG AA 82 31.70 -66.00 -7.18
N ASP AA 83 31.61 -66.53 -8.41
CA ASP AA 83 31.49 -67.98 -8.51
C ASP AA 83 32.80 -68.68 -8.17
N ARG AA 84 33.95 -68.07 -8.50
CA ARG AA 84 35.22 -68.64 -8.08
C ARG AA 84 35.30 -68.73 -6.56
N LEU AA 85 35.00 -67.64 -5.86
CA LEU AA 85 35.03 -67.69 -4.40
C LEU AA 85 33.97 -68.63 -3.83
N ASN AA 86 32.86 -68.81 -4.56
CA ASN AA 86 31.84 -69.75 -4.12
C ASN AA 86 32.36 -71.19 -4.16
N ASP AA 87 33.03 -71.56 -5.25
CA ASP AA 87 33.54 -72.93 -5.31
C ASP AA 87 34.91 -73.09 -4.64
N PHE AA 88 35.50 -72.02 -4.14
CA PHE AA 88 36.81 -72.13 -3.50
C PHE AA 88 36.74 -72.33 -1.99
N MET AA 89 35.75 -71.74 -1.30
CA MET AA 89 35.74 -71.89 0.14
C MET AA 89 35.18 -73.23 0.58
N GLN AA 90 34.72 -74.07 -0.35
CA GLN AA 90 34.45 -75.46 -0.07
C GLN AA 90 35.63 -76.37 -0.38
N GLN AA 91 36.54 -75.92 -1.25
CA GLN AA 91 37.75 -76.66 -1.58
C GLN AA 91 38.89 -76.08 -0.76
N HIS AA 92 39.22 -76.77 0.34
CA HIS AA 92 40.23 -76.41 1.34
C HIS AA 92 39.90 -75.07 2.00
N GLY AA 93 38.76 -74.48 1.66
CA GLY AA 93 38.32 -73.24 2.28
C GLY AA 93 37.53 -73.50 3.54
N THR AA 94 37.09 -74.75 3.73
CA THR AA 94 36.40 -75.11 4.96
C THR AA 94 37.33 -74.98 6.16
N ALA AA 95 38.63 -75.21 5.97
CA ALA AA 95 39.59 -74.93 7.04
C ALA AA 95 39.62 -73.45 7.38
N LEU AA 96 39.57 -72.59 6.36
CA LEU AA 96 39.53 -71.15 6.61
C LEU AA 96 38.23 -70.73 7.28
N ALA AA 97 37.13 -71.42 6.98
CA ALA AA 97 35.87 -71.14 7.67
C ALA AA 97 35.94 -71.57 9.13
N ALA AA 98 36.53 -72.75 9.39
CA ALA AA 98 36.73 -73.19 10.77
C ALA AA 98 37.68 -72.27 11.52
N ALA AA 99 38.58 -71.61 10.78
CA ALA AA 99 39.46 -70.62 11.39
C ALA AA 99 38.67 -69.48 12.02
N LEU AA 100 37.52 -69.14 11.42
CA LEU AA 100 36.69 -68.04 11.88
C LEU AA 100 35.63 -68.51 12.89
N ALA AA 101 35.92 -69.58 13.63
CA ALA AA 101 34.96 -70.15 14.56
C ALA AA 101 34.43 -69.16 15.60
N PRO AA 102 35.26 -68.35 16.27
CA PRO AA 102 34.71 -67.45 17.31
C PRO AA 102 33.57 -66.58 16.80
N GLU AA 103 33.67 -66.10 15.57
CA GLU AA 103 32.59 -65.34 14.95
C GLU AA 103 31.62 -66.22 14.17
N LEU AA 104 31.60 -67.52 14.44
CA LEU AA 104 30.67 -68.43 13.77
C LEU AA 104 29.80 -69.24 14.72
N MET AA 105 30.31 -69.67 15.87
CA MET AA 105 29.41 -70.35 16.82
C MET AA 105 28.26 -69.43 17.24
N GLY AA 106 28.56 -68.16 17.51
CA GLY AA 106 27.49 -67.22 17.78
C GLY AA 106 26.60 -66.99 16.57
N TYR AA 107 27.23 -66.82 15.40
CA TYR AA 107 26.49 -66.44 14.20
C TYR AA 107 25.40 -67.45 13.85
N SER AA 108 25.58 -68.71 14.24
CA SER AA 108 24.59 -69.73 13.92
C SER AA 108 23.22 -69.40 14.50
N GLU AA 109 23.17 -68.64 15.59
CA GLU AA 109 21.90 -68.20 16.15
C GLU AA 109 21.93 -66.75 16.62
N LEU AA 110 22.92 -65.97 16.22
CA LEU AA 110 23.08 -64.61 16.73
C LEU AA 110 22.07 -63.66 16.09
N THR AA 111 21.84 -62.54 16.76
CA THR AA 111 21.00 -61.49 16.21
C THR AA 111 21.73 -60.78 15.07
N ALA AA 112 20.94 -60.15 14.20
CA ALA AA 112 21.48 -59.62 12.95
C ALA AA 112 22.55 -58.55 13.20
N ILE AA 113 22.31 -57.65 14.15
CA ILE AA 113 23.26 -56.57 14.39
C ILE AA 113 24.59 -57.12 14.89
N ALA AA 114 24.56 -58.07 15.83
CA ALA AA 114 25.79 -58.67 16.30
C ALA AA 114 26.46 -59.51 15.21
N ARG AA 115 25.67 -60.10 14.32
CA ARG AA 115 26.25 -60.76 13.16
C ARG AA 115 27.01 -59.76 12.29
N ASN AA 116 26.45 -58.55 12.11
CA ASN AA 116 27.17 -57.53 11.35
C ASN AA 116 28.45 -57.10 12.07
N CYS AA 117 28.41 -57.01 13.40
CA CYS AA 117 29.62 -56.69 14.15
C CYS AA 117 30.69 -57.75 13.92
N ALA AA 118 30.29 -59.03 13.99
CA ALA AA 118 31.22 -60.11 13.68
C ALA AA 118 31.70 -60.02 12.24
N ILE AA 119 30.85 -59.57 11.33
CA ILE AA 119 31.23 -59.36 9.94
C ILE AA 119 32.35 -58.33 9.84
N GLN AA 120 32.22 -57.22 10.56
CA GLN AA 120 33.27 -56.20 10.53
C GLN AA 120 34.57 -56.71 11.16
N ARG AA 121 34.48 -57.44 12.28
CA ARG AA 121 35.71 -57.97 12.87
C ARG AA 121 36.40 -58.98 11.94
N ALA AA 122 35.61 -59.86 11.30
CA ALA AA 122 36.18 -60.78 10.33
C ALA AA 122 36.75 -60.04 9.13
N THR AA 123 36.11 -58.94 8.74
CA THR AA 123 36.62 -58.12 7.64
C THR AA 123 37.98 -57.53 8.00
N ASP AA 124 38.14 -57.07 9.24
CA ASP AA 124 39.45 -56.56 9.66
C ASP AA 124 40.50 -57.68 9.71
N ALA AA 125 40.11 -58.86 10.21
CA ALA AA 125 41.04 -59.98 10.22
C ALA AA 125 41.52 -60.31 8.82
N LEU AA 126 40.58 -60.47 7.89
CA LEU AA 126 40.98 -60.66 6.50
C LEU AA 126 41.63 -59.41 5.92
N ARG AA 127 41.49 -58.26 6.58
CA ARG AA 127 42.23 -57.08 6.14
C ARG AA 127 43.72 -57.30 6.30
N GLU AA 128 44.16 -57.69 7.50
CA GLU AA 128 45.59 -57.96 7.61
C GLU AA 128 45.97 -59.21 6.82
N ALA AA 129 45.05 -60.17 6.70
CA ALA AA 129 45.34 -61.36 5.89
C ALA AA 129 45.63 -60.99 4.45
N LEU AA 130 44.81 -60.10 3.85
CA LEU AA 130 45.02 -59.71 2.46
C LEU AA 130 46.16 -58.72 2.30
N LEU AA 131 46.47 -57.93 3.34
CA LEU AA 131 47.69 -57.14 3.30
C LEU AA 131 48.91 -58.02 3.19
N SER AA 132 48.97 -59.10 3.98
CA SER AA 132 50.04 -60.08 3.82
C SER AA 132 49.95 -60.77 2.46
N TRP AA 133 48.74 -61.06 1.99
CA TRP AA 133 48.53 -61.67 0.68
C TRP AA 133 49.21 -60.86 -0.41
N LEU AA 134 48.99 -59.54 -0.40
CA LEU AA 134 49.60 -58.67 -1.39
C LEU AA 134 51.08 -58.45 -1.13
N ALA AA 135 51.51 -58.49 0.14
CA ALA AA 135 52.92 -58.37 0.47
C ALA AA 135 53.73 -59.61 0.13
N LYS AA 136 53.07 -60.72 -0.24
CA LYS AA 136 53.80 -61.90 -0.68
C LYS AA 136 54.70 -61.59 -1.87
N GLY AA 137 54.16 -60.87 -2.86
CA GLY AA 137 54.96 -60.47 -4.00
C GLY AA 137 55.09 -61.48 -5.11
N GLU AA 138 54.15 -62.43 -5.22
CA GLU AA 138 54.16 -63.40 -6.30
C GLU AA 138 53.43 -62.85 -7.51
N LYS AA 139 54.05 -62.97 -8.68
CA LYS AA 139 53.45 -62.50 -9.93
C LYS AA 139 52.59 -63.64 -10.48
N ILE AA 140 51.29 -63.60 -10.19
CA ILE AA 140 50.36 -64.67 -10.48
C ILE AA 140 49.69 -64.48 -11.83
N ASN AA 141 49.08 -65.54 -12.35
CA ASN AA 141 48.24 -65.50 -13.52
C ASN AA 141 46.77 -65.55 -13.08
N TYR AA 142 45.87 -65.68 -14.06
CA TYR AA 142 44.45 -65.78 -13.78
C TYR AA 142 44.12 -67.19 -13.27
N SER AA 143 42.85 -67.41 -12.96
CA SER AA 143 42.38 -68.74 -12.59
C SER AA 143 42.52 -69.68 -13.78
N ALA AA 144 42.86 -70.95 -13.48
CA ALA AA 144 43.16 -71.90 -14.53
C ALA AA 144 41.97 -72.14 -15.44
N GLN AA 145 40.79 -72.38 -14.85
CA GLN AA 145 39.61 -72.68 -15.66
C GLN AA 145 39.03 -71.45 -16.32
N ASP AA 146 39.19 -70.27 -15.70
CA ASP AA 146 38.63 -69.03 -16.20
C ASP AA 146 39.63 -68.21 -17.02
N SER AA 147 40.83 -68.74 -17.26
CA SER AA 147 41.85 -67.97 -17.97
C SER AA 147 41.41 -67.63 -19.37
N ASP AA 148 40.84 -68.60 -20.09
CA ASP AA 148 40.45 -68.36 -21.48
C ASP AA 148 39.40 -67.27 -21.59
N ILE AA 149 38.43 -67.27 -20.66
CA ILE AA 149 37.38 -66.25 -20.69
C ILE AA 149 37.94 -64.90 -20.26
N LEU AA 150 38.82 -64.88 -19.25
CA LEU AA 150 39.19 -63.65 -18.58
C LEU AA 150 40.33 -62.89 -19.25
N THR AA 151 41.27 -63.58 -19.89
CA THR AA 151 42.41 -62.88 -20.50
C THR AA 151 41.96 -61.93 -21.59
N THR AA 152 41.02 -62.35 -22.43
CA THR AA 152 40.50 -61.45 -23.45
C THR AA 152 39.67 -60.32 -22.86
N ILE AA 153 39.11 -60.51 -21.67
CA ILE AA 153 38.39 -59.42 -21.00
C ILE AA 153 39.36 -58.35 -20.53
N GLY AA 154 40.46 -58.76 -19.91
CA GLY AA 154 41.44 -57.83 -19.39
C GLY AA 154 41.09 -57.34 -18.00
N PHE AA 155 42.09 -57.24 -17.12
CA PHE AA 155 41.85 -56.78 -15.76
C PHE AA 155 41.44 -55.30 -15.73
N ARG AA 156 41.77 -54.54 -16.77
CA ARG AA 156 41.30 -53.18 -16.94
C ARG AA 156 40.83 -52.97 -18.36
N PRO AA 157 39.87 -52.08 -18.59
CA PRO AA 157 39.39 -51.82 -19.94
C PRO AA 157 40.39 -50.98 -20.72
N ASP AA 158 40.09 -50.77 -22.00
CA ASP AA 158 40.96 -50.00 -22.87
C ASP AA 158 40.97 -48.53 -22.46
N VAL AA 159 42.06 -47.85 -22.80
CA VAL AA 159 42.19 -46.43 -22.44
C VAL AA 159 41.14 -45.59 -23.14
N ALA AA 160 40.77 -45.95 -24.37
CA ALA AA 160 39.71 -45.22 -25.06
C ALA AA 160 38.38 -45.35 -24.34
N SER AA 161 38.15 -46.47 -23.64
CA SER AA 161 36.91 -46.66 -22.91
C SER AA 161 36.78 -45.65 -21.77
N VAL AA 162 37.83 -45.54 -20.94
CA VAL AA 162 37.78 -44.60 -19.83
C VAL AA 162 37.83 -43.16 -20.34
N ASP AA 163 38.56 -42.90 -21.43
CA ASP AA 163 38.60 -41.55 -21.99
C ASP AA 163 37.24 -41.13 -22.51
N ASP AA 164 36.49 -42.05 -23.13
CA ASP AA 164 35.20 -41.72 -23.71
C ASP AA 164 34.13 -41.46 -22.65
N SER AA 165 34.30 -42.02 -21.45
CA SER AA 165 33.31 -41.90 -20.39
C SER AA 165 33.61 -40.77 -19.40
N ARG AA 166 34.61 -39.93 -19.70
CA ARG AA 166 34.95 -38.84 -18.79
C ARG AA 166 33.81 -37.84 -18.66
N GLU AA 167 33.17 -37.48 -19.77
CA GLU AA 167 32.11 -36.49 -19.75
C GLU AA 167 30.80 -37.09 -19.28
N LYS AA 168 30.05 -36.31 -18.49
CA LYS AA 168 28.79 -36.73 -17.90
C LYS AA 168 27.72 -35.73 -18.34
N PHE AA 169 26.65 -36.25 -18.97
CA PHE AA 169 25.60 -35.42 -19.54
C PHE AA 169 24.32 -35.55 -18.70
N THR AA 170 23.60 -34.44 -18.60
CA THR AA 170 22.40 -34.39 -17.78
C THR AA 170 21.32 -35.32 -18.35
N PRO AA 171 20.46 -35.87 -17.50
CA PRO AA 171 19.45 -36.82 -18.00
C PRO AA 171 18.55 -36.24 -19.08
N ALA AA 172 18.09 -34.99 -18.95
CA ALA AA 172 17.30 -34.40 -20.02
C ALA AA 172 18.10 -34.32 -21.30
N GLN AA 173 19.38 -34.00 -21.19
CA GLN AA 173 20.28 -34.06 -22.34
C GLN AA 173 20.34 -35.48 -22.89
N ASN AA 174 20.32 -36.48 -22.00
CA ASN AA 174 20.32 -37.87 -22.47
C ASN AA 174 19.06 -38.17 -23.29
N MET AA 175 17.90 -37.72 -22.84
CA MET AA 175 16.68 -37.99 -23.61
C MET AA 175 16.66 -37.21 -24.92
N ILE AA 176 17.22 -36.00 -24.95
CA ILE AA 176 17.22 -35.29 -26.22
C ILE AA 176 18.17 -35.95 -27.22
N PHE AA 177 19.34 -36.42 -26.75
CA PHE AA 177 20.17 -37.24 -27.63
C PHE AA 177 19.45 -38.49 -28.08
N SER AA 178 18.69 -39.14 -27.19
CA SER AA 178 17.98 -40.35 -27.58
C SER AA 178 16.96 -40.05 -28.68
N ARG AA 179 16.20 -38.97 -28.53
CA ARG AA 179 15.19 -38.65 -29.53
C ARG AA 179 15.82 -38.25 -30.87
N LYS AA 180 16.92 -37.48 -30.84
CA LYS AA 180 17.55 -37.15 -32.10
C LYS AA 180 18.22 -38.35 -32.75
N SER AA 181 18.76 -39.28 -31.95
CA SER AA 181 19.30 -40.51 -32.50
C SER AA 181 18.21 -41.35 -33.15
N ALA AA 182 17.05 -41.44 -32.50
CA ALA AA 182 15.94 -42.19 -33.08
C ALA AA 182 15.47 -41.57 -34.39
N GLN AA 183 15.34 -40.24 -34.43
CA GLN AA 183 14.89 -39.60 -35.66
C GLN AA 183 15.94 -39.69 -36.76
N LEU AA 184 17.23 -39.64 -36.41
CA LEU AA 184 18.26 -39.82 -37.42
C LEU AA 184 18.27 -41.25 -37.96
N ALA AA 185 18.06 -42.23 -37.09
CA ALA AA 185 17.95 -43.61 -37.54
C ALA AA 185 16.75 -43.80 -38.47
N SER AA 186 15.64 -43.14 -38.15
CA SER AA 186 14.50 -43.15 -39.06
C SER AA 186 14.85 -42.49 -40.39
N ARG AA 187 15.64 -41.42 -40.35
CA ARG AA 187 16.07 -40.76 -41.58
C ARG AA 187 16.88 -41.70 -42.46
N GLN AA 188 17.86 -42.39 -41.88
CA GLN AA 188 18.62 -43.36 -42.67
C GLN AA 188 17.79 -44.58 -43.04
N SER AA 189 16.68 -44.83 -42.34
CA SER AA 189 15.80 -45.93 -42.72
C SER AA 189 15.11 -45.66 -44.05
N VAL AA 190 14.92 -44.39 -44.40
CA VAL AA 190 14.28 -44.03 -45.65
C VAL AA 190 15.29 -44.07 -46.80
N THR BA 4 56.11 -68.70 19.42
CA THR BA 4 55.95 -68.88 20.86
C THR BA 4 55.33 -67.64 21.51
N ALA BA 5 55.16 -66.58 20.70
CA ALA BA 5 54.53 -65.36 21.21
C ALA BA 5 53.09 -65.61 21.61
N LEU BA 6 52.37 -66.42 20.82
CA LEU BA 6 50.98 -66.72 21.14
C LEU BA 6 50.86 -67.45 22.47
N GLN BA 7 51.74 -68.41 22.73
CA GLN BA 7 51.66 -69.18 23.97
C GLN BA 7 51.90 -68.30 25.19
N GLN BA 8 52.94 -67.45 25.14
CA GLN BA 8 53.22 -66.58 26.28
C GLN BA 8 52.13 -65.53 26.45
N ALA BA 9 51.58 -65.02 25.34
CA ALA BA 9 50.48 -64.08 25.43
C ALA BA 9 49.26 -64.72 26.08
N PHE BA 10 48.97 -65.98 25.72
CA PHE BA 10 47.86 -66.70 26.34
C PHE BA 10 48.13 -66.93 27.83
N ASP BA 11 49.39 -67.23 28.18
CA ASP BA 11 49.72 -67.41 29.59
C ASP BA 11 49.51 -66.13 30.37
N THR BA 12 49.93 -64.99 29.81
CA THR BA 12 49.68 -63.70 30.47
C THR BA 12 48.19 -63.40 30.57
N CYS BA 13 47.42 -63.79 29.54
CA CYS BA 13 45.97 -63.61 29.59
C CYS BA 13 45.36 -64.43 30.71
N GLN BA 14 45.80 -65.68 30.88
CA GLN BA 14 45.34 -66.49 31.99
C GLN BA 14 45.74 -65.89 33.32
N ASN BA 15 46.96 -65.34 33.40
CA ASN BA 15 47.42 -64.71 34.63
C ASN BA 15 46.54 -63.52 35.00
N ASN BA 16 46.19 -62.68 34.02
CA ASN BA 16 45.37 -61.52 34.35
C ASN BA 16 43.91 -61.92 34.59
N LYS BA 17 43.46 -63.03 33.99
CA LYS BA 17 42.15 -63.57 34.34
C LYS BA 17 42.11 -64.00 35.81
N ALA BA 18 43.12 -64.76 36.24
CA ALA BA 18 43.20 -65.15 37.64
C ALA BA 18 43.36 -63.94 38.54
N ALA BA 19 44.09 -62.92 38.07
CA ALA BA 19 44.23 -61.69 38.85
C ALA BA 19 42.90 -60.98 39.02
N TRP BA 20 42.07 -60.95 37.96
CA TRP BA 20 40.76 -60.34 38.08
C TRP BA 20 39.88 -61.13 39.04
N LEU BA 21 39.97 -62.46 39.00
CA LEU BA 21 39.22 -63.28 39.95
C LEU BA 21 39.69 -63.03 41.38
N GLN BA 22 40.99 -62.79 41.57
CA GLN BA 22 41.52 -62.53 42.91
C GLN BA 22 41.08 -61.15 43.40
N ARG BA 23 41.09 -60.15 42.51
CA ARG BA 23 40.44 -58.89 42.79
C ARG BA 23 39.00 -59.12 43.24
N LYS BA 24 38.29 -59.99 42.53
CA LYS BA 24 36.87 -60.20 42.78
C LYS BA 24 36.61 -60.82 44.15
N ASN BA 25 37.38 -61.85 44.52
CA ASN BA 25 37.05 -62.51 45.78
C ASN BA 25 37.57 -61.71 46.98
N GLU BA 26 38.63 -60.91 46.80
CA GLU BA 26 38.95 -60.00 47.90
C GLU BA 26 37.91 -58.89 48.01
N LEU BA 27 37.36 -58.45 46.88
CA LEU BA 27 36.19 -57.57 46.89
C LEU BA 27 35.05 -58.17 47.71
N ALA BA 28 34.71 -59.42 47.41
CA ALA BA 28 33.62 -60.09 48.13
C ALA BA 28 33.93 -60.19 49.63
N ALA BA 29 35.18 -60.49 49.96
CA ALA BA 29 35.61 -60.54 51.35
C ALA BA 29 35.46 -59.18 52.01
N ALA BA 30 35.60 -58.11 51.22
CA ALA BA 30 35.37 -56.76 51.70
C ALA BA 30 33.91 -56.44 51.95
N GLU BA 31 33.01 -56.77 51.02
CA GLU BA 31 31.60 -56.49 51.27
C GLU BA 31 31.06 -57.32 52.42
N GLN BA 32 31.47 -58.59 52.53
CA GLN BA 32 30.92 -59.39 53.62
C GLN BA 32 31.36 -58.85 54.98
N GLU BA 33 32.63 -58.43 55.09
CA GLU BA 33 33.09 -57.87 56.36
C GLU BA 33 32.41 -56.53 56.65
N TYR BA 34 32.21 -55.70 55.62
CA TYR BA 34 31.45 -54.47 55.80
C TYR BA 34 30.04 -54.76 56.28
N LEU BA 35 29.41 -55.78 55.71
CA LEU BA 35 28.03 -56.10 56.07
C LEU BA 35 27.91 -56.56 57.53
N ARG BA 36 28.76 -57.51 57.95
CA ARG BA 36 28.53 -57.95 59.32
C ARG BA 36 29.16 -57.01 60.35
N LEU BA 37 30.01 -56.05 59.93
CA LEU BA 37 30.36 -54.98 60.84
C LEU BA 37 29.24 -53.95 60.95
N LEU BA 38 28.53 -53.69 59.85
CA LEU BA 38 27.36 -52.81 59.91
C LEU BA 38 26.27 -53.43 60.77
N SER BA 39 26.08 -54.75 60.67
CA SER BA 39 25.11 -55.42 61.53
C SER BA 39 25.45 -55.25 63.00
N GLY BA 40 26.73 -55.23 63.34
CA GLY BA 40 27.13 -54.94 64.71
C GLY BA 40 26.78 -53.50 65.06
N GLU BA 41 26.40 -53.28 66.32
CA GLU BA 41 25.95 -51.98 66.78
C GLU BA 41 27.09 -51.15 67.38
N GLY BA 42 28.33 -51.38 66.96
CA GLY BA 42 29.45 -50.58 67.39
C GLY BA 42 29.29 -49.11 67.00
N ARG BA 43 29.52 -48.20 67.95
CA ARG BA 43 29.33 -46.79 67.66
C ARG BA 43 30.35 -46.27 66.65
N ASN BA 44 31.58 -46.77 66.70
CA ASN BA 44 32.63 -46.29 65.81
C ASN BA 44 32.26 -46.58 64.36
N VAL BA 45 32.16 -45.52 63.56
CA VAL BA 45 31.79 -45.63 62.15
C VAL BA 45 32.90 -45.18 61.22
N SER BA 46 34.01 -44.65 61.74
CA SER BA 46 35.15 -44.35 60.90
C SER BA 46 35.72 -45.61 60.27
N ARG BA 47 35.73 -46.71 61.04
CA ARG BA 47 36.05 -48.00 60.47
C ARG BA 47 35.09 -48.34 59.32
N LEU BA 48 33.80 -48.04 59.49
CA LEU BA 48 32.85 -48.27 58.41
C LEU BA 48 33.19 -47.41 57.19
N ASP BA 49 33.62 -46.17 57.41
CA ASP BA 49 34.00 -45.32 56.28
C ASP BA 49 35.20 -45.87 55.53
N GLU BA 50 36.21 -46.36 56.26
CA GLU BA 50 37.36 -46.92 55.57
C GLU BA 50 37.00 -48.23 54.87
N LEU BA 51 36.07 -49.01 55.42
CA LEU BA 51 35.60 -50.17 54.66
C LEU BA 51 34.83 -49.75 53.43
N ARG BA 52 34.10 -48.63 53.49
CA ARG BA 52 33.43 -48.11 52.31
C ARG BA 52 34.43 -47.77 51.22
N ASN BA 53 35.50 -47.06 51.57
CA ASN BA 53 36.46 -46.72 50.52
C ASN BA 53 37.24 -47.96 50.06
N ILE BA 54 37.40 -48.97 50.93
CA ILE BA 54 37.99 -50.23 50.52
C ILE BA 54 37.12 -50.91 49.47
N ILE BA 55 35.82 -50.98 49.70
CA ILE BA 55 34.97 -51.63 48.70
C ILE BA 55 34.90 -50.82 47.42
N GLU BA 56 34.99 -49.48 47.52
CA GLU BA 56 35.02 -48.66 46.31
C GLU BA 56 36.29 -48.91 45.50
N VAL BA 57 37.44 -48.96 46.16
CA VAL BA 57 38.67 -49.21 45.42
C VAL BA 57 38.68 -50.64 44.90
N ARG BA 58 38.04 -51.58 45.61
CA ARG BA 58 37.95 -52.95 45.11
C ARG BA 58 37.09 -53.04 43.86
N LYS BA 59 35.96 -52.32 43.82
CA LYS BA 59 35.14 -52.36 42.62
C LYS BA 59 35.83 -51.66 41.45
N TRP BA 60 36.56 -50.58 41.72
CA TRP BA 60 37.39 -49.99 40.67
C TRP BA 60 38.44 -50.98 40.17
N GLN BA 61 39.07 -51.71 41.09
CA GLN BA 61 40.09 -52.68 40.72
C GLN BA 61 39.52 -53.79 39.85
N VAL BA 62 38.35 -54.31 40.21
CA VAL BA 62 37.76 -55.36 39.38
C VAL BA 62 37.29 -54.80 38.04
N ASN BA 63 36.84 -53.54 38.02
CA ASN BA 63 36.46 -52.93 36.75
C ASN BA 63 37.65 -52.87 35.80
N GLN BA 64 38.77 -52.32 36.27
CA GLN BA 64 39.95 -52.24 35.41
C GLN BA 64 40.53 -53.62 35.12
N ALA BA 65 40.37 -54.57 36.04
CA ALA BA 65 40.84 -55.93 35.81
C ALA BA 65 40.07 -56.59 34.68
N ALA BA 66 38.74 -56.48 34.71
CA ALA BA 66 37.93 -56.98 33.62
C ALA BA 66 38.27 -56.26 32.32
N GLY BA 67 38.51 -54.95 32.39
CA GLY BA 67 38.91 -54.19 31.23
C GLY BA 67 40.15 -54.73 30.55
N ARG BA 68 41.27 -54.79 31.25
CA ARG BA 68 42.47 -55.26 30.58
C ARG BA 68 42.44 -56.76 30.33
N TYR BA 69 41.60 -57.52 31.04
CA TYR BA 69 41.40 -58.92 30.67
C TYR BA 69 40.72 -59.01 29.31
N ILE BA 70 39.71 -58.18 29.06
CA ILE BA 70 39.07 -58.16 27.74
C ILE BA 70 40.08 -57.73 26.68
N ARG BA 71 40.90 -56.72 26.99
CA ARG BA 71 41.92 -56.27 26.05
C ARG BA 71 42.87 -57.41 25.70
N SER BA 72 43.36 -58.13 26.73
CA SER BA 72 44.29 -59.22 26.49
C SER BA 72 43.63 -60.37 25.74
N HIS BA 73 42.36 -60.66 26.03
CA HIS BA 73 41.65 -61.70 25.31
C HIS BA 73 41.53 -61.36 23.83
N GLU BA 74 41.16 -60.12 23.53
CA GLU BA 74 41.08 -59.70 22.13
C GLU BA 74 42.45 -59.76 21.47
N ALA BA 75 43.50 -59.34 22.19
CA ALA BA 75 44.84 -59.36 21.63
C ALA BA 75 45.28 -60.78 21.29
N VAL BA 76 45.09 -61.71 22.23
CA VAL BA 76 45.53 -63.08 21.98
C VAL BA 76 44.69 -63.73 20.89
N GLN BA 77 43.39 -63.44 20.86
CA GLN BA 77 42.55 -63.99 19.79
C GLN BA 77 43.01 -63.50 18.43
N HIS BA 78 43.31 -62.21 18.30
CA HIS BA 78 43.67 -61.69 16.99
C HIS BA 78 45.08 -62.10 16.59
N ILE BA 79 46.02 -62.24 17.53
CA ILE BA 79 47.33 -62.73 17.16
C ILE BA 79 47.27 -64.21 16.77
N SER BA 80 46.42 -65.00 17.45
CA SER BA 80 46.22 -66.38 17.05
C SER BA 80 45.64 -66.47 15.65
N ILE BA 81 44.64 -65.64 15.36
CA ILE BA 81 44.07 -65.59 14.01
C ILE BA 81 45.15 -65.21 13.00
N ARG BA 82 45.99 -64.24 13.34
CA ARG BA 82 47.01 -63.76 12.42
C ARG BA 82 48.03 -64.86 12.11
N ASP BA 83 48.52 -65.56 13.14
CA ASP BA 83 49.53 -66.58 12.89
C ASP BA 83 48.93 -67.78 12.15
N ARG BA 84 47.68 -68.14 12.47
CA ARG BA 84 47.06 -69.26 11.76
C ARG BA 84 46.78 -68.90 10.30
N LEU BA 85 46.37 -67.66 10.02
CA LEU BA 85 46.21 -67.25 8.64
C LEU BA 85 47.54 -67.11 7.93
N ASN BA 86 48.63 -66.82 8.65
CA ASN BA 86 49.96 -66.87 8.04
C ASN BA 86 50.33 -68.30 7.67
N ASP BA 87 49.96 -69.26 8.51
CA ASP BA 87 50.17 -70.67 8.16
C ASP BA 87 49.38 -71.03 6.90
N PHE BA 88 48.11 -70.60 6.84
CA PHE BA 88 47.31 -70.86 5.65
C PHE BA 88 47.89 -70.17 4.42
N MET BA 89 48.35 -68.93 4.59
CA MET BA 89 49.15 -68.21 3.60
C MET BA 89 50.26 -69.08 3.03
N GLN BA 90 51.11 -69.60 3.91
CA GLN BA 90 52.19 -70.47 3.48
C GLN BA 90 51.69 -71.80 2.92
N GLN BA 91 50.42 -72.13 3.13
CA GLN BA 91 49.88 -73.40 2.63
C GLN BA 91 49.26 -73.29 1.25
N HIS BA 92 48.35 -72.33 1.03
CA HIS BA 92 47.49 -72.31 -0.14
C HIS BA 92 47.57 -70.97 -0.86
N GLY BA 93 48.78 -70.52 -1.15
CA GLY BA 93 48.95 -69.23 -1.82
C GLY BA 93 48.35 -69.18 -3.20
N THR BA 94 48.61 -70.21 -4.01
CA THR BA 94 48.29 -70.16 -5.44
C THR BA 94 46.79 -70.07 -5.68
N ALA BA 95 45.99 -70.83 -4.92
CA ALA BA 95 44.55 -70.90 -5.17
C ALA BA 95 43.89 -69.53 -4.98
N LEU BA 96 43.96 -68.99 -3.77
CA LEU BA 96 43.36 -67.69 -3.51
C LEU BA 96 44.06 -66.58 -4.28
N ALA BA 97 45.35 -66.75 -4.60
CA ALA BA 97 46.03 -65.77 -5.44
C ALA BA 97 45.38 -65.70 -6.82
N ALA BA 98 45.16 -66.84 -7.46
CA ALA BA 98 44.46 -66.84 -8.74
C ALA BA 98 43.02 -66.38 -8.58
N ALA BA 99 42.41 -66.62 -7.41
CA ALA BA 99 41.05 -66.14 -7.18
C ALA BA 99 40.97 -64.62 -7.19
N LEU BA 100 41.92 -63.95 -6.54
CA LEU BA 100 41.88 -62.49 -6.38
C LEU BA 100 42.98 -61.80 -7.19
N ALA BA 101 43.44 -62.46 -8.26
CA ALA BA 101 44.48 -61.88 -9.10
C ALA BA 101 44.19 -60.47 -9.60
N PRO BA 102 43.01 -60.14 -10.13
CA PRO BA 102 42.82 -58.76 -10.67
C PRO BA 102 43.11 -57.69 -9.64
N GLU BA 103 42.74 -57.91 -8.38
CA GLU BA 103 43.10 -56.96 -7.34
C GLU BA 103 44.61 -56.92 -7.12
N LEU BA 104 45.29 -58.05 -7.30
CA LEU BA 104 46.73 -58.06 -7.12
C LEU BA 104 47.43 -57.26 -8.22
N MET BA 105 46.96 -57.36 -9.46
CA MET BA 105 47.52 -56.51 -10.51
C MET BA 105 47.12 -55.06 -10.32
N GLY BA 106 45.94 -54.80 -9.75
CA GLY BA 106 45.59 -53.43 -9.40
C GLY BA 106 46.45 -52.86 -8.30
N TYR BA 107 46.99 -53.70 -7.43
CA TYR BA 107 47.86 -53.27 -6.34
C TYR BA 107 49.32 -53.17 -6.75
N SER BA 108 49.79 -54.02 -7.67
CA SER BA 108 51.21 -54.16 -7.92
C SER BA 108 51.79 -52.91 -8.61
N GLU BA 109 51.15 -52.45 -9.68
CA GLU BA 109 51.70 -51.36 -10.47
C GLU BA 109 50.86 -50.09 -10.51
N LEU BA 110 49.57 -50.18 -10.22
CA LEU BA 110 48.74 -48.99 -10.26
C LEU BA 110 49.00 -48.12 -9.04
N THR BA 111 48.48 -46.88 -9.08
CA THR BA 111 48.71 -45.91 -8.03
C THR BA 111 47.99 -46.34 -6.75
N ALA BA 112 48.31 -45.64 -5.65
CA ALA BA 112 47.85 -46.06 -4.33
C ALA BA 112 46.34 -46.04 -4.23
N ILE BA 113 45.68 -45.03 -4.82
CA ILE BA 113 44.22 -44.97 -4.75
C ILE BA 113 43.59 -46.11 -5.53
N ALA BA 114 44.18 -46.49 -6.67
CA ALA BA 114 43.71 -47.66 -7.40
C ALA BA 114 43.92 -48.93 -6.58
N ARG BA 115 45.06 -49.01 -5.89
CA ARG BA 115 45.29 -50.12 -4.97
C ARG BA 115 44.17 -50.21 -3.95
N ASN BA 116 43.81 -49.07 -3.34
CA ASN BA 116 42.75 -49.06 -2.33
C ASN BA 116 41.40 -49.43 -2.92
N CYS BA 117 41.12 -48.99 -4.16
CA CYS BA 117 39.88 -49.39 -4.81
C CYS BA 117 39.83 -50.90 -4.99
N ALA BA 118 40.94 -51.50 -5.43
CA ALA BA 118 41.00 -52.96 -5.49
C ALA BA 118 40.85 -53.58 -4.11
N ILE BA 119 41.34 -52.89 -3.07
CA ILE BA 119 41.21 -53.37 -1.70
C ILE BA 119 39.74 -53.44 -1.30
N GLN BA 120 38.95 -52.41 -1.61
CA GLN BA 120 37.52 -52.47 -1.30
C GLN BA 120 36.78 -53.46 -2.20
N ARG BA 121 37.25 -53.65 -3.44
CA ARG BA 121 36.68 -54.68 -4.28
C ARG BA 121 36.86 -56.06 -3.65
N ALA BA 122 38.06 -56.33 -3.15
CA ALA BA 122 38.28 -57.55 -2.38
C ALA BA 122 37.40 -57.59 -1.15
N THR BA 123 37.22 -56.43 -0.49
CA THR BA 123 36.33 -56.35 0.66
C THR BA 123 34.98 -56.96 0.35
N ASP BA 124 34.25 -56.37 -0.59
CA ASP BA 124 32.91 -56.90 -0.85
C ASP BA 124 33.00 -58.33 -1.36
N ALA BA 125 33.80 -58.57 -2.41
CA ALA BA 125 33.93 -59.91 -2.98
C ALA BA 125 34.02 -60.98 -1.91
N LEU BA 126 34.98 -60.84 -0.98
CA LEU BA 126 35.10 -61.78 0.11
C LEU BA 126 33.88 -61.74 1.03
N ARG BA 127 33.24 -60.58 1.20
CA ARG BA 127 32.12 -60.51 2.12
C ARG BA 127 30.92 -61.33 1.63
N GLU BA 128 30.51 -61.15 0.38
CA GLU BA 128 29.44 -62.04 -0.09
C GLU BA 128 29.94 -63.47 -0.28
N ALA BA 129 31.25 -63.66 -0.55
CA ALA BA 129 31.78 -65.02 -0.64
C ALA BA 129 31.56 -65.77 0.66
N LEU BA 130 31.84 -65.13 1.79
CA LEU BA 130 31.65 -65.76 3.08
C LEU BA 130 30.16 -65.81 3.46
N LEU BA 131 29.40 -64.78 3.08
CA LEU BA 131 28.03 -64.66 3.56
C LEU BA 131 27.09 -65.63 2.84
N SER BA 132 27.33 -65.89 1.55
CA SER BA 132 26.41 -66.72 0.78
C SER BA 132 26.34 -68.13 1.34
N TRP BA 133 27.50 -68.72 1.66
CA TRP BA 133 27.56 -70.06 2.25
C TRP BA 133 27.84 -70.01 3.75
N LEU BA 134 27.72 -68.83 4.36
CA LEU BA 134 27.96 -68.70 5.79
C LEU BA 134 26.81 -69.29 6.60
N ALA BA 135 25.57 -69.12 6.12
CA ALA BA 135 24.40 -69.72 6.75
C ALA BA 135 24.08 -71.09 6.17
N LYS BA 136 25.08 -71.77 5.61
CA LYS BA 136 24.86 -73.09 5.02
C LYS BA 136 24.47 -74.13 6.06
N GLY BA 137 24.80 -73.90 7.32
CA GLY BA 137 24.46 -74.82 8.39
C GLY BA 137 25.57 -75.73 8.85
N GLU BA 138 26.80 -75.53 8.39
CA GLU BA 138 27.91 -76.38 8.79
C GLU BA 138 28.27 -76.14 10.25
N LYS BA 139 28.64 -77.21 10.95
CA LYS BA 139 29.13 -77.15 12.32
C LYS BA 139 30.61 -77.49 12.33
N ILE BA 140 31.39 -76.70 13.06
CA ILE BA 140 32.84 -76.75 13.01
C ILE BA 140 33.39 -76.78 14.44
N ASN BA 141 34.72 -76.76 14.53
CA ASN BA 141 35.45 -76.64 15.79
C ASN BA 141 36.47 -75.52 15.68
N TYR BA 142 37.34 -75.41 16.67
CA TYR BA 142 38.37 -74.38 16.65
C TYR BA 142 39.48 -74.77 15.68
N SER BA 143 40.39 -73.82 15.43
CA SER BA 143 41.60 -74.12 14.68
C SER BA 143 42.43 -75.13 15.46
N ALA BA 144 42.57 -76.35 14.91
CA ALA BA 144 43.10 -77.46 15.69
C ALA BA 144 44.51 -77.18 16.20
N GLN BA 145 45.29 -76.40 15.45
CA GLN BA 145 46.73 -76.28 15.71
C GLN BA 145 47.01 -75.85 17.15
N ASP BA 146 46.10 -75.09 17.75
CA ASP BA 146 46.20 -74.76 19.16
C ASP BA 146 44.85 -74.82 19.84
N SER BA 147 43.95 -75.67 19.31
CA SER BA 147 42.51 -75.52 19.55
C SER BA 147 42.18 -75.44 21.04
N ASP BA 148 42.64 -76.43 21.82
CA ASP BA 148 42.25 -76.50 23.22
C ASP BA 148 42.63 -75.23 23.97
N ILE BA 149 43.80 -74.65 23.67
CA ILE BA 149 44.21 -73.43 24.34
C ILE BA 149 43.21 -72.31 24.08
N LEU BA 150 42.74 -72.19 22.84
CA LEU BA 150 41.69 -71.21 22.56
C LEU BA 150 40.42 -71.52 23.34
N THR BA 151 40.08 -72.81 23.45
CA THR BA 151 38.94 -73.19 24.28
C THR BA 151 39.13 -72.81 25.73
N THR BA 152 40.39 -72.65 26.16
CA THR BA 152 40.63 -72.18 27.53
C THR BA 152 40.13 -70.76 27.72
N ILE BA 153 40.22 -69.93 26.67
CA ILE BA 153 39.78 -68.54 26.80
C ILE BA 153 38.38 -68.33 26.25
N GLY BA 154 37.94 -69.16 25.31
CA GLY BA 154 36.58 -69.07 24.79
C GLY BA 154 36.34 -67.85 23.91
N PHE BA 155 35.35 -67.95 23.02
CA PHE BA 155 34.98 -66.80 22.20
C PHE BA 155 34.43 -65.67 23.07
N ARG BA 156 33.44 -65.99 23.92
CA ARG BA 156 32.85 -65.01 24.81
C ARG BA 156 33.48 -65.13 26.19
N PRO BA 157 34.14 -64.09 26.69
CA PRO BA 157 34.72 -64.15 28.04
C PRO BA 157 33.64 -64.28 29.12
N ASP BA 158 34.06 -64.35 30.38
CA ASP BA 158 33.12 -64.48 31.48
C ASP BA 158 32.14 -63.30 31.49
N VAL BA 159 30.87 -63.61 31.72
CA VAL BA 159 29.84 -62.58 31.73
C VAL BA 159 30.07 -61.60 32.88
N ALA BA 160 30.63 -62.09 34.00
CA ALA BA 160 30.97 -61.20 35.10
C ALA BA 160 31.99 -60.15 34.68
N SER BA 161 32.91 -60.51 33.79
CA SER BA 161 33.87 -59.53 33.28
C SER BA 161 33.16 -58.41 32.54
N VAL BA 162 32.18 -58.74 31.70
CA VAL BA 162 31.42 -57.72 31.00
C VAL BA 162 30.62 -56.86 31.99
N ASP BA 163 30.03 -57.51 33.00
CA ASP BA 163 29.25 -56.77 33.98
C ASP BA 163 30.13 -55.77 34.73
N ASP BA 164 31.34 -56.17 35.10
CA ASP BA 164 32.26 -55.24 35.73
C ASP BA 164 32.72 -54.15 34.76
N SER BA 165 32.96 -54.51 33.50
CA SER BA 165 33.42 -53.55 32.51
C SER BA 165 32.34 -52.56 32.11
N ARG BA 166 31.07 -52.82 32.43
CA ARG BA 166 30.01 -51.87 32.12
C ARG BA 166 30.17 -50.54 32.85
N GLU BA 167 30.97 -50.49 33.91
CA GLU BA 167 31.17 -49.26 34.68
C GLU BA 167 32.27 -48.43 34.02
N LYS BA 168 31.96 -47.17 33.72
CA LYS BA 168 32.90 -46.25 33.10
C LYS BA 168 33.13 -45.06 34.03
N PHE BA 169 34.40 -44.70 34.24
CA PHE BA 169 34.78 -43.63 35.13
C PHE BA 169 35.58 -42.58 34.38
N THR BA 170 35.46 -41.33 34.83
CA THR BA 170 36.19 -40.24 34.22
C THR BA 170 37.68 -40.37 34.51
N PRO BA 171 38.55 -39.82 33.64
CA PRO BA 171 40.00 -39.93 33.87
C PRO BA 171 40.44 -39.38 35.22
N ALA BA 172 39.83 -38.27 35.66
CA ALA BA 172 40.14 -37.76 36.99
C ALA BA 172 39.73 -38.76 38.07
N GLN BA 173 38.56 -39.38 37.91
CA GLN BA 173 38.14 -40.42 38.83
C GLN BA 173 39.09 -41.61 38.78
N ASN BA 174 39.54 -41.98 37.59
CA ASN BA 174 40.48 -43.09 37.46
C ASN BA 174 41.79 -42.79 38.19
N MET BA 175 42.31 -41.57 38.06
CA MET BA 175 43.59 -41.28 38.68
C MET BA 175 43.47 -41.10 40.19
N ILE BA 176 42.38 -40.50 40.68
CA ILE BA 176 42.20 -40.43 42.13
C ILE BA 176 42.01 -41.83 42.70
N PHE BA 177 41.35 -42.72 41.96
CA PHE BA 177 41.23 -44.11 42.40
C PHE BA 177 42.57 -44.83 42.36
N SER BA 178 43.43 -44.48 41.41
CA SER BA 178 44.78 -45.05 41.41
C SER BA 178 45.56 -44.63 42.65
N ARG BA 179 45.48 -43.36 43.03
CA ARG BA 179 46.13 -42.94 44.28
C ARG BA 179 45.48 -43.61 45.49
N LYS BA 180 44.17 -43.82 45.46
CA LYS BA 180 43.51 -44.56 46.53
C LYS BA 180 44.08 -45.98 46.63
N SER BA 181 44.25 -46.64 45.48
CA SER BA 181 44.82 -47.98 45.47
C SER BA 181 46.23 -47.96 46.04
N ALA BA 182 47.03 -46.97 45.67
CA ALA BA 182 48.41 -46.90 46.16
C ALA BA 182 48.43 -46.71 47.68
N GLN BA 183 47.62 -45.77 48.20
CA GLN BA 183 47.65 -45.51 49.63
C GLN BA 183 47.09 -46.69 50.42
N LEU BA 184 46.06 -47.35 49.92
CA LEU BA 184 45.52 -48.51 50.63
C LEU BA 184 46.48 -49.70 50.57
N ALA BA 185 47.20 -49.87 49.46
CA ALA BA 185 48.24 -50.90 49.42
C ALA BA 185 49.34 -50.59 50.43
N SER BA 186 49.72 -49.31 50.56
CA SER BA 186 50.71 -48.94 51.56
C SER BA 186 50.21 -49.23 52.97
N ARG BA 187 48.92 -48.93 53.23
CA ARG BA 187 48.35 -49.23 54.54
C ARG BA 187 48.33 -50.73 54.82
N GLN BA 188 47.99 -51.53 53.81
CA GLN BA 188 48.01 -52.99 53.98
C GLN BA 188 49.43 -53.49 54.23
N SER BA 189 50.42 -52.86 53.61
CA SER BA 189 51.80 -53.24 53.85
C SER BA 189 52.23 -52.94 55.28
N VAL BA 190 51.62 -51.94 55.91
CA VAL BA 190 51.94 -51.60 57.29
C VAL BA 190 51.28 -52.59 58.24
N THR CA 4 -24.39 -61.73 39.23
CA THR CA 4 -24.30 -62.13 37.83
C THR CA 4 -23.69 -60.98 37.04
N ALA CA 5 -23.68 -59.78 37.65
CA ALA CA 5 -23.12 -58.61 36.99
C ALA CA 5 -21.65 -58.82 36.66
N LEU CA 6 -20.89 -59.41 37.59
CA LEU CA 6 -19.50 -59.75 37.30
C LEU CA 6 -19.40 -60.76 36.16
N GLN CA 7 -20.31 -61.75 36.14
CA GLN CA 7 -20.27 -62.77 35.10
C GLN CA 7 -20.55 -62.16 33.73
N GLN CA 8 -21.57 -61.31 33.62
CA GLN CA 8 -21.85 -60.70 32.32
C GLN CA 8 -20.78 -59.70 31.93
N ALA CA 9 -20.17 -59.00 32.90
CA ALA CA 9 -19.06 -58.13 32.59
C ALA CA 9 -17.89 -58.92 32.02
N PHE CA 10 -17.59 -60.08 32.61
CA PHE CA 10 -16.54 -60.94 32.07
C PHE CA 10 -16.91 -61.47 30.70
N ASP CA 11 -18.18 -61.78 30.47
CA ASP CA 11 -18.60 -62.24 29.15
C ASP CA 11 -18.39 -61.16 28.11
N THR CA 12 -18.76 -59.92 28.43
CA THR CA 12 -18.52 -58.81 27.50
C THR CA 12 -17.02 -58.60 27.27
N CYS CA 13 -16.22 -58.70 28.33
CA CYS CA 13 -14.78 -58.52 28.19
C CYS CA 13 -14.18 -59.61 27.29
N GLN CA 14 -14.63 -60.86 27.45
CA GLN CA 14 -14.12 -61.93 26.61
C GLN CA 14 -14.62 -61.82 25.17
N ASN CA 15 -15.84 -61.32 24.98
CA ASN CA 15 -16.32 -61.06 23.62
C ASN CA 15 -15.48 -59.98 22.94
N ASN CA 16 -15.14 -58.92 23.69
CA ASN CA 16 -14.25 -57.90 23.15
C ASN CA 16 -12.87 -58.47 22.84
N LYS CA 17 -12.38 -59.36 23.71
CA LYS CA 17 -11.10 -60.01 23.48
C LYS CA 17 -11.12 -60.84 22.20
N ALA CA 18 -12.18 -61.62 22.00
CA ALA CA 18 -12.30 -62.42 20.78
C ALA CA 18 -12.42 -61.53 19.55
N ALA CA 19 -13.17 -60.44 19.66
CA ALA CA 19 -13.30 -59.51 18.54
C ALA CA 19 -11.95 -58.91 18.19
N TRP CA 20 -11.17 -58.50 19.19
CA TRP CA 20 -9.84 -57.96 18.92
C TRP CA 20 -8.89 -59.01 18.38
N LEU CA 21 -9.04 -60.26 18.82
CA LEU CA 21 -8.22 -61.34 18.26
C LEU CA 21 -8.52 -61.56 16.79
N GLN CA 22 -9.81 -61.56 16.41
CA GLN CA 22 -10.16 -61.70 15.00
C GLN CA 22 -9.69 -60.48 14.21
N ARG CA 23 -9.78 -59.29 14.81
CA ARG CA 23 -9.30 -58.08 14.15
C ARG CA 23 -7.81 -58.16 13.88
N LYS CA 24 -7.03 -58.65 14.85
CA LYS CA 24 -5.60 -58.83 14.64
C LYS CA 24 -5.33 -59.95 13.63
N ASN CA 25 -6.18 -60.97 13.59
CA ASN CA 25 -6.01 -62.04 12.61
C ASN CA 25 -6.18 -61.50 11.19
N GLU CA 26 -7.20 -60.69 10.96
CA GLU CA 26 -7.34 -60.09 9.64
C GLU CA 26 -6.35 -58.96 9.37
N LEU CA 27 -5.82 -58.34 10.42
CA LEU CA 27 -4.63 -57.50 10.25
C LEU CA 27 -3.46 -58.32 9.72
N ALA CA 28 -3.25 -59.52 10.27
CA ALA CA 28 -2.18 -60.39 9.80
C ALA CA 28 -2.45 -60.84 8.37
N ALA CA 29 -3.73 -61.07 8.03
CA ALA CA 29 -4.08 -61.39 6.65
C ALA CA 29 -3.73 -60.23 5.72
N ALA CA 30 -4.03 -59.00 6.14
CA ALA CA 30 -3.67 -57.83 5.35
C ALA CA 30 -2.16 -57.73 5.18
N GLU CA 31 -1.40 -57.97 6.26
CA GLU CA 31 0.05 -57.92 6.16
C GLU CA 31 0.60 -58.98 5.22
N GLN CA 32 0.08 -60.21 5.31
CA GLN CA 32 0.63 -61.26 4.45
C GLN CA 32 0.28 -61.03 2.99
N GLU CA 33 -0.93 -60.52 2.71
CA GLU CA 33 -1.25 -60.19 1.33
C GLU CA 33 -0.37 -59.04 0.83
N TYR CA 34 -0.11 -58.05 1.69
CA TYR CA 34 0.83 -56.99 1.35
C TYR CA 34 2.20 -57.55 0.99
N LEU CA 35 2.74 -58.44 1.82
CA LEU CA 35 4.08 -58.95 1.60
C LEU CA 35 4.17 -59.84 0.36
N ARG CA 36 3.21 -60.73 0.12
CA ARG CA 36 3.40 -61.56 -1.07
C ARG CA 36 2.95 -60.84 -2.33
N LEU CA 37 2.25 -59.70 -2.22
CA LEU CA 37 2.08 -58.84 -3.37
C LEU CA 37 3.35 -58.07 -3.69
N LEU CA 38 4.05 -57.59 -2.66
CA LEU CA 38 5.32 -56.90 -2.89
C LEU CA 38 6.36 -57.85 -3.46
N SER CA 39 6.49 -59.05 -2.87
CA SER CA 39 7.47 -60.02 -3.36
C SER CA 39 7.10 -60.49 -4.77
N GLY CA 40 5.81 -60.68 -5.03
CA GLY CA 40 5.35 -61.06 -6.35
C GLY CA 40 5.41 -59.91 -7.33
N GLU CA 41 4.57 -59.94 -8.36
CA GLU CA 41 4.56 -58.90 -9.38
C GLU CA 41 3.63 -57.77 -8.94
N GLY CA 42 4.06 -57.07 -7.90
CA GLY CA 42 3.32 -55.94 -7.36
C GLY CA 42 3.49 -54.71 -8.21
N ARG CA 43 2.84 -54.71 -9.38
CA ARG CA 43 3.12 -53.71 -10.40
C ARG CA 43 2.36 -52.42 -10.14
N ASN CA 44 1.03 -52.49 -10.04
CA ASN CA 44 0.24 -51.29 -9.81
C ASN CA 44 0.48 -50.75 -8.40
N VAL CA 45 0.22 -49.46 -8.21
CA VAL CA 45 0.55 -48.80 -6.96
C VAL CA 45 -0.71 -48.20 -6.32
N SER CA 46 -1.73 -47.92 -7.15
CA SER CA 46 -2.98 -47.43 -6.58
C SER CA 46 -3.61 -48.46 -5.66
N ARG CA 47 -3.59 -49.73 -6.07
CA ARG CA 47 -3.99 -50.80 -5.17
C ARG CA 47 -3.07 -50.84 -3.96
N LEU CA 48 -1.79 -50.58 -4.14
CA LEU CA 48 -0.87 -50.47 -3.00
C LEU CA 48 -1.26 -49.30 -2.10
N ASP CA 49 -1.66 -48.18 -2.70
CA ASP CA 49 -2.08 -47.03 -1.91
C ASP CA 49 -3.29 -47.37 -1.03
N GLU CA 50 -4.31 -48.00 -1.62
CA GLU CA 50 -5.45 -48.37 -0.80
C GLU CA 50 -5.09 -49.45 0.22
N LEU CA 51 -4.15 -50.34 -0.13
CA LEU CA 51 -3.68 -51.32 0.85
C LEU CA 51 -3.08 -50.63 2.06
N ARG CA 52 -2.27 -49.59 1.83
CA ARG CA 52 -1.74 -48.80 2.94
C ARG CA 52 -2.86 -48.11 3.71
N ASN CA 53 -3.90 -47.65 3.01
CA ASN CA 53 -5.04 -47.04 3.69
C ASN CA 53 -5.67 -48.00 4.69
N ILE CA 54 -6.01 -49.22 4.23
CA ILE CA 54 -6.59 -50.21 5.14
C ILE CA 54 -5.59 -50.62 6.22
N ILE CA 55 -4.30 -50.70 5.88
CA ILE CA 55 -3.30 -51.08 6.89
C ILE CA 55 -3.29 -50.07 8.03
N GLU CA 56 -3.26 -48.77 7.71
CA GLU CA 56 -3.22 -47.75 8.74
C GLU CA 56 -4.51 -47.72 9.55
N VAL CA 57 -5.65 -47.71 8.87
CA VAL CA 57 -6.91 -47.66 9.60
C VAL CA 57 -7.06 -48.90 10.47
N ARG CA 58 -6.58 -50.05 9.99
CA ARG CA 58 -6.72 -51.31 10.69
C ARG CA 58 -5.83 -51.36 11.92
N LYS CA 59 -4.61 -50.85 11.84
CA LYS CA 59 -3.81 -50.75 13.06
C LYS CA 59 -4.42 -49.75 14.03
N TRP CA 60 -5.11 -48.73 13.53
CA TRP CA 60 -5.83 -47.84 14.43
C TRP CA 60 -6.93 -48.59 15.18
N GLN CA 61 -7.71 -49.42 14.48
CA GLN CA 61 -8.75 -50.16 15.20
C GLN CA 61 -8.17 -51.21 16.13
N VAL CA 62 -7.04 -51.85 15.78
CA VAL CA 62 -6.47 -52.80 16.73
C VAL CA 62 -5.96 -52.07 17.97
N ASN CA 63 -5.43 -50.86 17.80
CA ASN CA 63 -5.02 -50.06 18.95
C ASN CA 63 -6.20 -49.74 19.86
N GLN CA 64 -7.29 -49.24 19.27
CA GLN CA 64 -8.43 -48.86 20.11
C GLN CA 64 -9.12 -50.09 20.71
N ALA CA 65 -9.12 -51.22 20.00
CA ALA CA 65 -9.68 -52.44 20.56
C ALA CA 65 -8.84 -52.95 21.73
N ALA CA 66 -7.51 -52.88 21.61
CA ALA CA 66 -6.66 -53.24 22.74
C ALA CA 66 -6.91 -52.31 23.91
N GLY CA 67 -7.07 -51.01 23.66
CA GLY CA 67 -7.34 -50.08 24.74
C GLY CA 67 -8.66 -50.36 25.44
N ARG CA 68 -9.71 -50.66 24.67
CA ARG CA 68 -11.01 -50.95 25.29
C ARG CA 68 -10.98 -52.27 26.03
N TYR CA 69 -10.25 -53.27 25.50
CA TYR CA 69 -10.09 -54.52 26.23
C TYR CA 69 -9.36 -54.29 27.55
N ILE CA 70 -8.33 -53.46 27.54
CA ILE CA 70 -7.65 -53.09 28.79
C ILE CA 70 -8.66 -52.50 29.76
N ARG CA 71 -9.28 -51.37 29.38
CA ARG CA 71 -10.18 -50.67 30.29
C ARG CA 71 -11.27 -51.60 30.83
N SER CA 72 -11.77 -52.52 30.00
CA SER CA 72 -12.72 -53.51 30.49
C SER CA 72 -12.06 -54.47 31.47
N HIS CA 73 -10.79 -54.80 31.27
CA HIS CA 73 -10.09 -55.70 32.18
C HIS CA 73 -9.94 -55.09 33.57
N GLU CA 74 -9.47 -53.83 33.64
CA GLU CA 74 -9.45 -53.18 34.96
C GLU CA 74 -10.85 -52.96 35.51
N ALA CA 75 -11.86 -52.73 34.67
CA ALA CA 75 -13.21 -52.56 35.18
C ALA CA 75 -13.71 -53.84 35.85
N VAL CA 76 -13.54 -54.98 35.19
CA VAL CA 76 -14.02 -56.24 35.75
C VAL CA 76 -13.19 -56.62 36.98
N GLN CA 77 -11.88 -56.33 36.96
CA GLN CA 77 -11.07 -56.59 38.14
C GLN CA 77 -11.55 -55.74 39.32
N HIS CA 78 -11.86 -54.46 39.07
CA HIS CA 78 -12.29 -53.59 40.15
C HIS CA 78 -13.64 -54.02 40.72
N ILE CA 79 -14.59 -54.39 39.86
CA ILE CA 79 -15.89 -54.82 40.37
C ILE CA 79 -15.76 -56.13 41.14
N SER CA 80 -14.93 -57.05 40.65
CA SER CA 80 -14.72 -58.30 41.38
C SER CA 80 -14.07 -58.04 42.74
N ILE CA 81 -13.07 -57.16 42.78
CA ILE CA 81 -12.40 -56.84 44.04
C ILE CA 81 -13.39 -56.22 45.03
N ARG CA 82 -14.20 -55.28 44.56
CA ARG CA 82 -15.16 -54.64 45.47
C ARG CA 82 -16.21 -55.62 45.96
N ASP CA 83 -16.68 -56.51 45.08
CA ASP CA 83 -17.67 -57.50 45.51
C ASP CA 83 -17.08 -58.46 46.55
N ARG CA 84 -15.83 -58.90 46.33
CA ARG CA 84 -15.19 -59.78 47.30
C ARG CA 84 -14.97 -59.07 48.63
N LEU CA 85 -14.55 -57.81 48.58
CA LEU CA 85 -14.40 -57.03 49.81
C LEU CA 85 -15.72 -56.92 50.55
N ASN CA 86 -16.80 -56.63 49.82
CA ASN CA 86 -18.10 -56.46 50.45
C ASN CA 86 -18.58 -57.77 51.10
N ASP CA 87 -18.44 -58.89 50.38
CA ASP CA 87 -18.98 -60.12 50.95
C ASP CA 87 -18.12 -60.65 52.09
N PHE CA 88 -16.80 -60.45 52.03
CA PHE CA 88 -15.97 -60.79 53.19
C PHE CA 88 -16.32 -59.93 54.39
N MET CA 89 -16.54 -58.63 54.16
CA MET CA 89 -16.94 -57.73 55.25
C MET CA 89 -18.25 -58.20 55.86
N GLN CA 90 -19.21 -58.60 55.02
CA GLN CA 90 -20.48 -59.09 55.52
C GLN CA 90 -20.33 -60.38 56.32
N GLN CA 91 -19.48 -61.30 55.84
CA GLN CA 91 -19.42 -62.61 56.48
C GLN CA 91 -18.60 -62.59 57.77
N HIS CA 92 -17.33 -62.19 57.71
CA HIS CA 92 -16.46 -62.27 58.88
C HIS CA 92 -15.63 -61.01 59.03
N GLY CA 93 -16.28 -59.86 58.92
CA GLY CA 93 -15.63 -58.58 59.13
C GLY CA 93 -15.94 -57.90 60.44
N THR CA 94 -16.59 -58.58 61.38
CA THR CA 94 -16.98 -57.94 62.63
C THR CA 94 -15.76 -57.53 63.46
N ALA CA 95 -14.74 -58.40 63.54
CA ALA CA 95 -13.56 -58.05 64.32
C ALA CA 95 -12.74 -56.96 63.64
N LEU CA 96 -12.82 -56.87 62.31
CA LEU CA 96 -12.11 -55.82 61.59
C LEU CA 96 -12.56 -54.45 62.05
N ALA CA 97 -13.87 -54.23 62.15
CA ALA CA 97 -14.38 -52.97 62.67
C ALA CA 97 -14.27 -52.90 64.18
N ALA CA 98 -14.30 -54.04 64.87
CA ALA CA 98 -14.26 -54.03 66.33
C ALA CA 98 -12.93 -53.54 66.86
N ALA CA 99 -11.83 -54.10 66.36
CA ALA CA 99 -10.51 -53.79 66.90
C ALA CA 99 -9.80 -52.66 66.16
N LEU CA 100 -10.36 -52.16 65.06
CA LEU CA 100 -9.85 -50.97 64.39
C LEU CA 100 -10.69 -49.75 64.73
N ALA CA 101 -11.14 -49.67 65.99
CA ALA CA 101 -12.03 -48.59 66.40
C ALA CA 101 -11.46 -47.20 66.21
N PRO CA 102 -10.21 -46.89 66.62
CA PRO CA 102 -9.77 -45.48 66.62
C PRO CA 102 -10.10 -44.69 65.35
N GLU CA 103 -9.73 -45.19 64.18
CA GLU CA 103 -10.03 -44.46 62.95
C GLU CA 103 -11.54 -44.36 62.72
N LEU CA 104 -12.29 -45.42 63.03
CA LEU CA 104 -13.73 -45.39 62.78
C LEU CA 104 -14.43 -44.35 63.65
N MET CA 105 -14.14 -44.35 64.95
CA MET CA 105 -14.78 -43.37 65.83
C MET CA 105 -14.14 -42.00 65.77
N GLY CA 106 -13.01 -41.86 65.07
CA GLY CA 106 -12.56 -40.53 64.69
C GLY CA 106 -13.28 -40.01 63.45
N TYR CA 107 -13.67 -40.93 62.56
CA TYR CA 107 -14.45 -40.53 61.39
C TYR CA 107 -15.90 -40.25 61.74
N SER CA 108 -16.43 -40.91 62.77
CA SER CA 108 -17.88 -40.95 62.96
C SER CA 108 -18.47 -39.56 63.22
N GLU CA 109 -17.79 -38.73 64.01
CA GLU CA 109 -18.38 -37.45 64.42
C GLU CA 109 -17.41 -36.28 64.25
N LEU CA 110 -16.46 -36.40 63.31
CA LEU CA 110 -15.50 -35.31 63.12
C LEU CA 110 -15.54 -34.77 61.69
N THR CA 111 -14.60 -33.88 61.37
CA THR CA 111 -14.58 -33.13 60.12
C THR CA 111 -13.67 -33.86 59.12
N ALA CA 112 -13.59 -33.30 57.90
CA ALA CA 112 -12.89 -33.97 56.80
C ALA CA 112 -11.42 -34.22 57.13
N ILE CA 113 -10.78 -33.30 57.85
CA ILE CA 113 -9.35 -33.46 58.14
C ILE CA 113 -9.12 -34.64 59.08
N ALA CA 114 -10.00 -34.82 60.07
CA ALA CA 114 -9.85 -35.94 61.00
C ALA CA 114 -10.02 -37.28 60.30
N ARG CA 115 -11.02 -37.40 59.43
CA ARG CA 115 -11.14 -38.63 58.66
C ARG CA 115 -10.01 -38.79 57.66
N ASN CA 116 -9.38 -37.69 57.22
CA ASN CA 116 -8.20 -37.82 56.38
C ASN CA 116 -7.03 -38.40 57.16
N CYS CA 117 -6.84 -37.97 58.40
CA CYS CA 117 -5.83 -38.59 59.26
C CYS CA 117 -6.15 -40.05 59.51
N ALA CA 118 -7.45 -40.37 59.67
CA ALA CA 118 -7.86 -41.76 59.78
C ALA CA 118 -7.49 -42.55 58.53
N ILE CA 119 -7.68 -41.94 57.35
CA ILE CA 119 -7.28 -42.56 56.10
C ILE CA 119 -5.79 -42.83 56.10
N GLN CA 120 -4.99 -41.85 56.54
CA GLN CA 120 -3.54 -42.05 56.53
C GLN CA 120 -3.13 -43.19 57.45
N ARG CA 121 -3.64 -43.21 58.68
CA ARG CA 121 -3.24 -44.26 59.62
C ARG CA 121 -3.74 -45.64 59.18
N ALA CA 122 -4.99 -45.74 58.72
CA ALA CA 122 -5.47 -47.01 58.21
C ALA CA 122 -4.67 -47.46 57.00
N THR CA 123 -4.33 -46.52 56.11
CA THR CA 123 -3.57 -46.86 54.92
C THR CA 123 -2.22 -47.45 55.28
N ASP CA 124 -1.43 -46.74 56.09
CA ASP CA 124 -0.09 -47.26 56.34
C ASP CA 124 -0.16 -48.55 57.15
N ALA CA 125 -1.09 -48.64 58.12
CA ALA CA 125 -1.25 -49.87 58.90
C ALA CA 125 -1.53 -51.08 57.99
N LEU CA 126 -2.50 -50.93 57.09
CA LEU CA 126 -2.78 -52.00 56.15
C LEU CA 126 -1.57 -52.29 55.28
N ARG CA 127 -0.74 -51.26 55.01
CA ARG CA 127 0.45 -51.52 54.21
C ARG CA 127 1.46 -52.40 54.95
N GLU CA 128 1.73 -52.15 56.24
CA GLU CA 128 2.67 -53.08 56.87
C GLU CA 128 2.04 -54.46 57.01
N ALA CA 129 0.73 -54.52 57.23
CA ALA CA 129 0.06 -55.82 57.29
C ALA CA 129 0.30 -56.61 56.02
N LEU CA 130 0.02 -56.00 54.86
CA LEU CA 130 0.20 -56.70 53.59
C LEU CA 130 1.65 -57.04 53.32
N LEU CA 131 2.59 -56.11 53.60
CA LEU CA 131 3.99 -56.44 53.31
C LEU CA 131 4.48 -57.57 54.22
N SER CA 132 4.05 -57.57 55.48
CA SER CA 132 4.45 -58.64 56.39
C SER CA 132 3.88 -59.98 55.95
N TRP CA 133 2.65 -59.99 55.43
CA TRP CA 133 2.04 -61.26 55.06
C TRP CA 133 2.30 -61.66 53.61
N LEU CA 134 3.01 -60.83 52.84
CA LEU CA 134 3.68 -61.31 51.64
C LEU CA 134 5.17 -61.57 51.86
N ALA CA 135 5.68 -61.27 53.05
CA ALA CA 135 7.03 -61.72 53.38
C ALA CA 135 7.11 -63.24 53.45
N LYS CA 136 5.99 -63.91 53.75
CA LYS CA 136 5.98 -65.37 53.82
C LYS CA 136 6.00 -66.02 52.44
N GLY CA 137 5.65 -65.29 51.39
CA GLY CA 137 5.64 -65.85 50.05
C GLY CA 137 4.61 -66.93 49.81
N GLU CA 138 3.39 -66.74 50.30
CA GLU CA 138 2.34 -67.72 50.09
C GLU CA 138 1.89 -67.71 48.64
N LYS CA 139 1.77 -68.91 48.05
CA LYS CA 139 1.31 -69.06 46.67
C LYS CA 139 -0.19 -69.36 46.68
N ILE CA 140 -0.97 -68.31 46.97
CA ILE CA 140 -2.41 -68.45 47.10
C ILE CA 140 -3.04 -68.71 45.74
N ASN CA 141 -4.21 -69.36 45.77
CA ASN CA 141 -5.01 -69.58 44.57
C ASN CA 141 -6.01 -68.44 44.43
N TYR CA 142 -6.98 -68.62 43.53
CA TYR CA 142 -7.98 -67.59 43.28
C TYR CA 142 -9.23 -67.86 44.12
N SER CA 143 -10.22 -66.99 44.00
CA SER CA 143 -11.46 -67.16 44.74
C SER CA 143 -12.18 -68.41 44.29
N ALA CA 144 -12.81 -69.11 45.25
CA ALA CA 144 -13.42 -70.40 44.96
C ALA CA 144 -14.54 -70.27 43.93
N GLN CA 145 -15.39 -69.26 44.06
CA GLN CA 145 -16.49 -69.08 43.13
C GLN CA 145 -16.06 -68.56 41.78
N ASP CA 146 -14.87 -67.97 41.68
CA ASP CA 146 -14.42 -67.31 40.46
C ASP CA 146 -12.99 -67.70 40.11
N SER CA 147 -12.59 -68.95 40.41
CA SER CA 147 -11.22 -69.37 40.14
C SER CA 147 -11.00 -69.54 38.64
N ASP CA 148 -11.72 -70.48 38.03
CA ASP CA 148 -11.47 -70.84 36.63
C ASP CA 148 -11.51 -69.61 35.72
N ILE CA 149 -12.51 -68.74 35.93
CA ILE CA 149 -12.62 -67.53 35.12
C ILE CA 149 -11.34 -66.71 35.21
N LEU CA 150 -10.87 -66.45 36.43
CA LEU CA 150 -9.66 -65.65 36.58
C LEU CA 150 -8.43 -66.39 36.05
N THR CA 151 -8.50 -67.71 35.93
CA THR CA 151 -7.40 -68.42 35.27
C THR CA 151 -7.48 -68.26 33.77
N THR CA 152 -8.69 -68.20 33.21
CA THR CA 152 -8.83 -68.09 31.76
C THR CA 152 -8.44 -66.71 31.26
N ILE CA 153 -8.93 -65.66 31.92
CA ILE CA 153 -8.61 -64.31 31.49
C ILE CA 153 -7.16 -63.97 31.82
N GLY CA 154 -6.68 -64.37 32.99
CA GLY CA 154 -5.35 -64.02 33.44
C GLY CA 154 -5.26 -62.57 33.86
N PHE CA 155 -4.43 -62.26 34.86
CA PHE CA 155 -4.27 -60.89 35.28
C PHE CA 155 -3.28 -60.13 34.42
N ARG CA 156 -2.46 -60.84 33.63
CA ARG CA 156 -1.58 -60.22 32.66
C ARG CA 156 -2.13 -60.46 31.27
N PRO CA 157 -2.44 -59.41 30.49
CA PRO CA 157 -2.98 -59.64 29.14
C PRO CA 157 -1.92 -60.11 28.16
N ASP CA 158 -2.30 -60.27 26.90
CA ASP CA 158 -1.35 -60.74 25.89
C ASP CA 158 -0.24 -59.70 25.68
N VAL CA 159 0.90 -60.18 25.20
CA VAL CA 159 2.03 -59.29 24.94
C VAL CA 159 1.69 -58.30 23.85
N ALA CA 160 0.87 -58.69 22.88
CA ALA CA 160 0.46 -57.78 21.81
C ALA CA 160 -0.54 -56.74 22.28
N SER CA 161 -1.32 -57.04 23.33
CA SER CA 161 -2.33 -56.09 23.79
C SER CA 161 -1.70 -54.79 24.27
N VAL CA 162 -0.69 -54.88 25.15
CA VAL CA 162 -0.03 -53.68 25.66
C VAL CA 162 0.74 -52.98 24.56
N ASP CA 163 1.32 -53.74 23.61
CA ASP CA 163 2.04 -53.11 22.51
C ASP CA 163 1.09 -52.29 21.65
N ASP CA 164 -0.09 -52.83 21.36
CA ASP CA 164 -1.07 -52.08 20.58
C ASP CA 164 -1.61 -50.88 21.36
N SER CA 165 -1.84 -51.06 22.67
CA SER CA 165 -2.39 -49.98 23.47
C SER CA 165 -1.39 -48.84 23.66
N ARG CA 166 -0.09 -49.15 23.63
CA ARG CA 166 0.91 -48.11 23.86
C ARG CA 166 0.91 -47.06 22.75
N GLU CA 167 0.51 -47.44 21.54
CA GLU CA 167 0.46 -46.50 20.42
C GLU CA 167 -0.51 -45.36 20.72
N LYS CA 168 0.00 -44.15 20.86
CA LYS CA 168 -0.80 -42.97 21.17
C LYS CA 168 -0.98 -42.14 19.90
N PHE CA 169 -2.23 -41.85 19.56
CA PHE CA 169 -2.56 -41.06 18.38
C PHE CA 169 -3.28 -39.78 18.80
N THR CA 170 -3.08 -38.73 18.00
CA THR CA 170 -3.74 -37.46 18.25
C THR CA 170 -5.25 -37.63 18.09
N PRO CA 171 -6.06 -36.94 18.91
CA PRO CA 171 -7.52 -36.99 18.67
C PRO CA 171 -7.91 -36.55 17.28
N ALA CA 172 -7.22 -35.55 16.72
CA ALA CA 172 -7.42 -35.20 15.31
C ALA CA 172 -7.16 -36.42 14.43
N GLN CA 173 -6.01 -37.06 14.63
CA GLN CA 173 -5.73 -38.32 13.95
C GLN CA 173 -6.77 -39.38 14.29
N ASN CA 174 -7.37 -39.30 15.49
CA ASN CA 174 -8.36 -40.29 15.87
C ASN CA 174 -9.62 -40.20 15.00
N MET CA 175 -10.19 -39.00 14.83
CA MET CA 175 -11.35 -39.01 13.95
C MET CA 175 -10.95 -39.01 12.47
N ILE CA 176 -9.69 -38.71 12.14
CA ILE CA 176 -9.22 -38.98 10.79
C ILE CA 176 -9.30 -40.48 10.49
N PHE CA 177 -8.83 -41.31 11.42
CA PHE CA 177 -8.98 -42.74 11.24
C PHE CA 177 -10.42 -43.18 11.34
N SER CA 178 -11.25 -42.46 12.11
CA SER CA 178 -12.67 -42.79 12.17
C SER CA 178 -13.34 -42.60 10.82
N ARG CA 179 -13.09 -41.47 10.15
CA ARG CA 179 -13.66 -41.28 8.81
C ARG CA 179 -13.02 -42.22 7.80
N LYS CA 180 -11.73 -42.56 7.98
CA LYS CA 180 -11.13 -43.57 7.12
C LYS CA 180 -11.85 -44.91 7.26
N SER CA 181 -12.22 -45.28 8.50
CA SER CA 181 -13.01 -46.47 8.72
C SER CA 181 -14.41 -46.34 8.11
N ALA CA 182 -14.97 -45.13 8.10
CA ALA CA 182 -16.26 -44.92 7.46
C ALA CA 182 -16.18 -45.21 5.96
N GLN CA 183 -15.16 -44.65 5.29
CA GLN CA 183 -14.97 -44.98 3.87
C GLN CA 183 -14.63 -46.45 3.67
N LEU CA 184 -13.94 -47.08 4.62
CA LEU CA 184 -13.70 -48.52 4.51
C LEU CA 184 -14.99 -49.32 4.56
N ALA CA 185 -15.87 -48.98 5.51
CA ALA CA 185 -17.17 -49.64 5.61
C ALA CA 185 -17.99 -49.40 4.34
N SER CA 186 -17.86 -48.22 3.74
CA SER CA 186 -18.50 -48.00 2.44
C SER CA 186 -17.86 -48.89 1.37
N ARG CA 187 -16.55 -49.11 1.46
CA ARG CA 187 -15.85 -49.93 0.46
C ARG CA 187 -16.35 -51.37 0.48
N GLN CA 188 -16.40 -51.99 1.66
CA GLN CA 188 -16.95 -53.34 1.68
C GLN CA 188 -18.48 -53.36 1.79
N SER CA 189 -19.14 -52.20 1.79
CA SER CA 189 -20.59 -52.19 1.69
C SER CA 189 -21.06 -52.61 0.31
N VAL CA 190 -20.31 -52.26 -0.73
CA VAL CA 190 -20.66 -52.62 -2.09
C VAL CA 190 -19.89 -53.86 -2.52
N THR DA 4 3.50 -58.40 75.93
CA THR DA 4 3.75 -57.84 77.26
C THR DA 4 4.46 -56.49 77.15
N ALA DA 5 5.04 -56.21 75.98
CA ALA DA 5 5.69 -54.93 75.76
C ALA DA 5 4.68 -53.80 75.68
N LEU DA 6 3.50 -54.06 75.13
CA LEU DA 6 2.47 -53.02 75.06
C LEU DA 6 2.03 -52.59 76.45
N GLN DA 7 1.89 -53.55 77.37
CA GLN DA 7 1.45 -53.21 78.72
C GLN DA 7 2.46 -52.32 79.43
N GLN DA 8 3.75 -52.64 79.33
CA GLN DA 8 4.75 -51.81 79.99
C GLN DA 8 4.91 -50.47 79.31
N ALA DA 9 4.76 -50.42 77.97
CA ALA DA 9 4.78 -49.13 77.29
C ALA DA 9 3.61 -48.26 77.74
N PHE DA 10 2.43 -48.85 77.90
CA PHE DA 10 1.27 -48.13 78.40
C PHE DA 10 1.51 -47.64 79.83
N ASP DA 11 2.12 -48.49 80.66
CA ASP DA 11 2.45 -48.09 82.03
C ASP DA 11 3.40 -46.91 82.04
N THR DA 12 4.42 -46.93 81.19
CA THR DA 12 5.33 -45.78 81.09
C THR DA 12 4.62 -44.54 80.54
N CYS DA 13 3.63 -44.75 79.66
CA CYS DA 13 2.86 -43.62 79.15
C CYS DA 13 2.10 -42.92 80.28
N GLN DA 14 1.44 -43.69 81.13
CA GLN DA 14 0.84 -43.05 82.31
C GLN DA 14 1.88 -42.55 83.30
N ASN DA 15 3.07 -43.16 83.33
CA ASN DA 15 4.12 -42.67 84.22
C ASN DA 15 4.52 -41.25 83.86
N ASN DA 16 4.88 -41.01 82.60
CA ASN DA 16 5.25 -39.65 82.22
C ASN DA 16 4.03 -38.74 82.07
N LYS DA 17 2.84 -39.31 81.88
CA LYS DA 17 1.62 -38.50 81.97
C LYS DA 17 1.47 -37.91 83.37
N ALA DA 18 1.57 -38.75 84.41
CA ALA DA 18 1.48 -38.27 85.78
C ALA DA 18 2.65 -37.35 86.12
N ALA DA 19 3.82 -37.61 85.55
CA ALA DA 19 4.95 -36.69 85.73
C ALA DA 19 4.61 -35.31 85.18
N TRP DA 20 4.01 -35.25 83.99
CA TRP DA 20 3.62 -33.97 83.43
C TRP DA 20 2.52 -33.31 84.25
N LEU DA 21 1.60 -34.11 84.80
CA LEU DA 21 0.57 -33.54 85.66
C LEU DA 21 1.16 -32.90 86.91
N GLN DA 22 2.09 -33.60 87.58
CA GLN DA 22 2.67 -33.02 88.79
C GLN DA 22 3.57 -31.85 88.46
N ARG DA 23 4.19 -31.85 87.28
CA ARG DA 23 4.93 -30.67 86.84
C ARG DA 23 3.99 -29.48 86.63
N LYS DA 24 2.79 -29.75 86.08
CA LYS DA 24 1.79 -28.69 85.97
C LYS DA 24 1.36 -28.19 87.34
N ASN DA 25 1.22 -29.11 88.30
CA ASN DA 25 0.82 -28.70 89.65
C ASN DA 25 1.87 -27.80 90.29
N GLU DA 26 3.15 -28.18 90.19
CA GLU DA 26 4.19 -27.33 90.77
C GLU DA 26 4.32 -26.02 90.00
N LEU DA 27 4.08 -26.03 88.68
CA LEU DA 27 4.02 -24.78 87.93
C LEU DA 27 2.93 -23.88 88.49
N ALA DA 28 1.70 -24.40 88.60
CA ALA DA 28 0.59 -23.61 89.11
C ALA DA 28 0.88 -23.09 90.50
N ALA DA 29 1.60 -23.87 91.32
CA ALA DA 29 2.07 -23.38 92.60
C ALA DA 29 3.00 -22.19 92.40
N ALA DA 30 3.88 -22.25 91.41
CA ALA DA 30 4.78 -21.14 91.14
C ALA DA 30 4.00 -19.88 90.77
N GLU DA 31 3.01 -19.98 89.87
CA GLU DA 31 2.25 -18.77 89.53
C GLU DA 31 1.37 -18.29 90.68
N GLN DA 32 0.83 -19.17 91.51
CA GLN DA 32 0.01 -18.67 92.61
C GLN DA 32 0.87 -17.96 93.65
N GLU DA 33 2.09 -18.48 93.90
CA GLU DA 33 3.02 -17.75 94.76
C GLU DA 33 3.43 -16.43 94.13
N TYR DA 34 3.62 -16.42 92.81
CA TYR DA 34 3.96 -15.19 92.10
C TYR DA 34 2.88 -14.14 92.27
N LEU DA 35 1.62 -14.53 92.08
CA LEU DA 35 0.51 -13.60 92.23
C LEU DA 35 0.32 -13.18 93.69
N ARG DA 36 0.59 -14.08 94.64
CA ARG DA 36 0.51 -13.71 96.05
C ARG DA 36 1.54 -12.63 96.38
N LEU DA 37 2.77 -12.79 95.88
CA LEU DA 37 3.79 -11.78 96.13
C LEU DA 37 3.49 -10.48 95.38
N LEU DA 38 2.92 -10.59 94.18
CA LEU DA 38 2.57 -9.39 93.42
C LEU DA 38 1.46 -8.60 94.12
N SER DA 39 0.47 -9.30 94.69
CA SER DA 39 -0.61 -8.62 95.38
C SER DA 39 -0.14 -7.92 96.65
N GLY DA 40 1.02 -8.31 97.19
CA GLY DA 40 1.60 -7.65 98.33
C GLY DA 40 2.44 -6.46 97.93
N GLU DA 41 3.43 -6.14 98.76
CA GLU DA 41 4.34 -5.03 98.51
C GLU DA 41 5.64 -5.59 97.94
N GLY DA 42 5.97 -5.16 96.73
CA GLY DA 42 7.14 -5.65 96.03
C GLY DA 42 8.39 -4.81 96.22
N ARG DA 43 8.89 -4.75 97.47
CA ARG DA 43 10.10 -3.96 97.74
C ARG DA 43 11.31 -4.55 97.01
N ASN DA 44 11.45 -5.86 97.01
CA ASN DA 44 12.59 -6.54 96.41
C ASN DA 44 12.22 -7.07 95.03
N VAL DA 45 13.15 -6.91 94.09
CA VAL DA 45 12.94 -7.40 92.72
C VAL DA 45 13.72 -8.67 92.43
N SER DA 46 14.73 -9.01 93.23
CA SER DA 46 15.47 -10.25 93.02
C SER DA 46 14.55 -11.46 93.17
N ARG DA 47 13.67 -11.44 94.18
CA ARG DA 47 12.67 -12.49 94.30
C ARG DA 47 11.75 -12.51 93.09
N LEU DA 48 11.35 -11.33 92.61
CA LEU DA 48 10.54 -11.25 91.40
C LEU DA 48 11.27 -11.86 90.21
N ASP DA 49 12.55 -11.54 90.06
CA ASP DA 49 13.33 -12.04 88.93
C ASP DA 49 13.50 -13.55 88.98
N GLU DA 50 13.76 -14.10 90.17
CA GLU DA 50 13.89 -15.56 90.27
C GLU DA 50 12.55 -16.25 90.09
N LEU DA 51 11.45 -15.65 90.55
CA LEU DA 51 10.14 -16.21 90.28
C LEU DA 51 9.85 -16.25 88.80
N ARG DA 52 10.21 -15.19 88.07
CA ARG DA 52 10.13 -15.25 86.62
C ARG DA 52 10.96 -16.41 86.09
N ASN DA 53 12.28 -16.35 86.28
CA ASN DA 53 13.17 -17.40 85.78
C ASN DA 53 12.58 -18.80 86.00
N ILE DA 54 12.07 -19.07 87.19
CA ILE DA 54 11.54 -20.41 87.47
C ILE DA 54 10.25 -20.65 86.70
N ILE DA 55 9.38 -19.64 86.56
CA ILE DA 55 8.12 -19.92 85.88
C ILE DA 55 8.33 -20.18 84.39
N GLU DA 56 9.22 -19.40 83.74
CA GLU DA 56 9.52 -19.73 82.35
C GLU DA 56 10.24 -21.07 82.20
N VAL DA 57 11.20 -21.40 83.08
CA VAL DA 57 11.87 -22.69 82.91
C VAL DA 57 10.89 -23.83 83.13
N ARG DA 58 9.98 -23.68 84.10
CA ARG DA 58 9.01 -24.73 84.38
C ARG DA 58 7.95 -24.84 83.29
N LYS DA 59 7.58 -23.73 82.65
CA LYS DA 59 6.63 -23.84 81.56
C LYS DA 59 7.28 -24.47 80.32
N TRP DA 60 8.56 -24.20 80.08
CA TRP DA 60 9.25 -24.96 79.03
C TRP DA 60 9.31 -26.43 79.37
N GLN DA 61 9.56 -26.75 80.64
CA GLN DA 61 9.63 -28.15 81.05
C GLN DA 61 8.28 -28.85 80.86
N VAL DA 62 7.18 -28.18 81.20
CA VAL DA 62 5.87 -28.80 81.00
C VAL DA 62 5.52 -28.85 79.52
N ASN DA 63 6.03 -27.92 78.73
CA ASN DA 63 5.86 -28.00 77.28
C ASN DA 63 6.49 -29.27 76.73
N GLN DA 64 7.76 -29.51 77.06
CA GLN DA 64 8.41 -30.73 76.58
C GLN DA 64 7.80 -31.97 77.24
N ALA DA 65 7.26 -31.83 78.45
CA ALA DA 65 6.57 -32.94 79.09
C ALA DA 65 5.33 -33.36 78.31
N ALA DA 66 4.50 -32.38 77.94
CA ALA DA 66 3.37 -32.68 77.07
C ALA DA 66 3.84 -33.25 75.74
N GLY DA 67 4.98 -32.75 75.24
CA GLY DA 67 5.48 -33.25 73.97
C GLY DA 67 5.81 -34.74 74.00
N ARG DA 68 6.62 -35.17 74.97
CA ARG DA 68 6.97 -36.59 74.97
C ARG DA 68 5.82 -37.46 75.46
N TYR DA 69 4.90 -36.92 76.27
CA TYR DA 69 3.68 -37.66 76.56
C TYR DA 69 2.88 -37.92 75.28
N ILE DA 70 2.78 -36.90 74.41
CA ILE DA 70 2.04 -37.06 73.16
C ILE DA 70 2.71 -38.10 72.28
N ARG DA 71 4.02 -37.99 72.08
CA ARG DA 71 4.67 -38.96 71.20
C ARG DA 71 4.66 -40.37 71.79
N SER DA 72 4.73 -40.50 73.12
CA SER DA 72 4.58 -41.82 73.73
C SER DA 72 3.18 -42.38 73.51
N HIS DA 73 2.17 -41.51 73.58
CA HIS DA 73 0.79 -41.95 73.32
C HIS DA 73 0.65 -42.48 71.89
N GLU DA 74 1.17 -41.75 70.92
CA GLU DA 74 1.13 -42.27 69.55
C GLU DA 74 1.95 -43.55 69.41
N ALA DA 75 3.10 -43.63 70.09
CA ALA DA 75 3.92 -44.83 70.00
C ALA DA 75 3.16 -46.06 70.50
N VAL DA 76 2.51 -45.94 71.66
CA VAL DA 76 1.78 -47.08 72.20
C VAL DA 76 0.57 -47.40 71.34
N GLN DA 77 -0.11 -46.37 70.81
CA GLN DA 77 -1.25 -46.63 69.93
C GLN DA 77 -0.83 -47.40 68.68
N HIS DA 78 0.25 -46.98 68.04
CA HIS DA 78 0.68 -47.66 66.81
C HIS DA 78 1.23 -49.05 67.11
N ILE DA 79 1.92 -49.23 68.24
CA ILE DA 79 2.42 -50.58 68.54
C ILE DA 79 1.26 -51.53 68.81
N SER DA 80 0.23 -51.06 69.52
CA SER DA 80 -0.95 -51.89 69.73
C SER DA 80 -1.65 -52.19 68.42
N ILE DA 81 -1.77 -51.20 67.54
CA ILE DA 81 -2.45 -51.40 66.26
C ILE DA 81 -1.72 -52.43 65.42
N ARG DA 82 -0.38 -52.31 65.35
CA ARG DA 82 0.38 -53.25 64.53
C ARG DA 82 0.39 -54.64 65.14
N ASP DA 83 0.39 -54.75 66.48
CA ASP DA 83 0.29 -56.08 67.10
C ASP DA 83 -1.06 -56.72 66.77
N ARG DA 84 -2.15 -55.94 66.85
CA ARG DA 84 -3.45 -56.47 66.48
C ARG DA 84 -3.48 -56.92 65.03
N LEU DA 85 -2.95 -56.09 64.13
CA LEU DA 85 -2.92 -56.46 62.72
C LEU DA 85 -2.16 -57.76 62.54
N ASN DA 86 -0.96 -57.86 63.13
CA ASN DA 86 -0.12 -59.02 62.94
C ASN DA 86 -0.81 -60.30 63.43
N ASP DA 87 -1.32 -60.28 64.67
CA ASP DA 87 -1.85 -61.54 65.20
C ASP DA 87 -3.23 -61.88 64.61
N PHE DA 88 -4.07 -60.89 64.33
CA PHE DA 88 -5.36 -61.20 63.73
C PHE DA 88 -5.19 -61.70 62.30
N MET DA 89 -4.21 -61.17 61.56
CA MET DA 89 -3.89 -61.76 60.26
C MET DA 89 -3.26 -63.13 60.41
N GLN DA 90 -2.43 -63.36 61.43
CA GLN DA 90 -1.97 -64.72 61.71
C GLN DA 90 -3.15 -65.68 61.86
N GLN DA 91 -4.22 -65.20 62.47
CA GLN DA 91 -5.41 -66.05 62.63
C GLN DA 91 -6.13 -66.26 61.30
N HIS DA 92 -6.44 -65.18 60.57
CA HIS DA 92 -7.36 -65.27 59.44
C HIS DA 92 -6.87 -64.48 58.22
N GLY DA 93 -5.63 -64.71 57.80
CA GLY DA 93 -5.14 -64.00 56.63
C GLY DA 93 -5.47 -64.59 55.28
N THR DA 94 -5.99 -65.81 55.23
CA THR DA 94 -6.27 -66.44 53.93
C THR DA 94 -7.38 -65.74 53.18
N ALA DA 95 -8.41 -65.25 53.89
CA ALA DA 95 -9.48 -64.51 53.23
C ALA DA 95 -8.97 -63.20 52.65
N LEU DA 96 -8.13 -62.48 53.41
CA LEU DA 96 -7.54 -61.24 52.89
C LEU DA 96 -6.66 -61.52 51.68
N ALA DA 97 -5.90 -62.62 51.72
CA ALA DA 97 -5.06 -62.98 50.58
C ALA DA 97 -5.91 -63.27 49.35
N ALA DA 98 -6.95 -64.10 49.51
CA ALA DA 98 -7.80 -64.43 48.38
C ALA DA 98 -8.56 -63.22 47.85
N ALA DA 99 -8.80 -62.23 48.72
CA ALA DA 99 -9.60 -61.07 48.30
C ALA DA 99 -8.81 -60.14 47.38
N LEU DA 100 -7.54 -59.90 47.70
CA LEU DA 100 -6.73 -58.89 47.00
C LEU DA 100 -5.62 -59.51 46.18
N ALA DA 101 -5.88 -60.70 45.63
CA ALA DA 101 -4.82 -61.49 44.98
C ALA DA 101 -4.05 -60.79 43.86
N PRO DA 102 -4.68 -60.03 42.93
CA PRO DA 102 -3.93 -59.51 41.76
C PRO DA 102 -2.64 -58.78 42.11
N GLU DA 103 -2.74 -57.70 42.89
CA GLU DA 103 -1.54 -56.98 43.27
C GLU DA 103 -0.64 -57.82 44.18
N LEU DA 104 -1.18 -58.86 44.81
CA LEU DA 104 -0.35 -59.71 45.66
C LEU DA 104 0.64 -60.50 44.81
N MET DA 105 0.15 -61.14 43.75
CA MET DA 105 1.07 -61.80 42.82
C MET DA 105 1.90 -60.79 42.04
N GLY DA 106 1.37 -59.58 41.83
CA GLY DA 106 2.20 -58.53 41.24
C GLY DA 106 3.40 -58.20 42.11
N TYR DA 107 3.21 -58.18 43.42
CA TYR DA 107 4.31 -57.92 44.36
C TYR DA 107 5.26 -59.10 44.43
N SER DA 108 4.74 -60.33 44.49
CA SER DA 108 5.52 -61.45 44.99
C SER DA 108 6.71 -61.77 44.08
N GLU DA 109 6.48 -61.90 42.76
CA GLU DA 109 7.54 -62.38 41.88
C GLU DA 109 7.95 -61.34 40.83
N LEU DA 110 7.84 -60.05 41.14
CA LEU DA 110 8.18 -59.01 40.18
C LEU DA 110 9.12 -57.98 40.81
N THR DA 111 9.53 -57.02 39.99
CA THR DA 111 10.63 -56.11 40.35
C THR DA 111 10.08 -54.86 41.04
N ALA DA 112 10.98 -53.88 41.25
CA ALA DA 112 10.69 -52.73 42.12
C ALA DA 112 9.56 -51.88 41.56
N ILE DA 113 9.59 -51.57 40.26
CA ILE DA 113 8.54 -50.76 39.66
C ILE DA 113 7.20 -51.49 39.76
N ALA DA 114 7.21 -52.79 39.47
CA ALA DA 114 5.98 -53.57 39.63
C ALA DA 114 5.53 -53.59 41.08
N ARG DA 115 6.48 -53.69 42.02
CA ARG DA 115 6.08 -53.74 43.42
C ARG DA 115 5.45 -52.44 43.89
N ASN DA 116 6.01 -51.28 43.51
CA ASN DA 116 5.40 -50.05 44.01
C ASN DA 116 4.12 -49.71 43.25
N CYS DA 117 3.99 -50.14 41.99
CA CYS DA 117 2.70 -50.05 41.33
C CYS DA 117 1.66 -50.92 42.05
N ALA DA 118 2.07 -52.12 42.49
CA ALA DA 118 1.18 -52.95 43.28
C ALA DA 118 0.82 -52.30 44.60
N ILE DA 119 1.78 -51.60 45.22
CA ILE DA 119 1.49 -50.87 46.45
C ILE DA 119 0.43 -49.81 46.19
N GLN DA 120 0.54 -49.07 45.09
CA GLN DA 120 -0.47 -48.06 44.77
C GLN DA 120 -1.84 -48.70 44.53
N ARG DA 121 -1.86 -49.80 43.78
CA ARG DA 121 -3.11 -50.48 43.49
C ARG DA 121 -3.78 -50.97 44.79
N ALA DA 122 -2.98 -51.61 45.65
CA ALA DA 122 -3.51 -52.06 46.94
C ALA DA 122 -3.93 -50.89 47.80
N THR DA 123 -3.24 -49.76 47.69
CA THR DA 123 -3.62 -48.58 48.47
C THR DA 123 -5.02 -48.12 48.10
N ASP DA 124 -5.28 -47.94 46.81
CA ASP DA 124 -6.62 -47.49 46.41
C ASP DA 124 -7.66 -48.56 46.71
N ALA DA 125 -7.33 -49.83 46.49
CA ALA DA 125 -8.28 -50.91 46.76
C ALA DA 125 -8.65 -50.96 48.24
N LEU DA 126 -7.67 -50.83 49.13
CA LEU DA 126 -7.95 -50.86 50.55
C LEU DA 126 -8.60 -49.58 51.03
N ARG DA 127 -8.37 -48.44 50.37
CA ARG DA 127 -9.15 -47.25 50.68
C ARG DA 127 -10.62 -47.47 50.37
N GLU DA 128 -10.92 -48.07 49.22
CA GLU DA 128 -12.30 -48.41 48.90
C GLU DA 128 -12.86 -49.40 49.92
N ALA DA 129 -12.07 -50.42 50.28
CA ALA DA 129 -12.52 -51.42 51.25
C ALA DA 129 -12.85 -50.77 52.59
N LEU DA 130 -11.99 -49.86 53.05
CA LEU DA 130 -12.24 -49.20 54.32
C LEU DA 130 -13.47 -48.31 54.26
N LEU DA 131 -13.61 -47.52 53.20
CA LEU DA 131 -14.79 -46.65 53.09
C LEU DA 131 -16.07 -47.45 52.88
N SER DA 132 -15.97 -48.73 52.51
CA SER DA 132 -17.17 -49.55 52.40
C SER DA 132 -17.90 -49.66 53.74
N TRP DA 133 -17.15 -49.87 54.83
CA TRP DA 133 -17.73 -50.02 56.15
C TRP DA 133 -17.53 -48.81 57.05
N LEU DA 134 -16.67 -47.86 56.67
CA LEU DA 134 -16.43 -46.69 57.52
C LEU DA 134 -17.65 -45.78 57.56
N ALA DA 135 -18.23 -45.48 56.38
CA ALA DA 135 -19.44 -44.67 56.33
C ALA DA 135 -20.66 -45.43 56.85
N LYS DA 136 -20.60 -46.75 56.87
CA LYS DA 136 -21.72 -47.53 57.39
C LYS DA 136 -21.86 -47.31 58.90
N GLY DA 137 -23.10 -47.16 59.35
CA GLY DA 137 -23.36 -46.89 60.75
C GLY DA 137 -23.48 -48.14 61.59
N GLU DA 138 -22.43 -48.50 62.31
CA GLU DA 138 -22.42 -49.65 63.19
C GLU DA 138 -21.75 -49.27 64.51
N LYS DA 139 -22.31 -49.75 65.61
CA LYS DA 139 -21.68 -49.55 66.91
C LYS DA 139 -20.37 -50.32 66.98
N ILE DA 140 -19.36 -49.70 67.57
CA ILE DA 140 -18.05 -50.30 67.71
C ILE DA 140 -17.64 -50.27 69.17
N ASN DA 141 -16.73 -51.19 69.52
CA ASN DA 141 -16.16 -51.26 70.85
C ASN DA 141 -14.67 -50.93 70.78
N TYR DA 142 -14.09 -50.63 71.93
CA TYR DA 142 -12.67 -50.34 72.00
C TYR DA 142 -11.86 -51.62 71.72
N SER DA 143 -10.54 -51.47 71.73
CA SER DA 143 -9.65 -52.60 71.44
C SER DA 143 -9.95 -53.76 72.37
N ALA DA 144 -10.44 -54.87 71.79
CA ALA DA 144 -10.99 -55.95 72.59
C ALA DA 144 -9.97 -56.51 73.57
N GLN DA 145 -8.69 -56.54 73.18
CA GLN DA 145 -7.66 -57.07 74.07
C GLN DA 145 -7.44 -56.18 75.28
N ASP DA 146 -7.47 -54.86 75.08
CA ASP DA 146 -7.11 -53.91 76.14
C ASP DA 146 -8.11 -52.75 76.19
N SER DA 147 -9.40 -53.07 76.10
CA SER DA 147 -10.44 -52.04 76.01
C SER DA 147 -10.31 -51.03 77.13
N ASP DA 148 -10.42 -51.48 78.39
CA ASP DA 148 -10.25 -50.58 79.52
C ASP DA 148 -8.89 -49.89 79.46
N ILE DA 149 -7.84 -50.65 79.13
CA ILE DA 149 -6.50 -50.07 79.03
C ILE DA 149 -6.48 -48.94 78.01
N LEU DA 150 -7.27 -49.06 76.95
CA LEU DA 150 -7.34 -48.00 75.96
C LEU DA 150 -8.32 -46.90 76.34
N THR DA 151 -9.29 -47.19 77.21
CA THR DA 151 -10.21 -46.13 77.64
C THR DA 151 -9.55 -45.20 78.65
N THR DA 152 -8.75 -45.74 79.56
CA THR DA 152 -8.08 -44.90 80.56
C THR DA 152 -7.09 -43.96 79.90
N ILE DA 153 -6.33 -44.45 78.92
CA ILE DA 153 -5.38 -43.58 78.23
C ILE DA 153 -6.11 -42.55 77.37
N GLY DA 154 -7.23 -42.94 76.76
CA GLY DA 154 -8.01 -42.03 75.94
C GLY DA 154 -7.41 -41.79 74.57
N PHE DA 155 -8.25 -41.71 73.54
CA PHE DA 155 -7.74 -41.42 72.21
C PHE DA 155 -7.31 -39.96 72.08
N ARG DA 156 -8.23 -39.04 72.33
CA ARG DA 156 -7.88 -37.63 72.38
C ARG DA 156 -7.23 -37.31 73.71
N PRO DA 157 -6.02 -36.75 73.73
CA PRO DA 157 -5.41 -36.37 75.01
C PRO DA 157 -6.15 -35.24 75.69
N ASP DA 158 -5.74 -34.89 76.90
CA ASP DA 158 -6.38 -33.82 77.64
C ASP DA 158 -6.16 -32.48 76.95
N VAL DA 159 -7.09 -31.54 77.20
CA VAL DA 159 -6.96 -30.21 76.62
C VAL DA 159 -5.70 -29.52 77.14
N ALA DA 160 -5.25 -29.88 78.34
CA ALA DA 160 -4.00 -29.32 78.85
C ALA DA 160 -2.80 -29.76 78.01
N SER DA 161 -2.89 -30.91 77.34
CA SER DA 161 -1.80 -31.38 76.50
C SER DA 161 -1.55 -30.41 75.34
N VAL DA 162 -2.63 -29.96 74.68
CA VAL DA 162 -2.47 -28.97 73.63
C VAL DA 162 -2.31 -27.57 74.20
N ASP DA 163 -2.74 -27.33 75.44
CA ASP DA 163 -2.43 -26.06 76.09
C ASP DA 163 -0.92 -25.89 76.27
N ASP DA 164 -0.23 -26.97 76.65
CA ASP DA 164 1.22 -26.96 76.77
C ASP DA 164 1.93 -27.30 75.47
N SER DA 165 1.19 -27.57 74.40
CA SER DA 165 1.78 -27.81 73.08
C SER DA 165 1.51 -26.69 72.10
N ARG DA 166 0.67 -25.71 72.44
CA ARG DA 166 0.40 -24.60 71.54
C ARG DA 166 1.63 -23.73 71.35
N GLU DA 167 2.39 -23.50 72.41
CA GLU DA 167 3.56 -22.64 72.38
C GLU DA 167 4.83 -23.49 72.39
N LYS DA 168 5.73 -23.22 71.46
CA LYS DA 168 7.02 -23.91 71.39
C LYS DA 168 8.10 -22.89 71.10
N PHE DA 169 9.21 -23.00 71.84
CA PHE DA 169 10.32 -22.08 71.71
C PHE DA 169 11.31 -22.57 70.65
N THR DA 170 12.19 -21.66 70.23
CA THR DA 170 13.20 -21.98 69.23
C THR DA 170 14.24 -22.94 69.81
N PRO DA 171 14.94 -23.70 68.96
CA PRO DA 171 15.95 -24.63 69.47
C PRO DA 171 17.00 -23.99 70.35
N ALA DA 172 17.47 -22.79 70.00
CA ALA DA 172 18.37 -22.06 70.89
C ALA DA 172 17.65 -21.69 72.18
N GLN DA 173 16.39 -21.27 72.08
CA GLN DA 173 15.61 -21.00 73.28
C GLN DA 173 15.36 -22.28 74.07
N ASN DA 174 15.16 -23.41 73.37
CA ASN DA 174 14.97 -24.67 74.07
C ASN DA 174 16.22 -25.05 74.87
N MET DA 175 17.40 -24.91 74.27
CA MET DA 175 18.62 -25.24 75.00
C MET DA 175 18.90 -24.24 76.12
N ILE DA 176 18.48 -22.99 75.95
CA ILE DA 176 18.72 -22.05 77.04
C ILE DA 176 17.76 -22.31 78.21
N PHE DA 177 16.52 -22.73 77.94
CA PHE DA 177 15.70 -23.25 79.04
C PHE DA 177 16.30 -24.51 79.66
N SER DA 178 16.93 -25.36 78.86
CA SER DA 178 17.58 -26.54 79.43
C SER DA 178 18.69 -26.13 80.39
N ARG DA 179 19.48 -25.13 80.02
CA ARG DA 179 20.53 -24.64 80.90
C ARG DA 179 19.95 -23.93 82.12
N LYS DA 180 18.80 -23.27 81.96
CA LYS DA 180 18.08 -22.75 83.12
C LYS DA 180 17.65 -23.86 84.06
N SER DA 181 17.19 -25.00 83.52
CA SER DA 181 16.86 -26.14 84.36
C SER DA 181 18.09 -26.66 85.07
N ALA DA 182 19.23 -26.67 84.37
CA ALA DA 182 20.48 -27.11 84.98
C ALA DA 182 20.86 -26.22 86.16
N GLN DA 183 20.81 -24.89 85.97
CA GLN DA 183 21.15 -24.00 87.07
C GLN DA 183 20.08 -24.01 88.16
N LEU DA 184 18.84 -24.34 87.80
CA LEU DA 184 17.79 -24.52 88.80
C LEU DA 184 18.12 -25.68 89.72
N ALA DA 185 18.52 -26.81 89.14
CA ALA DA 185 18.97 -27.94 89.94
C ALA DA 185 20.23 -27.57 90.74
N SER DA 186 21.10 -26.76 90.15
CA SER DA 186 22.31 -26.33 90.84
C SER DA 186 21.98 -25.54 92.11
N ARG DA 187 21.05 -24.60 92.01
CA ARG DA 187 20.69 -23.82 93.19
C ARG DA 187 19.83 -24.63 94.17
N GLN DA 188 19.10 -25.63 93.67
CA GLN DA 188 18.44 -26.56 94.58
C GLN DA 188 19.47 -27.33 95.40
N SER DA 189 20.59 -27.71 94.77
CA SER DA 189 21.67 -28.37 95.50
C SER DA 189 22.28 -27.45 96.56
N VAL DA 190 22.14 -26.14 96.40
CA VAL DA 190 22.67 -25.19 97.38
C VAL DA 190 21.82 -25.22 98.65
PG ATP EA . 3.22 -23.13 -25.10
O1G ATP EA . 2.01 -22.29 -24.90
O2G ATP EA . 2.98 -24.41 -25.90
O3G ATP EA . 4.41 -22.37 -25.71
PB ATP EA . 4.18 -25.00 -22.97
O1B ATP EA . 3.33 -26.13 -23.38
O2B ATP EA . 4.22 -24.72 -21.46
O3B ATP EA . 3.77 -23.65 -23.69
PA ATP EA . 6.43 -25.59 -24.81
O1A ATP EA . 6.49 -24.45 -25.74
O2A ATP EA . 5.74 -26.83 -25.35
O3A ATP EA . 5.69 -25.20 -23.45
O5' ATP EA . 7.88 -26.01 -24.32
C5' ATP EA . 8.65 -25.16 -23.45
C4' ATP EA . 10.10 -25.57 -23.53
O4' ATP EA . 10.69 -25.53 -22.22
C3' ATP EA . 10.34 -26.99 -24.04
O3' ATP EA . 10.44 -27.02 -25.46
C2' ATP EA . 11.66 -27.36 -23.38
O2' ATP EA . 12.78 -26.87 -24.11
C1' ATP EA . 11.55 -26.64 -22.03
N9 ATP EA . 11.00 -27.46 -20.96
C8 ATP EA . 9.87 -27.21 -20.21
N7 ATP EA . 9.61 -28.11 -19.30
C5 ATP EA . 10.64 -29.03 -19.45
C6 ATP EA . 10.94 -30.23 -18.79
N6 ATP EA . 10.20 -30.75 -17.79
N1 ATP EA . 12.04 -30.92 -19.18
C2 ATP EA . 12.78 -30.42 -20.18
N3 ATP EA . 12.60 -29.30 -20.87
C4 ATP EA . 11.50 -28.65 -20.46
MG MG FA . 2.49 -26.35 -25.28
PG ATP GA . 6.81 0.76 -43.73
O1G ATP GA . 5.35 0.55 -43.55
O2G ATP GA . 7.31 0.42 -45.14
O3G ATP GA . 7.29 2.16 -43.35
PB ATP GA . 8.99 -1.04 -42.77
O1B ATP GA . 9.04 -2.03 -43.86
O2B ATP GA . 9.17 -1.59 -41.35
O3B ATP GA . 7.64 -0.22 -42.78
PA ATP GA . 11.08 0.56 -44.11
O1A ATP GA . 10.38 1.27 -45.20
O2A ATP GA . 11.84 -0.69 -44.55
O3A ATP GA . 10.07 0.11 -42.96
O5' ATP GA . 12.10 1.51 -43.36
C5' ATP GA . 11.73 2.20 -42.15
C4' ATP GA . 12.68 3.35 -41.94
O4' ATP GA . 13.67 2.99 -40.94
C3' ATP GA . 13.47 3.78 -43.17
O3' ATP GA . 13.64 5.19 -43.21
C2' ATP GA . 14.81 3.06 -42.99
O2' ATP GA . 15.87 3.72 -43.66
C1' ATP GA . 14.97 3.14 -41.47
N9 ATP GA . 15.83 2.12 -40.90
C8 ATP GA . 15.49 1.18 -39.97
N7 ATP GA . 16.46 0.37 -39.64
C5 ATP GA . 17.53 0.81 -40.41
C6 ATP GA . 18.86 0.36 -40.52
N6 ATP GA . 19.37 -0.67 -39.83
N1 ATP GA . 19.67 1.02 -41.38
C2 ATP GA . 19.17 2.04 -42.08
N3 ATP GA . 17.93 2.54 -42.05
C4 ATP GA . 17.16 1.88 -41.20
MG MG HA . 8.37 -1.34 -45.72
PG ATP IA . -11.71 24.88 -44.55
O1G ATP IA . -12.41 23.64 -44.99
O2G ATP IA . -11.63 25.96 -45.65
O3G ATP IA . -12.29 25.51 -43.28
PB ATP IA . -8.73 25.13 -44.49
O1B ATP IA . -8.44 25.16 -45.94
O2B ATP IA . -7.75 24.32 -43.63
O3B ATP IA . -10.19 24.57 -44.19
PA ATP IA . -8.76 28.09 -44.43
O1A ATP IA . -9.93 28.38 -45.29
O2A ATP IA . -7.40 28.27 -45.11
O3A ATP IA . -8.80 26.60 -43.88
O5' ATP IA . -8.79 28.96 -43.12
C5' ATP IA . -7.91 28.67 -42.01
C4' ATP IA . -7.63 29.94 -41.26
O4' ATP IA . -6.55 29.73 -40.32
C3' ATP IA . -7.18 31.11 -42.12
O3' ATP IA . -8.30 31.83 -42.65
C2' ATP IA . -6.38 31.96 -41.13
O2' ATP IA . -7.22 32.78 -40.34
C1' ATP IA . -5.72 30.88 -40.27
N9 ATP IA . -4.38 30.50 -40.70
C8 ATP IA . -3.95 29.23 -41.05
N7 ATP IA . -2.70 29.18 -41.41
C5 ATP IA . -2.26 30.49 -41.29
C6 ATP IA . -1.02 31.10 -41.54
N6 ATP IA . 0.07 30.44 -41.96
N1 ATP IA . -0.92 32.44 -41.33
C2 ATP IA . -2.00 33.09 -40.91
N3 ATP IA . -3.22 32.63 -40.66
C4 ATP IA . -3.29 31.31 -40.87
MG MG JA . -10.17 25.46 -47.05
PG ATP KA . -42.03 27.22 -35.32
O1G ATP KA . -42.50 25.82 -35.14
O2G ATP KA . -41.88 27.63 -36.80
O3G ATP KA . -42.88 28.26 -34.60
PB ATP KA . -39.52 28.55 -34.38
O1B ATP KA . -39.34 29.48 -35.50
O2B ATP KA . -38.24 27.87 -33.87
O3B ATP KA . -40.56 27.40 -34.71
PA ATP KA . -40.86 30.67 -32.80
O1A ATP KA . -42.18 30.82 -33.46
O2A ATP KA . -39.83 31.75 -33.18
O3A ATP KA . -40.20 29.27 -33.12
O5' ATP KA . -41.00 30.66 -31.24
C5' ATP KA . -39.86 30.38 -30.38
C4' ATP KA . -40.34 30.28 -28.95
O4' ATP KA . -39.30 30.71 -28.05
C3' ATP KA . -41.56 31.13 -28.61
O3' ATP KA . -42.31 30.54 -27.55
C2' ATP KA . -40.91 32.44 -28.19
O2' ATP KA . -41.73 33.18 -27.28
C1' ATP KA . -39.64 31.96 -27.47
N9 ATP KA . -38.50 32.86 -27.60
C8 ATP KA . -37.29 32.57 -28.17
N7 ATP KA . -36.44 33.56 -28.16
C5 ATP KA . -37.15 34.58 -27.54
C6 ATP KA . -36.81 35.91 -27.22
N6 ATP KA . -35.62 36.47 -27.49
N1 ATP KA . -37.74 36.67 -26.60
C2 ATP KA . -38.94 36.13 -26.32
N3 ATP KA . -39.36 34.89 -26.58
C4 ATP KA . -38.42 34.16 -27.19
MG MG LA . -40.69 29.31 -37.08
PG ATP MA . -61.67 3.84 -31.34
O1G ATP MA . -61.28 3.97 -32.77
O2G ATP MA . -63.11 4.28 -31.05
O3G ATP MA . -61.45 2.44 -30.76
PB ATP MA . -60.94 5.92 -29.31
O1B ATP MA . -61.93 6.94 -29.69
O2B ATP MA . -59.54 6.44 -28.99
O3B ATP MA . -60.77 4.80 -30.42
PA ATP MA . -62.77 4.87 -27.23
O1A ATP MA . -63.87 4.40 -28.11
O2A ATP MA . -63.04 6.16 -26.48
O3A ATP MA . -61.42 5.06 -28.05
O5' ATP MA . -62.38 3.75 -26.18
C5' ATP MA . -61.54 4.05 -25.06
C4' ATP MA . -61.94 3.16 -23.90
O4' ATP MA . -60.90 3.17 -22.89
C3' ATP MA . -63.21 3.59 -23.18
O3' ATP MA . -64.36 3.01 -23.79
C2' ATP MA . -62.98 3.04 -21.77
O2' ATP MA . -63.28 1.66 -21.68
C1' ATP MA . -61.47 3.28 -21.60
N9 ATP MA . -61.13 4.60 -21.06
C8 ATP MA . -60.22 5.47 -21.57
N7 ATP MA . -60.10 6.59 -20.88
C5 ATP MA . -61.00 6.43 -19.85
C6 ATP MA . -61.37 7.26 -18.76
N6 ATP MA . -60.84 8.46 -18.54
N1 ATP MA . -62.31 6.79 -17.91
C2 ATP MA . -62.84 5.60 -18.13
N3 ATP MA . -62.58 4.73 -19.11
C4 ATP MA . -61.65 5.21 -19.94
MG MG NA . -63.66 6.25 -30.63
PG ATP OA . -61.92 -24.35 -44.87
O1G ATP OA . -62.24 -23.24 -45.82
O2G ATP OA . -63.09 -25.32 -44.65
O3G ATP OA . -60.67 -25.14 -45.24
PB ATP OA . -62.08 -23.94 -41.91
O1B ATP OA . -63.54 -23.96 -41.78
O2B ATP OA . -61.36 -22.86 -41.09
O3B ATP OA . -61.61 -23.76 -43.42
PA ATP OA . -61.94 -26.79 -41.14
O1A ATP OA . -62.62 -27.45 -42.27
O2A ATP OA . -62.79 -26.64 -39.88
O3A ATP OA . -61.42 -25.33 -41.53
O5' ATP OA . -60.61 -27.55 -40.75
C5' ATP OA . -59.99 -27.37 -39.47
C4' ATP OA . -58.98 -28.47 -39.25
O4' ATP OA . -58.36 -28.31 -37.96
C3' ATP OA . -59.54 -29.88 -39.26
O3' ATP OA . -58.56 -30.82 -39.68
C2' ATP OA . -59.93 -30.08 -37.79
O2' ATP OA . -59.92 -31.46 -37.43
C1' ATP OA . -58.80 -29.32 -37.07
N9 ATP OA . -59.21 -28.70 -35.82
C8 ATP OA . -59.08 -27.37 -35.49
N7 ATP OA . -59.53 -27.08 -34.29
C5 ATP OA . -59.98 -28.30 -33.80
C6 ATP OA . -60.58 -28.66 -32.58
N6 ATP OA . -60.83 -27.81 -31.58
N1 ATP OA . -60.92 -29.97 -32.41
C2 ATP OA . -60.67 -30.83 -33.40
N3 ATP OA . -60.12 -30.59 -34.59
C4 ATP OA . -59.79 -29.30 -34.73
MG MG PA . -64.58 -24.32 -43.56
PG ATP QA . -49.35 -31.39 -72.04
O1G ATP QA . -48.85 -30.31 -71.15
O2G ATP QA . -50.87 -31.57 -71.99
O3G ATP QA . -48.92 -31.24 -73.51
PB ATP QA . -48.59 -33.69 -70.29
O1B ATP QA . -49.79 -34.50 -70.01
O2B ATP QA . -48.14 -32.75 -69.16
O3B ATP QA . -48.76 -32.81 -71.59
PA ATP QA . -45.92 -34.40 -71.34
O1A ATP QA . -45.66 -32.98 -71.65
O2A ATP QA . -45.83 -35.36 -72.52
O3A ATP QA . -47.34 -34.60 -70.67
O5' ATP QA . -44.93 -34.90 -70.22
C5' ATP QA . -43.76 -34.14 -69.85
C4' ATP QA . -42.57 -35.07 -69.77
O4' ATP QA . -42.40 -35.52 -68.40
C3' ATP QA . -42.66 -36.33 -70.62
O3' ATP QA . -41.40 -36.64 -71.19
C2' ATP QA . -43.11 -37.40 -69.62
O2' ATP QA . -42.66 -38.69 -70.00
C1' ATP QA . -42.40 -36.93 -68.35
N9 ATP QA . -43.01 -37.35 -67.11
C8 ATP QA . -43.93 -36.66 -66.36
N7 ATP QA . -44.32 -37.29 -65.27
C5 ATP QA . -43.61 -38.48 -65.31
C6 ATP QA . -43.57 -39.60 -64.45
N6 ATP QA . -44.29 -39.70 -63.33
N1 ATP QA . -42.76 -40.62 -64.79
C2 ATP QA . -42.05 -40.53 -65.91
N3 ATP QA . -42.00 -39.53 -66.80
C4 ATP QA . -42.81 -38.54 -66.45
MG MG RA . -50.78 -33.64 -71.64
PG ATP SA . -40.23 -13.42 -94.85
O1G ATP SA . -41.62 -13.11 -94.40
O2G ATP SA . -40.17 -14.21 -96.16
O3G ATP SA . -39.34 -12.18 -94.97
PB ATP SA . -38.55 -15.63 -93.75
O1B ATP SA . -39.10 -16.75 -94.55
O2B ATP SA . -38.28 -15.95 -92.27
O3B ATP SA . -39.49 -14.34 -93.79
PA ATP SA . -36.57 -14.92 -95.81
O1A ATP SA . -37.28 -13.91 -96.61
O2A ATP SA . -36.52 -16.31 -96.44
O3A ATP SA . -37.19 -15.08 -94.36
O5' ATP SA . -35.08 -14.46 -95.52
C5' ATP SA . -34.52 -14.56 -94.20
C4' ATP SA . -33.04 -14.28 -94.28
O4' ATP SA . -32.38 -14.74 -93.07
C3' ATP SA . -32.31 -14.97 -95.41
O3' ATP SA . -32.40 -14.24 -96.62
C2' ATP SA . -30.87 -15.02 -94.89
O2' ATP SA . -30.18 -13.80 -95.14
C1' ATP SA . -31.08 -15.22 -93.38
N9 ATP SA . -30.98 -16.61 -92.94
C8 ATP SA . -31.95 -17.34 -92.31
N7 ATP SA . -31.59 -18.57 -92.02
C5 ATP SA . -30.28 -18.64 -92.49
C6 ATP SA . -29.33 -19.68 -92.50
N6 ATP SA . -29.55 -20.90 -91.99
N1 ATP SA . -28.13 -19.42 -93.05
C2 ATP SA . -27.90 -18.22 -93.57
N3 ATP SA . -28.71 -17.16 -93.61
C4 ATP SA . -29.90 -17.44 -93.06
MG MG TA . -40.10 -16.29 -96.32
PG ATP UA . -6.01 20.46 27.73
O1G ATP UA . -5.88 19.22 26.92
O2G ATP UA . -5.67 20.26 29.22
O3G ATP UA . -5.19 21.64 27.18
PB ATP UA . -8.99 20.41 27.54
O1B ATP UA . -9.63 20.14 28.84
O2B ATP UA . -8.89 19.21 26.59
O3B ATP UA . -7.51 20.97 27.72
PA ATP UA . -10.55 22.87 27.12
O1A ATP UA . -9.75 23.86 27.87
O2A ATP UA . -11.81 22.40 27.84
O3A ATP UA . -9.69 21.58 26.75
O5' ATP UA . -10.98 23.44 25.70
C5' ATP UA . -11.17 22.58 24.57
C4' ATP UA . -11.74 23.37 23.43
O4' ATP UA . -12.83 22.65 22.82
C3' ATP UA . -12.30 24.75 23.80
O3' ATP UA . -12.08 25.69 22.76
C2' ATP UA . -13.79 24.46 24.02
O2' ATP UA . -14.58 25.61 23.79
C1' ATP UA . -14.04 23.41 22.93
N9 ATP UA . -15.13 22.49 23.23
C8 ATP UA . -15.05 21.12 23.36
N7 ATP UA . -16.19 20.55 23.63
C5 ATP UA . -17.10 21.60 23.67
C6 ATP UA . -18.48 21.66 23.91
N6 ATP UA . -19.23 20.59 24.17
N1 ATP UA . -19.07 22.88 23.90
C2 ATP UA . -18.32 23.95 23.65
N3 ATP UA . -17.01 24.02 23.40
C4 ATP UA . -16.45 22.80 23.43
MG MG VA . -7.71 19.82 29.65
PG ATP WA . 19.85 34.96 19.50
O1G ATP WA . 20.25 33.85 20.40
O2G ATP WA . 19.98 36.35 20.12
O3G ATP WA . 20.58 34.95 18.15
PB ATP WA . 17.07 35.78 18.73
O1B ATP WA . 16.83 36.81 19.75
O2B ATP WA . 15.89 34.86 18.42
O3B ATP WA . 18.31 34.85 19.11
PA ATP WA . 17.89 37.86 16.79
O1A ATP WA . 19.13 38.40 17.39
O2A ATP WA . 16.65 38.73 17.01
O3A ATP WA . 17.56 36.41 17.35
O5' ATP WA . 18.06 37.63 15.24
C5' ATP WA . 16.94 37.71 14.34
C4' ATP WA . 17.39 38.35 13.05
O4' ATP WA . 16.46 38.03 11.99
C3' ATP WA . 17.47 39.88 13.09
O3' ATP WA . 18.74 40.32 13.54
C2' ATP WA . 17.21 40.25 11.62
O2' ATP WA . 18.40 40.13 10.84
C1' ATP WA . 16.19 39.18 11.21
N9 ATP WA . 14.80 39.57 11.43
C8 ATP WA . 13.83 38.80 12.03
N7 ATP WA . 12.65 39.39 12.08
C5 ATP WA . 12.87 40.61 11.49
C6 ATP WA . 12.01 41.71 11.23
N6 ATP WA . 10.72 41.75 11.57
N1 ATP WA . 12.54 42.79 10.60
C2 ATP WA . 13.84 42.76 10.26
N3 ATP WA . 14.73 41.79 10.44
C4 ATP WA . 14.19 40.74 11.07
MG MG XA . 18.24 36.46 21.25
PG ATP YA . 46.00 20.78 12.78
O1G ATP YA . 45.52 20.46 14.16
O2G ATP YA . 47.19 21.74 12.75
O3G ATP YA . 46.32 19.54 11.93
PB ATP YA . 44.69 22.77 10.97
O1B ATP YA . 45.22 24.02 11.55
O2B ATP YA . 43.22 22.81 10.53
O3B ATP YA . 44.85 21.53 11.96
PA ATP YA . 46.89 22.72 8.99
O1A ATP YA . 48.05 22.59 9.89
O2A ATP YA . 46.66 24.13 8.44
O3A ATP YA . 45.54 22.29 9.71
O5' ATP YA . 46.98 21.71 7.78
C5' ATP YA . 45.97 21.69 6.75
C4' ATP YA . 46.64 21.31 5.46
O4' ATP YA . 45.66 21.26 4.39
C3' ATP YA . 47.70 22.29 4.97
O3' ATP YA . 48.96 22.02 5.56
C2' ATP YA . 47.70 22.03 3.46
O2' ATP YA . 48.48 20.89 3.13
C1' ATP YA . 46.22 21.76 3.19
N9 ATP YA . 45.46 22.94 2.78
C8 ATP YA . 44.31 23.42 3.34
N7 ATP YA . 43.85 24.51 2.77
C5 ATP YA . 44.76 24.76 1.76
C6 ATP YA . 44.84 25.77 0.78
N6 ATP YA . 43.94 26.76 0.66
N1 ATP YA . 45.87 25.73 -0.08
C2 ATP YA . 46.77 24.74 0.03
N3 ATP YA . 46.80 23.74 0.91
C4 ATP YA . 45.75 23.80 1.75
MG MG ZA . 46.97 23.82 12.66
PG ATP AB . 55.48 -7.48 21.35
O1G ATP AB . 55.20 -6.54 22.48
O2G ATP AB . 56.98 -7.78 21.16
O3G ATP AB . 54.71 -8.80 21.46
PB ATP AB . 55.60 -6.52 18.53
O1B ATP AB . 56.87 -5.77 18.60
O2B ATP AB . 54.48 -5.84 17.73
O3B ATP AB . 55.02 -6.85 19.97
PA ATP AB . 57.02 -8.90 17.51
O1A ATP AB . 57.76 -9.38 18.69
O2A ATP AB . 57.87 -8.11 16.51
O3A ATP AB . 55.80 -7.97 17.91
O5' ATP AB . 56.33 -10.10 16.74
C5' ATP AB . 55.15 -9.89 15.94
C4' ATP AB . 54.97 -11.08 15.02
O4' ATP AB . 54.02 -10.74 13.99
C3' ATP AB . 56.23 -11.51 14.29
O3' ATP AB . 56.99 -12.43 15.08
C2' ATP AB . 55.66 -12.18 13.04
O2' ATP AB . 55.25 -13.52 13.29
C1' ATP AB . 54.44 -11.30 12.75
N9 ATP AB . 54.69 -10.21 11.82
C8 ATP AB . 54.77 -8.87 12.11
N7 ATP AB . 55.01 -8.10 11.08
C5 ATP AB . 55.11 -9.00 10.02
C6 ATP AB . 55.36 -8.84 8.65
N6 ATP AB . 55.56 -7.64 8.07
N1 ATP AB . 55.38 -9.95 7.88
C2 ATP AB . 55.18 -11.13 8.44
N3 ATP AB . 54.94 -11.41 9.73
C4 ATP AB . 54.92 -10.30 10.48
MG MG BB . 58.05 -6.23 20.26
PG ATP CB . 45.76 -24.04 45.47
O1G ATP CB . 46.52 -22.79 45.74
O2G ATP CB . 46.52 -25.33 45.82
O3G ATP CB . 44.38 -24.09 46.12
PB ATP CB . 45.79 -25.15 42.68
O1B ATP CB . 47.20 -25.59 42.69
O2B ATP CB . 45.33 -24.44 41.40
O3B ATP CB . 45.46 -24.18 43.90
PA ATP CB . 44.89 -27.88 43.39
O1A ATP CB . 45.38 -28.00 44.78
O2A ATP CB . 45.74 -28.60 42.34
O3A ATP CB . 44.77 -26.36 42.94
O5' ATP CB . 43.41 -28.41 43.26
C5' ATP CB . 42.50 -27.87 42.28
C4' ATP CB . 41.39 -28.87 42.05
O4' ATP CB . 40.76 -28.61 40.78
C3' ATP CB . 41.84 -30.32 41.97
O3' ATP CB . 41.91 -30.91 43.26
C2' ATP CB . 40.74 -30.96 41.11
O2' ATP CB . 39.59 -31.28 41.90
C1' ATP CB . 40.42 -29.82 40.13
N9 ATP CB . 41.16 -29.89 38.87
C8 ATP CB . 41.82 -28.86 38.26
N7 ATP CB . 42.40 -29.19 37.13
C5 ATP CB . 42.07 -30.53 36.98
C6 ATP CB . 42.38 -31.48 35.97
N6 ATP CB . 43.10 -31.20 34.89
N1 ATP CB . 41.89 -32.73 36.13
C2 ATP CB . 41.17 -33.01 37.21
N3 ATP CB . 40.82 -32.21 38.21
C4 ATP CB . 41.30 -30.97 38.04
MG MG DB . 48.15 -25.65 44.55
PG ATP EB . 32.34 -13.95 72.66
O1G ATP EB . 33.39 -12.89 72.53
O2G ATP EB . 32.85 -15.24 73.29
O3G ATP EB . 31.09 -13.49 73.41
PB ATP EB . 31.20 -15.66 70.47
O1B ATP EB . 31.76 -16.92 70.99
O2B ATP EB . 31.36 -15.42 68.97
O3B ATP EB . 31.82 -14.39 71.21
PA ATP EB . 28.71 -15.73 72.08
O1A ATP EB . 28.49 -14.48 72.81
O2A ATP EB . 29.35 -16.85 72.91
O3A ATP EB . 29.66 -15.51 70.81
O5' ATP EB . 27.38 -16.28 71.44
C5' ATP EB . 26.47 -15.41 70.73
C4' ATP EB . 25.06 -15.92 70.91
O4' ATP EB . 24.53 -16.33 69.62
C3' ATP EB . 24.93 -17.15 71.79
O3' ATP EB . 24.85 -16.79 73.17
C2' ATP EB . 23.63 -17.77 71.30
O2' ATP EB . 22.49 -17.16 71.90
C1' ATP EB . 23.67 -17.45 69.80
N9 ATP EB . 24.16 -18.54 68.96
C8 ATP EB . 25.27 -18.54 68.16
N7 ATP EB . 25.48 -19.67 67.52
C5 ATP EB . 24.42 -20.47 67.92
C6 ATP EB . 24.04 -21.78 67.61
N6 ATP EB . 24.74 -22.57 66.76
N1 ATP EB . 22.93 -22.29 68.18
C2 ATP EB . 22.24 -21.51 69.02
N3 ATP EB . 22.49 -20.26 69.40
C4 ATP EB . 23.59 -19.78 68.81
MG MG FB . 33.50 -16.87 72.14
PG ATP GB . 35.87 14.23 84.60
O1G ATP GB . 37.06 13.57 84.00
O2G ATP GB . 35.77 14.05 86.13
O3G ATP GB . 35.75 15.72 84.26
PB ATP GB . 33.08 13.15 84.55
O1B ATP GB . 33.13 12.45 85.85
O2B ATP GB . 32.41 12.37 83.41
O3B ATP GB . 34.52 13.58 84.04
PA ATP GB . 32.06 15.63 85.80
O1A ATP GB . 33.27 16.42 86.10
O2A ATP GB . 31.44 14.89 86.98
O3A ATP GB . 32.33 14.55 84.66
O5' ATP GB . 30.94 16.55 85.16
C5' ATP GB . 30.29 16.21 83.92
C4' ATP GB . 29.19 17.19 83.67
O4' ATP GB . 28.17 16.58 82.84
C3' ATP GB . 28.44 17.67 84.91
O3' ATP GB . 29.12 18.75 85.52
C2' ATP GB . 27.09 18.10 84.33
O2' ATP GB . 27.13 19.42 83.82
C1' ATP GB . 26.89 17.09 83.19
N9 ATP GB . 26.03 15.97 83.52
C8 ATP GB . 26.39 14.65 83.66
N7 ATP GB . 25.40 13.85 83.97
C5 ATP GB . 24.30 14.69 84.04
C6 ATP GB . 22.94 14.47 84.32
N6 ATP GB . 22.43 13.26 84.59
N1 ATP GB . 22.11 15.53 84.30
C2 ATP GB . 22.61 16.73 84.02
N3 ATP GB . 23.87 17.07 83.74
C4 ATP GB . 24.68 16.00 83.76
MG MG HB . 34.00 13.79 87.20
#